data_3OKJ
#
_entry.id   3OKJ
#
_cell.length_a   134.590
_cell.length_b   299.830
_cell.length_c   143.600
_cell.angle_alpha   90.00
_cell.angle_beta   112.60
_cell.angle_gamma   90.00
#
_symmetry.space_group_name_H-M   'P 1 21 1'
#
loop_
_entity.id
_entity.type
_entity.pdbx_description
1 polymer 'Proteasome component Y7'
2 polymer 'Proteasome component Y13'
3 polymer 'Proteasome component PRE6'
4 polymer 'Proteasome component PUP2'
5 polymer 'Proteasome component PRE5'
6 polymer 'Proteasome component C1'
7 polymer 'Proteasome component C7-alpha'
8 polymer 'Proteasome component PUP1'
9 polymer 'Proteasome component PUP3'
10 polymer 'Proteasome component C11'
11 polymer 'Proteasome component PRE2'
12 polymer 'Proteasome component C5'
13 polymer 'Proteasome component PRE4'
14 polymer 'Proteasome component PRE3'
15 non-polymer N-[(benzyloxy)carbonyl]-L-leucyl-N-[(2S,3S)-3-hydroxy-1-(4-hydroxyphenyl)-4-oxobutan-2-yl]-L-leucinamide
16 water water
#
loop_
_entity_poly.entity_id
_entity_poly.type
_entity_poly.pdbx_seq_one_letter_code
_entity_poly.pdbx_strand_id
1 'polypeptide(L)'
;MTDRYSFSLTTFSPSGKLGQIDYALTAVKQGVTSLGIKATNGVVIATEKKSSSPLAMSETLSKVSLLTPDIGAVYSGMGP
DYRVLVDKSRKVAHTSYKRIYGEYPPTKLLVSEVAKIMQEATQSGGVRPFGVSLLIAGHDEFNGFSLYQVDPSGSYFPWK
ATAIGKGSVAAKTFLEKRWNDELELEDAIHIALLTLKESVEGEFNGDTIELAIIGDENPDLLGYTGIPTDKGPRFRKLTS
QEINDRLEAL
;
A,O
2 'polypeptide(L)'
;GSRRYDSRTTIFSPEGRLYQVEYALESISHAGTAIGIMASDGIVLAAERKVTSTLLEQDTSTEKLYKLNDKIAVAVAGLT
ADAEILINTARIHAQNYLKTYNEDIPVEILVRRLSDIKQGYTQHGGLRPFGVSFIYAGYDDRYGYQLYTSNPSGNYTGWK
AISVGANTSAAQTLLQMDYKDDMKVDDAIELALKTLSKTTDSSALTYDRLEFATIRKGANDGEVYQKIFKPQEIKDILVK
TGIT
;
B,P
3 'polypeptide(L)'
;GYDRALSIFSPDGHIFQVEYALEAVKRGTCAVGVKGKNCVVLGCERRSTLKLQDTRITPSKVSKIDSHVVLSFSGLNADS
RILIEKARVEAQSHRLTLEDPVTVEYLTRYVAGVQQRYTQSGGVRPFGVSTLIAGFDPRDDEPKLYQTEPSGIYSSWSAQ
TIGRNSKTVREFLEKNYDRKEPPATVEECVKLTVRSLLEVVQTGAKNIEITVVKPDSDIVALSSEEINQYVTQIEQEKQE
Q
;
C,Q
4 'polypeptide(L)'
;DRGVSTFSPEGRLFQVEYSLEAIKLGSTAIGIATKEGVVLGVEKRATSPLLESDSIEKIVEIDRHIGCAMSGLTADARSM
IEHARTAAVTHNLYYDEDINVESLTQSVCDLALRFGEGASGEERLMSRPFGVALLIAGHDADDGYQLFHAEPSGTFYRYN
AKAIGSGSEGAQAELLNEWHSSLTLKEAELLVLKILKQVMEEKLDENNAQLSCITKQDGFKIYDNEKTAELIKELKEKEA
AE
;
D,R
5 'polypeptide(L)'
;FRNNYDGDTVTFSPTGRLFQVEYALEAIKQGSVTVGLRSNTHAVLVALKRNADELSSYQKKIIKCDEHMGLSLAGLAPDA
RVLSNYLRQQCNYSSLVFNRKLAVERAGHLLCDKAQKNTQSYGGRPYGVGLLIIGYDKSGAHLLEFQPSGNVTELYGTAI
GARSQGAKTYLERTLDTFIKIDGNPDELIKAGVEAISQSLRDESLTVDNLSIAIVGKDTPFTIYDGEAVAKYI
;
E,S
6 'polypeptide(L)'
;GTGYDLSNSVFSPDGRNFQVEYAVKAVENGTTSIGIKCNDGVVFAVEKLITSKLLVPQKNVKIQVVDRHIGCVYSGLIPD
GRHLVNRGREEAASFKKLYKTPIPIPAFADRLGQYVQAHTLYNSVRPFGVSTIFGGVDKNGAHLYMLEPSGSYWGYKGAA
TGKGRQSAKAELEKLVDHHPEGLSAREAVKQAAKIIYLAHEDNKEKDFELEISWCSLSETNGLHKFVKGDLLQEAIDFAQ
KEIN
;
F,T
7 'polypeptide(L)'
;AGYDRHITIFSPEGRLYQVEYAFKATNQTNINSLAVRGKDCTVVISQKKVPDKLLDPTTVSYIFCISRTIGMVVNGPIPD
ARNAALRAKAEAAEFRYKYGYDMPCDVLAKRMANLSQIYTQRAYMRPLGVILTFVSVDEELGPSIYKTDPAGYYVGYKAT
ATGPKQQEITTNLENHFKKSKIDHINEESWEKVVEFAITHMIDALGTEFSKNDLEVGVATKDKFFTLSAENIEERLVAIA
EQD
;
G,U
8 'polypeptide(L)'
;TTIVGVKFNNGVVIAADTRSTQGPIVADKNCAKLHRISPKIWCAGAGTAADTEAVTQLIGSNIELHSLYTSREPRVVSAL
QMLKQHLFKYQGHIGAYLIVAGVDPTGSHLFSIHAHGSTDVGYYLSLGSGSLAAMAVLESHWKQDLTKEEAIKLASDAIQ
AGIWNDLGSGSNVDVCVMEIGKDAEYLRNYLTPNVREEKQKSYKFPRGTTAVLKESIVNICD
;
H,V
9 'polypeptide(L)'
;SDPSSINGGIVVAMTGKDCVAIACDLRLGSQSLGVSNKFEKIFHYGHVFLGITGLATDVTTLNEMFRYKTNLYKLKEERA
IEPETFTQLVSSSLYERRFGPYFVGPVVAGINSKSGKPFIAGFDLIGCIDEAKDFIVSGTASDQLFGMCESLYEPNLEPE
DLFETISQALLNAADRDALSGWGAVVYIIKKDEVVKRYLKMRQD
;
I,W
10 'polypeptide(L)'
;MDIILGIRVQDSVILASSKAVTRGISVLKDSDDKTRQLSPHTLMSFAGEAGDTVQFAEYIQANIQLYSIREDYELSPQAV
SSFVRQELAKSIRSRRPYQVNVLIGGYDKKKNKPELYQIDYLGTKVELPYGAHGYSGFYTFSLLDHHYRPDMTTEEGLDL
LKLCVQELEKRMPMDFKGVIVKIVDKDGIRQVDDFQAQ
;
J,X
11 'polypeptide(L)'
;TTTLAFRFQGGIIVAVDSRATAGNWVASQTVKKVIEINPFLLGTMAGGAADCQFWETWLGSQCRLHELREKERISVAAAS
KILSNLVYQYKGAGLSMGTMICGYTRKEGPTIYYVDSDGTRLKGDIFCVGSGQTFAYGVLDSNYKWDLSVEDALYLGKRS
ILAAAHRDAYSGGSVNLYHVTEDGWIYHGNHDVGELFWKVKEEEGSFNNVIG
;
K,Y
12 'polypeptide(L)'
;QFNPYGDNGGTILGIAGEDFAVLAGDTRNITDYSINSRYEPKVFDCGDNIVMSANGFAADGDALVKRFKNSVKWYHFDHN
DKKLSINSAARNIQHLLYGKRFFPYYVHTIIAGLDEDGKGAVYSFDPVGSYEREQCRAGGAAASLIMPFLDNQVNFKNQY
EPGTNGKVKKPLKYLSVEEVIKLVRDSFTSATERHIQVGDGLEILIVTKDGVRKEFYELKRD
;
L,Z
13 'polypeptide(L)'
;TQQPIVTGTSVISMKYDNGVIIAADNLGSYGSLLRFNGVERLIPVGDNTVVGISGDISDMQHIERLLKDLVTENAYDNPL
ADAEEALEPSYIFEYLATVMYQRRSKMNPLWNAIIVAGVQSNGDQFLRYVNLLGVTYSSPTLATGFGAHMANPLLRKVVD
RESDIPKTTVQVAEEAIVNAMRVLYYRDARSSRNFSLAIIDKNTGLTFKKNLQVENMKWDFAKDIKGYGTQKI
;
M,1
14 'polypeptide(L)'
;TSIMAVTFKDGVILGADSRTTTGAYIANRVTDKLTRVHDKIWCCRSGSAADTQAIADIVQYHLELYTSQYGTPSTETAAS
VFKELCYENKDNLTAGIIVAGYDDKNKGEVYTIPLGGSVHKLPYAIAGSGSTFIYGYCDKNFRENMSKEETVDFIKHSLS
QAIKWDGSSGGVIRMVVLTAAGVERLIFYPDEYEQL
;
N,2
#
# COMPACT_ATOMS: atom_id res chain seq x y z
N MET A 1 48.98 -23.75 -11.81
CA MET A 1 49.20 -22.29 -11.62
C MET A 1 49.11 -21.97 -10.14
N THR A 2 48.78 -20.72 -9.84
CA THR A 2 48.64 -20.26 -8.47
C THR A 2 50.00 -20.26 -7.79
N ASP A 3 50.37 -19.08 -7.29
CA ASP A 3 51.62 -18.91 -6.59
C ASP A 3 51.65 -19.92 -5.46
N ARG A 4 52.47 -20.96 -5.62
CA ARG A 4 52.58 -21.97 -4.58
C ARG A 4 53.83 -21.71 -3.77
N TYR A 5 54.26 -20.46 -3.79
CA TYR A 5 55.42 -19.98 -3.05
C TYR A 5 54.82 -19.15 -1.92
N SER A 6 54.23 -19.84 -0.95
CA SER A 6 53.59 -19.19 0.18
C SER A 6 54.50 -19.09 1.41
N PHE A 7 55.76 -19.49 1.23
CA PHE A 7 56.74 -19.47 2.31
C PHE A 7 57.76 -18.36 2.06
N SER A 8 58.48 -17.95 3.10
CA SER A 8 59.48 -16.89 2.98
C SER A 8 60.69 -17.29 2.16
N LEU A 9 61.18 -16.37 1.33
CA LEU A 9 62.35 -16.64 0.51
C LEU A 9 63.57 -16.04 1.20
N THR A 10 63.32 -15.33 2.29
CA THR A 10 64.34 -14.71 3.10
C THR A 10 64.23 -15.34 4.47
N THR A 11 65.26 -16.04 4.93
CA THR A 11 65.21 -16.65 6.24
C THR A 11 66.50 -16.43 7.00
N PHE A 12 66.47 -16.74 8.30
CA PHE A 12 67.65 -16.58 9.15
C PHE A 12 68.62 -17.73 8.97
N SER A 13 69.89 -17.42 8.76
CA SER A 13 70.90 -18.47 8.62
C SER A 13 71.45 -18.71 10.02
N PRO A 14 72.06 -19.88 10.24
CA PRO A 14 72.63 -20.23 11.54
C PRO A 14 73.45 -19.12 12.19
N SER A 15 74.10 -18.31 11.36
CA SER A 15 74.92 -17.22 11.86
C SER A 15 74.11 -16.03 12.38
N GLY A 16 72.86 -15.94 11.96
CA GLY A 16 72.01 -14.84 12.37
C GLY A 16 71.77 -13.84 11.24
N LYS A 17 72.37 -14.12 10.09
CA LYS A 17 72.24 -13.26 8.92
C LYS A 17 70.95 -13.55 8.17
N LEU A 18 70.49 -12.56 7.41
CA LEU A 18 69.31 -12.69 6.58
C LEU A 18 69.88 -12.48 5.18
N GLY A 19 70.42 -13.56 4.63
CA GLY A 19 71.06 -13.57 3.34
C GLY A 19 70.52 -12.65 2.25
N GLN A 20 69.25 -12.80 1.90
CA GLN A 20 68.70 -11.97 0.84
C GLN A 20 68.80 -10.47 1.09
N ILE A 21 68.69 -10.06 2.36
CA ILE A 21 68.81 -8.63 2.69
C ILE A 21 70.24 -8.20 2.40
N ASP A 22 71.18 -9.06 2.78
CA ASP A 22 72.59 -8.80 2.57
C ASP A 22 72.88 -8.66 1.08
N TYR A 23 72.44 -9.66 0.32
CA TYR A 23 72.67 -9.64 -1.12
C TYR A 23 72.02 -8.42 -1.75
N ALA A 24 70.82 -8.08 -1.28
CA ALA A 24 70.14 -6.90 -1.83
C ALA A 24 71.05 -5.68 -1.59
N LEU A 25 71.69 -5.63 -0.42
CA LEU A 25 72.58 -4.53 -0.11
C LEU A 25 73.76 -4.55 -1.05
N THR A 26 74.26 -5.75 -1.38
CA THR A 26 75.37 -5.89 -2.30
C THR A 26 74.96 -5.30 -3.64
N ALA A 27 73.72 -5.58 -4.04
CA ALA A 27 73.20 -5.04 -5.29
C ALA A 27 73.23 -3.52 -5.25
N VAL A 28 72.85 -2.95 -4.10
CA VAL A 28 72.86 -1.50 -3.94
C VAL A 28 74.28 -0.94 -4.03
N LYS A 29 75.24 -1.64 -3.42
CA LYS A 29 76.63 -1.23 -3.44
C LYS A 29 77.15 -1.03 -4.85
N GLN A 30 76.64 -1.81 -5.78
CA GLN A 30 77.07 -1.74 -7.17
C GLN A 30 76.43 -0.56 -7.90
N GLY A 31 75.25 -0.14 -7.44
CA GLY A 31 74.56 0.96 -8.09
C GLY A 31 75.33 2.27 -8.14
N VAL A 32 75.00 3.11 -9.11
CA VAL A 32 75.65 4.41 -9.26
C VAL A 32 75.46 5.22 -7.98
N THR A 33 76.45 6.03 -7.64
CA THR A 33 76.37 6.84 -6.43
C THR A 33 75.27 7.90 -6.49
N SER A 34 74.71 8.20 -5.33
CA SER A 34 73.68 9.22 -5.15
C SER A 34 73.84 9.74 -3.71
N LEU A 35 73.47 11.01 -3.50
CA LEU A 35 73.64 11.62 -2.19
C LEU A 35 72.57 12.64 -1.85
N GLY A 36 72.67 13.18 -0.64
CA GLY A 36 71.73 14.17 -0.18
C GLY A 36 72.30 15.01 0.94
N ILE A 37 72.14 16.32 0.85
CA ILE A 37 72.64 17.23 1.87
C ILE A 37 71.53 18.12 2.33
N LYS A 38 71.46 18.30 3.65
CA LYS A 38 70.44 19.16 4.24
C LYS A 38 71.03 20.50 4.65
N ALA A 39 70.45 21.58 4.15
CA ALA A 39 70.89 22.94 4.50
C ALA A 39 69.89 23.45 5.55
N THR A 40 70.03 24.71 5.94
CA THR A 40 69.14 25.28 6.95
C THR A 40 67.80 25.72 6.34
N ASN A 41 67.77 25.83 5.03
CA ASN A 41 66.56 26.26 4.35
C ASN A 41 66.33 25.45 3.08
N GLY A 42 66.68 24.17 3.13
CA GLY A 42 66.48 23.32 1.97
C GLY A 42 67.23 22.01 2.05
N VAL A 43 66.95 21.13 1.10
CA VAL A 43 67.64 19.86 1.05
C VAL A 43 67.94 19.65 -0.42
N VAL A 44 69.02 18.93 -0.70
CA VAL A 44 69.40 18.67 -2.07
C VAL A 44 69.74 17.19 -2.22
N ILE A 45 69.22 16.58 -3.28
CA ILE A 45 69.48 15.19 -3.56
C ILE A 45 69.96 15.16 -4.99
N ALA A 46 70.98 14.36 -5.27
CA ALA A 46 71.51 14.31 -6.60
C ALA A 46 72.16 12.98 -6.86
N THR A 47 72.27 12.64 -8.15
CA THR A 47 72.88 11.39 -8.56
C THR A 47 73.37 11.56 -9.99
N GLU A 48 73.96 10.50 -10.54
CA GLU A 48 74.51 10.53 -11.89
C GLU A 48 73.60 9.84 -12.89
N LYS A 49 73.37 10.46 -14.04
CA LYS A 49 72.54 9.84 -15.07
C LYS A 49 73.45 9.03 -16.00
N LYS A 50 73.79 7.83 -15.54
CA LYS A 50 74.66 6.90 -16.25
C LYS A 50 73.99 6.34 -17.52
N SER A 51 73.83 7.18 -18.53
CA SER A 51 73.21 6.77 -19.79
C SER A 51 73.77 5.43 -20.27
N SER A 52 72.90 4.47 -20.56
CA SER A 52 73.32 3.14 -20.99
C SER A 52 73.53 3.01 -22.50
N SER A 53 73.65 4.15 -23.18
CA SER A 53 73.85 4.19 -24.63
C SER A 53 73.73 5.64 -25.08
N PRO A 54 74.59 6.08 -26.01
CA PRO A 54 74.48 7.48 -26.47
C PRO A 54 73.22 7.69 -27.30
N LEU A 55 72.57 6.59 -27.69
CA LEU A 55 71.35 6.63 -28.49
C LEU A 55 70.10 6.79 -27.61
N ALA A 56 70.25 6.47 -26.33
CA ALA A 56 69.14 6.59 -25.39
C ALA A 56 69.02 8.05 -25.00
N MET A 57 67.81 8.46 -24.67
CA MET A 57 67.56 9.83 -24.26
C MET A 57 67.51 9.83 -22.74
N SER A 58 68.55 10.36 -22.12
CA SER A 58 68.66 10.39 -20.67
C SER A 58 67.51 11.07 -19.93
N GLU A 59 66.82 11.99 -20.61
CA GLU A 59 65.70 12.70 -20.00
C GLU A 59 64.58 11.71 -19.68
N THR A 60 64.22 10.88 -20.65
CA THR A 60 63.17 9.88 -20.47
C THR A 60 63.56 8.89 -19.37
N LEU A 61 64.41 9.32 -18.47
CA LEU A 61 64.84 8.45 -17.38
C LEU A 61 65.30 9.28 -16.18
N SER A 62 64.34 9.61 -15.33
CA SER A 62 64.62 10.38 -14.13
C SER A 62 64.89 9.44 -12.98
N LYS A 63 66.00 9.66 -12.29
CA LYS A 63 66.37 8.86 -11.14
C LYS A 63 65.88 9.61 -9.91
N VAL A 64 65.51 10.87 -10.11
CA VAL A 64 65.00 11.71 -9.06
C VAL A 64 63.50 11.89 -9.30
N SER A 65 62.70 11.44 -8.34
CA SER A 65 61.24 11.50 -8.45
C SER A 65 60.52 12.29 -7.36
N LEU A 66 59.44 12.95 -7.76
CA LEU A 66 58.61 13.70 -6.83
C LEU A 66 57.56 12.72 -6.30
N LEU A 67 57.44 12.63 -4.99
CA LEU A 67 56.44 11.75 -4.38
C LEU A 67 55.25 12.61 -4.05
N THR A 68 55.47 13.71 -3.34
CA THR A 68 54.42 14.67 -3.00
C THR A 68 55.02 16.00 -3.42
N PRO A 69 54.22 17.08 -3.45
CA PRO A 69 54.81 18.36 -3.86
C PRO A 69 55.92 18.90 -2.95
N ASP A 70 56.12 18.28 -1.79
CA ASP A 70 57.17 18.71 -0.87
C ASP A 70 58.11 17.58 -0.53
N ILE A 71 58.03 16.48 -1.28
CA ILE A 71 58.89 15.33 -1.02
C ILE A 71 59.40 14.72 -2.33
N GLY A 72 60.71 14.48 -2.39
CA GLY A 72 61.29 13.90 -3.57
C GLY A 72 62.19 12.75 -3.15
N ALA A 73 62.41 11.80 -4.06
CA ALA A 73 63.25 10.66 -3.76
C ALA A 73 64.26 10.38 -4.86
N VAL A 74 65.36 9.75 -4.46
CA VAL A 74 66.41 9.36 -5.38
C VAL A 74 66.91 8.04 -4.82
N TYR A 75 67.62 7.26 -5.63
CA TYR A 75 68.07 5.95 -5.17
C TYR A 75 69.45 5.50 -5.66
N SER A 76 69.70 4.22 -5.43
CA SER A 76 70.93 3.53 -5.82
C SER A 76 70.63 2.05 -5.76
N GLY A 77 70.84 1.37 -6.88
CA GLY A 77 70.58 -0.06 -6.93
C GLY A 77 69.85 -0.41 -8.20
N MET A 78 68.84 -1.27 -8.08
CA MET A 78 68.07 -1.69 -9.23
C MET A 78 66.97 -0.72 -9.61
N GLY A 79 67.21 0.06 -10.66
CA GLY A 79 66.23 1.02 -11.13
C GLY A 79 64.78 0.53 -11.18
N PRO A 80 64.47 -0.59 -11.85
CA PRO A 80 63.10 -1.09 -11.91
C PRO A 80 62.42 -1.21 -10.54
N ASP A 81 63.11 -1.79 -9.55
CA ASP A 81 62.53 -1.90 -8.21
C ASP A 81 62.17 -0.50 -7.70
N TYR A 82 63.03 0.47 -7.99
CA TYR A 82 62.81 1.84 -7.57
C TYR A 82 61.54 2.39 -8.21
N ARG A 83 61.46 2.26 -9.53
CA ARG A 83 60.30 2.76 -10.26
C ARG A 83 58.99 2.33 -9.61
N VAL A 84 58.79 1.02 -9.43
CA VAL A 84 57.56 0.55 -8.82
C VAL A 84 57.43 1.04 -7.38
N LEU A 85 58.54 1.27 -6.70
CA LEU A 85 58.47 1.77 -5.32
C LEU A 85 57.92 3.18 -5.30
N VAL A 86 58.37 4.00 -6.24
CA VAL A 86 57.90 5.37 -6.37
C VAL A 86 56.40 5.38 -6.64
N ASP A 87 55.94 4.47 -7.49
CA ASP A 87 54.52 4.37 -7.80
C ASP A 87 53.73 4.08 -6.53
N LYS A 88 54.13 3.02 -5.84
CA LYS A 88 53.46 2.62 -4.62
C LYS A 88 53.51 3.75 -3.60
N SER A 89 54.65 4.42 -3.54
CA SER A 89 54.82 5.52 -2.59
C SER A 89 53.87 6.66 -2.91
N ARG A 90 53.87 7.08 -4.16
CA ARG A 90 53.00 8.17 -4.58
C ARG A 90 51.56 7.84 -4.23
N LYS A 91 51.17 6.60 -4.46
CA LYS A 91 49.81 6.20 -4.19
C LYS A 91 49.49 6.15 -2.71
N VAL A 92 50.34 5.51 -1.93
CA VAL A 92 50.10 5.40 -0.48
C VAL A 92 50.02 6.78 0.15
N ALA A 93 50.66 7.76 -0.47
CA ALA A 93 50.64 9.11 0.06
C ALA A 93 49.22 9.64 0.03
N HIS A 94 48.44 9.15 -0.94
CA HIS A 94 47.05 9.55 -1.09
C HIS A 94 46.13 8.65 -0.26
N THR A 95 46.07 7.38 -0.65
CA THR A 95 45.21 6.42 0.02
C THR A 95 45.28 6.46 1.54
N SER A 96 46.49 6.45 2.08
CA SER A 96 46.69 6.45 3.53
C SER A 96 46.86 7.79 4.22
N TYR A 97 46.82 8.88 3.46
CA TYR A 97 46.99 10.17 4.10
C TYR A 97 46.18 11.32 3.54
N LYS A 98 46.41 11.70 2.28
CA LYS A 98 45.67 12.81 1.72
C LYS A 98 44.17 12.54 1.75
N ARG A 99 43.75 11.34 1.34
CA ARG A 99 42.34 10.99 1.33
C ARG A 99 41.70 10.91 2.71
N ILE A 100 42.52 10.94 3.75
CA ILE A 100 42.00 10.88 5.12
C ILE A 100 42.06 12.22 5.84
N TYR A 101 43.18 12.91 5.71
CA TYR A 101 43.39 14.19 6.38
C TYR A 101 43.35 15.41 5.49
N GLY A 102 43.21 15.19 4.19
CA GLY A 102 43.15 16.33 3.29
C GLY A 102 44.44 17.07 3.11
N GLU A 103 45.55 16.49 3.57
CA GLU A 103 46.85 17.13 3.41
C GLU A 103 47.89 16.04 3.14
N TYR A 104 48.96 16.39 2.41
CA TYR A 104 50.00 15.43 2.10
C TYR A 104 50.72 15.04 3.37
N PRO A 105 51.23 13.81 3.43
CA PRO A 105 51.94 13.29 4.60
C PRO A 105 53.28 13.93 4.88
N PRO A 106 53.65 14.00 6.16
CA PRO A 106 54.94 14.59 6.50
C PRO A 106 56.03 13.58 6.09
N THR A 107 57.20 14.08 5.72
CA THR A 107 58.31 13.22 5.28
C THR A 107 58.52 11.92 6.09
N LYS A 108 58.65 12.03 7.40
CA LYS A 108 58.89 10.83 8.20
C LYS A 108 57.86 9.74 8.02
N LEU A 109 56.58 10.11 7.95
CA LEU A 109 55.53 9.11 7.79
C LEU A 109 55.52 8.43 6.42
N LEU A 110 55.66 9.22 5.35
CA LEU A 110 55.67 8.65 4.01
C LEU A 110 56.87 7.71 3.92
N VAL A 111 57.98 8.12 4.52
CA VAL A 111 59.19 7.30 4.52
C VAL A 111 58.83 6.04 5.28
N SER A 112 58.11 6.22 6.38
CA SER A 112 57.70 5.10 7.20
C SER A 112 56.85 4.13 6.39
N GLU A 113 56.02 4.67 5.50
CA GLU A 113 55.17 3.85 4.65
C GLU A 113 56.01 3.04 3.69
N VAL A 114 56.93 3.71 3.01
CA VAL A 114 57.83 3.05 2.05
C VAL A 114 58.59 1.93 2.74
N ALA A 115 59.15 2.25 3.91
CA ALA A 115 59.91 1.28 4.70
C ALA A 115 59.05 0.05 4.95
N LYS A 116 57.78 0.27 5.27
CA LYS A 116 56.87 -0.83 5.54
C LYS A 116 56.78 -1.74 4.32
N ILE A 117 56.54 -1.13 3.16
CA ILE A 117 56.44 -1.87 1.91
C ILE A 117 57.67 -2.74 1.71
N MET A 118 58.84 -2.15 1.91
CA MET A 118 60.08 -2.88 1.75
C MET A 118 60.23 -3.98 2.79
N GLN A 119 59.85 -3.71 4.03
CA GLN A 119 59.97 -4.71 5.09
C GLN A 119 59.24 -5.97 4.71
N GLU A 120 58.04 -5.79 4.17
CA GLU A 120 57.21 -6.92 3.77
C GLU A 120 57.83 -7.79 2.71
N ALA A 121 58.55 -7.19 1.77
CA ALA A 121 59.20 -7.94 0.70
C ALA A 121 60.39 -8.70 1.26
N THR A 122 60.50 -8.70 2.58
CA THR A 122 61.58 -9.34 3.32
C THR A 122 61.03 -10.51 4.14
N GLN A 123 59.71 -10.58 4.22
CA GLN A 123 59.06 -11.62 5.01
C GLN A 123 57.90 -12.31 4.30
N SER A 124 57.14 -11.58 3.49
CA SER A 124 56.00 -12.17 2.77
C SER A 124 56.42 -13.39 1.97
N GLY A 125 55.45 -14.25 1.67
CA GLY A 125 55.78 -15.44 0.93
C GLY A 125 56.08 -15.20 -0.53
N GLY A 126 57.05 -15.96 -1.04
CA GLY A 126 57.43 -15.88 -2.43
C GLY A 126 57.91 -14.59 -3.07
N VAL A 127 58.76 -13.84 -2.40
CA VAL A 127 59.28 -12.59 -2.98
C VAL A 127 60.70 -12.35 -2.50
N ARG A 128 61.43 -11.52 -3.23
CA ARG A 128 62.80 -11.20 -2.87
C ARG A 128 62.76 -9.77 -2.41
N PRO A 129 63.70 -9.38 -1.52
CA PRO A 129 63.70 -8.00 -1.04
C PRO A 129 63.91 -7.03 -2.21
N PHE A 130 63.71 -5.75 -1.96
CA PHE A 130 63.93 -4.76 -3.00
C PHE A 130 65.44 -4.51 -3.10
N GLY A 131 65.96 -4.41 -4.32
CA GLY A 131 67.38 -4.18 -4.49
C GLY A 131 67.73 -2.72 -4.60
N VAL A 132 67.18 -1.91 -3.71
CA VAL A 132 67.48 -0.48 -3.74
C VAL A 132 67.56 0.14 -2.37
N SER A 133 68.18 1.32 -2.33
CA SER A 133 68.32 2.11 -1.12
C SER A 133 67.83 3.46 -1.61
N LEU A 134 66.98 4.09 -0.81
CA LEU A 134 66.43 5.37 -1.21
C LEU A 134 66.87 6.49 -0.30
N LEU A 135 66.86 7.69 -0.86
CA LEU A 135 67.18 8.89 -0.13
C LEU A 135 65.96 9.73 -0.42
N ILE A 136 65.18 10.02 0.62
CA ILE A 136 63.98 10.82 0.49
C ILE A 136 64.15 12.13 1.22
N ALA A 137 63.95 13.23 0.50
CA ALA A 137 64.09 14.56 1.05
C ALA A 137 62.79 15.32 0.97
N GLY A 138 62.37 15.89 2.09
CA GLY A 138 61.13 16.63 2.08
C GLY A 138 60.99 17.70 3.16
N HIS A 139 59.85 18.37 3.12
CA HIS A 139 59.55 19.41 4.09
C HIS A 139 58.07 19.41 4.49
N ASP A 140 57.83 19.52 5.79
CA ASP A 140 56.47 19.59 6.29
C ASP A 140 56.44 20.66 7.39
N GLU A 141 55.31 21.35 7.49
CA GLU A 141 55.12 22.44 8.42
C GLU A 141 55.61 22.26 9.86
N PHE A 142 55.41 21.08 10.43
CA PHE A 142 55.82 20.87 11.82
C PHE A 142 57.18 20.19 12.03
N ASN A 143 57.84 19.77 10.96
CA ASN A 143 59.13 19.09 11.08
C ASN A 143 60.21 19.75 10.24
N GLY A 144 59.83 20.78 9.51
CA GLY A 144 60.80 21.48 8.67
C GLY A 144 61.35 20.63 7.56
N PHE A 145 62.65 20.75 7.31
CA PHE A 145 63.32 19.98 6.27
C PHE A 145 63.91 18.72 6.87
N SER A 146 63.87 17.64 6.11
CA SER A 146 64.44 16.39 6.58
C SER A 146 64.98 15.55 5.42
N LEU A 147 65.88 14.64 5.75
CA LEU A 147 66.50 13.75 4.78
C LEU A 147 66.55 12.35 5.41
N TYR A 148 66.07 11.37 4.65
CA TYR A 148 66.04 10.01 5.15
C TYR A 148 66.64 9.04 4.15
N GLN A 149 67.08 7.90 4.68
CA GLN A 149 67.66 6.83 3.86
C GLN A 149 66.87 5.59 4.21
N VAL A 150 66.38 4.87 3.21
CA VAL A 150 65.62 3.64 3.45
C VAL A 150 66.36 2.48 2.80
N ASP A 151 66.59 1.43 3.58
CA ASP A 151 67.30 0.26 3.08
C ASP A 151 66.43 -0.94 2.78
N PRO A 152 66.95 -1.89 1.99
CA PRO A 152 66.22 -3.10 1.63
C PRO A 152 65.62 -3.82 2.83
N SER A 153 66.27 -3.71 3.97
CA SER A 153 65.79 -4.37 5.18
C SER A 153 64.50 -3.71 5.64
N GLY A 154 64.29 -2.47 5.21
CA GLY A 154 63.11 -1.72 5.61
C GLY A 154 63.47 -0.71 6.67
N SER A 155 64.75 -0.68 7.05
CA SER A 155 65.26 0.24 8.06
C SER A 155 65.47 1.61 7.44
N TYR A 156 65.25 2.65 8.22
CA TYR A 156 65.46 3.99 7.71
C TYR A 156 65.98 4.87 8.83
N PHE A 157 66.82 5.83 8.46
CA PHE A 157 67.41 6.75 9.42
C PHE A 157 67.53 8.14 8.83
N PRO A 158 67.47 9.16 9.70
CA PRO A 158 67.56 10.57 9.28
C PRO A 158 69.03 10.98 9.20
N TRP A 159 69.35 11.78 8.19
CA TRP A 159 70.72 12.24 7.97
C TRP A 159 70.85 13.75 7.81
N LYS A 160 72.05 14.25 8.07
CA LYS A 160 72.34 15.66 7.90
C LYS A 160 72.81 15.70 6.45
N ALA A 161 73.45 14.62 6.04
CA ALA A 161 73.95 14.46 4.70
C ALA A 161 74.50 13.04 4.62
N THR A 162 74.41 12.42 3.45
CA THR A 162 74.93 11.08 3.29
C THR A 162 74.95 10.69 1.82
N ALA A 163 75.57 9.55 1.51
CA ALA A 163 75.64 9.05 0.14
C ALA A 163 75.49 7.55 0.14
N ILE A 164 74.97 7.01 -0.97
CA ILE A 164 74.77 5.58 -1.12
C ILE A 164 75.27 5.16 -2.49
N GLY A 165 75.57 3.88 -2.65
CA GLY A 165 76.04 3.38 -3.92
C GLY A 165 77.55 3.23 -4.05
N LYS A 166 77.99 3.06 -5.30
CA LYS A 166 79.40 2.89 -5.66
C LYS A 166 80.42 3.48 -4.70
N GLY A 167 80.61 4.79 -4.77
CA GLY A 167 81.61 5.41 -3.90
C GLY A 167 81.02 6.11 -2.71
N SER A 168 80.13 5.43 -2.01
CA SER A 168 79.47 6.01 -0.84
C SER A 168 80.45 6.29 0.30
N VAL A 169 81.33 5.33 0.58
CA VAL A 169 82.30 5.47 1.66
C VAL A 169 83.14 6.72 1.46
N ALA A 170 83.75 6.83 0.28
CA ALA A 170 84.57 7.98 -0.07
C ALA A 170 83.77 9.28 0.04
N ALA A 171 82.59 9.30 -0.56
CA ALA A 171 81.71 10.47 -0.56
C ALA A 171 81.23 10.84 0.85
N LYS A 172 80.89 9.85 1.66
CA LYS A 172 80.44 10.14 3.00
C LYS A 172 81.53 10.90 3.74
N THR A 173 82.78 10.47 3.54
CA THR A 173 83.91 11.11 4.19
C THR A 173 84.04 12.56 3.73
N PHE A 174 83.93 12.78 2.42
CA PHE A 174 84.06 14.13 1.90
C PHE A 174 82.98 15.06 2.46
N LEU A 175 81.82 14.50 2.77
CA LEU A 175 80.72 15.30 3.29
C LEU A 175 80.99 15.71 4.73
N GLU A 176 81.45 14.77 5.56
CA GLU A 176 81.73 15.07 6.96
C GLU A 176 82.66 16.26 7.11
N LYS A 177 83.53 16.45 6.12
CA LYS A 177 84.48 17.55 6.14
C LYS A 177 83.82 18.90 5.82
N ARG A 178 82.97 18.91 4.80
CA ARG A 178 82.33 20.15 4.36
C ARG A 178 80.96 20.50 4.95
N TRP A 179 80.39 19.65 5.80
CA TRP A 179 79.08 19.94 6.36
C TRP A 179 79.16 20.70 7.68
N ASN A 180 78.13 21.51 7.92
CA ASN A 180 78.01 22.31 9.14
C ASN A 180 76.54 22.71 9.23
N ASP A 181 76.04 22.90 10.45
CA ASP A 181 74.65 23.27 10.65
C ASP A 181 74.28 24.71 10.31
N GLU A 182 75.04 25.34 9.42
CA GLU A 182 74.74 26.72 9.02
C GLU A 182 74.70 26.86 7.50
N LEU A 183 74.92 25.75 6.81
CA LEU A 183 74.91 25.74 5.36
C LEU A 183 73.60 26.28 4.80
N GLU A 184 73.73 27.04 3.72
CA GLU A 184 72.58 27.61 3.03
C GLU A 184 72.36 26.64 1.86
N LEU A 185 71.14 26.60 1.33
CA LEU A 185 70.83 25.69 0.22
C LEU A 185 71.83 25.73 -0.94
N GLU A 186 72.29 26.91 -1.31
CA GLU A 186 73.26 27.04 -2.40
C GLU A 186 74.60 26.43 -2.02
N ASP A 187 74.95 26.56 -0.76
CA ASP A 187 76.20 26.01 -0.24
C ASP A 187 76.18 24.50 -0.38
N ALA A 188 75.04 23.90 -0.05
CA ALA A 188 74.87 22.45 -0.13
C ALA A 188 74.86 22.02 -1.59
N ILE A 189 74.15 22.77 -2.42
CA ILE A 189 74.09 22.43 -3.84
C ILE A 189 75.51 22.40 -4.37
N HIS A 190 76.30 23.38 -3.97
CA HIS A 190 77.70 23.46 -4.38
C HIS A 190 78.39 22.18 -3.91
N ILE A 191 78.43 22.02 -2.59
CA ILE A 191 79.05 20.85 -1.96
C ILE A 191 78.61 19.55 -2.61
N ALA A 192 77.32 19.50 -2.96
CA ALA A 192 76.75 18.33 -3.59
C ALA A 192 77.49 18.09 -4.90
N LEU A 193 77.49 19.11 -5.74
CA LEU A 193 78.15 19.02 -7.03
C LEU A 193 79.60 18.58 -6.90
N LEU A 194 80.28 19.05 -5.86
CA LEU A 194 81.67 18.67 -5.65
C LEU A 194 81.80 17.18 -5.35
N THR A 195 81.07 16.73 -4.34
CA THR A 195 81.09 15.33 -3.91
C THR A 195 80.77 14.38 -5.06
N LEU A 196 79.83 14.80 -5.90
CA LEU A 196 79.43 13.98 -7.02
C LEU A 196 80.51 13.88 -8.09
N LYS A 197 81.31 14.92 -8.25
CA LYS A 197 82.36 14.92 -9.27
C LYS A 197 83.37 13.79 -9.07
N GLU A 198 83.65 13.48 -7.81
CA GLU A 198 84.61 12.42 -7.51
C GLU A 198 84.14 11.05 -7.95
N SER A 199 82.82 10.86 -7.93
CA SER A 199 82.22 9.59 -8.31
C SER A 199 81.92 9.46 -9.80
N VAL A 200 82.23 10.50 -10.57
CA VAL A 200 81.96 10.45 -12.00
C VAL A 200 83.26 10.28 -12.80
N GLU A 201 83.27 9.27 -13.66
CA GLU A 201 84.44 8.97 -14.48
C GLU A 201 84.51 9.91 -15.67
N GLY A 202 83.42 9.97 -16.44
CA GLY A 202 83.40 10.79 -17.63
C GLY A 202 82.86 12.21 -17.53
N GLU A 203 82.01 12.57 -18.48
CA GLU A 203 81.41 13.90 -18.54
C GLU A 203 80.65 14.28 -17.29
N PHE A 204 80.91 15.49 -16.80
CA PHE A 204 80.27 16.00 -15.60
C PHE A 204 79.60 17.34 -15.91
N ASN A 205 78.36 17.29 -16.37
CA ASN A 205 77.63 18.50 -16.71
C ASN A 205 76.15 18.35 -16.43
N GLY A 206 75.37 19.38 -16.75
CA GLY A 206 73.94 19.37 -16.52
C GLY A 206 73.12 18.33 -17.29
N ASP A 207 73.78 17.50 -18.09
CA ASP A 207 73.08 16.47 -18.86
C ASP A 207 73.45 15.07 -18.37
N THR A 208 74.51 15.00 -17.59
CA THR A 208 74.99 13.74 -17.05
C THR A 208 74.73 13.70 -15.55
N ILE A 209 74.08 14.75 -15.08
CA ILE A 209 73.75 14.90 -13.67
C ILE A 209 72.26 15.18 -13.47
N GLU A 210 71.72 14.66 -12.39
CA GLU A 210 70.33 14.87 -12.05
C GLU A 210 70.35 15.37 -10.62
N LEU A 211 69.84 16.57 -10.43
CA LEU A 211 69.84 17.15 -9.10
C LEU A 211 68.54 17.91 -8.87
N ALA A 212 67.95 17.69 -7.69
CA ALA A 212 66.71 18.34 -7.32
C ALA A 212 66.80 18.84 -5.88
N ILE A 213 65.96 19.83 -5.56
CA ILE A 213 65.97 20.41 -4.23
C ILE A 213 64.59 20.49 -3.58
N ILE A 214 64.61 20.63 -2.27
CA ILE A 214 63.39 20.78 -1.49
C ILE A 214 63.69 22.09 -0.78
N GLY A 215 63.19 23.20 -1.33
CA GLY A 215 63.45 24.48 -0.73
C GLY A 215 62.23 25.35 -0.49
N ASP A 216 62.22 26.53 -1.11
CA ASP A 216 61.08 27.44 -0.95
C ASP A 216 59.97 27.02 -1.87
N GLU A 217 58.80 27.62 -1.64
CA GLU A 217 57.61 27.33 -2.44
C GLU A 217 57.70 28.06 -3.77
N ASN A 218 57.31 27.37 -4.85
CA ASN A 218 57.33 27.92 -6.19
C ASN A 218 55.92 28.26 -6.70
N PRO A 219 55.36 29.42 -6.29
CA PRO A 219 54.01 29.77 -6.74
C PRO A 219 53.91 29.79 -8.25
N ASP A 220 55.06 29.82 -8.91
CA ASP A 220 55.13 29.82 -10.36
C ASP A 220 54.91 28.41 -10.93
N LEU A 221 55.06 27.41 -10.08
CA LEU A 221 54.88 26.02 -10.49
C LEU A 221 53.59 25.44 -9.95
N LEU A 222 52.71 26.30 -9.44
CA LEU A 222 51.45 25.86 -8.87
C LEU A 222 50.43 25.52 -9.94
N GLY A 223 50.42 26.31 -11.00
CA GLY A 223 49.48 26.07 -12.10
C GLY A 223 48.20 26.89 -12.03
N TYR A 224 47.98 27.61 -10.92
CA TYR A 224 46.78 28.42 -10.76
C TYR A 224 46.99 29.46 -9.68
N THR A 225 46.11 30.44 -9.63
CA THR A 225 46.18 31.50 -8.62
C THR A 225 44.78 31.80 -8.11
N GLY A 226 44.69 32.35 -6.91
CA GLY A 226 43.40 32.68 -6.36
C GLY A 226 43.19 32.13 -4.96
N ILE A 227 44.12 31.30 -4.50
CA ILE A 227 44.01 30.73 -3.18
C ILE A 227 45.26 31.05 -2.38
N PRO A 228 45.19 32.08 -1.52
CA PRO A 228 46.30 32.52 -0.67
C PRO A 228 47.08 31.40 0.01
N THR A 229 46.35 30.51 0.70
CA THR A 229 46.98 29.40 1.43
C THR A 229 47.82 28.45 0.56
N ASP A 230 47.47 28.33 -0.73
CA ASP A 230 48.22 27.47 -1.64
C ASP A 230 49.36 28.29 -2.27
N LYS A 231 50.58 28.03 -1.83
CA LYS A 231 51.75 28.78 -2.33
C LYS A 231 52.65 28.10 -3.37
N GLY A 232 52.44 26.82 -3.64
CA GLY A 232 53.28 26.14 -4.62
C GLY A 232 54.14 25.04 -4.02
N PRO A 233 54.66 24.12 -4.85
CA PRO A 233 55.50 23.01 -4.41
C PRO A 233 56.90 23.44 -3.98
N ARG A 234 57.42 22.81 -2.94
CA ARG A 234 58.76 23.12 -2.47
C ARG A 234 59.80 22.29 -3.21
N PHE A 235 59.32 21.25 -3.89
CA PHE A 235 60.19 20.35 -4.66
C PHE A 235 60.43 20.86 -6.06
N ARG A 236 61.70 21.02 -6.41
CA ARG A 236 62.01 21.45 -7.76
C ARG A 236 63.25 20.76 -8.30
N LYS A 237 63.15 20.27 -9.53
CA LYS A 237 64.26 19.61 -10.16
C LYS A 237 65.03 20.72 -10.89
N LEU A 238 66.34 20.74 -10.75
CA LEU A 238 67.13 21.76 -11.42
C LEU A 238 67.27 21.40 -12.88
N THR A 239 67.23 22.43 -13.72
CA THR A 239 67.35 22.24 -15.16
C THR A 239 68.82 22.05 -15.54
N SER A 240 69.05 21.37 -16.65
CA SER A 240 70.40 21.12 -17.13
C SER A 240 71.18 22.43 -17.11
N GLN A 241 70.51 23.51 -17.52
CA GLN A 241 71.11 24.83 -17.55
C GLN A 241 71.52 25.30 -16.15
N GLU A 242 70.57 25.37 -15.22
CA GLU A 242 70.84 25.82 -13.86
C GLU A 242 72.01 25.08 -13.21
N ILE A 243 72.27 23.87 -13.67
CA ILE A 243 73.37 23.08 -13.12
C ILE A 243 74.67 23.63 -13.64
N ASN A 244 74.83 23.65 -14.96
CA ASN A 244 76.04 24.15 -15.60
C ASN A 244 76.47 25.48 -15.03
N ASP A 245 75.53 26.39 -14.86
CA ASP A 245 75.84 27.70 -14.31
C ASP A 245 76.59 27.57 -12.99
N ARG A 246 76.21 26.59 -12.18
CA ARG A 246 76.87 26.37 -10.90
C ARG A 246 78.16 25.59 -11.07
N LEU A 247 78.31 24.95 -12.22
CA LEU A 247 79.51 24.16 -12.50
C LEU A 247 80.71 25.05 -12.83
N GLU A 248 80.42 26.21 -13.41
CA GLU A 248 81.46 27.17 -13.78
C GLU A 248 82.01 27.84 -12.53
N ALA A 249 81.25 27.78 -11.45
CA ALA A 249 81.65 28.34 -10.18
C ALA A 249 82.08 27.17 -9.29
N LEU A 250 82.45 26.07 -9.92
CA LEU A 250 82.88 24.85 -9.23
C LEU A 250 84.34 24.95 -8.77
N GLY B 1 57.24 -29.00 -8.25
CA GLY B 1 56.59 -27.81 -7.62
C GLY B 1 57.57 -26.91 -6.89
N SER B 2 57.06 -26.15 -5.92
CA SER B 2 57.88 -25.23 -5.12
C SER B 2 58.47 -25.85 -3.86
N ARG B 3 57.89 -26.95 -3.40
CA ARG B 3 58.35 -27.65 -2.20
C ARG B 3 59.87 -27.76 -2.15
N ARG B 4 60.48 -27.64 -3.32
CA ARG B 4 61.92 -27.73 -3.49
C ARG B 4 62.69 -26.59 -2.82
N TYR B 5 62.09 -25.40 -2.81
CA TYR B 5 62.73 -24.20 -2.26
C TYR B 5 62.22 -23.78 -0.88
N ASP B 6 61.33 -24.57 -0.30
CA ASP B 6 60.73 -24.28 1.01
C ASP B 6 61.68 -24.64 2.16
N SER B 7 62.09 -23.63 2.92
CA SER B 7 62.99 -23.79 4.07
C SER B 7 62.31 -24.39 5.30
N ARG B 8 60.99 -24.53 5.26
CA ARG B 8 60.23 -25.09 6.37
C ARG B 8 60.66 -24.40 7.67
N THR B 9 60.37 -23.11 7.75
CA THR B 9 60.74 -22.30 8.89
C THR B 9 60.07 -22.65 10.21
N THR B 10 59.02 -23.46 10.18
CA THR B 10 58.36 -23.79 11.42
C THR B 10 58.49 -25.22 11.86
N ILE B 11 59.64 -25.85 11.66
CA ILE B 11 59.79 -27.24 12.09
C ILE B 11 60.73 -27.41 13.27
N PHE B 12 60.63 -28.58 13.92
CA PHE B 12 61.45 -28.91 15.08
C PHE B 12 62.75 -29.57 14.65
N SER B 13 63.79 -29.35 15.44
CA SER B 13 65.08 -29.97 15.20
C SER B 13 64.97 -31.28 15.96
N PRO B 14 65.85 -32.25 15.67
CA PRO B 14 65.74 -33.53 16.39
C PRO B 14 65.79 -33.35 17.90
N GLU B 15 66.32 -32.20 18.34
CA GLU B 15 66.43 -31.89 19.76
C GLU B 15 65.24 -31.10 20.28
N GLY B 16 64.19 -31.00 19.46
CA GLY B 16 63.01 -30.27 19.89
C GLY B 16 63.22 -28.78 20.00
N ARG B 17 63.96 -28.21 19.06
CA ARG B 17 64.24 -26.79 19.03
C ARG B 17 63.74 -26.23 17.73
N LEU B 18 63.47 -24.92 17.70
CA LEU B 18 62.97 -24.28 16.50
C LEU B 18 64.12 -23.53 15.84
N TYR B 19 64.70 -24.16 14.82
CA TYR B 19 65.82 -23.57 14.08
C TYR B 19 65.73 -22.06 13.93
N GLN B 20 64.71 -21.60 13.21
CA GLN B 20 64.53 -20.17 12.96
C GLN B 20 64.55 -19.29 14.19
N VAL B 21 63.88 -19.70 15.26
CA VAL B 21 63.86 -18.92 16.48
C VAL B 21 65.29 -18.78 16.99
N GLU B 22 65.97 -19.93 17.11
CA GLU B 22 67.35 -19.98 17.57
C GLU B 22 68.24 -19.06 16.73
N TYR B 23 68.08 -19.11 15.41
CA TYR B 23 68.88 -18.28 14.53
C TYR B 23 68.47 -16.82 14.64
N ALA B 24 67.19 -16.56 14.88
CA ALA B 24 66.70 -15.20 15.02
C ALA B 24 67.35 -14.60 16.25
N LEU B 25 67.38 -15.39 17.32
CA LEU B 25 68.00 -14.97 18.58
C LEU B 25 69.46 -14.68 18.35
N GLU B 26 70.10 -15.54 17.55
CA GLU B 26 71.50 -15.37 17.22
C GLU B 26 71.69 -13.99 16.58
N SER B 27 70.72 -13.60 15.78
CA SER B 27 70.74 -12.32 15.10
C SER B 27 70.60 -11.20 16.14
N ILE B 28 69.67 -11.39 17.06
CA ILE B 28 69.40 -10.41 18.10
C ILE B 28 70.66 -10.13 18.93
N SER B 29 71.47 -11.16 19.14
CA SER B 29 72.68 -11.04 19.94
C SER B 29 73.70 -10.02 19.44
N HIS B 30 73.60 -9.62 18.18
CA HIS B 30 74.54 -8.64 17.62
C HIS B 30 73.91 -7.25 17.58
N ALA B 31 72.74 -7.11 18.19
CA ALA B 31 72.04 -5.83 18.20
C ALA B 31 72.50 -5.01 19.38
N GLY B 32 72.44 -3.69 19.23
CA GLY B 32 72.82 -2.81 20.31
C GLY B 32 72.12 -3.22 21.59
N THR B 33 72.86 -3.23 22.70
CA THR B 33 72.28 -3.63 23.97
C THR B 33 71.21 -2.66 24.49
N ALA B 34 70.15 -3.23 25.06
CA ALA B 34 69.07 -2.45 25.62
C ALA B 34 68.88 -2.94 27.04
N ILE B 35 68.67 -1.99 27.96
CA ILE B 35 68.50 -2.32 29.36
C ILE B 35 67.28 -1.68 29.98
N GLY B 36 66.62 -2.45 30.82
CA GLY B 36 65.44 -1.97 31.51
C GLY B 36 65.61 -2.26 32.98
N ILE B 37 65.51 -1.22 33.80
CA ILE B 37 65.64 -1.39 35.24
C ILE B 37 64.43 -0.75 35.90
N MET B 38 63.75 -1.54 36.71
CA MET B 38 62.55 -1.10 37.39
C MET B 38 62.79 -0.77 38.87
N ALA B 39 62.56 0.49 39.21
CA ALA B 39 62.74 0.98 40.58
C ALA B 39 61.39 1.14 41.26
N SER B 40 61.42 1.57 42.51
CA SER B 40 60.20 1.76 43.28
C SER B 40 59.36 2.93 42.77
N ASP B 41 60.01 3.98 42.31
CA ASP B 41 59.32 5.16 41.81
C ASP B 41 59.36 5.32 40.29
N GLY B 42 59.61 4.24 39.55
CA GLY B 42 59.66 4.35 38.11
C GLY B 42 60.44 3.27 37.40
N ILE B 43 60.52 3.39 36.08
CA ILE B 43 61.23 2.42 35.27
C ILE B 43 62.22 3.19 34.40
N VAL B 44 63.33 2.54 34.09
CA VAL B 44 64.34 3.16 33.25
C VAL B 44 64.66 2.29 32.04
N LEU B 45 64.74 2.92 30.88
CA LEU B 45 65.07 2.22 29.65
C LEU B 45 66.25 2.91 28.99
N ALA B 46 67.32 2.15 28.79
CA ALA B 46 68.51 2.67 28.18
C ALA B 46 68.90 1.75 27.05
N ALA B 47 69.35 2.32 25.94
CA ALA B 47 69.77 1.49 24.82
C ALA B 47 70.97 2.08 24.10
N GLU B 48 71.75 1.20 23.48
CA GLU B 48 72.94 1.59 22.76
C GLU B 48 72.66 1.57 21.27
N ARG B 49 72.85 2.71 20.61
CA ARG B 49 72.64 2.81 19.18
C ARG B 49 73.71 2.05 18.42
N LYS B 50 73.32 0.98 17.75
CA LYS B 50 74.27 0.20 16.98
C LYS B 50 74.63 1.03 15.75
N VAL B 51 75.92 1.24 15.55
CA VAL B 51 76.44 2.03 14.42
C VAL B 51 75.83 3.44 14.35
N THR B 52 76.71 4.42 14.15
CA THR B 52 76.30 5.81 14.04
C THR B 52 77.38 6.53 13.26
N SER B 53 77.10 7.79 12.91
CA SER B 53 78.06 8.59 12.16
C SER B 53 77.99 10.02 12.63
N THR B 54 78.93 10.84 12.17
CA THR B 54 78.97 12.24 12.53
C THR B 54 77.73 12.87 11.87
N LEU B 55 77.52 12.48 10.62
CA LEU B 55 76.41 12.98 9.82
C LEU B 55 75.03 12.49 10.21
N LEU B 56 74.96 11.43 11.02
CA LEU B 56 73.68 10.91 11.44
C LEU B 56 72.93 11.94 12.28
N GLU B 57 71.66 12.15 11.95
CA GLU B 57 70.81 13.11 12.66
C GLU B 57 70.27 12.43 13.91
N GLN B 58 70.90 12.67 15.06
CA GLN B 58 70.43 12.02 16.28
C GLN B 58 69.19 12.65 16.88
N ASP B 59 68.95 13.92 16.54
CA ASP B 59 67.77 14.63 17.07
C ASP B 59 66.48 13.97 16.60
N THR B 60 66.35 13.81 15.29
CA THR B 60 65.18 13.21 14.65
C THR B 60 65.19 11.69 14.68
N SER B 61 66.26 11.10 15.20
CA SER B 61 66.39 9.64 15.24
C SER B 61 65.70 8.94 16.41
N THR B 62 65.41 7.67 16.16
CA THR B 62 64.78 6.74 17.11
C THR B 62 64.95 5.39 16.42
N GLU B 63 65.57 4.45 17.11
CA GLU B 63 65.78 3.13 16.54
C GLU B 63 65.72 2.08 17.64
N LYS B 64 65.48 2.54 18.87
CA LYS B 64 65.44 1.60 19.98
C LYS B 64 64.33 1.83 21.01
N LEU B 65 63.93 3.08 21.19
CA LEU B 65 62.87 3.39 22.16
C LEU B 65 61.62 3.92 21.49
N TYR B 66 60.55 3.14 21.59
CA TYR B 66 59.29 3.51 20.99
C TYR B 66 58.17 3.59 22.02
N LYS B 67 57.31 4.58 21.84
CA LYS B 67 56.19 4.77 22.73
C LYS B 67 55.01 3.99 22.16
N LEU B 68 54.45 3.06 22.93
CA LEU B 68 53.32 2.26 22.47
C LEU B 68 51.99 2.88 22.86
N ASN B 69 51.95 3.32 24.10
CA ASN B 69 50.78 3.88 24.74
C ASN B 69 51.30 5.09 25.50
N ASP B 70 50.52 5.63 26.43
CA ASP B 70 51.00 6.77 27.22
C ASP B 70 51.58 6.26 28.51
N LYS B 71 51.31 4.99 28.80
CA LYS B 71 51.80 4.36 30.02
C LYS B 71 52.74 3.22 29.71
N ILE B 72 52.88 2.90 28.43
CA ILE B 72 53.75 1.81 28.02
C ILE B 72 54.69 2.20 26.90
N ALA B 73 55.94 1.75 27.00
CA ALA B 73 56.96 2.04 25.99
C ALA B 73 57.80 0.78 25.88
N VAL B 74 58.55 0.65 24.79
CA VAL B 74 59.40 -0.51 24.58
C VAL B 74 60.81 -0.19 24.12
N ALA B 75 61.71 -1.11 24.41
CA ALA B 75 63.10 -0.99 24.01
C ALA B 75 63.30 -2.11 23.01
N VAL B 76 63.87 -1.79 21.85
CA VAL B 76 64.06 -2.78 20.78
C VAL B 76 65.46 -3.34 20.61
N ALA B 77 65.54 -4.59 20.20
CA ALA B 77 66.80 -5.26 19.94
C ALA B 77 66.59 -6.21 18.77
N GLY B 78 67.09 -5.83 17.60
CA GLY B 78 66.94 -6.65 16.41
C GLY B 78 66.67 -5.81 15.18
N LEU B 79 65.91 -6.37 14.23
CA LEU B 79 65.56 -5.67 13.00
C LEU B 79 64.60 -4.53 13.29
N THR B 80 65.06 -3.29 13.11
CA THR B 80 64.21 -2.14 13.39
C THR B 80 62.89 -2.25 12.62
N ALA B 81 62.98 -2.56 11.33
CA ALA B 81 61.79 -2.69 10.49
C ALA B 81 60.81 -3.71 11.08
N ASP B 82 61.30 -4.89 11.44
CA ASP B 82 60.44 -5.91 12.02
C ASP B 82 59.79 -5.34 13.27
N ALA B 83 60.59 -4.66 14.08
CA ALA B 83 60.11 -4.07 15.31
C ALA B 83 58.97 -3.10 15.05
N GLU B 84 59.10 -2.26 14.03
CA GLU B 84 58.07 -1.29 13.74
C GLU B 84 56.75 -1.94 13.35
N ILE B 85 56.82 -3.05 12.62
CA ILE B 85 55.59 -3.75 12.24
C ILE B 85 54.84 -4.18 13.50
N LEU B 86 55.56 -4.80 14.42
CA LEU B 86 54.96 -5.26 15.67
C LEU B 86 54.55 -4.09 16.55
N ILE B 87 55.34 -3.01 16.53
CA ILE B 87 55.06 -1.82 17.34
C ILE B 87 53.68 -1.27 16.95
N ASN B 88 53.49 -1.07 15.67
CA ASN B 88 52.24 -0.54 15.19
C ASN B 88 51.04 -1.40 15.51
N THR B 89 51.13 -2.70 15.27
CA THR B 89 50.00 -3.56 15.57
C THR B 89 49.78 -3.53 17.08
N ALA B 90 50.87 -3.36 17.82
CA ALA B 90 50.80 -3.29 19.28
C ALA B 90 50.01 -2.05 19.69
N ARG B 91 50.29 -0.95 19.02
CA ARG B 91 49.63 0.33 19.27
C ARG B 91 48.13 0.23 19.00
N ILE B 92 47.77 -0.52 17.97
CA ILE B 92 46.35 -0.70 17.64
C ILE B 92 45.63 -1.47 18.75
N HIS B 93 46.23 -2.58 19.19
CA HIS B 93 45.62 -3.41 20.22
C HIS B 93 45.28 -2.56 21.45
N ALA B 94 46.19 -1.65 21.80
CA ALA B 94 46.00 -0.78 22.94
C ALA B 94 44.75 0.05 22.78
N GLN B 95 44.60 0.64 21.59
CA GLN B 95 43.45 1.47 21.28
C GLN B 95 42.14 0.69 21.23
N ASN B 96 42.17 -0.54 20.73
CA ASN B 96 40.94 -1.33 20.69
C ASN B 96 40.51 -1.57 22.11
N TYR B 97 41.46 -1.97 22.96
CA TYR B 97 41.15 -2.24 24.35
C TYR B 97 40.49 -1.01 24.98
N LEU B 98 41.06 0.16 24.69
CA LEU B 98 40.52 1.40 25.24
C LEU B 98 39.10 1.65 24.75
N LYS B 99 38.92 1.62 23.44
CA LYS B 99 37.61 1.86 22.87
C LYS B 99 36.56 0.86 23.36
N THR B 100 37.02 -0.32 23.75
CA THR B 100 36.09 -1.33 24.21
C THR B 100 35.72 -1.22 25.68
N TYR B 101 36.72 -0.98 26.52
CA TYR B 101 36.49 -0.93 27.96
C TYR B 101 36.60 0.44 28.60
N ASN B 102 36.92 1.45 27.82
CA ASN B 102 37.10 2.81 28.35
C ASN B 102 38.07 2.79 29.53
N GLU B 103 39.13 2.00 29.38
CA GLU B 103 40.19 1.86 30.36
C GLU B 103 41.46 1.53 29.58
N ASP B 104 42.60 2.02 30.06
CA ASP B 104 43.87 1.74 29.39
C ASP B 104 44.22 0.28 29.53
N ILE B 105 44.84 -0.26 28.51
CA ILE B 105 45.17 -1.67 28.52
C ILE B 105 46.24 -2.05 29.54
N PRO B 106 45.95 -3.03 30.40
CA PRO B 106 46.89 -3.50 31.41
C PRO B 106 48.17 -3.93 30.68
N VAL B 107 49.33 -3.62 31.24
CA VAL B 107 50.58 -3.94 30.59
C VAL B 107 50.75 -5.38 30.13
N GLU B 108 50.49 -6.35 30.98
CA GLU B 108 50.66 -7.74 30.57
C GLU B 108 49.77 -8.14 29.41
N ILE B 109 48.52 -7.68 29.44
CA ILE B 109 47.57 -8.01 28.40
C ILE B 109 48.13 -7.62 27.05
N LEU B 110 48.70 -6.42 26.95
CA LEU B 110 49.28 -5.96 25.71
C LEU B 110 50.49 -6.81 25.33
N VAL B 111 51.34 -7.08 26.30
CA VAL B 111 52.54 -7.90 26.08
C VAL B 111 52.20 -9.31 25.59
N ARG B 112 51.17 -9.93 26.18
CA ARG B 112 50.80 -11.28 25.79
C ARG B 112 50.32 -11.30 24.34
N ARG B 113 49.46 -10.36 23.98
CA ARG B 113 48.92 -10.27 22.63
C ARG B 113 50.05 -10.20 21.63
N LEU B 114 50.99 -9.30 21.85
CA LEU B 114 52.14 -9.15 20.94
C LEU B 114 52.97 -10.43 20.91
N SER B 115 53.14 -11.06 22.05
CA SER B 115 53.92 -12.29 22.11
C SER B 115 53.19 -13.42 21.39
N ASP B 116 51.87 -13.40 21.43
CA ASP B 116 51.07 -14.42 20.76
C ASP B 116 51.25 -14.28 19.25
N ILE B 117 51.27 -13.05 18.77
CA ILE B 117 51.47 -12.81 17.34
C ILE B 117 52.79 -13.45 16.93
N LYS B 118 53.83 -13.25 17.75
CA LYS B 118 55.16 -13.82 17.47
C LYS B 118 55.12 -15.35 17.45
N GLN B 119 54.50 -15.92 18.47
CA GLN B 119 54.38 -17.37 18.56
C GLN B 119 53.72 -17.91 17.30
N GLY B 120 52.84 -17.13 16.71
CA GLY B 120 52.15 -17.56 15.50
C GLY B 120 53.11 -17.93 14.38
N TYR B 121 54.02 -17.01 14.07
CA TYR B 121 55.02 -17.22 13.02
C TYR B 121 55.96 -18.36 13.35
N THR B 122 55.75 -18.94 14.53
CA THR B 122 56.55 -20.03 15.03
C THR B 122 55.91 -21.38 14.77
N GLN B 123 54.59 -21.38 14.64
CA GLN B 123 53.87 -22.63 14.46
C GLN B 123 53.14 -22.83 13.15
N HIS B 124 52.99 -21.79 12.36
CA HIS B 124 52.30 -21.96 11.10
C HIS B 124 52.52 -20.82 10.14
N GLY B 125 52.27 -21.06 8.86
CA GLY B 125 52.42 -20.00 7.89
C GLY B 125 53.65 -20.08 7.01
N GLY B 126 54.68 -20.78 7.46
CA GLY B 126 55.89 -20.91 6.67
C GLY B 126 56.66 -19.63 6.39
N LEU B 127 56.51 -18.64 7.24
CA LEU B 127 57.23 -17.37 7.09
C LEU B 127 58.31 -17.30 8.16
N ARG B 128 59.28 -16.43 7.98
CA ARG B 128 60.34 -16.31 8.98
C ARG B 128 59.80 -15.57 10.20
N PRO B 129 60.37 -15.83 11.38
CA PRO B 129 59.90 -15.15 12.59
C PRO B 129 60.37 -13.71 12.56
N PHE B 130 59.94 -12.90 13.52
CA PHE B 130 60.39 -11.52 13.56
C PHE B 130 61.72 -11.54 14.32
N GLY B 131 62.73 -10.87 13.78
CA GLY B 131 64.02 -10.84 14.45
C GLY B 131 64.01 -9.73 15.49
N VAL B 132 63.11 -9.84 16.45
CA VAL B 132 62.97 -8.80 17.45
C VAL B 132 62.76 -9.29 18.88
N SER B 133 63.32 -8.53 19.81
CA SER B 133 63.18 -8.80 21.23
C SER B 133 62.83 -7.45 21.85
N PHE B 134 61.81 -7.45 22.70
CA PHE B 134 61.36 -6.23 23.35
C PHE B 134 61.49 -6.25 24.85
N ILE B 135 61.67 -5.06 25.40
CA ILE B 135 61.69 -4.88 26.84
C ILE B 135 60.52 -3.92 26.94
N TYR B 136 59.48 -4.31 27.67
CA TYR B 136 58.31 -3.45 27.83
C TYR B 136 58.38 -2.77 29.18
N ALA B 137 58.16 -1.47 29.18
CA ALA B 137 58.18 -0.69 30.42
C ALA B 137 56.83 0.00 30.54
N GLY B 138 56.02 -0.44 31.50
CA GLY B 138 54.72 0.17 31.64
C GLY B 138 54.18 0.23 33.05
N TYR B 139 53.05 0.89 33.17
CA TYR B 139 52.40 1.06 34.45
C TYR B 139 50.89 0.96 34.36
N ASP B 140 50.29 0.27 35.31
CA ASP B 140 48.84 0.17 35.33
C ASP B 140 48.39 0.06 36.78
N ASP B 141 47.16 0.46 37.03
CA ASP B 141 46.60 0.45 38.38
C ASP B 141 46.33 -0.92 39.00
N ARG B 142 46.99 -1.96 38.51
CA ARG B 142 46.78 -3.29 39.07
C ARG B 142 48.08 -3.89 39.53
N TYR B 143 49.16 -3.56 38.84
CA TYR B 143 50.49 -4.07 39.19
C TYR B 143 51.50 -2.94 39.24
N GLY B 144 51.02 -1.71 38.99
CA GLY B 144 51.91 -0.57 39.01
C GLY B 144 53.03 -0.73 38.01
N TYR B 145 54.26 -0.46 38.44
CA TYR B 145 55.42 -0.55 37.57
C TYR B 145 55.74 -1.97 37.18
N GLN B 146 55.88 -2.18 35.88
CA GLN B 146 56.17 -3.50 35.35
C GLN B 146 57.20 -3.45 34.24
N LEU B 147 57.98 -4.51 34.16
CA LEU B 147 59.03 -4.64 33.17
C LEU B 147 58.86 -6.03 32.57
N TYR B 148 58.81 -6.10 31.24
CA TYR B 148 58.65 -7.38 30.58
C TYR B 148 59.63 -7.51 29.43
N THR B 149 59.78 -8.73 28.93
CA THR B 149 60.67 -8.98 27.83
C THR B 149 60.09 -10.10 26.96
N SER B 150 60.11 -9.92 25.65
CA SER B 150 59.60 -10.93 24.73
C SER B 150 60.61 -11.10 23.60
N ASN B 151 60.65 -12.31 23.03
CA ASN B 151 61.59 -12.61 21.95
C ASN B 151 60.94 -13.39 20.81
N PRO B 152 61.71 -13.65 19.74
CA PRO B 152 61.23 -14.40 18.56
C PRO B 152 60.33 -15.60 18.82
N SER B 153 60.60 -16.33 19.89
CA SER B 153 59.84 -17.52 20.24
C SER B 153 58.40 -17.21 20.57
N GLY B 154 58.17 -16.05 21.16
CA GLY B 154 56.82 -15.68 21.54
C GLY B 154 56.66 -15.89 23.04
N ASN B 155 57.80 -16.13 23.69
CA ASN B 155 57.82 -16.33 25.12
C ASN B 155 58.08 -14.96 25.74
N TYR B 156 57.48 -14.71 26.91
CA TYR B 156 57.67 -13.43 27.59
C TYR B 156 57.71 -13.63 29.10
N THR B 157 58.46 -12.79 29.78
CA THR B 157 58.57 -12.88 31.25
C THR B 157 58.75 -11.49 31.86
N GLY B 158 58.57 -11.41 33.18
CA GLY B 158 58.71 -10.13 33.87
C GLY B 158 59.99 -10.06 34.69
N TRP B 159 60.58 -8.86 34.76
CA TRP B 159 61.82 -8.68 35.48
C TRP B 159 61.89 -7.42 36.33
N LYS B 160 62.92 -7.36 37.18
CA LYS B 160 63.16 -6.20 38.03
C LYS B 160 64.16 -5.35 37.24
N ALA B 161 65.04 -6.04 36.51
CA ALA B 161 66.06 -5.42 35.66
C ALA B 161 66.37 -6.48 34.62
N ILE B 162 66.56 -6.07 33.37
CA ILE B 162 66.83 -7.04 32.33
C ILE B 162 67.53 -6.39 31.14
N SER B 163 68.17 -7.23 30.31
CA SER B 163 68.88 -6.76 29.14
C SER B 163 68.57 -7.63 27.93
N VAL B 164 68.71 -7.06 26.74
CA VAL B 164 68.48 -7.79 25.51
C VAL B 164 69.45 -7.29 24.48
N GLY B 165 69.73 -8.13 23.49
CA GLY B 165 70.66 -7.74 22.45
C GLY B 165 72.03 -8.33 22.72
N ALA B 166 73.06 -7.53 22.44
CA ALA B 166 74.43 -7.97 22.62
C ALA B 166 74.89 -7.97 24.06
N ASN B 167 75.80 -8.89 24.39
CA ASN B 167 76.39 -9.03 25.72
C ASN B 167 75.40 -9.02 26.88
N THR B 168 74.31 -9.75 26.73
CA THR B 168 73.31 -9.78 27.78
C THR B 168 73.79 -10.53 29.02
N SER B 169 74.55 -11.60 28.79
CA SER B 169 75.10 -12.42 29.87
C SER B 169 76.00 -11.59 30.77
N ALA B 170 76.82 -10.74 30.16
CA ALA B 170 77.71 -9.89 30.91
C ALA B 170 76.89 -8.84 31.66
N ALA B 171 76.00 -8.17 30.93
CA ALA B 171 75.15 -7.12 31.50
C ALA B 171 74.25 -7.64 32.60
N GLN B 172 73.77 -8.86 32.44
CA GLN B 172 72.88 -9.46 33.43
C GLN B 172 73.62 -9.70 34.72
N THR B 173 74.85 -10.22 34.62
CA THR B 173 75.66 -10.48 35.79
C THR B 173 75.94 -9.17 36.54
N LEU B 174 76.32 -8.13 35.80
CA LEU B 174 76.61 -6.84 36.42
C LEU B 174 75.37 -6.29 37.11
N LEU B 175 74.20 -6.48 36.50
CA LEU B 175 72.94 -5.99 37.06
C LEU B 175 72.57 -6.78 38.30
N GLN B 176 72.69 -8.10 38.19
CA GLN B 176 72.37 -9.00 39.28
C GLN B 176 73.31 -8.74 40.44
N MET B 177 74.36 -7.97 40.16
CA MET B 177 75.38 -7.64 41.14
C MET B 177 75.10 -6.38 41.94
N ASP B 178 74.53 -5.36 41.33
CA ASP B 178 74.28 -4.10 42.05
C ASP B 178 72.82 -3.68 42.21
N TYR B 179 71.89 -4.54 41.80
CA TYR B 179 70.49 -4.20 41.94
C TYR B 179 70.01 -4.47 43.35
N LYS B 180 69.20 -3.55 43.89
CA LYS B 180 68.65 -3.70 45.23
C LYS B 180 67.18 -3.28 45.19
N ASP B 181 66.30 -4.17 45.64
CA ASP B 181 64.85 -3.98 45.66
C ASP B 181 64.35 -2.58 45.97
N ASP B 182 64.92 -1.95 46.97
CA ASP B 182 64.50 -0.61 47.35
C ASP B 182 65.04 0.50 46.46
N MET B 183 65.73 0.14 45.39
CA MET B 183 66.30 1.16 44.50
C MET B 183 65.42 2.35 44.20
N LYS B 184 65.99 3.33 43.51
CA LYS B 184 65.26 4.54 43.17
C LYS B 184 65.57 4.87 41.71
N VAL B 185 64.64 5.52 41.02
CA VAL B 185 64.83 5.86 39.62
C VAL B 185 66.21 6.39 39.31
N ASP B 186 66.64 7.41 40.05
CA ASP B 186 67.94 8.01 39.81
C ASP B 186 69.05 6.99 39.98
N ASP B 187 68.86 6.06 40.90
CA ASP B 187 69.84 5.01 41.13
C ASP B 187 69.91 4.12 39.89
N ALA B 188 68.74 3.67 39.46
CA ALA B 188 68.61 2.80 38.29
C ALA B 188 69.18 3.47 37.05
N ILE B 189 68.95 4.77 36.92
CA ILE B 189 69.47 5.52 35.78
C ILE B 189 70.97 5.34 35.72
N GLU B 190 71.59 5.44 36.88
CA GLU B 190 73.03 5.31 36.98
C GLU B 190 73.47 3.86 36.75
N LEU B 191 72.78 2.93 37.40
CA LEU B 191 73.12 1.52 37.25
C LEU B 191 73.10 1.17 35.76
N ALA B 192 72.04 1.65 35.09
CA ALA B 192 71.84 1.40 33.66
C ALA B 192 73.01 1.91 32.84
N LEU B 193 73.34 3.18 33.02
CA LEU B 193 74.46 3.78 32.29
C LEU B 193 75.78 3.07 32.54
N LYS B 194 76.01 2.66 33.78
CA LYS B 194 77.25 1.98 34.11
C LYS B 194 77.34 0.66 33.36
N THR B 195 76.27 -0.13 33.47
CA THR B 195 76.20 -1.44 32.84
C THR B 195 76.54 -1.37 31.36
N LEU B 196 75.88 -0.44 30.66
CA LEU B 196 76.13 -0.28 29.23
C LEU B 196 77.60 0.05 29.01
N SER B 197 78.10 0.96 29.85
CA SER B 197 79.48 1.43 29.79
C SER B 197 80.51 0.29 29.90
N LYS B 198 80.17 -0.75 30.67
CA LYS B 198 81.08 -1.86 30.83
C LYS B 198 80.89 -3.01 29.84
N THR B 199 79.87 -2.94 29.00
CA THR B 199 79.60 -3.99 28.03
C THR B 199 79.69 -3.52 26.58
N THR B 200 79.84 -2.21 26.39
CA THR B 200 79.94 -1.63 25.05
C THR B 200 81.10 -2.22 24.28
N ASP B 201 80.91 -2.41 22.99
CA ASP B 201 81.98 -2.92 22.16
C ASP B 201 82.65 -1.70 21.54
N SER B 202 82.37 -0.54 22.11
CA SER B 202 82.94 0.71 21.62
C SER B 202 83.96 1.27 22.58
N SER B 203 84.68 2.29 22.11
CA SER B 203 85.71 2.94 22.90
C SER B 203 85.12 3.54 24.17
N ALA B 204 84.35 4.61 24.00
CA ALA B 204 83.73 5.29 25.12
C ALA B 204 82.23 5.28 24.94
N LEU B 205 81.51 5.61 26.01
CA LEU B 205 80.05 5.64 25.96
C LEU B 205 79.61 7.10 25.91
N THR B 206 79.46 7.61 24.70
CA THR B 206 79.05 9.00 24.50
C THR B 206 77.54 9.13 24.35
N TYR B 207 77.01 10.34 24.53
CA TYR B 207 75.58 10.59 24.44
C TYR B 207 75.02 10.32 23.05
N ASP B 208 75.77 10.72 22.02
CA ASP B 208 75.35 10.53 20.65
C ASP B 208 75.07 9.06 20.29
N ARG B 209 75.51 8.14 21.13
CA ARG B 209 75.30 6.72 20.87
C ARG B 209 74.30 6.12 21.85
N LEU B 210 73.38 6.94 22.35
CA LEU B 210 72.41 6.47 23.32
C LEU B 210 70.98 6.95 23.15
N GLU B 211 70.09 6.22 23.82
CA GLU B 211 68.68 6.52 23.86
C GLU B 211 68.31 6.26 25.30
N PHE B 212 67.63 7.21 25.92
CA PHE B 212 67.26 7.06 27.30
C PHE B 212 65.82 7.47 27.53
N ALA B 213 65.16 6.76 28.43
CA ALA B 213 63.77 7.06 28.75
C ALA B 213 63.41 6.55 30.13
N THR B 214 62.51 7.29 30.80
CA THR B 214 62.05 6.92 32.13
C THR B 214 60.55 7.09 32.25
N ILE B 215 59.92 6.22 33.03
CA ILE B 215 58.50 6.30 33.24
C ILE B 215 58.29 6.51 34.72
N ARG B 216 58.02 7.76 35.09
CA ARG B 216 57.77 8.12 36.48
C ARG B 216 56.36 8.60 36.70
N LYS B 217 55.98 8.68 37.96
CA LYS B 217 54.65 9.13 38.32
C LYS B 217 54.76 10.48 39.02
N GLY B 218 55.55 11.38 38.43
CA GLY B 218 55.77 12.72 38.97
C GLY B 218 54.93 13.09 40.18
N ALA B 219 55.55 13.02 41.37
CA ALA B 219 54.87 13.33 42.64
C ALA B 219 53.91 14.52 42.54
N ASN B 220 54.39 15.63 41.97
CA ASN B 220 53.56 16.82 41.81
C ASN B 220 52.63 16.60 40.61
N ASP B 221 51.64 15.75 40.80
CA ASP B 221 50.67 15.42 39.75
C ASP B 221 49.73 14.29 40.21
N GLY B 222 50.22 13.05 40.19
CA GLY B 222 49.42 11.92 40.61
C GLY B 222 49.13 10.95 39.46
N GLU B 223 49.70 11.24 38.30
CA GLU B 223 49.54 10.43 37.10
C GLU B 223 50.91 9.99 36.58
N VAL B 224 50.92 9.11 35.57
CA VAL B 224 52.16 8.60 35.00
C VAL B 224 52.72 9.45 33.86
N TYR B 225 54.03 9.67 33.88
CA TYR B 225 54.71 10.46 32.85
C TYR B 225 55.85 9.68 32.16
N GLN B 226 55.82 9.64 30.84
CA GLN B 226 56.87 8.98 30.08
C GLN B 226 57.80 10.05 29.58
N LYS B 227 59.09 9.89 29.82
CA LYS B 227 60.04 10.88 29.35
C LYS B 227 61.10 10.23 28.48
N ILE B 228 61.21 10.71 27.25
CA ILE B 228 62.20 10.18 26.32
C ILE B 228 63.26 11.27 26.19
N PHE B 229 64.38 11.07 26.89
CA PHE B 229 65.47 12.05 26.91
C PHE B 229 65.97 12.48 25.54
N LYS B 230 66.21 13.78 25.43
CA LYS B 230 66.70 14.41 24.21
C LYS B 230 68.24 14.40 24.26
N PRO B 231 68.91 14.42 23.10
CA PRO B 231 70.37 14.40 23.08
C PRO B 231 71.01 15.20 24.21
N GLN B 232 70.62 16.45 24.36
CA GLN B 232 71.17 17.31 25.40
C GLN B 232 70.97 16.72 26.80
N GLU B 233 69.75 16.28 27.06
CA GLU B 233 69.42 15.69 28.36
C GLU B 233 70.29 14.47 28.65
N ILE B 234 70.59 13.68 27.63
CA ILE B 234 71.42 12.49 27.79
C ILE B 234 72.85 12.88 28.10
N LYS B 235 73.35 13.88 27.37
CA LYS B 235 74.72 14.36 27.56
C LYS B 235 74.96 14.80 29.00
N ASP B 236 73.96 15.48 29.58
CA ASP B 236 74.05 15.96 30.95
C ASP B 236 74.14 14.77 31.91
N ILE B 237 73.04 14.04 32.03
CA ILE B 237 72.95 12.87 32.89
C ILE B 237 74.17 11.96 32.73
N LEU B 238 74.82 12.03 31.58
CA LEU B 238 76.00 11.21 31.31
C LEU B 238 77.19 11.72 32.11
N VAL B 239 77.35 13.04 32.13
CA VAL B 239 78.44 13.69 32.86
C VAL B 239 78.23 13.54 34.37
N LYS B 240 77.02 13.87 34.81
CA LYS B 240 76.65 13.80 36.22
C LYS B 240 77.03 12.47 36.85
N THR B 241 76.52 11.37 36.28
CA THR B 241 76.83 10.05 36.81
C THR B 241 78.33 9.77 36.82
N GLY B 242 79.09 10.70 36.23
CA GLY B 242 80.53 10.54 36.21
C GLY B 242 81.08 9.70 35.06
N ILE B 243 80.72 10.06 33.84
CA ILE B 243 81.21 9.37 32.65
C ILE B 243 81.56 10.45 31.64
N THR B 244 81.27 11.70 32.01
CA THR B 244 81.51 12.90 31.20
C THR B 244 81.26 12.61 29.72
N GLY C 1 47.37 -20.27 2.56
CA GLY C 1 48.02 -20.82 1.34
C GLY C 1 49.13 -21.81 1.64
N TYR C 2 49.71 -21.75 2.85
CA TYR C 2 50.79 -22.67 3.20
C TYR C 2 50.23 -23.97 3.77
N ASP C 3 50.44 -25.07 3.07
CA ASP C 3 49.93 -26.35 3.54
C ASP C 3 50.92 -27.51 3.49
N ARG C 4 52.21 -27.21 3.41
CA ARG C 4 53.22 -28.27 3.36
C ARG C 4 52.98 -29.27 4.48
N ALA C 5 53.08 -30.55 4.15
CA ALA C 5 52.89 -31.59 5.16
C ALA C 5 54.18 -31.67 5.97
N LEU C 6 54.17 -31.08 7.16
CA LEU C 6 55.33 -31.07 8.03
C LEU C 6 55.36 -32.28 8.95
N SER C 7 54.19 -32.83 9.24
CA SER C 7 54.10 -34.01 10.08
C SER C 7 53.69 -35.19 9.24
N ILE C 8 54.67 -35.94 8.75
CA ILE C 8 54.40 -37.11 7.93
C ILE C 8 55.16 -38.31 8.46
N PHE C 9 54.85 -39.49 7.93
CA PHE C 9 55.49 -40.73 8.35
C PHE C 9 56.84 -40.93 7.72
N SER C 10 57.72 -41.60 8.46
CA SER C 10 59.06 -41.92 7.97
C SER C 10 59.04 -43.44 7.79
N PRO C 11 59.99 -43.99 7.02
CA PRO C 11 60.07 -45.42 6.78
C PRO C 11 59.80 -46.35 7.96
N ASP C 12 60.31 -46.01 9.14
CA ASP C 12 60.10 -46.83 10.31
C ASP C 12 58.71 -46.68 10.94
N GLY C 13 57.91 -45.75 10.42
CA GLY C 13 56.58 -45.53 10.95
C GLY C 13 56.53 -44.50 12.06
N HIS C 14 57.38 -43.48 11.98
CA HIS C 14 57.42 -42.44 12.99
C HIS C 14 57.10 -41.08 12.40
N ILE C 15 56.49 -40.22 13.20
CA ILE C 15 56.19 -38.87 12.74
C ILE C 15 57.25 -38.07 13.47
N PHE C 16 58.41 -37.89 12.84
CA PHE C 16 59.51 -37.18 13.47
C PHE C 16 59.19 -35.83 14.11
N GLN C 17 58.31 -35.04 13.48
CA GLN C 17 57.97 -33.76 14.05
C GLN C 17 57.28 -33.93 15.41
N VAL C 18 56.47 -34.97 15.55
CA VAL C 18 55.80 -35.21 16.82
C VAL C 18 56.84 -35.72 17.80
N GLU C 19 57.75 -36.54 17.29
CA GLU C 19 58.83 -37.10 18.10
C GLU C 19 59.66 -35.97 18.69
N TYR C 20 60.10 -35.06 17.82
CA TYR C 20 60.90 -33.94 18.23
C TYR C 20 60.11 -32.99 19.13
N ALA C 21 58.79 -33.06 19.05
CA ALA C 21 57.95 -32.21 19.88
C ALA C 21 58.13 -32.70 21.31
N LEU C 22 58.23 -34.02 21.46
CA LEU C 22 58.43 -34.60 22.77
C LEU C 22 59.79 -34.22 23.36
N GLU C 23 60.79 -34.06 22.49
CA GLU C 23 62.12 -33.66 22.94
C GLU C 23 62.07 -32.26 23.55
N ALA C 24 61.15 -31.44 23.04
CA ALA C 24 60.96 -30.10 23.53
C ALA C 24 60.31 -30.16 24.89
N VAL C 25 59.52 -31.20 25.13
CA VAL C 25 58.86 -31.36 26.41
C VAL C 25 59.89 -31.82 27.44
N LYS C 26 60.78 -32.73 27.03
CA LYS C 26 61.83 -33.25 27.90
C LYS C 26 62.69 -32.10 28.41
N ARG C 27 62.91 -31.13 27.54
CA ARG C 27 63.72 -29.96 27.86
C ARG C 27 63.05 -28.98 28.82
N GLY C 28 61.73 -28.85 28.72
CA GLY C 28 61.02 -27.92 29.58
C GLY C 28 61.20 -28.26 31.05
N THR C 29 60.94 -27.30 31.93
CA THR C 29 61.09 -27.52 33.36
C THR C 29 60.17 -28.65 33.75
N CYS C 30 60.41 -29.24 34.92
CA CYS C 30 59.61 -30.35 35.41
C CYS C 30 58.25 -29.92 35.98
N ALA C 31 57.31 -30.86 35.95
CA ALA C 31 55.96 -30.65 36.47
C ALA C 31 55.45 -31.99 36.96
N VAL C 32 54.72 -31.98 38.06
CA VAL C 32 54.20 -33.22 38.61
C VAL C 32 52.81 -33.01 39.20
N GLY C 33 52.07 -34.11 39.34
CA GLY C 33 50.74 -34.04 39.90
C GLY C 33 50.39 -35.34 40.59
N VAL C 34 49.92 -35.25 41.83
CA VAL C 34 49.54 -36.44 42.56
C VAL C 34 48.18 -36.19 43.16
N LYS C 35 47.30 -37.17 43.08
CA LYS C 35 45.98 -37.01 43.63
C LYS C 35 45.84 -37.68 44.98
N GLY C 36 45.18 -36.99 45.89
CA GLY C 36 44.96 -37.49 47.23
C GLY C 36 43.62 -38.21 47.29
N LYS C 37 43.01 -38.25 48.46
CA LYS C 37 41.73 -38.93 48.58
C LYS C 37 40.60 -37.91 48.45
N ASN C 38 40.97 -36.65 48.59
CA ASN C 38 40.01 -35.56 48.54
C ASN C 38 40.66 -34.33 47.94
N CYS C 39 41.67 -34.53 47.12
CA CYS C 39 42.36 -33.42 46.49
C CYS C 39 43.34 -33.86 45.44
N VAL C 40 43.95 -32.88 44.79
CA VAL C 40 44.95 -33.11 43.75
C VAL C 40 45.94 -31.98 43.92
N VAL C 41 47.22 -32.27 43.75
CA VAL C 41 48.24 -31.25 43.89
C VAL C 41 49.07 -31.18 42.64
N LEU C 42 49.49 -29.96 42.28
CA LEU C 42 50.31 -29.75 41.10
C LEU C 42 51.57 -28.98 41.46
N GLY C 43 52.71 -29.62 41.29
CA GLY C 43 53.96 -28.98 41.60
C GLY C 43 54.75 -28.80 40.33
N CYS C 44 55.55 -27.73 40.27
CA CYS C 44 56.36 -27.44 39.11
C CYS C 44 57.66 -26.81 39.56
N GLU C 45 58.74 -27.00 38.80
CA GLU C 45 60.02 -26.42 39.17
C GLU C 45 60.22 -25.08 38.46
N ARG C 46 61.14 -24.25 38.96
CA ARG C 46 61.43 -22.95 38.35
C ARG C 46 62.88 -22.90 37.92
N ARG C 47 63.09 -22.64 36.63
CA ARG C 47 64.44 -22.57 36.05
C ARG C 47 65.26 -21.52 36.82
N SER C 48 66.56 -21.47 36.55
CA SER C 48 67.46 -20.50 37.18
C SER C 48 68.60 -20.07 36.26
N THR C 49 68.37 -20.18 34.95
CA THR C 49 69.35 -19.79 33.93
C THR C 49 69.60 -18.28 34.07
N LEU C 50 68.57 -17.59 34.56
CA LEU C 50 68.58 -16.14 34.80
C LEU C 50 67.68 -15.88 36.02
N LYS C 51 68.22 -15.22 37.03
CA LYS C 51 67.44 -14.91 38.22
C LYS C 51 67.62 -13.42 38.51
N LEU C 52 66.49 -12.70 38.54
CA LEU C 52 66.45 -11.27 38.80
C LEU C 52 65.08 -10.82 38.28
N GLN C 53 64.20 -11.81 38.15
CA GLN C 53 62.85 -11.63 37.64
C GLN C 53 61.94 -10.95 38.64
N ASP C 54 60.73 -10.66 38.17
CA ASP C 54 59.71 -10.04 38.98
C ASP C 54 58.59 -11.06 39.11
N THR C 55 58.73 -11.93 40.10
CA THR C 55 57.77 -13.00 40.36
C THR C 55 56.28 -12.60 40.35
N ARG C 56 55.99 -11.36 40.72
CA ARG C 56 54.61 -10.86 40.77
C ARG C 56 53.90 -10.98 39.43
N ILE C 57 54.52 -10.43 38.40
CA ILE C 57 53.91 -10.43 37.07
C ILE C 57 54.39 -11.48 36.07
N THR C 58 55.46 -12.23 36.38
CA THR C 58 55.91 -13.26 35.44
C THR C 58 54.89 -14.40 35.46
N PRO C 59 54.38 -14.79 34.28
CA PRO C 59 53.39 -15.87 34.16
C PRO C 59 53.74 -17.13 34.96
N SER C 60 52.77 -17.61 35.75
CA SER C 60 52.94 -18.81 36.56
C SER C 60 52.68 -20.07 35.73
N LYS C 61 53.25 -21.21 36.16
CA LYS C 61 53.12 -22.46 35.42
C LYS C 61 51.77 -23.18 35.52
N VAL C 62 51.08 -23.04 36.64
CA VAL C 62 49.77 -23.67 36.77
C VAL C 62 48.71 -22.66 36.36
N SER C 63 47.84 -23.05 35.43
CA SER C 63 46.79 -22.15 34.96
C SER C 63 45.38 -22.69 35.23
N LYS C 64 44.45 -21.77 35.45
CA LYS C 64 43.06 -22.13 35.70
C LYS C 64 42.27 -22.06 34.39
N ILE C 65 41.68 -23.18 34.00
CA ILE C 65 40.88 -23.25 32.78
C ILE C 65 39.47 -22.79 33.12
N ASP C 66 39.03 -23.13 34.33
CA ASP C 66 37.74 -22.73 34.86
C ASP C 66 37.93 -22.67 36.37
N SER C 67 36.89 -22.37 37.13
CA SER C 67 37.05 -22.27 38.58
C SER C 67 37.33 -23.60 39.29
N HIS C 68 37.12 -24.71 38.59
CA HIS C 68 37.32 -26.03 39.18
C HIS C 68 38.35 -26.88 38.45
N VAL C 69 39.05 -26.31 37.47
CA VAL C 69 40.03 -27.09 36.74
C VAL C 69 41.31 -26.34 36.45
N VAL C 70 42.44 -27.02 36.63
CA VAL C 70 43.71 -26.40 36.36
C VAL C 70 44.52 -27.20 35.36
N LEU C 71 45.45 -26.52 34.70
CA LEU C 71 46.31 -27.12 33.71
C LEU C 71 47.75 -26.64 33.87
N SER C 72 48.66 -27.60 34.02
CA SER C 72 50.09 -27.30 34.13
C SER C 72 50.69 -28.02 32.93
N PHE C 73 51.92 -27.67 32.57
CA PHE C 73 52.55 -28.25 31.40
C PHE C 73 54.08 -28.16 31.43
N SER C 74 54.70 -28.86 30.49
CA SER C 74 56.16 -28.84 30.34
C SER C 74 56.40 -28.71 28.84
N GLY C 75 57.29 -27.81 28.45
CA GLY C 75 57.58 -27.63 27.05
C GLY C 75 57.72 -26.16 26.70
N LEU C 76 57.36 -25.80 25.47
CA LEU C 76 57.44 -24.43 25.00
C LEU C 76 56.32 -23.60 25.62
N ASN C 77 56.70 -22.54 26.30
CA ASN C 77 55.72 -21.67 26.95
C ASN C 77 54.76 -21.07 25.95
N ALA C 78 55.31 -20.41 24.94
CA ALA C 78 54.48 -19.79 23.92
C ALA C 78 53.38 -20.77 23.49
N ASP C 79 53.76 -21.98 23.13
CA ASP C 79 52.79 -22.99 22.69
C ASP C 79 51.69 -23.25 23.71
N SER C 80 52.03 -23.32 24.98
CA SER C 80 51.02 -23.59 26.00
C SER C 80 49.90 -22.55 26.03
N ARG C 81 50.26 -21.26 25.92
CA ARG C 81 49.27 -20.20 25.95
C ARG C 81 48.14 -20.51 24.98
N ILE C 82 48.50 -20.85 23.76
CA ILE C 82 47.51 -21.18 22.74
C ILE C 82 46.55 -22.24 23.25
N LEU C 83 47.06 -23.29 23.86
CA LEU C 83 46.20 -24.36 24.37
C LEU C 83 45.38 -23.89 25.56
N ILE C 84 46.01 -23.19 26.51
CA ILE C 84 45.28 -22.70 27.66
C ILE C 84 44.07 -21.89 27.18
N GLU C 85 44.32 -20.96 26.27
CA GLU C 85 43.27 -20.12 25.73
C GLU C 85 42.09 -20.91 25.18
N LYS C 86 42.39 -21.83 24.27
CA LYS C 86 41.36 -22.66 23.66
C LYS C 86 40.58 -23.42 24.71
N ALA C 87 41.30 -23.97 25.68
CA ALA C 87 40.67 -24.72 26.74
C ALA C 87 39.69 -23.84 27.49
N ARG C 88 40.15 -22.64 27.86
CA ARG C 88 39.32 -21.69 28.62
C ARG C 88 38.08 -21.27 27.85
N VAL C 89 38.22 -21.12 26.54
CA VAL C 89 37.08 -20.72 25.73
C VAL C 89 36.10 -21.89 25.65
N GLU C 90 36.62 -23.09 25.42
CA GLU C 90 35.76 -24.25 25.33
C GLU C 90 35.04 -24.45 26.65
N ALA C 91 35.71 -24.09 27.74
CA ALA C 91 35.13 -24.22 29.07
C ALA C 91 33.88 -23.35 29.22
N GLN C 92 33.96 -22.13 28.73
CA GLN C 92 32.84 -21.20 28.80
C GLN C 92 31.73 -21.61 27.84
N SER C 93 32.12 -22.04 26.65
CA SER C 93 31.18 -22.47 25.65
C SER C 93 30.35 -23.64 26.17
N HIS C 94 31.03 -24.59 26.81
CA HIS C 94 30.38 -25.77 27.35
C HIS C 94 29.35 -25.41 28.41
N ARG C 95 29.66 -24.40 29.22
CA ARG C 95 28.73 -23.96 30.26
C ARG C 95 27.54 -23.33 29.58
N LEU C 96 27.83 -22.47 28.61
CA LEU C 96 26.80 -21.77 27.88
C LEU C 96 25.78 -22.65 27.19
N THR C 97 26.23 -23.77 26.61
CA THR C 97 25.33 -24.69 25.90
C THR C 97 24.77 -25.84 26.72
N LEU C 98 25.61 -26.49 27.53
CA LEU C 98 25.17 -27.62 28.35
C LEU C 98 24.63 -27.20 29.71
N GLU C 99 24.83 -25.93 30.05
CA GLU C 99 24.39 -25.40 31.33
C GLU C 99 24.98 -26.21 32.47
N ASP C 100 26.29 -26.43 32.40
CA ASP C 100 27.01 -27.21 33.40
C ASP C 100 28.50 -27.16 33.03
N PRO C 101 29.38 -26.87 34.00
CA PRO C 101 30.82 -26.82 33.69
C PRO C 101 31.37 -28.16 33.24
N VAL C 102 32.45 -28.13 32.47
CA VAL C 102 33.08 -29.32 31.94
C VAL C 102 33.63 -30.23 33.01
N THR C 103 33.78 -31.51 32.65
CA THR C 103 34.35 -32.51 33.54
C THR C 103 35.84 -32.47 33.19
N VAL C 104 36.70 -32.91 34.09
CA VAL C 104 38.13 -32.87 33.79
C VAL C 104 38.49 -33.73 32.59
N GLU C 105 37.81 -34.86 32.43
CA GLU C 105 38.07 -35.75 31.31
C GLU C 105 37.69 -35.06 29.99
N TYR C 106 36.56 -34.36 30.00
CA TYR C 106 36.08 -33.65 28.82
C TYR C 106 37.06 -32.58 28.40
N LEU C 107 37.39 -31.69 29.33
CA LEU C 107 38.32 -30.59 29.06
C LEU C 107 39.67 -31.16 28.59
N THR C 108 40.04 -32.31 29.14
CA THR C 108 41.28 -32.99 28.77
C THR C 108 41.17 -33.54 27.37
N ARG C 109 40.04 -34.17 27.09
CA ARG C 109 39.79 -34.75 25.77
C ARG C 109 39.79 -33.67 24.67
N TYR C 110 39.30 -32.47 25.02
CA TYR C 110 39.25 -31.37 24.08
C TYR C 110 40.65 -30.88 23.77
N VAL C 111 41.43 -30.63 24.81
CA VAL C 111 42.82 -30.15 24.67
C VAL C 111 43.64 -31.15 23.85
N ALA C 112 43.42 -32.43 24.13
CA ALA C 112 44.14 -33.51 23.45
C ALA C 112 43.83 -33.51 21.95
N GLY C 113 42.57 -33.30 21.61
CA GLY C 113 42.17 -33.28 20.21
C GLY C 113 42.79 -32.12 19.45
N VAL C 114 42.90 -30.98 20.10
CA VAL C 114 43.49 -29.81 19.47
C VAL C 114 44.92 -30.21 19.13
N GLN C 115 45.59 -30.85 20.09
CA GLN C 115 46.96 -31.27 19.89
C GLN C 115 47.05 -32.28 18.76
N GLN C 116 46.21 -33.31 18.83
CA GLN C 116 46.18 -34.33 17.80
C GLN C 116 46.03 -33.69 16.43
N ARG C 117 45.11 -32.75 16.32
CA ARG C 117 44.81 -32.05 15.08
C ARG C 117 46.05 -31.37 14.48
N TYR C 118 46.86 -30.76 15.32
CA TYR C 118 48.07 -30.10 14.83
C TYR C 118 49.12 -31.08 14.34
N THR C 119 48.87 -32.38 14.52
CA THR C 119 49.83 -33.38 14.06
C THR C 119 49.50 -33.87 12.66
N GLN C 120 48.29 -33.60 12.17
CA GLN C 120 48.00 -34.02 10.81
C GLN C 120 47.23 -33.01 9.95
N SER C 121 47.65 -31.76 10.07
CA SER C 121 47.11 -30.62 9.32
C SER C 121 48.30 -30.02 8.60
N GLY C 122 48.07 -29.45 7.43
CA GLY C 122 49.18 -28.87 6.70
C GLY C 122 49.67 -27.53 7.21
N GLY C 123 50.93 -27.22 6.91
CA GLY C 123 51.50 -25.94 7.30
C GLY C 123 51.62 -25.64 8.78
N VAL C 124 51.44 -26.64 9.65
CA VAL C 124 51.57 -26.40 11.08
C VAL C 124 52.39 -27.49 11.76
N ARG C 125 53.16 -27.12 12.77
CA ARG C 125 53.96 -28.11 13.49
C ARG C 125 53.19 -28.43 14.76
N PRO C 126 53.50 -29.57 15.40
CA PRO C 126 52.83 -29.98 16.63
C PRO C 126 53.14 -29.06 17.80
N PHE C 127 52.37 -29.19 18.87
CA PHE C 127 52.60 -28.39 20.06
C PHE C 127 53.73 -29.04 20.84
N GLY C 128 54.80 -28.30 21.09
CA GLY C 128 55.89 -28.87 21.88
C GLY C 128 55.47 -28.74 23.34
N VAL C 129 54.37 -29.38 23.70
CA VAL C 129 53.83 -29.28 25.04
C VAL C 129 53.11 -30.55 25.52
N SER C 130 53.26 -30.87 26.79
CA SER C 130 52.57 -32.00 27.41
C SER C 130 51.89 -31.36 28.59
N THR C 131 50.68 -31.81 28.92
CA THR C 131 49.99 -31.18 30.03
C THR C 131 49.49 -32.15 31.08
N LEU C 132 49.15 -31.57 32.23
CA LEU C 132 48.59 -32.28 33.35
C LEU C 132 47.38 -31.44 33.66
N ILE C 133 46.21 -32.03 33.50
CA ILE C 133 44.97 -31.32 33.76
C ILE C 133 44.32 -31.98 34.94
N ALA C 134 43.96 -31.20 35.95
CA ALA C 134 43.34 -31.76 37.13
C ALA C 134 42.26 -30.89 37.74
N GLY C 135 41.39 -31.53 38.52
CA GLY C 135 40.31 -30.83 39.18
C GLY C 135 39.22 -31.79 39.61
N PHE C 136 38.06 -31.24 39.92
CA PHE C 136 36.92 -32.04 40.35
C PHE C 136 35.69 -31.81 39.45
N ASP C 137 35.15 -32.88 38.90
CA ASP C 137 33.97 -32.79 38.06
C ASP C 137 32.91 -32.06 38.87
N PRO C 138 31.95 -31.42 38.20
CA PRO C 138 30.87 -30.70 38.88
C PRO C 138 30.09 -31.56 39.86
N ARG C 139 29.93 -31.07 41.08
CA ARG C 139 29.18 -31.79 42.10
C ARG C 139 29.78 -33.17 42.43
N ASP C 140 31.10 -33.30 42.26
CA ASP C 140 31.79 -34.56 42.55
C ASP C 140 32.95 -34.24 43.48
N ASP C 141 33.42 -35.25 44.20
CA ASP C 141 34.52 -35.06 45.13
C ASP C 141 35.71 -35.97 44.84
N GLU C 142 35.52 -36.91 43.92
CA GLU C 142 36.59 -37.81 43.56
C GLU C 142 37.56 -37.04 42.66
N PRO C 143 38.81 -36.84 43.11
CA PRO C 143 39.81 -36.10 42.34
C PRO C 143 40.15 -36.70 40.98
N LYS C 144 40.48 -35.83 40.04
CA LYS C 144 40.82 -36.23 38.66
C LYS C 144 42.18 -35.68 38.24
N LEU C 145 42.99 -36.54 37.61
CA LEU C 145 44.30 -36.14 37.12
C LEU C 145 44.54 -36.79 35.77
N TYR C 146 44.80 -35.95 34.76
CA TYR C 146 45.03 -36.42 33.41
C TYR C 146 46.29 -35.80 32.84
N GLN C 147 46.81 -36.41 31.78
CA GLN C 147 48.01 -35.92 31.13
C GLN C 147 47.86 -36.08 29.62
N THR C 148 48.37 -35.10 28.89
CA THR C 148 48.32 -35.15 27.43
C THR C 148 49.71 -34.92 26.89
N GLU C 149 49.90 -35.27 25.63
CA GLU C 149 51.18 -35.09 24.96
C GLU C 149 51.02 -34.72 23.49
N PRO C 150 52.07 -34.16 22.88
CA PRO C 150 52.03 -33.75 21.47
C PRO C 150 51.25 -34.68 20.54
N SER C 151 51.38 -35.99 20.71
CA SER C 151 50.70 -36.94 19.85
C SER C 151 49.18 -36.79 19.85
N GLY C 152 48.62 -36.35 20.98
CA GLY C 152 47.19 -36.22 21.07
C GLY C 152 46.63 -37.28 21.99
N ILE C 153 47.52 -38.12 22.51
CA ILE C 153 47.15 -39.18 23.43
C ILE C 153 46.88 -38.57 24.81
N TYR C 154 46.02 -39.20 25.60
CA TYR C 154 45.75 -38.70 26.95
C TYR C 154 45.20 -39.82 27.81
N SER C 155 45.45 -39.71 29.12
CA SER C 155 44.99 -40.72 30.08
C SER C 155 45.06 -40.18 31.50
N SER C 156 44.48 -40.91 32.46
CA SER C 156 44.51 -40.48 33.85
C SER C 156 45.57 -41.19 34.67
N TRP C 157 46.14 -40.46 35.63
CA TRP C 157 47.17 -40.99 36.48
C TRP C 157 46.87 -40.78 37.95
N SER C 158 47.36 -41.71 38.79
CA SER C 158 47.19 -41.60 40.23
C SER C 158 48.18 -40.50 40.60
N ALA C 159 49.26 -40.46 39.82
CA ALA C 159 50.32 -39.47 39.97
C ALA C 159 51.15 -39.55 38.69
N GLN C 160 51.71 -38.43 38.28
CA GLN C 160 52.50 -38.42 37.06
C GLN C 160 53.37 -37.17 37.01
N THR C 161 54.34 -37.18 36.12
CA THR C 161 55.23 -36.07 35.98
C THR C 161 55.68 -35.98 34.53
N ILE C 162 56.08 -34.78 34.11
CA ILE C 162 56.55 -34.54 32.75
C ILE C 162 57.65 -33.49 32.85
N GLY C 163 58.44 -33.35 31.79
CA GLY C 163 59.51 -32.38 31.80
C GLY C 163 60.84 -33.02 32.07
N ARG C 164 61.89 -32.21 32.18
CA ARG C 164 63.22 -32.72 32.43
C ARG C 164 63.31 -33.48 33.74
N ASN C 165 63.98 -34.62 33.71
CA ASN C 165 64.16 -35.44 34.89
C ASN C 165 62.85 -36.06 35.39
N SER C 166 61.82 -36.01 34.55
CA SER C 166 60.54 -36.59 34.93
C SER C 166 60.81 -38.07 35.13
N LYS C 167 61.80 -38.57 34.41
CA LYS C 167 62.21 -39.98 34.48
C LYS C 167 62.45 -40.34 35.94
N THR C 168 63.38 -39.59 36.54
CA THR C 168 63.78 -39.76 37.94
C THR C 168 62.59 -39.70 38.88
N VAL C 169 61.93 -38.55 38.91
CA VAL C 169 60.78 -38.34 39.78
C VAL C 169 59.62 -39.31 39.57
N ARG C 170 59.52 -39.92 38.40
CA ARG C 170 58.42 -40.87 38.18
C ARG C 170 58.73 -42.10 39.03
N GLU C 171 59.99 -42.51 39.04
CA GLU C 171 60.44 -43.67 39.81
C GLU C 171 60.08 -43.46 41.27
N PHE C 172 60.45 -42.29 41.78
CA PHE C 172 60.15 -41.93 43.15
C PHE C 172 58.67 -42.21 43.44
N LEU C 173 57.80 -41.63 42.62
CA LEU C 173 56.36 -41.81 42.77
C LEU C 173 55.89 -43.24 42.59
N GLU C 174 56.55 -44.00 41.71
CA GLU C 174 56.15 -45.39 41.49
C GLU C 174 56.38 -46.23 42.74
N LYS C 175 57.43 -45.89 43.48
CA LYS C 175 57.77 -46.60 44.69
C LYS C 175 57.55 -45.73 45.92
N ASN C 176 56.54 -44.86 45.86
CA ASN C 176 56.22 -43.97 46.97
C ASN C 176 54.72 -43.69 47.01
N TYR C 177 54.00 -44.16 46.00
CA TYR C 177 52.56 -43.93 45.94
C TYR C 177 51.84 -45.27 45.98
N ASP C 178 51.05 -45.45 47.03
CA ASP C 178 50.27 -46.65 47.20
C ASP C 178 48.83 -46.34 46.84
N ARG C 179 48.34 -46.95 45.76
CA ARG C 179 46.96 -46.72 45.35
C ARG C 179 46.02 -47.21 46.44
N LYS C 180 46.47 -48.17 47.22
CA LYS C 180 45.68 -48.72 48.32
C LYS C 180 45.35 -47.57 49.27
N GLU C 181 46.38 -46.84 49.70
CA GLU C 181 46.21 -45.72 50.61
C GLU C 181 46.83 -44.44 50.06
N PRO C 182 46.06 -43.67 49.30
CA PRO C 182 46.55 -42.40 48.73
C PRO C 182 46.62 -41.34 49.81
N PRO C 183 47.50 -40.34 49.64
CA PRO C 183 47.66 -39.26 50.62
C PRO C 183 46.31 -38.77 51.14
N ALA C 184 45.82 -39.43 52.19
CA ALA C 184 44.53 -39.10 52.79
C ALA C 184 44.38 -37.66 53.26
N THR C 185 45.42 -36.85 53.11
CA THR C 185 45.37 -35.46 53.53
C THR C 185 45.94 -34.52 52.49
N VAL C 186 45.55 -33.26 52.59
CA VAL C 186 46.05 -32.24 51.69
C VAL C 186 47.52 -32.06 52.05
N GLU C 187 47.81 -32.10 53.35
CA GLU C 187 49.17 -31.93 53.85
C GLU C 187 50.12 -33.03 53.40
N GLU C 188 49.78 -34.28 53.68
CA GLU C 188 50.65 -35.37 53.28
C GLU C 188 50.68 -35.54 51.76
N CYS C 189 49.70 -34.96 51.09
CA CYS C 189 49.63 -35.04 49.65
C CYS C 189 50.61 -34.01 49.08
N VAL C 190 50.65 -32.84 49.72
CA VAL C 190 51.55 -31.76 49.30
C VAL C 190 53.00 -32.14 49.60
N LYS C 191 53.20 -32.89 50.68
CA LYS C 191 54.53 -33.31 51.08
C LYS C 191 55.06 -34.28 50.04
N LEU C 192 54.28 -35.31 49.75
CA LEU C 192 54.68 -36.30 48.77
C LEU C 192 55.06 -35.62 47.47
N THR C 193 54.41 -34.49 47.18
CA THR C 193 54.68 -33.73 45.96
C THR C 193 56.03 -33.02 45.98
N VAL C 194 56.34 -32.37 47.09
CA VAL C 194 57.61 -31.66 47.19
C VAL C 194 58.75 -32.67 47.24
N ARG C 195 58.61 -33.68 48.09
CA ARG C 195 59.63 -34.71 48.19
C ARG C 195 60.08 -35.15 46.80
N SER C 196 59.11 -35.46 45.96
CA SER C 196 59.38 -35.90 44.59
C SER C 196 60.08 -34.84 43.76
N LEU C 197 59.78 -33.56 44.00
CA LEU C 197 60.42 -32.48 43.26
C LEU C 197 61.86 -32.26 43.72
N LEU C 198 62.10 -32.43 45.02
CA LEU C 198 63.43 -32.25 45.59
C LEU C 198 64.40 -33.23 44.94
N GLU C 199 63.88 -34.37 44.53
CA GLU C 199 64.70 -35.38 43.87
C GLU C 199 65.40 -34.74 42.69
N VAL C 200 64.79 -33.72 42.11
CA VAL C 200 65.34 -33.06 40.95
C VAL C 200 65.66 -31.57 41.09
N VAL C 201 64.87 -30.84 41.85
CA VAL C 201 65.09 -29.40 42.01
C VAL C 201 66.41 -29.05 42.66
N GLN C 202 66.97 -29.97 43.44
CA GLN C 202 68.23 -29.73 44.13
C GLN C 202 68.15 -28.41 44.90
N THR C 203 67.58 -28.49 46.10
CA THR C 203 67.39 -27.34 46.99
C THR C 203 66.96 -26.11 46.20
N GLY C 204 65.64 -25.93 46.15
CA GLY C 204 65.08 -24.79 45.44
C GLY C 204 63.80 -24.30 46.09
N ALA C 205 63.93 -23.66 47.25
CA ALA C 205 62.77 -23.14 47.95
C ALA C 205 62.00 -22.24 46.98
N LYS C 206 62.73 -21.36 46.30
CA LYS C 206 62.13 -20.44 45.33
C LYS C 206 62.02 -21.09 43.95
N ASN C 207 62.52 -22.32 43.86
CA ASN C 207 62.48 -23.08 42.60
C ASN C 207 61.42 -24.16 42.63
N ILE C 208 60.40 -23.98 43.46
CA ILE C 208 59.30 -24.93 43.58
C ILE C 208 58.01 -24.24 43.96
N GLU C 209 56.97 -24.45 43.15
CA GLU C 209 55.67 -23.87 43.43
C GLU C 209 54.62 -24.97 43.40
N ILE C 210 53.77 -24.97 44.43
CA ILE C 210 52.71 -25.95 44.55
C ILE C 210 51.36 -25.27 44.55
N THR C 211 50.38 -25.96 43.98
CA THR C 211 49.01 -25.48 43.93
C THR C 211 48.11 -26.62 44.43
N VAL C 212 47.12 -26.28 45.25
CA VAL C 212 46.24 -27.31 45.78
C VAL C 212 44.80 -27.11 45.35
N VAL C 213 44.23 -28.14 44.74
CA VAL C 213 42.86 -28.09 44.28
C VAL C 213 41.97 -29.04 45.07
N LYS C 214 40.93 -28.49 45.69
CA LYS C 214 39.97 -29.24 46.48
C LYS C 214 38.62 -29.16 45.76
N PRO C 215 37.64 -30.00 46.16
CA PRO C 215 36.31 -29.98 45.52
C PRO C 215 35.62 -28.61 45.59
N ASP C 216 34.64 -28.42 44.69
CA ASP C 216 33.89 -27.17 44.61
C ASP C 216 34.73 -25.93 44.40
N SER C 217 35.37 -25.86 43.24
CA SER C 217 36.20 -24.73 42.86
C SER C 217 37.06 -24.13 43.95
N ASP C 218 37.62 -24.98 44.81
CA ASP C 218 38.48 -24.52 45.88
C ASP C 218 39.93 -24.69 45.44
N ILE C 219 40.50 -23.65 44.83
CA ILE C 219 41.87 -23.69 44.36
C ILE C 219 42.71 -22.63 45.03
N VAL C 220 43.95 -22.99 45.40
CA VAL C 220 44.86 -22.06 46.04
C VAL C 220 46.31 -22.46 45.87
N ALA C 221 47.19 -21.48 45.69
CA ALA C 221 48.62 -21.74 45.54
C ALA C 221 49.34 -21.40 46.83
N LEU C 222 50.38 -22.17 47.15
CA LEU C 222 51.16 -21.94 48.36
C LEU C 222 52.26 -20.93 48.13
N SER C 223 52.58 -20.18 49.18
CA SER C 223 53.62 -19.16 49.13
C SER C 223 54.95 -19.78 49.56
N SER C 224 56.04 -19.16 49.10
CA SER C 224 57.39 -19.62 49.40
C SER C 224 57.51 -20.29 50.77
N GLU C 225 57.11 -19.57 51.81
CA GLU C 225 57.18 -20.07 53.18
C GLU C 225 56.49 -21.41 53.37
N GLU C 226 55.19 -21.43 53.11
CA GLU C 226 54.39 -22.64 53.25
C GLU C 226 55.09 -23.84 52.61
N ILE C 227 55.70 -23.60 51.45
CA ILE C 227 56.41 -24.66 50.75
C ILE C 227 57.72 -24.93 51.46
N ASN C 228 58.45 -23.85 51.72
CA ASN C 228 59.73 -23.92 52.41
C ASN C 228 59.61 -24.70 53.71
N GLN C 229 58.43 -24.64 54.32
CA GLN C 229 58.20 -25.34 55.57
C GLN C 229 58.15 -26.83 55.30
N TYR C 230 57.66 -27.21 54.12
CA TYR C 230 57.59 -28.61 53.75
C TYR C 230 59.00 -29.12 53.45
N VAL C 231 59.81 -28.26 52.82
CA VAL C 231 61.18 -28.61 52.48
C VAL C 231 61.95 -28.87 53.77
N THR C 232 61.83 -27.93 54.70
CA THR C 232 62.51 -27.99 56.00
C THR C 232 62.23 -29.30 56.74
N GLN C 233 60.96 -29.58 56.97
CA GLN C 233 60.58 -30.80 57.67
C GLN C 233 61.07 -32.05 56.97
N ILE C 234 61.07 -32.02 55.63
CA ILE C 234 61.51 -33.16 54.84
C ILE C 234 63.00 -33.45 54.95
N GLU C 235 63.81 -32.39 54.92
CA GLU C 235 65.25 -32.57 55.02
C GLU C 235 65.62 -33.18 56.36
N GLN C 236 64.74 -32.98 57.34
CA GLN C 236 64.97 -33.53 58.66
C GLN C 236 64.65 -35.02 58.67
N GLU C 237 63.69 -35.43 57.85
CA GLU C 237 63.31 -36.85 57.76
C GLU C 237 64.58 -37.61 57.36
N LYS C 238 65.40 -36.97 56.53
CA LYS C 238 66.64 -37.54 56.03
C LYS C 238 67.73 -37.56 57.10
N GLN C 239 68.01 -36.38 57.67
CA GLN C 239 69.02 -36.24 58.71
C GLN C 239 68.75 -37.05 59.96
N GLU C 240 67.48 -37.28 60.27
CA GLU C 240 67.11 -38.06 61.44
C GLU C 240 67.30 -39.54 61.12
N GLN C 241 68.42 -39.85 60.50
CA GLN C 241 68.74 -41.23 60.11
C GLN C 241 70.16 -41.36 59.56
N ASP D 1 61.82 -32.18 -1.14
CA ASP D 1 61.67 -33.57 -0.59
C ASP D 1 60.96 -34.49 -1.62
N ARG D 2 59.78 -34.99 -1.28
CA ARG D 2 59.03 -35.87 -2.17
C ARG D 2 57.55 -35.94 -1.78
N GLY D 3 56.67 -35.72 -2.76
CA GLY D 3 55.23 -35.74 -2.55
C GLY D 3 54.68 -36.71 -1.53
N VAL D 4 53.81 -36.21 -0.64
CA VAL D 4 53.23 -37.05 0.39
C VAL D 4 52.30 -38.09 -0.20
N SER D 5 51.98 -37.95 -1.48
CA SER D 5 51.12 -38.90 -2.15
C SER D 5 51.82 -39.46 -3.39
N THR D 6 53.09 -39.78 -3.23
CA THR D 6 53.92 -40.31 -4.31
C THR D 6 53.85 -41.84 -4.38
N PHE D 7 54.18 -42.38 -5.55
CA PHE D 7 54.18 -43.82 -5.77
C PHE D 7 55.58 -44.38 -5.79
N SER D 8 55.79 -45.51 -5.11
CA SER D 8 57.10 -46.16 -5.11
C SER D 8 57.15 -46.81 -6.46
N PRO D 9 58.34 -47.20 -6.93
CA PRO D 9 58.39 -47.83 -8.24
C PRO D 9 57.64 -49.17 -8.28
N GLU D 10 57.35 -49.73 -7.11
CA GLU D 10 56.63 -50.99 -7.02
C GLU D 10 55.13 -50.79 -7.02
N GLY D 11 54.68 -49.58 -7.30
CA GLY D 11 53.26 -49.31 -7.34
C GLY D 11 52.57 -49.12 -6.00
N ARG D 12 53.30 -48.67 -4.99
CA ARG D 12 52.72 -48.46 -3.68
C ARG D 12 52.90 -47.01 -3.21
N LEU D 13 52.05 -46.58 -2.29
CA LEU D 13 52.12 -45.22 -1.76
C LEU D 13 52.95 -45.22 -0.50
N PHE D 14 54.12 -44.62 -0.57
CA PHE D 14 55.02 -44.56 0.58
C PHE D 14 54.34 -44.27 1.90
N GLN D 15 53.67 -43.12 1.98
CA GLN D 15 52.99 -42.73 3.20
C GLN D 15 52.06 -43.79 3.77
N VAL D 16 51.33 -44.48 2.90
CA VAL D 16 50.41 -45.50 3.38
C VAL D 16 51.20 -46.68 3.94
N GLU D 17 52.29 -47.05 3.26
CA GLU D 17 53.12 -48.15 3.69
C GLU D 17 53.78 -47.81 5.02
N TYR D 18 54.46 -46.67 5.06
CA TYR D 18 55.11 -46.25 6.30
C TYR D 18 54.07 -46.19 7.41
N SER D 19 52.84 -45.87 7.02
CA SER D 19 51.75 -45.79 7.97
C SER D 19 51.53 -47.14 8.63
N LEU D 20 51.57 -48.18 7.81
CA LEU D 20 51.38 -49.55 8.27
C LEU D 20 52.46 -49.96 9.26
N GLU D 21 53.68 -49.49 9.06
CA GLU D 21 54.77 -49.83 9.97
C GLU D 21 54.44 -49.36 11.37
N ALA D 22 53.84 -48.18 11.45
CA ALA D 22 53.47 -47.60 12.73
C ALA D 22 52.44 -48.48 13.42
N ILE D 23 51.47 -48.97 12.64
CA ILE D 23 50.42 -49.81 13.17
C ILE D 23 50.96 -51.12 13.74
N LYS D 24 52.06 -51.60 13.18
CA LYS D 24 52.69 -52.83 13.67
C LYS D 24 53.19 -52.65 15.09
N LEU D 25 53.63 -51.44 15.40
CA LEU D 25 54.13 -51.12 16.74
C LEU D 25 52.97 -50.92 17.72
N GLY D 26 51.74 -51.04 17.23
CA GLY D 26 50.59 -50.84 18.08
C GLY D 26 50.22 -52.00 18.99
N SER D 27 49.32 -51.74 19.93
CA SER D 27 48.84 -52.74 20.86
C SER D 27 47.97 -53.73 20.11
N THR D 28 48.05 -54.99 20.48
CA THR D 28 47.27 -56.02 19.82
C THR D 28 45.76 -55.84 20.00
N ALA D 29 45.03 -56.18 18.94
CA ALA D 29 43.56 -56.10 18.89
C ALA D 29 43.09 -57.32 18.10
N ILE D 30 42.11 -58.04 18.63
CA ILE D 30 41.61 -59.23 17.96
C ILE D 30 40.10 -59.29 17.88
N GLY D 31 39.61 -59.78 16.75
CA GLY D 31 38.18 -59.90 16.54
C GLY D 31 37.79 -61.26 16.00
N ILE D 32 36.78 -61.86 16.62
CA ILE D 32 36.27 -63.17 16.21
C ILE D 32 34.77 -63.02 15.94
N ALA D 33 34.34 -63.45 14.76
CA ALA D 33 32.93 -63.37 14.39
C ALA D 33 32.31 -64.76 14.39
N THR D 34 31.21 -64.92 15.14
CA THR D 34 30.52 -66.21 15.21
C THR D 34 29.03 -65.98 14.90
N LYS D 35 28.27 -67.06 14.78
CA LYS D 35 26.84 -66.92 14.51
C LYS D 35 26.06 -66.53 15.77
N GLU D 36 26.78 -66.20 16.83
CA GLU D 36 26.18 -65.78 18.10
C GLU D 36 26.68 -64.40 18.47
N GLY D 37 27.43 -63.79 17.56
CA GLY D 37 27.96 -62.46 17.79
C GLY D 37 29.42 -62.31 17.40
N VAL D 38 29.96 -61.12 17.56
CA VAL D 38 31.36 -60.87 17.24
C VAL D 38 32.02 -60.45 18.55
N VAL D 39 33.25 -60.92 18.77
CA VAL D 39 33.99 -60.58 19.98
C VAL D 39 35.19 -59.72 19.64
N LEU D 40 35.40 -58.68 20.43
CA LEU D 40 36.51 -57.77 20.22
C LEU D 40 37.31 -57.65 21.53
N GLY D 41 38.62 -57.87 21.44
CA GLY D 41 39.45 -57.78 22.61
C GLY D 41 40.71 -57.01 22.27
N VAL D 42 41.24 -56.28 23.24
CA VAL D 42 42.44 -55.49 23.02
C VAL D 42 43.39 -55.50 24.21
N GLU D 43 44.66 -55.27 23.93
CA GLU D 43 45.70 -55.20 24.95
C GLU D 43 45.80 -53.76 25.43
N LYS D 44 45.42 -53.50 26.68
CA LYS D 44 45.49 -52.14 27.20
C LYS D 44 46.91 -51.60 27.04
N ARG D 45 47.88 -52.32 27.58
CA ARG D 45 49.30 -51.94 27.52
C ARG D 45 49.62 -50.61 28.18
N ALA D 46 49.33 -50.48 29.47
CA ALA D 46 49.64 -49.25 30.20
C ALA D 46 51.17 -49.11 30.23
N THR D 47 51.68 -47.88 30.09
CA THR D 47 53.12 -47.65 30.08
C THR D 47 53.75 -47.42 31.45
N SER D 48 52.94 -47.43 32.50
CA SER D 48 53.44 -47.23 33.85
C SER D 48 52.39 -47.67 34.85
N PRO D 49 52.81 -48.18 36.01
CA PRO D 49 51.88 -48.63 37.04
C PRO D 49 51.00 -47.53 37.60
N LEU D 50 51.41 -46.28 37.41
CA LEU D 50 50.65 -45.14 37.91
C LEU D 50 49.47 -44.78 37.01
N LEU D 51 49.56 -45.17 35.75
CA LEU D 51 48.51 -44.91 34.77
C LEU D 51 47.27 -45.74 35.14
N GLU D 52 46.13 -45.08 35.30
CA GLU D 52 44.89 -45.76 35.66
C GLU D 52 44.32 -46.52 34.47
N SER D 53 44.78 -47.76 34.32
CA SER D 53 44.42 -48.68 33.25
C SER D 53 43.04 -48.61 32.60
N ASP D 54 42.01 -48.20 33.34
CA ASP D 54 40.68 -48.13 32.73
C ASP D 54 40.38 -46.81 32.03
N SER D 55 41.37 -45.93 31.96
CA SER D 55 41.18 -44.67 31.25
C SER D 55 41.69 -44.91 29.83
N ILE D 56 42.13 -46.14 29.56
CA ILE D 56 42.62 -46.53 28.23
C ILE D 56 41.42 -47.08 27.50
N GLU D 57 40.99 -46.34 26.49
CA GLU D 57 39.81 -46.69 25.69
C GLU D 57 40.17 -47.09 24.26
N LYS D 58 40.44 -48.37 24.05
CA LYS D 58 40.81 -48.84 22.71
C LYS D 58 39.69 -49.60 22.03
N ILE D 59 38.54 -49.65 22.69
CA ILE D 59 37.33 -50.29 22.16
C ILE D 59 36.20 -49.27 22.36
N VAL D 60 35.58 -48.85 21.28
CA VAL D 60 34.51 -47.86 21.36
C VAL D 60 33.26 -48.27 20.58
N GLU D 61 32.13 -47.68 20.97
CA GLU D 61 30.82 -47.94 20.35
C GLU D 61 30.48 -46.95 19.25
N ILE D 62 30.28 -47.45 18.04
CA ILE D 62 29.91 -46.59 16.93
C ILE D 62 28.39 -46.36 17.06
N ASP D 63 27.64 -47.44 17.18
CA ASP D 63 26.19 -47.36 17.38
C ASP D 63 25.82 -48.60 18.19
N ARG D 64 24.55 -48.79 18.51
CA ARG D 64 24.19 -49.95 19.32
C ARG D 64 24.42 -51.29 18.63
N HIS D 65 24.60 -51.28 17.31
CA HIS D 65 24.82 -52.52 16.60
C HIS D 65 26.20 -52.53 15.95
N ILE D 66 27.03 -51.55 16.29
CA ILE D 66 28.38 -51.47 15.74
C ILE D 66 29.37 -50.97 16.79
N GLY D 67 30.48 -51.66 16.91
CA GLY D 67 31.50 -51.28 17.86
C GLY D 67 32.83 -51.48 17.15
N CYS D 68 33.90 -50.90 17.67
CA CYS D 68 35.18 -51.10 16.99
C CYS D 68 36.39 -51.05 17.92
N ALA D 69 37.48 -51.65 17.44
CA ALA D 69 38.73 -51.71 18.19
C ALA D 69 39.79 -51.10 17.31
N MET D 70 40.76 -50.44 17.94
CA MET D 70 41.84 -49.77 17.22
C MET D 70 43.24 -50.23 17.61
N SER D 71 44.21 -49.96 16.74
CA SER D 71 45.60 -50.32 16.99
C SER D 71 46.54 -49.39 16.23
N GLY D 72 47.54 -48.87 16.93
CA GLY D 72 48.49 -47.96 16.32
C GLY D 72 48.34 -46.61 17.01
N LEU D 73 48.56 -45.53 16.26
CA LEU D 73 48.42 -44.18 16.81
C LEU D 73 46.94 -43.96 17.12
N THR D 74 46.53 -44.33 18.33
CA THR D 74 45.14 -44.22 18.75
C THR D 74 44.54 -42.82 18.76
N ALA D 75 45.37 -41.79 18.86
CA ALA D 75 44.87 -40.42 18.85
C ALA D 75 44.24 -40.12 17.49
N ASP D 76 44.79 -40.72 16.45
CA ASP D 76 44.32 -40.55 15.08
C ASP D 76 42.92 -41.11 14.89
N ALA D 77 42.56 -42.07 15.74
CA ALA D 77 41.26 -42.72 15.63
C ALA D 77 40.06 -41.91 16.13
N ARG D 78 40.29 -40.83 16.89
CA ARG D 78 39.17 -40.07 17.39
C ARG D 78 38.26 -39.51 16.31
N SER D 79 38.85 -38.80 15.36
CA SER D 79 38.09 -38.20 14.26
C SER D 79 37.42 -39.27 13.42
N MET D 80 38.05 -40.44 13.37
CA MET D 80 37.50 -41.55 12.61
C MET D 80 36.23 -42.05 13.29
N ILE D 81 36.30 -42.24 14.60
CA ILE D 81 35.16 -42.71 15.36
C ILE D 81 34.04 -41.70 15.27
N GLU D 82 34.41 -40.43 15.44
CA GLU D 82 33.46 -39.33 15.38
C GLU D 82 32.74 -39.39 14.03
N HIS D 83 33.53 -39.44 12.96
CA HIS D 83 32.92 -39.54 11.64
C HIS D 83 31.98 -40.72 11.59
N ALA D 84 32.43 -41.85 12.10
CA ALA D 84 31.64 -43.07 12.10
C ALA D 84 30.32 -42.92 12.84
N ARG D 85 30.38 -42.44 14.07
CA ARG D 85 29.19 -42.26 14.88
C ARG D 85 28.20 -41.36 14.17
N THR D 86 28.68 -40.23 13.67
CA THR D 86 27.81 -39.30 12.96
C THR D 86 27.14 -39.98 11.77
N ALA D 87 27.94 -40.67 10.97
CA ALA D 87 27.43 -41.38 9.80
C ALA D 87 26.32 -42.34 10.18
N ALA D 88 26.49 -43.03 11.30
CA ALA D 88 25.49 -43.97 11.77
C ALA D 88 24.20 -43.23 12.13
N VAL D 89 24.32 -42.25 13.03
CA VAL D 89 23.16 -41.49 13.45
C VAL D 89 22.51 -40.82 12.25
N THR D 90 23.31 -40.13 11.44
CA THR D 90 22.77 -39.45 10.27
C THR D 90 21.95 -40.40 9.41
N HIS D 91 22.50 -41.58 9.13
CA HIS D 91 21.79 -42.55 8.30
C HIS D 91 20.43 -42.83 8.91
N ASN D 92 20.41 -42.99 10.23
CA ASN D 92 19.18 -43.28 10.91
C ASN D 92 18.16 -42.14 10.78
N LEU D 93 18.64 -40.90 10.86
CA LEU D 93 17.76 -39.74 10.74
C LEU D 93 17.14 -39.68 9.35
N TYR D 94 17.95 -39.86 8.32
CA TYR D 94 17.45 -39.83 6.95
C TYR D 94 16.58 -41.03 6.58
N TYR D 95 16.88 -42.21 7.11
CA TYR D 95 16.12 -43.40 6.73
C TYR D 95 15.34 -44.17 7.76
N ASP D 96 15.35 -43.73 9.01
CA ASP D 96 14.60 -44.43 10.04
C ASP D 96 15.01 -45.91 10.06
N GLU D 97 16.30 -46.18 10.22
CA GLU D 97 16.80 -47.54 10.25
C GLU D 97 18.29 -47.55 10.58
N ASP D 98 18.83 -48.74 10.83
CA ASP D 98 20.25 -48.91 11.16
C ASP D 98 21.13 -48.94 9.93
N ILE D 99 22.28 -48.29 10.04
CA ILE D 99 23.24 -48.25 8.96
C ILE D 99 23.86 -49.66 8.85
N ASN D 100 23.96 -50.19 7.64
CA ASN D 100 24.54 -51.51 7.43
C ASN D 100 26.02 -51.49 7.82
N VAL D 101 26.48 -52.52 8.53
CA VAL D 101 27.87 -52.59 8.97
C VAL D 101 28.90 -52.34 7.87
N GLU D 102 28.62 -52.83 6.67
CA GLU D 102 29.53 -52.65 5.55
C GLU D 102 29.54 -51.19 5.10
N SER D 103 28.36 -50.61 5.00
CA SER D 103 28.20 -49.20 4.59
C SER D 103 28.96 -48.28 5.55
N LEU D 104 28.76 -48.50 6.84
CA LEU D 104 29.44 -47.70 7.86
C LEU D 104 30.96 -47.78 7.64
N THR D 105 31.45 -49.00 7.45
CA THR D 105 32.87 -49.23 7.23
C THR D 105 33.34 -48.51 5.97
N GLN D 106 32.58 -48.67 4.89
CA GLN D 106 32.91 -48.03 3.63
C GLN D 106 33.04 -46.52 3.83
N SER D 107 32.16 -45.97 4.64
CA SER D 107 32.16 -44.53 4.92
C SER D 107 33.43 -44.09 5.63
N VAL D 108 33.87 -44.88 6.60
CA VAL D 108 35.07 -44.56 7.36
C VAL D 108 36.28 -44.63 6.43
N CYS D 109 36.34 -45.67 5.62
CA CYS D 109 37.45 -45.83 4.69
C CYS D 109 37.50 -44.74 3.65
N ASP D 110 36.41 -44.01 3.47
CA ASP D 110 36.39 -42.93 2.49
C ASP D 110 37.30 -41.77 2.91
N LEU D 111 37.58 -41.66 4.20
CA LEU D 111 38.45 -40.61 4.71
C LEU D 111 39.92 -40.95 4.47
N ALA D 112 40.21 -42.23 4.48
CA ALA D 112 41.55 -42.77 4.31
C ALA D 112 42.53 -42.04 3.40
N LEU D 113 42.25 -42.02 2.11
CA LEU D 113 43.17 -41.39 1.16
C LEU D 113 43.03 -39.88 0.99
N ARG D 114 42.16 -39.25 1.77
CA ARG D 114 41.97 -37.81 1.69
C ARG D 114 43.15 -37.07 2.31
N PHE D 115 44.35 -37.30 1.78
CA PHE D 115 45.52 -36.59 2.30
C PHE D 115 46.42 -36.12 1.17
N GLY D 116 47.21 -35.08 1.44
CA GLY D 116 48.11 -34.53 0.44
C GLY D 116 48.50 -33.07 0.67
N GLU D 117 48.82 -32.38 -0.42
CA GLU D 117 49.21 -30.96 -0.39
C GLU D 117 48.56 -30.21 -1.55
N GLY D 118 47.75 -30.91 -2.32
CA GLY D 118 47.08 -30.32 -3.46
C GLY D 118 46.67 -31.38 -4.46
N ALA D 119 46.23 -32.53 -3.95
CA ALA D 119 45.80 -33.67 -4.78
C ALA D 119 44.52 -33.35 -5.58
N SER D 120 44.69 -33.17 -6.90
CA SER D 120 43.59 -32.85 -7.81
C SER D 120 42.51 -33.93 -7.89
N GLY D 121 41.49 -33.79 -7.03
CA GLY D 121 40.40 -34.75 -7.00
C GLY D 121 39.22 -34.26 -6.16
N GLU D 122 39.48 -33.26 -5.33
CA GLU D 122 38.47 -32.65 -4.44
C GLU D 122 39.20 -31.66 -3.51
N GLU D 123 39.01 -31.78 -2.20
CA GLU D 123 39.69 -30.91 -1.25
C GLU D 123 40.25 -31.71 -0.08
N ARG D 124 41.05 -32.72 -0.41
CA ARG D 124 41.69 -33.61 0.57
C ARG D 124 42.73 -32.89 1.41
N LEU D 125 42.23 -32.18 2.43
CA LEU D 125 43.10 -31.42 3.30
C LEU D 125 43.45 -32.20 4.57
N MET D 126 44.47 -33.04 4.45
CA MET D 126 44.95 -33.84 5.58
C MET D 126 46.41 -34.04 5.19
N SER D 127 47.34 -33.75 6.11
CA SER D 127 48.76 -33.85 5.78
C SER D 127 49.34 -35.24 5.66
N ARG D 128 48.70 -36.23 6.27
CA ARG D 128 49.22 -37.59 6.25
C ARG D 128 48.10 -38.58 6.48
N PRO D 129 48.32 -39.87 6.13
CA PRO D 129 47.30 -40.88 6.33
C PRO D 129 47.09 -41.09 7.83
N PHE D 130 46.15 -41.95 8.20
CA PHE D 130 45.92 -42.21 9.62
C PHE D 130 46.93 -43.25 10.07
N GLY D 131 47.43 -43.11 11.30
CA GLY D 131 48.40 -44.05 11.82
C GLY D 131 47.73 -45.10 12.69
N VAL D 132 46.53 -45.51 12.32
CA VAL D 132 45.80 -46.48 13.08
C VAL D 132 44.93 -47.35 12.17
N ALA D 133 44.67 -48.58 12.60
CA ALA D 133 43.83 -49.50 11.85
C ALA D 133 42.68 -49.84 12.78
N LEU D 134 41.54 -50.18 12.18
CA LEU D 134 40.37 -50.49 12.99
C LEU D 134 39.74 -51.84 12.67
N LEU D 135 39.08 -52.40 13.67
CA LEU D 135 38.36 -53.64 13.50
C LEU D 135 36.95 -53.20 13.79
N ILE D 136 36.11 -53.18 12.75
CA ILE D 136 34.74 -52.75 12.93
C ILE D 136 33.87 -53.99 12.95
N ALA D 137 33.20 -54.19 14.08
CA ALA D 137 32.33 -55.35 14.23
C ALA D 137 30.90 -54.96 14.57
N GLY D 138 29.95 -55.59 13.91
CA GLY D 138 28.56 -55.28 14.18
C GLY D 138 27.63 -56.32 13.62
N HIS D 139 26.36 -55.95 13.51
CA HIS D 139 25.32 -56.83 13.00
C HIS D 139 24.19 -56.05 12.34
N ASP D 140 23.67 -56.59 11.24
CA ASP D 140 22.56 -55.96 10.55
C ASP D 140 21.69 -57.05 9.95
N ALA D 141 20.40 -56.75 9.77
CA ALA D 141 19.45 -57.72 9.23
C ALA D 141 19.82 -58.38 7.90
N ASP D 142 20.61 -57.70 7.06
CA ASP D 142 20.97 -58.25 5.76
C ASP D 142 22.14 -59.24 5.72
N ASP D 143 23.18 -59.00 6.51
CA ASP D 143 24.34 -59.90 6.54
C ASP D 143 24.77 -60.34 7.93
N GLY D 144 23.85 -60.27 8.89
CA GLY D 144 24.17 -60.67 10.25
C GLY D 144 25.47 -60.14 10.81
N TYR D 145 26.11 -60.94 11.66
CA TYR D 145 27.36 -60.58 12.30
C TYR D 145 28.51 -60.41 11.32
N GLN D 146 29.22 -59.29 11.43
CA GLN D 146 30.34 -59.01 10.55
C GLN D 146 31.55 -58.42 11.27
N LEU D 147 32.72 -58.72 10.72
CA LEU D 147 33.98 -58.23 11.25
C LEU D 147 34.71 -57.65 10.07
N PHE D 148 35.19 -56.42 10.21
CA PHE D 148 35.89 -55.74 9.12
C PHE D 148 37.22 -55.19 9.59
N HIS D 149 38.16 -55.09 8.66
CA HIS D 149 39.46 -54.55 8.96
C HIS D 149 39.63 -53.31 8.08
N ALA D 150 39.63 -52.15 8.71
CA ALA D 150 39.76 -50.89 8.00
C ALA D 150 41.16 -50.35 8.15
N GLU D 151 41.85 -50.17 7.03
CA GLU D 151 43.22 -49.66 7.05
C GLU D 151 43.38 -48.27 6.44
N PRO D 152 44.54 -47.62 6.70
CA PRO D 152 44.85 -46.28 6.20
C PRO D 152 45.00 -46.26 4.68
N SER D 153 44.91 -47.43 4.07
CA SER D 153 45.03 -47.57 2.63
C SER D 153 43.69 -47.32 1.98
N GLY D 154 42.65 -47.17 2.80
CA GLY D 154 41.32 -46.92 2.26
C GLY D 154 40.57 -48.21 1.99
N THR D 155 41.30 -49.31 1.92
CA THR D 155 40.69 -50.61 1.66
C THR D 155 40.28 -51.28 2.98
N PHE D 156 39.20 -52.05 2.94
CA PHE D 156 38.73 -52.74 4.12
C PHE D 156 38.37 -54.15 3.69
N TYR D 157 38.70 -55.09 4.55
CA TYR D 157 38.46 -56.50 4.27
C TYR D 157 37.50 -57.06 5.31
N ARG D 158 36.83 -58.14 4.95
CA ARG D 158 35.94 -58.77 5.92
C ARG D 158 36.63 -60.05 6.38
N TYR D 159 36.67 -60.26 7.69
CA TYR D 159 37.31 -61.43 8.26
C TYR D 159 36.39 -62.19 9.20
N ASN D 160 36.67 -63.47 9.41
CA ASN D 160 35.90 -64.29 10.32
C ASN D 160 36.59 -64.10 11.66
N ALA D 161 37.87 -63.79 11.56
CA ALA D 161 38.72 -63.52 12.70
C ALA D 161 39.87 -62.71 12.14
N LYS D 162 40.42 -61.82 12.97
CA LYS D 162 41.52 -60.98 12.52
C LYS D 162 42.24 -60.40 13.72
N ALA D 163 43.55 -60.25 13.58
CA ALA D 163 44.38 -59.71 14.63
C ALA D 163 45.23 -58.62 14.00
N ILE D 164 45.34 -57.49 14.68
CA ILE D 164 46.12 -56.37 14.18
C ILE D 164 46.97 -55.86 15.33
N GLY D 165 48.14 -55.33 15.01
CA GLY D 165 49.04 -54.80 16.03
C GLY D 165 50.29 -55.64 16.23
N SER D 166 51.10 -55.27 17.21
CA SER D 166 52.33 -55.99 17.50
C SER D 166 52.28 -57.50 17.28
N GLY D 167 51.44 -58.22 18.02
CA GLY D 167 51.41 -59.66 17.83
C GLY D 167 50.49 -60.20 16.76
N SER D 168 50.28 -59.43 15.69
CA SER D 168 49.38 -59.84 14.62
C SER D 168 49.73 -61.08 13.81
N GLU D 169 50.85 -61.07 13.08
CA GLU D 169 51.23 -62.23 12.27
C GLU D 169 51.20 -63.49 13.12
N GLY D 170 51.62 -63.37 14.37
CA GLY D 170 51.60 -64.51 15.27
C GLY D 170 50.15 -64.91 15.50
N ALA D 171 49.42 -64.04 16.20
CA ALA D 171 48.01 -64.29 16.52
C ALA D 171 47.15 -64.69 15.32
N GLN D 172 47.52 -64.18 14.15
CA GLN D 172 46.76 -64.48 12.94
C GLN D 172 46.81 -65.97 12.65
N ALA D 173 48.01 -66.53 12.75
CA ALA D 173 48.22 -67.95 12.50
C ALA D 173 47.39 -68.79 13.47
N GLU D 174 47.33 -68.32 14.71
CA GLU D 174 46.57 -69.00 15.74
C GLU D 174 45.10 -69.07 15.31
N LEU D 175 44.54 -67.90 15.01
CA LEU D 175 43.16 -67.81 14.58
C LEU D 175 42.88 -68.76 13.43
N LEU D 176 43.84 -68.89 12.52
CA LEU D 176 43.67 -69.77 11.37
C LEU D 176 43.19 -71.15 11.81
N ASN D 177 43.93 -71.76 12.73
CA ASN D 177 43.59 -73.10 13.23
C ASN D 177 42.32 -73.12 14.05
N GLU D 178 42.33 -72.36 15.14
CA GLU D 178 41.21 -72.28 16.07
C GLU D 178 39.82 -71.94 15.52
N TRP D 179 39.75 -71.13 14.45
CA TRP D 179 38.46 -70.73 13.91
C TRP D 179 37.71 -71.75 13.05
N HIS D 180 36.43 -71.94 13.39
CA HIS D 180 35.55 -72.83 12.65
C HIS D 180 34.14 -72.24 12.61
N SER D 181 33.46 -72.49 11.50
CA SER D 181 32.12 -71.96 11.26
C SER D 181 31.04 -72.29 12.28
N SER D 182 31.42 -72.86 13.42
CA SER D 182 30.41 -73.20 14.41
C SER D 182 30.83 -72.88 15.84
N LEU D 183 31.73 -71.91 15.96
CA LEU D 183 32.21 -71.46 17.25
C LEU D 183 31.06 -70.84 18.03
N THR D 184 31.09 -70.95 19.35
CA THR D 184 30.04 -70.35 20.14
C THR D 184 30.64 -69.03 20.59
N LEU D 185 29.81 -68.14 21.13
CA LEU D 185 30.32 -66.86 21.58
C LEU D 185 31.33 -67.11 22.70
N LYS D 186 30.94 -67.92 23.67
CA LYS D 186 31.81 -68.24 24.80
C LYS D 186 33.15 -68.80 24.36
N GLU D 187 33.13 -69.68 23.37
CA GLU D 187 34.36 -70.27 22.86
C GLU D 187 35.23 -69.15 22.30
N ALA D 188 34.63 -68.26 21.51
CA ALA D 188 35.32 -67.14 20.88
C ALA D 188 35.90 -66.16 21.89
N GLU D 189 35.21 -65.98 23.01
CA GLU D 189 35.69 -65.08 24.05
C GLU D 189 37.00 -65.64 24.59
N LEU D 190 36.93 -66.86 25.12
CA LEU D 190 38.12 -67.54 25.66
C LEU D 190 39.23 -67.51 24.63
N LEU D 191 38.89 -67.90 23.41
CA LEU D 191 39.86 -67.93 22.33
C LEU D 191 40.62 -66.61 22.20
N VAL D 192 39.89 -65.49 22.09
CA VAL D 192 40.55 -64.19 21.97
C VAL D 192 41.43 -63.95 23.19
N LEU D 193 40.88 -64.26 24.35
CA LEU D 193 41.57 -64.10 25.63
C LEU D 193 42.88 -64.91 25.65
N LYS D 194 42.85 -66.12 25.10
CA LYS D 194 44.01 -66.98 25.05
C LYS D 194 45.06 -66.43 24.09
N ILE D 195 44.65 -66.06 22.89
CA ILE D 195 45.56 -65.53 21.90
C ILE D 195 46.20 -64.22 22.35
N LEU D 196 45.49 -63.43 23.16
CA LEU D 196 46.04 -62.18 23.65
C LEU D 196 47.16 -62.50 24.63
N LYS D 197 46.94 -63.55 25.42
CA LYS D 197 47.89 -63.99 26.42
C LYS D 197 49.24 -64.39 25.81
N GLN D 198 49.21 -65.03 24.64
CA GLN D 198 50.43 -65.45 23.98
C GLN D 198 51.26 -64.29 23.43
N VAL D 199 50.61 -63.37 22.73
CA VAL D 199 51.29 -62.23 22.11
C VAL D 199 51.64 -61.10 23.09
N MET D 200 50.83 -60.91 24.13
CA MET D 200 51.09 -59.86 25.10
C MET D 200 52.41 -60.04 25.84
N GLU D 201 53.14 -58.95 26.03
CA GLU D 201 54.42 -59.00 26.75
C GLU D 201 54.11 -59.24 28.23
N GLU D 202 53.11 -58.53 28.73
CA GLU D 202 52.69 -58.63 30.13
C GLU D 202 51.78 -59.82 30.38
N LYS D 203 51.71 -60.28 31.63
CA LYS D 203 50.86 -61.40 31.97
C LYS D 203 49.42 -60.91 31.95
N LEU D 204 48.64 -61.43 31.03
CA LEU D 204 47.24 -61.03 30.87
C LEU D 204 46.40 -61.22 32.12
N ASP D 205 45.65 -60.17 32.46
CA ASP D 205 44.76 -60.18 33.61
C ASP D 205 43.65 -59.21 33.28
N GLU D 206 42.57 -59.21 34.05
CA GLU D 206 41.44 -58.33 33.76
C GLU D 206 41.74 -56.83 33.86
N ASN D 207 43.01 -56.46 33.82
CA ASN D 207 43.36 -55.06 33.90
C ASN D 207 44.21 -54.51 32.76
N ASN D 208 44.95 -55.37 32.07
CA ASN D 208 45.74 -54.89 30.95
C ASN D 208 45.17 -55.44 29.66
N ALA D 209 43.94 -55.96 29.76
CA ALA D 209 43.23 -56.51 28.62
C ALA D 209 41.74 -56.23 28.80
N GLN D 210 41.04 -56.05 27.68
CA GLN D 210 39.62 -55.75 27.73
C GLN D 210 38.85 -56.44 26.60
N LEU D 211 37.73 -57.05 26.97
CA LEU D 211 36.87 -57.77 26.04
C LEU D 211 35.59 -57.02 25.80
N SER D 212 34.87 -57.43 24.77
CA SER D 212 33.60 -56.82 24.40
C SER D 212 33.03 -57.61 23.25
N CYS D 213 31.74 -57.44 23.01
CA CYS D 213 31.08 -58.13 21.92
C CYS D 213 29.89 -57.33 21.43
N ILE D 214 29.21 -57.91 20.46
CA ILE D 214 28.03 -57.29 19.91
C ILE D 214 27.13 -58.43 19.48
N THR D 215 25.94 -58.46 20.05
CA THR D 215 24.98 -59.50 19.73
C THR D 215 23.66 -58.84 19.33
N LYS D 216 22.98 -59.45 18.36
CA LYS D 216 21.72 -58.92 17.89
C LYS D 216 20.78 -58.57 19.04
N GLN D 217 20.78 -59.39 20.08
CA GLN D 217 19.90 -59.13 21.21
C GLN D 217 20.21 -57.90 22.05
N ASP D 218 21.43 -57.78 22.57
CA ASP D 218 21.75 -56.62 23.41
C ASP D 218 22.77 -55.65 22.84
N GLY D 219 23.09 -55.84 21.57
CA GLY D 219 24.02 -54.95 20.90
C GLY D 219 25.44 -54.98 21.41
N PHE D 220 26.12 -53.85 21.25
CA PHE D 220 27.51 -53.71 21.65
C PHE D 220 27.68 -53.39 23.13
N LYS D 221 28.44 -54.23 23.81
CA LYS D 221 28.70 -54.07 25.23
C LYS D 221 30.18 -54.28 25.51
N ILE D 222 30.74 -53.50 26.43
CA ILE D 222 32.13 -53.66 26.80
C ILE D 222 32.15 -54.34 28.17
N TYR D 223 32.71 -55.55 28.23
CA TYR D 223 32.78 -56.32 29.46
C TYR D 223 33.52 -55.58 30.56
N ASP D 224 32.86 -55.44 31.71
CA ASP D 224 33.50 -54.77 32.84
C ASP D 224 34.49 -55.75 33.45
N ASN D 225 35.58 -55.25 34.00
CA ASN D 225 36.62 -56.08 34.57
C ASN D 225 36.21 -57.39 35.28
N GLU D 226 35.28 -57.31 36.21
CA GLU D 226 34.82 -58.51 36.92
C GLU D 226 34.40 -59.59 35.95
N LYS D 227 33.53 -59.26 35.01
CA LYS D 227 33.05 -60.22 34.03
C LYS D 227 34.20 -60.87 33.26
N THR D 228 35.21 -60.07 32.91
CA THR D 228 36.35 -60.60 32.17
C THR D 228 37.24 -61.47 33.05
N ALA D 229 37.60 -60.94 34.23
CA ALA D 229 38.45 -61.66 35.17
C ALA D 229 38.06 -63.14 35.31
N GLU D 230 36.77 -63.40 35.40
CA GLU D 230 36.27 -64.76 35.53
C GLU D 230 36.51 -65.58 34.26
N LEU D 231 36.41 -64.94 33.11
CA LEU D 231 36.67 -65.65 31.87
C LEU D 231 38.15 -65.99 31.83
N ILE D 232 38.96 -65.13 32.45
CA ILE D 232 40.41 -65.32 32.51
C ILE D 232 40.64 -66.61 33.29
N LYS D 233 40.04 -66.65 34.47
CA LYS D 233 40.12 -67.79 35.36
C LYS D 233 39.67 -69.05 34.60
N GLU D 234 38.49 -68.97 34.01
CA GLU D 234 37.94 -70.09 33.26
C GLU D 234 38.90 -70.58 32.16
N LEU D 235 39.73 -69.69 31.64
CA LEU D 235 40.67 -70.05 30.58
C LEU D 235 41.87 -70.80 31.15
N LYS D 236 42.43 -70.28 32.23
CA LYS D 236 43.58 -70.92 32.87
C LYS D 236 43.23 -72.36 33.20
N GLU D 237 42.00 -72.56 33.68
CA GLU D 237 41.53 -73.88 34.03
C GLU D 237 41.44 -74.82 32.84
N LYS D 238 40.75 -74.40 31.78
CA LYS D 238 40.63 -75.26 30.61
C LYS D 238 41.99 -75.59 30.02
N GLU D 239 42.96 -74.70 30.20
CA GLU D 239 44.32 -74.94 29.68
C GLU D 239 45.03 -75.96 30.54
N ALA D 240 45.01 -75.74 31.84
CA ALA D 240 45.65 -76.63 32.79
C ALA D 240 45.05 -78.03 32.65
N ALA D 241 43.82 -78.09 32.16
CA ALA D 241 43.10 -79.36 31.99
C ALA D 241 43.72 -80.29 30.95
N GLU D 242 44.78 -79.84 30.29
CA GLU D 242 45.48 -80.63 29.28
C GLU D 242 46.37 -79.73 28.43
N PHE E 1 69.42 -40.84 -13.08
CA PHE E 1 68.25 -40.73 -14.02
C PHE E 1 66.94 -40.76 -13.22
N ARG E 2 65.99 -41.56 -13.71
CA ARG E 2 64.65 -41.75 -13.13
C ARG E 2 64.45 -41.17 -11.74
N ASN E 3 65.33 -41.55 -10.81
CA ASN E 3 65.25 -41.08 -9.43
C ASN E 3 65.08 -39.56 -9.31
N ASN E 4 65.60 -38.81 -10.26
CA ASN E 4 65.50 -37.36 -10.25
C ASN E 4 64.29 -36.82 -10.96
N TYR E 5 63.60 -37.68 -11.70
CA TYR E 5 62.44 -37.26 -12.46
C TYR E 5 61.15 -37.99 -12.10
N ASP E 6 61.12 -38.63 -10.94
CA ASP E 6 59.93 -39.35 -10.52
C ASP E 6 59.35 -38.83 -9.20
N GLY E 7 59.78 -37.63 -8.80
CA GLY E 7 59.31 -37.03 -7.56
C GLY E 7 57.83 -36.67 -7.54
N ASP E 8 57.27 -36.36 -8.72
CA ASP E 8 55.86 -36.00 -8.87
C ASP E 8 55.47 -36.01 -10.34
N THR E 9 54.16 -36.10 -10.59
CA THR E 9 53.63 -36.16 -11.94
C THR E 9 53.93 -35.00 -12.86
N VAL E 10 54.03 -33.81 -12.29
CA VAL E 10 54.28 -32.63 -13.10
C VAL E 10 55.66 -32.59 -13.78
N THR E 11 56.50 -33.57 -13.50
CA THR E 11 57.84 -33.61 -14.08
C THR E 11 58.03 -34.58 -15.25
N PHE E 12 58.67 -34.08 -16.31
CA PHE E 12 58.96 -34.87 -17.49
C PHE E 12 60.40 -35.37 -17.36
N SER E 13 60.67 -36.60 -17.79
CA SER E 13 62.04 -37.11 -17.74
C SER E 13 62.71 -36.63 -19.03
N PRO E 14 64.03 -36.73 -19.11
CA PRO E 14 64.74 -36.27 -20.32
C PRO E 14 64.33 -36.99 -21.60
N THR E 15 63.69 -38.15 -21.45
CA THR E 15 63.26 -38.93 -22.60
C THR E 15 61.78 -38.71 -22.93
N GLY E 16 61.05 -38.06 -22.01
CA GLY E 16 59.64 -37.77 -22.23
C GLY E 16 58.69 -38.69 -21.48
N ARG E 17 59.12 -39.22 -20.36
CA ARG E 17 58.28 -40.14 -19.60
C ARG E 17 57.77 -39.52 -18.32
N LEU E 18 56.62 -40.00 -17.86
CA LEU E 18 56.04 -39.52 -16.63
C LEU E 18 56.06 -40.70 -15.69
N PHE E 19 57.19 -40.88 -15.02
CA PHE E 19 57.40 -41.99 -14.11
C PHE E 19 56.31 -42.22 -13.08
N GLN E 20 55.79 -41.15 -12.51
CA GLN E 20 54.74 -41.31 -11.51
C GLN E 20 53.55 -42.03 -12.14
N VAL E 21 53.24 -41.66 -13.37
CA VAL E 21 52.15 -42.28 -14.10
C VAL E 21 52.52 -43.75 -14.29
N GLU E 22 53.76 -43.97 -14.70
CA GLU E 22 54.26 -45.31 -14.93
C GLU E 22 54.21 -46.17 -13.66
N TYR E 23 54.58 -45.59 -12.52
CA TYR E 23 54.55 -46.33 -11.27
C TYR E 23 53.10 -46.65 -10.93
N ALA E 24 52.21 -45.76 -11.32
CA ALA E 24 50.79 -45.96 -11.07
C ALA E 24 50.39 -47.22 -11.83
N LEU E 25 50.75 -47.26 -13.11
CA LEU E 25 50.45 -48.41 -13.96
C LEU E 25 50.95 -49.68 -13.30
N GLU E 26 52.09 -49.57 -12.61
CA GLU E 26 52.68 -50.72 -11.96
C GLU E 26 51.79 -51.28 -10.86
N ALA E 27 50.87 -50.47 -10.35
CA ALA E 27 49.98 -50.94 -9.30
C ALA E 27 48.90 -51.81 -9.94
N ILE E 28 48.59 -51.53 -11.20
CA ILE E 28 47.58 -52.31 -11.91
C ILE E 28 48.08 -53.75 -11.98
N LYS E 29 49.29 -53.93 -12.49
CA LYS E 29 49.90 -55.26 -12.62
C LYS E 29 49.90 -56.05 -11.32
N GLN E 30 50.30 -55.42 -10.23
CA GLN E 30 50.30 -56.08 -8.94
C GLN E 30 48.87 -56.50 -8.57
N GLY E 31 47.88 -55.92 -9.24
CA GLY E 31 46.49 -56.23 -8.97
C GLY E 31 45.98 -57.53 -9.58
N SER E 32 44.99 -58.13 -8.93
CA SER E 32 44.40 -59.38 -9.40
C SER E 32 43.94 -59.28 -10.86
N VAL E 33 43.79 -60.42 -11.54
CA VAL E 33 43.39 -60.40 -12.93
C VAL E 33 41.87 -60.36 -13.15
N THR E 34 41.48 -59.77 -14.27
CA THR E 34 40.08 -59.64 -14.66
C THR E 34 40.03 -59.60 -16.18
N VAL E 35 38.93 -60.08 -16.75
CA VAL E 35 38.79 -60.13 -18.21
C VAL E 35 37.42 -59.70 -18.72
N GLY E 36 37.43 -59.08 -19.89
CA GLY E 36 36.19 -58.65 -20.52
C GLY E 36 36.18 -59.03 -21.98
N LEU E 37 35.00 -59.45 -22.46
CA LEU E 37 34.83 -59.84 -23.87
C LEU E 37 33.39 -59.61 -24.25
N ARG E 38 33.17 -59.24 -25.51
CA ARG E 38 31.82 -58.97 -25.99
C ARG E 38 31.50 -59.63 -27.34
N SER E 39 30.24 -59.98 -27.53
CA SER E 39 29.78 -60.54 -28.80
C SER E 39 29.13 -59.32 -29.48
N ASN E 40 27.98 -59.50 -30.11
CA ASN E 40 27.31 -58.39 -30.74
C ASN E 40 26.01 -58.15 -30.00
N THR E 41 25.71 -59.05 -29.07
CA THR E 41 24.49 -58.94 -28.30
C THR E 41 24.78 -58.74 -26.82
N HIS E 42 25.93 -59.23 -26.36
CA HIS E 42 26.29 -59.09 -24.96
C HIS E 42 27.76 -58.68 -24.75
N ALA E 43 28.10 -58.49 -23.49
CA ALA E 43 29.45 -58.11 -23.08
C ALA E 43 29.57 -58.72 -21.69
N VAL E 44 30.71 -59.35 -21.41
CA VAL E 44 30.90 -59.97 -20.12
C VAL E 44 32.18 -59.60 -19.40
N LEU E 45 32.06 -59.53 -18.07
CA LEU E 45 33.19 -59.23 -17.23
C LEU E 45 33.39 -60.41 -16.29
N VAL E 46 34.56 -61.02 -16.38
CA VAL E 46 34.92 -62.14 -15.52
C VAL E 46 36.13 -61.65 -14.75
N ALA E 47 35.98 -61.51 -13.44
CA ALA E 47 37.07 -61.02 -12.63
C ALA E 47 37.38 -61.98 -11.50
N LEU E 48 38.68 -62.17 -11.28
CA LEU E 48 39.18 -63.05 -10.23
C LEU E 48 39.34 -62.24 -8.94
N LYS E 49 38.49 -62.51 -7.96
CA LYS E 49 38.57 -61.78 -6.70
C LYS E 49 39.73 -62.34 -5.87
N ARG E 50 40.54 -61.44 -5.31
CA ARG E 50 41.69 -61.84 -4.50
C ARG E 50 41.44 -61.75 -3.00
N ASN E 51 41.99 -62.71 -2.25
CA ASN E 51 41.82 -62.74 -0.79
C ASN E 51 43.14 -62.54 -0.03
N ALA E 52 43.04 -61.92 1.13
CA ALA E 52 44.20 -61.67 1.98
C ALA E 52 44.60 -62.97 2.68
N ASP E 53 43.73 -63.42 3.58
CA ASP E 53 43.92 -64.66 4.33
C ASP E 53 42.84 -65.62 3.89
N GLU E 54 42.80 -66.79 4.51
CA GLU E 54 41.78 -67.77 4.19
C GLU E 54 40.63 -67.52 5.16
N LEU E 55 40.76 -66.42 5.89
CA LEU E 55 39.75 -65.98 6.84
C LEU E 55 39.15 -64.68 6.31
N SER E 56 39.73 -64.16 5.24
CA SER E 56 39.28 -62.92 4.62
C SER E 56 38.45 -63.16 3.36
N SER E 57 37.70 -62.14 2.96
CA SER E 57 36.85 -62.20 1.77
C SER E 57 37.68 -61.97 0.53
N TYR E 58 37.05 -62.15 -0.62
CA TYR E 58 37.72 -61.95 -1.92
C TYR E 58 37.23 -60.62 -2.53
N GLN E 59 37.65 -59.52 -1.91
CA GLN E 59 37.32 -58.14 -2.31
C GLN E 59 36.66 -57.93 -3.68
N LYS E 60 35.41 -57.45 -3.65
CA LYS E 60 34.62 -57.22 -4.87
C LYS E 60 35.38 -56.41 -5.90
N LYS E 61 35.32 -56.84 -7.16
CA LYS E 61 36.03 -56.14 -8.22
C LYS E 61 35.14 -55.68 -9.38
N ILE E 62 33.83 -55.81 -9.21
CA ILE E 62 32.90 -55.37 -10.25
C ILE E 62 31.88 -54.37 -9.71
N ILE E 63 31.86 -53.21 -10.35
CA ILE E 63 30.98 -52.12 -9.98
C ILE E 63 30.01 -51.78 -11.12
N LYS E 64 28.76 -51.59 -10.76
CA LYS E 64 27.71 -51.24 -11.70
C LYS E 64 27.59 -49.72 -11.71
N CYS E 65 27.55 -49.12 -12.89
CA CYS E 65 27.46 -47.67 -13.00
C CYS E 65 26.06 -47.18 -13.37
N ASP E 66 25.31 -48.06 -14.04
CA ASP E 66 23.95 -47.76 -14.46
C ASP E 66 23.40 -49.07 -15.02
N GLU E 67 22.09 -49.13 -15.21
CA GLU E 67 21.43 -50.32 -15.73
C GLU E 67 22.07 -50.86 -17.00
N HIS E 68 22.70 -49.98 -17.76
CA HIS E 68 23.32 -50.39 -19.01
C HIS E 68 24.84 -50.32 -19.01
N MET E 69 25.48 -50.13 -17.86
CA MET E 69 26.94 -50.03 -17.84
C MET E 69 27.57 -50.49 -16.53
N GLY E 70 28.80 -50.97 -16.61
CA GLY E 70 29.50 -51.43 -15.43
C GLY E 70 30.97 -51.60 -15.73
N LEU E 71 31.77 -51.90 -14.72
CA LEU E 71 33.20 -52.07 -14.95
C LEU E 71 33.87 -52.99 -13.94
N SER E 72 35.09 -53.41 -14.26
CA SER E 72 35.88 -54.27 -13.37
C SER E 72 37.18 -53.51 -13.05
N LEU E 73 37.66 -53.69 -11.82
CA LEU E 73 38.85 -53.00 -11.34
C LEU E 73 40.08 -53.84 -11.05
N ALA E 74 41.25 -53.31 -11.40
CA ALA E 74 42.53 -53.98 -11.17
C ALA E 74 43.52 -52.93 -10.66
N GLY E 75 43.72 -52.88 -9.34
CA GLY E 75 44.63 -51.90 -8.78
C GLY E 75 44.10 -51.39 -7.46
N LEU E 76 44.31 -50.10 -7.18
CA LEU E 76 43.83 -49.50 -5.93
C LEU E 76 42.31 -49.43 -5.89
N ALA E 77 41.71 -50.16 -4.96
CA ALA E 77 40.26 -50.19 -4.81
C ALA E 77 39.68 -48.79 -4.64
N PRO E 78 40.18 -48.01 -3.65
CA PRO E 78 39.66 -46.66 -3.43
C PRO E 78 39.55 -45.84 -4.70
N ASP E 79 40.59 -45.87 -5.53
CA ASP E 79 40.58 -45.12 -6.78
C ASP E 79 39.48 -45.59 -7.73
N ALA E 80 39.18 -46.88 -7.71
CA ALA E 80 38.15 -47.41 -8.58
C ALA E 80 36.81 -46.87 -8.08
N ARG E 81 36.68 -46.78 -6.76
CA ARG E 81 35.47 -46.27 -6.15
C ARG E 81 35.26 -44.84 -6.62
N VAL E 82 36.29 -44.02 -6.45
CA VAL E 82 36.24 -42.63 -6.88
C VAL E 82 35.78 -42.54 -8.33
N LEU E 83 36.47 -43.27 -9.21
CA LEU E 83 36.16 -43.26 -10.65
C LEU E 83 34.81 -43.84 -11.04
N SER E 84 34.43 -44.95 -10.41
CA SER E 84 33.16 -45.59 -10.73
C SER E 84 32.06 -44.62 -10.34
N ASN E 85 32.21 -44.06 -9.15
CA ASN E 85 31.25 -43.11 -8.63
C ASN E 85 31.07 -41.94 -9.59
N TYR E 86 32.19 -41.40 -10.07
CA TYR E 86 32.15 -40.29 -11.01
C TYR E 86 31.35 -40.70 -12.23
N LEU E 87 31.60 -41.92 -12.71
CA LEU E 87 30.89 -42.43 -13.88
C LEU E 87 29.42 -42.58 -13.57
N ARG E 88 29.10 -43.01 -12.36
CA ARG E 88 27.71 -43.16 -11.97
C ARG E 88 26.96 -41.83 -12.05
N GLN E 89 27.66 -40.73 -11.77
CA GLN E 89 27.03 -39.42 -11.81
C GLN E 89 26.83 -39.00 -13.25
N GLN E 90 27.85 -39.21 -14.06
CA GLN E 90 27.76 -38.86 -15.46
C GLN E 90 26.60 -39.56 -16.13
N CYS E 91 26.40 -40.82 -15.76
CA CYS E 91 25.31 -41.61 -16.33
C CYS E 91 23.98 -41.03 -15.87
N ASN E 92 23.91 -40.80 -14.56
CA ASN E 92 22.74 -40.24 -13.92
C ASN E 92 22.38 -38.88 -14.53
N TYR E 93 23.37 -38.02 -14.67
CA TYR E 93 23.17 -36.71 -15.23
C TYR E 93 22.54 -36.84 -16.60
N SER E 94 23.15 -37.65 -17.45
CA SER E 94 22.67 -37.87 -18.82
C SER E 94 21.20 -38.25 -18.86
N SER E 95 20.79 -39.10 -17.94
CA SER E 95 19.41 -39.53 -17.87
C SER E 95 18.52 -38.39 -17.44
N LEU E 96 18.73 -37.89 -16.23
CA LEU E 96 17.94 -36.81 -15.68
C LEU E 96 17.79 -35.59 -16.58
N VAL E 97 18.89 -35.07 -17.11
CA VAL E 97 18.83 -33.90 -17.96
C VAL E 97 18.37 -34.15 -19.38
N PHE E 98 18.92 -35.17 -20.03
CA PHE E 98 18.54 -35.46 -21.42
C PHE E 98 17.66 -36.66 -21.63
N ASN E 99 17.34 -37.38 -20.55
CA ASN E 99 16.50 -38.58 -20.63
C ASN E 99 17.12 -39.46 -21.70
N ARG E 100 18.44 -39.63 -21.60
CA ARG E 100 19.21 -40.38 -22.56
C ARG E 100 20.25 -41.22 -21.83
N LYS E 101 20.40 -42.48 -22.21
CA LYS E 101 21.39 -43.34 -21.58
C LYS E 101 22.76 -42.95 -22.13
N LEU E 102 23.74 -42.85 -21.24
CA LEU E 102 25.08 -42.44 -21.64
C LEU E 102 25.80 -43.45 -22.53
N ALA E 103 26.28 -42.96 -23.68
CA ALA E 103 27.02 -43.77 -24.64
C ALA E 103 28.30 -44.29 -24.00
N VAL E 104 28.57 -45.59 -24.14
CA VAL E 104 29.76 -46.17 -23.54
C VAL E 104 31.00 -45.48 -24.06
N GLU E 105 31.00 -45.11 -25.33
CA GLU E 105 32.15 -44.44 -25.89
C GLU E 105 32.40 -43.12 -25.18
N ARG E 106 31.32 -42.43 -24.81
CA ARG E 106 31.44 -41.15 -24.15
C ARG E 106 31.91 -41.31 -22.70
N ALA E 107 31.47 -42.37 -22.03
CA ALA E 107 31.87 -42.64 -20.66
C ALA E 107 33.39 -42.77 -20.64
N GLY E 108 33.92 -43.34 -21.72
CA GLY E 108 35.35 -43.52 -21.83
C GLY E 108 36.03 -42.17 -21.90
N HIS E 109 35.49 -41.27 -22.72
CA HIS E 109 36.08 -39.94 -22.87
C HIS E 109 36.07 -39.21 -21.53
N LEU E 110 35.03 -39.42 -20.74
CA LEU E 110 34.93 -38.76 -19.46
C LEU E 110 35.99 -39.27 -18.51
N LEU E 111 36.22 -40.58 -18.52
CA LEU E 111 37.21 -41.19 -17.66
C LEU E 111 38.61 -40.73 -18.04
N CYS E 112 38.89 -40.70 -19.33
CA CYS E 112 40.19 -40.26 -19.79
C CYS E 112 40.45 -38.84 -19.30
N ASP E 113 39.52 -37.94 -19.62
CA ASP E 113 39.66 -36.55 -19.22
C ASP E 113 39.84 -36.35 -17.72
N LYS E 114 39.16 -37.15 -16.91
CA LYS E 114 39.28 -37.00 -15.46
C LYS E 114 40.64 -37.45 -14.96
N ALA E 115 41.17 -38.52 -15.55
CA ALA E 115 42.46 -39.04 -15.16
C ALA E 115 43.57 -38.08 -15.57
N GLN E 116 43.46 -37.59 -16.80
CA GLN E 116 44.46 -36.67 -17.35
C GLN E 116 44.74 -35.48 -16.45
N LYS E 117 43.72 -35.02 -15.74
CA LYS E 117 43.88 -33.86 -14.85
C LYS E 117 44.87 -34.10 -13.71
N ASN E 118 44.93 -35.34 -13.21
CA ASN E 118 45.84 -35.66 -12.12
C ASN E 118 47.26 -35.94 -12.60
N THR E 119 47.54 -35.63 -13.86
CA THR E 119 48.87 -35.87 -14.41
C THR E 119 49.53 -34.62 -14.98
N GLN E 120 48.92 -33.46 -14.75
CA GLN E 120 49.48 -32.22 -15.28
C GLN E 120 49.55 -31.11 -14.22
N SER E 121 48.94 -31.34 -13.06
CA SER E 121 48.94 -30.35 -11.99
C SER E 121 49.71 -30.85 -10.79
N TYR E 122 50.41 -29.93 -10.15
CA TYR E 122 51.21 -30.23 -8.97
C TYR E 122 50.33 -30.77 -7.84
N GLY E 123 50.96 -31.51 -6.94
CA GLY E 123 50.25 -32.05 -5.78
C GLY E 123 49.46 -33.33 -5.96
N GLY E 124 48.70 -33.44 -7.04
CA GLY E 124 47.92 -34.65 -7.23
C GLY E 124 48.75 -35.88 -7.53
N ARG E 125 48.11 -37.04 -7.53
CA ARG E 125 48.80 -38.26 -7.85
C ARG E 125 47.92 -38.95 -8.88
N PRO E 126 48.52 -39.73 -9.78
CA PRO E 126 47.69 -40.41 -10.78
C PRO E 126 46.80 -41.43 -10.10
N TYR E 127 45.81 -41.93 -10.82
CA TYR E 127 44.96 -42.95 -10.24
C TYR E 127 45.72 -44.26 -10.38
N GLY E 128 45.73 -45.07 -9.32
CA GLY E 128 46.42 -46.33 -9.38
C GLY E 128 45.49 -47.51 -9.61
N VAL E 129 44.73 -47.47 -10.69
CA VAL E 129 43.82 -48.56 -10.95
C VAL E 129 43.46 -48.63 -12.43
N GLY E 130 43.24 -49.85 -12.90
CA GLY E 130 42.87 -50.07 -14.29
C GLY E 130 41.41 -50.46 -14.30
N LEU E 131 40.69 -50.06 -15.35
CA LEU E 131 39.28 -50.37 -15.43
C LEU E 131 38.89 -50.96 -16.77
N LEU E 132 37.93 -51.88 -16.74
CA LEU E 132 37.40 -52.50 -17.94
C LEU E 132 35.92 -52.20 -17.92
N ILE E 133 35.46 -51.39 -18.87
CA ILE E 133 34.05 -51.01 -18.91
C ILE E 133 33.30 -51.73 -20.01
N ILE E 134 32.16 -52.31 -19.64
CA ILE E 134 31.31 -53.02 -20.59
C ILE E 134 29.93 -52.37 -20.58
N GLY E 135 29.23 -52.41 -21.70
CA GLY E 135 27.91 -51.83 -21.74
C GLY E 135 27.14 -51.97 -23.04
N TYR E 136 25.83 -51.86 -22.95
CA TYR E 136 24.96 -51.97 -24.11
C TYR E 136 24.23 -50.64 -24.28
N ASP E 137 24.55 -49.92 -25.35
CA ASP E 137 23.92 -48.64 -25.61
C ASP E 137 23.24 -48.63 -26.98
N LYS E 138 22.97 -47.44 -27.50
CA LYS E 138 22.30 -47.32 -28.79
C LYS E 138 23.11 -47.80 -29.99
N SER E 139 24.21 -48.50 -29.76
CA SER E 139 24.99 -49.02 -30.87
C SER E 139 25.57 -50.39 -30.52
N GLY E 140 24.83 -51.11 -29.68
CA GLY E 140 25.24 -52.45 -29.30
C GLY E 140 26.13 -52.66 -28.11
N ALA E 141 26.81 -53.81 -28.10
CA ALA E 141 27.72 -54.18 -27.03
C ALA E 141 29.02 -53.40 -27.15
N HIS E 142 29.64 -53.14 -26.00
CA HIS E 142 30.88 -52.37 -25.95
C HIS E 142 31.79 -52.81 -24.82
N LEU E 143 33.09 -52.71 -25.07
CA LEU E 143 34.11 -53.05 -24.08
C LEU E 143 35.21 -52.02 -24.16
N LEU E 144 35.55 -51.46 -22.99
CA LEU E 144 36.58 -50.43 -22.87
C LEU E 144 37.65 -50.78 -21.84
N GLU E 145 38.88 -50.41 -22.15
CA GLU E 145 39.98 -50.64 -21.21
C GLU E 145 40.45 -49.25 -20.83
N PHE E 146 40.50 -49.00 -19.52
CA PHE E 146 40.92 -47.70 -19.01
C PHE E 146 42.24 -47.75 -18.27
N GLN E 147 43.21 -46.98 -18.74
CA GLN E 147 44.51 -46.94 -18.09
C GLN E 147 44.72 -45.60 -17.39
N PRO E 148 45.25 -45.62 -16.16
CA PRO E 148 45.52 -44.43 -15.34
C PRO E 148 46.24 -43.33 -16.10
N SER E 149 46.93 -43.70 -17.18
CA SER E 149 47.64 -42.73 -17.99
C SER E 149 46.64 -41.75 -18.57
N GLY E 150 45.41 -42.25 -18.74
CA GLY E 150 44.33 -41.46 -19.30
C GLY E 150 43.90 -42.08 -20.61
N ASN E 151 44.64 -43.09 -21.05
CA ASN E 151 44.36 -43.79 -22.29
C ASN E 151 43.25 -44.82 -22.13
N VAL E 152 42.16 -44.62 -22.88
CA VAL E 152 41.00 -45.52 -22.87
C VAL E 152 40.82 -46.09 -24.28
N THR E 153 40.68 -47.41 -24.38
CA THR E 153 40.53 -48.05 -25.69
C THR E 153 39.34 -48.98 -25.75
N GLU E 154 38.74 -49.07 -26.93
CA GLU E 154 37.60 -49.94 -27.15
C GLU E 154 38.10 -51.21 -27.85
N LEU E 155 37.76 -52.36 -27.28
CA LEU E 155 38.20 -53.65 -27.80
C LEU E 155 37.03 -54.64 -27.90
N TYR E 156 37.31 -55.83 -28.43
CA TYR E 156 36.29 -56.87 -28.54
C TYR E 156 36.39 -57.65 -27.23
N GLY E 157 37.61 -57.69 -26.70
CA GLY E 157 37.88 -58.37 -25.46
C GLY E 157 39.27 -58.02 -24.99
N THR E 158 39.57 -58.30 -23.73
CA THR E 158 40.89 -58.01 -23.16
C THR E 158 40.95 -58.32 -21.66
N ALA E 159 42.12 -58.12 -21.07
CA ALA E 159 42.31 -58.37 -19.65
C ALA E 159 43.45 -57.51 -19.10
N ILE E 160 43.42 -57.32 -17.79
CA ILE E 160 44.43 -56.52 -17.08
C ILE E 160 44.67 -57.15 -15.74
N GLY E 161 45.82 -56.85 -15.15
CA GLY E 161 46.18 -57.41 -13.86
C GLY E 161 47.43 -58.28 -13.94
N ALA E 162 47.58 -59.18 -12.98
CA ALA E 162 48.74 -60.06 -12.96
C ALA E 162 48.53 -61.24 -13.89
N ARG E 163 49.57 -61.55 -14.66
CA ARG E 163 49.51 -62.68 -15.59
C ARG E 163 48.41 -62.46 -16.62
N SER E 164 47.86 -61.26 -16.64
CA SER E 164 46.78 -60.91 -17.57
C SER E 164 47.18 -61.24 -19.01
N GLN E 165 48.48 -61.36 -19.25
CA GLN E 165 48.98 -61.65 -20.58
C GLN E 165 48.49 -62.99 -21.11
N GLY E 166 48.15 -63.90 -20.21
CA GLY E 166 47.67 -65.20 -20.64
C GLY E 166 46.31 -65.07 -21.34
N ALA E 167 45.34 -64.58 -20.59
CA ALA E 167 43.99 -64.39 -21.09
C ALA E 167 43.97 -63.55 -22.35
N LYS E 168 44.79 -62.52 -22.38
CA LYS E 168 44.82 -61.63 -23.53
C LYS E 168 45.25 -62.31 -24.83
N THR E 169 46.20 -63.24 -24.75
CA THR E 169 46.65 -63.96 -25.93
C THR E 169 45.55 -64.91 -26.37
N TYR E 170 45.00 -65.63 -25.38
CA TYR E 170 43.91 -66.58 -25.60
C TYR E 170 42.76 -65.93 -26.36
N LEU E 171 42.36 -64.74 -25.92
CA LEU E 171 41.25 -64.02 -26.56
C LEU E 171 41.64 -63.49 -27.92
N GLU E 172 42.92 -63.18 -28.08
CA GLU E 172 43.42 -62.66 -29.35
C GLU E 172 43.36 -63.77 -30.38
N ARG E 173 43.16 -64.99 -29.87
CA ARG E 173 43.07 -66.21 -30.66
C ARG E 173 41.60 -66.56 -30.85
N THR E 174 40.91 -66.74 -29.73
CA THR E 174 39.49 -67.08 -29.70
C THR E 174 38.62 -66.00 -30.34
N LEU E 175 39.24 -64.89 -30.72
CA LEU E 175 38.48 -63.77 -31.30
C LEU E 175 37.31 -64.18 -32.18
N ASP E 176 37.61 -64.66 -33.38
CA ASP E 176 36.57 -65.05 -34.34
C ASP E 176 35.50 -65.95 -33.74
N THR E 177 35.87 -66.69 -32.69
CA THR E 177 34.95 -67.61 -32.03
C THR E 177 33.88 -66.97 -31.14
N PHE E 178 34.30 -66.28 -30.07
CA PHE E 178 33.35 -65.66 -29.16
C PHE E 178 32.59 -64.46 -29.72
N ILE E 179 33.23 -63.70 -30.60
CA ILE E 179 32.63 -62.51 -31.20
C ILE E 179 31.27 -62.82 -31.83
N LYS E 180 31.01 -64.11 -32.06
CA LYS E 180 29.77 -64.56 -32.66
C LYS E 180 28.84 -65.25 -31.67
N ILE E 181 29.17 -65.20 -30.38
CA ILE E 181 28.33 -65.81 -29.37
C ILE E 181 27.12 -64.90 -29.14
N ASP E 182 26.46 -64.52 -30.23
CA ASP E 182 25.30 -63.65 -30.15
C ASP E 182 24.08 -64.43 -29.67
N GLY E 183 23.21 -63.75 -28.93
CA GLY E 183 22.02 -64.42 -28.43
C GLY E 183 22.26 -65.47 -27.36
N ASN E 184 23.51 -65.83 -27.11
CA ASN E 184 23.79 -66.82 -26.09
C ASN E 184 24.73 -66.31 -25.00
N PRO E 185 24.17 -65.96 -23.83
CA PRO E 185 24.94 -65.45 -22.70
C PRO E 185 25.88 -66.49 -22.06
N ASP E 186 25.32 -67.62 -21.63
CA ASP E 186 26.11 -68.67 -20.99
C ASP E 186 27.37 -69.03 -21.78
N GLU E 187 27.32 -68.91 -23.09
CA GLU E 187 28.48 -69.22 -23.91
C GLU E 187 29.53 -68.13 -23.80
N LEU E 188 29.10 -66.88 -23.93
CA LEU E 188 30.03 -65.76 -23.82
C LEU E 188 30.71 -65.82 -22.45
N ILE E 189 29.94 -66.13 -21.41
CA ILE E 189 30.52 -66.22 -20.08
C ILE E 189 31.55 -67.34 -20.03
N LYS E 190 31.16 -68.55 -20.42
CA LYS E 190 32.07 -69.68 -20.42
C LYS E 190 33.32 -69.28 -21.20
N ALA E 191 33.12 -68.63 -22.34
CA ALA E 191 34.23 -68.17 -23.18
C ALA E 191 35.14 -67.24 -22.40
N GLY E 192 34.55 -66.54 -21.44
CA GLY E 192 35.30 -65.61 -20.61
C GLY E 192 36.09 -66.36 -19.54
N VAL E 193 35.41 -67.26 -18.84
CA VAL E 193 36.05 -68.05 -17.79
C VAL E 193 37.24 -68.83 -18.36
N GLU E 194 37.14 -69.23 -19.63
CA GLU E 194 38.18 -69.98 -20.31
C GLU E 194 39.33 -69.06 -20.72
N ALA E 195 39.11 -67.76 -20.59
CA ALA E 195 40.13 -66.79 -20.93
C ALA E 195 40.83 -66.39 -19.64
N ILE E 196 40.04 -66.25 -18.58
CA ILE E 196 40.59 -65.85 -17.30
C ILE E 196 41.47 -66.94 -16.70
N SER E 197 41.10 -68.20 -16.94
CA SER E 197 41.88 -69.32 -16.41
C SER E 197 43.25 -69.37 -17.10
N GLN E 198 43.34 -68.75 -18.27
CA GLN E 198 44.57 -68.70 -19.05
C GLN E 198 45.60 -67.80 -18.36
N SER E 199 45.26 -67.31 -17.18
CA SER E 199 46.16 -66.42 -16.43
C SER E 199 46.26 -66.89 -14.98
N LEU E 200 45.74 -68.09 -14.72
CA LEU E 200 45.80 -68.66 -13.38
C LEU E 200 47.23 -69.18 -13.20
N ARG E 201 47.47 -69.96 -12.16
CA ARG E 201 48.81 -70.50 -11.89
C ARG E 201 48.85 -70.91 -10.43
N ASP E 202 48.49 -69.96 -9.58
CA ASP E 202 48.46 -70.14 -8.14
C ASP E 202 47.48 -71.25 -7.74
N GLU E 203 46.21 -71.06 -8.10
CA GLU E 203 45.16 -72.02 -7.78
C GLU E 203 44.24 -72.23 -8.98
N SER E 204 42.97 -72.45 -8.67
CA SER E 204 41.92 -72.65 -9.64
C SER E 204 40.74 -71.82 -9.15
N LEU E 205 39.99 -71.22 -10.08
CA LEU E 205 38.85 -70.38 -9.71
C LEU E 205 37.74 -71.11 -8.96
N THR E 206 37.66 -70.87 -7.65
CA THR E 206 36.66 -71.50 -6.80
C THR E 206 35.31 -70.81 -6.96
N VAL E 207 34.39 -71.05 -6.04
CA VAL E 207 33.06 -70.44 -6.11
C VAL E 207 33.02 -69.05 -5.51
N ASP E 208 33.56 -68.90 -4.30
CA ASP E 208 33.58 -67.63 -3.61
C ASP E 208 34.77 -66.81 -4.08
N ASN E 209 35.35 -67.24 -5.19
CA ASN E 209 36.52 -66.59 -5.75
C ASN E 209 36.27 -66.06 -7.17
N LEU E 210 35.25 -66.60 -7.83
CA LEU E 210 34.91 -66.16 -9.18
C LEU E 210 33.83 -65.11 -9.11
N SER E 211 33.91 -64.15 -10.03
CA SER E 211 32.94 -63.06 -10.11
C SER E 211 32.69 -62.71 -11.56
N ILE E 212 31.42 -62.75 -11.98
CA ILE E 212 31.06 -62.44 -13.34
C ILE E 212 29.91 -61.44 -13.42
N ALA E 213 29.97 -60.59 -14.44
CA ALA E 213 28.95 -59.57 -14.67
C ALA E 213 28.65 -59.55 -16.16
N ILE E 214 27.39 -59.30 -16.49
CA ILE E 214 26.97 -59.26 -17.89
C ILE E 214 25.92 -58.20 -18.23
N VAL E 215 25.94 -57.77 -19.48
CA VAL E 215 25.01 -56.76 -19.99
C VAL E 215 24.81 -57.00 -21.49
N GLY E 216 23.61 -56.68 -21.98
CA GLY E 216 23.33 -56.87 -23.39
C GLY E 216 21.88 -56.70 -23.78
N LYS E 217 21.65 -56.63 -25.08
CA LYS E 217 20.33 -56.46 -25.71
C LYS E 217 19.15 -56.49 -24.77
N ASP E 218 18.98 -57.57 -24.02
CA ASP E 218 17.86 -57.64 -23.09
C ASP E 218 18.30 -58.09 -21.71
N THR E 219 19.48 -57.63 -21.31
CA THR E 219 20.03 -57.99 -20.02
C THR E 219 20.59 -56.77 -19.28
N PRO E 220 19.88 -56.30 -18.25
CA PRO E 220 20.40 -55.14 -17.52
C PRO E 220 21.65 -55.56 -16.75
N PHE E 221 22.74 -54.83 -16.94
CA PHE E 221 23.99 -55.14 -16.26
C PHE E 221 23.73 -55.75 -14.90
N THR E 222 24.17 -56.98 -14.71
CA THR E 222 23.97 -57.67 -13.45
C THR E 222 25.22 -58.44 -13.02
N ILE E 223 25.38 -58.60 -11.71
CA ILE E 223 26.54 -59.27 -11.17
C ILE E 223 26.26 -60.58 -10.42
N TYR E 224 27.01 -61.61 -10.80
CA TYR E 224 26.88 -62.93 -10.22
C TYR E 224 28.11 -63.34 -9.42
N ASP E 225 27.88 -63.81 -8.19
CA ASP E 225 28.94 -64.25 -7.30
C ASP E 225 28.54 -65.48 -6.49
N GLY E 226 29.48 -66.40 -6.33
CA GLY E 226 29.22 -67.61 -5.56
C GLY E 226 28.36 -68.63 -6.29
N GLU E 227 27.38 -69.18 -5.56
CA GLU E 227 26.45 -70.17 -6.09
C GLU E 227 26.05 -69.81 -7.51
N ALA E 228 25.81 -68.52 -7.73
CA ALA E 228 25.41 -68.02 -9.04
C ALA E 228 26.39 -68.38 -10.15
N VAL E 229 27.68 -68.48 -9.81
CA VAL E 229 28.70 -68.82 -10.83
C VAL E 229 29.14 -70.28 -10.76
N ALA E 230 28.74 -70.97 -9.70
CA ALA E 230 29.08 -72.38 -9.50
C ALA E 230 29.03 -73.13 -10.82
N LYS E 231 27.93 -72.95 -11.57
CA LYS E 231 27.74 -73.61 -12.84
C LYS E 231 28.68 -73.15 -13.96
N TYR E 232 29.78 -72.51 -13.59
CA TYR E 232 30.75 -72.03 -14.59
C TYR E 232 32.17 -72.47 -14.23
N ILE E 233 32.32 -73.02 -13.03
CA ILE E 233 33.62 -73.49 -12.56
C ILE E 233 33.91 -74.86 -13.16
N GLY F 1 76.12 -24.65 -12.57
CA GLY F 1 75.71 -25.98 -12.04
C GLY F 1 74.78 -26.74 -12.97
N THR F 2 73.85 -27.50 -12.38
CA THR F 2 72.87 -28.28 -13.15
C THR F 2 71.53 -28.33 -12.41
N GLY F 3 70.60 -29.13 -12.92
CA GLY F 3 69.30 -29.25 -12.28
C GLY F 3 68.29 -28.28 -12.87
N TYR F 4 68.74 -27.56 -13.90
CA TYR F 4 67.89 -26.59 -14.59
C TYR F 4 66.76 -27.27 -15.35
N ASP F 5 66.77 -28.59 -15.34
CA ASP F 5 65.77 -29.36 -16.07
C ASP F 5 64.77 -30.07 -15.19
N LEU F 6 64.74 -29.74 -13.90
CA LEU F 6 63.81 -30.40 -12.99
C LEU F 6 62.53 -29.62 -12.70
N SER F 7 62.55 -28.31 -12.98
CA SER F 7 61.39 -27.46 -12.75
C SER F 7 60.94 -26.83 -14.06
N ASN F 8 59.63 -26.87 -14.34
CA ASN F 8 59.09 -26.35 -15.58
C ASN F 8 59.34 -24.91 -16.00
N SER F 9 59.16 -23.92 -15.13
CA SER F 9 59.36 -22.58 -15.66
C SER F 9 60.80 -22.06 -15.67
N VAL F 10 61.75 -22.86 -15.19
CA VAL F 10 63.15 -22.45 -15.10
C VAL F 10 63.91 -22.24 -16.40
N PHE F 11 64.74 -21.20 -16.42
CA PHE F 11 65.58 -20.87 -17.57
C PHE F 11 66.97 -21.48 -17.34
N SER F 12 67.47 -22.20 -18.32
CA SER F 12 68.81 -22.77 -18.20
C SER F 12 69.77 -21.64 -18.57
N PRO F 13 71.06 -21.78 -18.25
CA PRO F 13 72.04 -20.74 -18.57
C PRO F 13 72.07 -20.26 -20.01
N ASP F 14 71.62 -21.10 -20.94
CA ASP F 14 71.61 -20.74 -22.35
C ASP F 14 70.22 -20.26 -22.80
N GLY F 15 69.37 -19.94 -21.83
CA GLY F 15 68.03 -19.44 -22.11
C GLY F 15 66.97 -20.41 -22.59
N ARG F 16 67.09 -21.68 -22.23
CA ARG F 16 66.11 -22.67 -22.66
C ARG F 16 65.24 -23.11 -21.51
N ASN F 17 64.20 -23.86 -21.84
CA ASN F 17 63.27 -24.39 -20.84
C ASN F 17 63.24 -25.89 -21.07
N PHE F 18 64.23 -26.58 -20.51
CA PHE F 18 64.38 -28.02 -20.67
C PHE F 18 63.13 -28.86 -20.51
N GLN F 19 62.28 -28.51 -19.56
CA GLN F 19 61.07 -29.31 -19.39
C GLN F 19 60.22 -29.32 -20.66
N VAL F 20 60.21 -28.20 -21.39
CA VAL F 20 59.44 -28.11 -22.62
C VAL F 20 60.07 -29.02 -23.67
N GLU F 21 61.40 -29.01 -23.70
CA GLU F 21 62.14 -29.82 -24.64
C GLU F 21 61.90 -31.30 -24.39
N TYR F 22 61.81 -31.67 -23.12
CA TYR F 22 61.55 -33.05 -22.76
C TYR F 22 60.14 -33.43 -23.19
N ALA F 23 59.27 -32.44 -23.23
CA ALA F 23 57.89 -32.68 -23.65
C ALA F 23 57.93 -33.06 -25.13
N VAL F 24 58.77 -32.37 -25.88
CA VAL F 24 58.90 -32.64 -27.29
C VAL F 24 59.29 -34.10 -27.49
N LYS F 25 60.20 -34.60 -26.68
CA LYS F 25 60.58 -35.99 -26.81
C LYS F 25 59.35 -36.87 -26.79
N ALA F 26 58.47 -36.65 -25.83
CA ALA F 26 57.25 -37.44 -25.73
C ALA F 26 56.44 -37.37 -27.02
N VAL F 27 56.51 -36.22 -27.70
CA VAL F 27 55.79 -36.01 -28.95
C VAL F 27 56.43 -36.83 -30.09
N GLU F 28 57.74 -36.67 -30.26
CA GLU F 28 58.47 -37.38 -31.31
C GLU F 28 58.30 -38.89 -31.19
N ASN F 29 58.09 -39.34 -29.96
CA ASN F 29 57.92 -40.76 -29.69
C ASN F 29 56.54 -41.25 -30.05
N GLY F 30 55.65 -40.33 -30.41
CA GLY F 30 54.29 -40.73 -30.75
C GLY F 30 54.03 -40.95 -32.22
N THR F 31 52.85 -41.50 -32.49
CA THR F 31 52.38 -41.78 -33.85
C THR F 31 52.56 -40.56 -34.76
N THR F 32 52.63 -40.81 -36.06
CA THR F 32 52.78 -39.70 -36.99
C THR F 32 51.41 -39.23 -37.49
N SER F 33 51.29 -37.93 -37.72
CA SER F 33 50.05 -37.32 -38.20
C SER F 33 50.40 -36.09 -39.04
N ILE F 34 49.51 -35.72 -39.95
CA ILE F 34 49.80 -34.61 -40.84
C ILE F 34 48.62 -33.75 -41.20
N GLY F 35 48.91 -32.68 -41.93
CA GLY F 35 47.89 -31.77 -42.39
C GLY F 35 48.32 -31.20 -43.72
N ILE F 36 47.39 -31.18 -44.68
CA ILE F 36 47.68 -30.65 -46.01
C ILE F 36 46.67 -29.58 -46.38
N LYS F 37 47.18 -28.38 -46.63
CA LYS F 37 46.34 -27.26 -47.00
C LYS F 37 46.15 -27.30 -48.52
N CYS F 38 44.90 -27.22 -48.97
CA CYS F 38 44.64 -27.23 -50.41
C CYS F 38 44.05 -25.89 -50.84
N ASN F 39 43.62 -25.80 -52.10
CA ASN F 39 43.08 -24.55 -52.63
C ASN F 39 41.76 -24.01 -52.06
N ASP F 40 41.10 -24.78 -51.20
CA ASP F 40 39.84 -24.31 -50.60
C ASP F 40 39.49 -25.02 -49.30
N GLY F 41 40.48 -25.67 -48.69
CA GLY F 41 40.22 -26.38 -47.44
C GLY F 41 41.48 -26.99 -46.87
N VAL F 42 41.31 -28.00 -46.03
CA VAL F 42 42.46 -28.68 -45.44
C VAL F 42 42.12 -30.14 -45.18
N VAL F 43 43.16 -30.98 -45.17
CA VAL F 43 42.98 -32.40 -44.93
C VAL F 43 43.83 -32.83 -43.75
N PHE F 44 43.26 -33.69 -42.92
CA PHE F 44 43.98 -34.19 -41.76
C PHE F 44 44.01 -35.70 -41.88
N ALA F 45 45.12 -36.30 -41.47
CA ALA F 45 45.27 -37.74 -41.51
C ALA F 45 46.26 -38.15 -40.41
N VAL F 46 46.01 -39.31 -39.82
CA VAL F 46 46.87 -39.80 -38.77
C VAL F 46 47.01 -41.33 -38.81
N GLU F 47 48.14 -41.81 -38.29
CA GLU F 47 48.45 -43.23 -38.21
C GLU F 47 47.82 -43.79 -36.94
N LYS F 48 47.27 -45.00 -36.99
CA LYS F 48 46.66 -45.61 -35.82
C LYS F 48 47.18 -47.02 -35.58
N LEU F 49 48.32 -47.14 -34.91
CA LEU F 49 48.92 -48.44 -34.65
C LEU F 49 47.96 -49.52 -34.11
N ILE F 50 47.86 -50.62 -34.85
CA ILE F 50 47.00 -51.73 -34.45
C ILE F 50 47.77 -52.61 -33.48
N THR F 51 47.73 -52.26 -32.19
CA THR F 51 48.44 -53.02 -31.17
C THR F 51 48.06 -54.50 -31.20
N SER F 52 46.79 -54.78 -31.49
CA SER F 52 46.30 -56.14 -31.53
C SER F 52 45.07 -56.28 -32.41
N LYS F 53 44.61 -57.52 -32.52
CA LYS F 53 43.43 -57.84 -33.31
C LYS F 53 42.18 -57.52 -32.49
N LEU F 54 42.39 -57.23 -31.20
CA LEU F 54 41.27 -56.93 -30.31
C LEU F 54 40.73 -55.53 -30.48
N LEU F 55 41.53 -54.63 -31.06
CA LEU F 55 41.10 -53.26 -31.29
C LEU F 55 39.96 -53.22 -32.29
N VAL F 56 38.76 -52.91 -31.85
CA VAL F 56 37.63 -52.83 -32.76
C VAL F 56 38.05 -51.85 -33.86
N PRO F 57 38.04 -52.31 -35.12
CA PRO F 57 38.41 -51.43 -36.23
C PRO F 57 37.52 -50.21 -36.37
N GLN F 58 38.11 -49.12 -36.85
CA GLN F 58 37.39 -47.86 -37.07
C GLN F 58 36.79 -47.17 -35.84
N LYS F 59 36.88 -47.82 -34.68
CA LYS F 59 36.31 -47.25 -33.47
C LYS F 59 37.13 -46.20 -32.74
N ASN F 60 38.27 -46.60 -32.19
CA ASN F 60 39.11 -45.67 -31.46
C ASN F 60 39.53 -44.47 -32.32
N VAL F 61 38.65 -43.49 -32.48
CA VAL F 61 38.92 -42.31 -33.30
C VAL F 61 39.90 -41.33 -32.64
N LYS F 62 40.67 -40.63 -33.45
CA LYS F 62 41.65 -39.70 -32.91
C LYS F 62 41.41 -38.26 -33.33
N ILE F 63 41.12 -38.02 -34.60
CA ILE F 63 40.89 -36.66 -35.06
C ILE F 63 39.67 -36.11 -34.34
N GLN F 64 39.75 -34.82 -33.99
CA GLN F 64 38.65 -34.18 -33.28
C GLN F 64 38.22 -32.91 -33.95
N VAL F 65 36.96 -32.56 -33.76
CA VAL F 65 36.42 -31.35 -34.33
C VAL F 65 36.17 -30.32 -33.23
N VAL F 66 36.33 -29.06 -33.58
CA VAL F 66 36.10 -27.96 -32.66
C VAL F 66 35.02 -27.14 -33.35
N ASP F 67 33.91 -26.95 -32.66
CA ASP F 67 32.80 -26.21 -33.23
C ASP F 67 32.29 -27.04 -34.41
N ARG F 68 32.22 -26.42 -35.58
CA ARG F 68 31.72 -27.13 -36.75
C ARG F 68 32.67 -27.04 -37.95
N HIS F 69 33.67 -26.17 -37.87
CA HIS F 69 34.60 -25.96 -38.97
C HIS F 69 36.07 -26.21 -38.66
N ILE F 70 36.39 -26.59 -37.43
CA ILE F 70 37.79 -26.81 -37.08
C ILE F 70 38.10 -28.29 -36.89
N GLY F 71 39.22 -28.72 -37.47
CA GLY F 71 39.65 -30.10 -37.33
C GLY F 71 40.99 -30.13 -36.62
N CYS F 72 41.11 -31.00 -35.62
CA CYS F 72 42.36 -31.12 -34.85
C CYS F 72 42.91 -32.52 -34.74
N VAL F 73 44.21 -32.65 -35.00
CA VAL F 73 44.89 -33.93 -34.90
C VAL F 73 46.21 -33.65 -34.20
N TYR F 74 46.66 -34.61 -33.38
CA TYR F 74 47.89 -34.45 -32.63
C TYR F 74 48.69 -35.73 -32.37
N SER F 75 49.98 -35.52 -32.13
CA SER F 75 50.94 -36.59 -31.88
C SER F 75 51.51 -36.41 -30.47
N GLY F 76 51.67 -37.51 -29.75
CA GLY F 76 52.21 -37.43 -28.41
C GLY F 76 51.30 -38.09 -27.40
N LEU F 77 51.17 -37.47 -26.23
CA LEU F 77 50.32 -37.97 -25.15
C LEU F 77 48.87 -37.65 -25.48
N ILE F 78 48.15 -38.64 -26.00
CA ILE F 78 46.77 -38.45 -26.40
C ILE F 78 45.92 -37.73 -25.36
N PRO F 79 45.92 -38.20 -24.10
CA PRO F 79 45.10 -37.49 -23.12
C PRO F 79 45.35 -35.99 -23.14
N ASP F 80 46.61 -35.58 -23.18
CA ASP F 80 46.93 -34.14 -23.22
C ASP F 80 46.28 -33.46 -24.43
N GLY F 81 46.20 -34.19 -25.54
CA GLY F 81 45.62 -33.63 -26.75
C GLY F 81 44.15 -33.36 -26.57
N ARG F 82 43.44 -34.30 -25.94
CA ARG F 82 42.02 -34.12 -25.67
C ARG F 82 41.82 -32.89 -24.82
N HIS F 83 42.61 -32.80 -23.76
CA HIS F 83 42.56 -31.67 -22.84
C HIS F 83 42.64 -30.34 -23.62
N LEU F 84 43.59 -30.25 -24.53
CA LEU F 84 43.77 -29.05 -25.32
C LEU F 84 42.58 -28.76 -26.22
N VAL F 85 41.91 -29.81 -26.68
CA VAL F 85 40.73 -29.63 -27.54
C VAL F 85 39.54 -29.17 -26.71
N ASN F 86 39.37 -29.77 -25.53
CA ASN F 86 38.29 -29.37 -24.66
C ASN F 86 38.38 -27.88 -24.46
N ARG F 87 39.60 -27.41 -24.19
CA ARG F 87 39.80 -26.00 -23.98
C ARG F 87 39.41 -25.27 -25.25
N GLY F 88 40.04 -25.64 -26.36
CA GLY F 88 39.73 -25.01 -27.62
C GLY F 88 38.23 -24.96 -27.88
N ARG F 89 37.53 -26.03 -27.53
CA ARG F 89 36.09 -26.06 -27.72
C ARG F 89 35.39 -24.95 -26.94
N GLU F 90 35.80 -24.76 -25.70
CA GLU F 90 35.22 -23.72 -24.85
C GLU F 90 35.62 -22.39 -25.44
N GLU F 91 36.91 -22.29 -25.73
CA GLU F 91 37.49 -21.11 -26.28
C GLU F 91 36.68 -20.64 -27.50
N ALA F 92 36.21 -21.59 -28.29
CA ALA F 92 35.43 -21.31 -29.49
C ALA F 92 34.00 -20.88 -29.17
N ALA F 93 33.35 -21.62 -28.27
CA ALA F 93 31.98 -21.31 -27.84
C ALA F 93 31.90 -19.90 -27.28
N SER F 94 32.87 -19.58 -26.42
CA SER F 94 32.95 -18.27 -25.80
C SER F 94 33.03 -17.18 -26.88
N PHE F 95 33.88 -17.40 -27.88
CA PHE F 95 34.04 -16.45 -28.97
C PHE F 95 32.73 -16.26 -29.73
N LYS F 96 32.14 -17.37 -30.17
CA LYS F 96 30.90 -17.33 -30.92
C LYS F 96 29.79 -16.64 -30.13
N LYS F 97 29.65 -17.00 -28.87
CA LYS F 97 28.62 -16.43 -28.01
C LYS F 97 28.64 -14.91 -28.00
N LEU F 98 29.82 -14.32 -27.89
CA LEU F 98 29.92 -12.87 -27.86
C LEU F 98 29.89 -12.19 -29.23
N TYR F 99 30.57 -12.79 -30.21
CA TYR F 99 30.64 -12.19 -31.55
C TYR F 99 29.71 -12.78 -32.62
N LYS F 100 28.94 -13.79 -32.24
CA LYS F 100 27.98 -14.43 -33.14
C LYS F 100 28.62 -15.30 -34.22
N THR F 101 29.59 -14.74 -34.93
CA THR F 101 30.28 -15.47 -35.98
C THR F 101 31.21 -16.55 -35.42
N PRO F 102 31.29 -17.72 -36.08
CA PRO F 102 32.17 -18.78 -35.58
C PRO F 102 33.64 -18.33 -35.70
N ILE F 103 34.43 -18.67 -34.69
CA ILE F 103 35.83 -18.27 -34.58
C ILE F 103 36.76 -18.52 -35.77
N PRO F 104 37.41 -17.45 -36.24
CA PRO F 104 38.36 -17.47 -37.37
C PRO F 104 39.51 -18.40 -36.98
N ILE F 105 40.03 -19.13 -37.96
CA ILE F 105 41.12 -20.07 -37.69
C ILE F 105 42.32 -19.43 -36.99
N PRO F 106 42.80 -18.28 -37.50
CA PRO F 106 43.94 -17.61 -36.87
C PRO F 106 43.64 -17.29 -35.40
N ALA F 107 42.47 -16.68 -35.17
CA ALA F 107 42.03 -16.33 -33.83
C ALA F 107 42.05 -17.57 -32.95
N PHE F 108 41.56 -18.69 -33.49
CA PHE F 108 41.51 -19.95 -32.75
C PHE F 108 42.91 -20.44 -32.43
N ALA F 109 43.82 -20.25 -33.39
CA ALA F 109 45.20 -20.68 -33.23
C ALA F 109 45.82 -20.04 -32.00
N ASP F 110 45.70 -18.71 -31.90
CA ASP F 110 46.28 -17.98 -30.79
C ASP F 110 45.66 -18.38 -29.46
N ARG F 111 44.38 -18.76 -29.47
CA ARG F 111 43.70 -19.19 -28.26
C ARG F 111 44.43 -20.40 -27.71
N LEU F 112 44.66 -21.39 -28.58
CA LEU F 112 45.38 -22.58 -28.18
C LEU F 112 46.80 -22.18 -27.88
N GLY F 113 47.32 -21.27 -28.70
CA GLY F 113 48.68 -20.80 -28.52
C GLY F 113 48.89 -20.28 -27.13
N GLN F 114 48.19 -19.20 -26.80
CA GLN F 114 48.28 -18.57 -25.48
C GLN F 114 48.09 -19.56 -24.33
N TYR F 115 47.12 -20.47 -24.47
CA TYR F 115 46.85 -21.45 -23.42
C TYR F 115 48.03 -22.39 -23.18
N VAL F 116 48.64 -22.85 -24.28
CA VAL F 116 49.78 -23.77 -24.18
C VAL F 116 51.00 -23.05 -23.63
N GLN F 117 51.25 -21.86 -24.14
CA GLN F 117 52.37 -21.05 -23.68
C GLN F 117 52.23 -20.85 -22.17
N ALA F 118 50.98 -20.73 -21.71
CA ALA F 118 50.69 -20.55 -20.31
C ALA F 118 51.29 -21.67 -19.46
N HIS F 119 51.27 -22.90 -19.99
CA HIS F 119 51.79 -24.04 -19.25
C HIS F 119 53.32 -24.16 -19.27
N THR F 120 53.99 -23.06 -19.52
CA THR F 120 55.46 -23.05 -19.53
C THR F 120 55.92 -21.92 -18.62
N LEU F 121 54.97 -21.26 -17.98
CA LEU F 121 55.24 -20.12 -17.12
C LEU F 121 55.40 -20.45 -15.63
N TYR F 122 54.80 -21.54 -15.18
CA TYR F 122 54.85 -21.92 -13.76
C TYR F 122 55.40 -23.32 -13.59
N ASN F 123 55.95 -23.61 -12.41
CA ASN F 123 56.51 -24.94 -12.13
C ASN F 123 55.49 -25.84 -11.49
N SER F 124 54.26 -25.37 -11.42
CA SER F 124 53.17 -26.12 -10.81
C SER F 124 52.35 -26.83 -11.88
N VAL F 125 52.77 -26.69 -13.12
CA VAL F 125 52.10 -27.37 -14.23
C VAL F 125 53.13 -27.97 -15.17
N ARG F 126 52.71 -28.99 -15.88
CA ARG F 126 53.58 -29.68 -16.83
C ARG F 126 53.25 -29.16 -18.23
N PRO F 127 54.27 -29.07 -19.12
CA PRO F 127 53.93 -28.58 -20.46
C PRO F 127 53.11 -29.65 -21.19
N PHE F 128 52.49 -29.28 -22.30
CA PHE F 128 51.71 -30.24 -23.07
C PHE F 128 52.59 -31.25 -23.81
N GLY F 129 52.23 -32.53 -23.69
CA GLY F 129 53.00 -33.57 -24.36
C GLY F 129 52.48 -33.88 -25.75
N VAL F 130 52.11 -32.84 -26.49
CA VAL F 130 51.60 -33.03 -27.85
C VAL F 130 51.93 -31.86 -28.77
N SER F 131 51.99 -32.17 -30.06
CA SER F 131 52.19 -31.18 -31.09
C SER F 131 50.85 -31.35 -31.79
N THR F 132 50.21 -30.24 -32.14
CA THR F 132 48.90 -30.33 -32.75
C THR F 132 48.80 -29.66 -34.11
N ILE F 133 48.13 -30.35 -35.02
CA ILE F 133 47.90 -29.84 -36.36
C ILE F 133 46.38 -29.67 -36.42
N PHE F 134 45.96 -28.45 -36.76
CA PHE F 134 44.55 -28.12 -36.81
C PHE F 134 44.33 -27.03 -37.86
N GLY F 135 43.08 -26.85 -38.25
CA GLY F 135 42.77 -25.84 -39.25
C GLY F 135 41.32 -25.94 -39.69
N GLY F 136 40.98 -25.12 -40.68
CA GLY F 136 39.62 -25.12 -41.19
C GLY F 136 39.45 -24.03 -42.23
N VAL F 137 38.20 -23.72 -42.55
CA VAL F 137 37.86 -22.69 -43.53
C VAL F 137 37.07 -21.59 -42.86
N ASP F 138 37.41 -20.33 -43.14
CA ASP F 138 36.68 -19.25 -42.52
C ASP F 138 36.40 -18.12 -43.49
N LYS F 139 35.87 -17.02 -42.95
CA LYS F 139 35.51 -15.82 -43.71
C LYS F 139 36.47 -15.52 -44.87
N ASN F 140 37.73 -15.93 -44.76
CA ASN F 140 38.65 -15.68 -45.85
C ASN F 140 39.71 -16.74 -46.06
N GLY F 141 39.28 -17.87 -46.60
CA GLY F 141 40.20 -18.94 -46.90
C GLY F 141 40.29 -20.09 -45.95
N ALA F 142 41.28 -20.93 -46.22
CA ALA F 142 41.56 -22.10 -45.41
C ALA F 142 42.87 -21.81 -44.71
N HIS F 143 43.04 -22.37 -43.51
CA HIS F 143 44.25 -22.16 -42.75
C HIS F 143 44.70 -23.45 -42.09
N LEU F 144 45.99 -23.72 -42.17
CA LEU F 144 46.57 -24.91 -41.56
C LEU F 144 47.58 -24.46 -40.50
N TYR F 145 47.52 -25.08 -39.33
CA TYR F 145 48.42 -24.72 -38.24
C TYR F 145 49.01 -25.92 -37.53
N MET F 146 50.15 -25.66 -36.88
CA MET F 146 50.81 -26.66 -36.07
C MET F 146 51.30 -25.95 -34.81
N LEU F 147 51.03 -26.55 -33.66
CA LEU F 147 51.38 -25.98 -32.38
C LEU F 147 52.34 -26.87 -31.62
N GLU F 148 53.41 -26.27 -31.11
CA GLU F 148 54.43 -26.99 -30.36
C GLU F 148 54.18 -26.88 -28.85
N PRO F 149 54.75 -27.82 -28.06
CA PRO F 149 54.55 -27.77 -26.61
C PRO F 149 54.97 -26.41 -26.05
N SER F 150 55.90 -25.76 -26.73
CA SER F 150 56.39 -24.45 -26.31
C SER F 150 55.30 -23.39 -26.49
N GLY F 151 54.24 -23.77 -27.20
CA GLY F 151 53.17 -22.82 -27.45
C GLY F 151 53.38 -22.13 -28.79
N SER F 152 54.55 -22.36 -29.38
CA SER F 152 54.87 -21.79 -30.68
C SER F 152 54.00 -22.45 -31.76
N TYR F 153 53.62 -21.66 -32.77
CA TYR F 153 52.80 -22.16 -33.86
C TYR F 153 52.92 -21.22 -35.06
N TRP F 154 52.74 -21.77 -36.26
CA TRP F 154 52.80 -20.99 -37.48
C TRP F 154 51.81 -21.54 -38.51
N GLY F 155 51.59 -20.78 -39.57
CA GLY F 155 50.70 -21.20 -40.64
C GLY F 155 51.48 -22.07 -41.60
N TYR F 156 50.88 -23.17 -42.04
CA TYR F 156 51.58 -24.06 -42.95
C TYR F 156 50.84 -24.40 -44.22
N LYS F 157 51.61 -24.84 -45.21
CA LYS F 157 51.08 -25.29 -46.50
C LYS F 157 50.87 -26.78 -46.27
N GLY F 158 51.83 -27.38 -45.56
CA GLY F 158 51.77 -28.77 -45.22
C GLY F 158 52.49 -28.88 -43.90
N ALA F 159 52.06 -29.81 -43.05
CA ALA F 159 52.68 -29.98 -41.75
C ALA F 159 52.59 -31.41 -41.29
N ALA F 160 53.55 -31.80 -40.48
CA ALA F 160 53.58 -33.16 -39.97
C ALA F 160 54.38 -33.23 -38.68
N THR F 161 54.03 -34.20 -37.86
CA THR F 161 54.69 -34.41 -36.59
C THR F 161 54.57 -35.87 -36.20
N GLY F 162 55.37 -36.29 -35.23
CA GLY F 162 55.33 -37.68 -34.80
C GLY F 162 56.52 -38.47 -35.32
N LYS F 163 56.47 -39.78 -35.08
CA LYS F 163 57.51 -40.71 -35.50
C LYS F 163 58.11 -40.46 -36.89
N GLY F 164 57.26 -40.35 -37.91
CA GLY F 164 57.77 -40.15 -39.26
C GLY F 164 57.60 -38.75 -39.82
N ARG F 165 57.80 -37.74 -38.98
CA ARG F 165 57.64 -36.37 -39.43
C ARG F 165 58.57 -36.02 -40.60
N GLN F 166 59.73 -36.67 -40.65
CA GLN F 166 60.72 -36.41 -41.71
C GLN F 166 60.30 -36.98 -43.06
N SER F 167 59.83 -38.24 -43.06
CA SER F 167 59.37 -38.88 -44.29
C SER F 167 58.28 -37.96 -44.82
N ALA F 168 57.30 -37.68 -43.95
CA ALA F 168 56.19 -36.84 -44.27
C ALA F 168 56.70 -35.52 -44.84
N LYS F 169 57.35 -34.72 -44.00
CA LYS F 169 57.87 -33.42 -44.43
C LYS F 169 58.56 -33.52 -45.79
N ALA F 170 59.31 -34.60 -46.00
CA ALA F 170 60.00 -34.81 -47.26
C ALA F 170 58.95 -34.80 -48.36
N GLU F 171 57.97 -35.68 -48.23
CA GLU F 171 56.88 -35.80 -49.19
C GLU F 171 56.17 -34.46 -49.38
N LEU F 172 55.76 -33.86 -48.26
CA LEU F 172 55.08 -32.58 -48.30
C LEU F 172 55.85 -31.56 -49.14
N GLU F 173 57.15 -31.46 -48.90
CA GLU F 173 57.97 -30.51 -49.64
C GLU F 173 57.90 -30.76 -51.14
N LYS F 174 57.82 -32.02 -51.54
CA LYS F 174 57.72 -32.38 -52.96
C LYS F 174 56.45 -31.76 -53.48
N LEU F 175 55.33 -32.09 -52.84
CA LEU F 175 54.03 -31.58 -53.21
C LEU F 175 54.05 -30.08 -53.40
N VAL F 176 54.57 -29.37 -52.41
CA VAL F 176 54.63 -27.91 -52.47
C VAL F 176 55.29 -27.42 -53.76
N ASP F 177 56.37 -28.09 -54.16
CA ASP F 177 57.10 -27.74 -55.37
C ASP F 177 56.37 -28.15 -56.65
N HIS F 178 55.87 -29.38 -56.68
CA HIS F 178 55.18 -29.89 -57.85
C HIS F 178 53.72 -29.44 -57.99
N HIS F 179 53.32 -28.42 -57.24
CA HIS F 179 51.94 -27.92 -57.31
C HIS F 179 51.88 -26.47 -56.88
N PRO F 180 52.61 -25.59 -57.57
CA PRO F 180 52.62 -24.16 -57.23
C PRO F 180 51.28 -23.47 -57.48
N GLU F 181 50.36 -24.17 -58.12
CA GLU F 181 49.04 -23.63 -58.41
C GLU F 181 48.03 -23.98 -57.32
N GLY F 182 48.32 -25.04 -56.56
CA GLY F 182 47.42 -25.44 -55.49
C GLY F 182 46.79 -26.80 -55.71
N LEU F 183 46.85 -27.63 -54.68
CA LEU F 183 46.29 -28.98 -54.73
C LEU F 183 44.76 -28.87 -54.58
N SER F 184 44.05 -29.97 -54.77
CA SER F 184 42.60 -29.93 -54.62
C SER F 184 42.19 -30.81 -53.45
N ALA F 185 41.02 -30.54 -52.90
CA ALA F 185 40.53 -31.30 -51.77
C ALA F 185 40.57 -32.80 -52.06
N ARG F 186 40.01 -33.19 -53.20
CA ARG F 186 39.98 -34.59 -53.63
C ARG F 186 41.40 -35.13 -53.72
N GLU F 187 42.29 -34.35 -54.33
CA GLU F 187 43.68 -34.74 -54.49
C GLU F 187 44.36 -34.95 -53.14
N ALA F 188 44.36 -33.90 -52.32
CA ALA F 188 44.97 -33.92 -51.00
C ALA F 188 44.55 -35.14 -50.16
N VAL F 189 43.29 -35.51 -50.23
CA VAL F 189 42.80 -36.65 -49.47
C VAL F 189 43.59 -37.92 -49.78
N LYS F 190 43.91 -38.14 -51.05
CA LYS F 190 44.67 -39.31 -51.48
C LYS F 190 46.14 -39.12 -51.09
N GLN F 191 46.67 -37.97 -51.51
CA GLN F 191 48.04 -37.61 -51.23
C GLN F 191 48.36 -37.84 -49.77
N ALA F 192 47.42 -37.45 -48.92
CA ALA F 192 47.56 -37.60 -47.47
C ALA F 192 47.68 -39.08 -47.12
N ALA F 193 46.73 -39.88 -47.60
CA ALA F 193 46.72 -41.32 -47.35
C ALA F 193 48.07 -41.93 -47.73
N LYS F 194 48.67 -41.42 -48.80
CA LYS F 194 49.97 -41.91 -49.24
C LYS F 194 51.02 -41.56 -48.21
N ILE F 195 51.17 -40.27 -47.96
CA ILE F 195 52.17 -39.79 -47.00
C ILE F 195 52.08 -40.51 -45.67
N ILE F 196 50.89 -40.90 -45.24
CA ILE F 196 50.81 -41.62 -43.98
C ILE F 196 51.44 -42.99 -44.18
N TYR F 197 51.12 -43.63 -45.32
CA TYR F 197 51.66 -44.93 -45.65
C TYR F 197 53.18 -44.92 -45.73
N LEU F 198 53.74 -43.93 -46.41
CA LEU F 198 55.19 -43.81 -46.52
C LEU F 198 55.77 -43.62 -45.13
N ALA F 199 55.34 -42.55 -44.45
CA ALA F 199 55.81 -42.25 -43.11
C ALA F 199 55.57 -43.37 -42.12
N HIS F 200 54.87 -44.42 -42.53
CA HIS F 200 54.62 -45.54 -41.63
C HIS F 200 55.81 -46.48 -41.57
N GLU F 201 56.76 -46.30 -42.47
CA GLU F 201 57.96 -47.14 -42.52
C GLU F 201 58.80 -47.06 -41.25
N ASP F 202 58.81 -45.89 -40.61
CA ASP F 202 59.57 -45.67 -39.39
C ASP F 202 58.85 -46.30 -38.22
N ASN F 203 58.03 -47.30 -38.53
CA ASN F 203 57.25 -48.01 -37.51
C ASN F 203 56.68 -49.26 -38.19
N LYS F 204 57.17 -49.54 -39.38
CA LYS F 204 56.75 -50.67 -40.21
C LYS F 204 56.54 -51.99 -39.47
N GLU F 205 57.03 -52.06 -38.24
CA GLU F 205 56.89 -53.28 -37.44
C GLU F 205 55.43 -53.63 -37.11
N LYS F 206 54.66 -52.64 -36.68
CA LYS F 206 53.25 -52.86 -36.33
C LYS F 206 52.33 -52.46 -37.47
N ASP F 207 51.17 -53.10 -37.54
CA ASP F 207 50.20 -52.78 -38.58
C ASP F 207 49.41 -51.57 -38.09
N PHE F 208 48.94 -50.75 -39.01
CA PHE F 208 48.19 -49.56 -38.63
C PHE F 208 46.84 -49.41 -39.31
N GLU F 209 46.10 -48.39 -38.90
CA GLU F 209 44.78 -48.10 -39.46
C GLU F 209 44.78 -46.63 -39.87
N LEU F 210 44.34 -46.37 -41.10
CA LEU F 210 44.31 -45.00 -41.59
C LEU F 210 43.08 -44.24 -41.13
N GLU F 211 43.23 -42.92 -41.01
CA GLU F 211 42.15 -42.04 -40.60
C GLU F 211 42.35 -40.66 -41.22
N ILE F 212 41.34 -40.22 -41.97
CA ILE F 212 41.42 -38.94 -42.65
C ILE F 212 40.15 -38.14 -42.39
N SER F 213 40.28 -36.83 -42.51
CA SER F 213 39.16 -35.91 -42.34
C SER F 213 39.52 -34.69 -43.16
N TRP F 214 38.51 -33.90 -43.50
CA TRP F 214 38.76 -32.73 -44.31
C TRP F 214 37.70 -31.65 -44.15
N CYS F 215 38.08 -30.45 -44.58
CA CYS F 215 37.23 -29.29 -44.53
C CYS F 215 37.50 -28.53 -45.82
N SER F 216 36.58 -28.61 -46.76
CA SER F 216 36.72 -27.93 -48.05
C SER F 216 35.49 -27.08 -48.35
N LEU F 217 35.72 -25.82 -48.69
CA LEU F 217 34.65 -24.90 -49.00
C LEU F 217 33.67 -25.46 -50.01
N SER F 218 34.16 -26.32 -50.91
CA SER F 218 33.29 -26.90 -51.93
C SER F 218 32.88 -28.34 -51.62
N GLU F 219 33.85 -29.19 -51.26
CA GLU F 219 33.56 -30.59 -50.96
C GLU F 219 32.78 -30.88 -49.69
N THR F 220 32.84 -29.99 -48.71
CA THR F 220 32.12 -30.18 -47.44
C THR F 220 31.35 -28.95 -47.00
N ASN F 221 31.34 -27.92 -47.85
CA ASN F 221 30.64 -26.69 -47.54
C ASN F 221 31.29 -25.93 -46.40
N GLY F 222 32.59 -26.12 -46.23
CA GLY F 222 33.31 -25.42 -45.17
C GLY F 222 33.21 -26.08 -43.81
N LEU F 223 32.57 -27.24 -43.74
CA LEU F 223 32.42 -27.96 -42.48
C LEU F 223 33.39 -29.11 -42.38
N HIS F 224 33.82 -29.42 -41.16
CA HIS F 224 34.74 -30.52 -40.95
C HIS F 224 33.97 -31.81 -40.99
N LYS F 225 34.44 -32.76 -41.79
CA LYS F 225 33.80 -34.05 -41.90
C LYS F 225 34.87 -35.12 -42.07
N PHE F 226 34.57 -36.33 -41.59
CA PHE F 226 35.51 -37.44 -41.70
C PHE F 226 35.37 -38.14 -43.04
N VAL F 227 36.48 -38.64 -43.56
CA VAL F 227 36.46 -39.35 -44.83
C VAL F 227 36.10 -40.80 -44.52
N LYS F 228 34.97 -41.26 -45.07
CA LYS F 228 34.51 -42.62 -44.81
C LYS F 228 34.24 -43.43 -46.10
N GLY F 229 33.90 -44.70 -45.90
CA GLY F 229 33.58 -45.60 -46.99
C GLY F 229 34.39 -45.50 -48.28
N ASP F 230 33.66 -45.39 -49.39
CA ASP F 230 34.25 -45.30 -50.72
C ASP F 230 35.42 -44.34 -50.88
N LEU F 231 35.20 -43.06 -50.57
CA LEU F 231 36.27 -42.07 -50.71
C LEU F 231 37.49 -42.43 -49.86
N LEU F 232 37.26 -43.16 -48.78
CA LEU F 232 38.36 -43.58 -47.91
C LEU F 232 39.12 -44.71 -48.60
N GLN F 233 38.38 -45.71 -49.08
CA GLN F 233 38.99 -46.85 -49.77
C GLN F 233 39.77 -46.39 -50.99
N GLU F 234 39.13 -45.52 -51.78
CA GLU F 234 39.76 -44.95 -52.96
C GLU F 234 41.12 -44.36 -52.64
N ALA F 235 41.22 -43.68 -51.50
CA ALA F 235 42.48 -43.07 -51.07
C ALA F 235 43.43 -44.12 -50.49
N ILE F 236 42.87 -45.10 -49.79
CA ILE F 236 43.68 -46.17 -49.21
C ILE F 236 44.40 -46.92 -50.31
N ASP F 237 43.70 -47.14 -51.41
CA ASP F 237 44.26 -47.83 -52.56
C ASP F 237 45.31 -46.98 -53.25
N PHE F 238 44.96 -45.72 -53.53
CA PHE F 238 45.89 -44.80 -54.19
C PHE F 238 47.25 -44.87 -53.51
N ALA F 239 47.26 -45.15 -52.21
CA ALA F 239 48.51 -45.25 -51.46
C ALA F 239 49.05 -46.66 -51.63
N GLN F 240 48.23 -47.66 -51.30
CA GLN F 240 48.61 -49.07 -51.43
C GLN F 240 49.28 -49.34 -52.77
N LYS F 241 48.87 -48.58 -53.78
CA LYS F 241 49.40 -48.73 -55.11
C LYS F 241 50.81 -48.16 -55.25
N GLU F 242 51.00 -46.92 -54.80
CA GLU F 242 52.31 -46.26 -54.90
C GLU F 242 53.29 -46.63 -53.81
N ILE F 243 52.88 -47.52 -52.91
CA ILE F 243 53.77 -47.97 -51.85
C ILE F 243 54.63 -49.05 -52.50
N ASN F 244 54.24 -49.45 -53.71
CA ASN F 244 54.94 -50.48 -54.48
C ASN F 244 55.29 -49.96 -55.87
N ALA G 1 70.60 -23.44 -1.48
CA ALA G 1 71.73 -22.53 -1.85
C ALA G 1 71.80 -22.32 -3.36
N GLY G 2 72.40 -23.29 -4.07
CA GLY G 2 72.53 -23.21 -5.52
C GLY G 2 71.23 -23.00 -6.29
N TYR G 3 70.12 -22.87 -5.57
CA TYR G 3 68.83 -22.65 -6.19
C TYR G 3 68.64 -21.20 -6.55
N ASP G 4 69.62 -20.37 -6.18
CA ASP G 4 69.53 -18.96 -6.49
C ASP G 4 69.78 -18.75 -7.97
N ARG G 5 69.85 -19.85 -8.70
CA ARG G 5 70.05 -19.79 -10.14
C ARG G 5 68.82 -20.31 -10.86
N HIS G 6 67.85 -20.83 -10.11
CA HIS G 6 66.62 -21.34 -10.69
C HIS G 6 65.43 -20.41 -10.52
N ILE G 7 65.35 -19.79 -9.35
CA ILE G 7 64.26 -18.87 -9.07
C ILE G 7 64.80 -17.44 -8.95
N THR G 8 63.90 -16.47 -9.00
CA THR G 8 64.31 -15.08 -8.93
C THR G 8 64.68 -14.49 -7.57
N ILE G 9 65.77 -15.00 -6.98
CA ILE G 9 66.27 -14.47 -5.72
C ILE G 9 67.72 -14.06 -5.94
N PHE G 10 68.22 -13.18 -5.08
CA PHE G 10 69.57 -12.67 -5.23
C PHE G 10 70.66 -13.71 -5.02
N SER G 11 71.72 -13.59 -5.81
CA SER G 11 72.89 -14.47 -5.67
C SER G 11 73.78 -13.65 -4.75
N PRO G 12 74.77 -14.27 -4.11
CA PRO G 12 75.65 -13.51 -3.21
C PRO G 12 76.21 -12.23 -3.82
N GLU G 13 76.40 -12.21 -5.14
CA GLU G 13 76.94 -11.03 -5.82
C GLU G 13 75.85 -9.99 -6.04
N GLY G 14 74.61 -10.34 -5.67
CA GLY G 14 73.49 -9.43 -5.84
C GLY G 14 72.86 -9.49 -7.23
N ARG G 15 73.06 -10.61 -7.91
CA ARG G 15 72.53 -10.79 -9.25
C ARG G 15 71.32 -11.71 -9.32
N LEU G 16 70.59 -11.60 -10.42
CA LEU G 16 69.42 -12.42 -10.64
C LEU G 16 69.61 -13.20 -11.94
N TYR G 17 70.25 -14.36 -11.81
CA TYR G 17 70.56 -15.20 -12.96
C TYR G 17 69.41 -15.50 -13.88
N GLN G 18 68.24 -15.80 -13.32
CA GLN G 18 67.09 -16.10 -14.15
C GLN G 18 66.74 -14.96 -15.08
N VAL G 19 66.98 -13.73 -14.65
CA VAL G 19 66.69 -12.60 -15.50
C VAL G 19 67.77 -12.53 -16.59
N GLU G 20 68.99 -12.83 -16.19
CA GLU G 20 70.12 -12.81 -17.12
C GLU G 20 69.92 -13.86 -18.20
N TYR G 21 69.47 -15.04 -17.79
CA TYR G 21 69.24 -16.13 -18.71
C TYR G 21 68.04 -15.81 -19.59
N ALA G 22 67.10 -15.05 -19.04
CA ALA G 22 65.91 -14.68 -19.79
C ALA G 22 66.39 -13.83 -20.96
N PHE G 23 67.37 -12.97 -20.69
CA PHE G 23 67.96 -12.10 -21.71
C PHE G 23 68.56 -12.96 -22.80
N LYS G 24 69.22 -14.04 -22.40
CA LYS G 24 69.84 -14.94 -23.35
C LYS G 24 68.81 -15.44 -24.35
N ALA G 25 67.63 -15.79 -23.86
CA ALA G 25 66.57 -16.29 -24.73
C ALA G 25 66.16 -15.32 -25.83
N THR G 26 66.30 -14.01 -25.58
CA THR G 26 65.92 -13.00 -26.55
C THR G 26 66.69 -13.04 -27.88
N ASN G 27 67.76 -13.81 -27.92
CA ASN G 27 68.53 -13.92 -29.16
C ASN G 27 68.29 -15.24 -29.85
N GLN G 28 67.47 -16.08 -29.25
CA GLN G 28 67.17 -17.39 -29.79
C GLN G 28 66.69 -17.43 -31.24
N THR G 29 65.96 -16.40 -31.67
CA THR G 29 65.44 -16.36 -33.06
C THR G 29 66.46 -15.82 -34.06
N ASN G 30 67.60 -15.37 -33.55
CA ASN G 30 68.67 -14.86 -34.38
C ASN G 30 68.23 -13.77 -35.37
N ILE G 31 67.31 -12.91 -34.93
CA ILE G 31 66.82 -11.84 -35.77
C ILE G 31 67.27 -10.48 -35.25
N ASN G 32 67.52 -9.58 -36.18
CA ASN G 32 67.94 -8.23 -35.81
C ASN G 32 66.86 -7.25 -36.24
N SER G 33 66.70 -6.19 -35.47
CA SER G 33 65.71 -5.18 -35.80
C SER G 33 66.24 -3.84 -35.32
N LEU G 34 65.70 -2.78 -35.90
CA LEU G 34 66.11 -1.44 -35.52
C LEU G 34 64.98 -0.48 -35.79
N ALA G 35 64.97 0.62 -35.06
CA ALA G 35 63.94 1.62 -35.21
C ALA G 35 64.59 2.99 -35.28
N VAL G 36 64.05 3.85 -36.12
CA VAL G 36 64.57 5.20 -36.26
C VAL G 36 63.41 6.16 -36.31
N ARG G 37 63.69 7.40 -35.95
CA ARG G 37 62.65 8.40 -35.97
C ARG G 37 62.74 9.35 -37.15
N GLY G 38 61.61 9.53 -37.81
CA GLY G 38 61.53 10.42 -38.94
C GLY G 38 61.30 11.81 -38.40
N LYS G 39 60.81 12.70 -39.25
CA LYS G 39 60.53 14.08 -38.86
C LYS G 39 59.16 14.05 -38.20
N ASP G 40 58.30 13.18 -38.71
CA ASP G 40 56.94 13.04 -38.20
C ASP G 40 56.45 11.59 -38.37
N CYS G 41 57.33 10.64 -38.13
CA CYS G 41 56.98 9.22 -38.23
C CYS G 41 58.04 8.41 -37.50
N THR G 42 57.81 7.11 -37.37
CA THR G 42 58.75 6.23 -36.72
C THR G 42 58.75 4.94 -37.51
N VAL G 43 59.94 4.42 -37.79
CA VAL G 43 60.07 3.20 -38.58
C VAL G 43 60.82 2.10 -37.89
N VAL G 44 60.35 0.87 -38.08
CA VAL G 44 61.00 -0.28 -37.49
C VAL G 44 61.22 -1.33 -38.56
N ILE G 45 62.47 -1.77 -38.66
CA ILE G 45 62.88 -2.79 -39.61
C ILE G 45 63.25 -4.02 -38.79
N SER G 46 62.96 -5.20 -39.34
CA SER G 46 63.29 -6.42 -38.64
C SER G 46 63.49 -7.51 -39.66
N GLN G 47 64.55 -8.28 -39.47
CA GLN G 47 64.84 -9.37 -40.37
C GLN G 47 63.73 -10.39 -40.27
N LYS G 48 63.35 -10.93 -41.42
CA LYS G 48 62.31 -11.93 -41.48
C LYS G 48 62.99 -13.19 -42.03
N LYS G 49 63.03 -14.25 -41.26
CA LYS G 49 63.66 -15.46 -41.73
C LYS G 49 62.70 -16.63 -41.71
N VAL G 50 62.42 -17.18 -42.88
CA VAL G 50 61.52 -18.31 -43.02
C VAL G 50 62.29 -19.52 -43.56
N PRO G 51 62.76 -20.39 -42.65
CA PRO G 51 63.53 -21.60 -43.01
C PRO G 51 62.75 -22.69 -43.75
N ASP G 52 61.66 -23.16 -43.15
CA ASP G 52 60.84 -24.22 -43.75
C ASP G 52 60.06 -23.77 -45.00
N LYS G 53 59.97 -24.67 -45.99
CA LYS G 53 59.25 -24.39 -47.22
C LYS G 53 57.76 -24.67 -47.02
N LEU G 54 57.46 -25.47 -46.00
CA LEU G 54 56.09 -25.83 -45.66
C LEU G 54 55.35 -24.72 -44.92
N LEU G 55 56.09 -23.71 -44.49
CA LEU G 55 55.51 -22.59 -43.78
C LEU G 55 54.79 -21.60 -44.67
N ASP G 56 53.71 -21.05 -44.14
CA ASP G 56 52.96 -20.04 -44.83
C ASP G 56 53.68 -18.76 -44.40
N PRO G 57 54.56 -18.23 -45.26
CA PRO G 57 55.34 -17.02 -45.00
C PRO G 57 54.58 -15.84 -44.43
N THR G 58 53.30 -15.73 -44.77
CA THR G 58 52.48 -14.62 -44.31
C THR G 58 52.07 -14.69 -42.84
N THR G 59 52.35 -15.81 -42.18
CA THR G 59 52.01 -15.97 -40.78
C THR G 59 53.24 -15.82 -39.87
N VAL G 60 54.40 -15.62 -40.48
CA VAL G 60 55.64 -15.47 -39.72
C VAL G 60 55.97 -13.99 -39.51
N SER G 61 55.73 -13.50 -38.31
CA SER G 61 56.03 -12.10 -38.00
C SER G 61 56.35 -11.87 -36.53
N TYR G 62 57.19 -10.87 -36.28
CA TYR G 62 57.56 -10.51 -34.92
C TYR G 62 57.22 -9.02 -34.72
N ILE G 63 56.38 -8.50 -35.61
CA ILE G 63 55.93 -7.12 -35.53
C ILE G 63 54.44 -7.17 -35.26
N PHE G 64 53.98 -6.40 -34.27
CA PHE G 64 52.56 -6.37 -33.89
C PHE G 64 51.92 -5.00 -33.85
N CYS G 65 50.63 -4.97 -34.15
CA CYS G 65 49.85 -3.74 -34.08
C CYS G 65 49.14 -3.81 -32.74
N ILE G 66 49.61 -3.01 -31.79
CA ILE G 66 49.02 -3.01 -30.46
C ILE G 66 47.74 -2.20 -30.43
N SER G 67 47.74 -1.06 -31.11
CA SER G 67 46.56 -0.21 -31.16
C SER G 67 46.62 0.60 -32.43
N ARG G 68 45.55 1.33 -32.72
CA ARG G 68 45.49 2.16 -33.92
C ARG G 68 46.77 2.98 -34.07
N THR G 69 47.38 3.34 -32.96
CA THR G 69 48.60 4.16 -32.97
C THR G 69 49.91 3.52 -32.53
N ILE G 70 49.83 2.42 -31.80
CA ILE G 70 51.05 1.79 -31.32
C ILE G 70 51.46 0.51 -32.02
N GLY G 71 52.73 0.46 -32.37
CA GLY G 71 53.30 -0.72 -33.00
C GLY G 71 54.41 -1.25 -32.12
N MET G 72 54.49 -2.57 -31.99
CA MET G 72 55.50 -3.18 -31.16
C MET G 72 56.19 -4.33 -31.87
N VAL G 73 57.52 -4.34 -31.83
CA VAL G 73 58.32 -5.40 -32.45
C VAL G 73 59.00 -6.14 -31.32
N VAL G 74 59.04 -7.47 -31.43
CA VAL G 74 59.62 -8.30 -30.39
C VAL G 74 60.91 -9.01 -30.81
N ASN G 75 61.82 -9.16 -29.86
CA ASN G 75 63.06 -9.90 -30.09
C ASN G 75 63.04 -11.03 -29.07
N GLY G 76 62.77 -12.24 -29.53
CA GLY G 76 62.72 -13.39 -28.65
C GLY G 76 61.77 -14.42 -29.20
N PRO G 77 61.61 -15.56 -28.52
CA PRO G 77 60.71 -16.63 -28.96
C PRO G 77 59.34 -16.08 -29.31
N ILE G 78 58.63 -16.76 -30.20
CA ILE G 78 57.32 -16.28 -30.62
C ILE G 78 56.22 -16.49 -29.56
N PRO G 79 56.22 -17.64 -28.86
CA PRO G 79 55.14 -17.78 -27.86
C PRO G 79 55.17 -16.67 -26.79
N ASP G 80 56.36 -16.33 -26.29
CA ASP G 80 56.47 -15.25 -25.30
C ASP G 80 56.10 -13.92 -25.96
N ALA G 81 56.52 -13.74 -27.20
CA ALA G 81 56.24 -12.51 -27.93
C ALA G 81 54.74 -12.30 -28.08
N ARG G 82 54.01 -13.37 -28.38
CA ARG G 82 52.58 -13.27 -28.56
C ARG G 82 51.86 -13.01 -27.23
N ASN G 83 52.42 -13.59 -26.17
CA ASN G 83 51.90 -13.41 -24.82
C ASN G 83 51.98 -11.92 -24.49
N ALA G 84 53.16 -11.34 -24.70
CA ALA G 84 53.41 -9.92 -24.44
C ALA G 84 52.55 -8.99 -25.30
N ALA G 85 52.33 -9.41 -26.54
CA ALA G 85 51.54 -8.63 -27.48
C ALA G 85 50.09 -8.58 -27.02
N LEU G 86 49.50 -9.73 -26.73
CA LEU G 86 48.11 -9.81 -26.29
C LEU G 86 47.91 -8.95 -25.05
N ARG G 87 48.84 -9.05 -24.12
CA ARG G 87 48.73 -8.26 -22.91
C ARG G 87 48.78 -6.78 -23.25
N ALA G 88 49.72 -6.40 -24.11
CA ALA G 88 49.87 -5.00 -24.51
C ALA G 88 48.61 -4.47 -25.16
N LYS G 89 47.99 -5.28 -26.00
CA LYS G 89 46.75 -4.88 -26.66
C LYS G 89 45.66 -4.66 -25.62
N ALA G 90 45.48 -5.67 -24.78
CA ALA G 90 44.48 -5.62 -23.72
C ALA G 90 44.71 -4.35 -22.90
N GLU G 91 45.94 -4.17 -22.44
CA GLU G 91 46.30 -3.00 -21.65
C GLU G 91 45.99 -1.69 -22.34
N ALA G 92 46.21 -1.63 -23.65
CA ALA G 92 45.96 -0.40 -24.38
C ALA G 92 44.47 -0.09 -24.56
N ALA G 93 43.68 -1.14 -24.73
CA ALA G 93 42.25 -0.98 -24.91
C ALA G 93 41.64 -0.47 -23.63
N GLU G 94 42.00 -1.10 -22.52
CA GLU G 94 41.46 -0.70 -21.23
C GLU G 94 41.86 0.72 -20.89
N PHE G 95 43.10 1.10 -21.19
CA PHE G 95 43.52 2.46 -20.88
C PHE G 95 42.58 3.47 -21.52
N ARG G 96 42.36 3.32 -22.82
CA ARG G 96 41.48 4.22 -23.56
C ARG G 96 40.09 4.30 -22.94
N TYR G 97 39.57 3.13 -22.58
CA TYR G 97 38.26 3.01 -21.96
C TYR G 97 38.14 3.75 -20.63
N LYS G 98 39.11 3.53 -19.76
CA LYS G 98 39.11 4.16 -18.46
C LYS G 98 39.48 5.64 -18.42
N TYR G 99 40.39 6.05 -19.31
CA TYR G 99 40.87 7.44 -19.31
C TYR G 99 40.42 8.36 -20.44
N GLY G 100 39.73 7.82 -21.43
CA GLY G 100 39.21 8.64 -22.51
C GLY G 100 40.13 9.14 -23.60
N TYR G 101 41.32 8.56 -23.69
CA TYR G 101 42.27 8.93 -24.73
C TYR G 101 43.22 7.79 -24.93
N ASP G 102 43.80 7.73 -26.12
CA ASP G 102 44.73 6.68 -26.50
C ASP G 102 45.99 6.59 -25.64
N MET G 103 46.27 5.37 -25.18
CA MET G 103 47.44 5.13 -24.36
C MET G 103 48.70 5.53 -25.11
N PRO G 104 49.52 6.41 -24.51
CA PRO G 104 50.77 6.84 -25.15
C PRO G 104 51.79 5.71 -25.15
N CYS G 105 52.59 5.66 -26.20
CA CYS G 105 53.64 4.66 -26.37
C CYS G 105 54.54 4.50 -25.12
N ASP G 106 55.05 5.61 -24.60
CA ASP G 106 55.91 5.55 -23.42
C ASP G 106 55.19 4.97 -22.22
N VAL G 107 53.91 5.28 -22.07
CA VAL G 107 53.13 4.79 -20.94
C VAL G 107 52.91 3.28 -21.05
N LEU G 108 52.58 2.82 -22.26
CA LEU G 108 52.38 1.39 -22.47
C LEU G 108 53.68 0.66 -22.17
N ALA G 109 54.79 1.31 -22.52
CA ALA G 109 56.10 0.73 -22.26
C ALA G 109 56.32 0.65 -20.75
N LYS G 110 56.16 1.76 -20.05
CA LYS G 110 56.33 1.76 -18.60
C LYS G 110 55.45 0.69 -17.96
N ARG G 111 54.23 0.56 -18.45
CA ARG G 111 53.28 -0.40 -17.93
C ARG G 111 53.79 -1.82 -18.14
N MET G 112 54.21 -2.12 -19.37
CA MET G 112 54.71 -3.45 -19.69
C MET G 112 55.98 -3.73 -18.93
N ALA G 113 56.80 -2.71 -18.74
CA ALA G 113 58.05 -2.86 -18.01
C ALA G 113 57.75 -3.23 -16.57
N ASN G 114 56.81 -2.50 -15.96
CA ASN G 114 56.41 -2.75 -14.58
C ASN G 114 55.97 -4.19 -14.41
N LEU G 115 55.17 -4.67 -15.36
CA LEU G 115 54.70 -6.05 -15.32
C LEU G 115 55.89 -7.00 -15.30
N SER G 116 56.90 -6.69 -16.11
CA SER G 116 58.09 -7.51 -16.19
C SER G 116 58.88 -7.44 -14.90
N GLN G 117 58.95 -6.26 -14.32
CA GLN G 117 59.65 -6.09 -13.07
C GLN G 117 59.06 -7.05 -12.03
N ILE G 118 57.77 -7.33 -12.12
CA ILE G 118 57.11 -8.25 -11.18
C ILE G 118 57.62 -9.68 -11.33
N TYR G 119 57.89 -10.14 -12.54
CA TYR G 119 58.35 -11.51 -12.71
C TYR G 119 59.77 -11.65 -12.14
N THR G 120 60.36 -10.48 -11.89
CA THR G 120 61.69 -10.30 -11.36
C THR G 120 61.74 -10.48 -9.84
N GLN G 121 60.65 -10.09 -9.18
CA GLN G 121 60.55 -10.14 -7.73
C GLN G 121 59.70 -11.30 -7.18
N ARG G 122 58.58 -11.61 -7.83
CA ARG G 122 57.75 -12.71 -7.40
C ARG G 122 58.25 -14.00 -8.03
N ALA G 123 58.45 -15.01 -7.20
CA ALA G 123 58.99 -16.28 -7.64
C ALA G 123 58.25 -17.08 -8.71
N TYR G 124 56.98 -17.37 -8.49
CA TYR G 124 56.19 -18.20 -9.40
C TYR G 124 56.02 -17.81 -10.86
N MET G 125 56.14 -16.53 -11.18
CA MET G 125 56.01 -16.09 -12.58
C MET G 125 57.43 -15.99 -13.20
N ARG G 126 57.64 -16.64 -14.34
CA ARG G 126 58.94 -16.56 -14.98
C ARG G 126 59.01 -15.34 -15.89
N PRO G 127 60.19 -14.74 -16.01
CA PRO G 127 60.28 -13.57 -16.88
C PRO G 127 59.99 -14.03 -18.32
N LEU G 128 59.68 -13.09 -19.19
CA LEU G 128 59.44 -13.46 -20.57
C LEU G 128 60.77 -13.20 -21.28
N GLY G 129 61.26 -14.19 -22.02
CA GLY G 129 62.52 -14.00 -22.72
C GLY G 129 62.35 -13.19 -23.99
N VAL G 130 61.97 -11.92 -23.83
CA VAL G 130 61.77 -11.06 -24.98
C VAL G 130 62.09 -9.61 -24.65
N ILE G 131 62.39 -8.85 -25.70
CA ILE G 131 62.65 -7.41 -25.58
C ILE G 131 61.57 -6.77 -26.45
N LEU G 132 60.90 -5.76 -25.91
CA LEU G 132 59.82 -5.11 -26.64
C LEU G 132 60.18 -3.70 -27.05
N THR G 133 60.00 -3.41 -28.33
CA THR G 133 60.28 -2.08 -28.86
C THR G 133 58.95 -1.49 -29.27
N PHE G 134 58.54 -0.42 -28.61
CA PHE G 134 57.28 0.21 -28.94
C PHE G 134 57.52 1.48 -29.74
N VAL G 135 56.67 1.69 -30.74
CA VAL G 135 56.81 2.87 -31.58
C VAL G 135 55.47 3.51 -31.92
N SER G 136 55.53 4.80 -32.22
CA SER G 136 54.36 5.58 -32.56
C SER G 136 54.76 7.04 -32.74
N VAL G 137 53.78 7.86 -33.09
CA VAL G 137 53.98 9.29 -33.23
C VAL G 137 53.00 9.84 -32.20
N ASP G 138 53.45 9.85 -30.95
CA ASP G 138 52.65 10.33 -29.83
C ASP G 138 52.06 11.71 -30.09
N GLU G 139 50.79 11.91 -29.71
CA GLU G 139 50.15 13.20 -29.92
C GLU G 139 50.74 14.29 -29.06
N GLU G 140 51.68 13.93 -28.19
CA GLU G 140 52.32 14.94 -27.35
C GLU G 140 53.83 14.95 -27.52
N LEU G 141 54.42 13.79 -27.79
CA LEU G 141 55.87 13.68 -27.93
C LEU G 141 56.37 13.49 -29.35
N GLY G 142 55.47 13.34 -30.30
CA GLY G 142 55.91 13.12 -31.67
C GLY G 142 56.47 11.72 -31.80
N PRO G 143 57.31 11.45 -32.82
CA PRO G 143 57.90 10.13 -33.04
C PRO G 143 58.53 9.59 -31.77
N SER G 144 58.20 8.35 -31.42
CA SER G 144 58.72 7.74 -30.21
C SER G 144 59.13 6.29 -30.33
N ILE G 145 60.21 5.93 -29.63
CA ILE G 145 60.72 4.57 -29.61
C ILE G 145 61.03 4.27 -28.15
N TYR G 146 60.37 3.24 -27.60
CA TYR G 146 60.56 2.84 -26.21
C TYR G 146 60.76 1.33 -26.17
N LYS G 147 61.74 0.88 -25.39
CA LYS G 147 62.04 -0.53 -25.33
C LYS G 147 62.12 -1.03 -23.90
N THR G 148 61.70 -2.28 -23.69
CA THR G 148 61.71 -2.91 -22.37
C THR G 148 62.34 -4.29 -22.44
N ASP G 149 62.87 -4.77 -21.33
CA ASP G 149 63.54 -6.06 -21.25
C ASP G 149 63.08 -6.90 -20.07
N PRO G 150 63.53 -8.17 -19.97
CA PRO G 150 63.14 -9.07 -18.88
C PRO G 150 63.49 -8.52 -17.50
N ALA G 151 64.34 -7.50 -17.45
CA ALA G 151 64.75 -6.89 -16.21
C ALA G 151 63.68 -5.92 -15.67
N GLY G 152 62.85 -5.42 -16.57
CA GLY G 152 61.81 -4.49 -16.18
C GLY G 152 62.31 -3.09 -16.45
N TYR G 153 63.43 -3.01 -17.13
CA TYR G 153 64.04 -1.74 -17.47
C TYR G 153 63.39 -1.17 -18.74
N TYR G 154 63.38 0.14 -18.87
CA TYR G 154 62.81 0.74 -20.06
C TYR G 154 63.28 2.17 -20.26
N VAL G 155 63.43 2.56 -21.52
CA VAL G 155 63.87 3.90 -21.87
C VAL G 155 63.52 4.26 -23.31
N GLY G 156 63.55 5.56 -23.60
CA GLY G 156 63.25 6.05 -24.94
C GLY G 156 64.53 6.33 -25.71
N TYR G 157 64.50 6.03 -27.01
CA TYR G 157 65.66 6.21 -27.88
C TYR G 157 65.44 7.20 -29.02
N LYS G 158 66.54 7.71 -29.56
CA LYS G 158 66.49 8.61 -30.70
C LYS G 158 66.39 7.64 -31.89
N ALA G 159 66.85 6.42 -31.63
CA ALA G 159 66.86 5.32 -32.57
C ALA G 159 67.47 4.17 -31.80
N THR G 160 67.26 2.93 -32.26
CA THR G 160 67.81 1.78 -31.54
C THR G 160 67.80 0.52 -32.39
N ALA G 161 68.50 -0.52 -31.90
CA ALA G 161 68.58 -1.79 -32.60
C ALA G 161 68.62 -2.90 -31.56
N THR G 162 68.19 -4.09 -31.96
CA THR G 162 68.16 -5.23 -31.06
C THR G 162 68.35 -6.52 -31.81
N GLY G 163 69.02 -7.47 -31.16
CA GLY G 163 69.30 -8.77 -31.77
C GLY G 163 70.74 -9.21 -31.57
N PRO G 164 71.16 -10.30 -32.20
CA PRO G 164 72.54 -10.78 -32.05
C PRO G 164 73.58 -9.74 -32.47
N LYS G 165 73.39 -9.15 -33.65
CA LYS G 165 74.34 -8.15 -34.16
C LYS G 165 73.90 -6.74 -33.83
N GLN G 166 73.20 -6.64 -32.70
CA GLN G 166 72.69 -5.38 -32.19
C GLN G 166 73.75 -4.29 -32.07
N GLN G 167 74.93 -4.67 -31.59
CA GLN G 167 76.02 -3.72 -31.39
C GLN G 167 76.55 -3.04 -32.65
N GLU G 168 76.68 -3.79 -33.74
CA GLU G 168 77.17 -3.19 -34.98
C GLU G 168 76.16 -2.18 -35.49
N ILE G 169 74.89 -2.54 -35.42
CA ILE G 169 73.83 -1.65 -35.88
C ILE G 169 73.78 -0.39 -35.04
N THR G 170 74.01 -0.54 -33.73
CA THR G 170 73.98 0.60 -32.82
C THR G 170 75.10 1.60 -33.12
N THR G 171 76.33 1.10 -33.18
CA THR G 171 77.48 1.97 -33.46
C THR G 171 77.31 2.61 -34.84
N ASN G 172 76.78 1.86 -35.79
CA ASN G 172 76.55 2.39 -37.12
C ASN G 172 75.69 3.65 -36.96
N LEU G 173 74.51 3.47 -36.37
CA LEU G 173 73.57 4.56 -36.13
C LEU G 173 74.17 5.71 -35.33
N GLU G 174 74.91 5.38 -34.26
CA GLU G 174 75.55 6.39 -33.41
C GLU G 174 76.38 7.33 -34.24
N ASN G 175 77.21 6.74 -35.08
CA ASN G 175 78.10 7.50 -35.95
C ASN G 175 77.30 8.40 -36.88
N HIS G 176 76.27 7.86 -37.52
CA HIS G 176 75.47 8.67 -38.42
C HIS G 176 74.91 9.89 -37.71
N PHE G 177 74.56 9.74 -36.43
CA PHE G 177 74.00 10.87 -35.69
C PHE G 177 75.06 11.84 -35.17
N LYS G 178 76.27 11.34 -34.91
CA LYS G 178 77.36 12.21 -34.47
C LYS G 178 77.61 13.16 -35.63
N LYS G 179 77.44 12.61 -36.84
CA LYS G 179 77.60 13.34 -38.08
C LYS G 179 76.48 14.36 -38.29
N SER G 180 75.24 13.87 -38.43
CA SER G 180 74.07 14.72 -38.66
C SER G 180 73.78 15.75 -37.57
N LYS G 181 74.31 15.53 -36.37
CA LYS G 181 74.11 16.44 -35.26
C LYS G 181 72.66 16.63 -34.80
N ILE G 182 71.74 15.83 -35.36
CA ILE G 182 70.34 15.91 -34.96
C ILE G 182 69.93 14.52 -34.45
N ASP G 183 68.82 14.46 -33.73
CA ASP G 183 68.36 13.20 -33.18
C ASP G 183 67.29 12.49 -34.00
N HIS G 184 67.36 12.59 -35.32
CA HIS G 184 66.38 11.92 -36.17
C HIS G 184 66.71 12.01 -37.64
N ILE G 185 65.89 11.36 -38.46
CA ILE G 185 66.09 11.37 -39.90
C ILE G 185 65.31 12.55 -40.47
N ASN G 186 66.01 13.61 -40.85
CA ASN G 186 65.36 14.79 -41.38
C ASN G 186 64.69 14.55 -42.74
N GLU G 187 63.66 13.70 -42.74
CA GLU G 187 62.95 13.38 -43.97
C GLU G 187 61.44 13.65 -43.83
N GLU G 188 60.82 14.13 -44.91
CA GLU G 188 59.40 14.45 -44.92
C GLU G 188 58.56 13.21 -45.13
N SER G 189 58.94 12.40 -46.11
CA SER G 189 58.19 11.18 -46.39
C SER G 189 58.75 10.04 -45.57
N TRP G 190 57.87 9.15 -45.12
CA TRP G 190 58.30 8.01 -44.34
C TRP G 190 58.98 7.02 -45.29
N GLU G 191 58.62 7.09 -46.57
CA GLU G 191 59.20 6.20 -47.58
C GLU G 191 60.72 6.33 -47.58
N LYS G 192 61.21 7.57 -47.51
CA LYS G 192 62.65 7.79 -47.48
C LYS G 192 63.24 7.37 -46.14
N VAL G 193 62.47 7.53 -45.07
CA VAL G 193 62.93 7.12 -43.74
C VAL G 193 63.07 5.61 -43.72
N VAL G 194 62.06 4.91 -44.25
CA VAL G 194 62.11 3.46 -44.30
C VAL G 194 63.35 3.04 -45.07
N GLU G 195 63.60 3.73 -46.19
CA GLU G 195 64.75 3.45 -47.03
C GLU G 195 66.03 3.63 -46.23
N PHE G 196 66.15 4.78 -45.56
CA PHE G 196 67.32 5.06 -44.74
C PHE G 196 67.53 3.89 -43.78
N ALA G 197 66.45 3.50 -43.12
CA ALA G 197 66.48 2.41 -42.17
C ALA G 197 67.03 1.16 -42.81
N ILE G 198 66.40 0.71 -43.90
CA ILE G 198 66.87 -0.49 -44.58
C ILE G 198 68.33 -0.38 -45.04
N THR G 199 68.70 0.83 -45.46
CA THR G 199 70.06 1.10 -45.93
C THR G 199 71.08 0.83 -44.82
N HIS G 200 71.01 1.60 -43.74
CA HIS G 200 71.93 1.42 -42.64
C HIS G 200 71.86 0.00 -42.07
N MET G 201 70.77 -0.69 -42.32
CA MET G 201 70.62 -2.07 -41.84
C MET G 201 71.59 -2.95 -42.64
N ILE G 202 71.74 -2.63 -43.92
CA ILE G 202 72.62 -3.37 -44.79
C ILE G 202 74.09 -3.06 -44.48
N ASP G 203 74.42 -1.78 -44.38
CA ASP G 203 75.79 -1.35 -44.08
C ASP G 203 76.35 -1.96 -42.81
N ALA G 204 75.50 -2.10 -41.79
CA ALA G 204 75.92 -2.65 -40.52
C ALA G 204 76.01 -4.16 -40.56
N LEU G 205 75.04 -4.81 -41.22
CA LEU G 205 75.05 -6.26 -41.29
C LEU G 205 75.84 -6.76 -42.47
N GLY G 206 76.28 -5.85 -43.33
CA GLY G 206 77.03 -6.24 -44.51
C GLY G 206 76.28 -7.26 -45.36
N THR G 207 74.95 -7.12 -45.41
CA THR G 207 74.13 -8.04 -46.19
C THR G 207 73.08 -7.35 -47.04
N GLU G 208 72.84 -7.94 -48.20
CA GLU G 208 71.86 -7.46 -49.17
C GLU G 208 70.52 -8.10 -48.78
N PHE G 209 69.42 -7.43 -49.06
CA PHE G 209 68.10 -7.97 -48.72
C PHE G 209 67.18 -8.11 -49.92
N SER G 210 66.28 -9.10 -49.86
CA SER G 210 65.30 -9.31 -50.91
C SER G 210 63.97 -8.84 -50.29
N LYS G 211 62.93 -8.71 -51.09
CA LYS G 211 61.64 -8.25 -50.55
C LYS G 211 61.05 -9.19 -49.49
N ASN G 212 61.58 -10.41 -49.39
CA ASN G 212 61.07 -11.37 -48.41
C ASN G 212 62.02 -11.64 -47.24
N ASP G 213 63.03 -10.79 -47.08
CA ASP G 213 64.03 -10.93 -46.02
C ASP G 213 63.76 -9.91 -44.92
N LEU G 214 62.95 -8.91 -45.21
CA LEU G 214 62.62 -7.87 -44.25
C LEU G 214 61.16 -7.86 -43.83
N GLU G 215 60.88 -7.00 -42.86
CA GLU G 215 59.57 -6.84 -42.28
C GLU G 215 59.60 -5.39 -41.81
N VAL G 216 58.68 -4.57 -42.32
CA VAL G 216 58.69 -3.16 -41.96
C VAL G 216 57.39 -2.65 -41.37
N GLY G 217 57.53 -1.79 -40.37
CA GLY G 217 56.38 -1.20 -39.73
C GLY G 217 56.62 0.30 -39.66
N VAL G 218 55.57 1.08 -39.91
CA VAL G 218 55.67 2.53 -39.88
C VAL G 218 54.60 3.12 -38.97
N ALA G 219 54.97 4.15 -38.22
CA ALA G 219 54.05 4.81 -37.33
C ALA G 219 53.94 6.26 -37.75
N THR G 220 52.72 6.71 -37.98
CA THR G 220 52.48 8.09 -38.38
C THR G 220 51.38 8.68 -37.51
N LYS G 221 51.15 9.97 -37.70
CA LYS G 221 50.10 10.65 -36.97
C LYS G 221 48.82 9.83 -37.11
N ASP G 222 48.31 9.35 -35.99
CA ASP G 222 47.07 8.59 -35.98
C ASP G 222 47.05 7.22 -36.65
N LYS G 223 48.20 6.67 -36.99
CA LYS G 223 48.20 5.34 -37.55
C LYS G 223 49.54 4.65 -37.65
N PHE G 224 49.55 3.38 -37.25
CA PHE G 224 50.73 2.54 -37.34
C PHE G 224 50.36 1.37 -38.24
N PHE G 225 51.17 1.12 -39.25
CA PHE G 225 50.90 0.04 -40.20
C PHE G 225 52.18 -0.67 -40.62
N THR G 226 52.04 -1.89 -41.13
CA THR G 226 53.19 -2.66 -41.60
C THR G 226 53.18 -2.67 -43.14
N LEU G 227 54.37 -2.77 -43.75
CA LEU G 227 54.49 -2.77 -45.21
C LEU G 227 54.37 -4.19 -45.80
N SER G 228 54.00 -4.27 -47.08
CA SER G 228 53.86 -5.56 -47.74
C SER G 228 55.12 -5.92 -48.53
N ALA G 229 55.18 -7.17 -48.99
CA ALA G 229 56.34 -7.64 -49.75
C ALA G 229 56.61 -6.62 -50.85
N GLU G 230 55.54 -6.20 -51.50
CA GLU G 230 55.64 -5.24 -52.59
C GLU G 230 55.99 -3.84 -52.13
N ASN G 231 55.43 -3.40 -51.02
CA ASN G 231 55.72 -2.07 -50.50
C ASN G 231 57.22 -1.97 -50.22
N ILE G 232 57.77 -3.07 -49.73
CA ILE G 232 59.19 -3.16 -49.41
C ILE G 232 59.98 -3.20 -50.70
N GLU G 233 59.62 -4.11 -51.60
CA GLU G 233 60.30 -4.23 -52.88
C GLU G 233 60.51 -2.86 -53.49
N GLU G 234 59.46 -2.05 -53.45
CA GLU G 234 59.49 -0.70 -53.98
C GLU G 234 60.58 0.09 -53.27
N ARG G 235 60.69 -0.11 -51.96
CA ARG G 235 61.69 0.57 -51.14
C ARG G 235 63.10 0.11 -51.52
N LEU G 236 63.25 -1.20 -51.76
CA LEU G 236 64.52 -1.81 -52.15
C LEU G 236 65.02 -1.30 -53.50
N VAL G 237 64.09 -1.16 -54.44
CA VAL G 237 64.39 -0.66 -55.77
C VAL G 237 64.90 0.76 -55.67
N ALA G 238 64.27 1.54 -54.80
CA ALA G 238 64.66 2.92 -54.59
C ALA G 238 66.10 3.06 -54.10
N ILE G 239 66.47 2.26 -53.10
CA ILE G 239 67.84 2.34 -52.58
C ILE G 239 68.82 1.74 -53.60
N ALA G 240 68.31 0.89 -54.49
CA ALA G 240 69.13 0.26 -55.52
C ALA G 240 69.61 1.33 -56.49
N GLU G 241 68.74 2.29 -56.78
CA GLU G 241 69.06 3.39 -57.68
C GLU G 241 69.65 4.57 -56.91
N GLN G 242 70.81 4.35 -56.32
CA GLN G 242 71.50 5.37 -55.54
C GLN G 242 72.90 4.82 -55.27
N ASP G 243 72.97 3.48 -55.24
CA ASP G 243 74.21 2.74 -55.02
C ASP G 243 74.66 2.17 -56.37
N THR H 1 21.48 25.79 -5.39
CA THR H 1 22.78 25.91 -6.10
C THR H 1 22.62 26.36 -7.56
N THR H 2 23.54 27.20 -8.04
CA THR H 2 23.53 27.67 -9.42
C THR H 2 24.95 27.67 -9.94
N ILE H 3 25.22 26.82 -10.93
CA ILE H 3 26.56 26.75 -11.50
C ILE H 3 26.42 26.83 -13.01
N VAL H 4 27.38 27.50 -13.66
CA VAL H 4 27.41 27.64 -15.12
C VAL H 4 28.81 27.49 -15.67
N GLY H 5 28.88 27.25 -16.97
CA GLY H 5 30.15 27.10 -17.65
C GLY H 5 30.01 27.75 -19.00
N VAL H 6 31.00 28.55 -19.40
CA VAL H 6 30.95 29.23 -20.68
C VAL H 6 32.30 29.20 -21.36
N LYS H 7 32.30 28.73 -22.61
CA LYS H 7 33.52 28.67 -23.39
C LYS H 7 33.72 30.03 -24.05
N PHE H 8 34.97 30.42 -24.26
CA PHE H 8 35.27 31.68 -24.94
C PHE H 8 36.42 31.43 -25.89
N ASN H 9 36.59 32.33 -26.88
CA ASN H 9 37.63 32.18 -27.92
C ASN H 9 38.96 31.48 -27.56
N ASN H 10 39.41 31.60 -26.32
CA ASN H 10 40.69 30.98 -25.94
C ASN H 10 40.67 30.19 -24.63
N GLY H 11 39.51 29.65 -24.27
CA GLY H 11 39.42 28.90 -23.04
C GLY H 11 38.01 28.67 -22.56
N VAL H 12 37.85 28.60 -21.25
CA VAL H 12 36.55 28.36 -20.66
C VAL H 12 36.51 28.90 -19.24
N VAL H 13 35.32 29.36 -18.84
CA VAL H 13 35.13 29.90 -17.49
C VAL H 13 33.94 29.22 -16.82
N ILE H 14 34.00 29.05 -15.51
CA ILE H 14 32.88 28.46 -14.79
C ILE H 14 32.64 29.32 -13.57
N ALA H 15 31.37 29.42 -13.18
CA ALA H 15 30.99 30.22 -12.04
C ALA H 15 29.94 29.49 -11.21
N ALA H 16 29.66 29.99 -10.02
CA ALA H 16 28.70 29.37 -9.14
C ALA H 16 28.36 30.32 -8.01
N ASP H 17 27.19 30.16 -7.42
CA ASP H 17 26.79 31.02 -6.30
C ASP H 17 27.50 30.50 -5.04
N THR H 18 27.17 31.06 -3.88
CA THR H 18 27.81 30.63 -2.65
C THR H 18 26.86 30.27 -1.51
N ARG H 19 25.58 30.03 -1.83
CA ARG H 19 24.61 29.67 -0.80
C ARG H 19 24.51 28.15 -0.62
N SER H 20 24.43 27.73 0.63
CA SER H 20 24.32 26.32 1.01
C SER H 20 23.09 26.19 1.91
N THR H 21 22.27 25.16 1.72
CA THR H 21 21.05 25.06 2.53
C THR H 21 20.60 23.68 3.01
N GLN H 22 19.97 23.67 4.18
CA GLN H 22 19.40 22.46 4.77
C GLN H 22 17.90 22.79 4.77
N GLY H 23 17.15 22.17 3.88
CA GLY H 23 15.73 22.49 3.83
C GLY H 23 15.58 23.95 3.43
N PRO H 24 14.81 24.76 4.18
CA PRO H 24 14.65 26.16 3.80
C PRO H 24 15.62 27.08 4.54
N ILE H 25 16.46 26.51 5.39
CA ILE H 25 17.43 27.28 6.16
C ILE H 25 18.80 27.35 5.51
N VAL H 26 19.35 28.56 5.42
CA VAL H 26 20.67 28.78 4.84
C VAL H 26 21.76 28.44 5.85
N ALA H 27 22.46 27.33 5.60
CA ALA H 27 23.53 26.85 6.47
C ALA H 27 24.86 27.59 6.31
N ASP H 28 25.22 27.94 5.08
CA ASP H 28 26.45 28.67 4.82
C ASP H 28 26.18 29.76 3.79
N LYS H 29 26.34 31.01 4.22
CA LYS H 29 26.10 32.14 3.34
C LYS H 29 27.21 32.36 2.32
N ASN H 30 28.30 31.61 2.43
CA ASN H 30 29.41 31.75 1.51
C ASN H 30 30.35 30.56 1.51
N CYS H 31 29.96 29.49 0.82
CA CYS H 31 30.82 28.31 0.72
C CYS H 31 31.32 28.31 -0.71
N ALA H 32 32.34 27.52 -0.99
CA ALA H 32 32.91 27.47 -2.34
C ALA H 32 32.53 26.20 -3.10
N LYS H 33 31.74 26.39 -4.16
CA LYS H 33 31.29 25.28 -4.96
C LYS H 33 32.22 24.94 -6.12
N LEU H 34 33.27 25.76 -6.28
CA LEU H 34 34.25 25.58 -7.34
C LEU H 34 35.41 24.74 -6.82
N HIS H 35 35.60 23.55 -7.40
CA HIS H 35 36.64 22.63 -6.99
C HIS H 35 37.74 22.41 -8.00
N ARG H 36 38.95 22.19 -7.51
CA ARG H 36 40.08 21.96 -8.37
C ARG H 36 40.33 20.46 -8.49
N ILE H 37 40.14 19.91 -9.68
CA ILE H 37 40.40 18.49 -9.91
C ILE H 37 41.91 18.36 -10.14
N SER H 38 42.47 19.34 -10.84
CA SER H 38 43.91 19.43 -11.12
C SER H 38 44.15 20.92 -11.32
N PRO H 39 45.41 21.37 -11.35
CA PRO H 39 45.68 22.80 -11.53
C PRO H 39 44.85 23.51 -12.59
N LYS H 40 44.65 22.88 -13.75
CA LYS H 40 43.90 23.54 -14.81
C LYS H 40 42.58 22.91 -15.20
N ILE H 41 42.06 22.05 -14.32
CA ILE H 41 40.79 21.40 -14.54
C ILE H 41 39.96 21.67 -13.30
N TRP H 42 38.96 22.51 -13.44
CA TRP H 42 38.11 22.84 -12.31
C TRP H 42 36.70 22.29 -12.47
N CYS H 43 36.05 22.11 -11.32
CA CYS H 43 34.73 21.54 -11.31
C CYS H 43 33.75 22.31 -10.44
N ALA H 44 32.53 22.47 -10.94
CA ALA H 44 31.46 23.13 -10.21
C ALA H 44 30.42 22.04 -9.98
N GLY H 45 29.97 21.88 -8.74
CA GLY H 45 29.00 20.84 -8.46
C GLY H 45 27.77 21.29 -7.70
N ALA H 46 26.64 20.63 -7.97
CA ALA H 46 25.37 20.89 -7.33
C ALA H 46 24.78 19.55 -6.92
N GLY H 47 23.73 19.55 -6.11
CA GLY H 47 23.14 18.30 -5.68
C GLY H 47 23.51 18.00 -4.24
N THR H 48 23.64 16.73 -3.87
CA THR H 48 24.01 16.36 -2.51
C THR H 48 25.42 16.88 -2.23
N ALA H 49 25.52 17.94 -1.44
CA ALA H 49 26.79 18.56 -1.12
C ALA H 49 27.95 17.61 -0.85
N ALA H 50 27.84 16.82 0.21
CA ALA H 50 28.90 15.88 0.57
C ALA H 50 29.30 14.99 -0.60
N ASP H 51 28.35 14.71 -1.49
CA ASP H 51 28.63 13.87 -2.64
C ASP H 51 29.49 14.57 -3.68
N THR H 52 29.12 15.80 -4.05
CA THR H 52 29.89 16.55 -5.03
C THR H 52 31.30 16.77 -4.49
N GLU H 53 31.40 16.94 -3.19
CA GLU H 53 32.69 17.17 -2.57
C GLU H 53 33.58 15.93 -2.61
N ALA H 54 33.05 14.81 -2.15
CA ALA H 54 33.79 13.56 -2.12
C ALA H 54 34.16 13.08 -3.51
N VAL H 55 33.17 13.03 -4.40
CA VAL H 55 33.42 12.56 -5.75
C VAL H 55 34.51 13.42 -6.38
N THR H 56 34.42 14.72 -6.15
CA THR H 56 35.38 15.68 -6.68
C THR H 56 36.81 15.42 -6.22
N GLN H 57 36.98 15.16 -4.92
CA GLN H 57 38.31 14.91 -4.39
C GLN H 57 38.87 13.56 -4.82
N LEU H 58 38.02 12.55 -4.88
CA LEU H 58 38.44 11.22 -5.27
C LEU H 58 39.06 11.25 -6.65
N ILE H 59 38.26 11.70 -7.63
CA ILE H 59 38.74 11.78 -9.00
C ILE H 59 39.96 12.70 -9.10
N GLY H 60 39.96 13.78 -8.31
CA GLY H 60 41.09 14.69 -8.32
C GLY H 60 42.34 13.94 -7.90
N SER H 61 42.19 13.10 -6.87
CA SER H 61 43.29 12.30 -6.36
C SER H 61 43.83 11.37 -7.43
N ASN H 62 42.94 10.60 -8.05
CA ASN H 62 43.34 9.68 -9.10
C ASN H 62 43.95 10.37 -10.30
N ILE H 63 43.41 11.54 -10.65
CA ILE H 63 43.92 12.29 -11.77
C ILE H 63 45.37 12.69 -11.48
N GLU H 64 45.62 13.14 -10.26
CA GLU H 64 46.97 13.53 -9.87
C GLU H 64 47.93 12.35 -9.96
N LEU H 65 47.51 11.21 -9.41
CA LEU H 65 48.31 10.00 -9.45
C LEU H 65 48.51 9.53 -10.89
N HIS H 66 47.50 9.72 -11.72
CA HIS H 66 47.58 9.32 -13.13
C HIS H 66 48.58 10.22 -13.86
N SER H 67 48.55 11.50 -13.50
CA SER H 67 49.43 12.50 -14.10
C SER H 67 50.89 12.14 -13.81
N LEU H 68 51.17 11.81 -12.55
CA LEU H 68 52.50 11.42 -12.13
C LEU H 68 52.97 10.15 -12.84
N TYR H 69 52.04 9.24 -13.07
CA TYR H 69 52.37 7.97 -13.71
C TYR H 69 52.68 8.15 -15.19
N THR H 70 51.88 8.96 -15.88
CA THR H 70 52.06 9.19 -17.32
C THR H 70 52.99 10.38 -17.66
N SER H 71 53.35 11.16 -16.64
CA SER H 71 54.23 12.29 -16.85
C SER H 71 53.61 13.29 -17.82
N ARG H 72 52.29 13.41 -17.79
CA ARG H 72 51.56 14.32 -18.67
C ARG H 72 50.53 15.13 -17.91
N GLU H 73 50.09 16.22 -18.53
CA GLU H 73 49.08 17.08 -17.95
C GLU H 73 47.76 16.31 -17.94
N PRO H 74 46.94 16.50 -16.91
CA PRO H 74 45.66 15.79 -16.88
C PRO H 74 44.79 16.30 -18.01
N ARG H 75 43.94 15.43 -18.55
CA ARG H 75 43.05 15.83 -19.60
C ARG H 75 41.64 15.86 -19.06
N VAL H 76 40.86 16.86 -19.47
CA VAL H 76 39.49 16.97 -19.02
C VAL H 76 38.72 15.68 -19.33
N VAL H 77 38.88 15.14 -20.53
CA VAL H 77 38.19 13.91 -20.88
C VAL H 77 38.47 12.77 -19.90
N SER H 78 39.63 12.78 -19.25
CA SER H 78 39.93 11.72 -18.30
C SER H 78 39.14 11.92 -17.03
N ALA H 79 39.07 13.16 -16.56
CA ALA H 79 38.31 13.45 -15.36
C ALA H 79 36.85 13.12 -15.66
N LEU H 80 36.46 13.35 -16.90
CA LEU H 80 35.09 13.10 -17.36
C LEU H 80 34.77 11.60 -17.40
N GLN H 81 35.72 10.81 -17.89
CA GLN H 81 35.51 9.39 -17.98
C GLN H 81 35.46 8.77 -16.58
N MET H 82 36.40 9.18 -15.73
CA MET H 82 36.47 8.65 -14.37
C MET H 82 35.22 9.00 -13.59
N LEU H 83 34.83 10.27 -13.64
CA LEU H 83 33.65 10.76 -12.95
C LEU H 83 32.40 10.01 -13.32
N LYS H 84 32.14 9.89 -14.61
CA LYS H 84 30.93 9.21 -15.06
C LYS H 84 30.88 7.73 -14.75
N GLN H 85 31.98 7.02 -14.99
CA GLN H 85 31.98 5.59 -14.73
C GLN H 85 31.76 5.31 -13.25
N HIS H 86 32.24 6.24 -12.42
CA HIS H 86 32.08 6.12 -10.97
C HIS H 86 30.62 6.40 -10.62
N LEU H 87 30.08 7.49 -11.16
CA LEU H 87 28.70 7.86 -10.91
C LEU H 87 27.75 6.81 -11.44
N PHE H 88 28.00 6.32 -12.66
CA PHE H 88 27.14 5.29 -13.23
C PHE H 88 27.09 4.08 -12.34
N LYS H 89 28.27 3.62 -11.94
CA LYS H 89 28.39 2.45 -11.08
C LYS H 89 27.39 2.50 -9.92
N TYR H 90 27.22 3.69 -9.35
CA TYR H 90 26.33 3.91 -8.22
C TYR H 90 24.87 4.23 -8.52
N GLN H 91 24.44 3.91 -9.72
CA GLN H 91 23.06 4.12 -10.14
C GLN H 91 22.37 5.40 -9.67
N GLY H 92 23.11 6.50 -9.64
CA GLY H 92 22.51 7.76 -9.22
C GLY H 92 22.36 7.98 -7.72
N HIS H 93 22.83 7.04 -6.91
CA HIS H 93 22.72 7.18 -5.47
C HIS H 93 23.69 8.19 -4.90
N ILE H 94 24.71 8.52 -5.69
CA ILE H 94 25.66 9.54 -5.28
C ILE H 94 25.18 10.77 -6.03
N GLY H 95 24.29 11.51 -5.39
CA GLY H 95 23.69 12.69 -5.97
C GLY H 95 24.61 13.84 -6.32
N ALA H 96 25.48 13.63 -7.29
CA ALA H 96 26.42 14.67 -7.70
C ALA H 96 26.14 15.11 -9.13
N TYR H 97 25.95 16.40 -9.32
CA TYR H 97 25.71 16.96 -10.65
C TYR H 97 26.82 17.97 -10.82
N LEU H 98 27.64 17.80 -11.84
CA LEU H 98 28.78 18.69 -12.00
C LEU H 98 28.98 19.24 -13.39
N ILE H 99 29.64 20.39 -13.43
CA ILE H 99 30.01 21.00 -14.70
C ILE H 99 31.53 21.01 -14.57
N VAL H 100 32.21 20.22 -15.39
CA VAL H 100 33.66 20.13 -15.34
C VAL H 100 34.26 20.82 -16.55
N ALA H 101 35.22 21.72 -16.28
CA ALA H 101 35.88 22.45 -17.35
C ALA H 101 37.38 22.48 -17.12
N GLY H 102 38.12 23.00 -18.10
CA GLY H 102 39.56 23.09 -17.97
C GLY H 102 40.28 23.04 -19.31
N VAL H 103 41.58 23.34 -19.26
CA VAL H 103 42.42 23.30 -20.45
C VAL H 103 43.55 22.30 -20.24
N ASP H 104 43.90 21.61 -21.31
CA ASP H 104 44.96 20.62 -21.25
C ASP H 104 45.65 20.59 -22.62
N PRO H 105 46.71 19.77 -22.75
CA PRO H 105 47.43 19.69 -24.02
C PRO H 105 46.57 19.59 -25.27
N THR H 106 45.29 19.25 -25.13
CA THR H 106 44.45 19.12 -26.33
C THR H 106 43.40 20.22 -26.55
N GLY H 107 43.44 21.29 -25.77
CA GLY H 107 42.49 22.38 -25.95
C GLY H 107 41.68 22.71 -24.70
N SER H 108 40.62 23.50 -24.88
CA SER H 108 39.75 23.89 -23.76
C SER H 108 38.45 23.07 -23.84
N HIS H 109 37.97 22.58 -22.69
CA HIS H 109 36.76 21.74 -22.68
C HIS H 109 35.72 22.14 -21.64
N LEU H 110 34.46 21.84 -21.97
CA LEU H 110 33.31 22.12 -21.11
C LEU H 110 32.33 20.96 -21.17
N PHE H 111 32.11 20.33 -20.01
CA PHE H 111 31.22 19.18 -19.89
C PHE H 111 30.33 19.27 -18.66
N SER H 112 29.25 18.49 -18.67
CA SER H 112 28.34 18.41 -17.52
C SER H 112 28.12 16.92 -17.23
N ILE H 113 27.96 16.57 -15.96
CA ILE H 113 27.75 15.18 -15.59
C ILE H 113 26.59 15.06 -14.62
N HIS H 114 25.74 14.07 -14.82
CA HIS H 114 24.61 13.85 -13.92
C HIS H 114 24.87 12.67 -13.01
N ALA H 115 24.19 12.66 -11.88
CA ALA H 115 24.34 11.61 -10.88
C ALA H 115 24.23 10.20 -11.43
N HIS H 116 23.47 10.02 -12.49
CA HIS H 116 23.33 8.69 -13.06
C HIS H 116 24.47 8.31 -13.98
N GLY H 117 25.28 9.30 -14.36
CA GLY H 117 26.43 9.02 -15.22
C GLY H 117 26.37 9.42 -16.67
N SER H 118 25.38 10.22 -17.06
CA SER H 118 25.30 10.63 -18.45
C SER H 118 26.05 11.96 -18.57
N THR H 119 26.67 12.20 -19.71
CA THR H 119 27.43 13.43 -19.91
C THR H 119 27.05 14.24 -21.14
N ASP H 120 27.21 15.55 -21.04
CA ASP H 120 26.89 16.47 -22.12
C ASP H 120 28.07 17.36 -22.47
N VAL H 121 28.07 17.87 -23.70
CA VAL H 121 29.11 18.77 -24.17
C VAL H 121 28.40 19.99 -24.76
N GLY H 122 28.98 21.16 -24.60
CA GLY H 122 28.37 22.36 -25.14
C GLY H 122 29.26 23.56 -24.93
N TYR H 123 28.80 24.72 -25.39
CA TYR H 123 29.57 25.96 -25.24
C TYR H 123 29.17 26.72 -23.98
N TYR H 124 27.94 26.46 -23.52
CA TYR H 124 27.42 27.07 -22.31
C TYR H 124 26.52 26.03 -21.63
N LEU H 125 26.62 25.92 -20.32
CA LEU H 125 25.84 24.96 -19.55
C LEU H 125 25.52 25.50 -18.15
N SER H 126 24.44 24.99 -17.56
CA SER H 126 24.06 25.38 -16.21
C SER H 126 23.44 24.19 -15.49
N LEU H 127 23.64 24.11 -14.19
CA LEU H 127 23.06 23.04 -13.38
C LEU H 127 22.68 23.63 -12.06
N GLY H 128 21.76 22.96 -11.36
CA GLY H 128 21.32 23.44 -10.07
C GLY H 128 19.88 23.86 -10.07
N SER H 129 19.38 24.24 -8.90
CA SER H 129 18.00 24.69 -8.80
C SER H 129 17.86 26.03 -9.51
N GLY H 130 19.00 26.69 -9.74
CA GLY H 130 19.00 27.97 -10.42
C GLY H 130 19.27 27.75 -11.90
N SER H 131 19.43 26.48 -12.25
CA SER H 131 19.70 26.07 -13.62
C SER H 131 18.86 26.81 -14.65
N LEU H 132 17.55 26.85 -14.48
CA LEU H 132 16.69 27.51 -15.45
C LEU H 132 16.80 29.03 -15.51
N ALA H 133 16.96 29.68 -14.37
CA ALA H 133 17.09 31.13 -14.35
C ALA H 133 18.35 31.50 -15.14
N ALA H 134 19.44 30.78 -14.86
CA ALA H 134 20.71 31.00 -15.53
C ALA H 134 20.60 30.69 -17.00
N MET H 135 20.14 29.49 -17.32
CA MET H 135 20.02 29.12 -18.72
C MET H 135 19.22 30.14 -19.51
N ALA H 136 18.23 30.76 -18.87
CA ALA H 136 17.42 31.75 -19.55
C ALA H 136 18.34 32.88 -20.00
N VAL H 137 19.19 33.34 -19.10
CA VAL H 137 20.14 34.41 -19.39
C VAL H 137 21.12 33.98 -20.49
N LEU H 138 21.72 32.80 -20.33
CA LEU H 138 22.67 32.29 -21.30
C LEU H 138 22.03 32.16 -22.68
N GLU H 139 20.81 31.65 -22.74
CA GLU H 139 20.12 31.49 -24.01
C GLU H 139 19.76 32.83 -24.64
N SER H 140 19.93 33.90 -23.87
CA SER H 140 19.61 35.25 -24.34
C SER H 140 20.81 36.08 -24.76
N HIS H 141 21.96 35.85 -24.14
CA HIS H 141 23.14 36.63 -24.45
C HIS H 141 24.32 35.91 -25.08
N TRP H 142 24.40 34.59 -24.92
CA TRP H 142 25.52 33.88 -25.49
C TRP H 142 25.59 34.04 -27.00
N LYS H 143 26.82 34.18 -27.50
CA LYS H 143 27.11 34.31 -28.92
C LYS H 143 28.44 33.58 -29.09
N GLN H 144 28.76 33.21 -30.33
CA GLN H 144 30.01 32.51 -30.57
C GLN H 144 31.19 33.49 -30.64
N ASP H 145 32.34 33.05 -30.12
CA ASP H 145 33.54 33.86 -30.09
C ASP H 145 33.46 34.98 -29.08
N LEU H 146 33.34 34.59 -27.82
CA LEU H 146 33.28 35.56 -26.75
C LEU H 146 34.69 35.83 -26.28
N THR H 147 34.93 37.04 -25.80
CA THR H 147 36.25 37.38 -25.29
C THR H 147 36.23 36.97 -23.84
N LYS H 148 37.41 36.74 -23.28
CA LYS H 148 37.48 36.35 -21.87
C LYS H 148 36.57 37.24 -21.02
N GLU H 149 36.66 38.55 -21.23
CA GLU H 149 35.85 39.49 -20.45
C GLU H 149 34.35 39.35 -20.71
N GLU H 150 33.99 38.99 -21.93
CA GLU H 150 32.59 38.82 -22.28
C GLU H 150 32.08 37.56 -21.60
N ALA H 151 32.91 36.52 -21.61
CA ALA H 151 32.53 35.26 -20.99
C ALA H 151 32.34 35.46 -19.50
N ILE H 152 33.29 36.12 -18.85
CA ILE H 152 33.16 36.38 -17.42
C ILE H 152 31.85 37.12 -17.11
N LYS H 153 31.47 38.04 -17.99
CA LYS H 153 30.26 38.82 -17.80
C LYS H 153 29.06 37.92 -17.95
N LEU H 154 28.99 37.19 -19.06
CA LEU H 154 27.89 36.28 -19.33
C LEU H 154 27.71 35.30 -18.18
N ALA H 155 28.80 34.69 -17.75
CA ALA H 155 28.76 33.73 -16.66
C ALA H 155 28.33 34.42 -15.38
N SER H 156 28.99 35.53 -15.05
CA SER H 156 28.66 36.26 -13.85
C SER H 156 27.18 36.67 -13.83
N ASP H 157 26.63 37.00 -15.00
CA ASP H 157 25.24 37.39 -15.12
C ASP H 157 24.32 36.21 -14.90
N ALA H 158 24.68 35.07 -15.47
CA ALA H 158 23.89 33.85 -15.35
C ALA H 158 23.76 33.46 -13.88
N ILE H 159 24.87 33.51 -13.16
CA ILE H 159 24.84 33.13 -11.75
C ILE H 159 23.96 34.11 -10.98
N GLN H 160 23.92 35.35 -11.44
CA GLN H 160 23.10 36.35 -10.76
C GLN H 160 21.63 36.00 -10.93
N ALA H 161 21.24 35.68 -12.15
CA ALA H 161 19.86 35.31 -12.43
C ALA H 161 19.45 34.31 -11.35
N GLY H 162 20.37 33.41 -11.01
CA GLY H 162 20.09 32.42 -9.99
C GLY H 162 19.93 33.01 -8.61
N ILE H 163 20.91 33.79 -8.16
CA ILE H 163 20.87 34.41 -6.85
C ILE H 163 19.54 35.10 -6.57
N TRP H 164 19.18 36.02 -7.46
CA TRP H 164 17.97 36.81 -7.35
C TRP H 164 16.67 36.02 -7.54
N ASN H 165 16.60 35.27 -8.64
CA ASN H 165 15.41 34.50 -8.96
C ASN H 165 15.19 33.12 -8.31
N ASP H 166 16.24 32.51 -7.80
CA ASP H 166 16.08 31.20 -7.16
C ASP H 166 16.34 31.26 -5.66
N LEU H 167 15.43 30.66 -4.90
CA LEU H 167 15.52 30.64 -3.44
C LEU H 167 16.60 29.68 -2.98
N GLY H 168 16.98 28.75 -3.85
CA GLY H 168 17.98 27.78 -3.47
C GLY H 168 19.38 28.32 -3.67
N SER H 169 19.47 29.48 -4.32
CA SER H 169 20.76 30.10 -4.60
C SER H 169 20.79 31.53 -4.08
N GLY H 170 22.00 32.03 -3.85
CA GLY H 170 22.15 33.38 -3.36
C GLY H 170 23.57 33.76 -2.94
N SER H 171 23.67 34.91 -2.27
CA SER H 171 24.93 35.46 -1.77
C SER H 171 25.91 35.96 -2.82
N ASN H 172 27.07 35.31 -2.90
CA ASN H 172 28.12 35.75 -3.81
C ASN H 172 28.30 34.92 -5.08
N VAL H 173 29.11 35.46 -5.99
CA VAL H 173 29.41 34.81 -7.27
C VAL H 173 30.90 34.51 -7.32
N ASP H 174 31.25 33.25 -7.55
CA ASP H 174 32.65 32.83 -7.65
C ASP H 174 32.91 32.47 -9.09
N VAL H 175 34.11 32.81 -9.57
CA VAL H 175 34.44 32.50 -10.95
C VAL H 175 35.81 31.87 -11.06
N CYS H 176 36.04 31.15 -12.16
CA CYS H 176 37.33 30.55 -12.41
C CYS H 176 37.53 30.54 -13.91
N VAL H 177 38.59 31.20 -14.35
CA VAL H 177 38.91 31.28 -15.76
C VAL H 177 40.10 30.41 -16.10
N MET H 178 39.94 29.64 -17.16
CA MET H 178 40.99 28.77 -17.62
C MET H 178 41.24 29.17 -19.06
N GLU H 179 42.42 29.70 -19.32
CA GLU H 179 42.81 30.15 -20.66
C GLU H 179 43.87 29.22 -21.22
N ILE H 180 43.71 28.82 -22.47
CA ILE H 180 44.63 27.89 -23.12
C ILE H 180 46.13 28.09 -22.88
N GLY H 181 46.56 29.31 -22.62
CA GLY H 181 47.99 29.50 -22.42
C GLY H 181 48.50 29.79 -21.03
N LYS H 182 47.69 30.44 -20.21
CA LYS H 182 48.14 30.81 -18.87
C LYS H 182 47.73 29.86 -17.75
N ASP H 183 47.97 30.31 -16.53
CA ASP H 183 47.60 29.57 -15.33
C ASP H 183 46.12 29.81 -15.13
N ALA H 184 45.43 28.89 -14.49
CA ALA H 184 44.00 29.07 -14.25
C ALA H 184 43.86 30.09 -13.14
N GLU H 185 42.93 31.04 -13.27
CA GLU H 185 42.76 31.98 -12.19
C GLU H 185 41.41 31.87 -11.52
N TYR H 186 41.47 31.53 -10.25
CA TYR H 186 40.32 31.35 -9.37
C TYR H 186 39.98 32.74 -8.82
N LEU H 187 38.70 33.11 -8.89
CA LEU H 187 38.26 34.42 -8.41
C LEU H 187 37.19 34.30 -7.32
N ARG H 188 37.63 33.95 -6.12
CA ARG H 188 36.75 33.80 -4.96
C ARG H 188 36.02 35.10 -4.63
N ASN H 189 34.69 35.04 -4.64
CA ASN H 189 33.85 36.20 -4.36
C ASN H 189 34.13 37.34 -5.32
N TYR H 190 34.06 37.01 -6.61
CA TYR H 190 34.27 37.97 -7.69
C TYR H 190 33.15 39.00 -7.69
N LEU H 191 32.11 38.71 -6.91
CA LEU H 191 30.96 39.58 -6.74
C LEU H 191 30.32 39.31 -5.40
N THR H 192 30.02 40.37 -4.66
CA THR H 192 29.41 40.23 -3.35
C THR H 192 28.27 41.23 -3.23
N PRO H 193 27.18 41.02 -4.00
CA PRO H 193 26.00 41.87 -4.04
C PRO H 193 24.99 41.71 -2.90
N ASN H 194 25.35 40.95 -1.88
CA ASN H 194 24.42 40.72 -0.77
C ASN H 194 25.02 40.92 0.62
N VAL H 195 25.65 42.07 0.85
CA VAL H 195 26.23 42.35 2.17
C VAL H 195 25.09 42.74 3.12
N ARG H 196 25.03 42.08 4.28
CA ARG H 196 24.00 42.36 5.28
C ARG H 196 24.14 43.78 5.81
N GLU H 197 23.05 44.54 5.84
CA GLU H 197 23.06 45.91 6.33
C GLU H 197 23.37 45.94 7.82
N GLU H 198 23.94 47.05 8.27
CA GLU H 198 24.29 47.19 9.67
C GLU H 198 23.08 47.03 10.57
N LYS H 199 23.24 46.22 11.61
CA LYS H 199 22.16 45.98 12.54
C LYS H 199 21.74 47.25 13.28
N GLN H 200 20.43 47.39 13.43
CA GLN H 200 19.80 48.54 14.08
C GLN H 200 20.23 48.73 15.55
N LYS H 201 20.82 47.69 16.14
CA LYS H 201 21.21 47.75 17.54
C LYS H 201 22.35 46.76 17.77
N SER H 202 22.99 46.84 18.93
CA SER H 202 24.06 45.90 19.26
C SER H 202 23.51 45.08 20.40
N TYR H 203 23.80 43.78 20.42
CA TYR H 203 23.27 42.92 21.46
C TYR H 203 24.29 42.40 22.44
N LYS H 204 25.41 43.09 22.50
CA LYS H 204 26.49 42.75 23.43
C LYS H 204 25.84 42.74 24.80
N PHE H 205 26.10 41.72 25.60
CA PHE H 205 25.49 41.61 26.93
C PHE H 205 26.34 42.12 28.08
N PRO H 206 25.70 42.75 29.09
CA PRO H 206 26.47 43.24 30.23
C PRO H 206 26.99 42.04 31.00
N ARG H 207 28.31 41.90 31.07
CA ARG H 207 28.92 40.77 31.76
C ARG H 207 28.25 40.49 33.10
N GLY H 208 27.94 39.22 33.34
CA GLY H 208 27.27 38.83 34.57
C GLY H 208 25.82 38.53 34.30
N THR H 209 25.37 38.82 33.07
CA THR H 209 23.99 38.57 32.65
C THR H 209 23.59 37.10 32.82
N THR H 210 24.49 36.20 32.44
CA THR H 210 24.24 34.76 32.50
C THR H 210 24.53 34.11 33.85
N ALA H 211 23.54 33.40 34.38
CA ALA H 211 23.69 32.72 35.67
C ALA H 211 24.53 31.46 35.54
N VAL H 212 25.62 31.36 36.31
CA VAL H 212 26.49 30.19 36.27
C VAL H 212 26.36 29.37 37.54
N LEU H 213 26.49 28.04 37.41
CA LEU H 213 26.37 27.12 38.55
C LEU H 213 27.69 26.56 39.04
N LYS H 214 28.66 26.45 38.14
CA LYS H 214 29.95 25.89 38.48
C LYS H 214 30.97 26.34 37.44
N GLU H 215 32.24 26.32 37.80
CA GLU H 215 33.28 26.78 36.90
C GLU H 215 34.56 25.98 37.13
N SER H 216 35.46 25.97 36.15
CA SER H 216 36.73 25.25 36.29
C SER H 216 37.62 25.35 35.05
N ILE H 217 38.90 25.08 35.27
CA ILE H 217 39.90 25.12 34.20
C ILE H 217 39.94 23.74 33.56
N VAL H 218 40.23 23.69 32.26
CA VAL H 218 40.30 22.42 31.55
C VAL H 218 41.74 22.09 31.20
N ASN H 219 42.11 20.81 31.35
CA ASN H 219 43.47 20.36 31.07
C ASN H 219 43.71 19.97 29.61
N ILE H 220 44.45 20.81 28.88
CA ILE H 220 44.76 20.55 27.49
C ILE H 220 46.10 19.82 27.34
N CYS H 221 47.06 20.21 28.18
CA CYS H 221 48.40 19.61 28.16
C CYS H 221 48.35 18.17 28.72
N ASP H 222 49.14 17.29 28.10
CA ASP H 222 49.20 15.89 28.50
C ASP H 222 50.28 15.57 29.54
N SER I 1 11.30 7.28 15.17
CA SER I 1 11.32 7.34 13.67
C SER I 1 12.55 8.08 13.15
N ASP I 2 12.61 9.38 13.40
CA ASP I 2 13.76 10.16 12.94
C ASP I 2 14.85 10.01 14.00
N PRO I 3 15.92 9.28 13.66
CA PRO I 3 17.04 9.06 14.58
C PRO I 3 17.58 10.32 15.21
N SER I 4 17.58 11.41 14.45
CA SER I 4 18.09 12.66 14.96
C SER I 4 17.14 13.35 15.92
N SER I 5 16.06 12.68 16.27
CA SER I 5 15.08 13.26 17.18
C SER I 5 14.62 12.31 18.28
N ILE I 6 15.39 11.26 18.55
CA ILE I 6 15.02 10.32 19.58
C ILE I 6 15.46 10.86 20.92
N ASN I 7 16.74 11.22 20.99
CA ASN I 7 17.39 11.71 22.20
C ASN I 7 17.38 13.24 22.44
N GLY I 8 17.39 14.00 21.35
CA GLY I 8 17.37 15.45 21.45
C GLY I 8 18.73 16.02 21.82
N GLY I 9 18.85 17.34 21.83
CA GLY I 9 20.11 17.96 22.20
C GLY I 9 20.57 19.02 21.20
N ILE I 10 21.43 19.93 21.66
CA ILE I 10 21.95 20.98 20.79
C ILE I 10 23.40 21.34 21.11
N VAL I 11 24.08 21.85 20.10
CA VAL I 11 25.48 22.26 20.21
C VAL I 11 25.66 23.51 19.35
N VAL I 12 26.44 24.46 19.86
CA VAL I 12 26.72 25.68 19.11
C VAL I 12 28.15 26.12 19.36
N ALA I 13 28.78 26.71 18.34
CA ALA I 13 30.15 27.17 18.46
C ALA I 13 30.31 28.55 17.83
N MET I 14 31.13 29.38 18.46
CA MET I 14 31.39 30.73 18.00
C MET I 14 32.87 31.12 18.07
N THR I 15 33.25 32.05 17.19
CA THR I 15 34.61 32.55 17.18
C THR I 15 34.62 33.96 17.77
N GLY I 16 35.69 34.29 18.47
CA GLY I 16 35.81 35.60 19.06
C GLY I 16 37.18 36.15 18.71
N LYS I 17 37.68 37.06 19.54
CA LYS I 17 38.98 37.66 19.33
C LYS I 17 40.02 36.75 19.97
N ASP I 18 40.76 36.05 19.12
CA ASP I 18 41.80 35.13 19.59
C ASP I 18 41.21 34.10 20.54
N CYS I 19 39.95 33.73 20.29
CA CYS I 19 39.25 32.75 21.12
C CYS I 19 38.10 32.09 20.35
N VAL I 20 37.65 30.96 20.86
CA VAL I 20 36.51 30.23 20.28
C VAL I 20 35.70 29.67 21.45
N ALA I 21 34.40 29.55 21.25
CA ALA I 21 33.53 29.04 22.29
C ALA I 21 32.66 27.93 21.71
N ILE I 22 32.36 26.93 22.52
CA ILE I 22 31.51 25.84 22.08
C ILE I 22 30.65 25.46 23.27
N ALA I 23 29.34 25.31 23.04
CA ALA I 23 28.44 24.95 24.12
C ALA I 23 27.42 23.91 23.69
N CYS I 24 26.87 23.21 24.68
CA CYS I 24 25.86 22.18 24.45
C CYS I 24 24.93 22.09 25.65
N ASP I 25 23.82 21.38 25.49
CA ASP I 25 22.87 21.18 26.59
C ASP I 25 23.20 19.85 27.26
N LEU I 26 22.47 19.47 28.29
CA LEU I 26 22.76 18.22 28.96
C LEU I 26 21.66 17.18 28.84
N ARG I 27 20.64 17.48 28.06
CA ARG I 27 19.55 16.53 27.93
C ARG I 27 19.83 15.28 27.11
N LEU I 28 19.19 14.20 27.52
CA LEU I 28 19.26 12.92 26.86
C LEU I 28 17.93 12.30 27.23
N GLY I 29 17.04 12.21 26.26
CA GLY I 29 15.76 11.61 26.55
C GLY I 29 15.49 10.55 25.52
N SER I 30 14.30 9.96 25.61
CA SER I 30 13.85 8.95 24.68
C SER I 30 12.45 9.44 24.35
N GLN I 31 12.29 10.08 23.20
CA GLN I 31 10.99 10.62 22.83
C GLN I 31 10.66 11.68 23.89
N SER I 32 9.49 11.59 24.49
CA SER I 32 9.09 12.58 25.49
C SER I 32 9.73 12.36 26.85
N LEU I 33 10.02 11.11 27.18
CA LEU I 33 10.63 10.81 28.46
C LEU I 33 12.06 11.33 28.58
N GLY I 34 12.29 12.26 29.49
CA GLY I 34 13.64 12.76 29.72
C GLY I 34 14.30 11.68 30.57
N VAL I 35 15.58 11.38 30.32
CA VAL I 35 16.27 10.34 31.08
C VAL I 35 17.50 10.78 31.86
N SER I 36 18.44 11.43 31.17
CA SER I 36 19.65 11.90 31.82
C SER I 36 19.79 13.42 31.72
N ASN I 37 20.28 14.03 32.79
CA ASN I 37 20.45 15.48 32.83
C ASN I 37 21.94 15.80 32.85
N LYS I 38 22.73 14.76 32.62
CA LYS I 38 24.17 14.90 32.64
C LYS I 38 24.84 14.49 31.33
N PHE I 39 24.06 14.23 30.29
CA PHE I 39 24.65 13.81 29.01
C PHE I 39 25.30 14.96 28.25
N GLU I 40 26.61 15.10 28.42
CA GLU I 40 27.34 16.17 27.74
C GLU I 40 27.66 15.75 26.31
N LYS I 41 27.78 16.73 25.42
CA LYS I 41 28.01 16.43 24.02
C LYS I 41 29.28 17.02 23.44
N ILE I 42 30.14 17.56 24.29
CA ILE I 42 31.39 18.13 23.80
C ILE I 42 32.54 17.33 24.36
N PHE I 43 33.45 16.92 23.47
CA PHE I 43 34.63 16.16 23.87
C PHE I 43 35.83 16.86 23.25
N HIS I 44 37.02 16.53 23.73
CA HIS I 44 38.20 17.15 23.15
C HIS I 44 39.33 16.16 23.06
N TYR I 45 40.14 16.33 22.02
CA TYR I 45 41.28 15.49 21.76
C TYR I 45 42.40 16.51 21.68
N GLY I 46 43.20 16.60 22.73
CA GLY I 46 44.27 17.58 22.75
C GLY I 46 43.60 18.93 22.93
N HIS I 47 43.95 19.88 22.07
CA HIS I 47 43.35 21.20 22.14
C HIS I 47 42.18 21.36 21.17
N VAL I 48 41.82 20.27 20.49
CA VAL I 48 40.72 20.33 19.54
C VAL I 48 39.44 19.79 20.19
N PHE I 49 38.38 20.58 20.05
CA PHE I 49 37.08 20.24 20.62
C PHE I 49 36.04 19.80 19.60
N LEU I 50 35.24 18.82 20.01
CA LEU I 50 34.20 18.28 19.17
C LEU I 50 32.88 18.13 19.91
N GLY I 51 31.81 18.59 19.30
CA GLY I 51 30.49 18.47 19.89
C GLY I 51 29.68 17.63 18.92
N ILE I 52 28.92 16.66 19.43
CA ILE I 52 28.11 15.80 18.56
C ILE I 52 26.64 15.80 18.99
N THR I 53 25.73 16.17 18.11
CA THR I 53 24.31 16.12 18.45
C THR I 53 23.72 15.03 17.54
N GLY I 54 22.59 14.46 17.95
CA GLY I 54 21.97 13.44 17.14
C GLY I 54 21.64 12.21 17.95
N LEU I 55 21.79 11.03 17.36
CA LEU I 55 21.51 9.76 18.04
C LEU I 55 22.60 9.49 19.07
N ALA I 56 22.21 9.46 20.35
CA ALA I 56 23.15 9.25 21.46
C ALA I 56 24.17 8.14 21.25
N THR I 57 23.71 6.96 20.85
CA THR I 57 24.60 5.83 20.63
C THR I 57 25.71 6.17 19.61
N ASP I 58 25.36 7.01 18.65
CA ASP I 58 26.34 7.40 17.63
C ASP I 58 27.25 8.49 18.15
N VAL I 59 26.69 9.37 18.99
CA VAL I 59 27.47 10.44 19.60
C VAL I 59 28.59 9.77 20.38
N THR I 60 28.22 8.76 21.17
CA THR I 60 29.20 8.03 21.97
C THR I 60 30.19 7.27 21.08
N THR I 61 29.67 6.47 20.16
CA THR I 61 30.52 5.71 19.26
C THR I 61 31.53 6.59 18.53
N LEU I 62 31.09 7.74 18.02
CA LEU I 62 31.98 8.63 17.31
C LEU I 62 33.07 9.22 18.19
N ASN I 63 32.72 9.51 19.43
CA ASN I 63 33.71 10.05 20.34
C ASN I 63 34.77 8.99 20.58
N GLU I 64 34.34 7.79 20.94
CA GLU I 64 35.27 6.71 21.18
C GLU I 64 36.14 6.53 19.95
N MET I 65 35.52 6.56 18.77
CA MET I 65 36.25 6.41 17.51
C MET I 65 37.33 7.48 17.34
N PHE I 66 36.94 8.74 17.46
CA PHE I 66 37.90 9.82 17.31
C PHE I 66 38.97 9.84 18.40
N ARG I 67 38.67 9.34 19.59
CA ARG I 67 39.68 9.30 20.63
C ARG I 67 40.76 8.38 20.07
N TYR I 68 40.28 7.23 19.61
CA TYR I 68 41.08 6.18 18.99
C TYR I 68 41.97 6.69 17.86
N LYS I 69 41.37 7.38 16.91
CA LYS I 69 42.13 7.89 15.77
C LYS I 69 43.13 8.98 16.16
N THR I 70 42.71 9.91 17.00
CA THR I 70 43.62 10.99 17.42
C THR I 70 44.80 10.46 18.24
N ASN I 71 44.55 9.42 19.03
CA ASN I 71 45.62 8.82 19.82
C ASN I 71 46.72 8.28 18.90
N LEU I 72 46.32 7.49 17.92
CA LEU I 72 47.28 6.93 16.99
C LEU I 72 47.94 8.04 16.18
N TYR I 73 47.16 9.03 15.79
CA TYR I 73 47.70 10.14 15.03
C TYR I 73 48.87 10.78 15.76
N LYS I 74 48.69 11.00 17.06
CA LYS I 74 49.71 11.62 17.87
C LYS I 74 50.95 10.74 18.01
N LEU I 75 50.75 9.43 18.14
CA LEU I 75 51.88 8.52 18.27
C LEU I 75 52.76 8.51 17.03
N LYS I 76 52.13 8.60 15.86
CA LYS I 76 52.85 8.59 14.60
C LYS I 76 53.40 9.97 14.26
N GLU I 77 52.52 10.97 14.28
CA GLU I 77 52.85 12.36 13.96
C GLU I 77 53.75 13.03 15.00
N GLU I 78 53.66 12.55 16.23
CA GLU I 78 54.43 13.10 17.35
C GLU I 78 54.03 14.54 17.62
N ARG I 79 52.73 14.80 17.58
CA ARG I 79 52.16 16.11 17.84
C ARG I 79 50.66 15.93 17.84
N ALA I 80 49.95 16.83 18.51
CA ALA I 80 48.49 16.73 18.56
C ALA I 80 47.90 17.30 17.29
N ILE I 81 46.79 16.71 16.86
CA ILE I 81 46.11 17.13 15.63
C ILE I 81 45.55 18.56 15.74
N GLU I 82 45.55 19.28 14.63
CA GLU I 82 45.03 20.65 14.58
C GLU I 82 43.55 20.67 14.16
N PRO I 83 42.84 21.76 14.49
CA PRO I 83 41.42 21.88 14.15
C PRO I 83 41.18 21.53 12.69
N GLU I 84 41.85 22.24 11.80
CA GLU I 84 41.72 22.03 10.36
C GLU I 84 41.86 20.57 9.97
N THR I 85 42.94 19.93 10.42
CA THR I 85 43.19 18.54 10.11
C THR I 85 42.12 17.62 10.69
N PHE I 86 41.81 17.82 11.96
CA PHE I 86 40.81 16.99 12.61
C PHE I 86 39.51 17.07 11.85
N THR I 87 39.15 18.28 11.42
CA THR I 87 37.92 18.48 10.66
C THR I 87 37.92 17.56 9.44
N GLN I 88 39.05 17.49 8.75
CA GLN I 88 39.15 16.61 7.59
C GLN I 88 38.99 15.16 8.02
N LEU I 89 39.56 14.81 9.17
CA LEU I 89 39.45 13.45 9.65
C LEU I 89 37.99 13.12 9.93
N VAL I 90 37.26 14.07 10.51
CA VAL I 90 35.85 13.84 10.82
C VAL I 90 35.08 13.62 9.52
N SER I 91 35.29 14.53 8.57
CA SER I 91 34.64 14.49 7.29
C SER I 91 34.78 13.14 6.57
N SER I 92 36.02 12.71 6.37
CA SER I 92 36.25 11.45 5.69
C SER I 92 35.75 10.27 6.50
N SER I 93 35.83 10.37 7.82
CA SER I 93 35.36 9.28 8.67
C SER I 93 33.85 9.12 8.50
N LEU I 94 33.15 10.23 8.34
CA LEU I 94 31.70 10.18 8.19
C LEU I 94 31.27 9.67 6.83
N TYR I 95 31.89 10.19 5.78
CA TYR I 95 31.55 9.80 4.43
C TYR I 95 31.89 8.35 4.18
N GLU I 96 32.71 7.77 5.04
CA GLU I 96 33.12 6.40 4.88
C GLU I 96 31.90 5.50 5.10
N ARG I 97 30.87 6.06 5.71
CA ARG I 97 29.63 5.35 5.99
C ARG I 97 28.49 5.99 5.20
N ARG I 98 28.83 6.55 4.04
CA ARG I 98 27.88 7.22 3.16
C ARG I 98 26.50 6.59 3.03
N PHE I 99 26.43 5.27 2.92
CA PHE I 99 25.16 4.58 2.75
C PHE I 99 24.70 3.80 3.97
N GLY I 100 24.84 4.40 5.13
CA GLY I 100 24.45 3.80 6.40
C GLY I 100 25.15 4.66 7.42
N PRO I 101 24.92 5.98 7.36
CA PRO I 101 25.49 7.00 8.22
C PRO I 101 25.21 6.96 9.69
N TYR I 102 25.95 7.79 10.39
CA TYR I 102 25.79 7.98 11.79
C TYR I 102 24.80 9.14 11.82
N PHE I 103 23.81 9.07 12.69
CA PHE I 103 22.83 10.13 12.74
C PHE I 103 23.28 11.20 13.71
N VAL I 104 24.36 11.87 13.33
CA VAL I 104 24.95 12.91 14.14
C VAL I 104 25.16 14.19 13.33
N GLY I 105 25.39 15.28 14.05
CA GLY I 105 25.66 16.57 13.44
C GLY I 105 26.84 17.13 14.22
N PRO I 106 28.08 16.81 13.84
CA PRO I 106 29.32 17.26 14.49
C PRO I 106 29.68 18.72 14.32
N VAL I 107 30.35 19.25 15.35
CA VAL I 107 30.84 20.64 15.37
C VAL I 107 32.26 20.64 15.92
N VAL I 108 33.19 21.22 15.16
CA VAL I 108 34.59 21.28 15.58
C VAL I 108 34.96 22.71 15.96
N ALA I 109 35.69 22.85 17.06
CA ALA I 109 36.12 24.16 17.54
C ALA I 109 37.49 24.06 18.19
N GLY I 110 38.35 25.02 17.88
CA GLY I 110 39.68 25.04 18.45
C GLY I 110 40.53 26.15 17.88
N ILE I 111 41.73 26.32 18.42
CA ILE I 111 42.65 27.33 17.94
C ILE I 111 43.92 26.65 17.45
N ASN I 112 44.33 27.01 16.25
CA ASN I 112 45.53 26.42 15.67
C ASN I 112 46.72 26.75 16.56
N SER I 113 47.33 25.73 17.13
CA SER I 113 48.48 25.92 18.01
C SER I 113 49.65 26.63 17.35
N LYS I 114 49.73 26.56 16.02
CA LYS I 114 50.84 27.19 15.33
C LYS I 114 50.53 28.63 14.92
N SER I 115 49.39 28.85 14.28
CA SER I 115 49.02 30.18 13.83
C SER I 115 48.11 30.92 14.80
N GLY I 116 47.77 30.29 15.92
CA GLY I 116 46.90 30.93 16.91
C GLY I 116 45.52 31.36 16.44
N LYS I 117 45.22 31.11 15.17
CA LYS I 117 43.93 31.46 14.58
C LYS I 117 42.76 30.61 15.10
N PRO I 118 41.60 31.24 15.35
CA PRO I 118 40.41 30.54 15.83
C PRO I 118 39.77 29.76 14.68
N PHE I 119 39.26 28.56 15.00
CA PHE I 119 38.64 27.71 14.00
C PHE I 119 37.40 26.94 14.46
N ILE I 120 36.34 27.00 13.66
CA ILE I 120 35.11 26.28 13.91
C ILE I 120 34.57 25.74 12.58
N ALA I 121 33.90 24.59 12.65
CA ALA I 121 33.31 23.97 11.46
C ALA I 121 32.18 23.03 11.83
N GLY I 122 31.31 22.77 10.87
CA GLY I 122 30.19 21.87 11.07
C GLY I 122 30.02 20.97 9.86
N PHE I 123 29.36 19.84 10.03
CA PHE I 123 29.12 18.92 8.92
C PHE I 123 27.73 18.33 9.07
N ASP I 124 27.24 17.70 8.00
CA ASP I 124 25.94 17.04 8.04
C ASP I 124 26.24 15.57 8.41
N LEU I 125 25.24 14.69 8.45
CA LEU I 125 25.50 13.30 8.85
C LEU I 125 26.41 12.47 7.92
N ILE I 126 26.55 12.88 6.67
CA ILE I 126 27.42 12.15 5.76
C ILE I 126 28.76 12.85 5.56
N GLY I 127 29.03 13.85 6.38
CA GLY I 127 30.31 14.53 6.31
C GLY I 127 30.56 15.82 5.56
N CYS I 128 29.58 16.40 4.89
CA CYS I 128 29.87 17.64 4.17
C CYS I 128 30.29 18.75 5.13
N ILE I 129 31.47 19.30 4.88
CA ILE I 129 32.01 20.36 5.73
C ILE I 129 31.40 21.74 5.50
N ASP I 130 30.96 22.35 6.59
CA ASP I 130 30.39 23.68 6.57
C ASP I 130 31.36 24.52 7.40
N GLU I 131 32.25 25.24 6.74
CA GLU I 131 33.19 26.07 7.48
C GLU I 131 32.73 27.53 7.53
N ALA I 132 32.41 27.97 8.72
CA ALA I 132 31.96 29.34 8.94
C ALA I 132 32.97 30.07 9.80
N LYS I 133 32.99 31.38 9.66
CA LYS I 133 33.90 32.20 10.43
C LYS I 133 33.21 32.63 11.73
N ASP I 134 31.90 32.86 11.66
CA ASP I 134 31.13 33.32 12.81
C ASP I 134 30.66 32.24 13.78
N PHE I 135 29.65 31.48 13.40
CA PHE I 135 29.10 30.45 14.28
C PHE I 135 28.58 29.22 13.52
N ILE I 136 28.52 28.11 14.23
CA ILE I 136 28.03 26.84 13.69
C ILE I 136 26.99 26.35 14.69
N VAL I 137 25.87 25.83 14.18
CA VAL I 137 24.82 25.32 15.06
C VAL I 137 24.48 23.90 14.73
N SER I 138 23.85 23.21 15.66
CA SER I 138 23.48 21.82 15.44
C SER I 138 22.52 21.32 16.49
N GLY I 139 21.62 20.42 16.09
CA GLY I 139 20.68 19.86 17.05
C GLY I 139 19.21 20.03 16.72
N THR I 140 18.39 19.58 17.65
CA THR I 140 16.94 19.63 17.52
C THR I 140 16.39 21.06 17.61
N ALA I 141 17.22 21.99 18.06
CA ALA I 141 16.81 23.39 18.19
C ALA I 141 17.72 24.23 17.32
N SER I 142 18.13 23.68 16.19
CA SER I 142 19.01 24.36 15.27
C SER I 142 18.42 25.61 14.63
N ASP I 143 17.12 25.60 14.35
CA ASP I 143 16.49 26.77 13.74
C ASP I 143 16.55 27.92 14.73
N GLN I 144 16.19 27.63 15.99
CA GLN I 144 16.22 28.62 17.04
C GLN I 144 17.64 29.16 17.15
N LEU I 145 18.61 28.25 17.22
CA LEU I 145 20.02 28.65 17.33
C LEU I 145 20.44 29.55 16.18
N PHE I 146 19.98 29.27 14.97
CA PHE I 146 20.34 30.11 13.83
C PHE I 146 19.77 31.49 14.04
N GLY I 147 18.56 31.53 14.57
CA GLY I 147 17.90 32.80 14.84
C GLY I 147 18.67 33.59 15.89
N MET I 148 18.95 32.95 17.02
CA MET I 148 19.68 33.62 18.09
C MET I 148 21.02 34.12 17.60
N CYS I 149 21.81 33.22 17.04
CA CYS I 149 23.13 33.58 16.55
C CYS I 149 23.12 34.71 15.55
N GLU I 150 22.31 34.57 14.50
CA GLU I 150 22.28 35.60 13.48
C GLU I 150 22.00 37.01 14.02
N SER I 151 21.33 37.09 15.18
CA SER I 151 21.02 38.38 15.78
C SER I 151 22.02 38.83 16.84
N LEU I 152 22.24 37.96 17.83
CA LEU I 152 23.15 38.26 18.94
C LEU I 152 24.63 38.27 18.60
N TYR I 153 24.99 37.86 17.39
CA TYR I 153 26.40 37.79 17.07
C TYR I 153 27.02 39.02 16.41
N GLU I 154 28.28 39.26 16.76
CA GLU I 154 29.09 40.35 16.22
C GLU I 154 30.54 39.89 16.40
N PRO I 155 31.41 40.23 15.44
CA PRO I 155 32.84 39.89 15.42
C PRO I 155 33.70 40.27 16.62
N ASN I 156 34.90 39.69 16.65
CA ASN I 156 35.90 39.92 17.67
C ASN I 156 35.44 40.09 19.11
N LEU I 157 34.43 39.36 19.54
CA LEU I 157 34.02 39.50 20.92
C LEU I 157 35.19 39.00 21.78
N GLU I 158 35.25 39.45 23.03
CA GLU I 158 36.30 39.04 23.94
C GLU I 158 35.79 37.84 24.71
N PRO I 159 36.70 37.00 25.21
CA PRO I 159 36.31 35.81 25.96
C PRO I 159 35.12 36.01 26.91
N GLU I 160 35.20 37.01 27.77
CA GLU I 160 34.12 37.29 28.73
C GLU I 160 32.82 37.73 28.04
N ASP I 161 32.96 38.28 26.85
CA ASP I 161 31.81 38.74 26.07
C ASP I 161 31.24 37.60 25.22
N LEU I 162 32.12 36.89 24.51
CA LEU I 162 31.68 35.76 23.70
C LEU I 162 30.90 34.81 24.58
N PHE I 163 31.37 34.63 25.81
CA PHE I 163 30.69 33.75 26.73
C PHE I 163 29.24 34.19 26.90
N GLU I 164 29.03 35.45 27.23
CA GLU I 164 27.67 35.94 27.43
C GLU I 164 26.81 35.67 26.20
N THR I 165 27.36 35.97 25.03
CA THR I 165 26.64 35.78 23.78
C THR I 165 26.28 34.33 23.47
N ILE I 166 27.27 33.44 23.52
CA ILE I 166 27.00 32.05 23.25
C ILE I 166 25.95 31.50 24.21
N SER I 167 26.13 31.77 25.51
CA SER I 167 25.22 31.30 26.54
C SER I 167 23.78 31.78 26.36
N GLN I 168 23.63 32.99 25.81
CA GLN I 168 22.30 33.53 25.60
C GLN I 168 21.70 32.93 24.35
N ALA I 169 22.56 32.59 23.40
CA ALA I 169 22.11 31.97 22.16
C ALA I 169 21.60 30.58 22.51
N LEU I 170 22.43 29.77 23.16
CA LEU I 170 22.04 28.41 23.54
C LEU I 170 20.79 28.45 24.39
N LEU I 171 20.92 29.05 25.57
CA LEU I 171 19.84 29.18 26.54
C LEU I 171 18.46 29.50 25.97
N ASN I 172 18.36 30.57 25.20
CA ASN I 172 17.08 30.99 24.64
C ASN I 172 16.52 30.12 23.51
N ALA I 173 17.39 29.41 22.81
CA ALA I 173 16.93 28.54 21.73
C ALA I 173 16.41 27.29 22.39
N ALA I 174 17.20 26.74 23.30
CA ALA I 174 16.87 25.52 24.04
C ALA I 174 15.52 25.62 24.71
N ASP I 175 15.10 26.84 25.00
CA ASP I 175 13.85 27.05 25.67
C ASP I 175 12.63 27.07 24.77
N ARG I 176 12.87 27.00 23.46
CA ARG I 176 11.79 26.98 22.50
C ARG I 176 11.79 25.58 21.84
N ASP I 177 12.49 24.65 22.47
CA ASP I 177 12.59 23.28 21.97
C ASP I 177 12.29 22.31 23.11
N ALA I 178 11.31 21.45 22.86
CA ALA I 178 10.87 20.46 23.82
C ALA I 178 11.89 19.37 24.07
N LEU I 179 12.81 19.18 23.13
CA LEU I 179 13.81 18.12 23.26
C LEU I 179 15.21 18.55 23.69
N SER I 180 15.39 19.83 24.01
CA SER I 180 16.69 20.34 24.44
C SER I 180 16.61 20.99 25.83
N GLY I 181 17.78 21.28 26.41
CA GLY I 181 17.83 21.92 27.71
C GLY I 181 18.21 21.00 28.84
N TRP I 182 17.59 21.17 30.00
CA TRP I 182 17.87 20.32 31.15
C TRP I 182 19.28 20.46 31.71
N GLY I 183 19.94 21.56 31.37
CA GLY I 183 21.30 21.79 31.82
C GLY I 183 22.05 22.39 30.66
N ALA I 184 23.35 22.64 30.81
CA ALA I 184 24.14 23.20 29.73
C ALA I 184 25.52 23.49 30.23
N VAL I 185 26.50 23.39 29.33
CA VAL I 185 27.88 23.64 29.68
C VAL I 185 28.53 24.39 28.52
N VAL I 186 29.24 25.46 28.84
CA VAL I 186 29.92 26.29 27.84
C VAL I 186 31.42 26.19 28.00
N TYR I 187 32.13 26.19 26.87
CA TYR I 187 33.59 26.11 26.87
C TYR I 187 34.20 27.37 26.24
N ILE I 188 34.98 28.12 27.03
CA ILE I 188 35.65 29.31 26.50
C ILE I 188 37.10 28.89 26.25
N ILE I 189 37.51 28.98 25.00
CA ILE I 189 38.86 28.55 24.61
C ILE I 189 39.78 29.63 24.09
N LYS I 190 40.99 29.64 24.66
CA LYS I 190 42.06 30.57 24.29
C LYS I 190 43.33 29.75 24.08
N LYS I 191 44.31 30.35 23.41
CA LYS I 191 45.59 29.70 23.12
C LYS I 191 46.22 28.99 24.31
N ASP I 192 46.26 29.70 25.43
CA ASP I 192 46.87 29.21 26.66
C ASP I 192 45.96 28.50 27.67
N GLU I 193 44.66 28.83 27.68
CA GLU I 193 43.75 28.19 28.62
C GLU I 193 42.34 27.97 28.10
N VAL I 194 41.59 27.15 28.85
CA VAL I 194 40.21 26.83 28.52
C VAL I 194 39.37 26.74 29.80
N VAL I 195 38.27 27.47 29.82
CA VAL I 195 37.37 27.50 30.96
C VAL I 195 36.05 26.81 30.63
N LYS I 196 35.54 26.03 31.57
CA LYS I 196 34.30 25.30 31.37
C LYS I 196 33.29 25.67 32.46
N ARG I 197 32.18 26.29 32.06
CA ARG I 197 31.16 26.68 33.02
C ARG I 197 29.80 26.02 32.76
N TYR I 198 29.09 25.70 33.84
CA TYR I 198 27.76 25.12 33.75
C TYR I 198 26.74 26.22 33.95
N LEU I 199 25.83 26.38 33.01
CA LEU I 199 24.81 27.42 33.11
C LEU I 199 23.62 26.94 33.93
N LYS I 200 22.89 27.91 34.51
CA LYS I 200 21.69 27.61 35.29
C LYS I 200 20.56 27.94 34.34
N MET I 201 19.69 26.97 34.06
CA MET I 201 18.58 27.19 33.15
C MET I 201 17.33 26.46 33.63
N ARG I 202 16.22 26.74 32.95
CA ARG I 202 14.94 26.11 33.29
C ARG I 202 15.11 24.60 33.26
N GLN I 203 14.37 23.89 34.11
CA GLN I 203 14.48 22.43 34.12
C GLN I 203 13.18 21.75 33.66
N ASP I 204 12.53 22.35 32.68
CA ASP I 204 11.29 21.81 32.13
C ASP I 204 11.41 21.50 30.63
N MET J 1 5.75 -3.26 28.61
CA MET J 1 6.93 -4.17 28.66
C MET J 1 7.00 -4.86 30.05
N ASP J 2 8.19 -5.36 30.39
CA ASP J 2 8.43 -5.99 31.68
C ASP J 2 8.92 -4.86 32.56
N ILE J 3 9.03 -5.10 33.86
CA ILE J 3 9.52 -4.06 34.74
C ILE J 3 10.98 -4.29 35.05
N ILE J 4 11.78 -3.27 34.79
CA ILE J 4 13.21 -3.32 35.03
C ILE J 4 13.60 -2.02 35.71
N LEU J 5 13.84 -2.09 37.02
CA LEU J 5 14.20 -0.92 37.80
C LEU J 5 15.58 -1.08 38.41
N GLY J 6 16.24 0.04 38.59
CA GLY J 6 17.56 0.04 39.19
C GLY J 6 17.68 1.30 40.03
N ILE J 7 18.26 1.17 41.20
CA ILE J 7 18.41 2.33 42.07
C ILE J 7 19.70 2.22 42.88
N ARG J 8 20.52 3.26 42.78
CA ARG J 8 21.80 3.30 43.47
C ARG J 8 21.74 4.16 44.73
N VAL J 9 21.92 3.51 45.87
CA VAL J 9 21.91 4.23 47.13
C VAL J 9 23.33 4.64 47.55
N GLN J 10 23.58 4.62 48.85
CA GLN J 10 24.86 5.02 49.42
C GLN J 10 25.99 4.04 49.14
N ASP J 11 25.79 2.78 49.52
CA ASP J 11 26.84 1.80 49.35
C ASP J 11 26.42 0.58 48.55
N SER J 12 25.31 0.67 47.84
CA SER J 12 24.87 -0.45 47.04
C SER J 12 24.03 -0.04 45.86
N VAL J 13 23.64 -1.03 45.08
CA VAL J 13 22.82 -0.85 43.90
C VAL J 13 21.72 -1.89 44.04
N ILE J 14 20.49 -1.47 43.85
CA ILE J 14 19.37 -2.41 43.96
C ILE J 14 18.66 -2.56 42.63
N LEU J 15 18.42 -3.81 42.24
CA LEU J 15 17.72 -4.10 40.99
C LEU J 15 16.40 -4.85 41.24
N ALA J 16 15.30 -4.29 40.74
CA ALA J 16 13.99 -4.87 40.86
C ALA J 16 13.54 -5.27 39.45
N SER J 17 13.12 -6.52 39.28
CA SER J 17 12.70 -7.02 37.97
C SER J 17 11.42 -7.84 38.07
N SER J 18 10.45 -7.57 37.19
CA SER J 18 9.17 -8.30 37.23
C SER J 18 9.35 -9.79 37.03
N LYS J 19 8.43 -10.57 37.60
CA LYS J 19 8.52 -12.01 37.52
C LYS J 19 7.67 -12.71 36.48
N ALA J 20 6.76 -11.97 35.84
CA ALA J 20 5.89 -12.58 34.84
C ALA J 20 6.52 -12.79 33.46
N VAL J 21 6.08 -13.84 32.78
CA VAL J 21 6.52 -14.14 31.43
C VAL J 21 5.24 -14.49 30.69
N THR J 22 4.77 -13.55 29.87
CA THR J 22 3.53 -13.71 29.15
C THR J 22 3.72 -13.83 27.65
N ARG J 23 2.98 -14.76 27.06
CA ARG J 23 3.03 -14.93 25.63
C ARG J 23 1.58 -15.00 25.22
N GLY J 24 1.20 -14.03 24.40
CA GLY J 24 -0.16 -13.97 23.93
C GLY J 24 -1.11 -13.60 25.04
N ILE J 25 -2.10 -14.47 25.21
CA ILE J 25 -3.14 -14.28 26.18
C ILE J 25 -2.88 -15.02 27.49
N SER J 26 -1.75 -15.72 27.59
CA SER J 26 -1.43 -16.49 28.80
C SER J 26 -0.16 -16.09 29.52
N VAL J 27 -0.22 -16.09 30.85
CA VAL J 27 0.95 -15.78 31.67
C VAL J 27 1.61 -17.13 31.98
N LEU J 28 2.60 -17.48 31.17
CA LEU J 28 3.32 -18.75 31.27
C LEU J 28 4.12 -19.05 32.53
N LYS J 29 4.70 -18.03 33.15
CA LYS J 29 5.49 -18.25 34.35
C LYS J 29 5.43 -16.97 35.16
N ASP J 30 5.45 -17.13 36.48
CA ASP J 30 5.36 -15.99 37.39
C ASP J 30 6.51 -15.93 38.40
N SER J 31 7.63 -16.55 38.06
CA SER J 31 8.79 -16.57 38.94
C SER J 31 10.06 -16.41 38.12
N ASP J 32 9.99 -15.65 37.04
CA ASP J 32 11.13 -15.45 36.18
C ASP J 32 12.20 -14.52 36.74
N ASP J 33 13.46 -14.94 36.63
CA ASP J 33 14.55 -14.11 37.13
C ASP J 33 15.24 -13.44 35.93
N LYS J 34 14.77 -12.23 35.60
CA LYS J 34 15.29 -11.46 34.47
C LYS J 34 16.65 -10.83 34.76
N THR J 35 17.56 -11.67 35.23
CA THR J 35 18.88 -11.20 35.60
C THR J 35 19.97 -12.27 35.40
N ARG J 36 21.22 -11.81 35.29
CA ARG J 36 22.38 -12.68 35.15
C ARG J 36 23.53 -12.04 35.88
N GLN J 37 24.31 -12.85 36.60
CA GLN J 37 25.44 -12.30 37.30
C GLN J 37 26.66 -12.34 36.38
N LEU J 38 27.16 -11.17 36.01
CA LEU J 38 28.31 -11.09 35.12
C LEU J 38 29.64 -11.37 35.84
N SER J 39 29.72 -10.98 37.11
CA SER J 39 30.90 -11.22 37.91
C SER J 39 30.47 -11.10 39.35
N PRO J 40 31.31 -11.54 40.30
CA PRO J 40 30.95 -11.46 41.72
C PRO J 40 30.33 -10.14 42.20
N HIS J 41 30.73 -9.03 41.60
CA HIS J 41 30.19 -7.72 42.01
C HIS J 41 29.44 -6.96 40.92
N THR J 42 29.05 -7.65 39.85
CA THR J 42 28.31 -7.00 38.76
C THR J 42 27.08 -7.81 38.34
N LEU J 43 25.94 -7.16 38.42
CA LEU J 43 24.66 -7.77 38.07
C LEU J 43 23.99 -7.03 36.91
N MET J 44 23.37 -7.79 36.00
CA MET J 44 22.70 -7.18 34.86
C MET J 44 21.29 -7.70 34.70
N SER J 45 20.34 -6.77 34.64
CA SER J 45 18.92 -7.11 34.43
C SER J 45 18.64 -6.77 32.97
N PHE J 46 17.62 -7.40 32.40
CA PHE J 46 17.31 -7.17 30.99
C PHE J 46 15.86 -7.40 30.64
N ALA J 47 15.41 -6.76 29.56
CA ALA J 47 14.04 -6.90 29.06
C ALA J 47 13.99 -6.58 27.57
N GLY J 48 13.01 -7.16 26.86
CA GLY J 48 12.90 -6.92 25.43
C GLY J 48 12.29 -8.08 24.65
N GLU J 49 12.74 -8.23 23.41
CA GLU J 49 12.25 -9.29 22.53
C GLU J 49 12.42 -10.68 23.13
N ALA J 50 11.38 -11.50 23.01
CA ALA J 50 11.32 -12.87 23.51
C ALA J 50 12.59 -13.72 23.50
N GLY J 51 13.21 -13.93 22.36
CA GLY J 51 14.40 -14.77 22.41
C GLY J 51 15.67 -14.04 22.76
N ASP J 52 15.89 -12.92 22.08
CA ASP J 52 17.07 -12.08 22.23
C ASP J 52 17.48 -11.79 23.67
N THR J 53 16.48 -11.58 24.51
CA THR J 53 16.67 -11.27 25.91
C THR J 53 17.69 -12.16 26.64
N VAL J 54 17.35 -13.43 26.85
CA VAL J 54 18.25 -14.34 27.55
C VAL J 54 19.52 -14.63 26.75
N GLN J 55 19.36 -14.89 25.45
CA GLN J 55 20.51 -15.19 24.59
C GLN J 55 21.59 -14.14 24.78
N PHE J 56 21.19 -12.87 24.71
CA PHE J 56 22.15 -11.79 24.88
C PHE J 56 22.76 -11.84 26.27
N ALA J 57 21.90 -11.86 27.29
CA ALA J 57 22.37 -11.90 28.66
C ALA J 57 23.43 -12.97 28.86
N GLU J 58 23.09 -14.22 28.52
CA GLU J 58 24.03 -15.32 28.68
C GLU J 58 25.31 -15.15 27.86
N TYR J 59 25.18 -14.60 26.66
CA TYR J 59 26.34 -14.36 25.81
C TYR J 59 27.32 -13.42 26.51
N ILE J 60 26.79 -12.33 27.06
CA ILE J 60 27.61 -11.36 27.78
C ILE J 60 28.18 -12.00 29.04
N GLN J 61 27.37 -12.81 29.72
CA GLN J 61 27.84 -13.49 30.92
C GLN J 61 29.07 -14.32 30.61
N ALA J 62 28.99 -15.12 29.55
CA ALA J 62 30.11 -15.97 29.15
C ALA J 62 31.38 -15.16 28.89
N ASN J 63 31.28 -14.06 28.16
CA ASN J 63 32.47 -13.25 27.89
C ASN J 63 33.12 -12.70 29.14
N ILE J 64 32.33 -12.12 30.03
CA ILE J 64 32.90 -11.55 31.25
C ILE J 64 33.61 -12.65 32.04
N GLN J 65 32.95 -13.78 32.21
CA GLN J 65 33.55 -14.90 32.93
C GLN J 65 34.86 -15.34 32.30
N LEU J 66 34.90 -15.38 30.97
CA LEU J 66 36.10 -15.77 30.26
C LEU J 66 37.20 -14.74 30.54
N TYR J 67 36.83 -13.47 30.61
CA TYR J 67 37.82 -12.44 30.88
C TYR J 67 38.38 -12.63 32.29
N SER J 68 37.47 -12.88 33.22
CA SER J 68 37.84 -13.08 34.61
C SER J 68 38.86 -14.20 34.77
N ILE J 69 38.62 -15.34 34.14
CA ILE J 69 39.56 -16.45 34.24
C ILE J 69 40.86 -16.17 33.52
N ARG J 70 40.79 -15.59 32.33
CA ARG J 70 42.00 -15.30 31.58
C ARG J 70 42.92 -14.36 32.33
N GLU J 71 42.35 -13.32 32.94
CA GLU J 71 43.15 -12.33 33.65
C GLU J 71 43.16 -12.51 35.16
N ASP J 72 42.38 -13.46 35.67
CA ASP J 72 42.29 -13.66 37.11
C ASP J 72 42.10 -12.29 37.75
N TYR J 73 41.02 -11.62 37.36
CA TYR J 73 40.71 -10.28 37.84
C TYR J 73 39.28 -9.99 37.44
N GLU J 74 38.61 -9.15 38.21
CA GLU J 74 37.23 -8.79 37.93
C GLU J 74 37.20 -7.40 37.32
N LEU J 75 36.63 -7.30 36.12
CA LEU J 75 36.54 -6.00 35.45
C LEU J 75 35.63 -5.09 36.23
N SER J 76 35.96 -3.81 36.22
CA SER J 76 35.16 -2.82 36.94
C SER J 76 33.80 -2.70 36.28
N PRO J 77 32.78 -2.30 37.07
CA PRO J 77 31.44 -2.16 36.50
C PRO J 77 31.50 -1.22 35.29
N GLN J 78 32.26 -0.15 35.41
CA GLN J 78 32.36 0.78 34.31
C GLN J 78 32.83 0.05 33.06
N ALA J 79 33.89 -0.73 33.19
CA ALA J 79 34.44 -1.48 32.06
C ALA J 79 33.43 -2.44 31.45
N VAL J 80 32.76 -3.21 32.30
CA VAL J 80 31.76 -4.16 31.80
C VAL J 80 30.65 -3.50 31.01
N SER J 81 30.13 -2.38 31.49
CA SER J 81 29.07 -1.67 30.80
C SER J 81 29.58 -1.12 29.46
N SER J 82 30.86 -0.74 29.42
CA SER J 82 31.42 -0.21 28.18
C SER J 82 31.49 -1.34 27.16
N PHE J 83 31.75 -2.53 27.65
CA PHE J 83 31.82 -3.70 26.80
C PHE J 83 30.43 -3.98 26.26
N VAL J 84 29.45 -4.02 27.15
CA VAL J 84 28.08 -4.29 26.75
C VAL J 84 27.53 -3.24 25.78
N ARG J 85 27.87 -1.97 25.98
CA ARG J 85 27.38 -0.95 25.07
C ARG J 85 27.90 -1.22 23.68
N GLN J 86 29.21 -1.44 23.59
CA GLN J 86 29.81 -1.70 22.31
C GLN J 86 29.15 -2.87 21.60
N GLU J 87 28.76 -3.87 22.36
CA GLU J 87 28.10 -5.02 21.78
C GLU J 87 26.80 -4.56 21.19
N LEU J 88 25.94 -3.97 22.00
CA LEU J 88 24.66 -3.50 21.50
C LEU J 88 24.83 -2.54 20.35
N ALA J 89 25.82 -1.64 20.44
CA ALA J 89 26.05 -0.68 19.38
C ALA J 89 26.43 -1.36 18.05
N LYS J 90 27.02 -2.55 18.12
CA LYS J 90 27.40 -3.31 16.92
C LYS J 90 26.13 -4.00 16.41
N SER J 91 25.36 -4.52 17.34
CA SER J 91 24.14 -5.21 17.04
C SER J 91 23.15 -4.35 16.27
N ILE J 92 22.90 -3.15 16.77
CA ILE J 92 21.95 -2.25 16.14
C ILE J 92 22.16 -2.09 14.63
N ARG J 93 23.40 -2.18 14.18
CA ARG J 93 23.65 -2.05 12.75
C ARG J 93 23.98 -3.39 12.07
N SER J 94 23.46 -4.49 12.61
CA SER J 94 23.69 -5.81 12.04
C SER J 94 22.42 -6.33 11.37
N ARG J 95 22.50 -7.49 10.72
CA ARG J 95 21.35 -8.06 10.02
C ARG J 95 20.08 -8.11 10.87
N ARG J 96 20.19 -8.72 12.05
CA ARG J 96 19.06 -8.80 12.97
C ARG J 96 19.54 -8.39 14.37
N PRO J 97 19.30 -7.13 14.75
CA PRO J 97 19.72 -6.63 16.07
C PRO J 97 19.10 -7.34 17.25
N TYR J 98 19.78 -7.26 18.38
CA TYR J 98 19.28 -7.83 19.61
C TYR J 98 18.32 -6.75 20.13
N GLN J 99 17.09 -7.12 20.39
CA GLN J 99 16.19 -6.12 20.92
C GLN J 99 16.11 -6.33 22.41
N VAL J 100 17.14 -5.86 23.10
CA VAL J 100 17.23 -6.02 24.54
C VAL J 100 17.70 -4.74 25.20
N ASN J 101 17.08 -4.37 26.31
CA ASN J 101 17.47 -3.19 27.07
C ASN J 101 18.00 -3.71 28.39
N VAL J 102 19.05 -3.10 28.92
CA VAL J 102 19.59 -3.59 30.17
C VAL J 102 19.94 -2.54 31.20
N LEU J 103 20.07 -3.01 32.43
CA LEU J 103 20.47 -2.20 33.57
C LEU J 103 21.66 -2.96 34.13
N ILE J 104 22.78 -2.27 34.29
CA ILE J 104 23.93 -2.91 34.84
C ILE J 104 24.24 -2.24 36.17
N GLY J 105 24.16 -3.02 37.23
CA GLY J 105 24.46 -2.52 38.56
C GLY J 105 25.61 -3.29 39.15
N GLY J 106 26.61 -2.57 39.62
CA GLY J 106 27.76 -3.23 40.20
C GLY J 106 28.41 -2.41 41.30
N TYR J 107 29.25 -3.05 42.10
CA TYR J 107 29.97 -2.39 43.17
C TYR J 107 31.44 -2.38 42.80
N ASP J 108 31.96 -1.18 42.53
CA ASP J 108 33.37 -1.03 42.15
C ASP J 108 34.28 -1.14 43.37
N LYS J 109 34.85 -2.33 43.57
CA LYS J 109 35.72 -2.58 44.71
C LYS J 109 36.96 -1.69 44.76
N LYS J 110 37.34 -1.09 43.64
CA LYS J 110 38.50 -0.22 43.64
C LYS J 110 38.13 1.19 44.10
N LYS J 111 36.98 1.68 43.69
CA LYS J 111 36.52 3.02 44.09
C LYS J 111 35.65 2.92 45.34
N ASN J 112 35.19 1.71 45.64
CA ASN J 112 34.31 1.48 46.78
C ASN J 112 33.09 2.36 46.66
N LYS J 113 32.41 2.22 45.53
CA LYS J 113 31.20 2.95 45.23
C LYS J 113 30.31 2.15 44.29
N PRO J 114 29.00 2.14 44.55
CA PRO J 114 28.11 1.38 43.67
C PRO J 114 27.86 2.20 42.40
N GLU J 115 27.55 1.51 41.31
CA GLU J 115 27.28 2.20 40.06
C GLU J 115 26.09 1.57 39.33
N LEU J 116 25.30 2.42 38.69
CA LEU J 116 24.11 1.98 37.95
C LEU J 116 24.19 2.49 36.53
N TYR J 117 24.10 1.56 35.57
CA TYR J 117 24.16 1.93 34.17
C TYR J 117 22.90 1.53 33.41
N GLN J 118 22.41 2.44 32.57
CA GLN J 118 21.24 2.11 31.79
C GLN J 118 21.71 2.11 30.36
N ILE J 119 21.41 1.03 29.65
CA ILE J 119 21.80 0.91 28.26
C ILE J 119 20.64 0.28 27.49
N ASP J 120 20.21 0.92 26.40
CA ASP J 120 19.13 0.36 25.61
C ASP J 120 19.69 -0.39 24.40
N TYR J 121 18.82 -1.12 23.71
CA TYR J 121 19.25 -1.91 22.56
C TYR J 121 19.99 -1.15 21.46
N LEU J 122 19.96 0.18 21.47
CA LEU J 122 20.66 0.96 20.46
C LEU J 122 22.12 1.17 20.83
N GLY J 123 22.45 0.88 22.08
CA GLY J 123 23.80 1.10 22.54
C GLY J 123 23.90 2.48 23.17
N THR J 124 22.81 2.93 23.77
CA THR J 124 22.76 4.23 24.43
C THR J 124 23.04 3.99 25.90
N LYS J 125 24.21 4.41 26.38
CA LYS J 125 24.54 4.20 27.77
C LYS J 125 24.54 5.49 28.56
N VAL J 126 24.20 5.37 29.84
CA VAL J 126 24.18 6.52 30.74
C VAL J 126 24.22 6.01 32.18
N GLU J 127 24.95 6.73 33.05
CA GLU J 127 25.05 6.34 34.47
C GLU J 127 24.06 7.19 35.26
N LEU J 128 23.32 6.56 36.16
CA LEU J 128 22.31 7.27 36.94
C LEU J 128 22.16 6.84 38.39
N PRO J 129 21.50 7.68 39.20
CA PRO J 129 21.24 7.44 40.62
C PRO J 129 20.21 6.33 40.65
N TYR J 130 19.29 6.42 39.69
CA TYR J 130 18.23 5.44 39.51
C TYR J 130 17.80 5.45 38.04
N GLY J 131 17.38 4.28 37.56
CA GLY J 131 16.93 4.14 36.17
C GLY J 131 15.90 3.04 35.99
N ALA J 132 15.27 3.02 34.82
CA ALA J 132 14.27 2.02 34.50
C ALA J 132 14.07 1.93 32.98
N HIS J 133 13.63 0.76 32.52
CA HIS J 133 13.37 0.55 31.09
C HIS J 133 11.90 0.29 30.87
N GLY J 134 11.41 0.67 29.70
CA GLY J 134 10.01 0.44 29.40
C GLY J 134 9.10 1.54 29.89
N TYR J 135 7.83 1.19 30.06
CA TYR J 135 6.84 2.14 30.50
C TYR J 135 6.98 2.49 31.98
N SER J 136 7.62 1.59 32.72
CA SER J 136 7.82 1.80 34.15
C SER J 136 8.43 3.17 34.38
N GLY J 137 9.48 3.47 33.62
CA GLY J 137 10.16 4.74 33.77
C GLY J 137 9.22 5.92 33.84
N PHE J 138 8.11 5.84 33.12
CA PHE J 138 7.13 6.92 33.10
C PHE J 138 6.49 7.24 34.44
N TYR J 139 6.53 6.28 35.37
CA TYR J 139 5.95 6.48 36.71
C TYR J 139 7.06 6.63 37.75
N THR J 140 8.12 5.85 37.60
CA THR J 140 9.20 5.86 38.59
C THR J 140 10.21 6.99 38.57
N PHE J 141 10.46 7.65 37.44
CA PHE J 141 11.44 8.73 37.47
C PHE J 141 11.01 9.92 38.30
N SER J 142 9.75 10.30 38.20
CA SER J 142 9.26 11.43 38.99
C SER J 142 9.07 10.97 40.43
N LEU J 143 8.73 9.70 40.62
CA LEU J 143 8.55 9.18 41.96
C LEU J 143 9.88 9.34 42.68
N LEU J 144 10.95 8.84 42.06
CA LEU J 144 12.28 8.91 42.64
C LEU J 144 12.83 10.32 42.59
N ASP J 145 12.43 11.09 41.58
CA ASP J 145 12.88 12.46 41.44
C ASP J 145 12.43 13.23 42.68
N HIS J 146 11.50 12.63 43.42
CA HIS J 146 10.94 13.24 44.61
C HIS J 146 11.51 12.59 45.88
N HIS J 147 11.24 11.30 46.07
CA HIS J 147 11.71 10.59 47.25
C HIS J 147 13.13 10.01 47.22
N TYR J 148 14.07 10.66 46.54
CA TYR J 148 15.41 10.09 46.50
C TYR J 148 16.52 10.97 47.08
N ARG J 149 17.37 10.35 47.88
CA ARG J 149 18.51 11.02 48.51
C ARG J 149 19.72 10.09 48.36
N PRO J 150 20.88 10.62 47.92
CA PRO J 150 22.15 9.90 47.69
C PRO J 150 22.71 9.11 48.87
N ASP J 151 22.48 9.61 50.08
CA ASP J 151 22.98 8.99 51.30
C ASP J 151 22.08 7.90 51.88
N MET J 152 21.01 7.57 51.17
CA MET J 152 20.10 6.54 51.66
C MET J 152 20.79 5.21 51.92
N THR J 153 20.32 4.51 52.95
CA THR J 153 20.90 3.22 53.29
C THR J 153 20.25 2.18 52.40
N THR J 154 20.83 0.99 52.36
CA THR J 154 20.26 -0.07 51.54
C THR J 154 18.81 -0.28 51.97
N GLU J 155 18.57 -0.18 53.27
CA GLU J 155 17.22 -0.36 53.79
C GLU J 155 16.28 0.73 53.28
N GLU J 156 16.73 1.98 53.30
CA GLU J 156 15.92 3.09 52.81
C GLU J 156 15.68 2.88 51.32
N GLY J 157 16.65 2.26 50.67
CA GLY J 157 16.55 1.98 49.26
C GLY J 157 15.44 0.98 48.99
N LEU J 158 15.40 -0.09 49.77
CA LEU J 158 14.36 -1.10 49.58
C LEU J 158 12.96 -0.54 49.84
N ASP J 159 12.85 0.44 50.73
CA ASP J 159 11.54 1.03 51.02
C ASP J 159 11.15 1.89 49.84
N LEU J 160 12.16 2.52 49.26
CA LEU J 160 12.00 3.39 48.11
C LEU J 160 11.50 2.56 46.94
N LEU J 161 12.03 1.34 46.80
CA LEU J 161 11.62 0.44 45.73
C LEU J 161 10.19 0.03 45.94
N LYS J 162 9.91 -0.43 47.16
CA LYS J 162 8.57 -0.87 47.50
C LYS J 162 7.60 0.23 47.07
N LEU J 163 7.96 1.48 47.34
CA LEU J 163 7.11 2.60 46.98
C LEU J 163 6.88 2.62 45.46
N CYS J 164 7.93 2.33 44.70
CA CYS J 164 7.84 2.29 43.23
C CYS J 164 6.96 1.14 42.79
N VAL J 165 7.31 -0.06 43.23
CA VAL J 165 6.55 -1.25 42.89
C VAL J 165 5.08 -1.10 43.22
N GLN J 166 4.76 -0.34 44.26
CA GLN J 166 3.34 -0.16 44.62
C GLN J 166 2.69 0.75 43.61
N GLU J 167 3.40 1.79 43.22
CA GLU J 167 2.88 2.74 42.24
C GLU J 167 2.66 2.02 40.91
N LEU J 168 3.57 1.13 40.56
CA LEU J 168 3.44 0.38 39.32
C LEU J 168 2.26 -0.58 39.36
N GLU J 169 2.07 -1.25 40.49
CA GLU J 169 0.94 -2.17 40.60
C GLU J 169 -0.39 -1.42 40.56
N LYS J 170 -0.38 -0.18 41.04
CA LYS J 170 -1.60 0.61 41.04
C LYS J 170 -2.02 1.09 39.67
N ARG J 171 -1.09 1.71 38.93
CA ARG J 171 -1.39 2.29 37.62
C ARG J 171 -1.07 1.52 36.32
N MET J 172 -0.05 0.66 36.33
CA MET J 172 0.28 -0.10 35.12
C MET J 172 -0.85 -1.06 34.79
N PRO J 173 -1.22 -1.16 33.50
CA PRO J 173 -2.29 -2.01 32.97
C PRO J 173 -2.05 -3.49 33.11
N MET J 174 -0.78 -3.88 33.02
CA MET J 174 -0.40 -5.29 33.08
C MET J 174 -0.13 -5.82 34.48
N ASP J 175 -0.34 -7.12 34.65
CA ASP J 175 -0.08 -7.79 35.92
C ASP J 175 1.30 -8.39 35.75
N PHE J 176 2.33 -7.74 36.29
CA PHE J 176 3.68 -8.26 36.13
C PHE J 176 4.12 -9.30 37.17
N LYS J 177 3.17 -9.72 37.99
CA LYS J 177 3.40 -10.73 39.03
C LYS J 177 4.53 -10.40 40.02
N GLY J 178 4.57 -9.16 40.48
CA GLY J 178 5.61 -8.78 41.43
C GLY J 178 7.01 -8.76 40.87
N VAL J 179 7.98 -8.46 41.72
CA VAL J 179 9.37 -8.39 41.28
C VAL J 179 10.31 -9.23 42.14
N ILE J 180 11.54 -9.36 41.67
CA ILE J 180 12.58 -10.07 42.39
C ILE J 180 13.61 -8.97 42.63
N VAL J 181 14.05 -8.82 43.87
CA VAL J 181 15.03 -7.78 44.17
C VAL J 181 16.39 -8.37 44.49
N LYS J 182 17.44 -7.66 44.11
CA LYS J 182 18.80 -8.12 44.38
C LYS J 182 19.67 -6.94 44.76
N ILE J 183 20.58 -7.18 45.71
CA ILE J 183 21.48 -6.13 46.18
C ILE J 183 22.91 -6.39 45.79
N VAL J 184 23.56 -5.37 45.27
CA VAL J 184 24.93 -5.46 44.86
C VAL J 184 25.72 -4.49 45.72
N ASP J 185 26.62 -5.01 46.55
CA ASP J 185 27.45 -4.18 47.43
C ASP J 185 28.85 -4.77 47.54
N LYS J 186 29.64 -4.20 48.44
CA LYS J 186 31.01 -4.64 48.65
C LYS J 186 31.15 -6.15 48.98
N ASP J 187 30.05 -6.82 49.28
CA ASP J 187 30.11 -8.23 49.61
C ASP J 187 29.47 -9.14 48.60
N GLY J 188 29.36 -8.67 47.36
CA GLY J 188 28.76 -9.47 46.32
C GLY J 188 27.31 -9.16 46.01
N ILE J 189 26.63 -10.16 45.48
CA ILE J 189 25.24 -10.02 45.09
C ILE J 189 24.38 -10.96 45.91
N ARG J 190 23.28 -10.46 46.47
CA ARG J 190 22.37 -11.31 47.24
C ARG J 190 20.94 -10.93 46.89
N GLN J 191 20.04 -11.90 46.97
CA GLN J 191 18.64 -11.68 46.62
C GLN J 191 17.69 -11.61 47.81
N VAL J 192 16.92 -10.53 47.88
CA VAL J 192 15.96 -10.34 48.96
C VAL J 192 14.78 -11.27 48.72
N ASP J 193 14.78 -12.44 49.34
CA ASP J 193 13.69 -13.40 49.13
C ASP J 193 12.36 -12.99 49.77
N ASP J 194 12.37 -11.90 50.53
CA ASP J 194 11.16 -11.43 51.18
C ASP J 194 10.73 -10.03 50.74
N PHE J 195 10.26 -9.91 49.51
CA PHE J 195 9.79 -8.61 49.01
C PHE J 195 8.31 -8.72 48.66
N GLN J 196 7.85 -9.96 48.55
CA GLN J 196 6.44 -10.25 48.24
C GLN J 196 5.57 -9.64 49.34
N ALA J 197 6.22 -9.07 50.35
CA ALA J 197 5.57 -8.44 51.50
C ALA J 197 6.62 -7.99 52.54
N GLN J 198 7.41 -6.97 52.19
CA GLN J 198 8.45 -6.46 53.09
C GLN J 198 8.02 -5.15 53.77
N THR K 1 -3.66 -27.97 17.75
CA THR K 1 -2.99 -28.59 18.94
C THR K 1 -3.43 -28.15 20.31
N THR K 2 -3.60 -29.07 21.29
CA THR K 2 -3.43 -28.81 22.72
C THR K 2 -2.54 -29.84 23.37
N THR K 3 -1.60 -29.37 24.16
CA THR K 3 -0.66 -30.20 24.87
C THR K 3 -0.39 -29.63 26.26
N LEU K 4 -0.18 -30.52 27.23
CA LEU K 4 0.13 -30.08 28.59
C LEU K 4 1.09 -31.06 29.23
N ALA K 5 1.74 -30.58 30.27
CA ALA K 5 2.68 -31.39 31.00
C ALA K 5 2.83 -30.70 32.33
N PHE K 6 2.77 -31.47 33.39
CA PHE K 6 2.92 -30.89 34.70
C PHE K 6 3.62 -31.86 35.62
N ARG K 7 4.27 -31.28 36.62
CA ARG K 7 5.02 -32.03 37.62
C ARG K 7 4.18 -32.16 38.86
N PHE K 8 4.32 -33.28 39.56
CA PHE K 8 3.60 -33.53 40.81
C PHE K 8 4.35 -34.61 41.57
N GLN K 9 3.90 -34.88 42.79
CA GLN K 9 4.50 -35.88 43.65
C GLN K 9 4.93 -37.18 42.95
N GLY K 10 4.07 -37.72 42.10
CA GLY K 10 4.40 -38.97 41.42
C GLY K 10 5.16 -38.84 40.12
N GLY K 11 5.77 -37.69 39.89
CA GLY K 11 6.54 -37.50 38.66
C GLY K 11 6.02 -36.43 37.71
N ILE K 12 5.83 -36.83 36.45
CA ILE K 12 5.35 -35.92 35.40
C ILE K 12 4.25 -36.55 34.58
N ILE K 13 3.23 -35.76 34.24
CA ILE K 13 2.14 -36.23 33.41
C ILE K 13 2.23 -35.44 32.13
N VAL K 14 1.96 -36.10 31.00
CA VAL K 14 2.03 -35.44 29.72
C VAL K 14 0.84 -35.91 28.88
N ALA K 15 -0.01 -34.97 28.49
CA ALA K 15 -1.19 -35.29 27.68
C ALA K 15 -1.21 -34.38 26.46
N VAL K 16 -1.68 -34.92 25.34
CA VAL K 16 -1.74 -34.17 24.10
C VAL K 16 -2.96 -34.61 23.28
N ASP K 17 -3.40 -33.81 22.31
CA ASP K 17 -4.54 -34.20 21.47
C ASP K 17 -3.92 -34.81 20.22
N SER K 18 -4.71 -35.13 19.22
CA SER K 18 -4.15 -35.74 18.01
C SER K 18 -4.80 -35.24 16.73
N ARG K 19 -5.24 -33.98 16.72
CA ARG K 19 -5.89 -33.41 15.55
C ARG K 19 -4.95 -32.51 14.76
N ALA K 20 -5.06 -32.57 13.44
CA ALA K 20 -4.23 -31.74 12.56
C ALA K 20 -5.12 -31.04 11.55
N THR K 21 -5.00 -29.71 11.51
CA THR K 21 -5.80 -28.89 10.58
C THR K 21 -4.97 -28.09 9.59
N ALA K 22 -5.67 -27.58 8.58
CA ALA K 22 -5.11 -26.73 7.52
C ALA K 22 -6.29 -25.79 7.23
N GLY K 23 -6.39 -24.73 8.01
CA GLY K 23 -7.52 -23.85 7.83
C GLY K 23 -8.63 -24.51 8.62
N ASN K 24 -9.81 -24.62 8.04
CA ASN K 24 -10.92 -25.25 8.73
C ASN K 24 -11.00 -26.73 8.39
N TRP K 25 -10.09 -27.17 7.54
CA TRP K 25 -10.07 -28.57 7.15
C TRP K 25 -9.36 -29.40 8.21
N VAL K 26 -10.06 -30.42 8.70
CA VAL K 26 -9.53 -31.34 9.70
C VAL K 26 -8.86 -32.45 8.90
N ALA K 27 -7.55 -32.34 8.75
CA ALA K 27 -6.76 -33.28 7.97
C ALA K 27 -6.51 -34.62 8.65
N SER K 28 -6.48 -34.62 9.97
CA SER K 28 -6.24 -35.85 10.70
C SER K 28 -6.67 -35.74 12.14
N GLN K 29 -7.09 -36.87 12.71
CA GLN K 29 -7.53 -36.93 14.09
C GLN K 29 -6.71 -38.01 14.78
N THR K 30 -5.69 -38.49 14.07
CA THR K 30 -4.81 -39.56 14.52
C THR K 30 -3.32 -39.21 14.40
N VAL K 31 -2.91 -38.11 15.01
CA VAL K 31 -1.51 -37.67 14.93
C VAL K 31 -0.74 -37.94 16.23
N LYS K 32 0.54 -38.28 16.11
CA LYS K 32 1.37 -38.51 17.31
C LYS K 32 2.11 -37.21 17.60
N LYS K 33 1.58 -36.43 18.53
CA LYS K 33 2.19 -35.15 18.88
C LYS K 33 3.23 -35.29 19.98
N VAL K 34 3.60 -36.52 20.29
CA VAL K 34 4.61 -36.76 21.32
C VAL K 34 5.69 -37.64 20.76
N ILE K 35 6.93 -37.19 20.87
CA ILE K 35 8.06 -37.98 20.41
C ILE K 35 8.83 -38.42 21.64
N GLU K 36 9.26 -39.67 21.62
CA GLU K 36 10.01 -40.27 22.72
C GLU K 36 11.49 -40.22 22.35
N ILE K 37 12.18 -39.18 22.81
CA ILE K 37 13.59 -39.00 22.49
C ILE K 37 14.35 -40.23 22.95
N ASN K 38 14.00 -40.73 24.12
CA ASN K 38 14.61 -41.93 24.67
C ASN K 38 13.85 -42.33 25.92
N PRO K 39 14.19 -43.49 26.49
CA PRO K 39 13.54 -43.99 27.70
C PRO K 39 13.18 -42.98 28.81
N PHE K 40 13.87 -41.84 28.86
CA PHE K 40 13.58 -40.85 29.88
C PHE K 40 13.44 -39.43 29.34
N LEU K 41 13.12 -39.31 28.05
CA LEU K 41 12.95 -38.01 27.41
C LEU K 41 11.79 -37.96 26.44
N LEU K 42 10.88 -37.04 26.70
CA LEU K 42 9.71 -36.86 25.85
C LEU K 42 9.67 -35.42 25.31
N GLY K 43 9.19 -35.29 24.08
CA GLY K 43 9.06 -33.98 23.47
C GLY K 43 7.63 -33.88 22.97
N THR K 44 6.94 -32.78 23.23
CA THR K 44 5.56 -32.62 22.76
C THR K 44 5.58 -31.67 21.57
N MET K 45 4.60 -31.78 20.69
CA MET K 45 4.57 -30.95 19.50
C MET K 45 3.32 -30.09 19.32
N ALA K 46 3.51 -28.77 19.25
CA ALA K 46 2.40 -27.86 19.04
C ALA K 46 2.86 -26.90 17.96
N GLY K 47 1.95 -26.49 17.06
CA GLY K 47 2.34 -25.56 16.03
C GLY K 47 2.36 -26.11 14.63
N GLY K 48 3.46 -25.88 13.92
CA GLY K 48 3.61 -26.36 12.56
C GLY K 48 4.05 -27.82 12.60
N ALA K 49 3.30 -28.68 11.91
CA ALA K 49 3.61 -30.09 11.92
C ALA K 49 5.03 -30.41 11.46
N ALA K 50 5.35 -30.06 10.22
CA ALA K 50 6.68 -30.32 9.70
C ALA K 50 7.77 -29.78 10.66
N ASP K 51 7.65 -28.51 11.05
CA ASP K 51 8.62 -27.89 11.93
C ASP K 51 8.91 -28.68 13.18
N CYS K 52 7.85 -29.06 13.90
CA CYS K 52 8.00 -29.84 15.13
C CYS K 52 8.59 -31.22 14.83
N GLN K 53 7.89 -31.97 14.00
CA GLN K 53 8.31 -33.31 13.64
C GLN K 53 9.76 -33.37 13.20
N PHE K 54 10.12 -32.54 12.23
CA PHE K 54 11.47 -32.53 11.72
C PHE K 54 12.53 -32.21 12.75
N TRP K 55 12.39 -31.05 13.38
CA TRP K 55 13.35 -30.58 14.37
C TRP K 55 13.39 -31.39 15.64
N GLU K 56 12.27 -31.97 16.03
CA GLU K 56 12.29 -32.76 17.23
C GLU K 56 12.90 -34.11 16.93
N THR K 57 12.68 -34.62 15.73
CA THR K 57 13.29 -35.88 15.36
C THR K 57 14.80 -35.64 15.31
N TRP K 58 15.18 -34.48 14.80
CA TRP K 58 16.59 -34.09 14.72
C TRP K 58 17.14 -33.96 16.12
N LEU K 59 16.34 -33.42 17.03
CA LEU K 59 16.79 -33.27 18.41
C LEU K 59 17.17 -34.65 18.92
N GLY K 60 16.32 -35.62 18.62
CA GLY K 60 16.56 -36.99 19.04
C GLY K 60 17.93 -37.47 18.64
N SER K 61 18.27 -37.27 17.37
CA SER K 61 19.57 -37.68 16.87
C SER K 61 20.68 -36.98 17.63
N GLN K 62 20.45 -35.72 18.00
CA GLN K 62 21.46 -34.98 18.73
C GLN K 62 21.68 -35.56 20.12
N CYS K 63 20.59 -35.99 20.74
CA CYS K 63 20.67 -36.58 22.06
C CYS K 63 21.44 -37.89 22.03
N ARG K 64 21.21 -38.68 20.98
CA ARG K 64 21.90 -39.95 20.82
C ARG K 64 23.41 -39.72 20.74
N LEU K 65 23.84 -38.77 19.89
CA LEU K 65 25.26 -38.44 19.74
C LEU K 65 25.88 -38.01 21.05
N HIS K 66 25.12 -37.32 21.88
CA HIS K 66 25.64 -36.87 23.16
C HIS K 66 25.99 -38.09 24.00
N GLU K 67 25.11 -39.08 23.96
CA GLU K 67 25.31 -40.29 24.72
C GLU K 67 26.44 -41.15 24.20
N LEU K 68 26.65 -41.17 22.88
CA LEU K 68 27.76 -41.94 22.34
C LEU K 68 29.06 -41.23 22.71
N ARG K 69 29.02 -39.90 22.64
CA ARG K 69 30.18 -39.07 22.92
C ARG K 69 30.58 -38.97 24.38
N GLU K 70 29.61 -38.78 25.25
CA GLU K 70 29.86 -38.62 26.67
C GLU K 70 29.60 -39.85 27.52
N LYS K 71 29.10 -40.91 26.91
CA LYS K 71 28.83 -42.13 27.64
C LYS K 71 27.98 -41.81 28.87
N GLU K 72 26.87 -41.10 28.64
CA GLU K 72 25.95 -40.68 29.70
C GLU K 72 24.69 -40.04 29.09
N ARG K 73 23.54 -40.26 29.70
CA ARG K 73 22.28 -39.69 29.22
C ARG K 73 22.32 -38.16 29.24
N ILE K 74 21.86 -37.54 28.17
CA ILE K 74 21.86 -36.08 28.10
C ILE K 74 20.83 -35.52 29.07
N SER K 75 21.14 -34.40 29.72
CA SER K 75 20.21 -33.82 30.68
C SER K 75 19.02 -33.19 29.99
N VAL K 76 17.92 -33.07 30.72
CA VAL K 76 16.73 -32.47 30.16
C VAL K 76 17.02 -31.02 29.85
N ALA K 77 17.85 -30.40 30.68
CA ALA K 77 18.19 -29.01 30.46
C ALA K 77 18.99 -28.84 29.17
N ALA K 78 20.00 -29.67 28.96
CA ALA K 78 20.82 -29.57 27.77
C ALA K 78 20.06 -29.97 26.50
N ALA K 79 19.21 -30.99 26.62
CA ALA K 79 18.44 -31.44 25.48
C ALA K 79 17.54 -30.31 24.98
N SER K 80 16.91 -29.62 25.93
CA SER K 80 16.02 -28.53 25.59
C SER K 80 16.80 -27.33 25.04
N LYS K 81 18.00 -27.09 25.56
CA LYS K 81 18.78 -25.95 25.09
C LYS K 81 19.27 -26.16 23.67
N ILE K 82 19.49 -27.41 23.30
CA ILE K 82 19.93 -27.70 21.95
C ILE K 82 18.83 -27.29 20.99
N LEU K 83 17.60 -27.74 21.27
CA LEU K 83 16.46 -27.40 20.41
C LEU K 83 16.30 -25.89 20.41
N SER K 84 16.30 -25.32 21.61
CA SER K 84 16.17 -23.88 21.78
C SER K 84 17.16 -23.10 20.94
N ASN K 85 18.45 -23.40 21.12
CA ASN K 85 19.50 -22.72 20.39
C ASN K 85 19.37 -22.87 18.88
N LEU K 86 18.91 -24.04 18.44
CA LEU K 86 18.73 -24.32 17.01
C LEU K 86 17.62 -23.41 16.51
N VAL K 87 16.47 -23.53 17.15
CA VAL K 87 15.33 -22.75 16.77
C VAL K 87 15.67 -21.26 16.75
N TYR K 88 16.54 -20.83 17.66
CA TYR K 88 16.94 -19.42 17.70
C TYR K 88 17.74 -19.02 16.47
N GLN K 89 18.54 -19.94 15.94
CA GLN K 89 19.34 -19.65 14.75
C GLN K 89 18.43 -19.21 13.61
N TYR K 90 17.24 -19.79 13.56
CA TYR K 90 16.26 -19.49 12.53
C TYR K 90 15.29 -18.36 12.91
N LYS K 91 15.52 -17.72 14.05
CA LYS K 91 14.61 -16.66 14.49
C LYS K 91 14.34 -15.65 13.40
N GLY K 92 13.05 -15.44 13.13
CA GLY K 92 12.65 -14.51 12.11
C GLY K 92 12.35 -15.18 10.78
N ALA K 93 12.77 -16.42 10.60
CA ALA K 93 12.54 -17.13 9.34
C ALA K 93 11.14 -17.69 9.19
N GLY K 94 10.38 -17.75 10.27
CA GLY K 94 9.04 -18.28 10.13
C GLY K 94 8.77 -19.65 10.74
N LEU K 95 9.75 -20.24 11.43
CA LEU K 95 9.52 -21.52 12.07
C LEU K 95 8.40 -21.29 13.09
N SER K 96 7.53 -22.27 13.24
CA SER K 96 6.44 -22.13 14.19
C SER K 96 6.29 -23.40 14.99
N MET K 97 6.69 -23.34 16.26
CA MET K 97 6.60 -24.51 17.12
C MET K 97 6.62 -24.16 18.60
N GLY K 98 5.63 -24.70 19.32
CA GLY K 98 5.50 -24.51 20.75
C GLY K 98 5.81 -25.89 21.30
N THR K 99 7.00 -26.02 21.87
CA THR K 99 7.45 -27.30 22.34
C THR K 99 7.58 -27.45 23.85
N MET K 100 7.52 -28.70 24.29
CA MET K 100 7.68 -29.03 25.70
C MET K 100 8.61 -30.24 25.78
N ILE K 101 9.67 -30.11 26.56
CA ILE K 101 10.66 -31.18 26.71
C ILE K 101 10.72 -31.68 28.15
N CYS K 102 10.17 -32.87 28.37
CA CYS K 102 10.07 -33.48 29.68
C CYS K 102 10.92 -34.73 29.84
N GLY K 103 11.59 -34.85 30.99
CA GLY K 103 12.45 -35.99 31.23
C GLY K 103 12.74 -36.25 32.70
N TYR K 104 13.63 -37.20 32.99
CA TYR K 104 13.92 -37.51 34.39
C TYR K 104 15.34 -37.97 34.69
N THR K 105 16.32 -37.09 34.55
CA THR K 105 17.68 -37.51 34.89
C THR K 105 17.87 -37.48 36.40
N ARG K 106 18.71 -38.37 36.89
CA ARG K 106 19.01 -38.49 38.30
C ARG K 106 19.53 -37.18 38.89
N LYS K 107 20.12 -36.37 38.04
CA LYS K 107 20.72 -35.11 38.43
C LYS K 107 19.73 -33.96 38.56
N GLU K 108 18.64 -34.01 37.80
CA GLU K 108 17.63 -32.95 37.81
C GLU K 108 16.28 -33.45 38.32
N GLY K 109 16.10 -34.75 38.34
CA GLY K 109 14.84 -35.31 38.78
C GLY K 109 13.79 -35.01 37.74
N PRO K 110 12.50 -34.99 38.11
CA PRO K 110 11.50 -34.68 37.09
C PRO K 110 11.74 -33.26 36.61
N THR K 111 11.71 -33.05 35.29
CA THR K 111 11.94 -31.73 34.74
C THR K 111 11.16 -31.50 33.46
N ILE K 112 10.57 -30.31 33.36
CA ILE K 112 9.82 -29.90 32.18
C ILE K 112 10.37 -28.57 31.67
N TYR K 113 10.54 -28.48 30.36
CA TYR K 113 11.04 -27.27 29.72
C TYR K 113 10.14 -26.84 28.58
N TYR K 114 9.83 -25.55 28.55
CA TYR K 114 9.00 -24.98 27.51
C TYR K 114 9.99 -24.36 26.52
N VAL K 115 9.83 -24.66 25.24
CA VAL K 115 10.71 -24.12 24.22
C VAL K 115 9.88 -23.80 23.00
N ASP K 116 9.91 -22.55 22.55
CA ASP K 116 9.15 -22.19 21.34
C ASP K 116 10.05 -21.54 20.30
N SER K 117 9.52 -21.37 19.11
CA SER K 117 10.28 -20.80 18.01
C SER K 117 10.68 -19.35 18.17
N ASP K 118 10.20 -18.69 19.22
CA ASP K 118 10.58 -17.29 19.46
C ASP K 118 11.98 -17.32 20.04
N GLY K 119 12.34 -18.45 20.63
CA GLY K 119 13.64 -18.60 21.25
C GLY K 119 13.47 -18.64 22.76
N THR K 120 12.23 -18.64 23.22
CA THR K 120 11.93 -18.67 24.64
C THR K 120 12.11 -20.08 25.19
N ARG K 121 12.86 -20.19 26.28
CA ARG K 121 13.11 -21.47 26.96
C ARG K 121 12.82 -21.24 28.42
N LEU K 122 11.82 -21.92 28.96
CA LEU K 122 11.42 -21.77 30.36
C LEU K 122 11.32 -23.07 31.12
N LYS K 123 11.79 -23.05 32.37
CA LYS K 123 11.67 -24.24 33.21
C LYS K 123 10.44 -24.05 34.10
N GLY K 124 9.63 -25.09 34.26
CA GLY K 124 8.44 -24.95 35.09
C GLY K 124 7.78 -26.26 35.49
N ASP K 125 6.77 -26.14 36.36
CA ASP K 125 6.04 -27.30 36.85
C ASP K 125 4.76 -27.53 36.06
N ILE K 126 4.22 -26.48 35.45
CA ILE K 126 3.00 -26.62 34.66
C ILE K 126 3.12 -25.84 33.35
N PHE K 127 2.63 -26.44 32.26
CA PHE K 127 2.67 -25.78 30.97
C PHE K 127 1.57 -26.34 30.06
N CYS K 128 0.91 -25.45 29.35
CA CYS K 128 -0.11 -25.84 28.38
C CYS K 128 0.27 -25.10 27.12
N VAL K 129 0.48 -25.83 26.04
CA VAL K 129 0.90 -25.21 24.80
C VAL K 129 0.00 -25.58 23.63
N GLY K 130 -0.42 -24.57 22.88
CA GLY K 130 -1.28 -24.86 21.74
C GLY K 130 -2.49 -23.96 21.66
N SER K 131 -3.15 -24.01 20.50
CA SER K 131 -4.34 -23.22 20.25
C SER K 131 -5.34 -23.39 21.36
N GLY K 132 -5.28 -24.53 22.06
CA GLY K 132 -6.21 -24.78 23.13
C GLY K 132 -5.59 -24.75 24.50
N GLN K 133 -4.44 -24.09 24.64
CA GLN K 133 -3.79 -24.06 25.93
C GLN K 133 -4.63 -23.44 27.04
N THR K 134 -5.41 -22.42 26.69
CA THR K 134 -6.24 -21.76 27.70
C THR K 134 -7.33 -22.66 28.22
N PHE K 135 -7.89 -23.48 27.35
CA PHE K 135 -8.94 -24.40 27.76
C PHE K 135 -8.38 -25.42 28.73
N ALA K 136 -7.19 -25.92 28.43
CA ALA K 136 -6.52 -26.89 29.28
C ALA K 136 -6.18 -26.23 30.62
N TYR K 137 -5.60 -25.04 30.56
CA TYR K 137 -5.24 -24.32 31.77
C TYR K 137 -6.43 -24.17 32.71
N GLY K 138 -7.58 -23.84 32.15
CA GLY K 138 -8.76 -23.66 32.98
C GLY K 138 -9.07 -24.86 33.87
N VAL K 139 -9.15 -26.02 33.24
CA VAL K 139 -9.42 -27.28 33.93
C VAL K 139 -8.24 -27.70 34.80
N LEU K 140 -7.04 -27.72 34.22
CA LEU K 140 -5.84 -28.13 34.97
C LEU K 140 -5.53 -27.23 36.18
N ASP K 141 -5.49 -25.93 35.96
CA ASP K 141 -5.21 -25.01 37.06
C ASP K 141 -6.13 -25.17 38.26
N SER K 142 -7.42 -25.39 38.02
CA SER K 142 -8.38 -25.51 39.11
C SER K 142 -8.53 -26.85 39.81
N ASN K 143 -7.69 -27.81 39.49
CA ASN K 143 -7.76 -29.12 40.14
C ASN K 143 -6.38 -29.63 40.47
N TYR K 144 -5.37 -28.80 40.24
CA TYR K 144 -4.01 -29.22 40.52
C TYR K 144 -3.61 -29.09 41.98
N LYS K 145 -2.93 -30.13 42.46
CA LYS K 145 -2.40 -30.21 43.82
C LYS K 145 -1.07 -30.95 43.63
N TRP K 146 -0.03 -30.59 44.38
CA TRP K 146 1.23 -31.30 44.20
C TRP K 146 1.04 -32.74 44.62
N ASP K 147 0.12 -32.95 45.55
CA ASP K 147 -0.14 -34.28 46.07
C ASP K 147 -1.30 -35.00 45.42
N LEU K 148 -1.13 -35.35 44.16
CA LEU K 148 -2.18 -36.07 43.44
C LEU K 148 -1.72 -37.49 43.23
N SER K 149 -2.66 -38.42 43.19
CA SER K 149 -2.27 -39.80 42.97
C SER K 149 -1.86 -39.93 41.51
N VAL K 150 -0.93 -40.84 41.22
CA VAL K 150 -0.50 -41.05 39.85
C VAL K 150 -1.74 -41.39 39.01
N GLU K 151 -2.78 -41.83 39.71
CA GLU K 151 -4.05 -42.20 39.08
C GLU K 151 -4.86 -40.95 38.78
N ASP K 152 -4.92 -40.05 39.76
CA ASP K 152 -5.65 -38.80 39.63
C ASP K 152 -4.95 -37.82 38.70
N ALA K 153 -3.64 -37.68 38.87
CA ALA K 153 -2.84 -36.79 38.02
C ALA K 153 -3.12 -37.20 36.58
N LEU K 154 -3.03 -38.50 36.31
CA LEU K 154 -3.28 -39.02 34.98
C LEU K 154 -4.66 -38.61 34.47
N TYR K 155 -5.66 -38.73 35.32
CA TYR K 155 -7.00 -38.38 34.92
C TYR K 155 -7.12 -36.88 34.64
N LEU K 156 -6.71 -36.06 35.61
CA LEU K 156 -6.77 -34.60 35.45
C LEU K 156 -6.19 -34.25 34.08
N GLY K 157 -5.01 -34.77 33.78
CA GLY K 157 -4.40 -34.52 32.49
C GLY K 157 -5.40 -34.83 31.41
N LYS K 158 -5.69 -36.12 31.22
CA LYS K 158 -6.65 -36.56 30.22
C LYS K 158 -7.88 -35.65 30.16
N ARG K 159 -8.42 -35.29 31.32
CA ARG K 159 -9.61 -34.45 31.37
C ARG K 159 -9.38 -33.04 30.85
N SER K 160 -8.19 -32.50 31.10
CA SER K 160 -7.87 -31.16 30.62
C SER K 160 -7.78 -31.11 29.09
N ILE K 161 -7.10 -32.09 28.51
CA ILE K 161 -7.00 -32.16 27.06
C ILE K 161 -8.40 -32.37 26.52
N LEU K 162 -9.23 -33.12 27.24
CA LEU K 162 -10.60 -33.36 26.80
C LEU K 162 -11.32 -32.02 26.72
N ALA K 163 -11.20 -31.23 27.78
CA ALA K 163 -11.82 -29.92 27.85
C ALA K 163 -11.51 -29.14 26.57
N ALA K 164 -10.22 -28.97 26.30
CA ALA K 164 -9.73 -28.25 25.12
C ALA K 164 -10.26 -28.85 23.82
N ALA K 165 -10.26 -30.17 23.71
CA ALA K 165 -10.74 -30.83 22.51
C ALA K 165 -12.18 -30.42 22.22
N HIS K 166 -12.93 -30.17 23.28
CA HIS K 166 -14.35 -29.77 23.18
C HIS K 166 -14.54 -28.32 22.69
N ARG K 167 -13.96 -27.37 23.42
CA ARG K 167 -14.06 -25.94 23.09
C ARG K 167 -13.20 -25.40 21.94
N ASP K 168 -11.99 -25.92 21.80
CA ASP K 168 -11.10 -25.46 20.73
C ASP K 168 -11.38 -26.16 19.42
N ALA K 169 -11.76 -25.37 18.42
CA ALA K 169 -12.07 -25.91 17.11
C ALA K 169 -10.86 -26.58 16.48
N TYR K 170 -9.67 -26.15 16.86
CA TYR K 170 -8.44 -26.67 16.28
C TYR K 170 -7.74 -27.78 17.07
N SER K 171 -8.47 -28.32 18.04
CA SER K 171 -8.00 -29.41 18.89
C SER K 171 -9.04 -30.51 18.89
N GLY K 172 -8.59 -31.74 19.17
CA GLY K 172 -9.51 -32.85 19.23
C GLY K 172 -8.90 -34.18 18.83
N GLY K 173 -9.78 -35.12 18.44
CA GLY K 173 -9.35 -36.44 18.03
C GLY K 173 -9.31 -37.46 19.15
N SER K 174 -8.17 -37.50 19.84
CA SER K 174 -7.99 -38.45 20.93
C SER K 174 -6.97 -37.89 21.88
N VAL K 175 -6.86 -38.50 23.05
CA VAL K 175 -5.88 -38.06 24.03
C VAL K 175 -4.81 -39.13 24.18
N ASN K 176 -3.56 -38.69 24.20
CA ASN K 176 -2.42 -39.59 24.39
C ASN K 176 -1.78 -39.20 25.70
N LEU K 177 -1.69 -40.17 26.60
CA LEU K 177 -1.15 -39.97 27.93
C LEU K 177 0.22 -40.57 28.18
N TYR K 178 0.96 -39.95 29.09
CA TYR K 178 2.29 -40.41 29.45
C TYR K 178 2.57 -40.05 30.91
N HIS K 179 3.35 -40.91 31.55
CA HIS K 179 3.74 -40.70 32.94
C HIS K 179 5.25 -40.87 33.00
N VAL K 180 5.93 -39.94 33.65
CA VAL K 180 7.38 -40.01 33.77
C VAL K 180 7.85 -40.18 35.22
N THR K 181 8.45 -41.34 35.49
CA THR K 181 9.00 -41.74 36.79
C THR K 181 10.48 -41.87 36.52
N GLU K 182 11.33 -42.08 37.53
CA GLU K 182 12.74 -42.19 37.15
C GLU K 182 13.10 -43.50 36.50
N ASP K 183 12.07 -44.27 36.16
CA ASP K 183 12.27 -45.53 35.48
C ASP K 183 11.89 -45.31 34.03
N GLY K 184 11.80 -44.04 33.67
CA GLY K 184 11.46 -43.65 32.31
C GLY K 184 10.00 -43.25 32.13
N TRP K 185 9.60 -43.07 30.88
CA TRP K 185 8.23 -42.70 30.59
C TRP K 185 7.42 -43.97 30.44
N ILE K 186 6.13 -43.87 30.70
CA ILE K 186 5.26 -45.02 30.60
C ILE K 186 4.02 -44.60 29.85
N TYR K 187 3.83 -45.16 28.66
CA TYR K 187 2.66 -44.80 27.87
C TYR K 187 1.41 -45.26 28.62
N HIS K 188 0.39 -44.41 28.62
CA HIS K 188 -0.86 -44.72 29.28
C HIS K 188 -2.03 -44.67 28.33
N GLY K 189 -1.77 -45.11 27.11
CA GLY K 189 -2.80 -45.21 26.09
C GLY K 189 -3.39 -44.01 25.37
N ASN K 190 -4.14 -44.35 24.32
CA ASN K 190 -4.82 -43.38 23.48
C ASN K 190 -6.32 -43.45 23.76
N HIS K 191 -6.91 -42.31 24.06
CA HIS K 191 -8.32 -42.26 24.39
C HIS K 191 -9.12 -41.40 23.43
N ASP K 192 -9.83 -42.05 22.52
CA ASP K 192 -10.64 -41.35 21.52
C ASP K 192 -11.70 -40.49 22.20
N VAL K 193 -11.72 -39.20 21.84
CA VAL K 193 -12.67 -38.26 22.42
C VAL K 193 -14.09 -38.64 22.03
N GLY K 194 -14.20 -39.28 20.87
CA GLY K 194 -15.49 -39.72 20.38
C GLY K 194 -16.26 -40.51 21.42
N GLU K 195 -15.55 -41.27 22.24
CA GLU K 195 -16.19 -42.05 23.29
C GLU K 195 -15.86 -41.54 24.67
N LEU K 196 -14.64 -41.07 24.84
CA LEU K 196 -14.20 -40.54 26.12
C LEU K 196 -15.09 -39.42 26.65
N PHE K 197 -15.60 -38.60 25.73
CA PHE K 197 -16.45 -37.47 26.09
C PHE K 197 -17.70 -37.91 26.85
N TRP K 198 -18.51 -38.72 26.17
CA TRP K 198 -19.75 -39.23 26.73
C TRP K 198 -19.53 -39.97 28.04
N LYS K 199 -18.50 -40.82 28.06
CA LYS K 199 -18.18 -41.58 29.25
C LYS K 199 -17.95 -40.59 30.39
N VAL K 200 -17.01 -39.67 30.21
CA VAL K 200 -16.73 -38.70 31.25
C VAL K 200 -17.96 -37.88 31.59
N LYS K 201 -18.78 -37.55 30.59
CA LYS K 201 -19.97 -36.77 30.87
C LYS K 201 -20.84 -37.49 31.88
N GLU K 202 -21.22 -38.72 31.52
CA GLU K 202 -22.04 -39.55 32.38
C GLU K 202 -21.42 -39.76 33.75
N GLU K 203 -20.29 -40.45 33.76
CA GLU K 203 -19.59 -40.74 35.00
C GLU K 203 -19.21 -39.53 35.85
N GLU K 204 -19.09 -38.37 35.22
CA GLU K 204 -18.68 -37.17 35.96
C GLU K 204 -19.80 -36.16 36.21
N GLY K 205 -20.77 -36.09 35.30
CA GLY K 205 -21.88 -35.15 35.46
C GLY K 205 -21.57 -33.76 34.93
N SER K 206 -20.37 -33.62 34.39
CA SER K 206 -19.88 -32.37 33.82
C SER K 206 -20.30 -32.31 32.36
N PHE K 207 -19.85 -31.29 31.64
CA PHE K 207 -20.24 -31.10 30.25
C PHE K 207 -21.74 -31.08 30.31
N ASN K 208 -22.16 -30.55 31.44
CA ASN K 208 -23.54 -30.43 31.80
C ASN K 208 -24.31 -29.60 30.79
N ASN K 209 -23.60 -28.93 29.91
CA ASN K 209 -24.27 -28.15 28.89
C ASN K 209 -24.88 -29.08 27.85
N VAL K 210 -24.03 -29.56 26.94
CA VAL K 210 -24.41 -30.46 25.86
C VAL K 210 -25.60 -31.33 26.21
N ILE K 211 -26.46 -31.60 25.24
CA ILE K 211 -27.60 -32.48 25.51
C ILE K 211 -27.24 -33.88 25.05
N GLY K 212 -27.27 -34.82 26.00
CA GLY K 212 -26.92 -36.20 25.72
C GLY K 212 -28.02 -37.21 25.99
N GLN L 1 4.02 -9.21 -11.21
CA GLN L 1 5.27 -9.85 -10.71
C GLN L 1 5.23 -11.36 -11.00
N PHE L 2 6.40 -11.97 -11.16
CA PHE L 2 6.46 -13.40 -11.44
C PHE L 2 6.07 -14.27 -10.25
N ASN L 3 5.11 -15.17 -10.48
CA ASN L 3 4.65 -16.11 -9.47
C ASN L 3 5.18 -17.49 -9.86
N PRO L 4 6.07 -18.06 -9.03
CA PRO L 4 6.68 -19.36 -9.27
C PRO L 4 5.75 -20.56 -9.23
N TYR L 5 4.56 -20.40 -8.65
CA TYR L 5 3.63 -21.52 -8.54
C TYR L 5 2.41 -21.49 -9.47
N GLY L 6 1.77 -22.65 -9.57
CA GLY L 6 0.59 -22.81 -10.40
C GLY L 6 -0.17 -23.99 -9.83
N ASP L 7 -1.36 -24.27 -10.34
CA ASP L 7 -2.14 -25.40 -9.86
C ASP L 7 -2.63 -26.22 -11.05
N ASN L 8 -2.30 -27.50 -11.09
CA ASN L 8 -2.72 -28.31 -12.22
C ASN L 8 -3.88 -29.25 -11.93
N GLY L 9 -4.56 -29.00 -10.81
CA GLY L 9 -5.72 -29.80 -10.42
C GLY L 9 -5.52 -31.27 -10.11
N GLY L 10 -6.48 -32.08 -10.51
CA GLY L 10 -6.40 -33.50 -10.26
C GLY L 10 -6.60 -33.87 -8.80
N THR L 11 -6.66 -35.17 -8.53
CA THR L 11 -6.83 -35.69 -7.17
C THR L 11 -6.20 -37.08 -7.13
N ILE L 12 -5.71 -37.47 -5.97
CA ILE L 12 -5.13 -38.77 -5.84
C ILE L 12 -5.67 -39.45 -4.57
N LEU L 13 -5.75 -40.77 -4.61
CA LEU L 13 -6.30 -41.54 -3.50
C LEU L 13 -5.46 -42.78 -3.17
N GLY L 14 -5.26 -43.04 -1.88
CA GLY L 14 -4.49 -44.20 -1.47
C GLY L 14 -5.12 -44.96 -0.32
N ILE L 15 -5.38 -46.25 -0.54
CA ILE L 15 -5.99 -47.09 0.49
C ILE L 15 -5.11 -48.31 0.73
N ALA L 16 -4.93 -48.67 2.00
CA ALA L 16 -4.10 -49.80 2.35
C ALA L 16 -4.92 -51.00 2.80
N GLY L 17 -4.74 -52.11 2.08
CA GLY L 17 -5.44 -53.34 2.40
C GLY L 17 -4.56 -54.16 3.34
N GLU L 18 -5.01 -55.32 3.77
CA GLU L 18 -4.21 -56.13 4.68
C GLU L 18 -2.88 -56.60 4.08
N ASP L 19 -2.89 -56.98 2.81
CA ASP L 19 -1.67 -57.44 2.17
C ASP L 19 -1.47 -56.79 0.80
N PHE L 20 -2.12 -55.64 0.60
CA PHE L 20 -2.01 -54.92 -0.65
C PHE L 20 -2.24 -53.44 -0.35
N ALA L 21 -2.06 -52.60 -1.36
CA ALA L 21 -2.26 -51.16 -1.21
C ALA L 21 -2.51 -50.58 -2.59
N VAL L 22 -3.27 -49.50 -2.65
CA VAL L 22 -3.55 -48.86 -3.92
C VAL L 22 -3.36 -47.36 -3.87
N LEU L 23 -2.96 -46.82 -5.02
CA LEU L 23 -2.74 -45.40 -5.20
C LEU L 23 -3.34 -45.05 -6.55
N ALA L 24 -4.46 -44.34 -6.52
CA ALA L 24 -5.15 -43.96 -7.73
C ALA L 24 -5.12 -42.46 -7.92
N GLY L 25 -5.55 -42.01 -9.09
CA GLY L 25 -5.57 -40.60 -9.38
C GLY L 25 -6.01 -40.37 -10.81
N ASP L 26 -6.88 -39.39 -11.03
CA ASP L 26 -7.35 -39.09 -12.38
C ASP L 26 -6.17 -38.75 -13.27
N THR L 27 -6.41 -38.73 -14.57
CA THR L 27 -5.34 -38.45 -15.48
C THR L 27 -5.50 -37.10 -16.15
N ARG L 28 -6.38 -36.27 -15.59
CA ARG L 28 -6.61 -34.95 -16.14
C ARG L 28 -5.67 -33.91 -15.54
N ASN L 29 -5.09 -33.08 -16.42
CA ASN L 29 -4.18 -32.02 -16.00
C ASN L 29 -4.77 -30.72 -16.50
N ILE L 30 -4.97 -29.76 -15.58
CA ILE L 30 -5.55 -28.48 -15.96
C ILE L 30 -4.74 -27.23 -15.58
N THR L 31 -5.24 -26.09 -16.02
CA THR L 31 -4.65 -24.78 -15.76
C THR L 31 -5.79 -23.80 -15.88
N ASP L 32 -6.18 -23.19 -14.76
CA ASP L 32 -7.28 -22.26 -14.75
C ASP L 32 -8.50 -23.01 -15.25
N TYR L 33 -9.15 -22.53 -16.31
CA TYR L 33 -10.33 -23.20 -16.83
C TYR L 33 -10.11 -24.03 -18.09
N SER L 34 -8.84 -24.29 -18.41
CA SER L 34 -8.51 -25.07 -19.59
C SER L 34 -7.95 -26.41 -19.19
N ILE L 35 -8.09 -27.37 -20.09
CA ILE L 35 -7.58 -28.73 -19.89
C ILE L 35 -6.29 -28.80 -20.69
N ASN L 36 -5.23 -29.28 -20.06
CA ASN L 36 -3.95 -29.38 -20.74
C ASN L 36 -3.80 -30.77 -21.36
N SER L 37 -4.27 -31.78 -20.66
CA SER L 37 -4.18 -33.14 -21.16
C SER L 37 -5.26 -33.97 -20.48
N ARG L 38 -5.89 -34.84 -21.26
CA ARG L 38 -6.93 -35.69 -20.70
C ARG L 38 -6.26 -36.97 -20.18
N TYR L 39 -4.97 -37.08 -20.46
CA TYR L 39 -4.21 -38.23 -19.99
C TYR L 39 -2.76 -37.89 -19.71
N GLU L 40 -2.47 -37.57 -18.45
CA GLU L 40 -1.12 -37.25 -18.03
C GLU L 40 -0.98 -37.98 -16.70
N PRO L 41 -0.41 -39.19 -16.72
CA PRO L 41 -0.21 -40.04 -15.54
C PRO L 41 0.39 -39.24 -14.39
N LYS L 42 -0.09 -39.50 -13.18
CA LYS L 42 0.36 -38.78 -12.03
C LYS L 42 0.78 -39.67 -10.86
N VAL L 43 0.57 -40.98 -11.00
CA VAL L 43 0.98 -41.94 -9.97
C VAL L 43 2.09 -42.79 -10.62
N PHE L 44 3.20 -42.97 -9.91
CA PHE L 44 4.35 -43.70 -10.47
C PHE L 44 4.90 -44.87 -9.67
N ASP L 45 5.50 -45.80 -10.41
CA ASP L 45 6.15 -46.98 -9.85
C ASP L 45 7.59 -46.51 -9.69
N CYS L 46 8.06 -46.43 -8.45
CA CYS L 46 9.41 -45.94 -8.21
C CYS L 46 10.48 -47.00 -7.98
N GLY L 47 10.05 -48.25 -7.83
CA GLY L 47 10.99 -49.32 -7.60
C GLY L 47 10.74 -49.88 -6.21
N ASP L 48 11.47 -50.93 -5.84
CA ASP L 48 11.32 -51.54 -4.53
C ASP L 48 9.87 -51.65 -4.05
N ASN L 49 8.96 -51.78 -5.01
CA ASN L 49 7.54 -51.93 -4.73
C ASN L 49 6.95 -50.71 -4.05
N ILE L 50 7.23 -49.54 -4.60
CA ILE L 50 6.71 -48.30 -4.04
C ILE L 50 6.13 -47.43 -5.15
N VAL L 51 4.90 -47.00 -4.93
CA VAL L 51 4.22 -46.12 -5.86
C VAL L 51 4.02 -44.80 -5.12
N MET L 52 4.20 -43.68 -5.81
CA MET L 52 4.04 -42.38 -5.17
C MET L 52 3.43 -41.35 -6.11
N SER L 53 2.72 -40.40 -5.51
CA SER L 53 2.10 -39.33 -6.27
C SER L 53 2.30 -38.04 -5.51
N ALA L 54 2.54 -36.96 -6.25
CA ALA L 54 2.75 -35.64 -5.68
C ALA L 54 1.77 -34.72 -6.40
N ASN L 55 0.58 -34.57 -5.85
CA ASN L 55 -0.45 -33.74 -6.47
C ASN L 55 -0.43 -32.28 -6.03
N GLY L 56 -0.71 -31.39 -6.98
CA GLY L 56 -0.71 -29.96 -6.71
C GLY L 56 -0.12 -29.22 -7.89
N PHE L 57 1.05 -28.61 -7.68
CA PHE L 57 1.73 -27.90 -8.75
C PHE L 57 2.58 -28.93 -9.48
N ALA L 58 2.16 -29.30 -10.68
CA ALA L 58 2.84 -30.30 -11.51
C ALA L 58 4.35 -30.23 -11.50
N ALA L 59 4.90 -29.09 -11.90
CA ALA L 59 6.35 -28.93 -11.94
C ALA L 59 7.00 -29.37 -10.63
N ASP L 60 6.40 -28.99 -9.50
CA ASP L 60 6.94 -29.38 -8.22
C ASP L 60 6.76 -30.87 -7.96
N GLY L 61 5.60 -31.40 -8.34
CA GLY L 61 5.34 -32.81 -8.14
C GLY L 61 6.29 -33.68 -8.95
N ASP L 62 6.57 -33.27 -10.19
CA ASP L 62 7.47 -34.05 -11.04
C ASP L 62 8.89 -34.01 -10.50
N ALA L 63 9.38 -32.83 -10.20
CA ALA L 63 10.72 -32.66 -9.68
C ALA L 63 10.92 -33.55 -8.46
N LEU L 64 9.89 -33.64 -7.62
CA LEU L 64 9.95 -34.44 -6.40
C LEU L 64 10.02 -35.92 -6.72
N VAL L 65 9.04 -36.41 -7.48
CA VAL L 65 9.01 -37.82 -7.85
C VAL L 65 10.35 -38.20 -8.44
N LYS L 66 10.80 -37.39 -9.40
CA LYS L 66 12.08 -37.59 -10.07
C LYS L 66 13.22 -37.67 -9.05
N ARG L 67 13.24 -36.71 -8.12
CA ARG L 67 14.26 -36.66 -7.10
C ARG L 67 14.20 -37.90 -6.23
N PHE L 68 12.99 -38.34 -5.91
CA PHE L 68 12.85 -39.54 -5.08
C PHE L 68 13.35 -40.79 -5.77
N LYS L 69 12.91 -40.99 -7.01
CA LYS L 69 13.33 -42.16 -7.77
C LYS L 69 14.84 -42.22 -7.80
N ASN L 70 15.45 -41.07 -8.05
CA ASN L 70 16.90 -41.01 -8.11
C ASN L 70 17.46 -41.31 -6.73
N SER L 71 16.67 -41.06 -5.70
CA SER L 71 17.09 -41.32 -4.33
C SER L 71 17.16 -42.83 -4.10
N VAL L 72 16.16 -43.55 -4.63
CA VAL L 72 16.09 -45.00 -4.54
C VAL L 72 17.30 -45.60 -5.26
N LYS L 73 17.58 -45.06 -6.44
CA LYS L 73 18.70 -45.51 -7.24
C LYS L 73 19.99 -45.48 -6.45
N TRP L 74 20.28 -44.36 -5.80
CA TRP L 74 21.49 -44.24 -5.02
C TRP L 74 21.44 -45.01 -3.73
N TYR L 75 20.25 -45.31 -3.24
CA TYR L 75 20.17 -46.09 -2.02
C TYR L 75 20.78 -47.46 -2.34
N HIS L 76 20.51 -47.94 -3.53
CA HIS L 76 21.05 -49.23 -3.96
C HIS L 76 22.56 -49.12 -4.13
N PHE L 77 22.99 -48.15 -4.92
CA PHE L 77 24.41 -47.92 -5.16
C PHE L 77 25.21 -47.82 -3.85
N ASP L 78 24.57 -47.36 -2.78
CA ASP L 78 25.27 -47.19 -1.51
C ASP L 78 25.05 -48.21 -0.41
N HIS L 79 24.16 -49.16 -0.59
CA HIS L 79 23.95 -50.15 0.46
C HIS L 79 23.76 -51.56 -0.07
N ASN L 80 24.63 -51.90 -1.00
CA ASN L 80 24.59 -53.21 -1.64
C ASN L 80 23.15 -53.55 -1.98
N ASP L 81 22.62 -52.86 -2.99
CA ASP L 81 21.26 -53.05 -3.46
C ASP L 81 20.20 -53.41 -2.43
N LYS L 82 20.38 -52.96 -1.20
CA LYS L 82 19.39 -53.24 -0.15
C LYS L 82 18.06 -52.66 -0.63
N LYS L 83 16.96 -53.27 -0.21
CA LYS L 83 15.66 -52.78 -0.63
C LYS L 83 15.26 -51.66 0.30
N LEU L 84 14.66 -50.62 -0.27
CA LEU L 84 14.22 -49.47 0.50
C LEU L 84 12.84 -49.78 1.05
N SER L 85 12.76 -49.91 2.37
CA SER L 85 11.49 -50.20 3.00
C SER L 85 10.61 -48.96 2.89
N ILE L 86 9.30 -49.19 2.83
CA ILE L 86 8.35 -48.11 2.70
C ILE L 86 8.54 -47.04 3.78
N ASN L 87 8.77 -47.48 5.01
CA ASN L 87 8.97 -46.57 6.13
C ASN L 87 10.22 -45.72 5.93
N SER L 88 11.24 -46.30 5.32
CA SER L 88 12.48 -45.59 5.09
C SER L 88 12.27 -44.57 3.97
N ALA L 89 11.51 -44.96 2.96
CA ALA L 89 11.22 -44.08 1.85
C ALA L 89 10.51 -42.86 2.42
N ALA L 90 9.56 -43.10 3.32
CA ALA L 90 8.80 -42.01 3.92
C ALA L 90 9.74 -40.99 4.54
N ARG L 91 10.63 -41.44 5.43
CA ARG L 91 11.57 -40.56 6.09
C ARG L 91 12.44 -39.83 5.09
N ASN L 92 12.89 -40.55 4.07
CA ASN L 92 13.74 -39.96 3.05
C ASN L 92 12.98 -38.84 2.36
N ILE L 93 11.70 -39.05 2.11
CA ILE L 93 10.90 -38.02 1.46
C ILE L 93 10.71 -36.80 2.37
N GLN L 94 10.55 -37.03 3.68
CA GLN L 94 10.39 -35.91 4.61
C GLN L 94 11.56 -34.99 4.46
N HIS L 95 12.74 -35.56 4.33
CA HIS L 95 13.94 -34.75 4.18
C HIS L 95 13.94 -34.03 2.84
N LEU L 96 13.49 -34.72 1.80
CA LEU L 96 13.44 -34.12 0.48
C LEU L 96 12.54 -32.91 0.55
N LEU L 97 11.37 -33.08 1.15
CA LEU L 97 10.41 -31.99 1.27
C LEU L 97 10.87 -30.88 2.20
N TYR L 98 11.22 -31.21 3.43
CA TYR L 98 11.66 -30.18 4.36
C TYR L 98 12.90 -29.46 3.86
N GLY L 99 13.57 -30.05 2.88
CA GLY L 99 14.76 -29.42 2.34
C GLY L 99 14.44 -28.09 1.71
N LYS L 100 13.20 -27.92 1.25
CA LYS L 100 12.76 -26.68 0.63
C LYS L 100 11.72 -26.03 1.53
N ARG L 101 11.96 -26.08 2.83
CA ARG L 101 11.05 -25.51 3.81
C ARG L 101 10.75 -24.04 3.58
N PHE L 102 11.67 -23.34 2.93
CA PHE L 102 11.49 -21.92 2.67
C PHE L 102 11.26 -21.52 1.21
N PHE L 103 10.73 -22.48 0.45
CA PHE L 103 10.39 -22.36 -0.97
C PHE L 103 9.91 -23.77 -1.24
N PRO L 104 8.78 -24.13 -0.62
CA PRO L 104 8.14 -25.44 -0.70
C PRO L 104 7.79 -26.00 -2.05
N TYR L 105 7.56 -27.31 -2.04
CA TYR L 105 7.10 -28.03 -3.20
C TYR L 105 5.59 -27.91 -2.99
N TYR L 106 4.91 -27.22 -3.90
CA TYR L 106 3.49 -27.02 -3.75
C TYR L 106 2.74 -28.29 -4.11
N VAL L 107 2.94 -29.35 -3.31
CA VAL L 107 2.28 -30.62 -3.58
C VAL L 107 1.92 -31.41 -2.34
N HIS L 108 0.81 -32.14 -2.46
CA HIS L 108 0.35 -33.04 -1.40
C HIS L 108 0.88 -34.37 -1.94
N THR L 109 1.64 -35.10 -1.14
CA THR L 109 2.20 -36.34 -1.62
C THR L 109 1.87 -37.59 -0.82
N ILE L 110 1.50 -38.66 -1.54
CA ILE L 110 1.19 -39.96 -0.95
C ILE L 110 2.07 -41.04 -1.58
N ILE L 111 2.48 -42.02 -0.78
CA ILE L 111 3.25 -43.15 -1.28
C ILE L 111 2.55 -44.39 -0.71
N ALA L 112 2.50 -45.45 -1.52
CA ALA L 112 1.86 -46.69 -1.11
C ALA L 112 2.73 -47.90 -1.42
N GLY L 113 2.60 -48.92 -0.59
CA GLY L 113 3.37 -50.15 -0.77
C GLY L 113 3.07 -51.16 0.32
N LEU L 114 4.08 -51.91 0.72
CA LEU L 114 3.92 -52.92 1.75
C LEU L 114 5.00 -52.69 2.78
N ASP L 115 4.65 -52.77 4.05
CA ASP L 115 5.65 -52.60 5.09
C ASP L 115 6.49 -53.88 5.15
N GLU L 116 7.33 -54.00 6.16
CA GLU L 116 8.19 -55.16 6.26
C GLU L 116 7.53 -56.44 6.75
N ASP L 117 6.24 -56.38 7.01
CA ASP L 117 5.51 -57.57 7.46
C ASP L 117 4.58 -58.03 6.37
N GLY L 118 4.71 -57.40 5.19
CA GLY L 118 3.87 -57.75 4.07
C GLY L 118 2.53 -57.05 4.08
N LYS L 119 2.23 -56.32 5.16
CA LYS L 119 0.96 -55.61 5.27
C LYS L 119 0.92 -54.42 4.34
N GLY L 120 -0.29 -53.99 3.96
CA GLY L 120 -0.45 -52.85 3.08
C GLY L 120 -0.17 -51.58 3.87
N ALA L 121 0.46 -50.60 3.23
CA ALA L 121 0.80 -49.35 3.90
C ALA L 121 0.70 -48.11 3.04
N VAL L 122 0.22 -47.03 3.65
CA VAL L 122 0.10 -45.75 2.97
C VAL L 122 0.66 -44.64 3.84
N TYR L 123 1.44 -43.76 3.23
CA TYR L 123 2.05 -42.62 3.91
C TYR L 123 1.69 -41.36 3.12
N SER L 124 1.21 -40.32 3.81
CA SER L 124 0.88 -39.06 3.14
C SER L 124 1.69 -37.94 3.76
N PHE L 125 2.05 -36.96 2.94
CA PHE L 125 2.86 -35.83 3.39
C PHE L 125 2.26 -34.43 3.28
N ASP L 126 2.78 -33.57 4.13
CA ASP L 126 2.46 -32.16 4.25
C ASP L 126 3.36 -31.51 3.19
N PRO L 127 2.95 -30.40 2.55
CA PRO L 127 3.85 -29.83 1.54
C PRO L 127 5.28 -29.61 2.03
N VAL L 128 5.48 -29.46 3.32
CA VAL L 128 6.84 -29.28 3.79
C VAL L 128 7.42 -30.42 4.60
N GLY L 129 6.94 -31.64 4.36
CA GLY L 129 7.53 -32.78 5.04
C GLY L 129 6.89 -33.51 6.21
N SER L 130 5.82 -32.98 6.78
CA SER L 130 5.19 -33.68 7.89
C SER L 130 4.61 -34.96 7.30
N TYR L 131 4.65 -36.06 8.05
CA TYR L 131 4.09 -37.31 7.54
C TYR L 131 3.54 -38.23 8.62
N GLU L 132 2.66 -39.14 8.20
CA GLU L 132 2.01 -40.08 9.12
C GLU L 132 1.62 -41.30 8.30
N ARG L 133 1.67 -42.49 8.90
CA ARG L 133 1.24 -43.68 8.17
C ARG L 133 -0.26 -43.74 8.41
N GLU L 134 -1.01 -44.05 7.35
CA GLU L 134 -2.46 -44.07 7.47
C GLU L 134 -3.14 -45.20 6.70
N GLN L 135 -4.42 -45.42 7.03
CA GLN L 135 -5.21 -46.46 6.42
C GLN L 135 -5.57 -46.10 4.99
N CYS L 136 -6.03 -44.86 4.80
CA CYS L 136 -6.38 -44.36 3.48
C CYS L 136 -6.20 -42.85 3.51
N ARG L 137 -6.09 -42.25 2.33
CA ARG L 137 -5.90 -40.81 2.25
C ARG L 137 -6.12 -40.29 0.84
N ALA L 138 -6.99 -39.29 0.73
CA ALA L 138 -7.28 -38.64 -0.54
C ALA L 138 -6.50 -37.34 -0.47
N GLY L 139 -5.89 -36.96 -1.59
CA GLY L 139 -5.10 -35.74 -1.63
C GLY L 139 -5.40 -35.01 -2.92
N GLY L 140 -5.26 -33.69 -2.90
CA GLY L 140 -5.54 -32.92 -4.10
C GLY L 140 -6.85 -32.17 -4.04
N ALA L 141 -7.24 -31.63 -5.18
CA ALA L 141 -8.47 -30.84 -5.32
C ALA L 141 -9.73 -31.39 -4.66
N ALA L 142 -10.03 -32.66 -4.89
CA ALA L 142 -11.25 -33.25 -4.35
C ALA L 142 -11.08 -33.92 -3.00
N ALA L 143 -9.89 -33.82 -2.43
CA ALA L 143 -9.62 -34.45 -1.14
C ALA L 143 -10.70 -34.18 -0.11
N SER L 144 -11.28 -32.99 -0.16
CA SER L 144 -12.32 -32.61 0.80
C SER L 144 -13.67 -33.29 0.57
N LEU L 145 -13.89 -33.77 -0.65
CA LEU L 145 -15.15 -34.46 -0.97
C LEU L 145 -15.01 -35.93 -0.66
N ILE L 146 -13.84 -36.49 -0.98
CA ILE L 146 -13.58 -37.90 -0.77
C ILE L 146 -13.24 -38.37 0.64
N MET L 147 -12.46 -37.60 1.39
CA MET L 147 -12.10 -38.03 2.75
C MET L 147 -13.28 -38.36 3.65
N PRO L 148 -14.35 -37.56 3.61
CA PRO L 148 -15.50 -37.86 4.48
C PRO L 148 -16.04 -39.25 4.14
N PHE L 149 -16.17 -39.49 2.85
CA PHE L 149 -16.66 -40.77 2.32
C PHE L 149 -15.84 -41.96 2.80
N LEU L 150 -14.51 -41.86 2.66
CA LEU L 150 -13.60 -42.91 3.09
C LEU L 150 -13.69 -43.17 4.60
N ASP L 151 -13.82 -42.12 5.40
CA ASP L 151 -13.92 -42.31 6.84
C ASP L 151 -15.14 -43.13 7.15
N ASN L 152 -16.17 -42.97 6.32
CA ASN L 152 -17.41 -43.68 6.52
C ASN L 152 -17.36 -45.12 6.02
N GLN L 153 -17.05 -45.27 4.74
CA GLN L 153 -17.02 -46.60 4.12
C GLN L 153 -15.77 -47.46 4.34
N VAL L 154 -14.67 -46.86 4.78
CA VAL L 154 -13.47 -47.64 4.99
C VAL L 154 -13.14 -47.84 6.46
N ASN L 155 -13.53 -46.89 7.31
CA ASN L 155 -13.26 -47.01 8.74
C ASN L 155 -14.55 -47.05 9.53
N PHE L 156 -15.65 -47.21 8.80
CA PHE L 156 -16.99 -47.30 9.37
C PHE L 156 -17.25 -46.33 10.51
N LYS L 157 -17.02 -45.06 10.26
CA LYS L 157 -17.24 -44.01 11.27
C LYS L 157 -18.72 -43.66 11.34
N ASN L 158 -19.17 -43.27 12.53
CA ASN L 158 -20.57 -42.88 12.75
C ASN L 158 -21.56 -43.99 12.41
N GLN L 159 -21.03 -45.18 12.14
CA GLN L 159 -21.83 -46.35 11.82
C GLN L 159 -21.84 -47.29 13.02
N TYR L 160 -23.03 -47.65 13.47
CA TYR L 160 -23.18 -48.53 14.62
C TYR L 160 -23.95 -49.79 14.28
N GLU L 161 -23.97 -50.73 15.23
CA GLU L 161 -24.69 -51.97 15.06
C GLU L 161 -26.17 -51.70 15.27
N PRO L 162 -26.98 -51.92 14.22
CA PRO L 162 -28.42 -51.68 14.33
C PRO L 162 -28.98 -52.21 15.66
N GLY L 163 -29.89 -51.45 16.26
CA GLY L 163 -30.50 -51.87 17.51
C GLY L 163 -29.62 -51.82 18.74
N THR L 164 -28.31 -51.62 18.58
CA THR L 164 -27.45 -51.55 19.76
C THR L 164 -27.57 -50.19 20.45
N ASN L 165 -28.37 -49.31 19.85
CA ASN L 165 -28.57 -47.98 20.43
C ASN L 165 -27.30 -47.15 20.22
N GLY L 166 -26.57 -47.45 19.15
CA GLY L 166 -25.34 -46.72 18.90
C GLY L 166 -24.33 -46.98 20.01
N LYS L 167 -24.49 -48.10 20.70
CA LYS L 167 -23.60 -48.49 21.80
C LYS L 167 -22.50 -49.43 21.29
N VAL L 168 -22.78 -50.10 20.18
CA VAL L 168 -21.82 -51.03 19.58
C VAL L 168 -21.40 -50.51 18.22
N LYS L 169 -20.12 -50.16 18.09
CA LYS L 169 -19.61 -49.65 16.83
C LYS L 169 -19.61 -50.76 15.81
N LYS L 170 -19.85 -50.43 14.55
CA LYS L 170 -19.83 -51.44 13.52
C LYS L 170 -18.41 -52.00 13.44
N PRO L 171 -18.24 -53.32 13.59
CA PRO L 171 -16.93 -53.99 13.54
C PRO L 171 -16.08 -53.60 12.34
N LEU L 172 -14.79 -53.42 12.57
CA LEU L 172 -13.85 -53.03 11.52
C LEU L 172 -13.35 -54.14 10.60
N LYS L 173 -14.24 -55.04 10.19
CA LYS L 173 -13.87 -56.12 9.27
C LYS L 173 -13.08 -55.47 8.13
N TYR L 174 -12.08 -56.12 7.57
CA TYR L 174 -11.33 -55.45 6.51
C TYR L 174 -11.54 -55.84 5.05
N LEU L 175 -11.52 -54.80 4.22
CA LEU L 175 -11.73 -54.87 2.78
C LEU L 175 -10.73 -55.65 1.93
N SER L 176 -11.24 -56.20 0.84
CA SER L 176 -10.46 -56.97 -0.11
C SER L 176 -10.00 -56.00 -1.18
N VAL L 177 -9.15 -56.46 -2.08
CA VAL L 177 -8.66 -55.60 -3.16
C VAL L 177 -9.76 -55.27 -4.16
N GLU L 178 -10.78 -56.11 -4.24
CA GLU L 178 -11.90 -55.88 -5.17
C GLU L 178 -12.86 -54.87 -4.57
N GLU L 179 -13.13 -55.02 -3.28
CA GLU L 179 -14.03 -54.12 -2.60
C GLU L 179 -13.39 -52.73 -2.60
N VAL L 180 -12.09 -52.67 -2.34
CA VAL L 180 -11.39 -51.40 -2.33
C VAL L 180 -11.52 -50.70 -3.68
N ILE L 181 -11.20 -51.40 -4.76
CA ILE L 181 -11.30 -50.80 -6.08
C ILE L 181 -12.71 -50.26 -6.42
N LYS L 182 -13.74 -50.79 -5.77
CA LYS L 182 -15.09 -50.29 -6.02
C LYS L 182 -15.20 -48.90 -5.39
N LEU L 183 -14.72 -48.80 -4.16
CA LEU L 183 -14.75 -47.54 -3.44
C LEU L 183 -13.96 -46.51 -4.22
N VAL L 184 -12.77 -46.89 -4.65
CA VAL L 184 -11.93 -45.99 -5.42
C VAL L 184 -12.71 -45.44 -6.61
N ARG L 185 -13.25 -46.33 -7.42
CA ARG L 185 -14.01 -45.95 -8.60
C ARG L 185 -15.21 -45.10 -8.26
N ASP L 186 -15.87 -45.41 -7.15
CA ASP L 186 -17.02 -44.62 -6.76
C ASP L 186 -16.56 -43.23 -6.35
N SER L 187 -15.53 -43.17 -5.51
CA SER L 187 -14.99 -41.90 -5.07
C SER L 187 -14.69 -41.00 -6.24
N PHE L 188 -14.03 -41.54 -7.26
CA PHE L 188 -13.69 -40.72 -8.42
C PHE L 188 -14.85 -40.32 -9.31
N THR L 189 -15.90 -41.14 -9.38
CA THR L 189 -17.03 -40.75 -10.22
C THR L 189 -17.81 -39.66 -9.48
N SER L 190 -17.81 -39.73 -8.15
CA SER L 190 -18.49 -38.72 -7.36
C SER L 190 -17.71 -37.42 -7.49
N ALA L 191 -16.41 -37.50 -7.25
CA ALA L 191 -15.56 -36.33 -7.35
C ALA L 191 -15.70 -35.66 -8.72
N THR L 192 -15.63 -36.44 -9.78
CA THR L 192 -15.73 -35.91 -11.12
C THR L 192 -17.05 -35.17 -11.34
N GLU L 193 -18.06 -35.58 -10.60
CA GLU L 193 -19.39 -34.98 -10.69
C GLU L 193 -19.44 -33.58 -10.12
N ARG L 194 -18.84 -33.40 -8.94
CA ARG L 194 -18.85 -32.12 -8.25
C ARG L 194 -17.62 -31.21 -8.32
N HIS L 195 -16.52 -31.71 -8.86
CA HIS L 195 -15.33 -30.88 -8.95
C HIS L 195 -14.90 -30.74 -10.41
N ILE L 196 -14.78 -29.50 -10.88
CA ILE L 196 -14.43 -29.22 -12.26
C ILE L 196 -12.99 -29.55 -12.64
N GLN L 197 -12.15 -29.81 -11.64
CA GLN L 197 -10.75 -30.12 -11.94
C GLN L 197 -10.49 -31.62 -12.04
N VAL L 198 -11.47 -32.44 -11.69
CA VAL L 198 -11.32 -33.89 -11.73
C VAL L 198 -12.13 -34.50 -12.89
N GLY L 199 -11.52 -35.45 -13.59
CA GLY L 199 -12.19 -36.11 -14.70
C GLY L 199 -11.26 -36.78 -15.70
N ASP L 200 -11.81 -37.07 -16.89
CA ASP L 200 -11.10 -37.70 -18.02
C ASP L 200 -10.71 -39.18 -17.89
N GLY L 201 -9.95 -39.54 -16.86
CA GLY L 201 -9.55 -40.92 -16.68
C GLY L 201 -9.06 -41.22 -15.30
N LEU L 202 -9.26 -42.44 -14.84
CA LEU L 202 -8.82 -42.88 -13.52
C LEU L 202 -7.80 -43.99 -13.67
N GLU L 203 -6.62 -43.82 -13.10
CA GLU L 203 -5.59 -44.83 -13.21
C GLU L 203 -5.20 -45.26 -11.81
N ILE L 204 -5.30 -46.56 -11.56
CA ILE L 204 -4.97 -47.12 -10.26
C ILE L 204 -3.75 -48.01 -10.34
N LEU L 205 -2.94 -47.99 -9.29
CA LEU L 205 -1.75 -48.84 -9.23
C LEU L 205 -1.92 -49.74 -7.99
N ILE L 206 -1.88 -51.06 -8.21
CA ILE L 206 -2.05 -52.00 -7.11
C ILE L 206 -0.74 -52.67 -6.72
N VAL L 207 -0.47 -52.70 -5.42
CA VAL L 207 0.75 -53.27 -4.89
C VAL L 207 0.49 -54.47 -4.00
N THR L 208 1.06 -55.60 -4.42
CA THR L 208 0.95 -56.88 -3.73
C THR L 208 2.36 -57.41 -3.61
N LYS L 209 2.55 -58.49 -2.87
CA LYS L 209 3.89 -59.05 -2.72
C LYS L 209 4.45 -59.47 -4.08
N ASP L 210 3.60 -59.42 -5.11
CA ASP L 210 4.01 -59.81 -6.44
C ASP L 210 4.36 -58.61 -7.33
N GLY L 211 4.27 -57.42 -6.78
CA GLY L 211 4.62 -56.24 -7.55
C GLY L 211 3.54 -55.19 -7.76
N VAL L 212 3.69 -54.46 -8.85
CA VAL L 212 2.78 -53.38 -9.19
C VAL L 212 1.96 -53.61 -10.46
N ARG L 213 0.64 -53.67 -10.29
CA ARG L 213 -0.28 -53.84 -11.42
C ARG L 213 -1.09 -52.55 -11.61
N LYS L 214 -1.46 -52.25 -12.85
CA LYS L 214 -2.23 -51.04 -13.17
C LYS L 214 -3.61 -51.32 -13.77
N GLU L 215 -4.58 -50.46 -13.44
CA GLU L 215 -5.93 -50.59 -13.97
C GLU L 215 -6.39 -49.19 -14.41
N PHE L 216 -7.06 -49.10 -15.55
CA PHE L 216 -7.54 -47.81 -16.04
C PHE L 216 -9.05 -47.76 -16.22
N TYR L 217 -9.61 -46.58 -16.10
CA TYR L 217 -11.05 -46.40 -16.25
C TYR L 217 -11.36 -45.00 -16.77
N GLU L 218 -12.38 -44.90 -17.63
CA GLU L 218 -12.78 -43.62 -18.17
C GLU L 218 -13.48 -42.82 -17.08
N LEU L 219 -13.59 -41.53 -17.29
CA LEU L 219 -14.26 -40.61 -16.37
C LEU L 219 -14.87 -39.51 -17.24
N LYS L 220 -16.01 -38.96 -16.82
CA LYS L 220 -16.68 -37.91 -17.58
C LYS L 220 -15.70 -36.84 -18.03
N ARG L 221 -15.74 -36.55 -19.33
CA ARG L 221 -14.85 -35.58 -19.95
C ARG L 221 -15.32 -34.12 -20.06
N ASP L 222 -16.22 -33.68 -19.19
CA ASP L 222 -16.71 -32.30 -19.26
C ASP L 222 -16.12 -31.34 -18.21
N THR M 1 13.14 -12.10 -11.56
CA THR M 1 11.79 -11.77 -12.11
C THR M 1 11.91 -10.67 -13.14
N GLN M 2 11.18 -10.85 -14.23
CA GLN M 2 11.21 -9.91 -15.31
C GLN M 2 9.81 -9.78 -15.84
N GLN M 3 9.68 -9.14 -16.99
CA GLN M 3 8.40 -8.96 -17.66
C GLN M 3 8.74 -9.01 -19.13
N PRO M 4 7.94 -9.73 -19.91
CA PRO M 4 8.14 -9.88 -21.36
C PRO M 4 7.96 -8.59 -22.12
N ILE M 5 8.84 -8.34 -23.10
CA ILE M 5 8.74 -7.11 -23.87
C ILE M 5 8.26 -7.41 -25.29
N VAL M 6 9.11 -7.96 -26.13
CA VAL M 6 8.67 -8.29 -27.49
C VAL M 6 8.16 -9.73 -27.41
N THR M 7 6.93 -9.96 -27.84
CA THR M 7 6.37 -11.30 -27.72
C THR M 7 5.77 -11.97 -28.95
N GLY M 8 5.69 -13.30 -28.86
CA GLY M 8 5.12 -14.11 -29.93
C GLY M 8 3.89 -14.75 -29.37
N THR M 9 2.85 -14.86 -30.18
CA THR M 9 1.59 -15.43 -29.72
C THR M 9 1.53 -16.96 -29.77
N SER M 10 0.33 -17.52 -29.94
CA SER M 10 0.13 -18.97 -29.96
C SER M 10 1.08 -19.83 -30.78
N VAL M 11 1.08 -21.11 -30.42
CA VAL M 11 1.85 -22.14 -31.11
C VAL M 11 0.92 -23.34 -31.07
N ILE M 12 0.36 -23.71 -32.22
CA ILE M 12 -0.55 -24.84 -32.27
C ILE M 12 0.08 -26.08 -32.91
N SER M 13 -0.41 -27.24 -32.50
CA SER M 13 0.12 -28.50 -33.01
C SER M 13 -0.74 -29.70 -32.63
N MET M 14 -0.50 -30.79 -33.36
CA MET M 14 -1.20 -32.04 -33.13
C MET M 14 -0.41 -33.13 -33.82
N LYS M 15 -0.79 -34.38 -33.54
CA LYS M 15 -0.10 -35.51 -34.14
C LYS M 15 -1.07 -36.39 -34.91
N TYR M 16 -0.69 -36.75 -36.14
CA TYR M 16 -1.52 -37.62 -36.96
C TYR M 16 -0.93 -39.03 -37.00
N ASP M 17 -1.38 -39.85 -37.93
CA ASP M 17 -0.90 -41.23 -38.04
C ASP M 17 0.59 -41.43 -38.31
N ASN M 18 1.18 -40.55 -39.13
CA ASN M 18 2.59 -40.72 -39.47
C ASN M 18 3.58 -39.71 -38.92
N GLY M 19 3.09 -38.73 -38.16
CA GLY M 19 4.01 -37.75 -37.62
C GLY M 19 3.31 -36.72 -36.77
N VAL M 20 3.77 -35.48 -36.88
CA VAL M 20 3.20 -34.39 -36.11
C VAL M 20 3.28 -33.10 -36.93
N ILE M 21 2.37 -32.18 -36.64
CA ILE M 21 2.36 -30.90 -37.33
C ILE M 21 2.42 -29.81 -36.27
N ILE M 22 3.07 -28.71 -36.62
CA ILE M 22 3.20 -27.59 -35.71
C ILE M 22 3.26 -26.30 -36.49
N ALA M 23 2.57 -25.27 -36.01
CA ALA M 23 2.55 -23.99 -36.69
C ALA M 23 2.60 -22.79 -35.74
N ALA M 24 3.02 -21.64 -36.26
CA ALA M 24 3.13 -20.41 -35.46
C ALA M 24 3.25 -19.22 -36.38
N ASP M 25 2.46 -18.17 -36.15
CA ASP M 25 2.53 -17.01 -37.02
C ASP M 25 3.90 -16.36 -36.91
N ASN M 26 4.16 -15.36 -37.75
CA ASN M 26 5.48 -14.74 -37.76
C ASN M 26 5.50 -13.34 -37.17
N LEU M 27 4.72 -13.13 -36.13
CA LEU M 27 4.66 -11.82 -35.51
C LEU M 27 5.47 -11.67 -34.22
N GLY M 28 5.95 -10.45 -34.01
CA GLY M 28 6.70 -10.11 -32.83
C GLY M 28 6.06 -8.85 -32.29
N SER M 29 5.11 -9.01 -31.38
CA SER M 29 4.40 -7.87 -30.79
C SER M 29 5.21 -7.19 -29.69
N TYR M 30 4.95 -5.90 -29.54
CA TYR M 30 5.61 -5.09 -28.53
C TYR M 30 4.47 -4.37 -27.84
N GLY M 31 3.86 -5.02 -26.86
CA GLY M 31 2.74 -4.39 -26.21
C GLY M 31 1.61 -4.57 -27.20
N SER M 32 0.92 -3.48 -27.54
CA SER M 32 -0.18 -3.55 -28.48
C SER M 32 0.28 -3.20 -29.90
N LEU M 33 1.56 -2.89 -30.04
CA LEU M 33 2.14 -2.55 -31.34
C LEU M 33 2.67 -3.80 -32.02
N LEU M 34 2.12 -4.11 -33.19
CA LEU M 34 2.55 -5.28 -33.96
C LEU M 34 3.85 -4.85 -34.66
N ARG M 35 4.92 -4.76 -33.88
CA ARG M 35 6.21 -4.29 -34.38
C ARG M 35 6.98 -5.09 -35.43
N PHE M 36 7.20 -6.38 -35.21
CA PHE M 36 7.97 -7.17 -36.16
C PHE M 36 7.15 -8.22 -36.90
N ASN M 37 7.41 -8.35 -38.20
CA ASN M 37 6.65 -9.31 -39.01
C ASN M 37 7.43 -10.43 -39.66
N GLY M 38 8.74 -10.45 -39.49
CA GLY M 38 9.51 -11.51 -40.10
C GLY M 38 10.09 -12.42 -39.04
N VAL M 39 9.30 -12.71 -38.01
CA VAL M 39 9.77 -13.53 -36.92
C VAL M 39 9.46 -15.01 -37.06
N GLU M 40 10.50 -15.83 -37.20
CA GLU M 40 10.29 -17.26 -37.32
C GLU M 40 10.30 -17.81 -35.90
N ARG M 41 9.19 -18.39 -35.46
CA ARG M 41 9.11 -18.92 -34.12
C ARG M 41 9.15 -20.42 -34.06
N LEU M 42 9.54 -21.04 -35.18
CA LEU M 42 9.65 -22.49 -35.22
C LEU M 42 11.11 -22.82 -35.42
N ILE M 43 11.72 -23.43 -34.40
CA ILE M 43 13.13 -23.78 -34.48
C ILE M 43 13.32 -25.26 -34.77
N PRO M 44 13.86 -25.58 -35.96
CA PRO M 44 14.07 -26.99 -36.28
C PRO M 44 15.43 -27.40 -35.73
N VAL M 45 15.47 -28.56 -35.10
CA VAL M 45 16.72 -29.09 -34.54
C VAL M 45 16.95 -30.46 -35.19
N GLY M 46 17.92 -30.51 -36.08
CA GLY M 46 18.18 -31.76 -36.78
C GLY M 46 17.12 -31.88 -37.86
N ASP M 47 16.63 -33.09 -38.08
CA ASP M 47 15.62 -33.30 -39.11
C ASP M 47 14.45 -34.15 -38.60
N ASN M 48 14.40 -34.35 -37.29
CA ASN M 48 13.32 -35.12 -36.66
C ASN M 48 12.60 -34.32 -35.59
N THR M 49 13.05 -33.08 -35.38
CA THR M 49 12.48 -32.21 -34.36
C THR M 49 12.31 -30.76 -34.78
N VAL M 50 11.21 -30.15 -34.33
CA VAL M 50 10.92 -28.73 -34.55
C VAL M 50 10.40 -28.19 -33.22
N VAL M 51 10.97 -27.07 -32.79
CA VAL M 51 10.59 -26.45 -31.51
C VAL M 51 9.83 -25.14 -31.75
N GLY M 52 8.59 -25.10 -31.27
CA GLY M 52 7.76 -23.92 -31.41
C GLY M 52 7.78 -23.11 -30.10
N ILE M 53 8.20 -21.86 -30.21
CA ILE M 53 8.31 -21.00 -29.04
C ILE M 53 7.41 -19.77 -29.08
N SER M 54 6.77 -19.51 -27.94
CA SER M 54 5.91 -18.35 -27.80
C SER M 54 6.32 -17.66 -26.51
N GLY M 55 6.14 -16.35 -26.46
CA GLY M 55 6.52 -15.65 -25.26
C GLY M 55 7.50 -14.54 -25.58
N ASP M 56 8.44 -14.31 -24.67
CA ASP M 56 9.41 -13.26 -24.87
C ASP M 56 10.36 -13.63 -26.01
N ILE M 57 10.35 -12.83 -27.05
CA ILE M 57 11.19 -13.09 -28.21
C ILE M 57 12.67 -13.12 -27.84
N SER M 58 13.12 -12.20 -27.01
CA SER M 58 14.52 -12.15 -26.62
C SER M 58 14.94 -13.46 -25.94
N ASP M 59 14.05 -14.00 -25.12
CA ASP M 59 14.35 -15.27 -24.45
C ASP M 59 14.32 -16.40 -25.47
N MET M 60 13.43 -16.28 -26.44
CA MET M 60 13.33 -17.30 -27.48
C MET M 60 14.67 -17.38 -28.22
N GLN M 61 15.16 -16.22 -28.63
CA GLN M 61 16.43 -16.14 -29.34
C GLN M 61 17.54 -16.75 -28.53
N HIS M 62 17.41 -16.70 -27.21
CA HIS M 62 18.40 -17.29 -26.32
C HIS M 62 18.28 -18.80 -26.43
N ILE M 63 17.04 -19.28 -26.33
CA ILE M 63 16.77 -20.71 -26.42
C ILE M 63 17.22 -21.26 -27.76
N GLU M 64 17.22 -20.41 -28.77
CA GLU M 64 17.66 -20.80 -30.11
C GLU M 64 19.13 -21.18 -30.05
N ARG M 65 19.92 -20.23 -29.55
CA ARG M 65 21.36 -20.38 -29.40
C ARG M 65 21.65 -21.61 -28.56
N LEU M 66 20.78 -21.90 -27.60
CA LEU M 66 20.99 -23.05 -26.76
C LEU M 66 20.92 -24.32 -27.58
N LEU M 67 19.93 -24.36 -28.46
CA LEU M 67 19.71 -25.52 -29.32
C LEU M 67 20.82 -25.74 -30.33
N LYS M 68 21.26 -24.67 -30.98
CA LYS M 68 22.33 -24.77 -31.97
C LYS M 68 23.57 -25.31 -31.31
N ASP M 69 23.72 -25.02 -30.03
CA ASP M 69 24.86 -25.51 -29.27
C ASP M 69 24.67 -26.95 -28.93
N LEU M 70 23.45 -27.33 -28.59
CA LEU M 70 23.16 -28.70 -28.24
C LEU M 70 23.54 -29.57 -29.43
N VAL M 71 23.30 -29.04 -30.63
CA VAL M 71 23.65 -29.73 -31.87
C VAL M 71 25.16 -29.90 -31.96
N THR M 72 25.87 -28.76 -31.97
CA THR M 72 27.33 -28.73 -32.04
C THR M 72 28.00 -29.65 -31.03
N GLU M 73 27.62 -29.49 -29.76
CA GLU M 73 28.17 -30.29 -28.68
C GLU M 73 27.92 -31.79 -28.85
N ASN M 74 26.76 -32.16 -29.41
CA ASN M 74 26.44 -33.58 -29.58
C ASN M 74 27.33 -34.20 -30.65
N ALA M 75 27.78 -33.35 -31.57
CA ALA M 75 28.64 -33.82 -32.65
C ALA M 75 30.03 -34.16 -32.12
N TYR M 76 30.46 -33.46 -31.08
CA TYR M 76 31.79 -33.70 -30.50
C TYR M 76 32.06 -35.16 -30.12
N ASP M 77 33.20 -35.68 -30.61
CA ASP M 77 33.63 -37.05 -30.33
C ASP M 77 32.49 -38.05 -30.46
N ASN M 78 31.58 -37.75 -31.38
CA ASN M 78 30.44 -38.61 -31.61
C ASN M 78 30.40 -38.99 -33.08
N PRO M 79 30.92 -40.19 -33.42
CA PRO M 79 30.94 -40.67 -34.80
C PRO M 79 29.56 -41.12 -35.29
N LEU M 80 28.60 -41.19 -34.37
CA LEU M 80 27.24 -41.59 -34.73
C LEU M 80 26.28 -40.41 -34.58
N ALA M 81 26.81 -39.20 -34.79
CA ALA M 81 26.06 -37.96 -34.65
C ALA M 81 24.92 -37.82 -35.66
N ASP M 82 25.03 -38.56 -36.75
CA ASP M 82 24.03 -38.53 -37.81
C ASP M 82 23.37 -39.90 -37.92
N ALA M 83 23.54 -40.71 -36.88
CA ALA M 83 22.98 -42.03 -36.87
C ALA M 83 22.31 -42.37 -35.55
N GLU M 84 22.75 -43.45 -34.93
CA GLU M 84 22.18 -43.90 -33.67
C GLU M 84 22.33 -42.88 -32.55
N GLU M 85 23.39 -42.07 -32.61
CA GLU M 85 23.65 -41.08 -31.58
C GLU M 85 23.32 -39.64 -31.92
N ALA M 86 22.33 -39.43 -32.78
CA ALA M 86 21.92 -38.08 -33.13
C ALA M 86 20.86 -37.62 -32.12
N LEU M 87 20.58 -36.32 -32.10
CA LEU M 87 19.60 -35.77 -31.17
C LEU M 87 18.17 -36.27 -31.42
N GLU M 88 17.53 -36.72 -30.35
CA GLU M 88 16.16 -37.21 -30.40
C GLU M 88 15.26 -36.08 -29.90
N PRO M 89 13.99 -36.05 -30.31
CA PRO M 89 13.13 -34.97 -29.81
C PRO M 89 13.05 -35.04 -28.27
N SER M 90 12.88 -36.24 -27.74
CA SER M 90 12.78 -36.43 -26.30
C SER M 90 14.00 -35.88 -25.57
N TYR M 91 15.18 -35.93 -26.20
CA TYR M 91 16.39 -35.43 -25.57
C TYR M 91 16.27 -33.90 -25.52
N ILE M 92 16.02 -33.31 -26.69
CA ILE M 92 15.90 -31.87 -26.80
C ILE M 92 14.87 -31.33 -25.82
N PHE M 93 13.76 -32.03 -25.65
CA PHE M 93 12.74 -31.59 -24.73
C PHE M 93 13.19 -31.67 -23.27
N GLU M 94 13.50 -32.88 -22.83
CA GLU M 94 13.94 -33.10 -21.46
C GLU M 94 15.01 -32.08 -21.05
N TYR M 95 15.82 -31.64 -22.01
CA TYR M 95 16.85 -30.67 -21.73
C TYR M 95 16.18 -29.34 -21.46
N LEU M 96 15.46 -28.82 -22.46
CA LEU M 96 14.76 -27.55 -22.31
C LEU M 96 13.88 -27.52 -21.05
N ALA M 97 13.17 -28.60 -20.78
CA ALA M 97 12.31 -28.65 -19.60
C ALA M 97 13.16 -28.47 -18.35
N THR M 98 14.32 -29.10 -18.35
CA THR M 98 15.25 -29.02 -17.24
C THR M 98 15.66 -27.56 -17.04
N VAL M 99 15.94 -26.89 -18.13
CA VAL M 99 16.34 -25.49 -18.09
C VAL M 99 15.20 -24.61 -17.60
N MET M 100 14.00 -24.82 -18.14
CA MET M 100 12.84 -24.02 -17.77
C MET M 100 12.58 -24.04 -16.27
N TYR M 101 12.60 -25.22 -15.69
CA TYR M 101 12.35 -25.36 -14.25
C TYR M 101 13.47 -24.78 -13.37
N GLN M 102 14.72 -24.97 -13.77
CA GLN M 102 15.83 -24.43 -12.98
C GLN M 102 15.69 -22.92 -12.93
N ARG M 103 15.35 -22.33 -14.07
CA ARG M 103 15.20 -20.88 -14.16
C ARG M 103 14.02 -20.38 -13.33
N ARG M 104 12.91 -21.09 -13.31
CA ARG M 104 11.78 -20.60 -12.54
C ARG M 104 12.12 -20.79 -11.08
N SER M 105 12.87 -21.84 -10.80
CA SER M 105 13.26 -22.13 -9.43
C SER M 105 14.32 -21.18 -8.91
N LYS M 106 14.85 -20.33 -9.77
CA LYS M 106 15.84 -19.35 -9.37
C LYS M 106 15.17 -18.00 -9.50
N MET M 107 13.84 -18.02 -9.61
CA MET M 107 13.05 -16.80 -9.73
C MET M 107 13.41 -15.87 -10.87
N ASN M 108 14.03 -16.42 -11.91
CA ASN M 108 14.42 -15.65 -13.08
C ASN M 108 14.07 -16.51 -14.27
N PRO M 109 12.77 -16.64 -14.57
CA PRO M 109 12.27 -17.45 -15.69
C PRO M 109 12.58 -16.98 -17.11
N LEU M 110 12.47 -17.92 -18.04
CA LEU M 110 12.61 -17.64 -19.47
C LEU M 110 11.12 -17.57 -19.83
N TRP M 111 10.63 -16.36 -20.01
CA TRP M 111 9.22 -16.11 -20.27
C TRP M 111 8.63 -16.73 -21.55
N ASN M 112 8.55 -18.05 -21.60
CA ASN M 112 8.05 -18.71 -22.79
C ASN M 112 7.18 -19.91 -22.53
N ALA M 113 6.51 -20.35 -23.59
CA ALA M 113 5.67 -21.54 -23.62
C ALA M 113 6.28 -22.25 -24.82
N ILE M 114 6.69 -23.49 -24.64
CA ILE M 114 7.33 -24.24 -25.70
C ILE M 114 6.68 -25.58 -26.02
N ILE M 115 6.60 -25.90 -27.31
CA ILE M 115 6.04 -27.18 -27.74
C ILE M 115 7.09 -27.83 -28.62
N VAL M 116 7.60 -28.98 -28.16
CA VAL M 116 8.61 -29.72 -28.89
C VAL M 116 7.88 -30.78 -29.68
N ALA M 117 7.96 -30.69 -31.00
CA ALA M 117 7.29 -31.65 -31.87
C ALA M 117 8.30 -32.39 -32.73
N GLY M 118 8.11 -33.70 -32.83
CA GLY M 118 9.03 -34.48 -33.65
C GLY M 118 8.73 -35.96 -33.66
N VAL M 119 9.60 -36.71 -34.35
CA VAL M 119 9.45 -38.15 -34.44
C VAL M 119 10.69 -38.84 -33.89
N GLN M 120 10.45 -39.76 -32.97
CA GLN M 120 11.53 -40.53 -32.36
C GLN M 120 12.09 -41.52 -33.38
N SER M 121 13.35 -41.90 -33.22
CA SER M 121 14.01 -42.83 -34.15
C SER M 121 13.22 -44.14 -34.37
N ASN M 122 12.51 -44.58 -33.33
CA ASN M 122 11.73 -45.80 -33.43
C ASN M 122 10.38 -45.50 -34.08
N GLY M 123 10.30 -44.39 -34.80
CA GLY M 123 9.06 -44.03 -35.48
C GLY M 123 7.96 -43.32 -34.70
N ASP M 124 7.97 -43.45 -33.38
CA ASP M 124 6.96 -42.80 -32.52
C ASP M 124 6.90 -41.28 -32.66
N GLN M 125 5.71 -40.73 -32.47
CA GLN M 125 5.53 -39.28 -32.58
C GLN M 125 5.74 -38.64 -31.22
N PHE M 126 6.45 -37.53 -31.21
CA PHE M 126 6.74 -36.81 -29.98
C PHE M 126 6.11 -35.42 -29.98
N LEU M 127 5.32 -35.17 -28.94
CA LEU M 127 4.66 -33.88 -28.79
C LEU M 127 4.48 -33.62 -27.30
N ARG M 128 5.28 -32.69 -26.76
CA ARG M 128 5.19 -32.34 -25.35
C ARG M 128 5.34 -30.82 -25.15
N TYR M 129 4.74 -30.32 -24.07
CA TYR M 129 4.74 -28.89 -23.74
C TYR M 129 5.48 -28.55 -22.45
N VAL M 130 6.08 -27.36 -22.41
CA VAL M 130 6.80 -26.88 -21.23
C VAL M 130 6.75 -25.35 -21.25
N ASN M 131 6.53 -24.74 -20.08
CA ASN M 131 6.48 -23.28 -20.02
C ASN M 131 7.43 -22.72 -18.97
N LEU M 132 7.34 -21.41 -18.76
CA LEU M 132 8.19 -20.69 -17.81
C LEU M 132 8.13 -21.23 -16.38
N LEU M 133 7.05 -21.90 -16.03
CA LEU M 133 6.92 -22.47 -14.69
C LEU M 133 7.59 -23.83 -14.62
N GLY M 134 7.99 -24.36 -15.77
CA GLY M 134 8.62 -25.67 -15.79
C GLY M 134 7.60 -26.79 -15.80
N VAL M 135 6.34 -26.43 -16.01
CA VAL M 135 5.25 -27.39 -16.09
C VAL M 135 5.32 -28.09 -17.46
N THR M 136 5.10 -29.41 -17.47
CA THR M 136 5.13 -30.20 -18.71
C THR M 136 3.93 -31.14 -18.81
N TYR M 137 3.54 -31.42 -20.05
CA TYR M 137 2.45 -32.34 -20.32
C TYR M 137 2.35 -32.66 -21.80
N SER M 138 1.65 -33.76 -22.10
CA SER M 138 1.44 -34.22 -23.47
C SER M 138 -0.01 -34.51 -23.74
N SER M 139 -0.40 -34.30 -24.99
CA SER M 139 -1.76 -34.52 -25.46
C SER M 139 -1.73 -34.67 -26.98
N PRO M 140 -2.71 -35.38 -27.56
CA PRO M 140 -2.74 -35.56 -29.02
C PRO M 140 -2.63 -34.19 -29.72
N THR M 141 -3.19 -33.16 -29.10
CA THR M 141 -3.09 -31.79 -29.61
C THR M 141 -2.55 -30.89 -28.48
N LEU M 142 -1.76 -29.89 -28.84
CA LEU M 142 -1.18 -28.96 -27.88
C LEU M 142 -1.11 -27.58 -28.49
N ALA M 143 -1.52 -26.58 -27.71
CA ALA M 143 -1.48 -25.19 -28.15
C ALA M 143 -1.09 -24.33 -26.95
N THR M 144 -0.46 -23.20 -27.23
CA THR M 144 -0.03 -22.28 -26.17
C THR M 144 -0.81 -20.97 -26.23
N GLY M 145 -1.02 -20.35 -25.07
CA GLY M 145 -1.72 -19.09 -25.04
C GLY M 145 -3.10 -19.16 -25.65
N PHE M 146 -3.41 -18.25 -26.57
CA PHE M 146 -4.71 -18.22 -27.21
C PHE M 146 -5.14 -19.53 -27.85
N GLY M 147 -4.22 -20.16 -28.55
CA GLY M 147 -4.54 -21.41 -29.20
C GLY M 147 -5.06 -22.45 -28.24
N ALA M 148 -4.69 -22.33 -26.98
CA ALA M 148 -5.14 -23.29 -25.99
C ALA M 148 -6.63 -23.14 -25.83
N HIS M 149 -7.12 -21.94 -26.06
CA HIS M 149 -8.54 -21.65 -25.90
C HIS M 149 -9.37 -21.86 -27.14
N MET M 150 -8.79 -21.57 -28.30
CA MET M 150 -9.53 -21.70 -29.53
C MET M 150 -9.08 -22.82 -30.46
N ALA M 151 -7.79 -23.12 -30.49
CA ALA M 151 -7.30 -24.18 -31.35
C ALA M 151 -7.55 -25.57 -30.79
N ASN M 152 -7.20 -25.79 -29.53
CA ASN M 152 -7.42 -27.11 -28.97
C ASN M 152 -8.83 -27.60 -29.20
N PRO M 153 -9.84 -26.74 -28.95
CA PRO M 153 -11.23 -27.18 -29.18
C PRO M 153 -11.46 -27.74 -30.57
N LEU M 154 -10.89 -27.09 -31.58
CA LEU M 154 -11.06 -27.52 -32.96
C LEU M 154 -10.28 -28.79 -33.24
N LEU M 155 -8.99 -28.78 -32.92
CA LEU M 155 -8.13 -29.94 -33.16
C LEU M 155 -8.59 -31.17 -32.39
N ARG M 156 -9.21 -30.98 -31.24
CA ARG M 156 -9.67 -32.12 -30.45
C ARG M 156 -10.89 -32.75 -31.07
N LYS M 157 -11.47 -32.07 -32.05
CA LYS M 157 -12.65 -32.59 -32.75
C LYS M 157 -12.20 -33.56 -33.84
N VAL M 158 -10.88 -33.59 -34.08
CA VAL M 158 -10.29 -34.47 -35.08
C VAL M 158 -9.63 -35.65 -34.35
N VAL M 159 -8.95 -35.34 -33.26
CA VAL M 159 -8.30 -36.36 -32.45
C VAL M 159 -8.71 -36.13 -31.00
N ASP M 160 -9.84 -36.69 -30.62
CA ASP M 160 -10.35 -36.54 -29.26
C ASP M 160 -9.48 -37.34 -28.29
N ARG M 161 -9.24 -38.61 -28.63
CA ARG M 161 -8.39 -39.45 -27.79
C ARG M 161 -7.27 -40.07 -28.61
N GLU M 162 -6.47 -40.91 -27.97
CA GLU M 162 -5.33 -41.55 -28.62
C GLU M 162 -5.70 -42.36 -29.86
N SER M 163 -6.70 -43.23 -29.70
CA SER M 163 -7.15 -44.09 -30.79
C SER M 163 -7.51 -43.38 -32.10
N ASP M 164 -7.54 -42.06 -32.10
CA ASP M 164 -7.87 -41.32 -33.31
C ASP M 164 -6.64 -40.97 -34.10
N ILE M 165 -5.46 -41.14 -33.50
CA ILE M 165 -4.21 -40.78 -34.17
C ILE M 165 -3.99 -41.52 -35.49
N PRO M 166 -3.93 -42.86 -35.45
CA PRO M 166 -3.72 -43.64 -36.69
C PRO M 166 -4.78 -43.35 -37.76
N LYS M 167 -5.99 -43.07 -37.30
CA LYS M 167 -7.10 -42.76 -38.19
C LYS M 167 -7.00 -41.38 -38.83
N THR M 168 -5.98 -40.60 -38.46
CA THR M 168 -5.87 -39.26 -39.01
C THR M 168 -4.75 -39.08 -40.03
N THR M 169 -5.13 -38.60 -41.22
CA THR M 169 -4.20 -38.39 -42.31
C THR M 169 -3.57 -37.01 -42.25
N VAL M 170 -2.43 -36.87 -42.92
CA VAL M 170 -1.70 -35.62 -42.98
C VAL M 170 -2.54 -34.49 -43.56
N GLN M 171 -3.38 -34.81 -44.53
CA GLN M 171 -4.23 -33.81 -45.16
C GLN M 171 -5.26 -33.34 -44.15
N VAL M 172 -5.94 -34.30 -43.53
CA VAL M 172 -6.95 -33.99 -42.53
C VAL M 172 -6.33 -33.10 -41.46
N ALA M 173 -5.19 -33.54 -40.94
CA ALA M 173 -4.47 -32.82 -39.90
C ALA M 173 -4.06 -31.42 -40.33
N GLU M 174 -3.24 -31.33 -41.38
CA GLU M 174 -2.78 -30.02 -41.83
C GLU M 174 -3.93 -29.08 -42.12
N GLU M 175 -5.09 -29.65 -42.46
CA GLU M 175 -6.25 -28.85 -42.75
C GLU M 175 -6.73 -28.22 -41.44
N ALA M 176 -6.90 -29.06 -40.42
CA ALA M 176 -7.34 -28.60 -39.10
C ALA M 176 -6.39 -27.52 -38.61
N ILE M 177 -5.10 -27.75 -38.78
CA ILE M 177 -4.12 -26.76 -38.36
C ILE M 177 -4.36 -25.45 -39.09
N VAL M 178 -4.35 -25.50 -40.42
CA VAL M 178 -4.57 -24.28 -41.19
C VAL M 178 -5.89 -23.59 -40.90
N ASN M 179 -6.93 -24.35 -40.55
CA ASN M 179 -8.19 -23.70 -40.26
C ASN M 179 -8.03 -22.95 -38.94
N ALA M 180 -7.47 -23.64 -37.96
CA ALA M 180 -7.24 -23.07 -36.63
C ALA M 180 -6.48 -21.76 -36.76
N MET M 181 -5.41 -21.75 -37.54
CA MET M 181 -4.63 -20.53 -37.73
C MET M 181 -5.51 -19.38 -38.19
N ARG M 182 -6.51 -19.68 -39.02
CA ARG M 182 -7.41 -18.66 -39.52
C ARG M 182 -8.30 -18.16 -38.38
N VAL M 183 -8.85 -19.08 -37.60
CA VAL M 183 -9.72 -18.73 -36.48
C VAL M 183 -8.96 -17.80 -35.54
N LEU M 184 -7.74 -18.17 -35.20
CA LEU M 184 -6.93 -17.35 -34.31
C LEU M 184 -6.76 -15.96 -34.91
N TYR M 185 -6.60 -15.87 -36.23
CA TYR M 185 -6.43 -14.57 -36.86
C TYR M 185 -7.69 -13.73 -36.71
N TYR M 186 -8.84 -14.40 -36.66
CA TYR M 186 -10.11 -13.72 -36.49
C TYR M 186 -10.28 -13.13 -35.11
N ARG M 187 -9.95 -13.90 -34.07
CA ARG M 187 -10.16 -13.45 -32.71
C ARG M 187 -8.96 -13.03 -31.86
N ASP M 188 -7.75 -13.43 -32.22
CA ASP M 188 -6.57 -13.05 -31.44
C ASP M 188 -6.04 -11.72 -31.95
N ALA M 189 -6.08 -10.70 -31.10
CA ALA M 189 -5.63 -9.36 -31.47
C ALA M 189 -4.12 -9.22 -31.60
N ARG M 190 -3.39 -10.24 -31.18
CA ARG M 190 -1.94 -10.21 -31.25
C ARG M 190 -1.44 -11.24 -32.25
N SER M 191 -2.24 -11.49 -33.30
CA SER M 191 -1.86 -12.47 -34.32
C SER M 191 -1.61 -11.85 -35.68
N SER M 192 -0.94 -12.63 -36.52
CA SER M 192 -0.60 -12.22 -37.87
C SER M 192 -1.21 -13.17 -38.89
N ARG M 193 -1.40 -12.67 -40.11
CA ARG M 193 -1.97 -13.46 -41.18
C ARG M 193 -0.92 -14.43 -41.71
N ASN M 194 0.34 -14.00 -41.66
CA ASN M 194 1.45 -14.81 -42.14
C ASN M 194 2.00 -15.70 -41.06
N PHE M 195 2.19 -16.97 -41.42
CA PHE M 195 2.69 -17.96 -40.48
C PHE M 195 3.56 -19.03 -41.11
N SER M 196 4.12 -19.90 -40.28
CA SER M 196 4.95 -20.99 -40.74
C SER M 196 4.36 -22.27 -40.23
N LEU M 197 4.49 -23.34 -41.00
CA LEU M 197 3.95 -24.62 -40.61
C LEU M 197 4.98 -25.69 -40.91
N ALA M 198 5.08 -26.66 -40.03
CA ALA M 198 6.05 -27.73 -40.20
C ALA M 198 5.43 -29.09 -39.92
N ILE M 199 5.82 -30.06 -40.74
CA ILE M 199 5.33 -31.41 -40.60
C ILE M 199 6.56 -32.29 -40.45
N ILE M 200 6.51 -33.22 -39.51
CA ILE M 200 7.62 -34.13 -39.30
C ILE M 200 6.99 -35.50 -39.43
N ASP M 201 7.17 -36.08 -40.62
CA ASP M 201 6.61 -37.38 -40.96
C ASP M 201 7.65 -38.48 -40.89
N LYS M 202 7.31 -39.59 -40.24
CA LYS M 202 8.24 -40.69 -40.09
C LYS M 202 8.65 -41.33 -41.41
N ASN M 203 8.25 -40.74 -42.52
CA ASN M 203 8.60 -41.25 -43.84
C ASN M 203 9.14 -40.13 -44.71
N THR M 204 8.31 -39.11 -44.93
CA THR M 204 8.71 -37.96 -45.75
C THR M 204 9.76 -37.06 -45.05
N GLY M 205 9.98 -37.33 -43.76
CA GLY M 205 10.95 -36.54 -43.01
C GLY M 205 10.37 -35.24 -42.47
N LEU M 206 11.17 -34.18 -42.52
CA LEU M 206 10.75 -32.87 -42.04
C LEU M 206 10.42 -31.97 -43.22
N THR M 207 9.20 -31.45 -43.23
CA THR M 207 8.76 -30.53 -44.28
C THR M 207 8.51 -29.22 -43.56
N PHE M 208 9.26 -28.19 -43.92
CA PHE M 208 9.10 -26.91 -43.27
C PHE M 208 8.59 -25.87 -44.26
N LYS M 209 7.32 -25.48 -44.09
CA LYS M 209 6.71 -24.51 -44.97
C LYS M 209 6.79 -23.08 -44.45
N LYS M 210 7.22 -22.15 -45.29
CA LYS M 210 7.33 -20.76 -44.88
C LYS M 210 6.43 -19.82 -45.67
N ASN M 211 6.11 -18.68 -45.08
CA ASN M 211 5.27 -17.65 -45.68
C ASN M 211 3.83 -17.97 -45.98
N LEU M 212 3.27 -18.99 -45.32
CA LEU M 212 1.87 -19.31 -45.54
C LEU M 212 1.04 -18.08 -45.16
N GLN M 213 -0.23 -18.10 -45.55
CA GLN M 213 -1.11 -16.98 -45.28
C GLN M 213 -2.52 -17.47 -45.06
N VAL M 214 -3.26 -16.76 -44.22
CA VAL M 214 -4.63 -17.16 -43.96
C VAL M 214 -5.38 -16.73 -45.21
N GLU M 215 -6.17 -17.66 -45.74
CA GLU M 215 -6.97 -17.42 -46.95
C GLU M 215 -8.38 -17.85 -46.65
N ASN M 216 -9.26 -17.66 -47.64
CA ASN M 216 -10.67 -18.04 -47.53
C ASN M 216 -11.33 -17.51 -46.27
N MET M 217 -11.33 -16.20 -46.11
CA MET M 217 -11.94 -15.60 -44.93
C MET M 217 -13.31 -15.02 -45.27
N LYS M 218 -14.26 -15.20 -44.35
CA LYS M 218 -15.60 -14.68 -44.52
C LYS M 218 -15.68 -13.32 -43.81
N TRP M 219 -15.82 -12.26 -44.60
CA TRP M 219 -15.92 -10.92 -44.05
C TRP M 219 -17.16 -10.23 -44.59
N ASP M 220 -17.61 -10.68 -45.75
CA ASP M 220 -18.78 -10.12 -46.43
C ASP M 220 -20.00 -9.76 -45.57
N PHE M 221 -20.45 -10.69 -44.74
CA PHE M 221 -21.62 -10.45 -43.89
C PHE M 221 -21.53 -9.15 -43.06
N ALA M 222 -20.32 -8.61 -42.93
CA ALA M 222 -20.11 -7.38 -42.18
C ALA M 222 -20.91 -6.21 -42.73
N LYS M 223 -21.12 -6.20 -44.04
CA LYS M 223 -21.85 -5.13 -44.70
C LYS M 223 -23.29 -5.00 -44.20
N ASP M 224 -23.86 -6.14 -43.81
CA ASP M 224 -25.25 -6.20 -43.34
C ASP M 224 -25.41 -5.74 -41.90
N ILE M 225 -24.30 -5.48 -41.23
CA ILE M 225 -24.35 -5.08 -39.82
C ILE M 225 -24.06 -3.60 -39.61
N LYS M 226 -25.09 -2.86 -39.21
CA LYS M 226 -24.92 -1.44 -38.93
C LYS M 226 -25.47 -1.15 -37.54
N GLY M 227 -24.97 -0.07 -36.94
CA GLY M 227 -25.39 0.30 -35.60
C GLY M 227 -24.99 -0.73 -34.57
N TYR M 228 -25.49 -0.56 -33.35
CA TYR M 228 -25.20 -1.49 -32.27
C TYR M 228 -26.48 -1.82 -31.52
N GLY M 229 -27.61 -1.76 -32.22
CA GLY M 229 -28.88 -2.07 -31.59
C GLY M 229 -30.12 -1.61 -32.34
N THR M 230 -30.44 -0.32 -32.24
CA THR M 230 -31.63 0.23 -32.88
C THR M 230 -31.39 1.01 -34.17
N GLN M 231 -30.13 1.28 -34.50
CA GLN M 231 -29.83 2.00 -35.74
C GLN M 231 -30.16 1.09 -36.92
N LYS M 232 -30.80 1.65 -37.95
CA LYS M 232 -31.19 0.87 -39.13
C LYS M 232 -30.40 1.15 -40.41
N ILE M 233 -29.75 2.30 -40.47
CA ILE M 233 -28.98 2.68 -41.66
C ILE M 233 -27.45 2.59 -41.51
N THR N 1 12.88 11.50 -27.90
CA THR N 1 13.93 11.02 -28.85
C THR N 1 13.35 10.34 -30.08
N SER N 2 13.85 10.72 -31.26
CA SER N 2 13.42 10.14 -32.54
C SER N 2 14.68 9.78 -33.32
N ILE N 3 14.85 8.49 -33.61
CA ILE N 3 16.02 8.01 -34.33
C ILE N 3 15.67 6.98 -35.39
N MET N 4 16.52 6.88 -36.41
CA MET N 4 16.31 5.90 -37.47
C MET N 4 17.57 5.63 -38.28
N ALA N 5 17.63 4.43 -38.85
CA ALA N 5 18.74 4.00 -39.69
C ALA N 5 18.14 3.34 -40.94
N VAL N 6 18.55 3.83 -42.11
CA VAL N 6 18.05 3.31 -43.39
C VAL N 6 19.17 2.83 -44.31
N THR N 7 19.04 1.60 -44.80
CA THR N 7 20.05 1.05 -45.71
C THR N 7 19.64 1.39 -47.12
N PHE N 8 20.59 1.82 -47.94
CA PHE N 8 20.28 2.13 -49.32
C PHE N 8 21.33 1.56 -50.26
N LYS N 9 21.17 1.81 -51.55
CA LYS N 9 22.09 1.33 -52.57
C LYS N 9 23.60 1.43 -52.24
N ASP N 10 24.06 2.60 -51.81
CA ASP N 10 25.48 2.80 -51.51
C ASP N 10 25.97 2.57 -50.08
N GLY N 11 25.07 2.17 -49.18
CA GLY N 11 25.48 1.94 -47.80
C GLY N 11 24.36 2.03 -46.78
N VAL N 12 24.42 3.04 -45.92
CA VAL N 12 23.42 3.23 -44.89
C VAL N 12 23.51 4.60 -44.24
N ILE N 13 22.38 5.11 -43.74
CA ILE N 13 22.39 6.40 -43.08
C ILE N 13 21.68 6.35 -41.73
N LEU N 14 22.23 7.09 -40.77
CA LEU N 14 21.67 7.15 -39.43
C LEU N 14 21.24 8.58 -39.17
N GLY N 15 20.04 8.74 -38.63
CA GLY N 15 19.54 10.06 -38.32
C GLY N 15 18.97 10.09 -36.93
N ALA N 16 18.93 11.28 -36.33
CA ALA N 16 18.40 11.45 -34.98
C ALA N 16 18.06 12.91 -34.75
N ASP N 17 17.30 13.18 -33.69
CA ASP N 17 17.00 14.57 -33.35
C ASP N 17 18.12 14.94 -32.39
N SER N 18 18.01 16.07 -31.71
CA SER N 18 19.08 16.46 -30.81
C SER N 18 18.61 16.89 -29.44
N ARG N 19 17.42 16.44 -29.07
CA ARG N 19 16.83 16.81 -27.79
C ARG N 19 16.87 15.75 -26.69
N THR N 20 17.35 16.16 -25.51
CA THR N 20 17.39 15.29 -24.34
C THR N 20 16.64 16.11 -23.29
N THR N 21 15.67 15.47 -22.66
CA THR N 21 14.86 16.13 -21.67
C THR N 21 14.82 15.41 -20.34
N THR N 22 14.53 16.18 -19.30
CA THR N 22 14.37 15.69 -17.95
C THR N 22 13.06 16.36 -17.59
N GLY N 23 11.96 15.66 -17.86
CA GLY N 23 10.67 16.25 -17.59
C GLY N 23 10.28 17.00 -18.84
N ALA N 24 9.73 18.20 -18.66
CA ALA N 24 9.34 18.99 -19.81
C ALA N 24 10.47 19.93 -20.14
N TYR N 25 11.52 19.92 -19.31
CA TYR N 25 12.66 20.78 -19.52
C TYR N 25 13.64 20.14 -20.48
N ILE N 26 14.12 20.92 -21.44
CA ILE N 26 15.08 20.44 -22.42
C ILE N 26 16.48 20.71 -21.91
N ALA N 27 17.07 19.71 -21.26
CA ALA N 27 18.42 19.80 -20.70
C ALA N 27 19.49 20.07 -21.74
N ASN N 28 19.31 19.51 -22.93
CA ASN N 28 20.25 19.74 -24.01
C ASN N 28 19.47 19.76 -25.31
N ARG N 29 19.68 20.79 -26.12
CA ARG N 29 18.98 20.89 -27.38
C ARG N 29 19.88 20.60 -28.58
N VAL N 30 21.17 20.41 -28.33
CA VAL N 30 22.12 20.12 -29.39
C VAL N 30 22.83 18.80 -29.18
N THR N 31 22.10 17.84 -28.61
CA THR N 31 22.64 16.51 -28.32
C THR N 31 23.06 15.73 -29.57
N ASP N 32 24.07 14.87 -29.43
CA ASP N 32 24.50 14.04 -30.54
C ASP N 32 24.23 12.58 -30.19
N LYS N 33 23.09 12.08 -30.68
CA LYS N 33 22.65 10.72 -30.40
C LYS N 33 23.26 9.69 -31.34
N LEU N 34 24.03 10.17 -32.32
CA LEU N 34 24.69 9.30 -33.29
C LEU N 34 26.09 9.01 -32.79
N THR N 35 26.25 7.83 -32.18
CA THR N 35 27.52 7.42 -31.59
C THR N 35 28.33 6.41 -32.41
N ARG N 36 29.64 6.63 -32.43
CA ARG N 36 30.56 5.78 -33.17
C ARG N 36 31.13 4.67 -32.31
N VAL N 37 30.92 3.41 -32.69
CA VAL N 37 31.48 2.30 -31.93
C VAL N 37 32.70 1.80 -32.68
N HIS N 38 32.72 2.07 -33.98
CA HIS N 38 33.83 1.69 -34.84
C HIS N 38 33.85 2.58 -36.08
N ASP N 39 34.98 2.57 -36.78
CA ASP N 39 35.16 3.37 -37.98
C ASP N 39 33.92 3.40 -38.83
N LYS N 40 33.42 2.23 -39.20
CA LYS N 40 32.23 2.22 -40.02
C LYS N 40 31.05 1.48 -39.40
N ILE N 41 30.94 1.59 -38.08
CA ILE N 41 29.82 0.99 -37.35
C ILE N 41 29.40 2.03 -36.33
N TRP N 42 28.19 2.54 -36.50
CA TRP N 42 27.68 3.55 -35.59
C TRP N 42 26.36 3.06 -35.01
N CYS N 43 25.83 3.81 -34.06
CA CYS N 43 24.56 3.43 -33.44
C CYS N 43 23.72 4.66 -33.09
N CYS N 44 22.44 4.40 -32.88
CA CYS N 44 21.49 5.43 -32.52
C CYS N 44 21.08 5.05 -31.11
N ARG N 45 21.15 6.02 -30.21
CA ARG N 45 20.78 5.74 -28.83
C ARG N 45 19.43 6.33 -28.45
N SER N 46 18.64 5.56 -27.70
CA SER N 46 17.32 5.99 -27.21
C SER N 46 17.11 5.36 -25.82
N GLY N 47 16.42 6.09 -24.94
CA GLY N 47 16.20 5.57 -23.60
C GLY N 47 17.06 6.31 -22.61
N SER N 48 17.53 5.61 -21.57
CA SER N 48 18.38 6.23 -20.58
C SER N 48 19.69 6.72 -21.17
N ALA N 49 19.96 8.02 -21.12
CA ALA N 49 21.22 8.52 -21.66
C ALA N 49 22.37 7.87 -20.92
N ALA N 50 22.28 7.81 -19.59
CA ALA N 50 23.33 7.20 -18.80
C ALA N 50 23.56 5.77 -19.25
N ASP N 51 22.48 5.01 -19.41
CA ASP N 51 22.60 3.63 -19.82
C ASP N 51 23.16 3.45 -21.22
N THR N 52 22.62 4.18 -22.20
CA THR N 52 23.11 4.01 -23.56
C THR N 52 24.56 4.47 -23.71
N GLN N 53 24.94 5.55 -23.04
CA GLN N 53 26.33 6.03 -23.11
C GLN N 53 27.26 4.99 -22.53
N ALA N 54 26.91 4.43 -21.39
CA ALA N 54 27.71 3.40 -20.75
C ALA N 54 27.76 2.17 -21.65
N ILE N 55 26.62 1.77 -22.20
CA ILE N 55 26.62 0.60 -23.07
C ILE N 55 27.52 0.85 -24.27
N ALA N 56 27.31 1.96 -24.96
CA ALA N 56 28.12 2.28 -26.12
C ALA N 56 29.59 2.23 -25.77
N ASP N 57 29.98 2.96 -24.73
CA ASP N 57 31.37 3.00 -24.28
C ASP N 57 31.98 1.60 -24.15
N ILE N 58 31.22 0.69 -23.57
CA ILE N 58 31.72 -0.67 -23.39
C ILE N 58 31.85 -1.38 -24.71
N VAL N 59 30.89 -1.18 -25.61
CA VAL N 59 30.93 -1.83 -26.91
C VAL N 59 32.16 -1.33 -27.68
N GLN N 60 32.32 -0.02 -27.72
CA GLN N 60 33.44 0.57 -28.41
C GLN N 60 34.72 -0.07 -27.90
N TYR N 61 34.76 -0.31 -26.59
CA TYR N 61 35.91 -0.94 -25.95
C TYR N 61 36.12 -2.32 -26.55
N HIS N 62 35.06 -3.13 -26.55
CA HIS N 62 35.13 -4.48 -27.10
C HIS N 62 35.53 -4.57 -28.55
N LEU N 63 34.99 -3.69 -29.40
CA LEU N 63 35.33 -3.71 -30.80
C LEU N 63 36.77 -3.25 -31.03
N GLU N 64 37.24 -2.32 -30.20
CA GLU N 64 38.62 -1.84 -30.31
C GLU N 64 39.60 -2.97 -29.99
N LEU N 65 39.27 -3.77 -28.99
CA LEU N 65 40.15 -4.87 -28.61
C LEU N 65 39.99 -6.00 -29.63
N TYR N 66 38.78 -6.17 -30.15
CA TYR N 66 38.49 -7.18 -31.14
C TYR N 66 39.37 -6.90 -32.36
N THR N 67 39.40 -5.63 -32.77
CA THR N 67 40.19 -5.23 -33.91
C THR N 67 41.68 -5.51 -33.70
N SER N 68 42.19 -5.20 -32.52
CA SER N 68 43.58 -5.45 -32.18
C SER N 68 43.94 -6.89 -32.47
N GLN N 69 43.01 -7.79 -32.17
CA GLN N 69 43.27 -9.20 -32.35
C GLN N 69 42.75 -9.88 -33.61
N TYR N 70 41.60 -9.47 -34.10
CA TYR N 70 41.05 -10.15 -35.26
C TYR N 70 40.66 -9.26 -36.43
N GLY N 71 41.22 -8.06 -36.49
CA GLY N 71 40.90 -7.16 -37.58
C GLY N 71 39.51 -6.54 -37.46
N THR N 72 39.07 -5.87 -38.52
CA THR N 72 37.77 -5.23 -38.51
C THR N 72 36.61 -6.21 -38.29
N PRO N 73 35.71 -5.88 -37.35
CA PRO N 73 34.54 -6.70 -37.01
C PRO N 73 33.35 -6.40 -37.93
N SER N 74 32.51 -7.42 -38.12
CA SER N 74 31.33 -7.26 -38.97
C SER N 74 30.32 -6.41 -38.23
N THR N 75 29.34 -5.88 -38.95
CA THR N 75 28.31 -5.08 -38.32
C THR N 75 27.48 -6.04 -37.50
N GLU N 76 27.38 -7.28 -37.96
CA GLU N 76 26.61 -8.27 -37.23
C GLU N 76 27.22 -8.51 -35.85
N THR N 77 28.55 -8.52 -35.78
CA THR N 77 29.27 -8.73 -34.52
C THR N 77 29.03 -7.56 -33.55
N ALA N 78 29.08 -6.33 -34.05
CA ALA N 78 28.83 -5.17 -33.22
C ALA N 78 27.44 -5.32 -32.60
N ALA N 79 26.47 -5.71 -33.42
CA ALA N 79 25.12 -5.89 -32.94
C ALA N 79 25.09 -6.95 -31.85
N SER N 80 25.87 -8.01 -32.02
CA SER N 80 25.90 -9.08 -31.03
C SER N 80 26.43 -8.62 -29.67
N VAL N 81 27.35 -7.66 -29.67
CA VAL N 81 27.88 -7.18 -28.41
C VAL N 81 26.83 -6.33 -27.69
N PHE N 82 26.19 -5.42 -28.41
CA PHE N 82 25.15 -4.59 -27.82
C PHE N 82 24.10 -5.50 -27.23
N LYS N 83 23.68 -6.46 -28.05
CA LYS N 83 22.67 -7.42 -27.66
C LYS N 83 23.06 -8.17 -26.39
N GLU N 84 24.30 -8.62 -26.35
CA GLU N 84 24.80 -9.37 -25.21
C GLU N 84 24.68 -8.56 -23.93
N LEU N 85 24.98 -7.26 -24.01
CA LEU N 85 24.90 -6.39 -22.85
C LEU N 85 23.45 -6.10 -22.48
N CYS N 86 22.66 -5.71 -23.46
CA CYS N 86 21.25 -5.40 -23.21
C CYS N 86 20.47 -6.60 -22.70
N TYR N 87 20.67 -7.76 -23.30
CA TYR N 87 19.93 -8.95 -22.88
C TYR N 87 20.31 -9.39 -21.48
N GLU N 88 21.61 -9.58 -21.29
CA GLU N 88 22.15 -10.01 -20.02
C GLU N 88 21.86 -9.08 -18.84
N ASN N 89 21.67 -7.80 -19.10
CA ASN N 89 21.40 -6.82 -18.03
C ASN N 89 20.06 -6.13 -18.22
N LYS N 90 19.11 -6.85 -18.82
CA LYS N 90 17.78 -6.32 -19.11
C LYS N 90 17.06 -5.72 -17.91
N ASP N 91 17.26 -6.31 -16.74
CA ASP N 91 16.61 -5.83 -15.53
C ASP N 91 17.07 -4.45 -15.07
N ASN N 92 18.28 -4.05 -15.45
CA ASN N 92 18.81 -2.76 -15.03
C ASN N 92 19.11 -1.80 -16.14
N LEU N 93 18.57 -2.06 -17.32
CA LEU N 93 18.83 -1.16 -18.43
C LEU N 93 17.57 -0.64 -19.07
N THR N 94 17.66 0.56 -19.62
CA THR N 94 16.55 1.15 -20.32
C THR N 94 17.20 1.79 -21.53
N ALA N 95 17.53 0.92 -22.50
CA ALA N 95 18.18 1.33 -23.72
C ALA N 95 17.57 0.69 -24.96
N GLY N 96 17.32 1.52 -25.96
CA GLY N 96 16.81 1.04 -27.22
C GLY N 96 17.88 1.47 -28.21
N ILE N 97 18.64 0.52 -28.75
CA ILE N 97 19.72 0.87 -29.67
C ILE N 97 19.53 0.39 -31.12
N ILE N 98 19.85 1.26 -32.07
CA ILE N 98 19.80 0.90 -33.48
C ILE N 98 21.25 0.88 -33.94
N VAL N 99 21.70 -0.26 -34.43
CA VAL N 99 23.09 -0.39 -34.89
C VAL N 99 23.14 -0.42 -36.41
N ALA N 100 23.97 0.43 -36.99
CA ALA N 100 24.12 0.51 -38.44
C ALA N 100 25.59 0.55 -38.84
N GLY N 101 25.97 -0.32 -39.76
CA GLY N 101 27.35 -0.35 -40.20
C GLY N 101 27.50 -0.55 -41.69
N TYR N 102 28.66 -0.20 -42.23
CA TYR N 102 28.93 -0.37 -43.65
C TYR N 102 30.07 -1.34 -43.89
N ASP N 103 29.71 -2.43 -44.53
CA ASP N 103 30.63 -3.49 -44.89
C ASP N 103 30.89 -3.32 -46.38
N ASP N 104 31.98 -3.87 -46.87
CA ASP N 104 32.28 -3.75 -48.29
C ASP N 104 31.60 -4.89 -49.05
N LYS N 105 31.46 -6.02 -48.36
CA LYS N 105 30.83 -7.21 -48.90
C LYS N 105 29.30 -7.12 -48.73
N ASN N 106 28.86 -6.77 -47.54
CA ASN N 106 27.43 -6.67 -47.21
C ASN N 106 26.84 -5.28 -47.46
N LYS N 107 27.69 -4.33 -47.83
CA LYS N 107 27.24 -2.98 -48.08
C LYS N 107 26.65 -2.40 -46.78
N GLY N 108 25.37 -2.04 -46.78
CA GLY N 108 24.77 -1.49 -45.58
C GLY N 108 23.93 -2.48 -44.78
N GLU N 109 24.02 -2.40 -43.45
CA GLU N 109 23.25 -3.29 -42.56
C GLU N 109 22.70 -2.55 -41.34
N VAL N 110 21.48 -2.90 -40.95
CA VAL N 110 20.82 -2.29 -39.81
C VAL N 110 20.24 -3.35 -38.86
N TYR N 111 20.60 -3.24 -37.59
CA TYR N 111 20.11 -4.15 -36.56
C TYR N 111 19.48 -3.28 -35.49
N THR N 112 18.35 -3.72 -34.96
CA THR N 112 17.66 -2.99 -33.92
C THR N 112 17.56 -3.87 -32.67
N ILE N 113 17.96 -3.29 -31.54
CA ILE N 113 17.91 -3.98 -30.26
C ILE N 113 16.95 -3.23 -29.33
N PRO N 114 15.69 -3.67 -29.28
CA PRO N 114 14.68 -3.02 -28.43
C PRO N 114 14.89 -3.35 -26.95
N LEU N 115 13.95 -2.94 -26.11
CA LEU N 115 14.05 -3.17 -24.68
C LEU N 115 14.39 -4.59 -24.25
N GLY N 116 13.62 -5.58 -24.66
CA GLY N 116 13.96 -6.91 -24.23
C GLY N 116 15.43 -7.33 -24.31
N GLY N 117 16.09 -6.97 -25.41
CA GLY N 117 17.47 -7.38 -25.60
C GLY N 117 17.50 -8.34 -26.77
N SER N 118 16.39 -8.40 -27.51
CA SER N 118 16.28 -9.26 -28.69
C SER N 118 16.94 -8.49 -29.82
N VAL N 119 17.31 -9.18 -30.90
CA VAL N 119 17.95 -8.49 -32.03
C VAL N 119 17.15 -8.70 -33.30
N HIS N 120 17.06 -7.64 -34.10
CA HIS N 120 16.31 -7.70 -35.34
C HIS N 120 17.04 -7.01 -36.48
N LYS N 121 17.31 -7.75 -37.55
CA LYS N 121 18.01 -7.18 -38.72
C LYS N 121 16.94 -6.68 -39.69
N LEU N 122 17.02 -5.43 -40.11
CA LEU N 122 16.01 -4.88 -40.99
C LEU N 122 16.54 -3.98 -42.08
N PRO N 123 15.72 -3.71 -43.12
CA PRO N 123 16.09 -2.85 -44.25
C PRO N 123 16.33 -1.46 -43.68
N TYR N 124 15.52 -1.13 -42.68
CA TYR N 124 15.62 0.14 -41.97
C TYR N 124 14.92 -0.06 -40.64
N ALA N 125 15.18 0.83 -39.69
CA ALA N 125 14.56 0.73 -38.37
C ALA N 125 14.35 2.10 -37.80
N ILE N 126 13.25 2.27 -37.08
CA ILE N 126 12.96 3.54 -36.42
C ILE N 126 12.71 3.25 -34.95
N ALA N 127 13.09 4.19 -34.10
CA ALA N 127 12.91 4.01 -32.66
C ALA N 127 12.89 5.34 -31.92
N GLY N 128 12.44 5.30 -30.67
CA GLY N 128 12.34 6.49 -29.86
C GLY N 128 10.89 6.86 -29.73
N SER N 129 10.54 7.63 -28.72
CA SER N 129 9.16 8.03 -28.53
C SER N 129 8.52 8.55 -29.82
N GLY N 130 9.26 9.38 -30.56
CA GLY N 130 8.71 9.94 -31.77
C GLY N 130 8.41 8.92 -32.87
N SER N 131 9.14 7.81 -32.86
CA SER N 131 8.95 6.80 -33.88
C SER N 131 7.51 6.33 -34.05
N THR N 132 6.74 6.31 -32.98
CA THR N 132 5.37 5.83 -33.08
C THR N 132 4.57 6.57 -34.14
N PHE N 133 4.74 7.89 -34.18
CA PHE N 133 4.02 8.74 -35.10
C PHE N 133 4.36 8.59 -36.58
N ILE N 134 5.49 7.97 -36.89
CA ILE N 134 5.88 7.84 -38.28
C ILE N 134 5.91 6.39 -38.81
N TYR N 135 5.28 5.48 -38.08
CA TYR N 135 5.22 4.09 -38.50
C TYR N 135 4.48 4.02 -39.83
N GLY N 136 3.34 4.70 -39.91
CA GLY N 136 2.56 4.70 -41.13
C GLY N 136 3.35 5.29 -42.29
N TYR N 137 3.78 6.53 -42.12
CA TYR N 137 4.56 7.22 -43.13
C TYR N 137 5.74 6.39 -43.63
N CYS N 138 6.65 6.03 -42.74
CA CYS N 138 7.82 5.24 -43.12
C CYS N 138 7.49 3.96 -43.85
N ASP N 139 6.47 3.26 -43.39
CA ASP N 139 6.10 2.01 -44.03
C ASP N 139 5.70 2.29 -45.47
N LYS N 140 4.96 3.38 -45.67
CA LYS N 140 4.47 3.78 -46.98
C LYS N 140 5.51 4.40 -47.92
N ASN N 141 6.49 5.11 -47.37
CA ASN N 141 7.49 5.75 -48.21
C ASN N 141 8.84 5.06 -48.36
N PHE N 142 9.08 3.96 -47.65
CA PHE N 142 10.38 3.32 -47.78
C PHE N 142 10.45 2.35 -48.94
N ARG N 143 11.52 2.48 -49.72
CA ARG N 143 11.81 1.63 -50.87
C ARG N 143 13.25 1.17 -50.72
N GLU N 144 13.53 -0.06 -51.10
CA GLU N 144 14.89 -0.55 -51.01
C GLU N 144 15.77 0.02 -52.14
N ASN N 145 17.07 0.08 -51.89
CA ASN N 145 18.01 0.58 -52.88
C ASN N 145 17.84 2.01 -53.32
N MET N 146 17.32 2.86 -52.45
CA MET N 146 17.15 4.26 -52.78
C MET N 146 18.53 4.88 -52.95
N SER N 147 18.58 6.09 -53.47
CA SER N 147 19.86 6.78 -53.67
C SER N 147 20.19 7.56 -52.40
N LYS N 148 21.45 7.94 -52.27
CA LYS N 148 21.85 8.72 -51.11
C LYS N 148 20.93 9.93 -50.94
N GLU N 149 20.74 10.71 -52.01
CA GLU N 149 19.90 11.90 -51.90
C GLU N 149 18.46 11.54 -51.53
N GLU N 150 17.95 10.45 -52.09
CA GLU N 150 16.59 10.02 -51.78
C GLU N 150 16.47 9.67 -50.31
N THR N 151 17.40 8.83 -49.85
CA THR N 151 17.46 8.37 -48.46
C THR N 151 17.58 9.52 -47.48
N VAL N 152 18.46 10.47 -47.75
CA VAL N 152 18.60 11.61 -46.86
C VAL N 152 17.27 12.34 -46.76
N ASP N 153 16.47 12.29 -47.82
CA ASP N 153 15.16 12.93 -47.84
C ASP N 153 14.16 12.15 -47.02
N PHE N 154 14.13 10.85 -47.24
CA PHE N 154 13.27 9.94 -46.51
C PHE N 154 13.45 10.20 -45.01
N ILE N 155 14.70 10.10 -44.55
CA ILE N 155 15.01 10.33 -43.15
C ILE N 155 14.63 11.74 -42.74
N LYS N 156 15.01 12.73 -43.53
CA LYS N 156 14.70 14.10 -43.19
C LYS N 156 13.21 14.38 -43.01
N HIS N 157 12.39 13.81 -43.89
CA HIS N 157 10.94 14.01 -43.79
C HIS N 157 10.36 13.26 -42.61
N SER N 158 10.74 11.99 -42.49
CA SER N 158 10.25 11.16 -41.39
C SER N 158 10.57 11.81 -40.04
N LEU N 159 11.82 12.16 -39.81
CA LEU N 159 12.17 12.76 -38.54
C LEU N 159 11.49 14.09 -38.29
N SER N 160 11.30 14.88 -39.35
CA SER N 160 10.65 16.18 -39.19
C SER N 160 9.25 15.98 -38.64
N GLN N 161 8.59 14.90 -39.05
CA GLN N 161 7.25 14.59 -38.57
C GLN N 161 7.32 14.12 -37.12
N ALA N 162 8.20 13.15 -36.86
CA ALA N 162 8.38 12.64 -35.53
C ALA N 162 8.61 13.83 -34.59
N ILE N 163 9.53 14.71 -34.97
CA ILE N 163 9.82 15.90 -34.15
C ILE N 163 8.59 16.78 -33.97
N LYS N 164 7.74 16.76 -34.99
CA LYS N 164 6.54 17.60 -35.00
C LYS N 164 5.51 17.20 -33.98
N TRP N 165 5.32 15.89 -33.85
CA TRP N 165 4.32 15.38 -32.93
C TRP N 165 4.82 15.02 -31.55
N ASP N 166 6.04 14.50 -31.45
CA ASP N 166 6.60 14.09 -30.17
C ASP N 166 7.35 15.23 -29.48
N GLY N 167 6.91 15.57 -28.27
CA GLY N 167 7.52 16.66 -27.52
C GLY N 167 8.87 16.29 -26.95
N SER N 168 9.18 15.01 -26.96
CA SER N 168 10.46 14.55 -26.41
C SER N 168 11.53 14.70 -27.47
N SER N 169 11.12 15.01 -28.69
CA SER N 169 12.04 15.18 -29.80
C SER N 169 12.08 16.62 -30.25
N GLY N 170 13.18 16.98 -30.91
CA GLY N 170 13.34 18.35 -31.38
C GLY N 170 14.78 18.74 -31.63
N GLY N 171 15.01 20.04 -31.81
CA GLY N 171 16.35 20.53 -32.07
C GLY N 171 16.69 20.45 -33.55
N VAL N 172 17.84 19.89 -33.85
CA VAL N 172 18.29 19.74 -35.24
C VAL N 172 18.22 18.27 -35.64
N ILE N 173 18.27 17.99 -36.94
CA ILE N 173 18.26 16.61 -37.38
C ILE N 173 19.68 16.26 -37.82
N ARG N 174 20.33 15.37 -37.08
CA ARG N 174 21.68 14.95 -37.44
C ARG N 174 21.60 13.65 -38.24
N MET N 175 22.58 13.46 -39.11
CA MET N 175 22.65 12.27 -39.92
C MET N 175 24.10 11.85 -40.06
N VAL N 176 24.29 10.58 -40.38
CA VAL N 176 25.62 10.05 -40.59
C VAL N 176 25.52 9.11 -41.77
N VAL N 177 26.29 9.40 -42.82
CA VAL N 177 26.29 8.57 -44.02
C VAL N 177 27.46 7.60 -43.97
N LEU N 178 27.15 6.33 -44.17
CA LEU N 178 28.16 5.29 -44.13
C LEU N 178 28.25 4.54 -45.45
N THR N 179 29.31 4.82 -46.20
CA THR N 179 29.55 4.20 -47.50
C THR N 179 31.04 3.91 -47.67
N ALA N 180 31.37 3.24 -48.78
CA ALA N 180 32.76 2.89 -49.07
C ALA N 180 33.55 4.20 -49.15
N ALA N 181 32.86 5.28 -49.49
CA ALA N 181 33.46 6.60 -49.61
C ALA N 181 33.99 7.11 -48.27
N GLY N 182 33.44 6.60 -47.17
CA GLY N 182 33.87 7.05 -45.87
C GLY N 182 32.69 7.48 -45.02
N VAL N 183 32.95 8.39 -44.09
CA VAL N 183 31.93 8.87 -43.18
C VAL N 183 31.57 10.33 -43.40
N GLU N 184 30.29 10.61 -43.57
CA GLU N 184 29.83 11.97 -43.77
C GLU N 184 28.79 12.39 -42.74
N ARG N 185 29.06 13.53 -42.09
CA ARG N 185 28.20 14.10 -41.08
C ARG N 185 27.26 15.12 -41.71
N LEU N 186 25.97 15.02 -41.40
CA LEU N 186 25.00 15.95 -41.94
C LEU N 186 24.19 16.58 -40.81
N ILE N 187 23.70 17.78 -41.04
CA ILE N 187 22.90 18.47 -40.05
C ILE N 187 21.85 19.31 -40.77
N PHE N 188 20.67 19.38 -40.20
CA PHE N 188 19.58 20.17 -40.77
C PHE N 188 18.93 20.95 -39.66
N TYR N 189 18.80 22.25 -39.86
CA TYR N 189 18.21 23.12 -38.86
C TYR N 189 16.69 23.20 -38.98
N PRO N 190 16.03 23.65 -37.90
CA PRO N 190 14.58 23.81 -37.81
C PRO N 190 13.94 24.49 -39.01
N ASP N 191 14.37 25.72 -39.26
CA ASP N 191 13.85 26.51 -40.37
C ASP N 191 13.74 25.73 -41.67
N GLU N 192 14.62 24.75 -41.86
CA GLU N 192 14.57 23.94 -43.07
C GLU N 192 13.58 22.78 -43.00
N TYR N 193 13.76 21.89 -42.03
CA TYR N 193 12.87 20.73 -41.93
C TYR N 193 11.48 20.99 -41.37
N GLU N 194 11.29 22.08 -40.64
CA GLU N 194 9.96 22.37 -40.10
C GLU N 194 8.98 22.62 -41.24
N GLN N 195 9.43 23.35 -42.25
CA GLN N 195 8.57 23.66 -43.37
C GLN N 195 8.75 22.68 -44.52
N LEU N 196 8.62 21.40 -44.22
CA LEU N 196 8.73 20.36 -45.23
C LEU N 196 7.34 19.80 -45.44
N MET O 1 -47.66 27.70 -7.63
CA MET O 1 -47.86 26.29 -8.05
C MET O 1 -47.96 25.41 -6.81
N THR O 2 -47.63 24.15 -6.99
CA THR O 2 -47.67 23.17 -5.91
C THR O 2 -49.11 22.94 -5.48
N ASP O 3 -49.50 21.67 -5.51
CA ASP O 3 -50.83 21.26 -5.12
C ASP O 3 -51.03 21.75 -3.70
N ARG O 4 -51.86 22.79 -3.55
CA ARG O 4 -52.13 23.33 -2.22
C ARG O 4 -53.48 22.81 -1.74
N TYR O 5 -53.87 21.67 -2.31
CA TYR O 5 -55.11 20.97 -1.98
C TYR O 5 -54.64 19.76 -1.19
N SER O 6 -54.21 19.99 0.04
CA SER O 6 -53.71 18.92 0.89
C SER O 6 -54.76 18.39 1.84
N PHE O 7 -56.00 18.84 1.66
CA PHE O 7 -57.11 18.42 2.51
C PHE O 7 -58.06 17.53 1.71
N SER O 8 -58.90 16.76 2.41
CA SER O 8 -59.84 15.87 1.75
C SER O 8 -60.94 16.60 1.00
N LEU O 9 -61.29 16.08 -0.18
CA LEU O 9 -62.36 16.67 -0.97
C LEU O 9 -63.63 15.88 -0.76
N THR O 10 -63.50 14.82 0.02
CA THR O 10 -64.63 13.96 0.36
C THR O 10 -64.71 13.99 1.87
N THR O 11 -65.81 14.47 2.42
CA THR O 11 -65.94 14.51 3.87
C THR O 11 -67.32 14.06 4.31
N PHE O 12 -67.47 13.81 5.61
CA PHE O 12 -68.73 13.37 6.18
C PHE O 12 -69.71 14.53 6.34
N SER O 13 -70.93 14.37 5.85
CA SER O 13 -71.94 15.41 6.01
C SER O 13 -72.66 15.12 7.31
N PRO O 14 -73.34 16.12 7.88
CA PRO O 14 -74.07 15.94 9.14
C PRO O 14 -74.96 14.70 9.17
N SER O 15 -75.46 14.29 8.02
CA SER O 15 -76.32 13.12 7.93
C SER O 15 -75.55 11.81 8.05
N GLY O 16 -74.24 11.86 7.77
CA GLY O 16 -73.42 10.67 7.84
C GLY O 16 -73.02 10.17 6.45
N LYS O 17 -73.47 10.89 5.44
CA LYS O 17 -73.16 10.54 4.06
C LYS O 17 -71.80 11.07 3.66
N LEU O 18 -71.22 10.44 2.64
CA LEU O 18 -69.94 10.87 2.08
C LEU O 18 -70.33 11.24 0.65
N GLY O 19 -70.81 12.46 0.51
CA GLY O 19 -71.26 13.02 -0.76
C GLY O 19 -70.59 12.58 -2.03
N GLN O 20 -69.27 12.80 -2.12
CA GLN O 20 -68.56 12.44 -3.34
C GLN O 20 -68.66 10.97 -3.71
N ILE O 21 -68.69 10.09 -2.72
CA ILE O 21 -68.83 8.65 -2.98
C ILE O 21 -70.20 8.42 -3.61
N ASP O 22 -71.19 9.08 -3.05
CA ASP O 22 -72.56 8.96 -3.54
C ASP O 22 -72.64 9.43 -4.97
N TYR O 23 -72.13 10.63 -5.22
CA TYR O 23 -72.16 11.19 -6.55
C TYR O 23 -71.41 10.31 -7.54
N ALA O 24 -70.28 9.75 -7.09
CA ALA O 24 -69.50 8.87 -7.94
C ALA O 24 -70.39 7.68 -8.33
N LEU O 25 -71.18 7.21 -7.38
CA LEU O 25 -72.08 6.09 -7.64
C LEU O 25 -73.14 6.52 -8.65
N THR O 26 -73.61 7.75 -8.53
CA THR O 26 -74.60 8.28 -9.46
C THR O 26 -74.00 8.24 -10.87
N ALA O 27 -72.73 8.63 -10.97
CA ALA O 27 -72.04 8.62 -12.24
C ALA O 27 -72.04 7.20 -12.79
N VAL O 28 -71.81 6.22 -11.93
CA VAL O 28 -71.77 4.82 -12.35
C VAL O 28 -73.15 4.38 -12.84
N LYS O 29 -74.20 4.80 -12.13
CA LYS O 29 -75.58 4.48 -12.50
C LYS O 29 -75.91 4.86 -13.94
N GLN O 30 -75.30 5.95 -14.42
CA GLN O 30 -75.53 6.41 -15.77
C GLN O 30 -74.76 5.60 -16.79
N GLY O 31 -73.65 4.99 -16.38
CA GLY O 31 -72.85 4.22 -17.31
C GLY O 31 -73.58 3.08 -17.97
N VAL O 32 -73.10 2.68 -19.15
CA VAL O 32 -73.69 1.55 -19.88
C VAL O 32 -73.65 0.30 -19.02
N THR O 33 -74.65 -0.55 -19.15
CA THR O 33 -74.71 -1.78 -18.35
C THR O 33 -73.59 -2.75 -18.69
N SER O 34 -73.18 -3.51 -17.67
CA SER O 34 -72.15 -4.55 -17.79
C SER O 34 -72.48 -5.58 -16.71
N LEU O 35 -72.11 -6.83 -16.95
CA LEU O 35 -72.43 -7.90 -16.02
C LEU O 35 -71.39 -8.99 -15.97
N GLY O 36 -71.63 -9.96 -15.09
CA GLY O 36 -70.73 -11.10 -14.96
C GLY O 36 -71.43 -12.30 -14.34
N ILE O 37 -71.21 -13.47 -14.92
CA ILE O 37 -71.83 -14.68 -14.41
C ILE O 37 -70.76 -15.73 -14.18
N LYS O 38 -70.86 -16.42 -13.05
CA LYS O 38 -69.91 -17.45 -12.69
C LYS O 38 -70.50 -18.84 -12.94
N ALA O 39 -69.82 -19.64 -13.74
CA ALA O 39 -70.27 -21.01 -14.02
C ALA O 39 -69.43 -21.93 -13.13
N THR O 40 -69.57 -23.23 -13.30
CA THR O 40 -68.81 -24.17 -12.48
C THR O 40 -67.41 -24.37 -13.03
N ASN O 41 -67.20 -23.96 -14.27
CA ASN O 41 -65.90 -24.13 -14.88
C ASN O 41 -65.51 -22.90 -15.67
N GLY O 42 -65.90 -21.73 -15.17
CA GLY O 42 -65.56 -20.50 -15.87
C GLY O 42 -66.36 -19.31 -15.40
N VAL O 43 -65.97 -18.14 -15.88
CA VAL O 43 -66.69 -16.91 -15.53
C VAL O 43 -66.79 -16.14 -16.82
N VAL O 44 -67.85 -15.34 -16.94
CA VAL O 44 -68.05 -14.54 -18.13
C VAL O 44 -68.42 -13.12 -17.72
N ILE O 45 -67.78 -12.17 -18.37
CA ILE O 45 -68.05 -10.76 -18.10
C ILE O 45 -68.32 -10.18 -19.48
N ALA O 46 -69.31 -9.30 -19.54
CA ALA O 46 -69.66 -8.70 -20.81
C ALA O 46 -70.31 -7.35 -20.60
N THR O 47 -70.27 -6.54 -21.65
CA THR O 47 -70.85 -5.22 -21.61
C THR O 47 -71.14 -4.80 -23.05
N GLU O 48 -71.68 -3.60 -23.21
CA GLU O 48 -72.04 -3.08 -24.53
C GLU O 48 -71.02 -2.07 -25.05
N LYS O 49 -70.63 -2.19 -26.31
CA LYS O 49 -69.70 -1.25 -26.91
C LYS O 49 -70.47 -0.11 -27.54
N LYS O 50 -70.93 0.81 -26.70
CA LYS O 50 -71.72 1.98 -27.11
C LYS O 50 -70.90 2.97 -27.95
N SER O 51 -70.58 2.59 -29.18
CA SER O 51 -69.81 3.45 -30.08
C SER O 51 -70.36 4.88 -30.06
N SER O 52 -69.47 5.85 -29.82
CA SER O 52 -69.87 7.27 -29.76
C SER O 52 -69.88 7.99 -31.11
N SER O 53 -69.88 7.22 -32.19
CA SER O 53 -69.90 7.74 -33.55
C SER O 53 -69.67 6.57 -34.51
N PRO O 54 -70.37 6.55 -35.64
CA PRO O 54 -70.17 5.45 -36.59
C PRO O 54 -68.81 5.53 -37.28
N LEU O 55 -68.14 6.68 -37.12
CA LEU O 55 -66.82 6.92 -37.70
C LEU O 55 -65.71 6.39 -36.80
N ALA O 56 -66.03 6.20 -35.52
CA ALA O 56 -65.07 5.69 -34.56
C ALA O 56 -64.95 4.20 -34.77
N MET O 57 -63.78 3.66 -34.47
CA MET O 57 -63.54 2.22 -34.60
C MET O 57 -63.69 1.64 -33.21
N SER O 58 -64.80 0.93 -32.98
CA SER O 58 -65.10 0.34 -31.69
C SER O 58 -64.03 -0.61 -31.14
N GLU O 59 -63.25 -1.23 -32.03
CA GLU O 59 -62.19 -2.14 -31.61
C GLU O 59 -61.14 -1.39 -30.77
N THR O 60 -60.69 -0.25 -31.28
CA THR O 60 -59.70 0.57 -30.58
C THR O 60 -60.26 1.06 -29.26
N LEU O 61 -61.21 0.33 -28.71
CA LEU O 61 -61.80 0.72 -27.45
C LEU O 61 -62.38 -0.49 -26.74
N SER O 62 -61.53 -1.16 -25.97
CA SER O 62 -61.95 -2.32 -25.22
C SER O 62 -62.41 -1.90 -23.83
N LYS O 63 -63.59 -2.36 -23.44
CA LYS O 63 -64.12 -2.06 -22.13
C LYS O 63 -63.77 -3.24 -21.22
N VAL O 64 -63.36 -4.33 -21.86
CA VAL O 64 -62.96 -5.55 -21.15
C VAL O 64 -61.43 -5.65 -21.25
N SER O 65 -60.78 -5.63 -20.09
CA SER O 65 -59.32 -5.68 -20.04
C SER O 65 -58.74 -6.84 -19.25
N LEU O 66 -57.60 -7.34 -19.73
CA LEU O 66 -56.88 -8.42 -19.07
C LEU O 66 -55.94 -7.76 -18.07
N LEU O 67 -55.99 -8.20 -16.82
CA LEU O 67 -55.11 -7.65 -15.80
C LEU O 67 -53.94 -8.61 -15.69
N THR O 68 -54.23 -9.89 -15.47
CA THR O 68 -53.21 -10.93 -15.42
C THR O 68 -53.70 -11.99 -16.40
N PRO O 69 -52.87 -12.98 -16.74
CA PRO O 69 -53.38 -13.98 -17.70
C PRO O 69 -54.58 -14.81 -17.23
N ASP O 70 -54.96 -14.68 -15.96
CA ASP O 70 -56.11 -15.42 -15.44
C ASP O 70 -57.11 -14.48 -14.80
N ILE O 71 -56.96 -13.18 -15.04
CA ILE O 71 -57.88 -12.20 -14.47
C ILE O 71 -58.23 -11.12 -15.49
N GLY O 72 -59.51 -10.83 -15.61
CA GLY O 72 -59.96 -9.80 -16.54
C GLY O 72 -60.92 -8.89 -15.82
N ALA O 73 -61.05 -7.66 -16.31
CA ALA O 73 -61.95 -6.71 -15.69
C ALA O 73 -62.81 -5.99 -16.74
N VAL O 74 -63.96 -5.52 -16.28
CA VAL O 74 -64.90 -4.77 -17.10
C VAL O 74 -65.49 -3.77 -16.13
N TYR O 75 -66.13 -2.72 -16.65
CA TYR O 75 -66.67 -1.68 -15.77
C TYR O 75 -67.99 -1.04 -16.20
N SER O 76 -68.31 0.05 -15.52
CA SER O 76 -69.47 0.87 -15.76
C SER O 76 -69.24 2.21 -15.09
N GLY O 77 -69.32 3.28 -15.88
CA GLY O 77 -69.10 4.61 -15.34
C GLY O 77 -68.20 5.40 -16.26
N MET O 78 -67.24 6.09 -15.68
CA MET O 78 -66.34 6.93 -16.46
C MET O 78 -65.17 6.16 -17.04
N GLY O 79 -65.24 5.87 -18.35
CA GLY O 79 -64.18 5.15 -19.03
C GLY O 79 -62.75 5.56 -18.68
N PRO O 80 -62.40 6.86 -18.79
CA PRO O 80 -61.04 7.30 -18.46
C PRO O 80 -60.56 6.85 -17.08
N ASP O 81 -61.38 7.02 -16.05
CA ASP O 81 -60.99 6.58 -14.71
C ASP O 81 -60.67 5.08 -14.75
N TYR O 82 -61.46 4.33 -15.51
CA TYR O 82 -61.26 2.89 -15.65
C TYR O 82 -59.90 2.61 -16.27
N ARG O 83 -59.65 3.24 -17.41
CA ARG O 83 -58.39 3.05 -18.12
C ARG O 83 -57.18 3.15 -17.18
N VAL O 84 -57.05 4.27 -16.48
CA VAL O 84 -55.92 4.43 -15.58
C VAL O 84 -55.95 3.39 -14.46
N LEU O 85 -57.13 2.95 -14.06
CA LEU O 85 -57.24 1.95 -13.00
C LEU O 85 -56.66 0.63 -13.47
N VAL O 86 -56.96 0.27 -14.71
CA VAL O 86 -56.45 -0.96 -15.29
C VAL O 86 -54.93 -0.90 -15.34
N ASP O 87 -54.39 0.26 -15.70
CA ASP O 87 -52.95 0.42 -15.77
C ASP O 87 -52.34 0.18 -14.39
N LYS O 88 -52.84 0.90 -13.39
CA LYS O 88 -52.35 0.75 -12.02
C LYS O 88 -52.51 -0.69 -11.54
N SER O 89 -53.63 -1.31 -11.90
CA SER O 89 -53.89 -2.69 -11.49
C SER O 89 -52.88 -3.63 -12.11
N ARG O 90 -52.70 -3.52 -13.41
CA ARG O 90 -51.76 -4.38 -14.11
C ARG O 90 -50.38 -4.26 -13.50
N LYS O 91 -49.99 -3.04 -13.15
CA LYS O 91 -48.68 -2.82 -12.57
C LYS O 91 -48.58 -3.36 -11.16
N VAL O 92 -49.54 -3.03 -10.30
CA VAL O 92 -49.50 -3.50 -8.91
C VAL O 92 -49.47 -5.03 -8.86
N ALA O 93 -49.99 -5.68 -9.89
CA ALA O 93 -50.01 -7.14 -9.95
C ALA O 93 -48.58 -7.64 -10.01
N HIS O 94 -47.69 -6.84 -10.59
CA HIS O 94 -46.29 -7.18 -10.70
C HIS O 94 -45.51 -6.70 -9.47
N THR O 95 -45.42 -5.38 -9.32
CA THR O 95 -44.68 -4.80 -8.21
C THR O 95 -44.95 -5.42 -6.86
N SER O 96 -46.23 -5.61 -6.53
CA SER O 96 -46.61 -6.17 -5.24
C SER O 96 -46.83 -7.67 -5.16
N TYR O 97 -46.68 -8.36 -6.28
CA TYR O 97 -46.89 -9.80 -6.22
C TYR O 97 -45.98 -10.65 -7.08
N LYS O 98 -46.05 -10.51 -8.40
CA LYS O 98 -45.20 -11.32 -9.25
C LYS O 98 -43.72 -11.14 -8.92
N ARG O 99 -43.29 -9.89 -8.77
CA ARG O 99 -41.90 -9.59 -8.46
C ARG O 99 -41.44 -10.06 -7.08
N ILE O 100 -42.40 -10.49 -6.25
CA ILE O 100 -42.07 -10.97 -4.91
C ILE O 100 -42.18 -12.49 -4.79
N TYR O 101 -43.26 -13.06 -5.34
CA TYR O 101 -43.52 -14.48 -5.23
C TYR O 101 -43.32 -15.26 -6.51
N GLY O 102 -43.03 -14.56 -7.59
CA GLY O 102 -42.81 -15.25 -8.85
C GLY O 102 -44.06 -15.82 -9.48
N GLU O 103 -45.23 -15.43 -8.98
CA GLU O 103 -46.47 -15.92 -9.55
C GLU O 103 -47.50 -14.79 -9.50
N TYR O 104 -48.45 -14.78 -10.45
CA TYR O 104 -49.48 -13.77 -10.50
C TYR O 104 -50.37 -13.88 -9.28
N PRO O 105 -50.90 -12.76 -8.81
CA PRO O 105 -51.77 -12.73 -7.64
C PRO O 105 -53.12 -13.38 -7.81
N PRO O 106 -53.66 -13.94 -6.72
CA PRO O 106 -54.98 -14.58 -6.81
C PRO O 106 -56.02 -13.46 -6.92
N THR O 107 -57.11 -13.73 -7.62
CA THR O 107 -58.17 -12.75 -7.82
C THR O 107 -58.53 -11.86 -6.62
N LYS O 108 -58.85 -12.45 -5.48
CA LYS O 108 -59.22 -11.67 -4.32
C LYS O 108 -58.20 -10.61 -3.89
N LEU O 109 -56.92 -10.96 -3.95
CA LEU O 109 -55.88 -10.01 -3.55
C LEU O 109 -55.71 -8.85 -4.54
N LEU O 110 -55.69 -9.16 -5.84
CA LEU O 110 -55.53 -8.12 -6.84
C LEU O 110 -56.72 -7.19 -6.70
N VAL O 111 -57.89 -7.76 -6.46
CA VAL O 111 -59.10 -6.97 -6.31
C VAL O 111 -58.89 -6.13 -5.07
N SER O 112 -58.32 -6.74 -4.05
CA SER O 112 -58.05 -6.05 -2.80
C SER O 112 -57.13 -4.87 -3.05
N GLU O 113 -56.19 -5.03 -3.97
CA GLU O 113 -55.24 -3.98 -4.32
C GLU O 113 -55.97 -2.82 -4.98
N VAL O 114 -56.78 -3.13 -5.99
CA VAL O 114 -57.54 -2.13 -6.70
C VAL O 114 -58.43 -1.35 -5.73
N ALA O 115 -59.12 -2.10 -4.88
CA ALA O 115 -59.99 -1.50 -3.88
C ALA O 115 -59.22 -0.50 -3.04
N LYS O 116 -57.98 -0.86 -2.69
CA LYS O 116 -57.16 0.02 -1.89
C LYS O 116 -56.93 1.33 -2.63
N ILE O 117 -56.53 1.24 -3.90
CA ILE O 117 -56.28 2.42 -4.71
C ILE O 117 -57.50 3.32 -4.70
N MET O 118 -58.67 2.74 -4.92
CA MET O 118 -59.90 3.50 -4.94
C MET O 118 -60.23 4.11 -3.58
N GLN O 119 -60.02 3.35 -2.51
CA GLN O 119 -60.31 3.86 -1.19
C GLN O 119 -59.53 5.15 -0.94
N GLU O 120 -58.27 5.16 -1.35
CA GLU O 120 -57.43 6.33 -1.14
C GLU O 120 -57.93 7.58 -1.86
N ALA O 121 -58.50 7.40 -3.04
CA ALA O 121 -59.02 8.53 -3.80
C ALA O 121 -60.30 9.04 -3.15
N THR O 122 -60.57 8.53 -1.96
CA THR O 122 -61.75 8.86 -1.18
C THR O 122 -61.35 9.59 0.08
N GLN O 123 -60.06 9.59 0.37
CA GLN O 123 -59.55 10.21 1.58
C GLN O 123 -58.33 11.10 1.36
N SER O 124 -57.45 10.72 0.44
CA SER O 124 -56.25 11.52 0.16
C SER O 124 -56.60 12.97 -0.14
N GLY O 125 -55.62 13.85 0.08
CA GLY O 125 -55.86 15.25 -0.18
C GLY O 125 -55.96 15.61 -1.66
N GLY O 126 -56.86 16.52 -1.96
CA GLY O 126 -57.04 17.01 -3.31
C GLY O 126 -57.41 16.10 -4.46
N VAL O 127 -58.32 15.15 -4.24
CA VAL O 127 -58.73 14.26 -5.32
C VAL O 127 -60.20 13.90 -5.16
N ARG O 128 -60.80 13.44 -6.26
CA ARG O 128 -62.20 13.04 -6.26
C ARG O 128 -62.18 11.52 -6.37
N PRO O 129 -63.22 10.85 -5.85
CA PRO O 129 -63.24 9.39 -5.95
C PRO O 129 -63.29 8.96 -7.43
N PHE O 130 -63.08 7.67 -7.68
CA PHE O 130 -63.14 7.20 -9.06
C PHE O 130 -64.61 7.06 -9.43
N GLY O 131 -64.96 7.45 -10.64
CA GLY O 131 -66.35 7.35 -11.07
C GLY O 131 -66.64 6.05 -11.81
N VAL O 132 -66.21 4.94 -11.23
CA VAL O 132 -66.46 3.65 -11.86
C VAL O 132 -66.70 2.55 -10.85
N SER O 133 -67.28 1.46 -11.36
CA SER O 133 -67.55 0.25 -10.60
C SER O 133 -66.97 -0.80 -11.51
N LEU O 134 -66.22 -1.73 -10.93
CA LEU O 134 -65.59 -2.75 -11.72
C LEU O 134 -66.13 -4.12 -11.40
N LEU O 135 -65.99 -4.99 -12.38
CA LEU O 135 -66.37 -6.38 -12.23
C LEU O 135 -65.12 -7.10 -12.67
N ILE O 136 -64.48 -7.78 -11.72
CA ILE O 136 -63.24 -8.49 -12.00
C ILE O 136 -63.47 -9.99 -11.86
N ALA O 137 -63.14 -10.72 -12.92
CA ALA O 137 -63.32 -12.16 -12.96
C ALA O 137 -61.98 -12.86 -13.17
N GLY O 138 -61.70 -13.83 -12.32
CA GLY O 138 -60.45 -14.55 -12.44
C GLY O 138 -60.45 -15.94 -11.86
N HIS O 139 -59.30 -16.59 -11.99
CA HIS O 139 -59.09 -17.94 -11.50
C HIS O 139 -57.68 -18.14 -10.95
N ASP O 140 -57.60 -18.74 -9.78
CA ASP O 140 -56.31 -19.04 -9.17
C ASP O 140 -56.41 -20.46 -8.61
N GLU O 141 -55.28 -21.17 -8.63
CA GLU O 141 -55.21 -22.55 -8.18
C GLU O 141 -55.87 -22.93 -6.85
N PHE O 142 -55.80 -22.07 -5.85
CA PHE O 142 -56.39 -22.40 -4.56
C PHE O 142 -57.76 -21.82 -4.27
N ASN O 143 -58.28 -20.99 -5.17
CA ASN O 143 -59.59 -20.39 -4.96
C ASN O 143 -60.54 -20.63 -6.12
N GLY O 144 -60.04 -21.30 -7.15
CA GLY O 144 -60.87 -21.59 -8.32
C GLY O 144 -61.30 -20.35 -9.07
N PHE O 145 -62.56 -20.33 -9.51
CA PHE O 145 -63.11 -19.20 -10.23
C PHE O 145 -63.80 -18.27 -9.27
N SER O 146 -63.69 -16.98 -9.54
CA SER O 146 -64.34 -16.00 -8.70
C SER O 146 -64.75 -14.77 -9.50
N LEU O 147 -65.71 -14.02 -8.95
CA LEU O 147 -66.22 -12.81 -9.56
C LEU O 147 -66.38 -11.77 -8.46
N TYR O 148 -65.85 -10.58 -8.69
CA TYR O 148 -65.92 -9.52 -7.70
C TYR O 148 -66.40 -8.21 -8.29
N GLN O 149 -66.96 -7.36 -7.44
CA GLN O 149 -67.44 -6.06 -7.85
C GLN O 149 -66.74 -5.07 -6.93
N VAL O 150 -66.15 -4.02 -7.51
CA VAL O 150 -65.45 -3.01 -6.71
C VAL O 150 -66.13 -1.67 -6.93
N ASP O 151 -66.47 -1.00 -5.84
CA ASP O 151 -67.15 0.29 -5.92
C ASP O 151 -66.26 1.48 -5.61
N PRO O 152 -66.70 2.68 -6.03
CA PRO O 152 -65.96 3.93 -5.79
C PRO O 152 -65.56 4.11 -4.33
N SER O 153 -66.34 3.56 -3.42
CA SER O 153 -66.05 3.68 -2.00
C SER O 153 -64.81 2.86 -1.66
N GLY O 154 -64.53 1.86 -2.51
CA GLY O 154 -63.40 0.98 -2.31
C GLY O 154 -63.88 -0.36 -1.77
N SER O 155 -65.18 -0.48 -1.60
CA SER O 155 -65.78 -1.72 -1.10
C SER O 155 -65.87 -2.72 -2.24
N TYR O 156 -65.74 -3.99 -1.91
CA TYR O 156 -65.84 -5.02 -2.93
C TYR O 156 -66.47 -6.25 -2.33
N PHE O 157 -67.24 -6.97 -3.14
CA PHE O 157 -67.91 -8.17 -2.70
C PHE O 157 -67.92 -9.20 -3.81
N PRO O 158 -67.95 -10.49 -3.43
CA PRO O 158 -67.96 -11.61 -4.36
C PRO O 158 -69.39 -11.92 -4.79
N TRP O 159 -69.55 -12.25 -6.06
CA TRP O 159 -70.86 -12.54 -6.63
C TRP O 159 -70.94 -13.87 -7.38
N LYS O 160 -72.14 -14.40 -7.50
CA LYS O 160 -72.37 -15.62 -8.26
C LYS O 160 -72.62 -15.10 -9.66
N ALA O 161 -73.25 -13.92 -9.70
CA ALA O 161 -73.58 -13.21 -10.93
C ALA O 161 -74.15 -11.87 -10.50
N THR O 162 -73.94 -10.83 -11.30
CA THR O 162 -74.47 -9.51 -10.99
C THR O 162 -74.28 -8.58 -12.18
N ALA O 163 -74.88 -7.40 -12.10
CA ALA O 163 -74.77 -6.41 -13.16
C ALA O 163 -74.67 -5.03 -12.55
N ILE O 164 -74.02 -4.12 -13.28
CA ILE O 164 -73.86 -2.74 -12.83
C ILE O 164 -74.19 -1.81 -13.99
N GLY O 165 -74.49 -0.56 -13.66
CA GLY O 165 -74.79 0.43 -14.68
C GLY O 165 -76.27 0.65 -14.95
N LYS O 166 -76.55 1.32 -16.06
CA LYS O 166 -77.91 1.66 -16.51
C LYS O 166 -79.04 0.75 -16.01
N GLY O 167 -79.18 -0.44 -16.61
CA GLY O 167 -80.23 -1.34 -16.23
C GLY O 167 -79.78 -2.47 -15.34
N SER O 168 -79.03 -2.13 -14.30
CA SER O 168 -78.54 -3.12 -13.37
C SER O 168 -79.66 -3.79 -12.58
N VAL O 169 -80.58 -3.00 -12.05
CA VAL O 169 -81.69 -3.52 -11.26
C VAL O 169 -82.45 -4.57 -12.05
N ALA O 170 -82.88 -4.19 -13.24
CA ALA O 170 -83.62 -5.09 -14.11
C ALA O 170 -82.82 -6.35 -14.41
N ALA O 171 -81.56 -6.16 -14.81
CA ALA O 171 -80.66 -7.26 -15.14
C ALA O 171 -80.36 -8.18 -13.96
N LYS O 172 -80.16 -7.59 -12.79
CA LYS O 172 -79.89 -8.40 -11.61
C LYS O 172 -81.06 -9.35 -11.38
N THR O 173 -82.27 -8.85 -11.56
CA THR O 173 -83.47 -9.66 -11.38
C THR O 173 -83.50 -10.82 -12.38
N PHE O 174 -83.20 -10.51 -13.64
CA PHE O 174 -83.22 -11.54 -14.66
C PHE O 174 -82.20 -12.63 -14.39
N LEU O 175 -81.10 -12.27 -13.73
CA LEU O 175 -80.07 -13.25 -13.42
C LEU O 175 -80.51 -14.18 -12.30
N GLU O 176 -81.10 -13.63 -11.24
CA GLU O 176 -81.56 -14.44 -10.11
C GLU O 176 -82.47 -15.57 -10.58
N LYS O 177 -83.20 -15.33 -11.66
CA LYS O 177 -84.11 -16.33 -12.20
C LYS O 177 -83.39 -17.46 -12.93
N ARG O 178 -82.41 -17.10 -13.76
CA ARG O 178 -81.69 -18.09 -14.56
C ARG O 178 -80.38 -18.68 -13.98
N TRP O 179 -79.97 -18.24 -12.80
CA TRP O 179 -78.74 -18.77 -12.22
C TRP O 179 -78.96 -19.98 -11.33
N ASN O 180 -77.95 -20.85 -11.29
CA ASN O 180 -77.98 -22.06 -10.48
C ASN O 180 -76.52 -22.51 -10.36
N ASP O 181 -76.19 -23.18 -9.26
CA ASP O 181 -74.81 -23.63 -9.05
C ASP O 181 -74.37 -24.83 -9.87
N GLU O 182 -74.99 -25.04 -11.04
CA GLU O 182 -74.61 -26.16 -11.90
C GLU O 182 -74.38 -25.70 -13.33
N LEU O 183 -74.53 -24.40 -13.55
CA LEU O 183 -74.32 -23.82 -14.87
C LEU O 183 -72.95 -24.13 -15.43
N GLU O 184 -72.91 -24.40 -16.72
CA GLU O 184 -71.66 -24.69 -17.41
C GLU O 184 -71.31 -23.35 -18.07
N LEU O 185 -70.03 -23.13 -18.38
CA LEU O 185 -69.60 -21.87 -18.99
C LEU O 185 -70.44 -21.41 -20.17
N GLU O 186 -70.80 -22.34 -21.05
CA GLU O 186 -71.61 -22.00 -22.22
C GLU O 186 -73.01 -21.56 -21.81
N ASP O 187 -73.52 -22.16 -20.75
CA ASP O 187 -74.84 -21.84 -20.23
C ASP O 187 -74.85 -20.40 -19.75
N ALA O 188 -73.77 -20.00 -19.07
CA ALA O 188 -73.65 -18.65 -18.55
C ALA O 188 -73.44 -17.68 -19.71
N ILE O 189 -72.61 -18.06 -20.67
CA ILE O 189 -72.37 -17.19 -21.84
C ILE O 189 -73.71 -16.90 -22.49
N HIS O 190 -74.52 -17.95 -22.63
CA HIS O 190 -75.84 -17.81 -23.22
C HIS O 190 -76.64 -16.82 -22.37
N ILE O 191 -76.85 -17.18 -21.11
CA ILE O 191 -77.59 -16.34 -20.16
C ILE O 191 -77.08 -14.91 -20.19
N ALA O 192 -75.76 -14.76 -20.31
CA ALA O 192 -75.14 -13.44 -20.34
C ALA O 192 -75.70 -12.69 -21.54
N LEU O 193 -75.55 -13.28 -22.72
CA LEU O 193 -76.06 -12.67 -23.94
C LEU O 193 -77.52 -12.28 -23.84
N LEU O 194 -78.33 -13.11 -23.16
CA LEU O 194 -79.75 -12.80 -23.00
C LEU O 194 -79.95 -11.55 -22.15
N THR O 195 -79.36 -11.56 -20.96
CA THR O 195 -79.48 -10.44 -20.03
C THR O 195 -79.03 -9.13 -20.67
N LEU O 196 -78.00 -9.21 -21.49
CA LEU O 196 -77.47 -8.03 -22.13
C LEU O 196 -78.39 -7.48 -23.21
N LYS O 197 -79.14 -8.35 -23.87
CA LYS O 197 -80.05 -7.92 -24.93
C LYS O 197 -81.11 -6.94 -24.43
N GLU O 198 -81.56 -7.13 -23.20
CA GLU O 198 -82.58 -6.26 -22.63
C GLU O 198 -82.07 -4.83 -22.43
N SER O 199 -80.78 -4.71 -22.18
CA SER O 199 -80.16 -3.41 -21.93
C SER O 199 -79.68 -2.71 -23.19
N VAL O 200 -79.85 -3.34 -24.35
CA VAL O 200 -79.41 -2.73 -25.59
C VAL O 200 -80.59 -2.23 -26.41
N GLU O 201 -80.52 -0.96 -26.80
CA GLU O 201 -81.56 -0.34 -27.58
C GLU O 201 -81.45 -0.73 -29.05
N GLY O 202 -80.28 -0.51 -29.63
CA GLY O 202 -80.06 -0.81 -31.03
C GLY O 202 -79.51 -2.16 -31.42
N GLU O 203 -78.53 -2.14 -32.32
CA GLU O 203 -77.91 -3.36 -32.83
C GLU O 203 -77.32 -4.23 -31.73
N PHE O 204 -77.60 -5.53 -31.80
CA PHE O 204 -77.12 -6.48 -30.81
C PHE O 204 -76.38 -7.59 -31.54
N ASN O 205 -75.09 -7.40 -31.77
CA ASN O 205 -74.28 -8.40 -32.46
C ASN O 205 -72.83 -8.41 -31.96
N GLY O 206 -72.02 -9.26 -32.57
CA GLY O 206 -70.63 -9.39 -32.16
C GLY O 206 -69.75 -8.17 -32.33
N ASP O 207 -70.32 -7.06 -32.80
CA ASP O 207 -69.53 -5.84 -33.00
C ASP O 207 -70.00 -4.73 -32.07
N THR O 208 -71.16 -4.93 -31.48
CA THR O 208 -71.75 -3.97 -30.55
C THR O 208 -71.69 -4.54 -29.14
N ILE O 209 -71.09 -5.72 -29.04
CA ILE O 209 -70.93 -6.42 -27.78
C ILE O 209 -69.48 -6.79 -27.51
N GLU O 210 -69.10 -6.74 -26.24
CA GLU O 210 -67.76 -7.10 -25.83
C GLU O 210 -67.95 -8.14 -24.74
N LEU O 211 -67.45 -9.34 -24.97
CA LEU O 211 -67.59 -10.39 -23.99
C LEU O 211 -66.32 -11.23 -23.91
N ALA O 212 -65.90 -11.50 -22.67
CA ALA O 212 -64.69 -12.28 -22.41
C ALA O 212 -64.97 -13.30 -21.32
N ILE O 213 -64.16 -14.35 -21.31
CA ILE O 213 -64.33 -15.40 -20.32
C ILE O 213 -63.04 -15.76 -19.58
N ILE O 214 -63.23 -16.41 -18.44
CA ILE O 214 -62.12 -16.89 -17.64
C ILE O 214 -62.49 -18.37 -17.54
N GLY O 215 -61.87 -19.18 -18.39
CA GLY O 215 -62.17 -20.60 -18.39
C GLY O 215 -60.98 -21.52 -18.36
N ASP O 216 -60.85 -22.36 -19.38
CA ASP O 216 -59.73 -23.28 -19.45
C ASP O 216 -58.52 -22.57 -19.97
N GLU O 217 -57.38 -23.24 -19.85
CA GLU O 217 -56.11 -22.71 -20.30
C GLU O 217 -55.99 -22.84 -21.82
N ASN O 218 -55.46 -21.82 -22.47
CA ASN O 218 -55.31 -21.81 -23.92
C ASN O 218 -53.84 -21.94 -24.31
N PRO O 219 -53.31 -23.16 -24.34
CA PRO O 219 -51.90 -23.36 -24.71
C PRO O 219 -51.59 -22.78 -26.09
N ASP O 220 -52.64 -22.51 -26.84
CA ASP O 220 -52.53 -21.95 -28.18
C ASP O 220 -52.27 -20.45 -28.11
N LEU O 221 -52.56 -19.85 -26.97
CA LEU O 221 -52.36 -18.41 -26.77
C LEU O 221 -51.17 -18.12 -25.87
N LEU O 222 -50.34 -19.14 -25.63
CA LEU O 222 -49.17 -19.00 -24.78
C LEU O 222 -48.04 -18.29 -25.47
N GLY O 223 -47.85 -18.61 -26.75
CA GLY O 223 -46.79 -17.98 -27.53
C GLY O 223 -45.51 -18.79 -27.63
N TYR O 224 -45.43 -19.89 -26.87
CA TYR O 224 -44.24 -20.73 -26.89
C TYR O 224 -44.57 -22.11 -26.33
N THR O 225 -43.67 -23.07 -26.57
CA THR O 225 -43.84 -24.43 -26.08
C THR O 225 -42.51 -24.94 -25.55
N GLY O 226 -42.57 -25.90 -24.64
CA GLY O 226 -41.34 -26.46 -24.09
C GLY O 226 -41.33 -26.51 -22.58
N ILE O 227 -42.34 -25.92 -21.96
CA ILE O 227 -42.43 -25.91 -20.51
C ILE O 227 -43.77 -26.49 -20.08
N PRO O 228 -43.79 -27.77 -19.69
CA PRO O 228 -44.98 -28.48 -19.25
C PRO O 228 -45.87 -27.70 -18.29
N THR O 229 -45.28 -27.18 -17.21
CA THR O 229 -46.01 -26.42 -16.20
C THR O 229 -46.77 -25.19 -16.72
N ASP O 230 -46.26 -24.58 -17.80
CA ASP O 230 -46.90 -23.40 -18.40
C ASP O 230 -47.91 -23.88 -19.45
N LYS O 231 -49.20 -23.79 -19.11
CA LYS O 231 -50.27 -24.24 -20.00
C LYS O 231 -51.05 -23.18 -20.81
N GLY O 232 -50.84 -21.90 -20.51
CA GLY O 232 -51.55 -20.87 -21.26
C GLY O 232 -52.51 -20.06 -20.39
N PRO O 233 -52.93 -18.89 -20.86
CA PRO O 233 -53.85 -18.02 -20.12
C PRO O 233 -55.29 -18.53 -20.08
N ARG O 234 -55.96 -18.34 -18.95
CA ARG O 234 -57.35 -18.78 -18.83
C ARG O 234 -58.30 -17.70 -19.32
N PHE O 235 -57.79 -16.49 -19.47
CA PHE O 235 -58.56 -15.35 -19.93
C PHE O 235 -58.60 -15.26 -21.44
N ARG O 236 -59.79 -15.22 -21.99
CA ARG O 236 -59.92 -15.09 -23.43
C ARG O 236 -61.09 -14.21 -23.80
N LYS O 237 -60.84 -13.27 -24.71
CA LYS O 237 -61.87 -12.38 -25.17
C LYS O 237 -62.51 -13.08 -26.37
N LEU O 238 -63.84 -13.13 -26.43
CA LEU O 238 -64.50 -13.78 -27.55
C LEU O 238 -64.45 -12.88 -28.75
N THR O 239 -64.28 -13.50 -29.92
CA THR O 239 -64.21 -12.76 -31.17
C THR O 239 -65.62 -12.39 -31.63
N SER O 240 -65.71 -11.33 -32.42
CA SER O 240 -66.99 -10.86 -32.92
C SER O 240 -67.74 -12.05 -33.51
N GLN O 241 -66.99 -12.89 -34.23
CA GLN O 241 -67.54 -14.08 -34.86
C GLN O 241 -68.13 -15.06 -33.84
N GLU O 242 -67.30 -15.51 -32.89
CA GLU O 242 -67.74 -16.45 -31.86
C GLU O 242 -68.99 -16.00 -31.13
N ILE O 243 -69.23 -14.69 -31.11
CA ILE O 243 -70.40 -14.15 -30.44
C ILE O 243 -71.63 -14.41 -31.32
N ASN O 244 -71.59 -13.90 -32.54
CA ASN O 244 -72.71 -14.08 -33.48
C ASN O 244 -73.18 -15.52 -33.53
N ASP O 245 -72.24 -16.45 -33.63
CA ASP O 245 -72.59 -17.86 -33.69
C ASP O 245 -73.52 -18.22 -32.53
N ARG O 246 -73.26 -17.67 -31.35
CA ARG O 246 -74.08 -17.95 -30.20
C ARG O 246 -75.36 -17.13 -30.21
N LEU O 247 -75.39 -16.08 -31.02
CA LEU O 247 -76.56 -15.22 -31.12
C LEU O 247 -77.67 -15.87 -31.92
N GLU O 248 -77.28 -16.71 -32.87
CA GLU O 248 -78.24 -17.42 -33.72
C GLU O 248 -78.94 -18.52 -32.91
N ALA O 249 -78.32 -18.90 -31.80
CA ALA O 249 -78.87 -19.92 -30.92
C ALA O 249 -79.45 -19.18 -29.72
N LEU O 250 -79.77 -17.89 -29.91
CA LEU O 250 -80.31 -17.05 -28.85
C LEU O 250 -81.81 -17.27 -28.67
N GLY P 1 -56.54 31.36 -3.56
CA GLY P 1 -55.94 30.02 -3.34
C GLY P 1 -56.98 28.92 -3.14
N SER P 2 -56.57 27.85 -2.48
CA SER P 2 -57.47 26.72 -2.23
C SER P 2 -58.25 26.81 -0.92
N ARG P 3 -57.77 27.62 0.01
CA ARG P 3 -58.42 27.79 1.31
C ARG P 3 -59.94 27.91 1.19
N ARG P 4 -60.38 28.25 -0.01
CA ARG P 4 -61.79 28.44 -0.33
C ARG P 4 -62.58 27.14 -0.27
N TYR P 5 -61.95 26.04 -0.64
CA TYR P 5 -62.61 24.73 -0.68
C TYR P 5 -62.28 23.79 0.48
N ASP P 6 -61.51 24.29 1.45
CA ASP P 6 -61.09 23.51 2.61
C ASP P 6 -62.18 23.39 3.67
N SER P 7 -62.64 22.18 3.90
CA SER P 7 -63.70 21.90 4.89
C SER P 7 -63.21 21.97 6.33
N ARG P 8 -61.90 22.07 6.53
CA ARG P 8 -61.32 22.15 7.87
C ARG P 8 -61.87 21.01 8.74
N THR P 9 -61.57 19.78 8.33
CA THR P 9 -62.06 18.60 9.01
C THR P 9 -61.60 18.39 10.43
N THR P 10 -60.58 19.13 10.88
CA THR P 10 -60.09 18.93 12.23
C THR P 10 -60.33 20.09 13.20
N ILE P 11 -61.46 20.78 13.07
CA ILE P 11 -61.73 21.88 13.98
C ILE P 11 -62.81 21.60 15.01
N PHE P 12 -62.84 22.42 16.05
CA PHE P 12 -63.82 22.31 17.12
C PHE P 12 -65.09 23.11 16.83
N SER P 13 -66.23 22.60 17.31
CA SER P 13 -67.50 23.29 17.14
C SER P 13 -67.52 24.21 18.36
N PRO P 14 -68.38 25.23 18.34
CA PRO P 14 -68.40 26.12 19.51
C PRO P 14 -68.65 25.36 20.82
N GLU P 15 -69.20 24.15 20.70
CA GLU P 15 -69.50 23.32 21.86
C GLU P 15 -68.35 22.37 22.19
N GLY P 16 -67.19 22.57 21.55
CA GLY P 16 -66.05 21.72 21.81
C GLY P 16 -66.22 20.29 21.31
N ARG P 17 -66.83 20.15 20.13
CA ARG P 17 -67.05 18.84 19.53
C ARG P 17 -66.35 18.82 18.19
N LEU P 18 -66.04 17.63 17.70
CA LEU P 18 -65.37 17.49 16.42
C LEU P 18 -66.37 17.08 15.37
N TYR P 19 -66.84 18.05 14.60
CA TYR P 19 -67.83 17.83 13.55
C TYR P 19 -67.66 16.49 12.84
N GLN P 20 -66.54 16.34 12.14
CA GLN P 20 -66.28 15.12 11.38
C GLN P 20 -66.43 13.83 12.16
N VAL P 21 -65.92 13.79 13.39
CA VAL P 21 -66.04 12.59 14.20
C VAL P 21 -67.53 12.30 14.40
N GLU P 22 -68.25 13.31 14.87
CA GLU P 22 -69.69 13.19 15.12
C GLU P 22 -70.41 12.71 13.87
N TYR P 23 -70.07 13.26 12.71
CA TYR P 23 -70.72 12.84 11.48
C TYR P 23 -70.27 11.45 11.07
N ALA P 24 -69.03 11.11 11.38
CA ALA P 24 -68.51 9.79 11.03
C ALA P 24 -69.31 8.77 11.83
N LEU P 25 -69.50 9.06 13.11
CA LEU P 25 -70.27 8.20 14.02
C LEU P 25 -71.69 8.05 13.48
N GLU P 26 -72.24 9.16 13.01
CA GLU P 26 -73.58 9.16 12.45
C GLU P 26 -73.63 8.15 11.30
N SER P 27 -72.52 8.07 10.57
CA SER P 27 -72.42 7.17 9.44
C SER P 27 -72.38 5.74 9.96
N ILE P 28 -71.59 5.53 11.01
CA ILE P 28 -71.43 4.22 11.62
C ILE P 28 -72.76 3.65 12.08
N SER P 29 -73.64 4.54 12.56
CA SER P 29 -74.95 4.14 13.08
C SER P 29 -75.85 3.44 12.08
N HIS P 30 -75.56 3.53 10.78
CA HIS P 30 -76.37 2.87 9.77
C HIS P 30 -75.69 1.61 9.28
N ALA P 31 -74.62 1.21 9.95
CA ALA P 31 -73.88 0.02 9.57
C ALA P 31 -74.44 -1.21 10.27
N GLY P 32 -74.33 -2.36 9.61
CA GLY P 32 -74.81 -3.60 10.20
C GLY P 32 -74.31 -3.74 11.62
N THR P 33 -75.19 -4.13 12.53
CA THR P 33 -74.82 -4.28 13.93
C THR P 33 -73.78 -5.38 14.17
N ALA P 34 -72.83 -5.09 15.06
CA ALA P 34 -71.80 -6.05 15.43
C ALA P 34 -71.82 -6.15 16.94
N ILE P 35 -71.71 -7.38 17.42
CA ILE P 35 -71.75 -7.64 18.85
C ILE P 35 -70.58 -8.48 19.34
N GLY P 36 -70.08 -8.11 20.50
CA GLY P 36 -68.99 -8.84 21.11
C GLY P 36 -69.36 -9.15 22.54
N ILE P 37 -69.34 -10.43 22.90
CA ILE P 37 -69.67 -10.83 24.25
C ILE P 37 -68.54 -11.69 24.77
N MET P 38 -68.00 -11.29 25.91
CA MET P 38 -66.90 -11.98 26.53
C MET P 38 -67.33 -12.86 27.70
N ALA P 39 -67.10 -14.16 27.56
CA ALA P 39 -67.43 -15.14 28.59
C ALA P 39 -66.17 -15.57 29.34
N SER P 40 -66.36 -16.46 30.31
CA SER P 40 -65.25 -16.96 31.12
C SER P 40 -64.30 -17.86 30.31
N ASP P 41 -64.86 -18.62 29.38
CA ASP P 41 -64.05 -19.52 28.57
C ASP P 41 -63.89 -19.08 27.12
N GLY P 42 -64.05 -17.79 26.84
CA GLY P 42 -63.91 -17.34 25.47
C GLY P 42 -64.63 -16.04 25.14
N ILE P 43 -64.52 -15.64 23.88
CA ILE P 43 -65.15 -14.42 23.40
C ILE P 43 -65.97 -14.77 22.18
N VAL P 44 -67.08 -14.04 21.99
CA VAL P 44 -67.95 -14.28 20.85
C VAL P 44 -68.13 -12.99 20.05
N LEU P 45 -68.02 -13.11 18.73
CA LEU P 45 -68.20 -11.98 17.85
C LEU P 45 -69.25 -12.34 16.82
N ALA P 46 -70.30 -11.54 16.78
CA ALA P 46 -71.39 -11.77 15.85
C ALA P 46 -71.68 -10.47 15.12
N ALA P 47 -71.94 -10.56 13.82
CA ALA P 47 -72.24 -9.36 13.05
C ALA P 47 -73.31 -9.61 12.00
N GLU P 48 -74.04 -8.54 11.68
CA GLU P 48 -75.11 -8.60 10.71
C GLU P 48 -74.64 -8.01 9.41
N ARG P 49 -74.69 -8.79 8.34
CA ARG P 49 -74.27 -8.33 7.02
C ARG P 49 -75.28 -7.31 6.48
N LYS P 50 -74.83 -6.07 6.33
CA LYS P 50 -75.71 -5.03 5.81
C LYS P 50 -75.87 -5.32 4.32
N VAL P 51 -77.12 -5.41 3.87
CA VAL P 51 -77.45 -5.68 2.46
C VAL P 51 -76.79 -6.96 1.94
N THR P 52 -77.59 -7.78 1.26
CA THR P 52 -77.13 -9.02 0.67
C THR P 52 -78.07 -9.36 -0.47
N SER P 53 -77.71 -10.38 -1.24
CA SER P 53 -78.53 -10.81 -2.36
C SER P 53 -78.45 -12.33 -2.48
N THR P 54 -79.30 -12.88 -3.35
CA THR P 54 -79.32 -14.30 -3.58
C THR P 54 -78.00 -14.64 -4.24
N LEU P 55 -77.62 -13.81 -5.20
CA LEU P 55 -76.40 -13.98 -5.97
C LEU P 55 -75.09 -13.69 -5.23
N LEU P 56 -75.18 -13.05 -4.07
CA LEU P 56 -73.98 -12.75 -3.31
C LEU P 56 -73.32 -14.03 -2.84
N GLU P 57 -72.02 -14.14 -3.06
CA GLU P 57 -71.23 -15.30 -2.66
C GLU P 57 -70.88 -15.18 -1.18
N GLN P 58 -71.65 -15.82 -0.31
CA GLN P 58 -71.37 -15.70 1.12
C GLN P 58 -70.19 -16.55 1.59
N ASP P 59 -69.86 -17.60 0.83
CA ASP P 59 -68.74 -18.47 1.18
C ASP P 59 -67.41 -17.70 1.19
N THR P 60 -67.13 -17.04 0.06
CA THR P 60 -65.91 -16.27 -0.13
C THR P 60 -65.98 -14.88 0.51
N SER P 61 -67.14 -14.53 1.06
CA SER P 61 -67.32 -13.20 1.64
C SER P 61 -66.82 -13.01 3.07
N THR P 62 -66.56 -11.75 3.39
CA THR P 62 -66.09 -11.28 4.69
C THR P 62 -66.21 -9.76 4.57
N GLU P 63 -66.94 -9.15 5.47
CA GLU P 63 -67.12 -7.71 5.43
C GLU P 63 -67.25 -7.19 6.84
N LYS P 64 -67.17 -8.09 7.82
CA LYS P 64 -67.31 -7.66 9.21
C LYS P 64 -66.36 -8.29 10.22
N LEU P 65 -65.91 -9.51 9.95
CA LEU P 65 -64.99 -10.20 10.87
C LEU P 65 -63.64 -10.44 10.23
N TYR P 66 -62.62 -9.77 10.76
CA TYR P 66 -61.28 -9.91 10.24
C TYR P 66 -60.32 -10.41 11.30
N LYS P 67 -59.40 -11.27 10.87
CA LYS P 67 -58.39 -11.81 11.76
C LYS P 67 -57.18 -10.89 11.70
N LEU P 68 -56.77 -10.35 12.84
CA LEU P 68 -55.61 -9.45 12.88
C LEU P 68 -54.33 -10.20 13.19
N ASN P 69 -54.45 -11.08 14.16
CA ASN P 69 -53.35 -11.87 14.69
C ASN P 69 -53.93 -13.27 14.85
N ASP P 70 -53.26 -14.14 15.59
CA ASP P 70 -53.79 -15.48 15.80
C ASP P 70 -54.56 -15.50 17.09
N LYS P 71 -54.38 -14.46 17.88
CA LYS P 71 -55.04 -14.34 19.17
C LYS P 71 -55.98 -13.14 19.20
N ILE P 72 -55.96 -12.35 18.13
CA ILE P 72 -56.81 -11.17 18.08
C ILE P 72 -57.56 -11.06 16.76
N ALA P 73 -58.83 -10.71 16.85
CA ALA P 73 -59.70 -10.55 15.69
C ALA P 73 -60.58 -9.33 15.97
N VAL P 74 -61.16 -8.77 14.91
CA VAL P 74 -62.03 -7.61 15.06
C VAL P 74 -63.35 -7.71 14.32
N ALA P 75 -64.32 -6.95 14.82
CA ALA P 75 -65.65 -6.87 14.22
C ALA P 75 -65.74 -5.44 13.71
N VAL P 76 -66.14 -5.28 12.45
CA VAL P 76 -66.21 -3.96 11.82
C VAL P 76 -67.60 -3.35 11.67
N ALA P 77 -67.67 -2.03 11.80
CA ALA P 77 -68.91 -1.30 11.65
C ALA P 77 -68.59 0.03 10.97
N GLY P 78 -68.91 0.14 9.69
CA GLY P 78 -68.62 1.36 8.95
C GLY P 78 -68.15 1.05 7.55
N LEU P 79 -67.30 1.92 7.00
CA LEU P 79 -66.77 1.76 5.66
C LEU P 79 -65.81 0.58 5.61
N THR P 80 -66.19 -0.48 4.90
CA THR P 80 -65.34 -1.65 4.81
C THR P 80 -63.95 -1.28 4.34
N ALA P 81 -63.88 -0.49 3.28
CA ALA P 81 -62.60 -0.08 2.72
C ALA P 81 -61.74 0.62 3.79
N ASP P 82 -62.32 1.57 4.51
CA ASP P 82 -61.57 2.28 5.55
C ASP P 82 -61.08 1.26 6.56
N ALA P 83 -61.96 0.33 6.91
CA ALA P 83 -61.62 -0.69 7.88
C ALA P 83 -60.42 -1.51 7.44
N GLU P 84 -60.39 -1.90 6.16
CA GLU P 84 -59.28 -2.70 5.66
C GLU P 84 -57.95 -1.96 5.74
N ILE P 85 -57.94 -0.66 5.50
CA ILE P 85 -56.71 0.12 5.58
C ILE P 85 -56.16 0.02 7.01
N LEU P 86 -57.03 0.23 7.99
CA LEU P 86 -56.61 0.15 9.38
C LEU P 86 -56.28 -1.29 9.82
N ILE P 87 -57.01 -2.26 9.27
CA ILE P 87 -56.79 -3.67 9.59
C ILE P 87 -55.38 -4.03 9.21
N ASN P 88 -55.01 -3.74 7.96
CA ASN P 88 -53.68 -4.05 7.50
C ASN P 88 -52.57 -3.39 8.29
N THR P 89 -52.68 -2.10 8.55
CA THR P 89 -51.63 -1.45 9.32
C THR P 89 -51.60 -2.06 10.72
N ALA P 90 -52.77 -2.52 11.17
CA ALA P 90 -52.90 -3.13 12.49
C ALA P 90 -52.14 -4.44 12.49
N ARG P 91 -52.29 -5.20 11.40
CA ARG P 91 -51.61 -6.48 11.24
C ARG P 91 -50.10 -6.31 11.24
N ILE P 92 -49.61 -5.23 10.64
CA ILE P 92 -48.17 -4.96 10.59
C ILE P 92 -47.63 -4.69 12.01
N HIS P 93 -48.31 -3.82 12.75
CA HIS P 93 -47.88 -3.48 14.10
C HIS P 93 -47.69 -4.73 14.93
N ALA P 94 -48.61 -5.68 14.78
CA ALA P 94 -48.54 -6.93 15.52
C ALA P 94 -47.23 -7.66 15.21
N GLN P 95 -46.91 -7.74 13.92
CA GLN P 95 -45.70 -8.41 13.47
C GLN P 95 -44.43 -7.70 13.91
N ASN P 96 -44.44 -6.37 13.93
CA ASN P 96 -43.26 -5.66 14.37
C ASN P 96 -43.04 -6.01 15.82
N TYR P 97 -44.10 -5.94 16.60
CA TYR P 97 -43.98 -6.25 18.03
C TYR P 97 -43.37 -7.63 18.23
N LEU P 98 -43.83 -8.59 17.43
CA LEU P 98 -43.34 -9.96 17.52
C LEU P 98 -41.86 -10.03 17.16
N LYS P 99 -41.50 -9.50 15.99
CA LYS P 99 -40.12 -9.52 15.57
C LYS P 99 -39.21 -8.82 16.57
N THR P 100 -39.72 -7.83 17.28
CA THR P 100 -38.90 -7.12 18.23
C THR P 100 -38.74 -7.79 19.58
N TYR P 101 -39.83 -8.33 20.11
CA TYR P 101 -39.78 -8.94 21.44
C TYR P 101 -39.94 -10.44 21.49
N ASN P 102 -40.12 -11.07 20.33
CA ASN P 102 -40.32 -12.51 20.26
C ASN P 102 -41.44 -12.94 21.21
N GLU P 103 -42.50 -12.13 21.24
CA GLU P 103 -43.68 -12.38 22.05
C GLU P 103 -44.83 -11.74 21.29
N ASP P 104 -46.02 -12.36 21.38
CA ASP P 104 -47.19 -11.82 20.70
C ASP P 104 -47.60 -10.51 21.35
N ILE P 105 -48.10 -9.60 20.55
CA ILE P 105 -48.49 -8.30 21.05
C ILE P 105 -49.71 -8.33 21.97
N PRO P 106 -49.56 -7.76 23.18
CA PRO P 106 -50.65 -7.71 24.16
C PRO P 106 -51.83 -7.02 23.48
N VAL P 107 -53.05 -7.50 23.73
CA VAL P 107 -54.23 -6.93 23.08
C VAL P 107 -54.38 -5.41 23.19
N GLU P 108 -54.28 -4.86 24.39
CA GLU P 108 -54.43 -3.42 24.54
C GLU P 108 -53.40 -2.61 23.78
N ILE P 109 -52.16 -3.08 23.78
CA ILE P 109 -51.09 -2.39 23.08
C ILE P 109 -51.46 -2.20 21.61
N LEU P 110 -51.95 -3.26 20.97
CA LEU P 110 -52.34 -3.18 19.58
C LEU P 110 -53.52 -2.24 19.41
N VAL P 111 -54.51 -2.36 20.30
CA VAL P 111 -55.69 -1.50 20.25
C VAL P 111 -55.35 -0.03 20.39
N ARG P 112 -54.44 0.31 21.31
CA ARG P 112 -54.05 1.70 21.51
C ARG P 112 -53.39 2.28 20.28
N ARG P 113 -52.44 1.54 19.71
CA ARG P 113 -51.74 1.98 18.52
C ARG P 113 -52.74 2.33 17.42
N LEU P 114 -53.67 1.41 17.14
CA LEU P 114 -54.68 1.65 16.11
C LEU P 114 -55.53 2.85 16.45
N SER P 115 -55.88 2.99 17.72
CA SER P 115 -56.69 4.11 18.13
C SER P 115 -55.92 5.41 18.00
N ASP P 116 -54.61 5.34 18.21
CA ASP P 116 -53.77 6.52 18.10
C ASP P 116 -53.74 7.00 16.66
N ILE P 117 -53.66 6.05 15.74
CA ILE P 117 -53.67 6.39 14.33
C ILE P 117 -54.94 7.17 14.03
N LYS P 118 -56.06 6.70 14.55
CA LYS P 118 -57.36 7.35 14.33
C LYS P 118 -57.37 8.76 14.89
N GLN P 119 -56.91 8.89 16.14
CA GLN P 119 -56.86 10.17 16.82
C GLN P 119 -56.07 11.15 15.98
N GLY P 120 -55.09 10.64 15.23
CA GLY P 120 -54.28 11.52 14.40
C GLY P 120 -55.08 12.30 13.38
N TYR P 121 -55.92 11.60 12.62
CA TYR P 121 -56.77 12.21 11.60
C TYR P 121 -57.79 13.14 12.23
N THR P 122 -57.75 13.21 13.55
CA THR P 122 -58.65 14.03 14.33
C THR P 122 -58.03 15.37 14.69
N GLN P 123 -56.71 15.41 14.77
CA GLN P 123 -56.02 16.61 15.17
C GLN P 123 -55.13 17.29 14.16
N HIS P 124 -54.84 16.64 13.05
CA HIS P 124 -53.99 17.28 12.06
C HIS P 124 -54.04 16.59 10.71
N GLY P 125 -53.62 17.30 9.67
CA GLY P 125 -53.60 16.72 8.34
C GLY P 125 -54.69 17.15 7.40
N GLY P 126 -55.80 17.65 7.94
CA GLY P 126 -56.89 18.10 7.09
C GLY P 126 -57.58 17.04 6.23
N LEU P 127 -57.52 15.79 6.66
CA LEU P 127 -58.16 14.69 5.94
C LEU P 127 -59.36 14.22 6.76
N ARG P 128 -60.29 13.52 6.12
CA ARG P 128 -61.46 13.04 6.84
C ARG P 128 -61.05 11.88 7.73
N PRO P 129 -61.78 11.65 8.83
CA PRO P 129 -61.46 10.55 9.75
C PRO P 129 -61.87 9.24 9.09
N PHE P 130 -61.53 8.12 9.71
CA PHE P 130 -61.94 6.85 9.14
C PHE P 130 -63.35 6.59 9.65
N GLY P 131 -64.26 6.19 8.77
CA GLY P 131 -65.63 5.92 9.20
C GLY P 131 -65.72 4.51 9.70
N VAL P 132 -64.97 4.21 10.75
CA VAL P 132 -64.93 2.86 11.28
C VAL P 132 -64.92 2.76 12.80
N SER P 133 -65.58 1.71 13.29
CA SER P 133 -65.63 1.40 14.71
C SER P 133 -65.30 -0.08 14.78
N PHE P 134 -64.43 -0.44 15.71
CA PHE P 134 -63.99 -1.81 15.89
C PHE P 134 -64.34 -2.38 17.23
N ILE P 135 -64.54 -3.69 17.25
CA ILE P 135 -64.75 -4.41 18.49
C ILE P 135 -63.58 -5.36 18.38
N TYR P 136 -62.65 -5.30 19.33
CA TYR P 136 -61.49 -6.18 19.30
C TYR P 136 -61.73 -7.33 20.25
N ALA P 137 -61.45 -8.54 19.79
CA ALA P 137 -61.60 -9.73 20.62
C ALA P 137 -60.25 -10.43 20.64
N GLY P 138 -59.58 -10.41 21.79
CA GLY P 138 -58.29 -11.04 21.87
C GLY P 138 -57.96 -11.66 23.20
N TYR P 139 -56.83 -12.35 23.22
CA TYR P 139 -56.36 -13.01 24.41
C TYR P 139 -54.84 -12.91 24.57
N ASP P 140 -54.40 -12.64 25.78
CA ASP P 140 -52.97 -12.58 26.04
C ASP P 140 -52.73 -13.04 27.47
N ASP P 141 -51.51 -13.52 27.72
CA ASP P 141 -51.14 -14.06 29.01
C ASP P 141 -51.01 -13.04 30.14
N ARG P 142 -51.62 -11.87 29.99
CA ARG P 142 -51.55 -10.88 31.05
C ARG P 142 -52.93 -10.50 31.55
N TYR P 143 -53.91 -10.51 30.64
CA TYR P 143 -55.28 -10.17 30.98
C TYR P 143 -56.25 -11.21 30.44
N GLY P 144 -55.69 -12.24 29.81
CA GLY P 144 -56.53 -13.29 29.26
C GLY P 144 -57.52 -12.73 28.25
N TYR P 145 -58.78 -13.14 28.37
CA TYR P 145 -59.82 -12.69 27.46
C TYR P 145 -60.12 -11.23 27.63
N GLN P 146 -60.09 -10.52 26.49
CA GLN P 146 -60.36 -9.09 26.48
C GLN P 146 -61.23 -8.68 25.30
N LEU P 147 -62.06 -7.68 25.54
CA LEU P 147 -62.96 -7.13 24.54
C LEU P 147 -62.79 -5.62 24.56
N TYR P 148 -62.55 -5.04 23.39
CA TYR P 148 -62.35 -3.60 23.29
C TYR P 148 -63.17 -3.04 22.16
N THR P 149 -63.27 -1.72 22.15
CA THR P 149 -64.03 -1.04 21.12
C THR P 149 -63.38 0.31 20.84
N SER P 150 -63.22 0.64 19.55
CA SER P 150 -62.64 1.92 19.18
C SER P 150 -63.48 2.55 18.08
N ASN P 151 -63.49 3.88 18.03
CA ASN P 151 -64.28 4.60 17.05
C ASN P 151 -63.52 5.76 16.40
N PRO P 152 -64.15 6.43 15.42
CA PRO P 152 -63.53 7.56 14.70
C PRO P 152 -62.73 8.56 15.53
N SER P 153 -63.18 8.83 16.75
CA SER P 153 -62.52 9.78 17.63
C SER P 153 -61.12 9.33 18.02
N GLY P 154 -60.92 8.03 18.14
CA GLY P 154 -59.62 7.53 18.53
C GLY P 154 -59.67 7.12 19.99
N ASN P 155 -60.89 7.11 20.52
CA ASN P 155 -61.12 6.73 21.89
C ASN P 155 -61.41 5.23 21.89
N TYR P 156 -60.97 4.54 22.95
CA TYR P 156 -61.20 3.10 23.05
C TYR P 156 -61.43 2.70 24.51
N THR P 157 -62.24 1.67 24.72
CA THR P 157 -62.54 1.19 26.06
C THR P 157 -62.76 -0.32 26.06
N GLY P 158 -62.75 -0.92 27.25
CA GLY P 158 -62.94 -2.36 27.36
C GLY P 158 -64.31 -2.74 27.90
N TRP P 159 -64.86 -3.85 27.40
CA TRP P 159 -66.19 -4.28 27.83
C TRP P 159 -66.33 -5.77 28.10
N LYS P 160 -67.46 -6.12 28.72
CA LYS P 160 -67.79 -7.51 29.00
C LYS P 160 -68.63 -7.98 27.82
N ALA P 161 -69.43 -7.05 27.31
CA ALA P 161 -70.28 -7.27 26.16
C ALA P 161 -70.49 -5.88 25.56
N ILE P 162 -70.50 -5.77 24.24
CA ILE P 162 -70.68 -4.46 23.64
C ILE P 162 -71.18 -4.58 22.20
N SER P 163 -71.72 -3.48 21.69
CA SER P 163 -72.26 -3.44 20.34
C SER P 163 -71.83 -2.18 19.61
N VAL P 164 -71.78 -2.25 18.28
CA VAL P 164 -71.41 -1.08 17.49
C VAL P 164 -72.23 -1.13 16.21
N GLY P 165 -72.40 0.03 15.59
CA GLY P 165 -73.16 0.09 14.36
C GLY P 165 -74.57 0.55 14.65
N ALA P 166 -75.52 -0.07 13.95
CA ALA P 166 -76.93 0.28 14.08
C ALA P 166 -77.60 -0.26 15.35
N ASN P 167 -78.56 0.49 15.87
CA ASN P 167 -79.34 0.12 17.06
C ASN P 167 -78.51 -0.36 18.25
N THR P 168 -77.43 0.34 18.55
CA THR P 168 -76.56 -0.06 19.65
C THR P 168 -77.25 0.17 21.01
N SER P 169 -78.00 1.25 21.10
CA SER P 169 -78.74 1.60 22.31
C SER P 169 -79.71 0.50 22.70
N ALA P 170 -80.41 -0.03 21.69
CA ALA P 170 -81.36 -1.11 21.92
C ALA P 170 -80.60 -2.37 22.32
N ALA P 171 -79.62 -2.74 21.50
CA ALA P 171 -78.80 -3.92 21.74
C ALA P 171 -78.08 -3.88 23.08
N GLN P 172 -77.62 -2.70 23.46
CA GLN P 172 -76.90 -2.56 24.72
C GLN P 172 -77.84 -2.84 25.89
N THR P 173 -79.04 -2.30 25.82
CA THR P 173 -80.03 -2.50 26.88
C THR P 173 -80.35 -3.99 27.02
N LEU P 174 -80.58 -4.66 25.89
CA LEU P 174 -80.88 -6.07 25.92
C LEU P 174 -79.74 -6.87 26.51
N LEU P 175 -78.50 -6.49 26.19
CA LEU P 175 -77.32 -7.19 26.69
C LEU P 175 -77.14 -6.92 28.18
N GLN P 176 -77.31 -5.67 28.56
CA GLN P 176 -77.18 -5.25 29.95
C GLN P 176 -78.24 -5.93 30.78
N MET P 177 -79.20 -6.53 30.08
CA MET P 177 -80.32 -7.19 30.70
C MET P 177 -80.11 -8.67 31.00
N ASP P 178 -79.43 -9.38 30.12
CA ASP P 178 -79.23 -10.82 30.31
C ASP P 178 -77.79 -11.30 30.48
N TYR P 179 -76.85 -10.37 30.60
CA TYR P 179 -75.46 -10.76 30.77
C TYR P 179 -75.19 -11.07 32.24
N LYS P 180 -74.43 -12.14 32.48
CA LYS P 180 -74.07 -12.52 33.84
C LYS P 180 -72.59 -12.92 33.85
N ASP P 181 -71.82 -12.28 34.72
CA ASP P 181 -70.38 -12.50 34.87
C ASP P 181 -69.86 -13.92 34.66
N ASP P 182 -70.55 -14.89 35.25
CA ASP P 182 -70.13 -16.27 35.14
C ASP P 182 -70.51 -16.94 33.83
N MET P 183 -71.06 -16.18 32.89
CA MET P 183 -71.46 -16.77 31.61
C MET P 183 -70.49 -17.76 30.99
N LYS P 184 -70.93 -18.38 29.91
CA LYS P 184 -70.11 -19.38 29.22
C LYS P 184 -70.22 -19.10 27.73
N VAL P 185 -69.19 -19.45 26.97
CA VAL P 185 -69.16 -19.22 25.53
C VAL P 185 -70.48 -19.57 24.84
N ASP P 186 -70.97 -20.78 25.06
CA ASP P 186 -72.21 -21.22 24.44
C ASP P 186 -73.37 -20.32 24.84
N ASP P 187 -73.33 -19.82 26.07
CA ASP P 187 -74.37 -18.94 26.56
C ASP P 187 -74.30 -17.63 25.77
N ALA P 188 -73.10 -17.07 25.71
CA ALA P 188 -72.85 -15.82 25.00
C ALA P 188 -73.23 -15.94 23.53
N ILE P 189 -72.92 -17.09 22.93
CA ILE P 189 -73.25 -17.31 21.53
C ILE P 189 -74.74 -17.11 21.33
N GLU P 190 -75.53 -17.64 22.26
CA GLU P 190 -76.97 -17.53 22.20
C GLU P 190 -77.42 -16.12 22.50
N LEU P 191 -76.87 -15.52 23.55
CA LEU P 191 -77.23 -14.16 23.93
C LEU P 191 -77.01 -13.27 22.72
N ALA P 192 -75.86 -13.46 22.06
CA ALA P 192 -75.48 -12.69 20.88
C ALA P 192 -76.52 -12.81 19.76
N LEU P 193 -76.83 -14.05 19.39
CA LEU P 193 -77.81 -14.29 18.33
C LEU P 193 -79.18 -13.72 18.65
N LYS P 194 -79.60 -13.81 19.90
CA LYS P 194 -80.89 -13.29 20.31
C LYS P 194 -80.92 -11.78 20.13
N THR P 195 -79.90 -11.11 20.67
CA THR P 195 -79.81 -9.66 20.61
C THR P 195 -79.94 -9.15 19.20
N LEU P 196 -79.16 -9.73 18.29
CA LEU P 196 -79.21 -9.33 16.90
C LEU P 196 -80.61 -9.53 16.37
N SER P 197 -81.18 -10.67 16.71
CA SER P 197 -82.53 -11.05 16.29
C SER P 197 -83.61 -10.02 16.68
N LYS P 198 -83.42 -9.37 17.82
CA LYS P 198 -84.38 -8.39 18.29
C LYS P 198 -84.12 -6.96 17.85
N THR P 199 -82.97 -6.72 17.21
CA THR P 199 -82.61 -5.38 16.76
C THR P 199 -82.46 -5.27 15.24
N THR P 200 -82.56 -6.40 14.53
CA THR P 200 -82.45 -6.40 13.09
C THR P 200 -83.51 -5.53 12.44
N ASP P 201 -83.16 -4.85 11.36
CA ASP P 201 -84.12 -4.03 10.66
C ASP P 201 -84.68 -4.90 9.54
N SER P 202 -84.43 -6.20 9.65
CA SER P 202 -84.89 -7.15 8.64
C SER P 202 -86.01 -8.02 9.16
N SER P 203 -86.61 -8.78 8.25
CA SER P 203 -87.73 -9.67 8.57
C SER P 203 -87.29 -10.73 9.56
N ALA P 204 -86.47 -11.66 9.10
CA ALA P 204 -85.97 -12.73 9.95
C ALA P 204 -84.45 -12.69 9.99
N LEU P 205 -83.88 -13.41 10.94
CA LEU P 205 -82.44 -13.44 11.07
C LEU P 205 -81.95 -14.78 10.54
N THR P 206 -81.61 -14.78 9.25
CA THR P 206 -81.12 -15.99 8.59
C THR P 206 -79.59 -16.07 8.61
N TYR P 207 -79.05 -17.27 8.38
CA TYR P 207 -77.60 -17.49 8.39
C TYR P 207 -76.87 -16.71 7.30
N ASP P 208 -77.46 -16.66 6.12
CA ASP P 208 -76.86 -15.95 4.99
C ASP P 208 -76.58 -14.47 5.27
N ARG P 209 -77.17 -13.93 6.33
CA ARG P 209 -76.98 -12.53 6.67
C ARG P 209 -76.16 -12.39 7.95
N LEU P 210 -75.29 -13.36 8.20
CA LEU P 210 -74.48 -13.31 9.41
C LEU P 210 -73.02 -13.72 9.28
N GLU P 211 -72.25 -13.32 10.29
CA GLU P 211 -70.85 -13.65 10.38
C GLU P 211 -70.68 -13.97 11.84
N PHE P 212 -70.06 -15.09 12.13
CA PHE P 212 -69.87 -15.48 13.51
C PHE P 212 -68.46 -15.97 13.76
N ALA P 213 -67.94 -15.68 14.95
CA ALA P 213 -66.60 -16.09 15.31
C ALA P 213 -66.44 -16.18 16.82
N THR P 214 -65.64 -17.13 17.27
CA THR P 214 -65.38 -17.33 18.69
C THR P 214 -63.90 -17.55 18.94
N ILE P 215 -63.43 -17.07 20.08
CA ILE P 215 -62.04 -17.25 20.44
C ILE P 215 -62.00 -18.02 21.75
N ARG P 216 -61.74 -19.33 21.63
CA ARG P 216 -61.68 -20.19 22.79
C ARG P 216 -60.28 -20.75 22.99
N LYS P 217 -60.07 -21.32 24.17
CA LYS P 217 -58.79 -21.90 24.51
C LYS P 217 -58.95 -23.42 24.61
N GLY P 218 -59.61 -24.01 23.61
CA GLY P 218 -59.86 -25.45 23.56
C GLY P 218 -59.18 -26.29 24.63
N ALA P 219 -59.94 -26.66 25.65
CA ALA P 219 -59.43 -27.46 26.77
C ALA P 219 -58.42 -28.53 26.36
N ASN P 220 -58.77 -29.32 25.35
CA ASN P 220 -57.90 -30.38 24.84
C ASN P 220 -56.82 -29.72 23.96
N ASP P 221 -55.88 -29.02 24.60
CA ASP P 221 -54.80 -28.32 23.91
C ASP P 221 -53.97 -27.50 24.90
N GLY P 222 -54.50 -26.34 25.29
CA GLY P 222 -53.80 -25.47 26.22
C GLY P 222 -53.40 -24.13 25.60
N GLU P 223 -53.81 -23.94 24.34
CA GLU P 223 -53.51 -22.73 23.59
C GLU P 223 -54.82 -22.09 23.10
N VAL P 224 -54.74 -20.89 22.52
CA VAL P 224 -55.91 -20.18 22.03
C VAL P 224 -56.28 -20.52 20.58
N TYR P 225 -57.57 -20.68 20.33
CA TYR P 225 -58.06 -21.00 19.00
C TYR P 225 -59.12 -20.00 18.52
N GLN P 226 -58.92 -19.45 17.32
CA GLN P 226 -59.89 -18.52 16.74
C GLN P 226 -60.70 -19.31 15.73
N LYS P 227 -62.02 -19.23 15.84
CA LYS P 227 -62.85 -19.95 14.89
C LYS P 227 -63.80 -18.99 14.21
N ILE P 228 -63.74 -18.95 12.89
CA ILE P 228 -64.62 -18.08 12.12
C ILE P 228 -65.61 -19.01 11.43
N PHE P 229 -66.82 -19.08 11.98
CA PHE P 229 -67.86 -19.96 11.47
C PHE P 229 -68.16 -19.83 10.00
N LYS P 230 -68.34 -20.98 9.36
CA LYS P 230 -68.65 -21.08 7.93
C LYS P 230 -70.18 -21.05 7.79
N PRO P 231 -70.67 -20.62 6.62
CA PRO P 231 -72.12 -20.56 6.39
C PRO P 231 -72.89 -21.72 7.03
N GLN P 232 -72.47 -22.94 6.73
CA GLN P 232 -73.11 -24.12 7.26
C GLN P 232 -73.12 -24.12 8.79
N GLU P 233 -71.96 -23.83 9.38
CA GLU P 233 -71.83 -23.80 10.84
C GLU P 233 -72.78 -22.77 11.46
N ILE P 234 -72.97 -21.64 10.79
CA ILE P 234 -73.87 -20.60 11.29
C ILE P 234 -75.31 -21.06 11.22
N LYS P 235 -75.67 -21.69 10.10
CA LYS P 235 -77.02 -22.18 9.89
C LYS P 235 -77.43 -23.14 11.00
N ASP P 236 -76.51 -24.02 11.40
CA ASP P 236 -76.75 -24.99 12.46
C ASP P 236 -77.02 -24.27 13.78
N ILE P 237 -75.97 -23.66 14.32
CA ILE P 237 -76.05 -22.92 15.57
C ILE P 237 -77.26 -22.00 15.62
N LEU P 238 -77.75 -21.62 14.44
CA LEU P 238 -78.91 -20.73 14.35
C LEU P 238 -80.18 -21.49 14.71
N VAL P 239 -80.30 -22.71 14.20
CA VAL P 239 -81.45 -23.58 14.48
C VAL P 239 -81.45 -24.02 15.93
N LYS P 240 -80.30 -24.53 16.37
CA LYS P 240 -80.13 -25.01 17.73
C LYS P 240 -80.64 -24.02 18.76
N THR P 241 -80.11 -22.80 18.74
CA THR P 241 -80.53 -21.77 19.70
C THR P 241 -82.02 -21.50 19.61
N GLY P 242 -82.66 -22.12 18.61
CA GLY P 242 -84.10 -21.94 18.44
C GLY P 242 -84.52 -20.72 17.66
N ILE P 243 -83.98 -20.58 16.45
CA ILE P 243 -84.32 -19.46 15.58
C ILE P 243 -84.50 -20.06 14.20
N THR P 244 -84.21 -21.36 14.09
CA THR P 244 -84.30 -22.13 12.84
C THR P 244 -83.86 -21.31 11.64
N GLY Q 1 -47.96 18.67 4.14
CA GLY Q 1 -48.45 19.67 3.14
C GLY Q 1 -49.60 20.51 3.65
N TYR Q 2 -50.32 20.01 4.66
CA TYR Q 2 -51.45 20.76 5.19
C TYR Q 2 -51.01 21.73 6.27
N ASP Q 3 -51.14 23.03 6.01
CA ASP Q 3 -50.73 24.03 7.00
C ASP Q 3 -51.73 25.14 7.26
N ARG Q 4 -53.00 24.93 6.93
CA ARG Q 4 -54.02 25.95 7.15
C ARG Q 4 -53.93 26.44 8.59
N ALA Q 5 -54.02 27.76 8.76
CA ALA Q 5 -53.97 28.35 10.09
C ALA Q 5 -55.37 28.16 10.69
N LEU Q 6 -55.49 27.17 11.57
CA LEU Q 6 -56.76 26.87 12.20
C LEU Q 6 -56.93 27.65 13.50
N SER Q 7 -55.82 28.02 14.13
CA SER Q 7 -55.85 28.78 15.36
C SER Q 7 -55.38 30.19 15.08
N ILE Q 8 -56.31 31.09 14.78
CA ILE Q 8 -55.95 32.47 14.50
C ILE Q 8 -56.80 33.39 15.34
N PHE Q 9 -56.44 34.68 15.33
CA PHE Q 9 -57.16 35.69 16.10
C PHE Q 9 -58.44 36.14 15.44
N SER Q 10 -59.42 36.52 16.27
CA SER Q 10 -60.69 37.03 15.79
C SER Q 10 -60.69 38.50 16.17
N PRO Q 11 -61.55 39.33 15.55
CA PRO Q 11 -61.63 40.76 15.84
C PRO Q 11 -61.52 41.18 17.31
N ASP Q 12 -62.15 40.42 18.20
CA ASP Q 12 -62.12 40.73 19.62
C ASP Q 12 -60.83 40.32 20.33
N GLY Q 13 -59.95 39.63 19.59
CA GLY Q 13 -58.68 39.19 20.16
C GLY Q 13 -58.75 37.82 20.81
N HIS Q 14 -59.56 36.93 20.24
CA HIS Q 14 -59.71 35.58 20.77
C HIS Q 14 -59.29 34.54 19.75
N ILE Q 15 -58.77 33.42 20.25
CA ILE Q 15 -58.39 32.34 19.36
C ILE Q 15 -59.52 31.35 19.61
N PHE Q 16 -60.58 31.45 18.81
CA PHE Q 16 -61.73 30.59 18.98
C PHE Q 16 -61.47 29.10 19.10
N GLN Q 17 -60.51 28.59 18.34
CA GLN Q 17 -60.20 27.17 18.43
C GLN Q 17 -59.70 26.80 19.81
N VAL Q 18 -58.93 27.69 20.43
CA VAL Q 18 -58.43 27.43 21.78
C VAL Q 18 -59.60 27.55 22.75
N GLU Q 19 -60.46 28.52 22.47
CA GLU Q 19 -61.63 28.77 23.28
C GLU Q 19 -62.51 27.52 23.29
N TYR Q 20 -62.84 27.04 22.08
CA TYR Q 20 -63.65 25.84 21.95
C TYR Q 20 -62.95 24.62 22.51
N ALA Q 21 -61.63 24.67 22.63
CA ALA Q 21 -60.89 23.55 23.19
C ALA Q 21 -61.25 23.48 24.67
N LEU Q 22 -61.42 24.64 25.29
CA LEU Q 22 -61.78 24.68 26.70
C LEU Q 22 -63.19 24.13 26.91
N GLU Q 23 -64.08 24.35 25.93
CA GLU Q 23 -65.46 23.87 26.01
C GLU Q 23 -65.44 22.34 26.06
N ALA Q 24 -64.46 21.75 25.39
CA ALA Q 24 -64.32 20.31 25.37
C ALA Q 24 -63.83 19.83 26.72
N VAL Q 25 -63.11 20.70 27.43
CA VAL Q 25 -62.61 20.35 28.77
C VAL Q 25 -63.76 20.42 29.76
N LYS Q 26 -64.62 21.43 29.60
CA LYS Q 26 -65.79 21.61 30.47
C LYS Q 26 -66.66 20.38 30.40
N ARG Q 27 -66.78 19.84 29.19
CA ARG Q 27 -67.58 18.65 28.94
C ARG Q 27 -67.01 17.37 29.55
N GLY Q 28 -65.68 17.24 29.56
CA GLY Q 28 -65.07 16.03 30.11
C GLY Q 28 -65.44 15.80 31.57
N THR Q 29 -65.30 14.56 32.03
CA THR Q 29 -65.62 14.25 33.42
C THR Q 29 -64.78 15.13 34.33
N CYS Q 30 -65.18 15.23 35.59
CA CYS Q 30 -64.46 16.06 36.54
C CYS Q 30 -63.19 15.42 37.07
N ALA Q 31 -62.28 16.26 37.52
CA ALA Q 31 -61.00 15.84 38.09
C ALA Q 31 -60.58 16.89 39.11
N VAL Q 32 -59.98 16.43 40.21
CA VAL Q 32 -59.57 17.37 41.24
C VAL Q 32 -58.27 16.92 41.89
N GLY Q 33 -57.58 17.87 42.52
CA GLY Q 33 -56.34 17.55 43.19
C GLY Q 33 -56.11 18.50 44.33
N VAL Q 34 -55.80 17.95 45.50
CA VAL Q 34 -55.53 18.76 46.67
C VAL Q 34 -54.25 18.25 47.30
N LYS Q 35 -53.39 19.18 47.71
CA LYS Q 35 -52.14 18.78 48.31
C LYS Q 35 -52.19 18.89 49.83
N GLY Q 36 -51.65 17.88 50.49
CA GLY Q 36 -51.61 17.85 51.94
C GLY Q 36 -50.31 18.47 52.42
N LYS Q 37 -49.84 18.06 53.59
CA LYS Q 37 -48.60 18.60 54.12
C LYS Q 37 -47.44 17.67 53.76
N ASN Q 38 -47.79 16.45 53.37
CA ASN Q 38 -46.81 15.44 53.04
C ASN Q 38 -47.36 14.54 51.94
N CYS Q 39 -48.27 15.07 51.14
CA CYS Q 39 -48.84 14.29 50.06
C CYS Q 39 -49.70 15.13 49.13
N VAL Q 40 -50.20 14.48 48.08
CA VAL Q 40 -51.05 15.10 47.10
C VAL Q 40 -52.04 14.02 46.71
N VAL Q 41 -53.29 14.40 46.50
CA VAL Q 41 -54.30 13.43 46.12
C VAL Q 41 -54.97 13.84 44.83
N LEU Q 42 -55.29 12.85 44.01
CA LEU Q 42 -55.95 13.11 42.74
C LEU Q 42 -57.23 12.30 42.62
N GLY Q 43 -58.37 12.99 42.57
CA GLY Q 43 -59.64 12.32 42.43
C GLY Q 43 -60.26 12.65 41.10
N CYS Q 44 -61.00 11.70 40.55
CA CYS Q 44 -61.65 11.89 39.26
C CYS Q 44 -62.99 11.18 39.29
N GLU Q 45 -63.96 11.66 38.53
CA GLU Q 45 -65.27 11.01 38.49
C GLU Q 45 -65.35 10.04 37.31
N ARG Q 46 -66.31 9.13 37.35
CA ARG Q 46 -66.49 8.16 36.28
C ARG Q 46 -67.88 8.30 35.66
N ARG Q 47 -67.91 8.57 34.36
CA ARG Q 47 -69.16 8.73 33.61
C ARG Q 47 -70.06 7.50 33.82
N SER Q 48 -71.31 7.59 33.38
CA SER Q 48 -72.26 6.48 33.49
C SER Q 48 -73.27 6.47 32.33
N THR Q 49 -72.87 7.04 31.20
CA THR Q 49 -73.71 7.09 29.99
C THR Q 49 -73.94 5.64 29.51
N LEU Q 50 -72.96 4.79 29.83
CA LEU Q 50 -72.97 3.35 29.51
C LEU Q 50 -72.24 2.63 30.65
N LYS Q 51 -72.88 1.66 31.28
CA LYS Q 51 -72.27 0.91 32.36
C LYS Q 51 -72.43 -0.59 32.05
N LEU Q 52 -71.31 -1.29 31.95
CA LEU Q 52 -71.26 -2.72 31.64
C LEU Q 52 -69.83 -2.98 31.17
N GLN Q 53 -68.96 -2.04 31.51
CA GLN Q 53 -67.55 -2.07 31.15
C GLN Q 53 -66.77 -3.09 31.92
N ASP Q 54 -65.50 -3.21 31.54
CA ASP Q 54 -64.57 -4.11 32.19
C ASP Q 54 -63.51 -3.23 32.84
N THR Q 55 -63.79 -2.80 34.06
CA THR Q 55 -62.89 -1.94 34.83
C THR Q 55 -61.41 -2.34 34.86
N ARG Q 56 -61.14 -3.65 34.78
CA ARG Q 56 -59.77 -4.16 34.80
C ARG Q 56 -58.89 -3.57 33.70
N ILE Q 57 -59.36 -3.67 32.46
CA ILE Q 57 -58.59 -3.19 31.32
C ILE Q 57 -58.97 -1.83 30.73
N THR Q 58 -60.08 -1.22 31.16
CA THR Q 58 -60.42 0.10 30.62
C THR Q 58 -59.44 1.12 31.21
N PRO Q 59 -58.79 1.90 30.34
CA PRO Q 59 -57.82 2.93 30.75
C PRO Q 59 -58.29 3.81 31.92
N SER Q 60 -57.44 3.94 32.95
CA SER Q 60 -57.75 4.75 34.13
C SER Q 60 -57.41 6.23 33.87
N LYS Q 61 -58.06 7.12 34.61
CA LYS Q 61 -57.86 8.56 34.43
C LYS Q 61 -56.55 9.14 34.94
N VAL Q 62 -56.00 8.58 36.02
CA VAL Q 62 -54.73 9.08 36.54
C VAL Q 62 -53.61 8.27 35.92
N SER Q 63 -52.64 8.96 35.32
CA SER Q 63 -51.51 8.26 34.69
C SER Q 63 -50.17 8.63 35.31
N LYS Q 64 -49.25 7.67 35.30
CA LYS Q 64 -47.91 7.89 35.83
C LYS Q 64 -46.96 8.28 34.70
N ILE Q 65 -46.33 9.45 34.84
CA ILE Q 65 -45.41 9.95 33.85
C ILE Q 65 -44.04 9.34 34.16
N ASP Q 66 -43.76 9.20 35.44
CA ASP Q 66 -42.53 8.59 35.94
C ASP Q 66 -42.93 7.99 37.29
N SER Q 67 -41.98 7.40 38.01
CA SER Q 67 -42.31 6.78 39.28
C SER Q 67 -42.71 7.74 40.40
N HIS Q 68 -42.44 9.03 40.19
CA HIS Q 68 -42.74 10.04 41.21
C HIS Q 68 -43.69 11.14 40.72
N VAL Q 69 -44.25 10.98 39.53
CA VAL Q 69 -45.15 12.01 39.02
C VAL Q 69 -46.36 11.45 38.29
N VAL Q 70 -47.52 12.04 38.58
CA VAL Q 70 -48.75 11.59 37.95
C VAL Q 70 -49.45 12.74 37.23
N LEU Q 71 -50.28 12.37 36.27
CA LEU Q 71 -51.00 13.34 35.48
C LEU Q 71 -52.43 12.87 35.26
N SER Q 72 -53.38 13.72 35.63
CA SER Q 72 -54.80 13.45 35.43
C SER Q 72 -55.27 14.58 34.53
N PHE Q 73 -56.43 14.42 33.91
CA PHE Q 73 -56.91 15.42 32.97
C PHE Q 73 -58.42 15.37 32.76
N SER Q 74 -58.95 16.40 32.10
CA SER Q 74 -60.36 16.48 31.77
C SER Q 74 -60.41 16.91 30.31
N GLY Q 75 -61.21 16.23 29.51
CA GLY Q 75 -61.31 16.60 28.11
C GLY Q 75 -61.37 15.38 27.23
N LEU Q 76 -60.86 15.52 26.00
CA LEU Q 76 -60.85 14.42 25.04
C LEU Q 76 -59.80 13.38 25.45
N ASN Q 77 -60.24 12.14 25.62
CA ASN Q 77 -59.34 11.07 26.02
C ASN Q 77 -58.25 10.85 24.99
N ALA Q 78 -58.66 10.66 23.74
CA ALA Q 78 -57.69 10.45 22.67
C ALA Q 78 -56.57 11.48 22.79
N ASP Q 79 -56.93 12.76 22.86
CA ASP Q 79 -55.94 13.82 22.98
C ASP Q 79 -54.97 13.65 24.16
N SER Q 80 -55.47 13.24 25.31
CA SER Q 80 -54.60 13.09 26.47
C SER Q 80 -53.48 12.07 26.26
N ARG Q 81 -53.80 10.95 25.62
CA ARG Q 81 -52.79 9.92 25.39
C ARG Q 81 -51.54 10.54 24.75
N ILE Q 82 -51.75 11.33 23.70
CA ILE Q 82 -50.66 11.98 23.00
C ILE Q 82 -49.77 12.75 23.97
N LEU Q 83 -50.39 13.51 24.88
CA LEU Q 83 -49.63 14.27 25.86
C LEU Q 83 -48.97 13.37 26.89
N ILE Q 84 -49.68 12.37 27.39
CA ILE Q 84 -49.10 11.46 28.37
C ILE Q 84 -47.82 10.87 27.78
N GLU Q 85 -47.94 10.37 26.56
CA GLU Q 85 -46.81 9.75 25.88
C GLU Q 85 -45.59 10.66 25.83
N LYS Q 86 -45.80 11.87 25.29
CA LYS Q 86 -44.72 12.84 25.18
C LYS Q 86 -44.09 13.13 26.52
N ALA Q 87 -44.94 13.29 27.53
CA ALA Q 87 -44.45 13.58 28.87
C ALA Q 87 -43.56 12.44 29.35
N ARG Q 88 -44.04 11.21 29.18
CA ARG Q 88 -43.30 10.03 29.61
C ARG Q 88 -41.95 9.89 28.92
N VAL Q 89 -41.92 10.24 27.65
CA VAL Q 89 -40.69 10.15 26.89
C VAL Q 89 -39.73 11.23 27.38
N GLU Q 90 -40.24 12.45 27.53
CA GLU Q 90 -39.40 13.54 28.00
C GLU Q 90 -38.85 13.21 29.39
N ALA Q 91 -39.65 12.47 30.16
CA ALA Q 91 -39.26 12.09 31.51
C ALA Q 91 -38.03 11.21 31.48
N GLN Q 92 -38.01 10.24 30.56
CA GLN Q 92 -36.87 9.32 30.43
C GLN Q 92 -35.66 10.03 29.84
N SER Q 93 -35.91 10.88 28.86
CA SER Q 93 -34.85 11.63 28.21
C SER Q 93 -34.12 12.50 29.23
N HIS Q 94 -34.90 13.16 30.09
CA HIS Q 94 -34.35 14.04 31.12
C HIS Q 94 -33.46 13.27 32.09
N ARG Q 95 -33.86 12.04 32.41
CA ARG Q 95 -33.06 11.23 33.32
C ARG Q 95 -31.77 10.88 32.62
N LEU Q 96 -31.91 10.42 31.37
CA LEU Q 96 -30.78 10.02 30.55
C LEU Q 96 -29.69 11.08 30.39
N THR Q 97 -30.10 12.34 30.21
CA THR Q 97 -29.13 13.43 30.03
C THR Q 97 -28.71 14.19 31.28
N LEU Q 98 -29.66 14.49 32.17
CA LEU Q 98 -29.36 15.23 33.39
C LEU Q 98 -28.98 14.32 34.56
N GLU Q 99 -29.21 13.02 34.38
CA GLU Q 99 -28.92 12.03 35.41
C GLU Q 99 -29.66 12.39 36.69
N ASP Q 100 -30.96 12.64 36.53
CA ASP Q 100 -31.83 13.01 37.64
C ASP Q 100 -33.24 13.14 37.08
N PRO Q 101 -34.24 12.53 37.76
CA PRO Q 101 -35.62 12.64 37.26
C PRO Q 101 -36.14 14.07 37.29
N VAL Q 102 -37.10 14.35 36.41
CA VAL Q 102 -37.69 15.67 36.30
C VAL Q 102 -38.40 16.13 37.58
N THR Q 103 -38.52 17.45 37.71
CA THR Q 103 -39.23 18.07 38.83
C THR Q 103 -40.66 18.20 38.31
N VAL Q 104 -41.65 18.28 39.19
CA VAL Q 104 -43.02 18.39 38.72
C VAL Q 104 -43.23 19.66 37.87
N GLU Q 105 -42.57 20.75 38.26
CA GLU Q 105 -42.71 22.00 37.53
C GLU Q 105 -42.16 21.84 36.11
N TYR Q 106 -41.02 21.16 36.00
CA TYR Q 106 -40.38 20.93 34.71
C TYR Q 106 -41.28 20.12 33.79
N LEU Q 107 -41.71 18.97 34.28
CA LEU Q 107 -42.56 18.08 33.50
C LEU Q 107 -43.84 18.84 33.10
N THR Q 108 -44.29 19.70 34.01
CA THR Q 108 -45.50 20.48 33.76
C THR Q 108 -45.23 21.51 32.68
N ARG Q 109 -44.09 22.19 32.80
CA ARG Q 109 -43.68 23.21 31.84
C ARG Q 109 -43.52 22.62 30.45
N TYR Q 110 -43.05 21.38 30.38
CA TYR Q 110 -42.87 20.71 29.09
C TYR Q 110 -44.22 20.42 28.46
N VAL Q 111 -45.12 19.80 29.23
CA VAL Q 111 -46.45 19.45 28.74
C VAL Q 111 -47.17 20.70 28.26
N ALA Q 112 -47.04 21.77 29.03
CA ALA Q 112 -47.67 23.04 28.72
C ALA Q 112 -47.19 23.60 27.38
N GLY Q 113 -45.88 23.51 27.14
CA GLY Q 113 -45.31 24.00 25.89
C GLY Q 113 -45.80 23.24 24.68
N VAL Q 114 -45.96 21.92 24.84
CA VAL Q 114 -46.45 21.09 23.76
C VAL Q 114 -47.83 21.62 23.41
N GLN Q 115 -48.63 21.86 24.45
CA GLN Q 115 -49.98 22.39 24.25
C GLN Q 115 -49.93 23.75 23.57
N GLN Q 116 -49.12 24.64 24.13
CA GLN Q 116 -48.99 25.98 23.58
C GLN Q 116 -48.65 25.89 22.10
N ARG Q 117 -47.69 25.04 21.77
CA ARG Q 117 -47.22 24.84 20.38
C ARG Q 117 -48.36 24.46 19.43
N TYR Q 118 -49.28 23.61 19.88
CA TYR Q 118 -50.40 23.21 19.03
C TYR Q 118 -51.41 24.34 18.81
N THR Q 119 -51.21 25.47 19.49
CA THR Q 119 -52.12 26.58 19.31
C THR Q 119 -51.62 27.55 18.25
N GLN Q 120 -50.36 27.45 17.85
CA GLN Q 120 -49.90 28.34 16.79
C GLN Q 120 -49.00 27.71 15.73
N SER Q 121 -49.41 26.52 15.32
CA SER Q 121 -48.77 25.72 14.28
C SER Q 121 -49.83 25.47 13.24
N GLY Q 122 -49.45 25.40 11.97
CA GLY Q 122 -50.45 25.17 10.95
C GLY Q 122 -50.98 23.75 10.84
N GLY Q 123 -52.19 23.61 10.29
CA GLY Q 123 -52.77 22.30 10.10
C GLY Q 123 -53.05 21.46 11.35
N VAL Q 124 -53.01 22.06 12.53
CA VAL Q 124 -53.31 21.30 13.75
C VAL Q 124 -54.23 22.09 14.67
N ARG Q 125 -55.12 21.38 15.36
CA ARG Q 125 -56.03 22.03 16.30
C ARG Q 125 -55.43 21.83 17.68
N PRO Q 126 -55.83 22.66 18.65
CA PRO Q 126 -55.33 22.56 20.02
C PRO Q 126 -55.78 21.27 20.71
N PHE Q 127 -55.16 20.97 21.84
CA PHE Q 127 -55.53 19.79 22.61
C PHE Q 127 -56.75 20.13 23.42
N GLY Q 128 -57.83 19.38 23.24
CA GLY Q 128 -59.03 19.64 24.03
C GLY Q 128 -58.80 18.97 25.37
N VAL Q 129 -57.74 19.39 26.08
CA VAL Q 129 -57.39 18.80 27.36
C VAL Q 129 -56.78 19.78 28.35
N SER Q 130 -57.09 19.59 29.64
CA SER Q 130 -56.50 20.39 30.71
C SER Q 130 -55.98 19.33 31.65
N THR Q 131 -54.83 19.59 32.27
CA THR Q 131 -54.26 18.58 33.16
C THR Q 131 -53.92 19.08 34.54
N LEU Q 132 -53.72 18.11 35.42
CA LEU Q 132 -53.32 18.32 36.80
C LEU Q 132 -52.14 17.39 36.91
N ILE Q 133 -50.97 17.96 37.11
CA ILE Q 133 -49.76 17.16 37.23
C ILE Q 133 -49.27 17.33 38.66
N ALA Q 134 -49.04 16.21 39.34
CA ALA Q 134 -48.57 16.27 40.73
C ALA Q 134 -47.56 15.21 41.10
N GLY Q 135 -46.82 15.48 42.16
CA GLY Q 135 -45.82 14.55 42.62
C GLY Q 135 -44.82 15.25 43.52
N PHE Q 136 -43.68 14.61 43.74
CA PHE Q 136 -42.63 15.17 44.58
C PHE Q 136 -41.31 15.25 43.83
N ASP Q 137 -40.71 16.44 43.82
CA ASP Q 137 -39.43 16.63 43.16
C ASP Q 137 -38.46 15.63 43.76
N PRO Q 138 -37.41 15.25 43.00
CA PRO Q 138 -36.43 14.29 43.50
C PRO Q 138 -35.79 14.72 44.83
N ARG Q 139 -35.77 13.79 45.78
CA ARG Q 139 -35.18 14.05 47.09
C ARG Q 139 -35.84 15.23 47.83
N ASP Q 140 -37.13 15.46 47.55
CA ASP Q 140 -37.88 16.53 48.20
C ASP Q 140 -39.14 15.92 48.78
N ASP Q 141 -39.73 16.59 49.77
CA ASP Q 141 -40.94 16.09 50.42
C ASP Q 141 -42.11 17.07 50.34
N GLU Q 142 -41.82 18.29 49.87
CA GLU Q 142 -42.84 19.30 49.73
C GLU Q 142 -43.68 18.93 48.49
N PRO Q 143 -44.97 18.62 48.68
CA PRO Q 143 -45.84 18.26 47.57
C PRO Q 143 -46.01 19.34 46.51
N LYS Q 144 -46.21 18.89 45.27
CA LYS Q 144 -46.38 19.79 44.12
C LYS Q 144 -47.67 19.47 43.36
N LEU Q 145 -48.41 20.51 42.99
CA LEU Q 145 -49.64 20.35 42.23
C LEU Q 145 -49.71 21.48 41.19
N TYR Q 146 -49.83 21.09 39.92
CA TYR Q 146 -49.89 22.05 38.83
C TYR Q 146 -51.06 21.72 37.93
N GLN Q 147 -51.44 22.69 37.10
CA GLN Q 147 -52.54 22.51 36.17
C GLN Q 147 -52.21 23.21 34.87
N THR Q 148 -52.59 22.59 33.76
CA THR Q 148 -52.36 23.17 32.45
C THR Q 148 -53.68 23.21 31.69
N GLU Q 149 -53.70 24.01 30.63
CA GLU Q 149 -54.88 24.13 29.79
C GLU Q 149 -54.53 24.34 28.32
N PRO Q 150 -55.48 24.08 27.43
CA PRO Q 150 -55.25 24.23 25.99
C PRO Q 150 -54.37 25.42 25.58
N SER Q 151 -54.57 26.58 26.20
CA SER Q 151 -53.80 27.76 25.84
C SER Q 151 -52.29 27.57 25.99
N GLY Q 152 -51.88 26.73 26.93
CA GLY Q 152 -50.47 26.50 27.16
C GLY Q 152 -50.05 27.15 28.47
N ILE Q 153 -51.01 27.75 29.15
CA ILE Q 153 -50.77 28.40 30.43
C ILE Q 153 -50.66 27.31 31.50
N TYR Q 154 -49.93 27.59 32.57
CA TYR Q 154 -49.83 26.60 33.65
C TYR Q 154 -49.41 27.30 34.94
N SER Q 155 -49.82 26.72 36.06
CA SER Q 155 -49.52 27.27 37.39
C SER Q 155 -49.77 26.22 38.49
N SER Q 156 -49.33 26.53 39.71
CA SER Q 156 -49.53 25.61 40.82
C SER Q 156 -50.70 26.00 41.70
N TRP Q 157 -51.36 25.00 42.26
CA TRP Q 157 -52.52 25.20 43.10
C TRP Q 157 -52.40 24.44 44.40
N SER Q 158 -53.01 24.99 45.46
CA SER Q 158 -53.03 24.34 46.76
C SER Q 158 -54.02 23.22 46.56
N ALA Q 159 -54.98 23.49 45.68
CA ALA Q 159 -56.02 22.54 45.32
C ALA Q 159 -56.68 23.11 44.07
N GLN Q 160 -57.17 22.24 43.20
CA GLN Q 160 -57.79 22.69 41.98
C GLN Q 160 -58.63 21.59 41.36
N THR Q 161 -59.47 21.97 40.42
CA THR Q 161 -60.32 21.01 39.76
C THR Q 161 -60.58 21.49 38.34
N ILE Q 162 -60.90 20.55 37.46
CA ILE Q 162 -61.18 20.84 36.06
C ILE Q 162 -62.26 19.87 35.61
N GLY Q 163 -62.90 20.16 34.49
CA GLY Q 163 -63.95 19.29 34.01
C GLY Q 163 -65.33 19.83 34.33
N ARG Q 164 -66.36 19.05 33.99
CA ARG Q 164 -67.73 19.48 34.24
C ARG Q 164 -67.98 19.67 35.73
N ASN Q 165 -68.68 20.76 36.04
CA ASN Q 165 -69.02 21.09 37.42
C ASN Q 165 -67.80 21.43 38.26
N SER Q 166 -66.67 21.68 37.60
CA SER Q 166 -65.47 22.03 38.33
C SER Q 166 -65.79 23.34 39.05
N LYS Q 167 -66.70 24.12 38.45
CA LYS Q 167 -67.14 25.41 38.98
C LYS Q 167 -67.57 25.20 40.43
N THR Q 168 -68.56 24.33 40.59
CA THR Q 168 -69.14 23.96 41.88
C THR Q 168 -68.08 23.53 42.88
N VAL Q 169 -67.40 22.43 42.56
CA VAL Q 169 -66.37 21.88 43.42
C VAL Q 169 -65.20 22.81 43.74
N ARG Q 170 -64.98 23.82 42.90
CA ARG Q 170 -63.89 24.75 43.19
C ARG Q 170 -64.32 25.57 44.40
N GLU Q 171 -65.57 26.00 44.39
CA GLU Q 171 -66.15 26.79 45.48
C GLU Q 171 -65.96 26.03 46.78
N PHE Q 172 -66.38 24.77 46.77
CA PHE Q 172 -66.25 23.91 47.93
C PHE Q 172 -64.84 24.04 48.49
N LEU Q 173 -63.85 23.78 47.62
CA LEU Q 173 -62.45 23.85 48.00
C LEU Q 173 -61.99 25.24 48.43
N GLU Q 174 -62.56 26.27 47.83
CA GLU Q 174 -62.17 27.63 48.19
C GLU Q 174 -62.56 27.95 49.63
N LYS Q 175 -63.68 27.39 50.04
CA LYS Q 175 -64.19 27.60 51.39
C LYS Q 175 -64.10 26.31 52.23
N ASN Q 176 -63.07 25.52 51.97
CA ASN Q 176 -62.88 24.26 52.69
C ASN Q 176 -61.39 23.94 52.82
N TYR Q 177 -60.56 24.75 52.15
CA TYR Q 177 -59.13 24.54 52.19
C TYR Q 177 -58.44 25.73 52.81
N ASP Q 178 -57.80 25.48 53.95
CA ASP Q 178 -57.08 26.51 54.67
C ASP Q 178 -55.60 26.31 54.41
N ARG Q 179 -54.99 27.27 53.70
CA ARG Q 179 -53.56 27.17 53.42
C ARG Q 179 -52.77 27.19 54.72
N LYS Q 180 -53.34 27.81 55.74
CA LYS Q 180 -52.71 27.88 57.05
C LYS Q 180 -52.47 26.44 57.54
N GLU Q 181 -53.54 25.64 57.53
CA GLU Q 181 -53.46 24.25 57.96
C GLU Q 181 -53.99 23.28 56.91
N PRO Q 182 -53.10 22.82 56.00
CA PRO Q 182 -53.48 21.89 54.94
C PRO Q 182 -53.67 20.50 55.54
N PRO Q 183 -54.51 19.66 54.90
CA PRO Q 183 -54.77 18.30 55.38
C PRO Q 183 -53.48 17.61 55.85
N ALA Q 184 -53.12 17.82 57.11
CA ALA Q 184 -51.92 17.26 57.69
C ALA Q 184 -51.81 15.73 57.61
N THR Q 185 -52.80 15.08 57.04
CA THR Q 185 -52.77 13.62 56.91
C THR Q 185 -53.20 13.16 55.53
N VAL Q 186 -52.78 11.95 55.19
CA VAL Q 186 -53.14 11.35 53.93
C VAL Q 186 -54.65 11.09 54.00
N GLU Q 187 -55.10 10.65 55.16
CA GLU Q 187 -56.51 10.33 55.39
C GLU Q 187 -57.42 11.54 55.27
N GLU Q 188 -57.14 12.59 56.04
CA GLU Q 188 -57.98 13.78 55.97
C GLU Q 188 -57.82 14.52 54.65
N CYS Q 189 -56.74 14.20 53.94
CA CYS Q 189 -56.50 14.81 52.63
C CYS Q 189 -57.36 14.08 51.62
N VAL Q 190 -57.46 12.75 51.76
CA VAL Q 190 -58.27 11.96 50.85
C VAL Q 190 -59.76 12.22 51.10
N LYS Q 191 -60.10 12.51 52.34
CA LYS Q 191 -61.49 12.79 52.69
C LYS Q 191 -61.92 14.11 52.03
N LEU Q 192 -61.13 15.15 52.26
CA LEU Q 192 -61.42 16.45 51.68
C LEU Q 192 -61.63 16.31 50.18
N THR Q 193 -60.92 15.35 49.57
CA THR Q 193 -61.00 15.11 48.13
C THR Q 193 -62.32 14.47 47.70
N VAL Q 194 -62.77 13.47 48.43
CA VAL Q 194 -64.02 12.80 48.11
C VAL Q 194 -65.18 13.75 48.38
N ARG Q 195 -65.18 14.37 49.56
CA ARG Q 195 -66.23 15.32 49.93
C ARG Q 195 -66.50 16.25 48.75
N SER Q 196 -65.43 16.84 48.22
CA SER Q 196 -65.53 17.77 47.09
C SER Q 196 -66.11 17.11 45.83
N LEU Q 197 -65.81 15.83 45.63
CA LEU Q 197 -66.33 15.12 44.46
C LEU Q 197 -67.80 14.78 44.61
N LEU Q 198 -68.21 14.45 45.84
CA LEU Q 198 -69.59 14.11 46.12
C LEU Q 198 -70.50 15.28 45.77
N GLU Q 199 -69.97 16.49 45.91
CA GLU Q 199 -70.72 17.69 45.58
C GLU Q 199 -71.26 17.56 44.15
N VAL Q 200 -70.54 16.81 43.32
CA VAL Q 200 -70.92 16.66 41.92
C VAL Q 200 -71.23 15.24 41.45
N VAL Q 201 -70.51 14.25 41.98
CA VAL Q 201 -70.71 12.86 41.56
C VAL Q 201 -72.12 12.30 41.85
N GLN Q 202 -72.79 12.89 42.85
CA GLN Q 202 -74.13 12.46 43.22
C GLN Q 202 -74.11 10.94 43.46
N THR Q 203 -73.71 10.55 44.68
CA THR Q 203 -73.60 9.15 45.08
C THR Q 203 -73.03 8.29 43.96
N GLY Q 204 -71.71 8.10 44.01
CA GLY Q 204 -71.05 7.31 43.00
C GLY Q 204 -69.85 6.57 43.56
N ALA Q 205 -70.12 5.55 44.38
CA ALA Q 205 -69.04 4.76 44.96
C ALA Q 205 -68.13 4.27 43.83
N LYS Q 206 -68.75 3.72 42.78
CA LYS Q 206 -68.01 3.23 41.62
C LYS Q 206 -67.75 4.35 40.62
N ASN Q 207 -68.25 5.54 40.93
CA ASN Q 207 -68.08 6.70 40.05
C ASN Q 207 -67.03 7.67 40.62
N ILE Q 208 -66.14 7.15 41.45
CA ILE Q 208 -65.09 7.96 42.07
C ILE Q 208 -63.84 7.14 42.31
N GLU Q 209 -62.72 7.61 41.79
CA GLU Q 209 -61.44 6.93 41.99
C GLU Q 209 -60.42 7.93 42.52
N ILE Q 210 -59.72 7.53 43.57
CA ILE Q 210 -58.71 8.38 44.18
C ILE Q 210 -57.34 7.71 44.09
N THR Q 211 -56.30 8.53 43.96
CA THR Q 211 -54.93 8.06 43.90
C THR Q 211 -54.14 8.91 44.89
N VAL Q 212 -53.25 8.27 45.64
CA VAL Q 212 -52.45 9.00 46.63
C VAL Q 212 -50.98 8.92 46.35
N VAL Q 213 -50.36 10.10 46.25
CA VAL Q 213 -48.93 10.18 45.97
C VAL Q 213 -48.17 10.76 47.16
N LYS Q 214 -47.22 9.97 47.66
CA LYS Q 214 -46.37 10.35 48.79
C LYS Q 214 -44.94 10.49 48.27
N PRO Q 215 -44.04 11.11 49.07
CA PRO Q 215 -42.64 11.29 48.64
C PRO Q 215 -41.94 9.99 48.27
N ASP Q 216 -40.85 10.11 47.50
CA ASP Q 216 -40.06 8.97 47.06
C ASP Q 216 -40.85 7.91 46.30
N SER Q 217 -41.34 8.31 45.13
CA SER Q 217 -42.08 7.43 44.24
C SER Q 217 -43.08 6.50 44.91
N ASP Q 218 -43.74 6.97 45.96
CA ASP Q 218 -44.73 6.16 46.65
C ASP Q 218 -46.11 6.53 46.13
N ILE Q 219 -46.57 5.80 45.12
CA ILE Q 219 -47.88 6.07 44.53
C ILE Q 219 -48.77 4.85 44.64
N VAL Q 220 -50.05 5.08 44.94
CA VAL Q 220 -51.02 4.00 45.08
C VAL Q 220 -52.46 4.49 44.89
N ALA Q 221 -53.27 3.67 44.24
CA ALA Q 221 -54.68 4.00 44.01
C ALA Q 221 -55.55 3.21 44.99
N LEU Q 222 -56.65 3.83 45.44
CA LEU Q 222 -57.55 3.18 46.38
C LEU Q 222 -58.59 2.36 45.65
N SER Q 223 -59.02 1.27 46.30
CA SER Q 223 -60.03 0.39 45.72
C SER Q 223 -61.42 0.84 46.16
N SER Q 224 -62.42 0.47 45.38
CA SER Q 224 -63.81 0.82 45.65
C SER Q 224 -64.12 0.93 47.14
N GLU Q 225 -63.83 -0.13 47.89
CA GLU Q 225 -64.09 -0.19 49.33
C GLU Q 225 -63.46 0.97 50.09
N GLU Q 226 -62.14 1.04 50.03
CA GLU Q 226 -61.39 2.10 50.70
C GLU Q 226 -62.02 3.47 50.47
N ILE Q 227 -62.47 3.70 49.25
CA ILE Q 227 -63.12 4.95 48.90
C ILE Q 227 -64.51 4.97 49.51
N ASN Q 228 -65.26 3.89 49.24
CA ASN Q 228 -66.62 3.73 49.73
C ASN Q 228 -66.68 3.97 51.24
N GLN Q 229 -65.59 3.65 51.93
CA GLN Q 229 -65.51 3.84 53.37
C GLN Q 229 -65.47 5.32 53.70
N TYR Q 230 -64.84 6.09 52.81
CA TYR Q 230 -64.76 7.53 53.00
C TYR Q 230 -66.13 8.15 52.74
N VAL Q 231 -66.84 7.62 51.74
CA VAL Q 231 -68.16 8.10 51.37
C VAL Q 231 -69.11 7.87 52.56
N THR Q 232 -69.09 6.64 53.08
CA THR Q 232 -69.92 6.23 54.21
C THR Q 232 -69.77 7.16 55.41
N GLN Q 233 -68.54 7.31 55.89
CA GLN Q 233 -68.29 8.16 57.04
C GLN Q 233 -68.71 9.61 56.81
N ILE Q 234 -68.53 10.08 55.58
CA ILE Q 234 -68.89 11.45 55.22
C ILE Q 234 -70.39 11.70 55.23
N GLU Q 235 -71.17 10.77 54.70
CA GLU Q 235 -72.62 10.93 54.67
C GLU Q 235 -73.17 11.01 56.10
N GLN Q 236 -72.42 10.43 57.03
CA GLN Q 236 -72.81 10.45 58.43
C GLN Q 236 -72.53 11.82 59.04
N GLU Q 237 -71.49 12.48 58.55
CA GLU Q 237 -71.13 13.82 59.05
C GLU Q 237 -72.35 14.72 58.80
N LYS Q 238 -73.04 14.46 57.69
CA LYS Q 238 -74.23 15.21 57.29
C LYS Q 238 -75.44 14.85 58.15
N GLN Q 239 -75.77 13.55 58.20
CA GLN Q 239 -76.91 13.06 58.96
C GLN Q 239 -76.82 13.33 60.45
N GLU Q 240 -75.59 13.39 60.98
CA GLU Q 240 -75.39 13.66 62.41
C GLU Q 240 -75.56 15.16 62.64
N GLN Q 241 -76.62 15.72 62.04
CA GLN Q 241 -76.90 17.14 62.16
C GLN Q 241 -78.26 17.50 61.53
N ASP R 1 -61.93 31.36 3.46
CA ASP R 1 -61.90 32.44 4.49
C ASP R 1 -61.09 33.66 3.98
N ARG R 2 -59.97 33.96 4.64
CA ARG R 2 -59.14 35.11 4.24
C ARG R 2 -57.72 35.01 4.82
N GLY R 3 -56.72 35.13 3.94
CA GLY R 3 -55.32 35.04 4.33
C GLY R 3 -54.94 35.54 5.71
N VAL R 4 -54.19 34.73 6.45
CA VAL R 4 -53.77 35.12 7.79
C VAL R 4 -52.80 36.29 7.76
N SER R 5 -52.31 36.63 6.58
CA SER R 5 -51.39 37.73 6.43
C SER R 5 -51.94 38.73 5.40
N THR R 6 -53.24 39.00 5.51
CA THR R 6 -53.93 39.91 4.61
C THR R 6 -53.89 41.35 5.10
N PHE R 7 -54.07 42.29 4.18
CA PHE R 7 -54.08 43.72 4.51
C PHE R 7 -55.51 44.26 4.52
N SER R 8 -55.81 45.06 5.54
CA SER R 8 -57.12 45.69 5.62
C SER R 8 -57.03 46.82 4.60
N PRO R 9 -58.17 47.38 4.17
CA PRO R 9 -58.08 48.46 3.19
C PRO R 9 -57.37 49.71 3.73
N GLU R 10 -57.24 49.77 5.06
CA GLU R 10 -56.57 50.90 5.71
C GLU R 10 -55.07 50.69 5.84
N GLY R 11 -54.56 49.65 5.19
CA GLY R 11 -53.13 49.37 5.23
C GLY R 11 -52.63 48.70 6.50
N ARG R 12 -53.47 47.92 7.15
CA ARG R 12 -53.05 47.21 8.36
C ARG R 12 -53.24 45.70 8.21
N LEU R 13 -52.51 44.96 9.02
CA LEU R 13 -52.60 43.50 9.00
C LEU R 13 -53.60 43.04 10.06
N PHE R 14 -54.75 42.56 9.62
CA PHE R 14 -55.78 42.10 10.52
C PHE R 14 -55.25 41.30 11.71
N GLN R 15 -54.59 40.20 11.44
CA GLN R 15 -54.06 39.35 12.49
C GLN R 15 -53.24 40.10 13.53
N VAL R 16 -52.42 41.06 13.07
CA VAL R 16 -51.60 41.80 14.02
C VAL R 16 -52.48 42.70 14.88
N GLU R 17 -53.47 43.33 14.25
CA GLU R 17 -54.39 44.21 14.96
C GLU R 17 -55.21 43.41 15.96
N TYR R 18 -55.85 42.35 15.50
CA TYR R 18 -56.65 41.51 16.39
C TYR R 18 -55.76 41.02 17.51
N SER R 19 -54.48 40.85 17.20
CA SER R 19 -53.51 40.39 18.18
C SER R 19 -53.42 41.40 19.32
N LEU R 20 -53.36 42.67 18.94
CA LEU R 20 -53.29 43.76 19.90
C LEU R 20 -54.51 43.80 20.83
N GLU R 21 -55.68 43.47 20.30
CA GLU R 21 -56.89 43.47 21.12
C GLU R 21 -56.73 42.50 22.27
N ALA R 22 -56.11 41.37 21.98
CA ALA R 22 -55.87 40.35 22.98
C ALA R 22 -54.96 40.88 24.10
N ILE R 23 -53.94 41.61 23.69
CA ILE R 23 -52.98 42.17 24.63
C ILE R 23 -53.63 43.19 25.57
N LYS R 24 -54.66 43.87 25.09
CA LYS R 24 -55.38 44.84 25.90
C LYS R 24 -56.05 44.15 27.09
N LEU R 25 -56.49 42.92 26.86
CA LEU R 25 -57.15 42.14 27.91
C LEU R 25 -56.13 41.57 28.89
N GLY R 26 -54.84 41.82 28.63
CA GLY R 26 -53.81 41.29 29.50
C GLY R 26 -53.59 42.03 30.81
N SER R 27 -52.81 41.42 31.70
CA SER R 27 -52.50 42.00 32.99
C SER R 27 -51.56 43.18 32.78
N THR R 28 -51.72 44.21 33.58
CA THR R 28 -50.89 45.39 33.44
C THR R 28 -49.40 45.12 33.73
N ALA R 29 -48.56 45.82 32.97
CA ALA R 29 -47.10 45.72 33.09
C ALA R 29 -46.56 47.14 32.88
N ILE R 30 -45.68 47.59 33.78
CA ILE R 30 -45.14 48.95 33.67
C ILE R 30 -43.64 49.00 33.81
N GLY R 31 -43.02 49.87 33.02
CA GLY R 31 -41.57 50.02 33.07
C GLY R 31 -41.17 51.47 33.13
N ILE R 32 -40.24 51.77 34.04
CA ILE R 32 -39.72 53.14 34.20
C ILE R 32 -38.20 53.05 34.09
N ALA R 33 -37.63 53.87 33.22
CA ALA R 33 -36.18 53.91 33.04
C ALA R 33 -35.61 55.19 33.64
N THR R 34 -34.61 55.05 34.52
CA THR R 34 -33.97 56.19 35.16
C THR R 34 -32.46 56.08 35.01
N LYS R 35 -31.71 57.10 35.39
CA LYS R 35 -30.26 57.05 35.27
C LYS R 35 -29.64 56.20 36.37
N GLU R 36 -30.49 55.52 37.14
CA GLU R 36 -30.05 54.65 38.23
C GLU R 36 -30.55 53.24 38.00
N GLY R 37 -31.16 53.03 36.82
CA GLY R 37 -31.68 51.71 36.49
C GLY R 37 -33.07 51.76 35.87
N VAL R 38 -33.59 50.60 35.52
CA VAL R 38 -34.92 50.52 34.95
C VAL R 38 -35.74 49.66 35.89
N VAL R 39 -37.00 50.03 36.11
CA VAL R 39 -37.88 49.29 37.01
C VAL R 39 -39.00 48.63 36.22
N LEU R 40 -39.30 47.39 36.56
CA LEU R 40 -40.34 46.65 35.88
C LEU R 40 -41.29 46.08 36.92
N GLY R 41 -42.58 46.34 36.74
CA GLY R 41 -43.55 45.83 37.69
C GLY R 41 -44.73 45.27 36.93
N VAL R 42 -45.36 44.23 37.48
CA VAL R 42 -46.50 43.62 36.83
C VAL R 42 -47.59 43.21 37.80
N GLU R 43 -48.81 43.12 37.29
CA GLU R 43 -49.98 42.72 38.07
C GLU R 43 -50.11 41.20 37.97
N LYS R 44 -49.87 40.48 39.06
CA LYS R 44 -49.98 39.02 39.04
C LYS R 44 -51.34 38.61 38.49
N ARG R 45 -52.40 39.10 39.14
CA ARG R 45 -53.78 38.82 38.75
C ARG R 45 -54.16 37.33 38.82
N ALA R 46 -54.03 36.73 40.00
CA ALA R 46 -54.39 35.32 40.18
C ALA R 46 -55.91 35.20 39.96
N THR R 47 -56.36 34.13 39.31
CA THR R 47 -57.78 33.95 39.03
C THR R 47 -58.58 33.24 40.13
N SER R 48 -57.90 32.84 41.19
CA SER R 48 -58.57 32.15 42.29
C SER R 48 -57.65 32.17 43.52
N PRO R 49 -58.25 32.25 44.71
CA PRO R 49 -57.47 32.28 45.96
C PRO R 49 -56.63 31.02 46.19
N LEU R 50 -56.99 29.93 45.50
CA LEU R 50 -56.27 28.66 45.61
C LEU R 50 -54.97 28.62 44.80
N LEU R 51 -54.91 29.46 43.77
CA LEU R 51 -53.74 29.56 42.91
C LEU R 51 -52.59 30.18 43.72
N GLU R 52 -51.46 29.49 43.77
CA GLU R 52 -50.29 29.96 44.51
C GLU R 52 -49.60 31.10 43.79
N SER R 53 -50.07 32.31 44.06
CA SER R 53 -49.60 33.56 43.47
C SER R 53 -48.14 33.71 43.02
N ASP R 54 -47.20 33.02 43.68
CA ASP R 54 -45.80 33.16 43.26
C ASP R 54 -45.36 32.19 42.16
N SER R 55 -46.31 31.41 41.65
CA SER R 55 -46.02 30.49 40.56
C SER R 55 -46.33 31.26 39.27
N ILE R 56 -46.78 32.50 39.43
CA ILE R 56 -47.10 33.37 38.30
C ILE R 56 -45.82 34.12 37.98
N GLU R 57 -45.24 33.80 36.82
CA GLU R 57 -43.98 34.39 36.38
C GLU R 57 -44.19 35.30 35.17
N LYS R 58 -44.45 36.58 35.41
CA LYS R 58 -44.66 37.52 34.31
C LYS R 58 -43.48 38.45 34.10
N ILE R 59 -42.43 38.23 34.89
CA ILE R 59 -41.19 39.00 34.79
C ILE R 59 -40.05 37.96 34.74
N VAL R 60 -39.28 37.96 33.66
CA VAL R 60 -38.21 36.98 33.51
C VAL R 60 -36.88 37.61 33.12
N GLU R 61 -35.81 36.89 33.41
CA GLU R 61 -34.44 37.33 33.11
C GLU R 61 -33.92 36.80 31.78
N ILE R 62 -33.59 37.71 30.86
CA ILE R 62 -33.03 37.32 29.56
C ILE R 62 -31.54 37.04 29.81
N ASP R 63 -30.84 37.99 30.41
CA ASP R 63 -29.45 37.82 30.75
C ASP R 63 -29.22 38.65 32.01
N ARG R 64 -28.00 38.67 32.55
CA ARG R 64 -27.78 39.44 33.77
C ARG R 64 -27.96 40.94 33.60
N HIS R 65 -27.96 41.43 32.36
CA HIS R 65 -28.13 42.86 32.13
C HIS R 65 -29.42 43.14 31.35
N ILE R 66 -30.26 42.13 31.20
CA ILE R 66 -31.51 42.28 30.49
C ILE R 66 -32.60 41.44 31.14
N GLY R 67 -33.76 42.06 31.37
CA GLY R 67 -34.89 41.38 31.97
C GLY R 67 -36.10 41.85 31.20
N CYS R 68 -37.23 41.16 31.34
CA CYS R 68 -38.40 41.62 30.61
C CYS R 68 -39.72 41.25 31.29
N ALA R 69 -40.77 42.01 30.94
CA ALA R 69 -42.10 41.81 31.47
C ALA R 69 -43.03 41.60 30.29
N MET R 70 -44.05 40.77 30.50
CA MET R 70 -45.01 40.43 29.45
C MET R 70 -46.46 40.74 29.80
N SER R 71 -47.29 40.85 28.77
CA SER R 71 -48.70 41.12 28.95
C SER R 71 -49.52 40.56 27.78
N GLY R 72 -50.59 39.85 28.11
CA GLY R 72 -51.44 39.25 27.09
C GLY R 72 -51.34 37.74 27.23
N LEU R 73 -51.42 37.01 26.12
CA LEU R 73 -51.33 35.56 26.14
C LEU R 73 -49.88 35.18 26.55
N THR R 74 -49.64 35.09 27.86
CA THR R 74 -48.32 34.80 28.39
C THR R 74 -47.67 33.48 27.95
N ALA R 75 -48.47 32.51 27.54
CA ALA R 75 -47.96 31.21 27.10
C ALA R 75 -47.14 31.42 25.82
N ASP R 76 -47.58 32.37 25.00
CA ASP R 76 -46.91 32.71 23.74
C ASP R 76 -45.52 33.29 23.97
N ALA R 77 -45.30 33.85 25.16
CA ALA R 77 -44.02 34.46 25.46
C ALA R 77 -42.88 33.50 25.79
N ARG R 78 -43.17 32.23 26.05
CA ARG R 78 -42.10 31.30 26.39
C ARG R 78 -41.05 31.16 25.30
N SER R 79 -41.49 30.87 24.07
CA SER R 79 -40.57 30.70 22.95
C SER R 79 -39.83 32.02 22.65
N MET R 80 -40.48 33.13 22.96
CA MET R 80 -39.87 34.43 22.73
C MET R 80 -38.71 34.60 23.71
N ILE R 81 -38.96 34.30 24.98
CA ILE R 81 -37.95 34.42 26.01
C ILE R 81 -36.79 33.49 25.69
N GLU R 82 -37.15 32.26 25.34
CA GLU R 82 -36.16 31.25 24.99
C GLU R 82 -35.28 31.80 23.88
N HIS R 83 -35.90 32.24 22.81
CA HIS R 83 -35.14 32.80 21.70
C HIS R 83 -34.24 33.91 22.21
N ALA R 84 -34.79 34.78 23.04
CA ALA R 84 -34.04 35.90 23.59
C ALA R 84 -32.83 35.44 24.38
N ARG R 85 -33.03 34.54 25.34
CA ARG R 85 -31.95 34.05 26.16
C ARG R 85 -30.84 33.46 25.31
N THR R 86 -31.22 32.60 24.38
CA THR R 86 -30.25 31.98 23.48
C THR R 86 -29.45 33.04 22.74
N ALA R 87 -30.16 33.99 22.13
CA ALA R 87 -29.53 35.07 21.38
C ALA R 87 -28.49 35.80 22.25
N ALA R 88 -28.83 36.02 23.51
CA ALA R 88 -27.93 36.71 24.43
C ALA R 88 -26.68 35.86 24.67
N VAL R 89 -26.88 34.62 25.11
CA VAL R 89 -25.76 33.73 25.36
C VAL R 89 -24.94 33.53 24.09
N THR R 90 -25.62 33.23 22.98
CA THR R 90 -24.90 33.01 21.73
C THR R 90 -24.01 34.19 21.39
N HIS R 91 -24.56 35.39 21.50
CA HIS R 91 -23.77 36.59 21.20
C HIS R 91 -22.51 36.61 22.06
N ASN R 92 -22.67 36.26 23.32
CA ASN R 92 -21.55 36.25 24.21
C ASN R 92 -20.49 35.23 23.79
N LEU R 93 -20.93 34.05 23.36
CA LEU R 93 -20.00 33.00 22.93
C LEU R 93 -19.19 33.45 21.70
N TYR R 94 -19.87 34.02 20.72
CA TYR R 94 -19.22 34.49 19.51
C TYR R 94 -18.35 35.72 19.72
N TYR R 95 -18.75 36.62 20.61
CA TYR R 95 -17.98 37.85 20.80
C TYR R 95 -17.34 38.17 22.13
N ASP R 96 -17.52 37.31 23.13
CA ASP R 96 -16.92 37.55 24.43
C ASP R 96 -17.37 38.91 24.96
N GLU R 97 -18.68 39.12 25.02
CA GLU R 97 -19.21 40.40 25.49
C GLU R 97 -20.74 40.31 25.60
N ASP R 98 -21.33 41.34 26.19
CA ASP R 98 -22.78 41.42 26.37
C ASP R 98 -23.50 41.92 25.14
N ILE R 99 -24.64 41.30 24.86
CA ILE R 99 -25.47 41.68 23.74
C ILE R 99 -26.12 43.05 24.07
N ASN R 100 -26.04 43.99 23.14
CA ASN R 100 -26.64 45.30 23.36
C ASN R 100 -28.15 45.17 23.50
N VAL R 101 -28.73 45.87 24.48
CA VAL R 101 -30.16 45.80 24.73
C VAL R 101 -31.03 46.00 23.48
N GLU R 102 -30.62 46.89 22.61
CA GLU R 102 -31.38 47.16 21.39
C GLU R 102 -31.29 45.97 20.44
N SER R 103 -30.08 45.43 20.28
CA SER R 103 -29.82 44.28 19.42
C SER R 103 -30.67 43.09 19.86
N LEU R 104 -30.66 42.80 21.16
CA LEU R 104 -31.44 41.71 21.70
C LEU R 104 -32.91 41.90 21.33
N THR R 105 -33.40 43.12 21.54
CA THR R 105 -34.79 43.43 21.24
C THR R 105 -35.07 43.26 19.76
N GLN R 106 -34.18 43.77 18.92
CA GLN R 106 -34.32 43.66 17.47
C GLN R 106 -34.43 42.19 17.07
N SER R 107 -33.66 41.34 17.74
CA SER R 107 -33.66 39.91 17.47
C SER R 107 -35.00 39.26 17.80
N VAL R 108 -35.58 39.64 18.93
CA VAL R 108 -36.87 39.10 19.34
C VAL R 108 -37.95 39.53 18.35
N CYS R 109 -37.92 40.80 17.97
CA CYS R 109 -38.90 41.32 17.04
C CYS R 109 -38.80 40.69 15.66
N ASP R 110 -37.67 40.06 15.38
CA ASP R 110 -37.50 39.42 14.09
C ASP R 110 -38.42 38.21 13.93
N LEU R 111 -38.88 37.63 15.05
CA LEU R 111 -39.78 36.48 15.01
C LEU R 111 -41.20 36.93 14.73
N ALA R 112 -41.52 38.14 15.16
CA ALA R 112 -42.84 38.73 15.03
C ALA R 112 -43.69 38.41 13.80
N LEU R 113 -43.23 38.86 12.64
CA LEU R 113 -44.00 38.64 11.41
C LEU R 113 -43.81 37.29 10.70
N ARG R 114 -43.02 36.41 11.31
CA ARG R 114 -42.79 35.10 10.73
C ARG R 114 -44.02 34.20 10.87
N PHE R 115 -45.15 34.63 10.31
CA PHE R 115 -46.34 33.81 10.38
C PHE R 115 -47.08 33.81 9.05
N GLY R 116 -47.86 32.77 8.80
CA GLY R 116 -48.61 32.65 7.56
C GLY R 116 -48.97 31.22 7.18
N GLU R 117 -49.14 30.99 5.88
CA GLU R 117 -49.50 29.67 5.34
C GLU R 117 -48.69 29.39 4.07
N GLY R 118 -47.80 30.32 3.73
CA GLY R 118 -46.97 30.16 2.55
C GLY R 118 -46.46 31.52 2.08
N ALA R 119 -46.14 32.38 3.03
CA ALA R 119 -45.63 33.73 2.74
C ALA R 119 -44.25 33.70 2.06
N SER R 120 -44.25 34.03 0.76
CA SER R 120 -43.04 34.05 -0.07
C SER R 120 -41.98 35.05 0.41
N GLY R 121 -41.07 34.58 1.28
CA GLY R 121 -40.02 35.43 1.81
C GLY R 121 -38.94 34.64 2.55
N GLU R 122 -39.28 33.40 2.91
CA GLU R 122 -38.39 32.49 3.63
C GLU R 122 -39.20 31.24 4.02
N GLU R 123 -39.17 30.88 5.30
CA GLU R 123 -39.95 29.73 5.77
C GLU R 123 -40.68 30.05 7.08
N ARG R 124 -41.46 31.13 7.04
CA ARG R 124 -42.25 31.61 8.18
C ARG R 124 -43.36 30.65 8.56
N LEU R 125 -42.97 29.60 9.29
CA LEU R 125 -43.92 28.59 9.71
C LEU R 125 -44.45 28.87 11.12
N MET R 126 -45.48 29.70 11.19
CA MET R 126 -46.13 30.03 12.45
C MET R 126 -47.54 30.40 11.97
N SER R 127 -48.56 29.81 12.57
CA SER R 127 -49.93 30.05 12.12
C SER R 127 -50.53 31.40 12.45
N ARG R 128 -50.01 32.07 13.47
CA ARG R 128 -50.55 33.35 13.88
C ARG R 128 -49.50 34.17 14.61
N PRO R 129 -49.72 35.49 14.75
CA PRO R 129 -48.76 36.35 15.45
C PRO R 129 -48.77 35.98 16.93
N PHE R 130 -47.90 36.60 17.70
CA PHE R 130 -47.85 36.32 19.14
C PHE R 130 -48.95 37.15 19.80
N GLY R 131 -49.59 36.58 20.82
CA GLY R 131 -50.65 37.30 21.51
C GLY R 131 -50.13 37.91 22.80
N VAL R 132 -48.90 38.42 22.75
CA VAL R 132 -48.30 39.03 23.92
C VAL R 132 -47.37 40.14 23.51
N ALA R 133 -47.18 41.11 24.40
CA ALA R 133 -46.29 42.23 24.16
C ALA R 133 -45.25 42.18 25.27
N LEU R 134 -44.05 42.67 25.00
CA LEU R 134 -42.99 42.65 26.00
C LEU R 134 -42.37 44.00 26.29
N LEU R 135 -41.85 44.14 27.51
CA LEU R 135 -41.17 45.34 27.92
C LEU R 135 -39.78 44.81 28.20
N ILE R 136 -38.83 45.14 27.35
CA ILE R 136 -37.48 44.64 27.54
C ILE R 136 -36.65 45.77 28.13
N ALA R 137 -36.14 45.53 29.32
CA ALA R 137 -35.34 46.54 30.00
C ALA R 137 -33.97 46.00 30.35
N GLY R 138 -32.95 46.81 30.08
CA GLY R 138 -31.60 46.38 30.38
C GLY R 138 -30.62 47.53 30.40
N HIS R 139 -29.33 47.19 30.35
CA HIS R 139 -28.27 48.19 30.35
C HIS R 139 -27.05 47.69 29.59
N ASP R 140 -26.41 48.59 28.87
CA ASP R 140 -25.20 48.24 28.13
C ASP R 140 -24.29 49.46 28.09
N ALA R 141 -22.98 49.22 27.98
CA ALA R 141 -22.01 50.30 27.98
C ALA R 141 -22.23 51.41 26.94
N ASP R 142 -22.88 51.10 25.83
CA ASP R 142 -23.09 52.10 24.77
C ASP R 142 -24.26 53.06 24.96
N ASP R 143 -25.38 52.57 25.45
CA ASP R 143 -26.56 53.42 25.66
C ASP R 143 -27.18 53.31 27.03
N GLY R 144 -26.39 52.88 28.01
CA GLY R 144 -26.89 52.77 29.37
C GLY R 144 -28.23 52.10 29.53
N TYR R 145 -29.00 52.54 30.53
CA TYR R 145 -30.31 51.98 30.82
C TYR R 145 -31.33 52.22 29.72
N GLN R 146 -32.01 51.15 29.30
CA GLN R 146 -33.00 51.24 28.24
C GLN R 146 -34.26 50.45 28.53
N LEU R 147 -35.37 50.95 27.98
CA LEU R 147 -36.68 50.34 28.11
C LEU R 147 -37.23 50.27 26.70
N PHE R 148 -37.70 49.07 26.33
CA PHE R 148 -38.22 48.85 24.98
C PHE R 148 -39.58 48.19 25.04
N HIS R 149 -40.40 48.48 24.03
CA HIS R 149 -41.71 47.88 23.93
C HIS R 149 -41.71 47.06 22.64
N ALA R 150 -41.76 45.74 22.79
CA ALA R 150 -41.77 44.85 21.64
C ALA R 150 -43.16 44.31 21.40
N GLU R 151 -43.71 44.58 20.23
CA GLU R 151 -45.05 44.13 19.87
C GLU R 151 -45.09 43.06 18.80
N PRO R 152 -46.24 42.39 18.63
CA PRO R 152 -46.46 41.34 17.63
C PRO R 152 -46.41 41.88 16.20
N SER R 153 -46.26 43.20 16.09
CA SER R 153 -46.20 43.86 14.81
C SER R 153 -44.78 43.82 14.28
N GLY R 154 -43.86 43.38 15.13
CA GLY R 154 -42.47 43.31 14.73
C GLY R 154 -41.73 44.59 15.05
N THR R 155 -42.48 45.65 15.29
CA THR R 155 -41.87 46.94 15.60
C THR R 155 -41.66 47.08 17.11
N PHE R 156 -40.60 47.77 17.50
CA PHE R 156 -40.29 47.99 18.90
C PHE R 156 -39.92 49.44 19.07
N TYR R 157 -40.39 50.01 20.17
CA TYR R 157 -40.15 51.41 20.47
C TYR R 157 -39.36 51.53 21.75
N ARG R 158 -38.67 52.64 21.92
CA ARG R 158 -37.94 52.84 23.16
C ARG R 158 -38.73 53.87 23.97
N TYR R 159 -38.95 53.58 25.24
CA TYR R 159 -39.69 54.48 26.12
C TYR R 159 -38.91 54.83 27.38
N ASN R 160 -39.26 55.94 28.00
CA ASN R 160 -38.63 56.36 29.25
C ASN R 160 -39.48 55.69 30.31
N ALA R 161 -40.74 55.48 29.94
CA ALA R 161 -41.71 54.82 30.78
C ALA R 161 -42.75 54.29 29.82
N LYS R 162 -43.38 53.19 30.18
CA LYS R 162 -44.39 52.60 29.33
C LYS R 162 -45.23 51.62 30.12
N ALA R 163 -46.51 51.56 29.75
CA ALA R 163 -47.46 50.67 30.40
C ALA R 163 -48.19 49.91 29.30
N ILE R 164 -48.35 48.61 29.51
CA ILE R 164 -49.04 47.78 28.54
C ILE R 164 -50.01 46.90 29.30
N GLY R 165 -51.12 46.55 28.65
CA GLY R 165 -52.12 45.71 29.29
C GLY R 165 -53.39 46.45 29.62
N SER R 166 -54.32 45.76 30.28
CA SER R 166 -55.60 46.35 30.64
C SER R 166 -55.57 47.83 31.00
N GLY R 167 -54.85 48.21 32.06
CA GLY R 167 -54.84 49.61 32.44
C GLY R 167 -53.81 50.48 31.76
N SER R 168 -53.44 50.16 30.52
CA SER R 168 -52.41 50.92 29.81
C SER R 168 -52.69 52.39 29.47
N GLU R 169 -53.71 52.67 28.66
CA GLU R 169 -54.02 54.06 28.29
C GLU R 169 -54.13 54.91 29.54
N GLY R 170 -54.71 54.34 30.59
CA GLY R 170 -54.83 55.06 31.84
C GLY R 170 -53.44 55.32 32.40
N ALA R 171 -52.78 54.24 32.82
CA ALA R 171 -51.44 54.32 33.38
C ALA R 171 -50.45 55.10 32.52
N GLN R 172 -50.62 55.06 31.21
CA GLN R 172 -49.72 55.78 30.31
C GLN R 172 -49.78 57.28 30.59
N ALA R 173 -51.00 57.80 30.73
CA ALA R 173 -51.21 59.22 30.99
C ALA R 173 -50.53 59.61 32.31
N GLU R 174 -50.63 58.72 33.29
CA GLU R 174 -50.03 58.95 34.59
C GLU R 174 -48.54 59.14 34.41
N LEU R 175 -47.91 58.16 33.78
CA LEU R 175 -46.47 58.19 33.53
C LEU R 175 -46.07 59.50 32.86
N LEU R 176 -46.91 59.97 31.94
CA LEU R 176 -46.63 61.22 31.23
C LEU R 176 -46.24 62.34 32.21
N ASN R 177 -47.10 62.58 33.19
CA ASN R 177 -46.88 63.63 34.19
C ASN R 177 -45.71 63.32 35.11
N GLU R 178 -45.84 62.19 35.82
CA GLU R 178 -44.86 61.74 36.79
C GLU R 178 -43.40 61.60 36.33
N TRP R 179 -43.18 61.24 35.07
CA TRP R 179 -41.80 61.05 34.60
C TRP R 179 -40.98 62.30 34.29
N HIS R 180 -39.77 62.32 34.84
CA HIS R 180 -38.84 63.42 34.60
C HIS R 180 -37.41 62.86 34.54
N SER R 181 -36.59 63.47 33.68
CA SER R 181 -35.22 63.05 33.44
C SER R 181 -34.28 62.95 34.64
N SER R 182 -34.81 63.06 35.85
CA SER R 182 -33.96 62.98 37.02
C SER R 182 -34.56 62.16 38.16
N LEU R 183 -35.44 61.25 37.80
CA LEU R 183 -36.08 60.37 38.76
C LEU R 183 -35.01 59.48 39.39
N THR R 184 -35.20 59.09 40.64
CA THR R 184 -34.26 58.21 41.30
C THR R 184 -34.86 56.83 41.14
N LEU R 185 -34.08 55.80 41.41
CA LEU R 185 -34.62 54.44 41.29
C LEU R 185 -35.76 54.27 42.29
N LYS R 186 -35.53 54.68 43.53
CA LYS R 186 -36.55 54.56 44.57
C LYS R 186 -37.84 55.27 44.19
N GLU R 187 -37.71 56.47 43.60
CA GLU R 187 -38.89 57.22 43.19
C GLU R 187 -39.66 56.42 42.15
N ALA R 188 -38.93 55.89 41.17
CA ALA R 188 -39.50 55.08 40.08
C ALA R 188 -40.19 53.80 40.58
N GLU R 189 -39.64 53.21 41.64
CA GLU R 189 -40.21 52.01 42.21
C GLU R 189 -41.60 52.36 42.75
N LEU R 190 -41.64 53.30 43.69
CA LEU R 190 -42.89 53.73 44.28
C LEU R 190 -43.87 54.11 43.17
N LEU R 191 -43.39 54.93 42.24
CA LEU R 191 -44.20 55.38 41.13
C LEU R 191 -44.90 54.22 40.42
N VAL R 192 -44.14 53.21 40.00
CA VAL R 192 -44.72 52.04 39.33
C VAL R 192 -45.75 51.38 40.25
N LEU R 193 -45.38 51.23 41.50
CA LEU R 193 -46.22 50.63 42.53
C LEU R 193 -47.54 51.39 42.68
N LYS R 194 -47.46 52.72 42.61
CA LYS R 194 -48.64 53.58 42.72
C LYS R 194 -49.54 53.43 41.51
N ILE R 195 -48.96 53.53 40.32
CA ILE R 195 -49.73 53.42 39.09
C ILE R 195 -50.39 52.04 38.94
N LEU R 196 -49.75 51.01 39.48
CA LEU R 196 -50.33 49.66 39.42
C LEU R 196 -51.57 49.62 40.29
N LYS R 197 -51.49 50.31 41.42
CA LYS R 197 -52.58 50.37 42.38
C LYS R 197 -53.85 51.00 41.78
N GLN R 198 -53.68 52.01 40.94
CA GLN R 198 -54.82 52.67 40.33
C GLN R 198 -55.53 51.84 39.29
N VAL R 199 -54.76 51.22 38.40
CA VAL R 199 -55.32 50.40 37.32
C VAL R 199 -55.75 48.99 37.74
N MET R 200 -55.11 48.41 38.74
CA MET R 200 -55.46 47.08 39.21
C MET R 200 -56.86 47.00 39.80
N GLU R 201 -57.59 45.94 39.45
CA GLU R 201 -58.94 45.74 39.98
C GLU R 201 -58.83 45.42 41.47
N GLU R 202 -57.87 44.56 41.81
CA GLU R 202 -57.65 44.13 43.18
C GLU R 202 -56.81 45.11 43.96
N LYS R 203 -56.94 45.08 45.29
CA LYS R 203 -56.17 45.97 46.13
C LYS R 203 -54.73 45.49 46.12
N LEU R 204 -53.84 46.32 45.56
CA LEU R 204 -52.43 45.97 45.46
C LEU R 204 -51.77 45.66 46.78
N ASP R 205 -51.05 44.54 46.82
CA ASP R 205 -50.31 44.10 48.00
C ASP R 205 -49.12 43.29 47.46
N GLU R 206 -48.15 43.00 48.32
CA GLU R 206 -46.97 42.26 47.88
C GLU R 206 -47.24 40.84 47.39
N ASN R 207 -48.49 40.54 47.05
CA ASN R 207 -48.82 39.21 46.57
C ASN R 207 -49.50 39.13 45.20
N ASN R 208 -50.16 40.21 44.78
CA ASN R 208 -50.79 40.19 43.46
C ASN R 208 -50.06 41.17 42.56
N ALA R 209 -48.87 41.58 43.01
CA ALA R 209 -48.04 42.51 42.27
C ALA R 209 -46.57 42.15 42.53
N GLN R 210 -45.73 42.38 41.53
CA GLN R 210 -44.33 42.06 41.64
C GLN R 210 -43.44 43.10 40.96
N LEU R 211 -42.40 43.51 41.67
CA LEU R 211 -41.45 44.49 41.17
C LEU R 211 -40.10 43.85 40.84
N SER R 212 -39.28 44.61 40.13
CA SER R 212 -37.96 44.14 39.74
C SER R 212 -37.28 45.29 39.04
N CYS R 213 -35.96 45.20 38.93
CA CYS R 213 -35.18 46.24 38.28
C CYS R 213 -33.91 45.65 37.69
N ILE R 214 -33.11 46.52 37.09
CA ILE R 214 -31.86 46.12 36.50
C ILE R 214 -30.95 47.33 36.65
N THR R 215 -29.83 47.12 37.34
CA THR R 215 -28.86 48.17 37.56
C THR R 215 -27.50 47.67 37.12
N LYS R 216 -26.72 48.58 36.54
CA LYS R 216 -25.39 48.23 36.07
C LYS R 216 -24.61 47.47 37.13
N GLN R 217 -24.76 47.86 38.39
CA GLN R 217 -24.02 47.19 39.45
C GLN R 217 -24.41 45.73 39.72
N ASP R 218 -25.69 45.45 40.00
CA ASP R 218 -26.08 44.07 40.30
C ASP R 218 -26.98 43.40 39.28
N GLY R 219 -27.15 44.06 38.13
CA GLY R 219 -27.96 43.50 37.07
C GLY R 219 -29.43 43.36 37.36
N PHE R 220 -30.06 42.39 36.70
CA PHE R 220 -31.48 42.16 36.86
C PHE R 220 -31.82 41.32 38.07
N LYS R 221 -32.69 41.86 38.91
CA LYS R 221 -33.13 41.18 40.13
C LYS R 221 -34.64 41.31 40.27
N ILE R 222 -35.27 40.26 40.77
CA ILE R 222 -36.71 40.31 40.98
C ILE R 222 -36.93 40.43 42.49
N TYR R 223 -37.55 41.54 42.90
CA TYR R 223 -37.80 41.81 44.32
C TYR R 223 -38.64 40.72 44.97
N ASP R 224 -38.13 40.15 46.05
CA ASP R 224 -38.89 39.12 46.76
C ASP R 224 -39.97 39.84 47.56
N ASN R 225 -41.12 39.19 47.72
CA ASN R 225 -42.25 39.76 48.43
C ASN R 225 -41.97 40.70 49.62
N GLU R 226 -41.16 40.26 50.57
CA GLU R 226 -40.85 41.10 51.72
C GLU R 226 -40.33 42.47 51.28
N LYS R 227 -39.33 42.47 50.41
CA LYS R 227 -38.76 43.73 49.93
C LYS R 227 -39.81 44.65 49.32
N THR R 228 -40.74 44.06 48.57
CA THR R 228 -41.79 44.85 47.93
C THR R 228 -42.82 45.34 48.95
N ALA R 229 -43.31 44.42 49.78
CA ALA R 229 -44.30 44.76 50.80
C ALA R 229 -43.97 46.08 51.52
N GLU R 230 -42.70 46.26 51.87
CA GLU R 230 -42.27 47.47 52.56
C GLU R 230 -42.37 48.70 51.67
N LEU R 231 -42.09 48.54 50.39
CA LEU R 231 -42.21 49.66 49.48
C LEU R 231 -43.69 50.02 49.38
N ILE R 232 -44.55 49.00 49.51
CA ILE R 232 -46.00 49.20 49.45
C ILE R 232 -46.37 50.10 50.61
N LYS R 233 -45.93 49.69 51.80
CA LYS R 233 -46.15 50.43 53.03
C LYS R 233 -45.63 51.86 52.84
N GLU R 234 -44.38 51.99 52.45
CA GLU R 234 -43.77 53.30 52.23
C GLU R 234 -44.58 54.19 51.28
N LEU R 235 -45.32 53.56 50.37
CA LEU R 235 -46.12 54.30 49.40
C LEU R 235 -47.41 54.82 50.05
N LYS R 236 -48.10 53.94 50.76
CA LYS R 236 -49.33 54.32 51.44
C LYS R 236 -49.08 55.53 52.33
N GLU R 237 -47.93 55.52 52.99
CA GLU R 237 -47.54 56.60 53.88
C GLU R 237 -47.31 57.90 53.14
N LYS R 238 -46.48 57.88 52.10
CA LYS R 238 -46.24 59.11 51.35
C LYS R 238 -47.52 59.67 50.76
N GLU R 239 -48.48 58.81 50.47
CA GLU R 239 -49.76 59.25 49.91
C GLU R 239 -50.61 59.89 50.98
N ALA R 240 -50.77 59.20 52.09
CA ALA R 240 -51.55 59.70 53.21
C ALA R 240 -50.97 61.04 53.69
N ALA R 241 -49.69 61.26 53.43
CA ALA R 241 -48.99 62.48 53.83
C ALA R 241 -49.50 63.76 53.14
N GLU R 242 -50.44 63.60 52.22
CA GLU R 242 -51.04 64.73 51.49
C GLU R 242 -51.77 64.21 50.26
N PHE S 1 -68.16 44.56 -4.98
CA PHE S 1 -66.89 44.80 -5.72
C PHE S 1 -65.70 44.47 -4.81
N ARG S 2 -64.71 45.37 -4.83
CA ARG S 2 -63.47 45.28 -4.05
C ARG S 2 -63.44 44.19 -2.99
N ASN S 3 -64.43 44.19 -2.11
CA ASN S 3 -64.53 43.23 -1.02
C ASN S 3 -64.32 41.78 -1.48
N ASN S 4 -64.71 41.48 -2.72
CA ASN S 4 -64.57 40.13 -3.26
C ASN S 4 -63.26 39.89 -3.98
N TYR S 5 -62.49 40.95 -4.23
CA TYR S 5 -61.24 40.81 -4.94
C TYR S 5 -60.03 41.29 -4.16
N ASP S 6 -60.17 41.43 -2.84
CA ASP S 6 -59.05 41.90 -2.01
C ASP S 6 -58.65 40.90 -0.96
N GLY S 7 -59.09 39.65 -1.12
CA GLY S 7 -58.76 38.60 -0.16
C GLY S 7 -57.28 38.23 -0.09
N ASP S 8 -56.58 38.39 -1.22
CA ASP S 8 -55.15 38.07 -1.31
C ASP S 8 -54.56 38.65 -2.60
N THR S 9 -53.25 38.79 -2.63
CA THR S 9 -52.56 39.38 -3.77
C THR S 9 -52.72 38.66 -5.08
N VAL S 10 -52.85 37.35 -5.04
CA VAL S 10 -52.96 36.59 -6.27
C VAL S 10 -54.24 36.87 -7.09
N THR S 11 -55.13 37.70 -6.54
CA THR S 11 -56.38 37.99 -7.23
C THR S 11 -56.45 39.33 -7.95
N PHE S 12 -56.93 39.30 -9.19
CA PHE S 12 -57.09 40.51 -10.00
C PHE S 12 -58.54 40.95 -9.86
N SER S 13 -58.79 42.26 -9.82
CA SER S 13 -60.17 42.74 -9.74
C SER S 13 -60.66 42.82 -11.19
N PRO S 14 -61.96 42.97 -11.39
CA PRO S 14 -62.50 43.05 -12.77
C PRO S 14 -61.95 44.21 -13.59
N THR S 15 -61.35 45.19 -12.93
CA THR S 15 -60.81 46.34 -13.61
C THR S 15 -59.28 46.22 -13.83
N GLY S 16 -58.66 45.25 -13.14
CA GLY S 16 -57.22 45.04 -13.29
C GLY S 16 -56.40 45.57 -12.13
N ARG S 17 -56.99 45.62 -10.94
CA ARG S 17 -56.29 46.14 -9.79
C ARG S 17 -55.94 45.05 -8.78
N LEU S 18 -54.86 45.28 -8.04
CA LEU S 18 -54.41 44.34 -7.02
C LEU S 18 -54.59 45.10 -5.71
N PHE S 19 -55.81 44.99 -5.16
CA PHE S 19 -56.16 45.68 -3.93
C PHE S 19 -55.22 45.46 -2.77
N GLN S 20 -54.74 44.24 -2.59
CA GLN S 20 -53.82 43.96 -1.49
C GLN S 20 -52.58 44.84 -1.63
N VAL S 21 -52.10 44.97 -2.86
CA VAL S 21 -50.94 45.80 -3.14
C VAL S 21 -51.34 47.23 -2.80
N GLU S 22 -52.51 47.63 -3.24
CA GLU S 22 -53.01 48.96 -2.99
C GLU S 22 -53.14 49.26 -1.49
N TYR S 23 -53.65 48.29 -0.73
CA TYR S 23 -53.79 48.48 0.71
C TYR S 23 -52.42 48.60 1.33
N ALA S 24 -51.45 47.90 0.74
CA ALA S 24 -50.09 47.96 1.23
C ALA S 24 -49.62 49.40 1.07
N LEU S 25 -49.82 49.95 -0.12
CA LEU S 25 -49.44 51.32 -0.41
C LEU S 25 -50.05 52.26 0.63
N GLU S 26 -51.26 51.92 1.06
CA GLU S 26 -51.96 52.74 2.03
C GLU S 26 -51.22 52.79 3.37
N ALA S 27 -50.36 51.82 3.64
CA ALA S 27 -49.62 51.82 4.89
C ALA S 27 -48.50 52.84 4.81
N ILE S 28 -48.02 53.08 3.59
CA ILE S 28 -46.95 54.05 3.37
C ILE S 28 -47.46 55.42 3.81
N LYS S 29 -48.61 55.81 3.25
CA LYS S 29 -49.23 57.10 3.57
C LYS S 29 -49.40 57.30 5.07
N GLN S 30 -49.94 56.31 5.76
CA GLN S 30 -50.11 56.42 7.20
C GLN S 30 -48.75 56.61 7.89
N GLY S 31 -47.67 56.32 7.15
CA GLY S 31 -46.33 56.46 7.71
C GLY S 31 -45.78 57.87 7.73
N SER S 32 -44.90 58.15 8.70
CA SER S 32 -44.29 59.47 8.83
C SER S 32 -43.65 59.94 7.51
N VAL S 33 -43.43 61.24 7.38
CA VAL S 33 -42.84 61.77 6.14
C VAL S 33 -41.31 61.77 6.14
N THR S 34 -40.78 61.65 4.92
CA THR S 34 -39.33 61.65 4.69
C THR S 34 -39.09 62.21 3.29
N VAL S 35 -37.94 62.86 3.11
CA VAL S 35 -37.62 63.46 1.82
C VAL S 35 -36.18 63.23 1.37
N GLY S 36 -36.02 63.13 0.05
CA GLY S 36 -34.70 62.93 -0.54
C GLY S 36 -34.51 63.85 -1.73
N LEU S 37 -33.32 64.40 -1.85
CA LEU S 37 -32.97 65.30 -2.95
C LEU S 37 -31.47 65.21 -3.22
N ARG S 38 -31.10 65.34 -4.49
CA ARG S 38 -29.68 65.25 -4.85
C ARG S 38 -29.21 66.35 -5.79
N SER S 39 -27.94 66.73 -5.65
CA SER S 39 -27.34 67.72 -6.55
C SER S 39 -26.59 66.86 -7.57
N ASN S 40 -25.37 67.24 -7.91
CA ASN S 40 -24.59 66.45 -8.84
C ASN S 40 -23.39 65.90 -8.10
N THR S 41 -23.23 66.35 -6.85
CA THR S 41 -22.12 65.91 -6.03
C THR S 41 -22.59 65.16 -4.79
N HIS S 42 -23.79 65.45 -4.33
CA HIS S 42 -24.35 64.78 -3.15
C HIS S 42 -25.80 64.38 -3.31
N ALA S 43 -26.30 63.70 -2.28
CA ALA S 43 -27.69 63.23 -2.22
C ALA S 43 -27.99 63.25 -0.74
N VAL S 44 -29.18 63.74 -0.39
CA VAL S 44 -29.54 63.83 1.01
C VAL S 44 -30.88 63.24 1.35
N LEU S 45 -30.94 62.65 2.54
CA LEU S 45 -32.16 62.07 3.07
C LEU S 45 -32.51 62.80 4.35
N VAL S 46 -33.68 63.43 4.36
CA VAL S 46 -34.16 64.13 5.55
C VAL S 46 -35.44 63.40 5.88
N ALA S 47 -35.45 62.75 7.05
CA ALA S 47 -36.62 62.02 7.46
C ALA S 47 -37.11 62.47 8.82
N LEU S 48 -38.43 62.59 8.94
CA LEU S 48 -39.09 63.00 10.16
C LEU S 48 -39.39 61.76 10.99
N LYS S 49 -38.68 61.59 12.10
CA LYS S 49 -38.90 60.44 12.96
C LYS S 49 -40.18 60.65 13.79
N ARG S 50 -41.04 59.64 13.84
CA ARG S 50 -42.30 59.74 14.59
C ARG S 50 -42.23 59.06 15.94
N ASN S 51 -42.89 59.66 16.93
CA ASN S 51 -42.91 59.12 18.30
C ASN S 51 -44.31 58.68 18.75
N ALA S 52 -44.35 57.63 19.57
CA ALA S 52 -45.60 57.09 20.10
C ALA S 52 -46.12 58.03 21.21
N ASP S 53 -45.38 58.08 22.31
CA ASP S 53 -45.70 58.93 23.47
C ASP S 53 -44.58 59.95 23.57
N GLU S 54 -44.66 60.78 24.59
CA GLU S 54 -43.62 61.79 24.82
C GLU S 54 -42.60 61.14 25.75
N LEU S 55 -42.80 59.84 25.96
CA LEU S 55 -41.92 59.05 26.80
C LEU S 55 -41.21 58.04 25.88
N SER S 56 -41.66 58.01 24.62
CA SER S 56 -41.10 57.09 23.62
C SER S 56 -40.13 57.78 22.66
N SER S 57 -39.30 56.98 22.00
CA SER S 57 -38.30 57.47 21.06
C SER S 57 -38.97 57.76 19.73
N TYR S 58 -38.21 58.38 18.82
CA TYR S 58 -38.69 58.71 17.48
C TYR S 58 -38.09 57.73 16.47
N GLN S 59 -38.57 56.48 16.54
CA GLN S 59 -38.13 55.35 15.70
C GLN S 59 -37.30 55.67 14.45
N LYS S 60 -36.06 55.18 14.45
CA LYS S 60 -35.11 55.42 13.35
C LYS S 60 -35.70 55.10 11.98
N LYS S 61 -35.50 55.99 11.03
CA LYS S 61 -36.05 55.78 9.70
C LYS S 61 -35.02 55.79 8.58
N ILE S 62 -33.75 55.81 8.95
CA ILE S 62 -32.67 55.79 7.96
C ILE S 62 -31.71 54.63 8.16
N ILE S 63 -31.59 53.81 7.13
CA ILE S 63 -30.73 52.64 7.14
C ILE S 63 -29.62 52.74 6.09
N LYS S 64 -28.41 52.41 6.50
CA LYS S 64 -27.24 52.42 5.64
C LYS S 64 -27.09 51.02 5.06
N CYS S 65 -26.87 50.93 3.76
CA CYS S 65 -26.73 49.62 3.10
C CYS S 65 -25.29 49.29 2.74
N ASP S 66 -24.49 50.34 2.57
CA ASP S 66 -23.08 50.20 2.25
C ASP S 66 -22.49 51.61 2.32
N GLU S 67 -21.16 51.69 2.35
CA GLU S 67 -20.48 52.97 2.42
C GLU S 67 -20.97 53.98 1.40
N HIS S 68 -21.48 53.49 0.27
CA HIS S 68 -21.94 54.36 -0.78
C HIS S 68 -23.45 54.37 -1.00
N MET S 69 -24.22 53.75 -0.11
CA MET S 69 -25.66 53.69 -0.31
C MET S 69 -26.47 53.62 0.99
N GLY S 70 -27.69 54.13 0.94
CA GLY S 70 -28.55 54.11 2.12
C GLY S 70 -29.97 54.44 1.71
N LEU S 71 -30.90 54.32 2.65
CA LEU S 71 -32.29 54.60 2.32
C LEU S 71 -33.11 55.07 3.52
N SER S 72 -34.30 55.61 3.24
CA SER S 72 -35.21 56.07 4.28
C SER S 72 -36.51 55.29 4.12
N LEU S 73 -37.15 54.97 5.26
CA LEU S 73 -38.37 54.19 5.26
C LEU S 73 -39.66 54.88 5.71
N ALA S 74 -40.75 54.58 5.02
CA ALA S 74 -42.07 55.12 5.34
C ALA S 74 -43.10 53.99 5.25
N GLY S 75 -43.46 53.43 6.40
CA GLY S 75 -44.42 52.35 6.42
C GLY S 75 -44.05 51.34 7.49
N LEU S 76 -44.26 50.05 7.22
CA LEU S 76 -43.93 49.01 8.18
C LEU S 76 -42.42 48.90 8.38
N ALA S 77 -41.97 49.17 9.60
CA ALA S 77 -40.55 49.10 9.92
C ALA S 77 -39.95 47.73 9.59
N PRO S 78 -40.54 46.64 10.15
CA PRO S 78 -40.04 45.29 9.88
C PRO S 78 -39.75 45.03 8.40
N ASP S 79 -40.66 45.43 7.53
CA ASP S 79 -40.48 45.24 6.10
C ASP S 79 -39.28 46.01 5.56
N ALA S 80 -39.02 47.18 6.13
CA ALA S 80 -37.90 47.97 5.67
C ALA S 80 -36.63 47.25 6.10
N ARG S 81 -36.67 46.63 7.28
CA ARG S 81 -35.53 45.89 7.78
C ARG S 81 -35.23 44.75 6.80
N VAL S 82 -36.25 43.96 6.51
CA VAL S 82 -36.12 42.85 5.59
C VAL S 82 -35.48 43.32 4.28
N LEU S 83 -36.06 44.35 3.68
CA LEU S 83 -35.58 44.89 2.41
C LEU S 83 -34.19 45.54 2.45
N SER S 84 -33.92 46.31 3.51
CA SER S 84 -32.64 46.99 3.63
C SER S 84 -31.58 45.92 3.74
N ASN S 85 -31.86 44.94 4.61
CA ASN S 85 -30.95 43.84 4.82
C ASN S 85 -30.63 43.12 3.50
N TYR S 86 -31.66 42.85 2.72
CA TYR S 86 -31.47 42.19 1.44
C TYR S 86 -30.54 43.03 0.59
N LEU S 87 -30.75 44.35 0.61
CA LEU S 87 -29.92 45.26 -0.18
C LEU S 87 -28.49 45.25 0.34
N ARG S 88 -28.34 45.13 1.66
CA ARG S 88 -27.01 45.08 2.25
C ARG S 88 -26.22 43.88 1.75
N GLN S 89 -26.91 42.78 1.50
CA GLN S 89 -26.27 41.56 1.01
C GLN S 89 -25.88 41.75 -0.44
N GLN S 90 -26.79 42.27 -1.23
CA GLN S 90 -26.50 42.49 -2.64
C GLN S 90 -25.29 43.39 -2.83
N CYS S 91 -25.16 44.40 -1.97
CA CYS S 91 -24.02 45.33 -2.04
C CYS S 91 -22.76 44.56 -1.68
N ASN S 92 -22.86 43.83 -0.56
CA ASN S 92 -21.77 43.03 -0.04
C ASN S 92 -21.29 42.01 -1.08
N TYR S 93 -22.25 41.31 -1.69
CA TYR S 93 -21.93 40.32 -2.70
C TYR S 93 -21.15 40.95 -3.82
N SER S 94 -21.68 42.04 -4.36
CA SER S 94 -21.02 42.76 -5.45
C SER S 94 -19.57 43.09 -5.14
N SER S 95 -19.30 43.49 -3.91
CA SER S 95 -17.95 43.83 -3.50
C SER S 95 -17.08 42.58 -3.44
N LEU S 96 -17.44 41.67 -2.55
CA LEU S 96 -16.70 40.43 -2.38
C LEU S 96 -16.41 39.66 -3.67
N VAL S 97 -17.44 39.44 -4.48
CA VAL S 97 -17.23 38.69 -5.71
C VAL S 97 -16.59 39.45 -6.85
N PHE S 98 -17.07 40.66 -7.12
CA PHE S 98 -16.52 41.45 -8.23
C PHE S 98 -15.64 42.62 -7.85
N ASN S 99 -15.49 42.85 -6.54
CA ASN S 99 -14.69 43.96 -6.02
C ASN S 99 -15.18 45.22 -6.71
N ARG S 100 -16.50 45.35 -6.73
CA ARG S 100 -17.18 46.44 -7.41
C ARG S 100 -18.31 46.95 -6.55
N LYS S 101 -18.43 48.27 -6.44
CA LYS S 101 -19.52 48.84 -5.64
C LYS S 101 -20.80 48.73 -6.46
N LEU S 102 -21.88 48.33 -5.80
CA LEU S 102 -23.15 48.15 -6.51
C LEU S 102 -23.79 49.45 -7.01
N ALA S 103 -24.11 49.46 -8.31
CA ALA S 103 -24.74 50.60 -8.96
C ALA S 103 -26.09 50.86 -8.34
N VAL S 104 -26.37 52.11 -8.00
CA VAL S 104 -27.65 52.45 -7.37
C VAL S 104 -28.80 52.04 -8.28
N GLU S 105 -28.61 52.22 -9.59
CA GLU S 105 -29.66 51.84 -10.51
C GLU S 105 -29.98 50.37 -10.41
N ARG S 106 -28.93 49.56 -10.20
CA ARG S 106 -29.10 48.12 -10.09
C ARG S 106 -29.75 47.69 -8.78
N ALA S 107 -29.43 48.41 -7.70
CA ALA S 107 -30.01 48.13 -6.40
C ALA S 107 -31.52 48.31 -6.53
N GLY S 108 -31.92 49.26 -7.36
CA GLY S 108 -33.33 49.51 -7.58
C GLY S 108 -33.97 48.32 -8.26
N HIS S 109 -33.32 47.79 -9.30
CA HIS S 109 -33.84 46.64 -10.02
C HIS S 109 -33.99 45.43 -9.09
N LEU S 110 -33.07 45.30 -8.15
CA LEU S 110 -33.11 44.18 -7.23
C LEU S 110 -34.28 44.31 -6.28
N LEU S 111 -34.54 45.53 -5.82
CA LEU S 111 -35.66 45.77 -4.92
C LEU S 111 -36.99 45.54 -5.62
N CYS S 112 -37.10 46.02 -6.84
CA CYS S 112 -38.33 45.84 -7.60
C CYS S 112 -38.60 44.35 -7.74
N ASP S 113 -37.62 43.61 -8.26
CA ASP S 113 -37.76 42.19 -8.46
C ASP S 113 -38.13 41.40 -7.21
N LYS S 114 -37.60 41.81 -6.06
CA LYS S 114 -37.88 41.11 -4.81
C LYS S 114 -39.31 41.37 -4.36
N ALA S 115 -39.79 42.60 -4.54
CA ALA S 115 -41.14 42.97 -4.15
C ALA S 115 -42.15 42.28 -5.05
N GLN S 116 -41.90 42.31 -6.35
CA GLN S 116 -42.78 41.71 -7.34
C GLN S 116 -43.14 40.26 -7.02
N LYS S 117 -42.21 39.52 -6.42
CA LYS S 117 -42.45 38.13 -6.09
C LYS S 117 -43.58 37.92 -5.09
N ASN S 118 -43.73 38.86 -4.15
CA ASN S 118 -44.78 38.78 -3.14
C ASN S 118 -46.14 39.25 -3.64
N THR S 119 -46.24 39.48 -4.95
CA THR S 119 -47.50 39.94 -5.53
C THR S 119 -48.04 39.03 -6.62
N GLN S 120 -47.45 37.85 -6.79
CA GLN S 120 -47.91 36.94 -7.82
C GLN S 120 -48.09 35.51 -7.31
N SER S 121 -47.62 35.25 -6.09
CA SER S 121 -47.74 33.93 -5.49
C SER S 121 -48.68 33.93 -4.31
N TYR S 122 -49.42 32.84 -4.16
CA TYR S 122 -50.37 32.68 -3.08
C TYR S 122 -49.68 32.71 -1.71
N GLY S 123 -50.42 33.04 -0.68
CA GLY S 123 -49.87 33.07 0.66
C GLY S 123 -49.11 34.29 1.11
N GLY S 124 -48.22 34.80 0.26
CA GLY S 124 -47.44 35.96 0.65
C GLY S 124 -48.25 37.25 0.73
N ARG S 125 -47.66 38.28 1.30
CA ARG S 125 -48.33 39.57 1.40
C ARG S 125 -47.34 40.57 0.84
N PRO S 126 -47.83 41.67 0.25
CA PRO S 126 -46.90 42.66 -0.29
C PRO S 126 -46.14 43.32 0.84
N TYR S 127 -45.07 44.02 0.50
CA TYR S 127 -44.33 44.71 1.53
C TYR S 127 -45.09 45.99 1.82
N GLY S 128 -45.27 46.31 3.10
CA GLY S 128 -45.98 47.52 3.45
C GLY S 128 -45.06 48.66 3.84
N VAL S 129 -44.15 49.03 2.93
CA VAL S 129 -43.24 50.10 3.24
C VAL S 129 -42.70 50.74 1.97
N GLY S 130 -42.45 52.04 2.06
CA GLY S 130 -41.92 52.77 0.92
C GLY S 130 -40.49 53.10 1.23
N LEU S 131 -39.64 53.11 0.21
CA LEU S 131 -38.23 53.39 0.43
C LEU S 131 -37.68 54.44 -0.51
N LEU S 132 -36.75 55.24 0.02
CA LEU S 132 -36.09 56.28 -0.76
C LEU S 132 -34.61 55.94 -0.69
N ILE S 133 -34.03 55.57 -1.82
CA ILE S 133 -32.61 55.22 -1.83
C ILE S 133 -31.74 56.29 -2.45
N ILE S 134 -30.67 56.65 -1.74
CA ILE S 134 -29.72 57.64 -2.22
C ILE S 134 -28.34 57.01 -2.26
N GLY S 135 -27.51 57.47 -3.18
CA GLY S 135 -26.17 56.91 -3.27
C GLY S 135 -25.25 57.53 -4.31
N TYR S 136 -23.95 57.36 -4.09
CA TYR S 136 -22.94 57.88 -5.00
C TYR S 136 -22.15 56.70 -5.61
N ASP S 137 -22.33 56.47 -6.90
CA ASP S 137 -21.64 55.38 -7.56
C ASP S 137 -20.78 55.88 -8.72
N LYS S 138 -20.43 54.98 -9.64
CA LYS S 138 -19.60 55.36 -10.77
C LYS S 138 -20.27 56.29 -11.78
N SER S 139 -21.40 56.87 -11.43
CA SER S 139 -22.05 57.80 -12.33
C SER S 139 -22.70 58.94 -11.56
N GLY S 140 -22.10 59.26 -10.41
CA GLY S 140 -22.58 60.37 -9.61
C GLY S 140 -23.62 60.10 -8.55
N ALA S 141 -24.33 61.17 -8.18
CA ALA S 141 -25.35 61.12 -7.16
C ALA S 141 -26.62 60.48 -7.73
N HIS S 142 -27.37 59.81 -6.86
CA HIS S 142 -28.59 59.13 -7.27
C HIS S 142 -29.65 59.12 -6.19
N LEU S 143 -30.90 59.16 -6.62
CA LEU S 143 -32.05 59.11 -5.72
C LEU S 143 -33.10 58.21 -6.35
N LEU S 144 -33.59 57.27 -5.54
CA LEU S 144 -34.59 56.29 -5.96
C LEU S 144 -35.79 56.24 -5.02
N GLU S 145 -36.97 56.07 -5.59
CA GLU S 145 -38.18 55.94 -4.80
C GLU S 145 -38.66 54.53 -5.04
N PHE S 146 -38.85 53.78 -3.97
CA PHE S 146 -39.30 52.40 -4.05
C PHE S 146 -40.72 52.19 -3.55
N GLN S 147 -41.60 51.69 -4.42
CA GLN S 147 -42.98 51.43 -4.01
C GLN S 147 -43.24 49.92 -3.91
N PRO S 148 -43.93 49.48 -2.84
CA PRO S 148 -44.25 48.08 -2.60
C PRO S 148 -44.86 47.37 -3.82
N SER S 149 -45.42 48.16 -4.74
CA SER S 149 -46.00 47.61 -5.94
C SER S 149 -44.90 46.91 -6.72
N GLY S 150 -43.68 47.40 -6.51
CA GLY S 150 -42.52 46.87 -7.20
C GLY S 150 -41.94 47.94 -8.08
N ASN S 151 -42.65 49.06 -8.18
CA ASN S 151 -42.22 50.19 -9.01
C ASN S 151 -41.15 51.05 -8.31
N VAL S 152 -39.99 51.15 -8.96
CA VAL S 152 -38.87 51.92 -8.45
C VAL S 152 -38.52 52.97 -9.50
N THR S 153 -38.39 54.22 -9.05
CA THR S 153 -38.10 55.32 -9.97
C THR S 153 -36.94 56.17 -9.50
N GLU S 154 -36.18 56.70 -10.47
CA GLU S 154 -35.04 57.56 -10.19
C GLU S 154 -35.47 59.01 -10.41
N LEU S 155 -35.26 59.84 -9.38
CA LEU S 155 -35.66 61.24 -9.41
C LEU S 155 -34.52 62.15 -8.96
N TYR S 156 -34.75 63.47 -9.01
CA TYR S 156 -33.75 64.46 -8.56
C TYR S 156 -34.03 64.66 -7.08
N GLY S 157 -35.30 64.51 -6.73
CA GLY S 157 -35.74 64.65 -5.35
C GLY S 157 -37.18 64.18 -5.24
N THR S 158 -37.64 63.94 -4.02
CA THR S 158 -39.01 63.50 -3.79
C THR S 158 -39.26 63.21 -2.32
N ALA S 159 -40.49 62.81 -2.01
CA ALA S 159 -40.88 62.49 -0.64
C ALA S 159 -42.06 61.52 -0.62
N ILE S 160 -42.20 60.84 0.51
CA ILE S 160 -43.26 59.86 0.70
C ILE S 160 -43.69 59.91 2.15
N GLY S 161 -44.91 59.45 2.41
CA GLY S 161 -45.44 59.46 3.76
C GLY S 161 -46.69 60.32 3.87
N ALA S 162 -46.98 60.78 5.08
CA ALA S 162 -48.15 61.61 5.31
C ALA S 162 -47.85 63.06 4.96
N ARG S 163 -48.77 63.68 4.22
CA ARG S 163 -48.64 65.08 3.82
C ARG S 163 -47.42 65.25 2.93
N SER S 164 -46.84 64.13 2.52
CA SER S 164 -45.65 64.15 1.68
C SER S 164 -45.86 65.02 0.44
N GLN S 165 -47.12 65.25 0.11
CA GLN S 165 -47.46 66.05 -1.05
C GLN S 165 -46.93 67.49 -0.96
N GLY S 166 -46.73 67.96 0.27
CA GLY S 166 -46.23 69.32 0.45
C GLY S 166 -44.79 69.44 -0.06
N ALA S 167 -43.92 68.66 0.55
CA ALA S 167 -42.51 68.65 0.20
C ALA S 167 -42.31 68.37 -1.28
N LYS S 168 -43.09 67.44 -1.82
CA LYS S 168 -42.95 67.08 -3.23
C LYS S 168 -43.22 68.22 -4.20
N THR S 169 -44.19 69.09 -3.86
CA THR S 169 -44.51 70.22 -4.73
C THR S 169 -43.39 71.24 -4.60
N TYR S 170 -42.99 71.51 -3.36
CA TYR S 170 -41.92 72.44 -3.06
C TYR S 170 -40.64 72.11 -3.84
N LEU S 171 -40.27 70.83 -3.86
CA LEU S 171 -39.08 70.38 -4.58
C LEU S 171 -39.30 70.44 -6.08
N GLU S 172 -40.54 70.23 -6.52
CA GLU S 172 -40.85 70.27 -7.93
C GLU S 172 -40.69 71.70 -8.44
N ARG S 173 -40.60 72.61 -7.47
CA ARG S 173 -40.43 74.04 -7.70
C ARG S 173 -38.95 74.39 -7.54
N THR S 174 -38.41 74.11 -6.35
CA THR S 174 -37.01 74.35 -6.01
C THR S 174 -36.04 73.60 -6.91
N LEU S 175 -36.57 72.74 -7.78
CA LEU S 175 -35.73 71.92 -8.65
C LEU S 175 -34.46 72.60 -9.15
N ASP S 176 -34.62 73.52 -10.10
CA ASP S 176 -33.48 74.24 -10.68
C ASP S 176 -32.52 74.80 -9.64
N THR S 177 -33.03 75.07 -8.45
CA THR S 177 -32.23 75.64 -7.35
C THR S 177 -31.27 74.67 -6.66
N PHE S 178 -31.79 73.63 -6.01
CA PHE S 178 -30.94 72.66 -5.30
C PHE S 178 -30.09 71.76 -6.19
N ILE S 179 -30.61 71.43 -7.38
CA ILE S 179 -29.90 70.56 -8.32
C ILE S 179 -28.48 71.05 -8.59
N LYS S 180 -28.23 72.31 -8.26
CA LYS S 180 -26.93 72.93 -8.48
C LYS S 180 -26.16 73.16 -7.18
N ILE S 181 -26.65 72.61 -6.08
CA ILE S 181 -25.96 72.76 -4.80
C ILE S 181 -24.76 71.80 -4.79
N ASP S 182 -23.96 71.85 -5.87
CA ASP S 182 -22.80 71.00 -6.00
C ASP S 182 -21.68 71.49 -5.08
N GLY S 183 -20.89 70.56 -4.56
CA GLY S 183 -19.78 70.94 -3.70
C GLY S 183 -20.19 71.49 -2.35
N ASN S 184 -21.48 71.75 -2.14
CA ASN S 184 -21.90 72.27 -0.86
C ASN S 184 -22.96 71.40 -0.19
N PRO S 185 -22.54 70.61 0.82
CA PRO S 185 -23.43 69.72 1.57
C PRO S 185 -24.47 70.44 2.44
N ASP S 186 -24.01 71.31 3.34
CA ASP S 186 -24.90 72.05 4.23
C ASP S 186 -26.08 72.71 3.50
N GLU S 187 -25.85 73.13 2.26
CA GLU S 187 -26.91 73.77 1.48
C GLU S 187 -27.93 72.74 1.01
N LEU S 188 -27.46 71.63 0.47
CA LEU S 188 -28.36 70.58 0.02
C LEU S 188 -29.21 70.11 1.19
N ILE S 189 -28.59 69.96 2.36
CA ILE S 189 -29.33 69.54 3.54
C ILE S 189 -30.39 70.59 3.90
N LYS S 190 -29.97 71.84 4.08
CA LYS S 190 -30.91 72.91 4.39
C LYS S 190 -32.03 72.88 3.37
N ALA S 191 -31.67 72.74 2.09
CA ALA S 191 -32.65 72.68 1.00
C ALA S 191 -33.63 71.53 1.25
N GLY S 192 -33.15 70.50 1.92
CA GLY S 192 -33.99 69.35 2.21
C GLY S 192 -34.92 69.64 3.37
N VAL S 193 -34.37 70.16 4.45
CA VAL S 193 -35.15 70.49 5.63
C VAL S 193 -36.27 71.46 5.27
N GLU S 194 -36.02 72.32 4.27
CA GLU S 194 -36.98 73.32 3.83
C GLU S 194 -38.05 72.66 2.95
N ALA S 195 -37.81 71.42 2.58
CA ALA S 195 -38.76 70.67 1.76
C ALA S 195 -39.60 69.81 2.69
N ILE S 196 -38.96 69.26 3.71
CA ILE S 196 -39.65 68.41 4.65
C ILE S 196 -40.63 69.20 5.51
N SER S 197 -40.27 70.44 5.84
CA SER S 197 -41.14 71.28 6.65
C SER S 197 -42.40 71.65 5.87
N GLN S 198 -42.33 71.53 4.55
CA GLN S 198 -43.45 71.82 3.66
C GLN S 198 -44.54 70.75 3.80
N SER S 199 -44.35 69.82 4.73
CA SER S 199 -45.31 68.75 4.96
C SER S 199 -45.62 68.60 6.44
N LEU S 200 -45.15 69.57 7.23
CA LEU S 200 -45.39 69.59 8.67
C LEU S 200 -46.84 70.04 8.85
N ARG S 201 -47.22 70.37 10.08
CA ARG S 201 -48.60 70.79 10.35
C ARG S 201 -48.84 70.60 11.84
N ASP S 202 -48.57 69.38 12.29
CA ASP S 202 -48.73 68.98 13.68
C ASP S 202 -47.83 69.83 14.59
N GLU S 203 -46.53 69.76 14.35
CA GLU S 203 -45.56 70.48 15.15
C GLU S 203 -44.50 71.11 14.24
N SER S 204 -43.28 71.16 14.78
CA SER S 204 -42.11 71.71 14.10
C SER S 204 -40.98 70.70 14.38
N LEU S 205 -40.11 70.49 13.40
CA LEU S 205 -39.01 69.53 13.55
C LEU S 205 -38.03 69.89 14.67
N THR S 206 -38.11 69.14 15.77
CA THR S 206 -37.24 69.37 16.93
C THR S 206 -35.86 68.77 16.68
N VAL S 207 -35.07 68.60 17.73
CA VAL S 207 -33.73 68.04 17.60
C VAL S 207 -33.73 66.51 17.60
N ASP S 208 -34.42 65.92 18.58
CA ASP S 208 -34.50 64.47 18.71
C ASP S 208 -35.61 63.93 17.80
N ASN S 209 -36.05 64.77 16.88
CA ASN S 209 -37.13 64.42 15.96
C ASN S 209 -36.68 64.49 14.50
N LEU S 210 -35.59 65.22 14.25
CA LEU S 210 -35.07 65.34 12.88
C LEU S 210 -33.97 64.32 12.67
N SER S 211 -33.91 63.79 11.44
CA SER S 211 -32.92 62.80 11.07
C SER S 211 -32.48 63.04 9.63
N ILE S 212 -31.18 63.20 9.44
CA ILE S 212 -30.62 63.44 8.11
C ILE S 212 -29.45 62.52 7.82
N ALA S 213 -29.35 62.14 6.54
CA ALA S 213 -28.29 61.27 6.06
C ALA S 213 -27.81 61.82 4.74
N ILE S 214 -26.51 61.69 4.49
CA ILE S 214 -25.93 62.20 3.25
C ILE S 214 -24.82 61.32 2.66
N VAL S 215 -24.66 61.42 1.35
CA VAL S 215 -23.66 60.67 0.61
C VAL S 215 -23.27 61.48 -0.63
N GLY S 216 -22.01 61.34 -1.05
CA GLY S 216 -21.56 62.07 -2.23
C GLY S 216 -20.06 62.02 -2.46
N LYS S 217 -19.66 62.45 -3.66
CA LYS S 217 -18.28 62.50 -4.12
C LYS S 217 -17.21 62.12 -3.11
N ASP S 218 -17.17 62.80 -1.97
CA ASP S 218 -16.17 62.47 -0.95
C ASP S 218 -16.80 62.36 0.42
N THR S 219 -18.00 61.82 0.45
CA THR S 219 -18.74 61.65 1.69
C THR S 219 -19.34 60.27 1.81
N PRO S 220 -18.78 59.42 2.66
CA PRO S 220 -19.34 58.07 2.80
C PRO S 220 -20.69 58.22 3.51
N PHE S 221 -21.73 57.64 2.91
CA PHE S 221 -23.07 57.69 3.49
C PHE S 221 -23.00 57.70 5.01
N THR S 222 -23.49 58.79 5.61
CA THR S 222 -23.47 58.92 7.06
C THR S 222 -24.78 59.49 7.59
N ILE S 223 -25.11 59.12 8.83
CA ILE S 223 -26.35 59.55 9.44
C ILE S 223 -26.20 60.45 10.66
N TYR S 224 -26.92 61.57 10.62
CA TYR S 224 -26.89 62.57 11.70
C TYR S 224 -28.22 62.65 12.43
N ASP S 225 -28.15 62.60 13.76
CA ASP S 225 -29.33 62.68 14.61
C ASP S 225 -29.06 63.49 15.89
N GLY S 226 -30.05 64.30 16.28
CA GLY S 226 -29.91 65.11 17.47
C GLY S 226 -29.00 66.31 17.33
N GLU S 227 -28.13 66.50 18.32
CA GLU S 227 -27.17 67.59 18.35
C GLU S 227 -26.58 67.81 16.97
N ALA S 228 -26.28 66.71 16.29
CA ALA S 228 -25.71 66.76 14.96
C ALA S 228 -26.56 67.54 13.95
N VAL S 229 -27.88 67.55 14.13
CA VAL S 229 -28.75 68.27 13.22
C VAL S 229 -29.24 69.60 13.80
N ALA S 230 -28.99 69.80 15.10
CA ALA S 230 -29.41 71.03 15.78
C ALA S 230 -29.20 72.24 14.88
N LYS S 231 -28.01 72.32 14.26
CA LYS S 231 -27.68 73.44 13.38
C LYS S 231 -28.45 73.47 12.06
N TYR S 232 -29.58 72.77 12.00
CA TYR S 232 -30.40 72.75 10.78
C TYR S 232 -31.86 73.05 11.11
N ILE S 233 -32.17 73.09 12.40
CA ILE S 233 -33.52 73.38 12.85
C ILE S 233 -33.78 74.88 12.79
N GLY T 1 -74.43 29.53 -11.53
CA GLY T 1 -74.14 30.53 -10.47
C GLY T 1 -73.11 31.57 -10.90
N THR T 2 -72.29 32.03 -9.95
CA THR T 2 -71.24 33.01 -10.22
C THR T 2 -70.00 32.74 -9.36
N GLY T 3 -69.04 33.65 -9.39
CA GLY T 3 -67.84 33.48 -8.60
C GLY T 3 -66.74 32.79 -9.40
N TYR T 4 -67.03 32.53 -10.66
CA TYR T 4 -66.09 31.88 -11.56
C TYR T 4 -64.89 32.77 -11.84
N ASP T 5 -64.92 33.99 -11.32
CA ASP T 5 -63.86 34.95 -11.55
C ASP T 5 -63.00 35.23 -10.35
N LEU T 6 -63.13 34.42 -9.30
CA LEU T 6 -62.34 34.67 -8.10
C LEU T 6 -61.08 33.80 -7.99
N SER T 7 -61.03 32.70 -8.73
CA SER T 7 -59.89 31.79 -8.70
C SER T 7 -59.25 31.71 -10.09
N ASN T 8 -57.93 31.80 -10.15
CA ASN T 8 -57.23 31.80 -11.42
C ASN T 8 -57.38 30.65 -12.40
N SER T 9 -57.30 29.41 -11.97
CA SER T 9 -57.40 28.37 -12.99
C SER T 9 -58.81 27.93 -13.39
N VAL T 10 -59.82 28.51 -12.77
CA VAL T 10 -61.23 28.13 -13.02
C VAL T 10 -61.80 28.47 -14.39
N PHE T 11 -62.60 27.55 -14.92
CA PHE T 11 -63.27 27.71 -16.20
C PHE T 11 -64.68 28.21 -15.92
N SER T 12 -65.08 29.27 -16.60
CA SER T 12 -66.43 29.79 -16.44
C SER T 12 -67.32 28.92 -17.36
N PRO T 13 -68.64 28.96 -17.16
CA PRO T 13 -69.56 28.16 -17.99
C PRO T 13 -69.40 28.27 -19.50
N ASP T 14 -68.84 29.40 -19.96
CA ASP T 14 -68.64 29.60 -21.39
C ASP T 14 -67.21 29.31 -21.80
N GLY T 15 -66.47 28.62 -20.93
CA GLY T 15 -65.10 28.23 -21.22
C GLY T 15 -64.00 29.27 -21.15
N ARG T 16 -64.19 30.32 -20.35
CA ARG T 16 -63.18 31.35 -20.24
C ARG T 16 -62.48 31.29 -18.90
N ASN T 17 -61.42 32.07 -18.78
CA ASN T 17 -60.65 32.16 -17.54
C ASN T 17 -60.64 33.63 -17.17
N PHE T 18 -61.71 34.07 -16.51
CA PHE T 18 -61.87 35.46 -16.12
C PHE T 18 -60.68 36.15 -15.47
N GLN T 19 -59.94 35.44 -14.62
CA GLN T 19 -58.79 36.08 -14.01
C GLN T 19 -57.78 36.55 -15.07
N VAL T 20 -57.64 35.79 -16.15
CA VAL T 20 -56.72 36.17 -17.23
C VAL T 20 -57.23 37.42 -17.92
N GLU T 21 -58.54 37.47 -18.11
CA GLU T 21 -59.18 38.60 -18.75
C GLU T 21 -59.02 39.86 -17.90
N TYR T 22 -59.10 39.71 -16.59
CA TYR T 22 -58.93 40.84 -15.70
C TYR T 22 -57.48 41.33 -15.77
N ALA T 23 -56.58 40.42 -16.09
CA ALA T 23 -55.16 40.75 -16.19
C ALA T 23 -55.02 41.67 -17.40
N VAL T 24 -55.74 41.34 -18.46
CA VAL T 24 -55.70 42.14 -19.66
C VAL T 24 -56.09 43.57 -19.34
N LYS T 25 -57.12 43.74 -18.50
CA LYS T 25 -57.52 45.08 -18.13
C LYS T 25 -56.33 45.86 -17.62
N ALA T 26 -55.56 45.26 -16.70
CA ALA T 26 -54.38 45.92 -16.16
C ALA T 26 -53.41 46.34 -17.27
N VAL T 27 -53.37 45.54 -18.34
CA VAL T 27 -52.51 45.80 -19.48
C VAL T 27 -53.00 47.00 -20.29
N GLU T 28 -54.28 46.98 -20.67
CA GLU T 28 -54.89 48.06 -21.44
C GLU T 28 -54.77 49.39 -20.71
N ASN T 29 -54.73 49.32 -19.39
CA ASN T 29 -54.63 50.50 -18.56
C ASN T 29 -53.21 51.07 -18.54
N GLY T 30 -52.27 50.34 -19.11
CA GLY T 30 -50.91 50.83 -19.09
C GLY T 30 -50.47 51.59 -20.32
N THR T 31 -49.28 52.18 -20.21
CA THR T 31 -48.64 52.95 -21.28
C THR T 31 -48.68 52.20 -22.60
N THR T 32 -48.58 52.92 -23.70
CA THR T 32 -48.59 52.25 -24.99
C THR T 32 -47.15 51.96 -25.45
N SER T 33 -46.98 50.85 -26.17
CA SER T 33 -45.67 50.44 -26.69
C SER T 33 -45.87 49.66 -27.97
N ILE T 34 -44.87 49.65 -28.84
CA ILE T 34 -45.03 48.96 -30.11
C ILE T 34 -43.79 48.28 -30.62
N GLY T 35 -43.97 47.59 -31.75
CA GLY T 35 -42.89 46.90 -32.39
C GLY T 35 -43.11 46.91 -33.89
N ILE T 36 -42.07 47.24 -34.66
CA ILE T 36 -42.17 47.27 -36.11
C ILE T 36 -41.11 46.39 -36.73
N LYS T 37 -41.55 45.41 -37.49
CA LYS T 37 -40.64 44.49 -38.16
C LYS T 37 -40.26 45.11 -39.50
N CYS T 38 -38.96 45.18 -39.79
CA CYS T 38 -38.52 45.74 -41.05
C CYS T 38 -37.82 44.67 -41.89
N ASN T 39 -37.26 45.05 -43.04
CA ASN T 39 -36.62 44.09 -43.94
C ASN T 39 -35.37 43.34 -43.45
N ASP T 40 -34.83 43.70 -42.29
CA ASP T 40 -33.66 42.99 -41.77
C ASP T 40 -33.49 43.13 -40.26
N GLY T 41 -34.56 43.53 -39.58
CA GLY T 41 -34.48 43.69 -38.14
C GLY T 41 -35.83 44.07 -37.54
N VAL T 42 -35.79 44.67 -36.35
CA VAL T 42 -37.02 45.10 -35.70
C VAL T 42 -36.75 46.34 -34.84
N VAL T 43 -37.80 47.12 -34.63
CA VAL T 43 -37.67 48.34 -33.84
C VAL T 43 -38.68 48.30 -32.70
N PHE T 44 -38.24 48.77 -31.54
CA PHE T 44 -39.12 48.80 -30.38
C PHE T 44 -39.17 50.23 -29.90
N ALA T 45 -40.34 50.64 -29.43
CA ALA T 45 -40.51 51.99 -28.92
C ALA T 45 -41.63 51.97 -27.90
N VAL T 46 -41.49 52.82 -26.88
CA VAL T 46 -42.51 52.88 -25.84
C VAL T 46 -42.68 54.31 -25.30
N GLU T 47 -43.87 54.58 -24.78
CA GLU T 47 -44.22 55.86 -24.19
C GLU T 47 -43.78 55.87 -22.74
N LYS T 48 -43.26 57.00 -22.25
CA LYS T 48 -42.81 57.07 -20.86
C LYS T 48 -43.39 58.29 -20.16
N LEU T 49 -44.61 58.17 -19.64
CA LEU T 49 -45.27 59.30 -18.97
C LEU T 49 -44.42 60.04 -17.95
N ILE T 50 -44.25 61.34 -18.18
CA ILE T 50 -43.47 62.19 -17.28
C ILE T 50 -44.38 62.65 -16.15
N THR T 51 -44.49 61.83 -15.11
CA THR T 51 -45.33 62.14 -13.97
C THR T 51 -45.00 63.50 -13.37
N SER T 52 -43.71 63.83 -13.38
CA SER T 52 -43.25 65.08 -12.81
C SER T 52 -41.93 65.54 -13.41
N LYS T 53 -41.49 66.71 -12.98
CA LYS T 53 -40.23 67.28 -13.42
C LYS T 53 -39.10 66.63 -12.64
N LEU T 54 -39.45 65.89 -11.60
CA LEU T 54 -38.46 65.24 -10.76
C LEU T 54 -37.85 63.99 -11.41
N LEU T 55 -38.55 63.41 -12.37
CA LEU T 55 -38.05 62.23 -13.06
C LEU T 55 -36.80 62.56 -13.86
N VAL T 56 -35.66 62.06 -13.41
CA VAL T 56 -34.41 62.31 -14.13
C VAL T 56 -34.65 61.84 -15.57
N PRO T 57 -34.52 62.75 -16.53
CA PRO T 57 -34.74 62.37 -17.93
C PRO T 57 -33.80 61.27 -18.42
N GLN T 58 -34.29 60.47 -19.36
CA GLN T 58 -33.52 59.40 -19.98
C GLN T 58 -33.06 58.26 -19.03
N LYS T 59 -33.30 58.41 -17.74
CA LYS T 59 -32.87 57.41 -16.78
C LYS T 59 -33.77 56.18 -16.62
N ASN T 60 -34.98 56.36 -16.12
CA ASN T 60 -35.89 55.23 -15.92
C ASN T 60 -36.18 54.49 -17.22
N VAL T 61 -35.25 53.62 -17.63
CA VAL T 61 -35.39 52.85 -18.88
C VAL T 61 -36.41 51.72 -18.77
N LYS T 62 -37.06 51.41 -19.88
CA LYS T 62 -38.06 50.37 -19.88
C LYS T 62 -37.73 49.19 -20.78
N ILE T 63 -37.29 49.47 -22.01
CA ILE T 63 -36.96 48.39 -22.92
C ILE T 63 -35.84 47.56 -22.33
N GLN T 64 -35.93 46.25 -22.51
CA GLN T 64 -34.91 45.36 -21.98
C GLN T 64 -34.37 44.42 -23.03
N VAL T 65 -33.14 43.99 -22.82
CA VAL T 65 -32.51 43.08 -23.75
C VAL T 65 -32.38 41.71 -23.11
N VAL T 66 -32.45 40.68 -23.95
CA VAL T 66 -32.30 39.31 -23.51
C VAL T 66 -31.13 38.80 -24.32
N ASP T 67 -30.10 38.32 -23.62
CA ASP T 67 -28.91 37.82 -24.28
C ASP T 67 -28.26 39.03 -24.97
N ARG T 68 -28.04 38.94 -26.27
CA ARG T 68 -27.42 40.02 -26.99
C ARG T 68 -28.20 40.44 -28.24
N HIS T 69 -29.18 39.63 -28.63
CA HIS T 69 -29.97 39.89 -29.85
C HIS T 69 -31.47 40.05 -29.65
N ILE T 70 -31.97 39.91 -28.43
CA ILE T 70 -33.40 40.02 -28.19
C ILE T 70 -33.77 41.30 -27.47
N GLY T 71 -34.82 41.94 -27.97
CA GLY T 71 -35.29 43.16 -27.36
C GLY T 71 -36.70 42.95 -26.87
N CYS T 72 -36.98 43.39 -25.65
CA CYS T 72 -38.31 43.24 -25.07
C CYS T 72 -38.91 44.51 -24.48
N VAL T 73 -40.16 44.76 -24.84
CA VAL T 73 -40.89 45.92 -24.33
C VAL T 73 -42.29 45.43 -23.97
N TYR T 74 -42.84 46.00 -22.90
CA TYR T 74 -44.15 45.59 -22.44
C TYR T 74 -45.02 46.70 -21.82
N SER T 75 -46.33 46.44 -21.85
CA SER T 75 -47.32 47.35 -21.31
C SER T 75 -48.06 46.66 -20.16
N GLY T 76 -48.33 47.41 -19.11
CA GLY T 76 -49.03 46.82 -17.98
C GLY T 76 -48.28 47.01 -16.69
N LEU T 77 -48.29 45.98 -15.83
CA LEU T 77 -47.60 46.00 -14.55
C LEU T 77 -46.12 45.79 -14.81
N ILE T 78 -45.36 46.88 -14.78
CA ILE T 78 -43.92 46.82 -15.06
C ILE T 78 -43.19 45.74 -14.28
N PRO T 79 -43.38 45.69 -12.96
CA PRO T 79 -42.67 44.64 -12.23
C PRO T 79 -42.89 43.26 -12.87
N ASP T 80 -44.12 42.93 -13.23
CA ASP T 80 -44.41 41.64 -13.86
C ASP T 80 -43.60 41.45 -15.14
N GLY T 81 -43.38 42.55 -15.85
CA GLY T 81 -42.62 42.52 -17.09
C GLY T 81 -41.18 42.14 -16.86
N ARG T 82 -40.58 42.73 -15.84
CA ARG T 82 -39.19 42.45 -15.50
C ARG T 82 -39.08 40.95 -15.17
N HIS T 83 -39.99 40.48 -14.32
CA HIS T 83 -40.03 39.07 -13.91
C HIS T 83 -39.99 38.18 -15.14
N LEU T 84 -40.84 38.47 -16.13
CA LEU T 84 -40.88 37.68 -17.35
C LEU T 84 -39.57 37.73 -18.13
N VAL T 85 -38.85 38.85 -18.04
CA VAL T 85 -37.59 38.99 -18.76
C VAL T 85 -36.49 38.22 -18.03
N ASN T 86 -36.50 38.28 -16.71
CA ASN T 86 -35.52 37.56 -15.91
C ASN T 86 -35.60 36.10 -16.32
N ARG T 87 -36.81 35.58 -16.41
CA ARG T 87 -37.02 34.21 -16.80
C ARG T 87 -36.44 34.03 -18.21
N GLY T 88 -36.95 34.80 -19.15
CA GLY T 88 -36.46 34.73 -20.52
C GLY T 88 -34.95 34.74 -20.57
N ARG T 89 -34.32 35.57 -19.75
CA ARG T 89 -32.87 35.63 -19.75
C ARG T 89 -32.24 34.29 -19.38
N GLU T 90 -32.79 33.63 -18.36
CA GLU T 90 -32.30 32.34 -17.92
C GLU T 90 -32.60 31.35 -19.02
N GLU T 91 -33.83 31.42 -19.48
CA GLU T 91 -34.32 30.55 -20.53
C GLU T 91 -33.34 30.58 -21.70
N ALA T 92 -32.81 31.76 -21.98
CA ALA T 92 -31.86 31.95 -23.09
C ALA T 92 -30.48 31.40 -22.79
N ALA T 93 -29.97 31.71 -21.60
CA ALA T 93 -28.66 31.22 -21.16
C ALA T 93 -28.63 29.69 -21.18
N SER T 94 -29.69 29.09 -20.67
CA SER T 94 -29.82 27.64 -20.62
C SER T 94 -29.74 27.07 -22.03
N PHE T 95 -30.43 27.70 -22.96
CA PHE T 95 -30.44 27.23 -24.35
C PHE T 95 -29.04 27.32 -24.96
N LYS T 96 -28.43 28.49 -24.84
CA LYS T 96 -27.10 28.69 -25.39
C LYS T 96 -26.08 27.71 -24.80
N LYS T 97 -26.11 27.58 -23.47
CA LYS T 97 -25.19 26.69 -22.78
C LYS T 97 -25.17 25.28 -23.37
N LEU T 98 -26.35 24.74 -23.66
CA LEU T 98 -26.42 23.40 -24.20
C LEU T 98 -26.21 23.29 -25.71
N TYR T 99 -26.76 24.24 -26.46
CA TYR T 99 -26.65 24.21 -27.92
C TYR T 99 -25.60 25.13 -28.56
N LYS T 100 -24.92 25.92 -27.72
CA LYS T 100 -23.86 26.83 -28.17
C LYS T 100 -24.38 28.06 -28.89
N THR T 101 -25.23 27.85 -29.89
CA THR T 101 -25.81 28.94 -30.65
C THR T 101 -26.83 29.74 -29.84
N PRO T 102 -26.85 31.07 -29.99
CA PRO T 102 -27.81 31.89 -29.25
C PRO T 102 -29.25 31.56 -29.71
N ILE T 103 -30.16 31.50 -28.75
CA ILE T 103 -31.55 31.12 -28.98
C ILE T 103 -32.33 31.83 -30.08
N PRO T 104 -32.90 31.05 -31.02
CA PRO T 104 -33.70 31.52 -32.15
C PRO T 104 -34.91 32.26 -31.59
N ILE T 105 -35.33 33.34 -32.27
CA ILE T 105 -36.46 34.13 -31.79
C ILE T 105 -37.72 33.31 -31.56
N PRO T 106 -38.11 32.45 -32.51
CA PRO T 106 -39.31 31.63 -32.35
C PRO T 106 -39.18 30.75 -31.10
N ALA T 107 -38.04 30.08 -30.98
CA ALA T 107 -37.74 29.22 -29.83
C ALA T 107 -37.89 30.02 -28.55
N PHE T 108 -37.37 31.24 -28.56
CA PHE T 108 -37.46 32.11 -27.38
C PHE T 108 -38.91 32.47 -27.08
N ALA T 109 -39.68 32.69 -28.13
CA ALA T 109 -41.07 33.05 -27.98
C ALA T 109 -41.83 32.00 -27.20
N ASP T 110 -41.66 30.74 -27.61
CA ASP T 110 -42.36 29.65 -26.94
C ASP T 110 -41.93 29.48 -25.49
N ARG T 111 -40.68 29.81 -25.20
CA ARG T 111 -40.17 29.72 -23.85
C ARG T 111 -41.00 30.63 -22.97
N LEU T 112 -41.14 31.88 -23.41
CA LEU T 112 -41.94 32.86 -22.68
C LEU T 112 -43.39 32.41 -22.75
N GLY T 113 -43.76 31.89 -23.92
CA GLY T 113 -45.11 31.42 -24.11
C GLY T 113 -45.48 30.42 -23.04
N GLN T 114 -44.81 29.28 -23.07
CA GLN T 114 -45.03 28.19 -22.12
C GLN T 114 -45.03 28.64 -20.66
N TYR T 115 -44.08 29.50 -20.31
CA TYR T 115 -43.97 30.00 -18.94
C TYR T 115 -45.19 30.82 -18.51
N VAL T 116 -45.67 31.68 -19.41
CA VAL T 116 -46.82 32.51 -19.10
C VAL T 116 -48.08 31.66 -19.03
N GLN T 117 -48.23 30.76 -20.00
CA GLN T 117 -49.38 29.87 -20.05
C GLN T 117 -49.44 29.11 -18.72
N ALA T 118 -48.26 28.78 -18.20
CA ALA T 118 -48.15 28.06 -16.94
C ALA T 118 -48.87 28.79 -15.81
N HIS T 119 -48.82 30.13 -15.81
CA HIS T 119 -49.47 30.90 -14.75
C HIS T 119 -50.98 31.06 -14.91
N THR T 120 -51.60 30.17 -15.67
CA THR T 120 -53.04 30.19 -15.87
C THR T 120 -53.60 28.81 -15.54
N LEU T 121 -52.71 27.92 -15.10
CA LEU T 121 -53.05 26.55 -14.76
C LEU T 121 -53.40 26.28 -13.30
N TYR T 122 -52.90 27.11 -12.38
CA TYR T 122 -53.14 26.90 -10.97
C TYR T 122 -53.74 28.14 -10.33
N ASN T 123 -54.45 27.98 -9.23
CA ASN T 123 -55.07 29.10 -8.53
C ASN T 123 -54.17 29.66 -7.46
N SER T 124 -52.94 29.15 -7.42
CA SER T 124 -51.97 29.59 -6.42
C SER T 124 -51.04 30.64 -7.01
N VAL T 125 -51.28 31.01 -8.25
CA VAL T 125 -50.48 32.04 -8.90
C VAL T 125 -51.40 32.99 -9.64
N ARG T 126 -50.91 34.20 -9.88
CA ARG T 126 -51.67 35.21 -10.58
C ARG T 126 -51.17 35.26 -12.03
N PRO T 127 -52.05 35.55 -12.99
CA PRO T 127 -51.53 35.61 -14.37
C PRO T 127 -50.65 36.86 -14.51
N PHE T 128 -49.92 36.94 -15.61
CA PHE T 128 -49.07 38.11 -15.83
C PHE T 128 -49.87 39.33 -16.22
N GLY T 129 -49.55 40.45 -15.57
CA GLY T 129 -50.23 41.69 -15.87
C GLY T 129 -49.56 42.52 -16.96
N VAL T 130 -49.08 41.85 -18.01
CA VAL T 130 -48.42 42.54 -19.11
C VAL T 130 -48.58 41.83 -20.43
N SER T 131 -48.49 42.61 -21.50
CA SER T 131 -48.54 42.08 -22.84
C SER T 131 -47.13 42.49 -23.25
N THR T 132 -46.41 41.59 -23.92
CA THR T 132 -45.03 41.88 -24.28
C THR T 132 -44.76 41.79 -25.77
N ILE T 133 -43.98 42.75 -26.24
CA ILE T 133 -43.57 42.79 -27.63
C ILE T 133 -42.07 42.60 -27.58
N PHE T 134 -41.58 41.61 -28.30
CA PHE T 134 -40.17 41.30 -28.30
C PHE T 134 -39.79 40.70 -29.64
N GLY T 135 -38.49 40.63 -29.92
CA GLY T 135 -38.04 40.10 -31.18
C GLY T 135 -36.55 40.32 -31.37
N GLY T 136 -36.06 39.95 -32.55
CA GLY T 136 -34.66 40.11 -32.85
C GLY T 136 -34.33 39.49 -34.19
N VAL T 137 -33.03 39.30 -34.44
CA VAL T 137 -32.55 38.72 -35.68
C VAL T 137 -31.82 37.41 -35.40
N ASP T 138 -32.09 36.38 -36.19
CA ASP T 138 -31.42 35.13 -35.96
C ASP T 138 -31.00 34.44 -37.25
N LYS T 139 -30.50 33.20 -37.12
CA LYS T 139 -30.03 32.40 -38.24
C LYS T 139 -30.82 32.60 -39.53
N ASN T 140 -32.09 32.96 -39.43
CA ASN T 140 -32.85 33.18 -40.65
C ASN T 140 -33.91 34.27 -40.57
N GLY T 141 -33.44 35.51 -40.56
CA GLY T 141 -34.36 36.63 -40.53
C GLY T 141 -34.59 37.32 -39.22
N ALA T 142 -35.56 38.24 -39.25
CA ALA T 142 -35.95 39.00 -38.10
C ALA T 142 -37.35 38.48 -37.74
N HIS T 143 -37.67 38.57 -36.46
CA HIS T 143 -38.97 38.09 -35.99
C HIS T 143 -39.53 39.04 -34.94
N LEU T 144 -40.81 39.36 -35.07
CA LEU T 144 -41.50 40.23 -34.13
C LEU T 144 -42.62 39.43 -33.46
N TYR T 145 -42.72 39.56 -32.15
CA TYR T 145 -43.73 38.81 -31.40
C TYR T 145 -44.42 39.64 -30.35
N MET T 146 -45.64 39.21 -30.01
CA MET T 146 -46.42 39.83 -28.96
C MET T 146 -47.05 38.70 -28.17
N LEU T 147 -46.96 38.81 -26.84
CA LEU T 147 -47.44 37.78 -25.96
C LEU T 147 -48.51 38.33 -25.03
N GLU T 148 -49.64 37.60 -24.94
CA GLU T 148 -50.76 38.01 -24.10
C GLU T 148 -50.70 37.34 -22.72
N PRO T 149 -51.38 37.90 -21.70
CA PRO T 149 -51.36 37.29 -20.37
C PRO T 149 -51.82 35.82 -20.44
N SER T 150 -52.62 35.51 -21.44
CA SER T 150 -53.13 34.16 -21.64
C SER T 150 -52.00 33.22 -22.07
N GLY T 151 -50.87 33.80 -22.43
CA GLY T 151 -49.76 33.00 -22.88
C GLY T 151 -49.79 32.89 -24.39
N SER T 152 -50.87 33.41 -24.99
CA SER T 152 -51.02 33.38 -26.45
C SER T 152 -50.04 34.38 -27.08
N TYR T 153 -49.52 34.03 -28.25
CA TYR T 153 -48.58 34.88 -28.96
C TYR T 153 -48.52 34.48 -30.42
N TRP T 154 -48.20 35.45 -31.28
CA TRP T 154 -48.08 35.20 -32.72
C TRP T 154 -46.98 36.07 -33.31
N GLY T 155 -46.62 35.77 -34.56
CA GLY T 155 -45.61 36.55 -35.25
C GLY T 155 -46.29 37.76 -35.90
N TYR T 156 -45.66 38.92 -35.79
CA TYR T 156 -46.25 40.12 -36.36
C TYR T 156 -45.36 40.91 -37.30
N LYS T 157 -46.02 41.72 -38.14
CA LYS T 157 -45.35 42.61 -39.07
C LYS T 157 -45.21 43.88 -38.24
N GLY T 158 -46.26 44.17 -37.48
CA GLY T 158 -46.26 45.32 -36.62
C GLY T 158 -47.13 44.94 -35.46
N ALA T 159 -46.84 45.46 -34.28
CA ALA T 159 -47.63 45.14 -33.11
C ALA T 159 -47.63 46.27 -32.10
N ALA T 160 -48.70 46.35 -31.34
CA ALA T 160 -48.83 47.39 -30.35
C ALA T 160 -49.79 46.98 -29.25
N THR T 161 -49.58 47.55 -28.07
CA THR T 161 -50.41 47.26 -26.93
C THR T 161 -50.37 48.47 -26.00
N GLY T 162 -51.29 48.50 -25.04
CA GLY T 162 -51.34 49.61 -24.10
C GLY T 162 -52.47 50.57 -24.43
N LYS T 163 -52.50 51.68 -23.68
CA LYS T 163 -53.51 52.72 -23.85
C LYS T 163 -53.91 53.04 -25.30
N GLY T 164 -52.95 53.31 -26.16
CA GLY T 164 -53.29 53.66 -27.54
C GLY T 164 -53.00 52.61 -28.58
N ARG T 165 -53.26 51.35 -28.21
CA ARG T 165 -53.02 50.25 -29.13
C ARG T 165 -53.77 50.40 -30.47
N GLN T 166 -54.94 51.05 -30.41
CA GLN T 166 -55.78 51.26 -31.59
C GLN T 166 -55.19 52.28 -32.55
N SER T 167 -54.78 53.43 -32.00
CA SER T 167 -54.18 54.48 -32.81
C SER T 167 -53.00 53.82 -33.52
N ALA T 168 -52.15 53.21 -32.71
CA ALA T 168 -50.98 52.52 -33.19
C ALA T 168 -51.37 51.53 -34.28
N LYS T 169 -52.11 50.50 -33.91
CA LYS T 169 -52.54 49.49 -34.87
C LYS T 169 -53.06 50.11 -36.15
N ALA T 170 -53.79 51.22 -36.01
CA ALA T 170 -54.32 51.92 -37.18
C ALA T 170 -53.13 52.31 -38.05
N GLU T 171 -52.20 53.06 -37.46
CA GLU T 171 -51.01 53.50 -38.17
C GLU T 171 -50.26 52.32 -38.78
N LEU T 172 -49.98 51.32 -37.94
CA LEU T 172 -49.26 50.14 -38.39
C LEU T 172 -49.89 49.54 -39.63
N GLU T 173 -51.22 49.41 -39.63
CA GLU T 173 -51.90 48.83 -40.78
C GLU T 173 -51.65 49.65 -42.04
N LYS T 174 -51.56 50.97 -41.89
CA LYS T 174 -51.30 51.83 -43.04
C LYS T 174 -49.95 51.42 -43.62
N LEU T 175 -48.93 51.45 -42.76
CA LEU T 175 -47.57 51.08 -43.13
C LEU T 175 -47.53 49.77 -43.88
N VAL T 176 -48.16 48.74 -43.32
CA VAL T 176 -48.17 47.44 -43.95
C VAL T 176 -48.65 47.51 -45.41
N ASP T 177 -49.68 48.31 -45.64
CA ASP T 177 -50.25 48.47 -46.98
C ASP T 177 -49.37 49.32 -47.89
N HIS T 178 -48.91 50.46 -47.37
CA HIS T 178 -48.08 51.37 -48.15
C HIS T 178 -46.61 50.97 -48.26
N HIS T 179 -46.28 49.72 -47.95
CA HIS T 179 -44.90 49.26 -48.02
C HIS T 179 -44.85 47.75 -48.19
N PRO T 180 -45.47 47.22 -49.24
CA PRO T 180 -45.49 45.78 -49.50
C PRO T 180 -44.11 45.20 -49.82
N GLU T 181 -43.13 46.08 -50.02
CA GLU T 181 -41.77 45.66 -50.33
C GLU T 181 -40.91 45.52 -49.06
N GLY T 182 -41.32 46.22 -48.00
CA GLY T 182 -40.60 46.15 -46.76
C GLY T 182 -39.98 47.47 -46.34
N LEU T 183 -40.19 47.84 -45.08
CA LEU T 183 -39.64 49.08 -44.54
C LEU T 183 -38.15 48.88 -44.24
N SER T 184 -37.44 49.94 -43.89
CA SER T 184 -36.02 49.82 -43.60
C SER T 184 -35.79 50.17 -42.14
N ALA T 185 -34.69 49.66 -41.59
CA ALA T 185 -34.36 49.92 -40.20
C ALA T 185 -34.40 51.41 -39.89
N ARG T 186 -33.72 52.20 -40.73
CA ARG T 186 -33.66 53.65 -40.57
C ARG T 186 -35.07 54.24 -40.61
N GLU T 187 -35.86 53.77 -41.59
CA GLU T 187 -37.23 54.23 -41.76
C GLU T 187 -38.09 53.93 -40.54
N ALA T 188 -38.15 52.63 -40.18
CA ALA T 188 -38.93 52.15 -39.04
C ALA T 188 -38.66 52.94 -37.77
N VAL T 189 -37.40 53.27 -37.52
CA VAL T 189 -37.04 54.01 -36.33
C VAL T 189 -37.82 55.33 -36.20
N LYS T 190 -37.99 56.02 -37.32
CA LYS T 190 -38.72 57.31 -37.34
C LYS T 190 -40.20 57.00 -37.25
N GLN T 191 -40.65 56.13 -38.15
CA GLN T 191 -42.04 55.73 -38.22
C GLN T 191 -42.54 55.38 -36.83
N ALA T 192 -41.71 54.66 -36.09
CA ALA T 192 -42.03 54.25 -34.73
C ALA T 192 -42.24 55.48 -33.86
N ALA T 193 -41.26 56.38 -33.88
CA ALA T 193 -41.31 57.60 -33.09
C ALA T 193 -42.61 58.36 -33.36
N LYS T 194 -43.06 58.30 -34.61
CA LYS T 194 -44.30 58.96 -34.98
C LYS T 194 -45.48 58.26 -34.29
N ILE T 195 -45.62 56.98 -34.58
CA ILE T 195 -46.71 56.19 -34.02
C ILE T 195 -46.83 56.35 -32.52
N ILE T 196 -45.71 56.49 -31.82
CA ILE T 196 -45.81 56.68 -30.38
C ILE T 196 -46.44 58.04 -30.11
N TYR T 197 -45.99 59.04 -30.88
CA TYR T 197 -46.51 60.40 -30.76
C TYR T 197 -48.01 60.47 -31.01
N LEU T 198 -48.45 59.81 -32.08
CA LEU T 198 -49.86 59.77 -32.41
C LEU T 198 -50.63 59.09 -31.28
N ALA T 199 -50.26 57.83 -31.03
CA ALA T 199 -50.89 57.05 -30.00
C ALA T 199 -50.82 57.71 -28.62
N HIS T 200 -50.08 58.80 -28.50
CA HIS T 200 -49.98 59.47 -27.19
C HIS T 200 -51.18 60.35 -26.92
N GLU T 201 -52.01 60.54 -27.94
CA GLU T 201 -53.22 61.37 -27.82
C GLU T 201 -54.21 60.84 -26.80
N ASP T 202 -54.26 59.51 -26.67
CA ASP T 202 -55.17 58.85 -25.74
C ASP T 202 -54.60 58.97 -24.33
N ASN T 203 -53.77 59.98 -24.12
CA ASN T 203 -53.14 60.22 -22.82
C ASN T 203 -52.53 61.61 -22.87
N LYS T 204 -52.87 62.35 -23.93
CA LYS T 204 -52.38 63.70 -24.19
C LYS T 204 -52.30 64.62 -22.97
N GLU T 205 -52.94 64.22 -21.88
CA GLU T 205 -52.94 65.03 -20.66
C GLU T 205 -51.54 65.18 -20.05
N LYS T 206 -50.81 64.08 -19.93
CA LYS T 206 -49.47 64.11 -19.34
C LYS T 206 -48.39 64.14 -20.42
N ASP T 207 -47.25 64.76 -20.10
CA ASP T 207 -46.15 64.84 -21.04
C ASP T 207 -45.39 63.52 -20.96
N PHE T 208 -44.79 63.10 -22.07
CA PHE T 208 -44.07 61.83 -22.09
C PHE T 208 -42.64 61.94 -22.60
N GLU T 209 -41.94 60.82 -22.51
CA GLU T 209 -40.56 60.73 -22.98
C GLU T 209 -40.46 59.53 -23.93
N LEU T 210 -39.88 59.75 -25.10
CA LEU T 210 -39.74 58.69 -26.08
C LEU T 210 -38.55 57.77 -25.79
N GLU T 211 -38.68 56.51 -26.23
CA GLU T 211 -37.64 55.52 -26.06
C GLU T 211 -37.74 54.50 -27.19
N ILE T 212 -36.65 54.34 -27.91
CA ILE T 212 -36.62 53.43 -29.04
C ILE T 212 -35.37 52.56 -28.95
N SER T 213 -35.43 51.40 -29.59
CA SER T 213 -34.32 50.47 -29.63
C SER T 213 -34.52 49.67 -30.91
N TRP T 214 -33.46 49.05 -31.39
CA TRP T 214 -33.58 48.30 -32.62
C TRP T 214 -32.53 47.22 -32.77
N CYS T 215 -32.82 46.30 -33.68
CA CYS T 215 -31.96 45.18 -33.96
C CYS T 215 -32.05 44.98 -35.47
N SER T 216 -31.00 45.40 -36.18
CA SER T 216 -30.96 45.27 -37.64
C SER T 216 -29.69 44.58 -38.08
N LEU T 217 -29.85 43.56 -38.92
CA LEU T 217 -28.73 42.80 -39.42
C LEU T 217 -27.64 43.69 -40.01
N SER T 218 -28.03 44.84 -40.54
CA SER T 218 -27.06 45.75 -41.14
C SER T 218 -26.73 46.94 -40.25
N GLU T 219 -27.75 47.59 -39.71
CA GLU T 219 -27.54 48.76 -38.88
C GLU T 219 -26.92 48.51 -37.50
N THR T 220 -27.10 47.31 -36.96
CA THR T 220 -26.54 46.99 -35.63
C THR T 220 -25.82 45.64 -35.61
N ASN T 221 -25.65 45.05 -36.79
CA ASN T 221 -24.97 43.76 -36.90
C ASN T 221 -25.75 42.65 -36.23
N GLY T 222 -27.07 42.79 -36.16
CA GLY T 222 -27.88 41.76 -35.55
C GLY T 222 -27.96 41.84 -34.03
N LEU T 223 -27.38 42.87 -33.45
CA LEU T 223 -27.40 43.04 -32.01
C LEU T 223 -28.41 44.08 -31.59
N HIS T 224 -29.00 43.89 -30.43
CA HIS T 224 -29.98 44.84 -29.92
C HIS T 224 -29.24 46.03 -29.33
N LYS T 225 -29.61 47.23 -29.77
CA LYS T 225 -29.00 48.46 -29.29
C LYS T 225 -30.07 49.53 -29.16
N PHE T 226 -29.87 50.45 -28.22
CA PHE T 226 -30.81 51.54 -27.99
C PHE T 226 -30.52 52.70 -28.94
N VAL T 227 -31.56 53.39 -29.36
CA VAL T 227 -31.40 54.53 -30.25
C VAL T 227 -31.10 55.73 -29.35
N LYS T 228 -29.94 56.34 -29.55
CA LYS T 228 -29.54 57.49 -28.72
C LYS T 228 -29.13 58.72 -29.55
N GLY T 229 -28.85 59.81 -28.83
CA GLY T 229 -28.43 61.05 -29.43
C GLY T 229 -29.06 61.49 -30.74
N ASP T 230 -28.20 61.78 -31.70
CA ASP T 230 -28.61 62.25 -33.02
C ASP T 230 -29.74 61.45 -33.68
N LEU T 231 -29.52 60.15 -33.87
CA LEU T 231 -30.54 59.32 -34.52
C LEU T 231 -31.86 59.35 -33.77
N LEU T 232 -31.80 59.60 -32.47
CA LEU T 232 -33.01 59.68 -31.65
C LEU T 232 -33.70 61.00 -31.94
N GLN T 233 -32.94 62.09 -31.91
CA GLN T 233 -33.47 63.42 -32.16
C GLN T 233 -34.08 63.48 -33.54
N GLU T 234 -33.33 62.97 -34.52
CA GLU T 234 -33.78 62.94 -35.89
C GLU T 234 -35.17 62.31 -36.01
N ALA T 235 -35.39 61.24 -35.24
CA ALA T 235 -36.68 60.55 -35.26
C ALA T 235 -37.72 61.31 -34.43
N ILE T 236 -37.29 61.93 -33.33
CA ILE T 236 -38.19 62.71 -32.49
C ILE T 236 -38.78 63.85 -33.31
N ASP T 237 -37.94 64.45 -34.14
CA ASP T 237 -38.36 65.55 -34.99
C ASP T 237 -39.28 65.05 -36.09
N PHE T 238 -38.88 63.98 -36.77
CA PHE T 238 -39.70 63.43 -37.83
C PHE T 238 -41.15 63.25 -37.37
N ALA T 239 -41.32 63.03 -36.07
CA ALA T 239 -42.65 62.86 -35.50
C ALA T 239 -43.22 64.25 -35.19
N GLN T 240 -42.48 65.01 -34.39
CA GLN T 240 -42.87 66.37 -34.02
C GLN T 240 -43.37 67.16 -35.21
N LYS T 241 -42.82 66.84 -36.38
CA LYS T 241 -43.19 67.51 -37.62
C LYS T 241 -44.54 67.06 -38.15
N GLU T 242 -44.76 65.75 -38.24
CA GLU T 242 -46.01 65.22 -38.74
C GLU T 242 -47.15 65.17 -37.73
N ILE T 243 -46.86 65.62 -36.51
CA ILE T 243 -47.89 65.66 -35.48
C ILE T 243 -48.70 66.93 -35.75
N ASN T 244 -48.17 67.74 -36.66
CA ASN T 244 -48.79 69.02 -37.06
C ASN T 244 -48.93 69.08 -38.58
N ALA U 1 -70.27 23.84 -1.01
CA ALA U 1 -71.32 23.18 -1.85
C ALA U 1 -71.19 23.60 -3.32
N GLY U 2 -71.72 24.77 -3.64
CA GLY U 2 -71.69 25.27 -5.01
C GLY U 2 -70.30 25.34 -5.64
N TYR U 3 -69.28 24.92 -4.90
CA TYR U 3 -67.92 24.93 -5.41
C TYR U 3 -67.67 23.72 -6.29
N ASP U 4 -68.66 22.85 -6.40
CA ASP U 4 -68.51 21.66 -7.22
C ASP U 4 -68.55 22.06 -8.69
N ARG U 5 -68.56 23.36 -8.94
CA ARG U 5 -68.59 23.89 -10.29
C ARG U 5 -67.29 24.61 -10.60
N HIS U 6 -66.43 24.76 -9.60
CA HIS U 6 -65.16 25.43 -9.77
C HIS U 6 -63.99 24.47 -9.84
N ILE U 7 -64.03 23.44 -9.01
CA ILE U 7 -62.96 22.46 -8.99
C ILE U 7 -63.47 21.14 -9.50
N THR U 8 -62.57 20.22 -9.83
CA THR U 8 -62.95 18.93 -10.37
C THR U 8 -63.47 17.88 -9.40
N ILE U 9 -64.63 18.14 -8.80
CA ILE U 9 -65.26 17.17 -7.90
C ILE U 9 -66.65 16.91 -8.45
N PHE U 10 -67.23 15.77 -8.09
CA PHE U 10 -68.54 15.40 -8.58
C PHE U 10 -69.67 16.29 -8.10
N SER U 11 -70.63 16.53 -9.00
CA SER U 11 -71.82 17.31 -8.67
C SER U 11 -72.80 16.22 -8.27
N PRO U 12 -73.89 16.57 -7.56
CA PRO U 12 -74.86 15.55 -7.15
C PRO U 12 -75.32 14.62 -8.27
N GLU U 13 -75.32 15.12 -9.50
CA GLU U 13 -75.75 14.32 -10.65
C GLU U 13 -74.61 13.43 -11.13
N GLY U 14 -73.44 13.58 -10.51
CA GLY U 14 -72.28 12.78 -10.86
C GLY U 14 -71.50 13.35 -12.03
N ARG U 15 -71.62 14.66 -12.23
CA ARG U 15 -70.95 15.33 -13.32
C ARG U 15 -69.76 16.17 -12.87
N LEU U 16 -68.90 16.47 -13.84
CA LEU U 16 -67.73 17.29 -13.57
C LEU U 16 -67.79 18.53 -14.47
N TYR U 17 -68.48 19.55 -13.98
CA TYR U 17 -68.67 20.79 -14.73
C TYR U 17 -67.40 21.41 -15.33
N GLN U 18 -66.32 21.45 -14.56
CA GLN U 18 -65.08 22.01 -15.05
C GLN U 18 -64.60 21.32 -16.30
N VAL U 19 -64.86 20.03 -16.42
CA VAL U 19 -64.44 19.31 -17.62
C VAL U 19 -65.38 19.69 -18.76
N GLU U 20 -66.65 19.85 -18.43
CA GLU U 20 -67.65 20.22 -19.41
C GLU U 20 -67.34 21.60 -19.96
N TYR U 21 -67.01 22.52 -19.06
CA TYR U 21 -66.67 23.89 -19.45
C TYR U 21 -65.36 23.90 -20.23
N ALA U 22 -64.47 22.97 -19.91
CA ALA U 22 -63.19 22.89 -20.60
C ALA U 22 -63.51 22.57 -22.05
N PHE U 23 -64.51 21.71 -22.26
CA PHE U 23 -64.94 21.34 -23.60
C PHE U 23 -65.42 22.58 -24.33
N LYS U 24 -66.15 23.42 -23.62
CA LYS U 24 -66.68 24.63 -24.21
C LYS U 24 -65.55 25.44 -24.82
N ALA U 25 -64.45 25.55 -24.08
CA ALA U 25 -63.31 26.32 -24.55
C ALA U 25 -62.74 25.83 -25.88
N THR U 26 -62.88 24.55 -26.17
CA THR U 26 -62.35 24.00 -27.42
C THR U 26 -62.95 24.58 -28.69
N ASN U 27 -64.03 25.35 -28.56
CA ASN U 27 -64.65 25.95 -29.73
C ASN U 27 -64.35 27.43 -29.83
N GLN U 28 -63.62 27.94 -28.84
CA GLN U 28 -63.29 29.34 -28.78
C GLN U 28 -62.66 29.93 -30.04
N THR U 29 -61.86 29.15 -30.74
CA THR U 29 -61.18 29.63 -31.95
C THR U 29 -62.07 29.56 -33.19
N ASN U 30 -63.25 29.00 -33.04
CA ASN U 30 -64.20 28.87 -34.13
C ASN U 30 -63.63 28.24 -35.40
N ILE U 31 -62.74 27.27 -35.24
CA ILE U 31 -62.13 26.60 -36.38
C ILE U 31 -62.61 25.17 -36.50
N ASN U 32 -62.70 24.70 -37.73
CA ASN U 32 -63.14 23.33 -37.96
C ASN U 32 -62.00 22.58 -38.63
N SER U 33 -61.89 21.30 -38.31
CA SER U 33 -60.86 20.45 -38.88
C SER U 33 -61.40 19.05 -39.04
N LEU U 34 -60.78 18.29 -39.93
CA LEU U 34 -61.20 16.92 -40.17
C LEU U 34 -60.01 16.13 -40.66
N ALA U 35 -60.06 14.83 -40.43
CA ALA U 35 -59.00 13.95 -40.86
C ALA U 35 -59.60 12.73 -41.52
N VAL U 36 -58.94 12.25 -42.56
CA VAL U 36 -59.41 11.09 -43.29
C VAL U 36 -58.24 10.19 -43.58
N ARG U 37 -58.53 8.92 -43.78
CA ARG U 37 -57.46 7.99 -44.05
C ARG U 37 -57.40 7.59 -45.51
N GLY U 38 -56.19 7.66 -46.06
CA GLY U 38 -55.98 7.27 -47.43
C GLY U 38 -55.77 5.77 -47.46
N LYS U 39 -55.16 5.27 -48.53
CA LYS U 39 -54.89 3.86 -48.67
C LYS U 39 -53.61 3.59 -47.89
N ASP U 40 -52.71 4.57 -47.93
CA ASP U 40 -51.43 4.46 -47.24
C ASP U 40 -50.95 5.84 -46.76
N CYS U 41 -51.88 6.64 -46.26
CA CYS U 41 -51.56 7.97 -45.75
C CYS U 41 -52.74 8.46 -44.91
N THR U 42 -52.54 9.59 -44.23
CA THR U 42 -53.58 10.17 -43.41
C THR U 42 -53.51 11.67 -43.63
N VAL U 43 -54.66 12.30 -43.82
CA VAL U 43 -54.72 13.72 -44.08
C VAL U 43 -55.58 14.47 -43.08
N VAL U 44 -55.12 15.67 -42.72
CA VAL U 44 -55.86 16.50 -41.81
C VAL U 44 -55.98 17.90 -42.38
N ILE U 45 -57.23 18.37 -42.45
CA ILE U 45 -57.54 19.69 -42.97
C ILE U 45 -58.02 20.51 -41.79
N SER U 46 -57.70 21.79 -41.79
CA SER U 46 -58.14 22.65 -40.71
C SER U 46 -58.24 24.06 -41.23
N GLN U 47 -59.34 24.72 -40.90
CA GLN U 47 -59.54 26.09 -41.31
C GLN U 47 -58.47 26.96 -40.68
N LYS U 48 -57.97 27.90 -41.46
CA LYS U 48 -56.96 28.83 -41.00
C LYS U 48 -57.60 30.20 -41.10
N LYS U 49 -57.76 30.88 -39.97
CA LYS U 49 -58.35 32.20 -39.98
C LYS U 49 -57.43 33.24 -39.39
N VAL U 50 -57.02 34.20 -40.23
CA VAL U 50 -56.13 35.27 -39.79
C VAL U 50 -56.87 36.61 -39.90
N PRO U 51 -57.45 37.06 -38.78
CA PRO U 51 -58.20 38.33 -38.73
C PRO U 51 -57.35 39.60 -38.90
N ASP U 52 -56.36 39.78 -38.03
CA ASP U 52 -55.50 40.97 -38.05
C ASP U 52 -54.58 41.02 -39.27
N LYS U 53 -54.39 42.24 -39.80
CA LYS U 53 -53.51 42.43 -40.97
C LYS U 53 -52.06 42.58 -40.50
N LEU U 54 -51.89 42.90 -39.22
CA LEU U 54 -50.59 43.08 -38.60
C LEU U 54 -49.92 41.74 -38.28
N LEU U 55 -50.69 40.67 -38.37
CA LEU U 55 -50.17 39.34 -38.08
C LEU U 55 -49.33 38.76 -39.20
N ASP U 56 -48.30 38.02 -38.81
CA ASP U 56 -47.45 37.35 -39.76
C ASP U 56 -48.19 36.02 -39.96
N PRO U 57 -48.95 35.90 -41.03
CA PRO U 57 -49.72 34.71 -41.38
C PRO U 57 -49.01 33.37 -41.22
N THR U 58 -47.70 33.38 -41.43
CA THR U 58 -46.92 32.14 -41.35
C THR U 58 -46.69 31.62 -39.93
N THR U 59 -47.08 32.39 -38.92
CA THR U 59 -46.90 31.96 -37.54
C THR U 59 -48.22 31.51 -36.92
N VAL U 60 -49.30 31.60 -37.70
CA VAL U 60 -50.62 31.19 -37.21
C VAL U 60 -50.93 29.77 -37.65
N SER U 61 -50.83 28.83 -36.71
CA SER U 61 -51.13 27.44 -37.03
C SER U 61 -51.62 26.66 -35.82
N TYR U 62 -52.45 25.65 -36.08
CA TYR U 62 -52.99 24.79 -35.04
C TYR U 62 -52.63 23.36 -35.39
N ILE U 63 -51.68 23.21 -36.29
CA ILE U 63 -51.21 21.90 -36.71
C ILE U 63 -49.76 21.79 -36.27
N PHE U 64 -49.41 20.68 -35.63
CA PHE U 64 -48.05 20.48 -35.13
C PHE U 64 -47.39 19.17 -35.55
N CYS U 65 -46.07 19.22 -35.69
CA CYS U 65 -45.28 18.05 -36.03
C CYS U 65 -44.74 17.56 -34.69
N ILE U 66 -45.31 16.46 -34.20
CA ILE U 66 -44.88 15.92 -32.91
C ILE U 66 -43.58 15.14 -33.04
N SER U 67 -43.47 14.36 -34.10
CA SER U 67 -42.27 13.58 -34.33
C SER U 67 -42.15 13.34 -35.83
N ARG U 68 -41.04 12.76 -36.25
CA ARG U 68 -40.84 12.47 -37.67
C ARG U 68 -42.07 11.80 -38.28
N THR U 69 -42.81 11.05 -37.47
CA THR U 69 -43.98 10.32 -37.96
C THR U 69 -45.35 10.77 -37.45
N ILE U 70 -45.40 11.48 -36.34
CA ILE U 70 -46.69 11.89 -35.82
C ILE U 70 -47.04 13.36 -35.99
N GLY U 71 -48.27 13.59 -36.43
CA GLY U 71 -48.78 14.93 -36.62
C GLY U 71 -49.99 15.09 -35.73
N MET U 72 -50.12 16.25 -35.11
CA MET U 72 -51.24 16.53 -34.23
C MET U 72 -51.85 17.89 -34.51
N VAL U 73 -53.18 17.92 -34.63
CA VAL U 73 -53.92 19.15 -34.88
C VAL U 73 -54.77 19.41 -33.63
N VAL U 74 -54.80 20.67 -33.20
CA VAL U 74 -55.54 21.03 -32.00
C VAL U 74 -56.77 21.89 -32.26
N ASN U 75 -57.79 21.69 -31.44
CA ASN U 75 -59.01 22.48 -31.50
C ASN U 75 -59.13 23.11 -30.14
N GLY U 76 -58.84 24.41 -30.04
CA GLY U 76 -58.93 25.09 -28.77
C GLY U 76 -57.96 26.23 -28.76
N PRO U 77 -57.90 27.01 -27.67
CA PRO U 77 -56.98 28.14 -27.54
C PRO U 77 -55.56 27.75 -27.91
N ILE U 78 -54.77 28.70 -28.40
CA ILE U 78 -53.40 28.39 -28.80
C ILE U 78 -52.45 28.14 -27.63
N PRO U 79 -52.57 28.90 -26.52
CA PRO U 79 -51.63 28.61 -25.43
C PRO U 79 -51.74 27.18 -24.90
N ASP U 80 -52.96 26.70 -24.72
CA ASP U 80 -53.17 25.33 -24.25
C ASP U 80 -52.71 24.35 -25.33
N ALA U 81 -52.98 24.68 -26.58
CA ALA U 81 -52.58 23.83 -27.70
C ALA U 81 -51.06 23.66 -27.75
N ARG U 82 -50.33 24.74 -27.51
CA ARG U 82 -48.88 24.69 -27.54
C ARG U 82 -48.33 23.91 -26.35
N ASN U 83 -49.01 24.04 -25.22
CA ASN U 83 -48.66 23.33 -24.00
C ASN U 83 -48.76 21.82 -24.30
N ALA U 84 -49.88 21.41 -24.87
CA ALA U 84 -50.12 20.02 -25.21
C ALA U 84 -49.14 19.50 -26.26
N ALA U 85 -48.79 20.37 -27.19
CA ALA U 85 -47.87 20.00 -28.26
C ALA U 85 -46.47 19.73 -27.70
N LEU U 86 -45.94 20.67 -26.92
CA LEU U 86 -44.63 20.51 -26.33
C LEU U 86 -44.56 19.22 -25.52
N ARG U 87 -45.58 18.97 -24.70
CA ARG U 87 -45.60 17.77 -23.91
C ARG U 87 -45.58 16.54 -24.81
N ALA U 88 -46.41 16.56 -25.85
CA ALA U 88 -46.48 15.43 -26.78
C ALA U 88 -45.13 15.17 -27.44
N LYS U 89 -44.43 16.23 -27.82
CA LYS U 89 -43.13 16.09 -28.44
C LYS U 89 -42.16 15.46 -27.44
N ALA U 90 -42.10 16.05 -26.25
CA ALA U 90 -41.24 15.55 -25.19
C ALA U 90 -41.54 14.08 -24.99
N GLU U 91 -42.82 13.75 -24.79
CA GLU U 91 -43.23 12.38 -24.56
C GLU U 91 -42.81 11.44 -25.66
N ALA U 92 -42.86 11.90 -26.91
CA ALA U 92 -42.51 11.04 -28.03
C ALA U 92 -41.01 10.79 -28.14
N ALA U 93 -40.23 11.81 -27.78
CA ALA U 93 -38.78 11.70 -27.83
C ALA U 93 -38.30 10.71 -26.78
N GLU U 94 -38.81 10.86 -25.55
CA GLU U 94 -38.43 9.98 -24.48
C GLU U 94 -38.83 8.54 -24.78
N PHE U 95 -40.02 8.33 -25.32
CA PHE U 95 -40.44 6.97 -25.64
C PHE U 95 -39.41 6.28 -26.54
N ARG U 96 -39.03 6.93 -27.63
CA ARG U 96 -38.04 6.36 -28.55
C ARG U 96 -36.75 6.00 -27.84
N TYR U 97 -36.30 6.92 -26.99
CA TYR U 97 -35.08 6.77 -26.23
C TYR U 97 -35.09 5.55 -25.30
N LYS U 98 -36.17 5.42 -24.55
CA LYS U 98 -36.31 4.33 -23.60
C LYS U 98 -36.67 2.98 -24.20
N TYR U 99 -37.45 2.98 -25.28
CA TYR U 99 -37.88 1.72 -25.87
C TYR U 99 -37.28 1.31 -27.22
N GLY U 100 -36.48 2.18 -27.81
CA GLY U 100 -35.82 1.85 -29.06
C GLY U 100 -36.59 1.83 -30.36
N TYR U 101 -37.78 2.43 -30.36
CA TYR U 101 -38.57 2.52 -31.57
C TYR U 101 -39.53 3.68 -31.42
N ASP U 102 -39.95 4.24 -32.55
CA ASP U 102 -40.86 5.38 -32.59
C ASP U 102 -42.21 5.15 -31.92
N MET U 103 -42.57 6.08 -31.06
CA MET U 103 -43.84 6.00 -30.35
C MET U 103 -45.00 5.97 -31.34
N PRO U 104 -45.87 4.95 -31.23
CA PRO U 104 -47.02 4.84 -32.15
C PRO U 104 -48.05 5.90 -31.83
N CYS U 105 -48.73 6.36 -32.87
CA CYS U 105 -49.78 7.37 -32.74
C CYS U 105 -50.82 7.06 -31.65
N ASP U 106 -51.36 5.84 -31.67
CA ASP U 106 -52.36 5.45 -30.68
C ASP U 106 -51.81 5.50 -29.27
N VAL U 107 -50.55 5.13 -29.10
CA VAL U 107 -49.92 5.11 -27.77
C VAL U 107 -49.72 6.53 -27.26
N LEU U 108 -49.25 7.43 -28.13
CA LEU U 108 -49.07 8.82 -27.75
C LEU U 108 -50.41 9.42 -27.35
N ALA U 109 -51.46 8.99 -28.05
CA ALA U 109 -52.81 9.45 -27.76
C ALA U 109 -53.21 8.94 -26.38
N LYS U 110 -53.09 7.63 -26.15
CA LYS U 110 -53.43 7.06 -24.86
C LYS U 110 -52.67 7.77 -23.74
N ARG U 111 -51.40 8.04 -24.00
CA ARG U 111 -50.55 8.70 -23.03
C ARG U 111 -51.05 10.10 -22.72
N MET U 112 -51.34 10.87 -23.77
CA MET U 112 -51.83 12.24 -23.60
C MET U 112 -53.20 12.23 -22.95
N ALA U 113 -53.99 11.21 -23.27
CA ALA U 113 -55.34 11.10 -22.70
C ALA U 113 -55.21 10.87 -21.21
N ASN U 114 -54.34 9.94 -20.83
CA ASN U 114 -54.13 9.62 -19.42
C ASN U 114 -53.74 10.86 -18.65
N LEU U 115 -52.85 11.65 -19.23
CA LEU U 115 -52.41 12.89 -18.60
C LEU U 115 -53.60 13.79 -18.34
N SER U 116 -54.50 13.87 -19.33
CA SER U 116 -55.70 14.70 -19.20
C SER U 116 -56.63 14.14 -18.14
N GLN U 117 -56.72 12.82 -18.08
CA GLN U 117 -57.58 12.19 -17.10
C GLN U 117 -57.15 12.65 -15.71
N ILE U 118 -55.86 12.91 -15.53
CA ILE U 118 -55.34 13.36 -14.25
C ILE U 118 -55.87 14.75 -13.85
N TYR U 119 -56.01 15.65 -14.81
CA TYR U 119 -56.49 16.99 -14.48
C TYR U 119 -57.96 16.92 -14.10
N THR U 120 -58.54 15.77 -14.40
CA THR U 120 -59.92 15.44 -14.15
C THR U 120 -60.16 15.03 -12.70
N GLN U 121 -59.17 14.34 -12.12
CA GLN U 121 -59.24 13.83 -10.75
C GLN U 121 -58.49 14.65 -9.69
N ARG U 122 -57.31 15.17 -10.03
CA ARG U 122 -56.54 15.99 -9.09
C ARG U 122 -57.01 17.43 -9.24
N ALA U 123 -57.32 18.05 -8.11
CA ALA U 123 -57.84 19.40 -8.06
C ALA U 123 -57.00 20.54 -8.63
N TYR U 124 -55.77 20.68 -8.15
CA TYR U 124 -54.90 21.79 -8.57
C TYR U 124 -54.53 21.98 -10.04
N MET U 125 -54.60 20.94 -10.85
CA MET U 125 -54.29 21.08 -12.28
C MET U 125 -55.60 21.26 -13.05
N ARG U 126 -55.68 22.32 -13.85
CA ARG U 126 -56.91 22.55 -14.63
C ARG U 126 -56.84 21.79 -15.94
N PRO U 127 -57.98 21.31 -16.44
CA PRO U 127 -57.95 20.59 -17.71
C PRO U 127 -57.50 21.55 -18.81
N LEU U 128 -57.05 21.01 -19.93
CA LEU U 128 -56.67 21.89 -21.03
C LEU U 128 -57.87 21.96 -21.95
N GLY U 129 -58.31 23.18 -22.26
CA GLY U 129 -59.46 23.34 -23.13
C GLY U 129 -59.11 23.07 -24.57
N VAL U 130 -58.74 21.83 -24.89
CA VAL U 130 -58.39 21.49 -26.25
C VAL U 130 -58.69 20.04 -26.56
N ILE U 131 -58.85 19.76 -27.84
CA ILE U 131 -59.09 18.42 -28.34
C ILE U 131 -57.88 18.14 -29.26
N LEU U 132 -57.27 16.97 -29.09
CA LEU U 132 -56.10 16.64 -29.88
C LEU U 132 -56.37 15.51 -30.84
N THR U 133 -56.04 15.74 -32.11
CA THR U 133 -56.23 14.73 -33.15
C THR U 133 -54.84 14.33 -33.61
N PHE U 134 -54.47 13.08 -33.36
CA PHE U 134 -53.17 12.59 -33.77
C PHE U 134 -53.28 11.76 -35.03
N VAL U 135 -52.33 11.94 -35.93
CA VAL U 135 -52.33 11.19 -37.18
C VAL U 135 -50.95 10.69 -37.58
N SER U 136 -50.96 9.61 -38.36
CA SER U 136 -49.73 9.00 -38.84
C SER U 136 -50.07 7.74 -39.62
N VAL U 137 -49.03 7.11 -40.16
CA VAL U 137 -49.18 5.86 -40.87
C VAL U 137 -48.32 4.92 -40.04
N ASP U 138 -48.90 4.44 -38.94
CA ASP U 138 -48.23 3.53 -38.01
C ASP U 138 -47.59 2.34 -38.73
N GLU U 139 -46.37 1.98 -38.32
CA GLU U 139 -45.67 0.86 -38.94
C GLU U 139 -46.36 -0.47 -38.67
N GLU U 140 -47.38 -0.46 -37.84
CA GLU U 140 -48.11 -1.70 -37.54
C GLU U 140 -49.58 -1.60 -37.89
N LEU U 141 -50.15 -0.42 -37.74
CA LEU U 141 -51.57 -0.21 -37.99
C LEU U 141 -51.91 0.54 -39.27
N GLY U 142 -50.90 1.03 -39.97
CA GLY U 142 -51.18 1.78 -41.18
C GLY U 142 -51.77 3.13 -40.82
N PRO U 143 -52.47 3.79 -41.75
CA PRO U 143 -53.08 5.10 -41.49
C PRO U 143 -53.85 5.12 -40.20
N SER U 144 -53.60 6.11 -39.35
CA SER U 144 -54.27 6.19 -38.07
C SER U 144 -54.70 7.59 -37.65
N ILE U 145 -55.86 7.67 -37.02
CA ILE U 145 -56.41 8.92 -36.50
C ILE U 145 -56.89 8.63 -35.10
N TYR U 146 -56.33 9.34 -34.11
CA TYR U 146 -56.71 9.16 -32.72
C TYR U 146 -56.94 10.54 -32.11
N LYS U 147 -58.01 10.68 -31.34
CA LYS U 147 -58.34 11.98 -30.77
C LYS U 147 -58.60 11.88 -29.28
N THR U 148 -58.24 12.93 -28.55
CA THR U 148 -58.44 12.99 -27.10
C THR U 148 -59.10 14.30 -26.69
N ASP U 149 -59.76 14.29 -25.54
CA ASP U 149 -60.47 15.47 -25.05
C ASP U 149 -60.18 15.76 -23.56
N PRO U 150 -60.66 16.92 -23.05
CA PRO U 150 -60.43 17.29 -21.65
C PRO U 150 -60.93 16.26 -20.65
N ALA U 151 -61.75 15.33 -21.12
CA ALA U 151 -62.29 14.28 -20.26
C ALA U 151 -61.28 13.16 -20.03
N GLY U 152 -60.33 13.03 -20.95
CA GLY U 152 -59.33 11.99 -20.83
C GLY U 152 -59.76 10.83 -21.69
N TYR U 153 -60.79 11.05 -22.48
CA TYR U 153 -61.32 10.03 -23.36
C TYR U 153 -60.51 9.99 -24.66
N TYR U 154 -60.45 8.84 -25.30
CA TYR U 154 -59.72 8.75 -26.55
C TYR U 154 -60.14 7.52 -27.36
N VAL U 155 -60.09 7.66 -28.68
CA VAL U 155 -60.47 6.58 -29.57
C VAL U 155 -59.94 6.81 -30.98
N GLY U 156 -59.91 5.74 -31.77
CA GLY U 156 -59.44 5.80 -33.14
C GLY U 156 -60.61 5.89 -34.11
N TYR U 157 -60.44 6.66 -35.18
CA TYR U 157 -61.49 6.85 -36.17
C TYR U 157 -61.11 6.41 -37.56
N LYS U 158 -62.11 6.17 -38.40
CA LYS U 158 -61.90 5.80 -39.80
C LYS U 158 -61.70 7.15 -40.49
N ALA U 159 -62.22 8.19 -39.83
CA ALA U 159 -62.14 9.58 -40.26
C ALA U 159 -62.86 10.36 -39.16
N THR U 160 -62.62 11.65 -39.05
CA THR U 160 -63.29 12.44 -38.03
C THR U 160 -63.21 13.94 -38.30
N ALA U 161 -63.99 14.70 -37.53
CA ALA U 161 -64.02 16.15 -37.66
C ALA U 161 -64.20 16.77 -36.28
N THR U 162 -63.76 18.01 -36.13
CA THR U 162 -63.85 18.70 -34.85
C THR U 162 -63.99 20.20 -35.06
N GLY U 163 -64.75 20.83 -34.17
CA GLY U 163 -64.97 22.27 -34.26
C GLY U 163 -66.44 22.62 -34.08
N PRO U 164 -66.82 23.88 -34.27
CA PRO U 164 -68.22 24.31 -34.12
C PRO U 164 -69.19 23.56 -35.03
N LYS U 165 -68.84 23.45 -36.30
CA LYS U 165 -69.70 22.76 -37.27
C LYS U 165 -69.25 21.32 -37.46
N GLN U 166 -68.71 20.77 -36.39
CA GLN U 166 -68.23 19.40 -36.36
C GLN U 166 -69.27 18.39 -36.81
N GLN U 167 -70.50 18.57 -36.36
CA GLN U 167 -71.57 17.65 -36.67
C GLN U 167 -71.93 17.53 -38.16
N GLU U 168 -71.96 18.65 -38.88
CA GLU U 168 -72.28 18.61 -40.30
C GLU U 168 -71.19 17.87 -41.05
N ILE U 169 -69.95 18.11 -40.66
CA ILE U 169 -68.81 17.45 -41.31
C ILE U 169 -68.83 15.95 -41.05
N THR U 170 -69.20 15.58 -39.83
CA THR U 170 -69.26 14.17 -39.46
C THR U 170 -70.32 13.41 -40.26
N THR U 171 -71.56 13.91 -40.25
CA THR U 171 -72.64 13.26 -40.99
C THR U 171 -72.30 13.23 -42.48
N ASN U 172 -71.67 14.29 -42.98
CA ASN U 172 -71.26 14.32 -44.37
C ASN U 172 -70.40 13.07 -44.62
N LEU U 173 -69.31 12.96 -43.87
CA LEU U 173 -68.38 11.84 -43.99
C LEU U 173 -69.04 10.48 -43.78
N GLU U 174 -69.90 10.39 -42.78
CA GLU U 174 -70.61 9.15 -42.46
C GLU U 174 -71.30 8.64 -43.71
N ASN U 175 -72.06 9.54 -44.33
CA ASN U 175 -72.82 9.21 -45.53
C ASN U 175 -71.90 8.72 -46.64
N HIS U 176 -70.81 9.44 -46.87
CA HIS U 176 -69.88 9.03 -47.92
C HIS U 176 -69.38 7.61 -47.68
N PHE U 177 -69.20 7.23 -46.43
CA PHE U 177 -68.71 5.89 -46.13
C PHE U 177 -69.80 4.83 -46.19
N LYS U 178 -71.04 5.22 -45.89
CA LYS U 178 -72.16 4.27 -45.96
C LYS U 178 -72.23 3.86 -47.42
N LYS U 179 -71.93 4.84 -48.28
CA LYS U 179 -71.94 4.67 -49.72
C LYS U 179 -70.77 3.78 -50.18
N SER U 180 -69.54 4.26 -49.96
CA SER U 180 -68.34 3.53 -50.37
C SER U 180 -68.16 2.15 -49.75
N LYS U 181 -68.82 1.90 -48.63
CA LYS U 181 -68.74 0.61 -47.97
C LYS U 181 -67.35 0.23 -47.45
N ILE U 182 -66.39 1.15 -47.53
CA ILE U 182 -65.05 0.89 -47.03
C ILE U 182 -64.73 1.96 -45.97
N ASP U 183 -63.72 1.70 -45.15
CA ASP U 183 -63.36 2.61 -44.09
C ASP U 183 -62.22 3.56 -44.43
N HIS U 184 -62.14 4.00 -45.68
CA HIS U 184 -61.06 4.92 -46.07
C HIS U 184 -61.21 5.43 -47.50
N ILE U 185 -60.32 6.33 -47.90
CA ILE U 185 -60.34 6.90 -49.23
C ILE U 185 -59.47 6.02 -50.11
N ASN U 186 -60.10 5.21 -50.96
CA ASN U 186 -59.37 4.32 -51.84
C ASN U 186 -58.54 5.06 -52.89
N GLU U 187 -57.54 5.81 -52.45
CA GLU U 187 -56.68 6.57 -53.35
C GLU U 187 -55.19 6.22 -53.15
N GLU U 188 -54.44 6.20 -54.25
CA GLU U 188 -53.02 5.87 -54.21
C GLU U 188 -52.19 7.07 -53.82
N SER U 189 -52.46 8.21 -54.45
CA SER U 189 -51.73 9.41 -54.12
C SER U 189 -52.41 10.15 -52.98
N TRP U 190 -51.60 10.78 -52.13
CA TRP U 190 -52.16 11.53 -51.02
C TRP U 190 -52.74 12.83 -51.56
N GLU U 191 -52.22 13.27 -52.71
CA GLU U 191 -52.69 14.49 -53.36
C GLU U 191 -54.21 14.42 -53.58
N LYS U 192 -54.68 13.28 -54.07
CA LYS U 192 -56.12 13.09 -54.31
C LYS U 192 -56.87 12.95 -52.99
N VAL U 193 -56.22 12.37 -51.97
CA VAL U 193 -56.86 12.22 -50.66
C VAL U 193 -57.02 13.62 -50.06
N VAL U 194 -55.98 14.43 -50.15
CA VAL U 194 -56.06 15.78 -49.62
C VAL U 194 -57.21 16.51 -50.31
N GLU U 195 -57.30 16.32 -51.62
CA GLU U 195 -58.35 16.95 -52.41
C GLU U 195 -59.72 16.49 -51.91
N PHE U 196 -59.89 15.19 -51.78
CA PHE U 196 -61.14 14.63 -51.28
C PHE U 196 -61.49 15.32 -49.97
N ALA U 197 -60.51 15.38 -49.07
CA ALA U 197 -60.67 16.02 -47.78
C ALA U 197 -61.18 17.44 -47.93
N ILE U 198 -60.45 18.26 -48.67
CA ILE U 198 -60.85 19.65 -48.89
C ILE U 198 -62.24 19.75 -49.52
N THR U 199 -62.53 18.84 -50.44
CA THR U 199 -63.81 18.80 -51.13
C THR U 199 -64.95 18.65 -50.14
N HIS U 200 -64.99 17.52 -49.44
CA HIS U 200 -66.05 17.27 -48.48
C HIS U 200 -66.09 18.33 -47.38
N MET U 201 -64.99 19.05 -47.21
CA MET U 201 -64.94 20.11 -46.21
C MET U 201 -65.82 21.25 -46.71
N ILE U 202 -65.80 21.48 -48.02
CA ILE U 202 -66.59 22.53 -48.63
C ILE U 202 -68.06 22.16 -48.62
N ASP U 203 -68.39 20.96 -49.08
CA ASP U 203 -69.77 20.47 -49.15
C ASP U 203 -70.50 20.55 -47.83
N ALA U 204 -69.77 20.27 -46.75
CA ALA U 204 -70.35 20.28 -45.41
C ALA U 204 -70.46 21.69 -44.85
N LEU U 205 -69.45 22.52 -45.10
CA LEU U 205 -69.50 23.87 -44.58
C LEU U 205 -70.15 24.84 -45.55
N GLY U 206 -70.45 24.35 -46.76
CA GLY U 206 -71.07 25.19 -47.76
C GLY U 206 -70.25 26.45 -48.04
N THR U 207 -68.92 26.30 -48.01
CA THR U 207 -68.03 27.44 -48.25
C THR U 207 -66.87 27.10 -49.17
N GLU U 208 -66.49 28.10 -49.96
CA GLU U 208 -65.40 28.01 -50.92
C GLU U 208 -64.14 28.42 -50.14
N PHE U 209 -62.99 27.88 -50.54
CA PHE U 209 -61.74 28.22 -49.85
C PHE U 209 -60.68 28.78 -50.78
N SER U 210 -59.83 29.64 -50.24
CA SER U 210 -58.72 30.21 -50.99
C SER U 210 -57.47 29.51 -50.44
N LYS U 211 -56.32 29.67 -51.10
CA LYS U 211 -55.11 29.00 -50.64
C LYS U 211 -54.69 29.43 -49.22
N ASN U 212 -55.25 30.52 -48.72
CA ASN U 212 -54.88 30.99 -47.39
C ASN U 212 -55.96 30.80 -46.33
N ASP U 213 -56.97 30.00 -46.66
CA ASP U 213 -58.08 29.74 -45.75
C ASP U 213 -57.96 28.37 -45.09
N LEU U 214 -57.08 27.53 -45.66
CA LEU U 214 -56.85 26.19 -45.15
C LEU U 214 -55.46 25.98 -44.59
N GLU U 215 -55.28 24.80 -44.02
CA GLU U 215 -54.03 24.37 -43.39
C GLU U 215 -54.08 22.86 -43.56
N VAL U 216 -53.09 22.29 -44.25
CA VAL U 216 -53.11 20.85 -44.48
C VAL U 216 -51.87 20.12 -43.99
N GLY U 217 -52.10 18.94 -43.43
CA GLY U 217 -51.01 18.10 -42.94
C GLY U 217 -51.21 16.71 -43.51
N VAL U 218 -50.13 16.08 -43.92
CA VAL U 218 -50.21 14.73 -44.47
C VAL U 218 -49.24 13.81 -43.75
N ALA U 219 -49.67 12.58 -43.50
CA ALA U 219 -48.86 11.59 -42.83
C ALA U 219 -48.68 10.42 -43.77
N THR U 220 -47.41 10.06 -44.01
CA THR U 220 -47.10 8.95 -44.89
C THR U 220 -46.10 8.05 -44.21
N LYS U 221 -45.82 6.92 -44.85
CA LYS U 221 -44.85 5.97 -44.33
C LYS U 221 -43.56 6.75 -43.99
N ASP U 222 -43.22 6.75 -42.72
CA ASP U 222 -42.00 7.41 -42.26
C ASP U 222 -41.93 8.92 -42.33
N LYS U 223 -43.06 9.59 -42.56
CA LYS U 223 -43.01 11.04 -42.54
C LYS U 223 -44.35 11.74 -42.52
N PHE U 224 -44.43 12.76 -41.67
CA PHE U 224 -45.62 13.60 -41.55
C PHE U 224 -45.18 15.01 -41.87
N PHE U 225 -45.86 15.65 -42.81
CA PHE U 225 -45.49 17.02 -43.20
C PHE U 225 -46.74 17.86 -43.46
N THR U 226 -46.56 19.18 -43.42
CA THR U 226 -47.67 20.11 -43.68
C THR U 226 -47.48 20.72 -45.10
N LEU U 227 -48.58 21.09 -45.75
CA LEU U 227 -48.53 21.67 -47.09
C LEU U 227 -48.38 23.19 -47.05
N SER U 228 -47.85 23.77 -48.13
CA SER U 228 -47.67 25.21 -48.22
C SER U 228 -48.83 25.89 -48.93
N ALA U 229 -48.88 27.22 -48.86
CA ALA U 229 -49.93 27.97 -49.51
C ALA U 229 -50.05 27.49 -50.95
N GLU U 230 -48.89 27.32 -51.58
CA GLU U 230 -48.84 26.88 -52.96
C GLU U 230 -49.21 25.42 -53.15
N ASN U 231 -48.78 24.56 -52.23
CA ASN U 231 -49.09 23.14 -52.31
C ASN U 231 -50.61 22.98 -52.28
N ILE U 232 -51.25 23.82 -51.48
CA ILE U 232 -52.70 23.82 -51.32
C ILE U 232 -53.35 24.39 -52.57
N GLU U 233 -52.90 25.56 -52.98
CA GLU U 233 -53.43 26.20 -54.18
C GLU U 233 -53.51 25.17 -55.30
N GLU U 234 -52.44 24.40 -55.46
CA GLU U 234 -52.39 23.37 -56.48
C GLU U 234 -53.56 22.39 -56.28
N ARG U 235 -53.82 22.05 -55.02
CA ARG U 235 -54.89 21.13 -54.66
C ARG U 235 -56.26 21.74 -55.01
N LEU U 236 -56.40 23.04 -54.72
CA LEU U 236 -57.63 23.79 -54.97
C LEU U 236 -57.94 23.85 -56.47
N VAL U 237 -56.90 24.09 -57.26
CA VAL U 237 -57.03 24.17 -58.71
C VAL U 237 -57.52 22.83 -59.25
N ALA U 238 -57.00 21.75 -58.68
CA ALA U 238 -57.37 20.41 -59.10
C ALA U 238 -58.86 20.13 -58.87
N ILE U 239 -59.37 20.48 -57.69
CA ILE U 239 -60.78 20.25 -57.41
C ILE U 239 -61.63 21.21 -58.21
N ALA U 240 -61.04 22.33 -58.62
CA ALA U 240 -61.74 23.32 -59.41
C ALA U 240 -62.09 22.74 -60.77
N GLU U 241 -61.16 21.95 -61.31
CA GLU U 241 -61.34 21.32 -62.62
C GLU U 241 -61.99 19.95 -62.45
N GLN U 242 -63.22 19.94 -61.95
CA GLN U 242 -63.98 18.72 -61.74
C GLN U 242 -65.41 19.15 -61.45
N ASP U 243 -65.52 20.35 -60.89
CA ASP U 243 -66.79 20.99 -60.55
C ASP U 243 -67.06 22.06 -61.61
N THR V 1 -19.94 -21.10 -17.64
CA THR V 1 -21.13 -20.91 -18.51
C THR V 1 -20.75 -20.78 -19.99
N THR V 2 -21.58 -21.33 -20.88
CA THR V 2 -21.37 -21.23 -22.33
C THR V 2 -22.73 -20.98 -22.98
N ILE V 3 -22.89 -19.83 -23.60
CA ILE V 3 -24.15 -19.50 -24.26
C ILE V 3 -23.82 -18.99 -25.66
N VAL V 4 -24.68 -19.33 -26.62
CA VAL V 4 -24.52 -18.90 -28.01
C VAL V 4 -25.84 -18.51 -28.63
N GLY V 5 -25.75 -17.78 -29.75
CA GLY V 5 -26.92 -17.34 -30.46
C GLY V 5 -26.58 -17.44 -31.94
N VAL V 6 -27.50 -17.99 -32.73
CA VAL V 6 -27.26 -18.13 -34.15
C VAL V 6 -28.52 -17.80 -34.95
N LYS V 7 -28.38 -16.89 -35.89
CA LYS V 7 -29.50 -16.50 -36.74
C LYS V 7 -29.56 -17.49 -37.89
N PHE V 8 -30.77 -17.75 -38.39
CA PHE V 8 -30.93 -18.64 -39.54
C PHE V 8 -31.95 -18.01 -40.48
N ASN V 9 -31.97 -18.44 -41.74
CA ASN V 9 -32.87 -17.88 -42.76
C ASN V 9 -34.26 -17.34 -42.34
N ASN V 10 -34.87 -17.93 -41.31
CA ASN V 10 -36.20 -17.46 -40.90
C ASN V 10 -36.37 -17.23 -39.39
N GLY V 11 -35.28 -16.90 -38.71
CA GLY V 11 -35.38 -16.69 -37.28
C GLY V 11 -34.03 -16.72 -36.57
N VAL V 12 -34.05 -17.15 -35.32
CA VAL V 12 -32.84 -17.20 -34.53
C VAL V 12 -32.96 -18.25 -33.44
N VAL V 13 -31.83 -18.86 -33.09
CA VAL V 13 -31.80 -19.88 -32.05
C VAL V 13 -30.73 -19.55 -31.02
N ILE V 14 -30.96 -19.90 -29.76
CA ILE V 14 -29.96 -19.65 -28.73
C ILE V 14 -29.85 -20.93 -27.92
N ALA V 15 -28.64 -21.20 -27.43
CA ALA V 15 -28.38 -22.40 -26.66
C ALA V 15 -27.47 -22.07 -25.49
N ALA V 16 -27.34 -23.00 -24.56
CA ALA V 16 -26.51 -22.78 -23.40
C ALA V 16 -26.29 -24.10 -22.68
N ASP V 17 -25.19 -24.22 -21.94
CA ASP V 17 -24.92 -25.44 -21.19
C ASP V 17 -25.80 -25.45 -19.94
N THR V 18 -25.60 -26.40 -19.05
CA THR V 18 -26.41 -26.47 -17.83
C THR V 18 -25.62 -26.59 -16.53
N ARG V 19 -24.33 -26.30 -16.57
CA ARG V 19 -23.50 -26.38 -15.37
C ARG V 19 -23.47 -25.05 -14.60
N SER V 20 -23.56 -25.14 -13.28
CA SER V 20 -23.54 -23.99 -12.37
C SER V 20 -22.45 -24.24 -11.33
N THR V 21 -21.62 -23.24 -11.02
CA THR V 21 -20.53 -23.48 -10.09
C THR V 21 -20.18 -22.42 -9.06
N GLN V 22 -19.69 -22.88 -7.90
CA GLN V 22 -19.23 -22.01 -6.81
C GLN V 22 -17.74 -22.35 -6.75
N GLY V 23 -16.88 -21.45 -7.21
CA GLY V 23 -15.47 -21.75 -7.18
C GLY V 23 -15.24 -22.94 -8.11
N PRO V 24 -14.56 -24.00 -7.65
CA PRO V 24 -14.32 -25.16 -8.52
C PRO V 24 -15.34 -26.27 -8.31
N ILE V 25 -16.30 -26.04 -7.42
CA ILE V 25 -17.33 -27.04 -7.15
C ILE V 25 -18.62 -26.83 -7.95
N VAL V 26 -19.11 -27.90 -8.57
CA VAL V 26 -20.34 -27.82 -9.35
C VAL V 26 -21.56 -27.85 -8.45
N ALA V 27 -22.24 -26.72 -8.33
CA ALA V 27 -23.44 -26.60 -7.48
C ALA V 27 -24.72 -27.19 -8.10
N ASP V 28 -24.90 -27.02 -9.40
CA ASP V 28 -26.07 -27.56 -10.07
C ASP V 28 -25.66 -28.18 -11.40
N LYS V 29 -25.83 -29.49 -11.50
CA LYS V 29 -25.45 -30.20 -12.71
C LYS V 29 -26.41 -29.98 -13.88
N ASN V 30 -27.52 -29.31 -13.62
CA ASN V 30 -28.50 -29.07 -14.67
C ASN V 30 -29.48 -27.94 -14.33
N CYS V 31 -29.04 -26.71 -14.51
CA CYS V 31 -29.88 -25.55 -14.25
C CYS V 31 -30.19 -24.99 -15.62
N ALA V 32 -31.20 -24.12 -15.70
CA ALA V 32 -31.58 -23.55 -16.99
C ALA V 32 -31.15 -22.10 -17.13
N LYS V 33 -30.24 -21.88 -18.06
CA LYS V 33 -29.71 -20.55 -18.30
C LYS V 33 -30.50 -19.76 -19.36
N LEU V 34 -31.48 -20.44 -19.95
CA LEU V 34 -32.35 -19.84 -20.98
C LEU V 34 -33.60 -19.25 -20.34
N HIS V 35 -33.72 -17.92 -20.43
CA HIS V 35 -34.85 -17.20 -19.83
C HIS V 35 -35.81 -16.58 -20.82
N ARG V 36 -37.07 -16.55 -20.44
CA ARG V 36 -38.09 -15.96 -21.29
C ARG V 36 -38.36 -14.52 -20.84
N ILE V 37 -38.06 -13.56 -21.70
CA ILE V 37 -38.32 -12.17 -21.39
C ILE V 37 -39.79 -11.92 -21.76
N SER V 38 -40.22 -12.55 -22.84
CA SER V 38 -41.59 -12.47 -23.30
C SER V 38 -41.76 -13.76 -24.10
N PRO V 39 -43.00 -14.13 -24.44
CA PRO V 39 -43.21 -15.37 -25.19
C PRO V 39 -42.23 -15.64 -26.34
N LYS V 40 -41.91 -14.61 -27.13
CA LYS V 40 -41.01 -14.83 -28.26
C LYS V 40 -39.67 -14.11 -28.19
N ILE V 41 -39.30 -13.67 -27.00
CA ILE V 41 -38.01 -13.02 -26.77
C ILE V 41 -37.35 -13.77 -25.64
N TRP V 42 -36.32 -14.53 -25.96
CA TRP V 42 -35.59 -15.30 -24.96
C TRP V 42 -34.20 -14.78 -24.71
N CYS V 43 -33.71 -15.06 -23.52
CA CYS V 43 -32.41 -14.57 -23.13
C CYS V 43 -31.53 -15.63 -22.50
N ALA V 44 -30.26 -15.62 -22.87
CA ALA V 44 -29.29 -16.54 -22.30
C ALA V 44 -28.31 -15.66 -21.53
N GLY V 45 -28.02 -16.00 -20.29
CA GLY V 45 -27.11 -15.19 -19.51
C GLY V 45 -25.97 -15.92 -18.83
N ALA V 46 -24.85 -15.22 -18.67
CA ALA V 46 -23.66 -15.75 -18.03
C ALA V 46 -23.17 -14.67 -17.06
N GLY V 47 -22.24 -15.03 -16.18
CA GLY V 47 -21.73 -14.06 -15.21
C GLY V 47 -22.29 -14.33 -13.83
N THR V 48 -22.51 -13.29 -13.03
CA THR V 48 -23.05 -13.48 -11.69
C THR V 48 -24.47 -14.01 -11.82
N ALA V 49 -24.65 -15.30 -11.53
CA ALA V 49 -25.94 -15.96 -11.62
C ALA V 49 -27.15 -15.15 -11.16
N ALA V 50 -27.19 -14.82 -9.88
CA ALA V 50 -28.30 -14.07 -9.30
C ALA V 50 -28.58 -12.80 -10.08
N ASP V 51 -27.53 -12.23 -10.68
CA ASP V 51 -27.68 -11.00 -11.46
C ASP V 51 -28.37 -11.21 -12.79
N THR V 52 -27.92 -12.21 -13.55
CA THR V 52 -28.55 -12.49 -14.84
C THR V 52 -30.01 -12.88 -14.61
N GLU V 53 -30.27 -13.54 -13.49
CA GLU V 53 -31.62 -13.96 -13.16
C GLU V 53 -32.54 -12.78 -12.84
N ALA V 54 -32.10 -11.93 -11.92
CA ALA V 54 -32.88 -10.77 -11.51
C ALA V 54 -33.09 -9.79 -12.65
N VAL V 55 -32.01 -9.41 -13.30
CA VAL V 55 -32.08 -8.44 -14.38
C VAL V 55 -33.05 -8.98 -15.44
N THR V 56 -32.96 -10.28 -15.71
CA THR V 56 -33.80 -10.93 -16.70
C THR V 56 -35.29 -10.83 -16.37
N GLN V 57 -35.63 -11.07 -15.11
CA GLN V 57 -37.02 -11.03 -14.68
C GLN V 57 -37.55 -9.62 -14.64
N LEU V 58 -36.72 -8.69 -14.19
CA LEU V 58 -37.14 -7.30 -14.09
C LEU V 58 -37.57 -6.79 -15.46
N ILE V 59 -36.65 -6.83 -16.40
CA ILE V 59 -36.95 -6.36 -17.75
C ILE V 59 -38.11 -7.14 -18.34
N GLY V 60 -38.17 -8.44 -18.04
CA GLY V 60 -39.28 -9.24 -18.54
C GLY V 60 -40.60 -8.69 -18.03
N SER V 61 -40.62 -8.32 -16.75
CA SER V 61 -41.79 -7.75 -16.12
C SER V 61 -42.21 -6.47 -16.83
N ASN V 62 -41.26 -5.55 -16.97
CA ASN V 62 -41.56 -4.29 -17.63
C ASN V 62 -41.99 -4.44 -19.06
N ILE V 63 -41.38 -5.39 -19.77
CA ILE V 63 -41.73 -5.63 -21.16
C ILE V 63 -43.19 -6.08 -21.24
N GLU V 64 -43.58 -6.98 -20.33
CA GLU V 64 -44.95 -7.45 -20.30
C GLU V 64 -45.90 -6.28 -20.05
N LEU V 65 -45.60 -5.47 -19.04
CA LEU V 65 -46.43 -4.31 -18.71
C LEU V 65 -46.47 -3.32 -19.87
N HIS V 66 -45.35 -3.21 -20.59
CA HIS V 66 -45.27 -2.29 -21.71
C HIS V 66 -46.11 -2.83 -22.85
N SER V 67 -46.11 -4.14 -22.99
CA SER V 67 -46.88 -4.81 -24.03
C SER V 67 -48.37 -4.54 -23.83
N LEU V 68 -48.81 -4.71 -22.60
CA LEU V 68 -50.20 -4.48 -22.24
C LEU V 68 -50.61 -3.03 -22.46
N TYR V 69 -49.69 -2.12 -22.20
CA TYR V 69 -49.97 -0.69 -22.34
C TYR V 69 -50.09 -0.28 -23.80
N THR V 70 -49.17 -0.77 -24.62
CA THR V 70 -49.18 -0.43 -26.04
C THR V 70 -50.01 -1.37 -26.92
N SER V 71 -50.48 -2.47 -26.34
CA SER V 71 -51.30 -3.42 -27.09
C SER V 71 -50.53 -3.96 -28.29
N ARG V 72 -49.22 -4.13 -28.14
CA ARG V 72 -48.37 -4.66 -29.20
C ARG V 72 -47.41 -5.72 -28.68
N GLU V 73 -46.87 -6.50 -29.62
CA GLU V 73 -45.90 -7.54 -29.30
C GLU V 73 -44.63 -6.87 -28.84
N PRO V 74 -43.94 -7.46 -27.86
CA PRO V 74 -42.70 -6.83 -27.40
C PRO V 74 -41.68 -6.90 -28.51
N ARG V 75 -40.80 -5.91 -28.56
CA ARG V 75 -39.75 -5.89 -29.56
C ARG V 75 -38.41 -6.15 -28.90
N VAL V 76 -37.59 -6.95 -29.54
CA VAL V 76 -36.28 -7.26 -29.00
C VAL V 76 -35.53 -5.96 -28.68
N VAL V 77 -35.54 -4.99 -29.59
CA VAL V 77 -34.84 -3.73 -29.35
C VAL V 77 -35.27 -3.06 -28.05
N SER V 78 -36.49 -3.30 -27.61
CA SER V 78 -36.95 -2.69 -26.38
C SER V 78 -36.33 -3.38 -25.18
N ALA V 79 -36.28 -4.71 -25.23
CA ALA V 79 -35.68 -5.46 -24.14
C ALA V 79 -34.20 -5.08 -24.10
N LEU V 80 -33.64 -4.82 -25.28
CA LEU V 80 -32.23 -4.43 -25.43
C LEU V 80 -31.96 -3.06 -24.84
N GLN V 81 -32.85 -2.11 -25.12
CA GLN V 81 -32.67 -0.77 -24.62
C GLN V 81 -32.82 -0.74 -23.11
N MET V 82 -33.85 -1.42 -22.60
CA MET V 82 -34.10 -1.48 -21.17
C MET V 82 -32.96 -2.13 -20.42
N LEU V 83 -32.52 -3.28 -20.91
CA LEU V 83 -31.42 -4.03 -20.31
C LEU V 83 -30.15 -3.21 -20.20
N LYS V 84 -29.71 -2.63 -21.30
CA LYS V 84 -28.49 -1.84 -21.29
C LYS V 84 -28.54 -0.59 -20.43
N GLN V 85 -29.61 0.18 -20.50
CA GLN V 85 -29.69 1.40 -19.71
C GLN V 85 -29.68 1.06 -18.23
N HIS V 86 -30.22 -0.10 -17.91
CA HIS V 86 -30.25 -0.55 -16.52
C HIS V 86 -28.82 -0.96 -16.12
N LEU V 87 -28.21 -1.81 -16.95
CA LEU V 87 -26.87 -2.26 -16.67
C LEU V 87 -25.88 -1.11 -16.63
N PHE V 88 -25.98 -0.18 -17.58
CA PHE V 88 -25.06 0.96 -17.61
C PHE V 88 -25.17 1.74 -16.32
N LYS V 89 -26.40 2.04 -15.93
CA LYS V 89 -26.67 2.79 -14.72
C LYS V 89 -25.84 2.27 -13.56
N TYR V 90 -25.71 0.94 -13.47
CA TYR V 90 -24.96 0.29 -12.39
C TYR V 90 -23.48 0.08 -12.61
N GLN V 91 -22.89 0.85 -13.52
CA GLN V 91 -21.47 0.76 -13.80
C GLN V 91 -20.80 -0.63 -13.79
N GLY V 92 -21.50 -1.65 -14.28
CA GLY V 92 -20.92 -2.98 -14.32
C GLY V 92 -20.94 -3.76 -13.01
N HIS V 93 -21.54 -3.20 -11.96
CA HIS V 93 -21.62 -3.89 -10.68
C HIS V 93 -22.64 -5.01 -10.70
N ILE V 94 -23.55 -4.98 -11.67
CA ILE V 94 -24.52 -6.05 -11.82
C ILE V 94 -23.90 -6.91 -12.92
N GLY V 95 -23.09 -7.86 -12.48
CA GLY V 95 -22.39 -8.74 -13.39
C GLY V 95 -23.23 -9.64 -14.27
N ALA V 96 -23.96 -9.04 -15.21
CA ALA V 96 -24.80 -9.83 -16.10
C ALA V 96 -24.31 -9.69 -17.53
N TYR V 97 -24.10 -10.82 -18.18
CA TYR V 97 -23.68 -10.84 -19.58
C TYR V 97 -24.74 -11.68 -20.26
N LEU V 98 -25.43 -11.09 -21.24
CA LEU V 98 -26.51 -11.81 -21.88
C LEU V 98 -26.53 -11.77 -23.39
N ILE V 99 -27.14 -12.80 -23.97
CA ILE V 99 -27.32 -12.86 -25.41
C ILE V 99 -28.84 -12.91 -25.48
N VAL V 100 -29.43 -11.84 -26.00
CA VAL V 100 -30.88 -11.74 -26.11
C VAL V 100 -31.30 -11.89 -27.57
N ALA V 101 -32.27 -12.76 -27.80
CA ALA V 101 -32.76 -13.00 -29.14
C ALA V 101 -34.27 -13.08 -29.13
N GLY V 102 -34.87 -13.18 -30.31
CA GLY V 102 -36.32 -13.28 -30.41
C GLY V 102 -36.87 -12.72 -31.70
N VAL V 103 -38.16 -12.97 -31.93
CA VAL V 103 -38.82 -12.47 -33.12
C VAL V 103 -39.99 -11.60 -32.70
N ASP V 104 -40.22 -10.54 -33.46
CA ASP V 104 -41.31 -9.62 -33.15
C ASP V 104 -41.83 -9.05 -34.48
N PRO V 105 -42.88 -8.22 -34.42
CA PRO V 105 -43.44 -7.64 -35.65
C PRO V 105 -42.42 -7.09 -36.64
N THR V 106 -41.18 -6.88 -36.22
CA THR V 106 -40.21 -6.30 -37.15
C THR V 106 -39.12 -7.25 -37.66
N GLY V 107 -39.23 -8.54 -37.34
CA GLY V 107 -38.21 -9.49 -37.79
C GLY V 107 -37.57 -10.29 -36.67
N SER V 108 -36.47 -10.97 -37.00
CA SER V 108 -35.74 -11.79 -36.02
C SER V 108 -34.48 -11.03 -35.62
N HIS V 109 -34.15 -11.05 -34.33
CA HIS V 109 -32.99 -10.32 -33.84
C HIS V 109 -32.06 -11.11 -32.92
N LEU V 110 -30.77 -10.73 -32.95
CA LEU V 110 -29.73 -11.35 -32.13
C LEU V 110 -28.80 -10.28 -31.58
N PHE V 111 -28.76 -10.16 -30.26
CA PHE V 111 -27.91 -9.17 -29.60
C PHE V 111 -27.17 -9.75 -28.38
N SER V 112 -26.12 -9.05 -27.95
CA SER V 112 -25.37 -9.43 -26.77
C SER V 112 -25.24 -8.18 -25.89
N ILE V 113 -25.24 -8.36 -24.57
CA ILE V 113 -25.12 -7.21 -23.68
C ILE V 113 -24.10 -7.52 -22.59
N HIS V 114 -23.26 -6.54 -22.27
CA HIS V 114 -22.26 -6.74 -21.23
C HIS V 114 -22.66 -6.00 -19.98
N ALA V 115 -22.14 -6.44 -18.85
CA ALA V 115 -22.45 -5.85 -17.54
C ALA V 115 -22.31 -4.34 -17.49
N HIS V 116 -21.42 -3.77 -18.29
CA HIS V 116 -21.24 -2.32 -18.29
C HIS V 116 -22.27 -1.58 -19.13
N GLY V 117 -22.99 -2.32 -19.96
CA GLY V 117 -24.02 -1.71 -20.78
C GLY V 117 -23.76 -1.53 -22.26
N SER V 118 -22.72 -2.14 -22.79
CA SER V 118 -22.45 -1.99 -24.22
C SER V 118 -23.12 -3.15 -24.93
N THR V 119 -23.62 -2.91 -26.14
CA THR V 119 -24.31 -3.95 -26.90
C THR V 119 -23.73 -4.23 -28.28
N ASP V 120 -23.89 -5.48 -28.72
CA ASP V 120 -23.39 -5.93 -30.03
C ASP V 120 -24.50 -6.59 -30.85
N VAL V 121 -24.32 -6.56 -32.16
CA VAL V 121 -25.26 -7.19 -33.06
C VAL V 121 -24.46 -8.11 -33.99
N GLY V 122 -25.05 -9.23 -34.37
CA GLY V 122 -24.34 -10.13 -35.25
C GLY V 122 -25.21 -11.32 -35.64
N TYR V 123 -24.66 -12.22 -36.45
CA TYR V 123 -25.39 -13.39 -36.89
C TYR V 123 -25.14 -14.59 -35.99
N TYR V 124 -24.01 -14.54 -35.30
CA TYR V 124 -23.62 -15.59 -34.36
C TYR V 124 -22.83 -14.91 -33.23
N LEU V 125 -23.11 -15.33 -31.99
CA LEU V 125 -22.45 -14.76 -30.81
C LEU V 125 -22.30 -15.79 -29.71
N SER V 126 -21.32 -15.59 -28.84
CA SER V 126 -21.13 -16.49 -27.70
C SER V 126 -20.63 -15.69 -26.51
N LEU V 127 -21.00 -16.11 -25.31
CA LEU V 127 -20.56 -15.45 -24.10
C LEU V 127 -20.32 -16.50 -23.05
N GLY V 128 -19.50 -16.18 -22.06
CA GLY V 128 -19.23 -17.13 -21.00
C GLY V 128 -17.80 -17.57 -20.99
N SER V 129 -17.43 -18.37 -20.00
CA SER V 129 -16.07 -18.86 -19.90
C SER V 129 -15.82 -19.82 -21.06
N GLY V 130 -16.89 -20.32 -21.65
CA GLY V 130 -16.77 -21.23 -22.77
C GLY V 130 -16.84 -20.45 -24.06
N SER V 131 -16.99 -19.14 -23.91
CA SER V 131 -17.08 -18.22 -25.02
C SER V 131 -16.12 -18.54 -26.16
N LEU V 132 -14.83 -18.67 -25.84
CA LEU V 132 -13.84 -18.92 -26.87
C LEU V 132 -13.89 -20.29 -27.54
N ALA V 133 -14.20 -21.33 -26.77
CA ALA V 133 -14.29 -22.67 -27.33
C ALA V 133 -15.43 -22.67 -28.36
N ALA V 134 -16.56 -22.10 -27.96
CA ALA V 134 -17.73 -22.02 -28.82
C ALA V 134 -17.45 -21.16 -30.05
N MET V 135 -16.98 -19.95 -29.83
CA MET V 135 -16.69 -19.05 -30.94
C MET V 135 -15.74 -19.70 -31.93
N ALA V 136 -14.85 -20.56 -31.45
CA ALA V 136 -13.92 -21.23 -32.36
C ALA V 136 -14.74 -22.07 -33.35
N VAL V 137 -15.69 -22.83 -32.80
CA VAL V 137 -16.57 -23.67 -33.60
C VAL V 137 -17.41 -22.81 -34.56
N LEU V 138 -18.07 -21.78 -34.03
CA LEU V 138 -18.90 -20.91 -34.86
C LEU V 138 -18.10 -20.27 -35.98
N GLU V 139 -16.89 -19.81 -35.69
CA GLU V 139 -16.05 -19.18 -36.70
C GLU V 139 -15.59 -20.20 -37.75
N SER V 140 -15.81 -21.48 -37.46
CA SER V 140 -15.38 -22.52 -38.38
C SER V 140 -16.50 -23.11 -39.23
N HIS V 141 -17.73 -23.11 -38.73
CA HIS V 141 -18.84 -23.70 -39.48
C HIS V 141 -19.95 -22.76 -39.91
N TRP V 142 -20.08 -21.60 -39.28
CA TRP V 142 -21.14 -20.68 -39.66
C TRP V 142 -21.01 -20.25 -41.11
N LYS V 143 -22.16 -20.14 -41.77
CA LYS V 143 -22.27 -19.72 -43.15
C LYS V 143 -23.58 -18.95 -43.21
N GLN V 144 -23.75 -18.13 -44.25
CA GLN V 144 -24.99 -17.37 -44.34
C GLN V 144 -26.12 -18.21 -44.93
N ASP V 145 -27.34 -17.98 -44.43
CA ASP V 145 -28.51 -18.71 -44.88
C ASP V 145 -28.52 -20.13 -44.38
N LEU V 146 -28.58 -20.26 -43.06
CA LEU V 146 -28.62 -21.57 -42.45
C LEU V 146 -30.08 -21.96 -42.30
N THR V 147 -30.36 -23.25 -42.36
CA THR V 147 -31.72 -23.72 -42.21
C THR V 147 -31.89 -23.92 -40.72
N LYS V 148 -33.14 -23.88 -40.25
CA LYS V 148 -33.39 -24.07 -38.84
C LYS V 148 -32.59 -25.25 -38.29
N GLU V 149 -32.59 -26.37 -38.99
CA GLU V 149 -31.87 -27.55 -38.54
C GLU V 149 -30.37 -27.37 -38.53
N GLU V 150 -29.86 -26.58 -39.46
CA GLU V 150 -28.42 -26.31 -39.53
C GLU V 150 -28.02 -25.41 -38.37
N ALA V 151 -28.88 -24.45 -38.07
CA ALA V 151 -28.63 -23.52 -36.98
C ALA V 151 -28.61 -24.29 -35.68
N ILE V 152 -29.62 -25.14 -35.46
CA ILE V 152 -29.69 -25.93 -34.24
C ILE V 152 -28.42 -26.77 -34.06
N LYS V 153 -27.90 -27.29 -35.17
CA LYS V 153 -26.70 -28.11 -35.14
C LYS V 153 -25.50 -27.25 -34.76
N LEU V 154 -25.31 -26.15 -35.50
CA LEU V 154 -24.20 -25.22 -35.25
C LEU V 154 -24.21 -24.76 -33.81
N ALA V 155 -25.36 -24.34 -33.32
CA ALA V 155 -25.49 -23.88 -31.94
C ALA V 155 -25.20 -25.03 -30.99
N SER V 156 -25.86 -26.15 -31.20
CA SER V 156 -25.66 -27.31 -30.35
C SER V 156 -24.19 -27.74 -30.31
N ASP V 157 -23.50 -27.59 -31.42
CA ASP V 157 -22.08 -27.94 -31.51
C ASP V 157 -21.22 -26.96 -30.72
N ALA V 158 -21.55 -25.68 -30.85
CA ALA V 158 -20.82 -24.61 -30.16
C ALA V 158 -20.90 -24.80 -28.66
N ILE V 159 -22.08 -25.11 -28.15
CA ILE V 159 -22.24 -25.31 -26.72
C ILE V 159 -21.44 -26.54 -26.29
N GLN V 160 -21.33 -27.52 -27.17
CA GLN V 160 -20.57 -28.70 -26.83
C GLN V 160 -19.10 -28.36 -26.67
N ALA V 161 -18.56 -27.60 -27.62
CA ALA V 161 -17.16 -27.20 -27.54
C ALA V 161 -16.90 -26.69 -26.12
N GLY V 162 -17.89 -26.00 -25.57
CA GLY V 162 -17.77 -25.47 -24.23
C GLY V 162 -17.77 -26.56 -23.19
N ILE V 163 -18.80 -27.40 -23.20
CA ILE V 163 -18.90 -28.49 -22.24
C ILE V 163 -17.59 -29.28 -22.09
N TRP V 164 -17.10 -29.79 -23.21
CA TRP V 164 -15.89 -30.59 -23.26
C TRP V 164 -14.62 -29.82 -22.98
N ASN V 165 -14.42 -28.70 -23.66
CA ASN V 165 -13.21 -27.91 -23.50
C ASN V 165 -13.11 -26.89 -22.35
N ASP V 166 -14.23 -26.48 -21.77
CA ASP V 166 -14.19 -25.52 -20.66
C ASP V 166 -14.63 -26.16 -19.34
N LEU V 167 -13.85 -25.90 -18.29
CA LEU V 167 -14.13 -26.45 -16.98
C LEU V 167 -15.26 -25.72 -16.31
N GLY V 168 -15.56 -24.53 -16.81
CA GLY V 168 -16.64 -23.77 -16.21
C GLY V 168 -18.00 -24.15 -16.78
N SER V 169 -17.97 -24.96 -17.83
CA SER V 169 -19.19 -25.40 -18.49
C SER V 169 -19.25 -26.92 -18.59
N GLY V 170 -20.46 -27.45 -18.73
CA GLY V 170 -20.64 -28.88 -18.85
C GLY V 170 -22.08 -29.35 -18.78
N SER V 171 -22.23 -30.67 -18.62
CA SER V 171 -23.53 -31.32 -18.52
C SER V 171 -24.36 -31.36 -19.80
N ASN V 172 -25.51 -30.71 -19.77
CA ASN V 172 -26.43 -30.73 -20.91
C ASN V 172 -26.47 -29.48 -21.77
N VAL V 173 -27.13 -29.60 -22.91
CA VAL V 173 -27.30 -28.50 -23.86
C VAL V 173 -28.78 -28.16 -23.99
N ASP V 174 -29.12 -26.89 -23.74
CA ASP V 174 -30.50 -26.42 -23.86
C ASP V 174 -30.60 -25.53 -25.07
N VAL V 175 -31.69 -25.63 -25.80
CA VAL V 175 -31.87 -24.81 -26.99
C VAL V 175 -33.24 -24.17 -27.03
N CYS V 176 -33.35 -23.07 -27.77
CA CYS V 176 -34.61 -22.39 -27.94
C CYS V 176 -34.63 -21.80 -29.34
N VAL V 177 -35.62 -22.21 -30.11
CA VAL V 177 -35.73 -21.74 -31.48
C VAL V 177 -36.89 -20.77 -31.62
N MET V 178 -36.61 -19.65 -32.26
CA MET V 178 -37.62 -18.64 -32.48
C MET V 178 -37.67 -18.44 -33.98
N GLU V 179 -38.81 -18.81 -34.59
CA GLU V 179 -38.99 -18.69 -36.03
C GLU V 179 -40.01 -17.60 -36.30
N ILE V 180 -39.70 -16.76 -37.29
CA ILE V 180 -40.55 -15.62 -37.64
C ILE V 180 -42.05 -15.85 -37.69
N GLY V 181 -42.50 -17.07 -37.97
CA GLY V 181 -43.93 -17.29 -38.04
C GLY V 181 -44.61 -18.09 -36.96
N LYS V 182 -43.89 -19.02 -36.34
CA LYS V 182 -44.50 -19.87 -35.32
C LYS V 182 -44.25 -19.43 -33.88
N ASP V 183 -44.64 -20.31 -32.96
CA ASP V 183 -44.45 -20.10 -31.52
C ASP V 183 -42.99 -20.42 -31.25
N ALA V 184 -42.42 -19.83 -30.21
CA ALA V 184 -41.04 -20.13 -29.89
C ALA V 184 -41.01 -21.51 -29.26
N GLU V 185 -40.04 -22.35 -29.63
CA GLU V 185 -39.97 -23.66 -28.99
C GLU V 185 -38.71 -23.85 -28.16
N TYR V 186 -38.95 -24.03 -26.88
CA TYR V 186 -37.92 -24.23 -25.86
C TYR V 186 -37.63 -25.73 -25.83
N LEU V 187 -36.35 -26.08 -25.87
CA LEU V 187 -35.93 -27.48 -25.88
C LEU V 187 -35.02 -27.82 -24.72
N ARG V 188 -35.61 -27.94 -23.53
CA ARG V 188 -34.90 -28.26 -22.31
C ARG V 188 -34.18 -29.61 -22.41
N ASN V 189 -32.85 -29.58 -22.25
CA ASN V 189 -32.02 -30.78 -22.33
C ASN V 189 -32.14 -31.47 -23.68
N TYR V 190 -31.95 -30.67 -24.72
CA TYR V 190 -32.00 -31.13 -26.09
C TYR V 190 -30.85 -32.11 -26.34
N LEU V 191 -29.93 -32.16 -25.39
CA LEU V 191 -28.78 -33.05 -25.42
C LEU V 191 -28.34 -33.34 -24.01
N THR V 192 -28.10 -34.62 -23.71
CA THR V 192 -27.67 -35.01 -22.38
C THR V 192 -26.52 -36.01 -22.52
N PRO V 193 -25.35 -35.54 -22.99
CA PRO V 193 -24.14 -36.35 -23.21
C PRO V 193 -23.28 -36.65 -21.99
N ASN V 194 -23.79 -36.33 -20.79
CA ASN V 194 -23.02 -36.58 -19.57
C ASN V 194 -23.79 -37.27 -18.46
N VAL V 195 -24.41 -38.41 -18.76
CA VAL V 195 -25.14 -39.15 -17.74
C VAL V 195 -24.13 -39.90 -16.88
N ARG V 196 -24.26 -39.77 -15.56
CA ARG V 196 -23.35 -40.44 -14.63
C ARG V 196 -23.51 -41.96 -14.70
N GLU V 197 -22.40 -42.69 -14.84
CA GLU V 197 -22.45 -44.14 -14.93
C GLU V 197 -22.94 -44.74 -13.62
N GLU V 198 -23.53 -45.92 -13.70
CA GLU V 198 -24.05 -46.59 -12.52
C GLU V 198 -22.98 -46.81 -11.48
N LYS V 199 -23.30 -46.46 -10.24
CA LYS V 199 -22.34 -46.62 -9.15
C LYS V 199 -21.99 -48.08 -8.92
N GLN V 200 -20.70 -48.31 -8.67
CA GLN V 200 -20.13 -49.63 -8.43
C GLN V 200 -20.74 -50.36 -7.23
N LYS V 201 -21.42 -49.62 -6.36
CA LYS V 201 -21.99 -50.20 -5.14
C LYS V 201 -23.17 -49.33 -4.69
N SER V 202 -23.95 -49.85 -3.76
CA SER V 202 -25.08 -49.09 -3.23
C SER V 202 -24.71 -48.79 -1.79
N TYR V 203 -25.04 -47.58 -1.33
CA TYR V 203 -24.67 -47.22 0.02
C TYR V 203 -25.81 -47.09 0.99
N LYS V 204 -26.91 -47.73 0.64
CA LYS V 204 -28.11 -47.74 1.48
C LYS V 204 -27.65 -48.29 2.83
N PHE V 205 -28.05 -47.64 3.92
CA PHE V 205 -27.62 -48.07 5.24
C PHE V 205 -28.59 -48.97 6.00
N PRO V 206 -28.06 -49.95 6.75
CA PRO V 206 -28.95 -50.84 7.51
C PRO V 206 -29.60 -50.00 8.61
N ARG V 207 -30.92 -49.86 8.55
CA ARG V 207 -31.64 -49.06 9.54
C ARG V 207 -31.14 -49.34 10.96
N GLY V 208 -30.90 -48.27 11.71
CA GLY V 208 -30.42 -48.41 13.07
C GLY V 208 -28.95 -48.05 13.13
N THR V 209 -28.34 -47.86 11.96
CA THR V 209 -26.91 -47.50 11.85
C THR V 209 -26.58 -46.23 12.61
N THR V 210 -27.45 -45.22 12.50
CA THR V 210 -27.24 -43.94 13.15
C THR V 210 -27.73 -43.84 14.59
N ALA V 211 -26.83 -43.43 15.48
CA ALA V 211 -27.17 -43.30 16.89
C ALA V 211 -28.02 -42.07 17.15
N VAL V 212 -29.19 -42.25 17.75
CA VAL V 212 -30.09 -41.13 18.07
C VAL V 212 -30.16 -40.86 19.57
N LEU V 213 -30.30 -39.58 19.94
CA LEU V 213 -30.34 -39.19 21.34
C LEU V 213 -31.72 -38.82 21.85
N LYS V 214 -32.58 -38.35 20.94
CA LYS V 214 -33.91 -37.92 21.29
C LYS V 214 -34.78 -37.90 20.04
N GLU V 215 -36.08 -38.01 20.21
CA GLU V 215 -36.99 -38.06 19.08
C GLU V 215 -38.31 -37.37 19.43
N SER V 216 -39.07 -36.96 18.43
CA SER V 216 -40.36 -36.31 18.67
C SER V 216 -41.10 -35.91 17.39
N ILE V 217 -42.40 -35.72 17.53
CA ILE V 217 -43.25 -35.31 16.42
C ILE V 217 -43.24 -33.79 16.36
N VAL V 218 -43.36 -33.25 15.16
CA VAL V 218 -43.37 -31.80 14.98
C VAL V 218 -44.78 -31.32 14.60
N ASN V 219 -45.20 -30.20 15.18
CA ASN V 219 -46.52 -29.63 14.92
C ASN V 219 -46.59 -28.70 13.71
N ILE V 220 -47.20 -29.18 12.64
CA ILE V 220 -47.33 -28.39 11.42
C ILE V 220 -48.67 -27.64 11.40
N CYS V 221 -49.71 -28.29 11.89
CA CYS V 221 -51.05 -27.70 11.93
C CYS V 221 -51.13 -26.60 13.00
N ASP V 222 -51.85 -25.52 12.67
CA ASP V 222 -52.00 -24.39 13.57
C ASP V 222 -53.21 -24.45 14.51
N SER W 1 -12.94 -12.24 9.67
CA SER W 1 -12.79 -11.73 8.27
C SER W 1 -13.90 -12.17 7.33
N ASP W 2 -13.99 -13.46 7.05
CA ASP W 2 -15.03 -13.97 6.18
C ASP W 2 -16.26 -14.22 7.06
N PRO W 3 -17.30 -13.38 6.91
CA PRO W 3 -18.52 -13.50 7.70
C PRO W 3 -19.10 -14.90 7.70
N SER W 4 -18.97 -15.59 6.58
CA SER W 4 -19.51 -16.93 6.50
C SER W 4 -18.68 -17.97 7.24
N SER W 5 -17.65 -17.52 7.96
CA SER W 5 -16.80 -18.44 8.70
C SER W 5 -16.52 -18.00 10.13
N ILE W 6 -17.34 -17.10 10.66
CA ILE W 6 -17.13 -16.64 12.02
C ILE W 6 -17.73 -17.67 12.98
N ASN W 7 -18.99 -18.00 12.73
CA ASN W 7 -19.78 -18.90 13.57
C ASN W 7 -19.76 -20.38 13.19
N GLY W 8 -19.59 -20.66 11.90
CA GLY W 8 -19.56 -22.03 11.43
C GLY W 8 -20.94 -22.67 11.39
N GLY W 9 -21.03 -23.89 10.87
CA GLY W 9 -22.30 -24.58 10.81
C GLY W 9 -22.60 -25.15 9.43
N ILE W 10 -23.49 -26.13 9.38
CA ILE W 10 -23.88 -26.74 8.11
C ILE W 10 -25.35 -27.16 8.07
N VAL W 11 -25.88 -27.24 6.87
CA VAL W 11 -27.26 -27.62 6.63
C VAL W 11 -27.30 -28.45 5.36
N VAL W 12 -28.14 -29.48 5.34
CA VAL W 12 -28.26 -30.32 4.15
C VAL W 12 -29.71 -30.79 4.02
N ALA W 13 -30.18 -30.92 2.79
CA ALA W 13 -31.54 -31.36 2.54
C ALA W 13 -31.58 -32.39 1.41
N MET W 14 -32.46 -33.38 1.55
CA MET W 14 -32.60 -34.45 0.57
C MET W 14 -34.06 -34.80 0.30
N THR W 15 -34.31 -35.29 -0.92
CA THR W 15 -35.64 -35.72 -1.31
C THR W 15 -35.68 -37.25 -1.31
N GLY W 16 -36.83 -37.80 -0.92
CA GLY W 16 -36.99 -39.23 -0.91
C GLY W 16 -38.28 -39.57 -1.63
N LYS W 17 -38.86 -40.72 -1.29
CA LYS W 17 -40.11 -41.15 -1.89
C LYS W 17 -41.25 -40.52 -1.09
N ASP W 18 -41.91 -39.53 -1.68
CA ASP W 18 -43.02 -38.82 -1.04
C ASP W 18 -42.59 -38.26 0.30
N CYS W 19 -41.32 -37.86 0.39
CA CYS W 19 -40.75 -37.31 1.62
C CYS W 19 -39.54 -36.43 1.33
N VAL W 20 -39.17 -35.59 2.29
CA VAL W 20 -38.00 -34.73 2.19
C VAL W 20 -37.35 -34.68 3.55
N ALA W 21 -36.04 -34.54 3.58
CA ALA W 21 -35.32 -34.48 4.85
C ALA W 21 -34.41 -33.25 4.87
N ILE W 22 -34.25 -32.66 6.04
CA ILE W 22 -33.38 -31.50 6.16
C ILE W 22 -32.69 -31.63 7.52
N ALA W 23 -31.38 -31.44 7.53
CA ALA W 23 -30.62 -31.56 8.77
C ALA W 23 -29.58 -30.46 8.91
N CYS W 24 -29.19 -30.20 10.16
CA CYS W 24 -28.19 -29.19 10.47
C CYS W 24 -27.41 -29.60 11.73
N ASP W 25 -26.31 -28.91 12.00
CA ASP W 25 -25.52 -29.20 13.20
C ASP W 25 -25.98 -28.22 14.29
N LEU W 26 -25.37 -28.28 15.47
CA LEU W 26 -25.79 -27.38 16.54
C LEU W 26 -24.73 -26.39 16.99
N ARG W 27 -23.61 -26.38 16.28
CA ARG W 27 -22.53 -25.49 16.66
C ARG W 27 -22.74 -24.02 16.36
N LEU W 28 -22.18 -23.19 17.23
CA LEU W 28 -22.20 -21.75 17.11
C LEU W 28 -20.95 -21.36 17.87
N GLY W 29 -19.94 -20.90 17.14
CA GLY W 29 -18.73 -20.51 17.82
C GLY W 29 -18.35 -19.15 17.31
N SER W 30 -17.21 -18.67 17.78
CA SER W 30 -16.66 -17.40 17.36
C SER W 30 -15.21 -17.77 17.06
N GLN W 31 -14.89 -17.90 15.77
CA GLN W 31 -13.54 -18.30 15.40
C GLN W 31 -13.33 -19.68 15.98
N SER W 32 -12.25 -19.86 16.73
CA SER W 32 -11.97 -21.16 17.30
C SER W 32 -12.79 -21.47 18.54
N LEU W 33 -13.15 -20.44 19.29
CA LEU W 33 -13.91 -20.65 20.51
C LEU W 33 -15.33 -21.12 20.25
N GLY W 34 -15.65 -22.33 20.70
CA GLY W 34 -16.99 -22.84 20.54
C GLY W 34 -17.81 -22.15 21.63
N VAL W 35 -19.05 -21.76 21.34
CA VAL W 35 -19.85 -21.07 22.35
C VAL W 35 -21.17 -21.75 22.72
N SER W 36 -21.99 -22.08 21.73
CA SER W 36 -23.26 -22.74 22.00
C SER W 36 -23.33 -24.08 21.29
N ASN W 37 -23.95 -25.05 21.96
CA ASN W 37 -24.08 -26.39 21.43
C ASN W 37 -25.56 -26.66 21.13
N LYS W 38 -26.34 -25.59 21.21
CA LYS W 38 -27.77 -25.69 20.98
C LYS W 38 -28.29 -24.79 19.87
N PHE W 39 -27.39 -24.16 19.12
CA PHE W 39 -27.80 -23.24 18.05
C PHE W 39 -28.32 -23.99 16.83
N GLU W 40 -29.64 -24.15 16.75
CA GLU W 40 -30.24 -24.87 15.62
C GLU W 40 -30.38 -23.92 14.44
N LYS W 41 -30.37 -24.49 13.24
CA LYS W 41 -30.42 -23.68 12.04
C LYS W 41 -31.58 -23.97 11.10
N ILE W 42 -32.54 -24.75 11.56
CA ILE W 42 -33.70 -25.06 10.74
C ILE W 42 -34.94 -24.52 11.40
N PHE W 43 -35.72 -23.76 10.63
CA PHE W 43 -36.97 -23.19 11.13
C PHE W 43 -38.05 -23.56 10.14
N HIS W 44 -39.30 -23.42 10.55
CA HIS W 44 -40.39 -23.73 9.66
C HIS W 44 -41.54 -22.76 9.80
N TYR W 45 -42.18 -22.49 8.68
CA TYR W 45 -43.31 -21.59 8.61
C TYR W 45 -44.38 -22.47 7.99
N GLY W 46 -45.31 -22.95 8.81
CA GLY W 46 -46.33 -23.83 8.32
C GLY W 46 -45.66 -25.15 8.03
N HIS W 47 -45.87 -25.68 6.83
CA HIS W 47 -45.26 -26.94 6.48
C HIS W 47 -43.97 -26.75 5.69
N VAL W 48 -43.55 -25.49 5.54
CA VAL W 48 -42.33 -25.22 4.79
C VAL W 48 -41.16 -25.01 5.75
N PHE W 49 -40.07 -25.69 5.46
CA PHE W 49 -38.87 -25.64 6.28
C PHE W 49 -37.71 -24.86 5.67
N LEU W 50 -37.01 -24.13 6.51
CA LEU W 50 -35.88 -23.34 6.09
C LEU W 50 -34.66 -23.51 7.01
N GLY W 51 -33.52 -23.75 6.40
CA GLY W 51 -32.28 -23.89 7.15
C GLY W 51 -31.37 -22.77 6.68
N ILE W 52 -30.72 -22.08 7.63
CA ILE W 52 -29.83 -20.97 7.27
C ILE W 52 -28.42 -21.17 7.86
N THR W 53 -27.40 -21.20 7.03
CA THR W 53 -26.04 -21.31 7.54
C THR W 53 -25.36 -19.98 7.22
N GLY W 54 -24.30 -19.64 7.93
CA GLY W 54 -23.61 -18.39 7.67
C GLY W 54 -23.43 -17.59 8.93
N LEU W 55 -23.54 -16.27 8.83
CA LEU W 55 -23.37 -15.38 9.99
C LEU W 55 -24.59 -15.51 10.91
N ALA W 56 -24.36 -15.98 12.12
CA ALA W 56 -25.45 -16.19 13.10
C ALA W 56 -26.49 -15.06 13.20
N THR W 57 -26.02 -13.83 13.37
CA THR W 57 -26.90 -12.69 13.50
C THR W 57 -27.85 -12.57 12.30
N ASP W 58 -27.37 -12.97 11.12
CA ASP W 58 -28.17 -12.91 9.90
C ASP W 58 -29.14 -14.11 9.84
N VAL W 59 -28.66 -15.25 10.33
CA VAL W 59 -29.48 -16.45 10.36
C VAL W 59 -30.71 -16.12 11.20
N THR W 60 -30.49 -15.48 12.35
CA THR W 60 -31.56 -15.10 13.24
C THR W 60 -32.45 -14.03 12.60
N THR W 61 -31.84 -12.96 12.13
CA THR W 61 -32.58 -11.88 11.51
C THR W 61 -33.46 -12.41 10.36
N LEU W 62 -32.90 -13.27 9.53
CA LEU W 62 -33.68 -13.80 8.41
C LEU W 62 -34.88 -14.64 8.85
N ASN W 63 -34.68 -15.43 9.90
CA ASN W 63 -35.77 -16.24 10.40
C ASN W 63 -36.88 -15.33 10.89
N GLU W 64 -36.53 -14.37 11.74
CA GLU W 64 -37.51 -13.44 12.26
C GLU W 64 -38.21 -12.77 11.07
N MET W 65 -37.44 -12.34 10.07
CA MET W 65 -38.00 -11.70 8.90
C MET W 65 -39.02 -12.57 8.19
N PHE W 66 -38.63 -13.81 7.87
CA PHE W 66 -39.53 -14.74 7.18
C PHE W 66 -40.73 -15.15 8.02
N ARG W 67 -40.60 -15.14 9.34
CA ARG W 67 -41.73 -15.49 10.19
C ARG W 67 -42.75 -14.39 9.90
N TYR W 68 -42.26 -13.16 9.96
CA TYR W 68 -43.00 -11.93 9.70
C TYR W 68 -43.72 -11.94 8.36
N LYS W 69 -42.98 -12.23 7.30
CA LYS W 69 -43.58 -12.25 5.97
C LYS W 69 -44.59 -13.37 5.78
N THR W 70 -44.26 -14.58 6.23
CA THR W 70 -45.18 -15.71 6.09
C THR W 70 -46.46 -15.52 6.88
N ASN W 71 -46.35 -14.85 8.03
CA ASN W 71 -47.52 -14.58 8.85
C ASN W 71 -48.51 -13.71 8.09
N LEU W 72 -48.01 -12.60 7.56
CA LEU W 72 -48.86 -11.71 6.80
C LEU W 72 -49.38 -12.40 5.56
N TYR W 73 -48.52 -13.18 4.92
CA TYR W 73 -48.92 -13.91 3.71
C TYR W 73 -50.17 -14.76 3.98
N LYS W 74 -50.15 -15.46 5.09
CA LYS W 74 -51.27 -16.32 5.48
C LYS W 74 -52.54 -15.52 5.78
N LEU W 75 -52.39 -14.36 6.42
CA LEU W 75 -53.55 -13.54 6.75
C LEU W 75 -54.26 -13.03 5.50
N LYS W 76 -53.48 -12.67 4.48
CA LYS W 76 -54.05 -12.16 3.24
C LYS W 76 -54.51 -13.30 2.33
N GLU W 77 -53.60 -14.24 2.08
CA GLU W 77 -53.86 -15.40 1.21
C GLU W 77 -54.86 -16.40 1.77
N GLU W 78 -54.95 -16.43 3.10
CA GLU W 78 -55.83 -17.36 3.80
C GLU W 78 -55.43 -18.80 3.55
N ARG W 79 -54.14 -19.05 3.59
CA ARG W 79 -53.57 -20.37 3.39
C ARG W 79 -52.09 -20.25 3.65
N ALA W 80 -51.44 -21.36 3.99
CA ALA W 80 -50.01 -21.32 4.26
C ALA W 80 -49.24 -21.36 2.95
N ILE W 81 -48.09 -20.69 2.93
CA ILE W 81 -47.26 -20.62 1.76
C ILE W 81 -46.66 -21.98 1.39
N GLU W 82 -46.51 -22.23 0.09
CA GLU W 82 -45.96 -23.48 -0.41
C GLU W 82 -44.44 -23.38 -0.61
N PRO W 83 -43.75 -24.53 -0.66
CA PRO W 83 -42.29 -24.53 -0.83
C PRO W 83 -41.88 -23.64 -1.99
N GLU W 84 -42.40 -23.96 -3.17
CA GLU W 84 -42.08 -23.19 -4.38
C GLU W 84 -42.22 -21.69 -4.17
N THR W 85 -43.37 -21.26 -3.68
CA THR W 85 -43.61 -19.85 -3.46
C THR W 85 -42.65 -19.27 -2.43
N PHE W 86 -42.51 -19.95 -1.30
CA PHE W 86 -41.61 -19.45 -0.27
C PHE W 86 -40.22 -19.27 -0.82
N THR W 87 -39.79 -20.22 -1.65
CA THR W 87 -38.47 -20.14 -2.25
C THR W 87 -38.32 -18.81 -3.00
N GLN W 88 -39.35 -18.45 -3.75
CA GLN W 88 -39.34 -17.19 -4.49
C GLN W 88 -39.27 -16.04 -3.52
N LEU W 89 -39.99 -16.14 -2.41
CA LEU W 89 -39.98 -15.08 -1.42
C LEU W 89 -38.58 -14.91 -0.84
N VAL W 90 -37.92 -16.03 -0.58
CA VAL W 90 -36.56 -15.98 -0.04
C VAL W 90 -35.64 -15.31 -1.04
N SER W 91 -35.70 -15.78 -2.29
CA SER W 91 -34.87 -15.25 -3.36
C SER W 91 -34.97 -13.74 -3.51
N SER W 92 -36.18 -13.22 -3.67
CA SER W 92 -36.38 -11.79 -3.84
C SER W 92 -36.00 -11.01 -2.58
N SER W 93 -36.25 -11.62 -1.43
CA SER W 93 -35.92 -10.95 -0.18
C SER W 93 -34.41 -10.76 -0.07
N LEU W 94 -33.66 -11.75 -0.54
CA LEU W 94 -32.20 -11.69 -0.49
C LEU W 94 -31.62 -10.71 -1.48
N TYR W 95 -32.09 -10.76 -2.72
CA TYR W 95 -31.58 -9.88 -3.76
C TYR W 95 -31.91 -8.43 -3.47
N GLU W 96 -32.86 -8.23 -2.59
CA GLU W 96 -33.27 -6.90 -2.23
C GLU W 96 -32.13 -6.19 -1.52
N ARG W 97 -31.16 -6.97 -1.06
CA ARG W 97 -30.00 -6.44 -0.36
C ARG W 97 -28.76 -6.75 -1.19
N ARG W 98 -28.93 -6.79 -2.51
CA ARG W 98 -27.86 -7.11 -3.44
C ARG W 98 -26.48 -6.52 -3.15
N PHE W 99 -26.44 -5.26 -2.73
CA PHE W 99 -25.17 -4.60 -2.44
C PHE W 99 -24.89 -4.36 -0.96
N GLY W 100 -25.16 -5.38 -0.15
CA GLY W 100 -24.95 -5.31 1.29
C GLY W 100 -25.75 -6.48 1.80
N PRO W 101 -25.48 -7.67 1.25
CA PRO W 101 -26.14 -8.93 1.56
C PRO W 101 -26.05 -9.47 2.97
N TYR W 102 -26.84 -10.50 3.18
CA TYR W 102 -26.86 -11.21 4.43
C TYR W 102 -25.85 -12.30 4.11
N PHE W 103 -24.99 -12.61 5.06
CA PHE W 103 -24.00 -13.63 4.82
C PHE W 103 -24.55 -14.97 5.25
N VAL W 104 -25.55 -15.43 4.49
CA VAL W 104 -26.22 -16.68 4.77
C VAL W 104 -26.29 -17.53 3.52
N GLY W 105 -26.59 -18.81 3.72
CA GLY W 105 -26.72 -19.76 2.62
C GLY W 105 -27.96 -20.56 2.97
N PRO W 106 -29.15 -20.08 2.58
CA PRO W 106 -30.44 -20.72 2.85
C PRO W 106 -30.76 -22.01 2.08
N VAL W 107 -31.54 -22.87 2.72
CA VAL W 107 -31.99 -24.13 2.15
C VAL W 107 -33.48 -24.31 2.46
N VAL W 108 -34.27 -24.53 1.41
CA VAL W 108 -35.71 -24.71 1.59
C VAL W 108 -36.09 -26.16 1.33
N ALA W 109 -36.95 -26.70 2.20
CA ALA W 109 -37.41 -28.07 2.08
C ALA W 109 -38.86 -28.20 2.53
N GLY W 110 -39.65 -28.94 1.75
CA GLY W 110 -41.04 -29.13 2.10
C GLY W 110 -41.78 -29.93 1.05
N ILE W 111 -43.04 -30.27 1.34
CA ILE W 111 -43.86 -31.01 0.39
C ILE W 111 -45.06 -30.15 0.03
N ASN W 112 -45.31 -30.01 -1.26
CA ASN W 112 -46.43 -29.21 -1.72
C ASN W 112 -47.72 -29.82 -1.19
N SER W 113 -48.43 -29.08 -0.34
CA SER W 113 -49.67 -29.57 0.23
C SER W 113 -50.72 -29.93 -0.81
N LYS W 114 -50.64 -29.36 -2.00
CA LYS W 114 -51.63 -29.65 -3.02
C LYS W 114 -51.24 -30.82 -3.92
N SER W 115 -50.01 -30.80 -4.44
CA SER W 115 -49.56 -31.88 -5.32
C SER W 115 -48.77 -32.96 -4.60
N GLY W 116 -48.58 -32.81 -3.29
CA GLY W 116 -47.84 -33.79 -2.51
C GLY W 116 -46.40 -34.04 -2.92
N LYS W 117 -45.93 -33.33 -3.95
CA LYS W 117 -44.58 -33.47 -4.45
C LYS W 117 -43.50 -32.92 -3.49
N PRO W 118 -42.36 -33.62 -3.37
CA PRO W 118 -41.27 -33.20 -2.49
C PRO W 118 -40.50 -32.06 -3.16
N PHE W 119 -40.07 -31.09 -2.35
CA PHE W 119 -39.35 -29.92 -2.86
C PHE W 119 -38.21 -29.42 -1.97
N ILE W 120 -37.06 -29.17 -2.60
CA ILE W 120 -35.88 -28.64 -1.92
C ILE W 120 -35.20 -27.65 -2.86
N ALA W 121 -34.56 -26.64 -2.25
CA ALA W 121 -33.86 -25.63 -3.03
C ALA W 121 -32.82 -24.91 -2.19
N GLY W 122 -31.83 -24.34 -2.86
CA GLY W 122 -30.79 -23.61 -2.17
C GLY W 122 -30.48 -22.33 -2.92
N PHE W 123 -29.86 -21.37 -2.24
CA PHE W 123 -29.51 -20.09 -2.86
C PHE W 123 -28.15 -19.65 -2.31
N ASP W 124 -27.54 -18.68 -2.99
CA ASP W 124 -26.28 -18.10 -2.53
C ASP W 124 -26.68 -16.90 -1.66
N LEU W 125 -25.72 -16.12 -1.16
CA LEU W 125 -26.06 -14.98 -0.29
C LEU W 125 -26.86 -13.83 -0.93
N ILE W 126 -26.83 -13.72 -2.25
CA ILE W 126 -27.59 -12.67 -2.92
C ILE W 126 -28.88 -13.21 -3.54
N GLY W 127 -29.24 -14.44 -3.22
CA GLY W 127 -30.49 -15.00 -3.71
C GLY W 127 -30.59 -15.90 -4.93
N CYS W 128 -29.50 -16.20 -5.63
CA CYS W 128 -29.66 -17.07 -6.80
C CYS W 128 -30.17 -18.45 -6.41
N ILE W 129 -31.30 -18.83 -6.99
CA ILE W 129 -31.92 -20.12 -6.69
C ILE W 129 -31.24 -21.31 -7.36
N ASP W 130 -30.94 -22.31 -6.55
CA ASP W 130 -30.34 -23.55 -7.02
C ASP W 130 -31.37 -24.62 -6.72
N GLU W 131 -32.15 -25.01 -7.72
CA GLU W 131 -33.15 -26.04 -7.48
C GLU W 131 -32.67 -27.40 -7.94
N ALA W 132 -32.49 -28.29 -6.97
CA ALA W 132 -32.04 -29.64 -7.25
C ALA W 132 -33.14 -30.63 -6.87
N LYS W 133 -33.10 -31.78 -7.50
CA LYS W 133 -34.08 -32.80 -7.24
C LYS W 133 -33.56 -33.72 -6.12
N ASP W 134 -32.24 -33.93 -6.12
CA ASP W 134 -31.61 -34.81 -5.14
C ASP W 134 -31.29 -34.21 -3.77
N PHE W 135 -30.26 -33.38 -3.71
CA PHE W 135 -29.86 -32.79 -2.44
C PHE W 135 -29.29 -31.38 -2.58
N ILE W 136 -29.33 -30.64 -1.48
CA ILE W 136 -28.82 -29.28 -1.42
C ILE W 136 -27.93 -29.23 -0.21
N VAL W 137 -26.77 -28.59 -0.32
CA VAL W 137 -25.85 -28.49 0.81
C VAL W 137 -25.49 -27.04 1.10
N SER W 138 -25.01 -26.78 2.30
CA SER W 138 -24.66 -25.42 2.69
C SER W 138 -23.86 -25.39 3.98
N GLY W 139 -22.94 -24.44 4.08
CA GLY W 139 -22.17 -24.33 5.30
C GLY W 139 -20.66 -24.39 5.10
N THR W 140 -19.97 -24.37 6.24
CA THR W 140 -18.53 -24.40 6.30
C THR W 140 -17.96 -25.75 5.91
N ALA W 141 -18.81 -26.76 5.87
CA ALA W 141 -18.38 -28.10 5.49
C ALA W 141 -19.14 -28.52 4.22
N SER W 142 -19.42 -27.57 3.36
CA SER W 142 -20.15 -27.82 2.13
C SER W 142 -19.45 -28.75 1.14
N ASP W 143 -18.13 -28.66 1.04
CA ASP W 143 -17.39 -29.53 0.13
C ASP W 143 -17.55 -30.98 0.60
N GLN W 144 -17.37 -31.18 1.89
CA GLN W 144 -17.50 -32.50 2.47
C GLN W 144 -18.89 -33.00 2.17
N LEU W 145 -19.90 -32.18 2.47
CA LEU W 145 -21.29 -32.55 2.23
C LEU W 145 -21.55 -32.93 0.78
N PHE W 146 -20.95 -32.22 -0.16
CA PHE W 146 -21.13 -32.53 -1.56
C PHE W 146 -20.55 -33.90 -1.83
N GLY W 147 -19.41 -34.18 -1.21
CA GLY W 147 -18.77 -35.47 -1.38
C GLY W 147 -19.63 -36.57 -0.81
N MET W 148 -20.10 -36.41 0.41
CA MET W 148 -20.93 -37.43 1.05
C MET W 148 -22.19 -37.67 0.24
N CYS W 149 -22.94 -36.61 -0.03
CA CYS W 149 -24.17 -36.72 -0.78
C CYS W 149 -23.98 -37.37 -2.13
N GLU W 150 -23.07 -36.85 -2.94
CA GLU W 150 -22.87 -37.40 -4.26
C GLU W 150 -22.62 -38.92 -4.27
N SER W 151 -22.10 -39.47 -3.16
CA SER W 151 -21.83 -40.90 -3.08
C SER W 151 -22.94 -41.70 -2.40
N LEU W 152 -23.33 -41.26 -1.20
CA LEU W 152 -24.36 -41.94 -0.42
C LEU W 152 -25.78 -41.78 -0.93
N TYR W 153 -26.01 -40.93 -1.91
CA TYR W 153 -27.36 -40.71 -2.38
C TYR W 153 -27.84 -41.56 -3.53
N GLU W 154 -29.12 -41.90 -3.46
CA GLU W 154 -29.84 -42.67 -4.49
C GLU W 154 -31.31 -42.28 -4.33
N PRO W 155 -32.06 -42.22 -5.45
CA PRO W 155 -33.46 -41.85 -5.53
C PRO W 155 -34.47 -42.65 -4.69
N ASN W 156 -35.67 -42.10 -4.58
CA ASN W 156 -36.78 -42.69 -3.86
C ASN W 156 -36.52 -43.41 -2.56
N LEU W 157 -35.59 -42.92 -1.75
CA LEU W 157 -35.36 -43.59 -0.49
C LEU W 157 -36.63 -43.44 0.35
N GLU W 158 -36.84 -44.35 1.29
CA GLU W 158 -38.02 -44.27 2.14
C GLU W 158 -37.64 -43.47 3.38
N PRO W 159 -38.63 -42.84 4.03
CA PRO W 159 -38.37 -42.06 5.23
C PRO W 159 -37.31 -42.63 6.16
N GLU W 160 -37.47 -43.90 6.56
CA GLU W 160 -36.53 -44.55 7.47
C GLU W 160 -35.15 -44.72 6.84
N ASP W 161 -35.11 -44.76 5.51
CA ASP W 161 -33.87 -44.93 4.78
C ASP W 161 -33.22 -43.57 4.52
N LEU W 162 -34.01 -42.60 4.05
CA LEU W 162 -33.49 -41.26 3.79
C LEU W 162 -32.87 -40.75 5.07
N PHE W 163 -33.51 -41.04 6.19
CA PHE W 163 -32.97 -40.62 7.48
C PHE W 163 -31.54 -41.12 7.65
N GLU W 164 -31.32 -42.42 7.49
CA GLU W 164 -29.99 -42.99 7.64
C GLU W 164 -29.01 -42.28 6.74
N THR W 165 -29.38 -42.09 5.49
CA THR W 165 -28.52 -41.45 4.52
C THR W 165 -28.17 -40.01 4.84
N ILE W 166 -29.17 -39.18 5.11
CA ILE W 166 -28.90 -37.78 5.43
C ILE W 166 -28.00 -37.66 6.65
N SER W 167 -28.32 -38.43 7.69
CA SER W 167 -27.57 -38.44 8.95
C SER W 167 -26.11 -38.84 8.77
N GLN W 168 -25.86 -39.75 7.85
CA GLN W 168 -24.49 -40.20 7.61
C GLN W 168 -23.75 -39.17 6.78
N ALA W 169 -24.50 -38.46 5.94
CA ALA W 169 -23.92 -37.42 5.10
C ALA W 169 -23.50 -36.28 6.01
N LEU W 170 -24.44 -35.78 6.80
CA LEU W 170 -24.15 -34.69 7.72
C LEU W 170 -22.99 -35.09 8.63
N LEU W 171 -23.26 -36.08 9.46
CA LEU W 171 -22.31 -36.60 10.44
C LEU W 171 -20.86 -36.71 9.99
N ASN W 172 -20.62 -37.41 8.88
CA ASN W 172 -19.27 -37.60 8.38
C ASN W 172 -18.60 -36.39 7.76
N ALA W 173 -19.38 -35.44 7.28
CA ALA W 173 -18.82 -34.22 6.70
C ALA W 173 -18.41 -33.33 7.85
N ALA W 174 -19.35 -33.15 8.79
CA ALA W 174 -19.13 -32.32 9.98
C ALA W 174 -17.87 -32.71 10.72
N ASP W 175 -17.47 -33.97 10.57
CA ASP W 175 -16.31 -34.47 11.27
C ASP W 175 -14.99 -34.17 10.59
N ARG W 176 -15.06 -33.60 9.39
CA ARG W 176 -13.87 -33.22 8.65
C ARG W 176 -13.81 -31.69 8.58
N ASP W 177 -14.61 -31.05 9.44
CA ASP W 177 -14.68 -29.59 9.50
C ASP W 177 -14.54 -29.13 10.95
N ALA W 178 -13.56 -28.27 11.18
CA ALA W 178 -13.27 -27.74 12.50
C ALA W 178 -14.35 -26.80 13.03
N LEU W 179 -15.15 -26.24 12.12
CA LEU W 179 -16.19 -25.29 12.52
C LEU W 179 -17.63 -25.82 12.58
N SER W 180 -17.81 -27.12 12.35
CA SER W 180 -19.14 -27.74 12.37
C SER W 180 -19.22 -28.86 13.39
N GLY W 181 -20.45 -29.31 13.68
CA GLY W 181 -20.65 -30.41 14.62
C GLY W 181 -21.19 -29.98 15.95
N TRP W 182 -20.73 -30.61 17.02
CA TRP W 182 -21.18 -30.26 18.35
C TRP W 182 -22.65 -30.56 18.62
N GLY W 183 -23.22 -31.45 17.81
CA GLY W 183 -24.62 -31.82 17.94
C GLY W 183 -25.21 -31.88 16.55
N ALA W 184 -26.50 -32.17 16.44
CA ALA W 184 -27.13 -32.24 15.13
C ALA W 184 -28.57 -32.67 15.29
N VAL W 185 -29.42 -32.18 14.40
CA VAL W 185 -30.82 -32.50 14.44
C VAL W 185 -31.31 -32.74 12.99
N VAL W 186 -32.02 -33.85 12.78
CA VAL W 186 -32.54 -34.19 11.46
C VAL W 186 -34.06 -34.13 11.45
N TYR W 187 -34.61 -33.67 10.32
CA TYR W 187 -36.06 -33.55 10.15
C TYR W 187 -36.55 -34.45 9.02
N ILE W 188 -37.39 -35.42 9.35
CA ILE W 188 -37.96 -36.29 8.32
C ILE W 188 -39.37 -35.77 8.08
N ILE W 189 -39.63 -35.34 6.85
CA ILE W 189 -40.92 -34.78 6.50
C ILE W 189 -41.74 -35.57 5.49
N LYS W 190 -43.02 -35.75 5.82
CA LYS W 190 -44.00 -36.45 4.99
C LYS W 190 -45.26 -35.58 4.95
N LYS W 191 -46.11 -35.84 3.97
CA LYS W 191 -47.38 -35.11 3.79
C LYS W 191 -48.17 -34.90 5.08
N ASP W 192 -48.32 -35.98 5.83
CA ASP W 192 -49.10 -35.99 7.07
C ASP W 192 -48.34 -35.74 8.38
N GLU W 193 -47.06 -36.09 8.43
CA GLU W 193 -46.30 -35.89 9.66
C GLU W 193 -44.83 -35.52 9.45
N VAL W 194 -44.21 -35.08 10.54
CA VAL W 194 -42.81 -34.69 10.54
C VAL W 194 -42.15 -35.13 11.85
N VAL W 195 -41.04 -35.85 11.72
CA VAL W 195 -40.30 -36.32 12.89
C VAL W 195 -38.96 -35.59 13.01
N LYS W 196 -38.60 -35.24 14.24
CA LYS W 196 -37.36 -34.52 14.51
C LYS W 196 -36.49 -35.31 15.49
N ARG W 197 -35.32 -35.76 15.03
CA ARG W 197 -34.43 -36.53 15.90
C ARG W 197 -33.09 -35.85 16.08
N TYR W 198 -32.51 -35.98 17.27
CA TYR W 198 -31.19 -35.45 17.58
C TYR W 198 -30.18 -36.56 17.48
N LEU W 199 -29.15 -36.37 16.67
CA LEU W 199 -28.13 -37.39 16.51
C LEU W 199 -27.06 -37.31 17.60
N LYS W 200 -26.40 -38.44 17.86
CA LYS W 200 -25.31 -38.49 18.82
C LYS W 200 -24.05 -38.46 17.98
N MET W 201 -23.19 -37.47 18.21
CA MET W 201 -21.96 -37.36 17.43
C MET W 201 -20.81 -36.90 18.30
N ARG W 202 -19.60 -36.91 17.73
CA ARG W 202 -18.40 -36.50 18.44
C ARG W 202 -18.60 -35.08 18.98
N GLN W 203 -18.01 -34.78 20.11
CA GLN W 203 -18.15 -33.44 20.68
C GLN W 203 -16.84 -32.67 20.69
N ASP W 204 -16.03 -32.87 19.65
CA ASP W 204 -14.75 -32.19 19.52
C ASP W 204 -14.68 -31.33 18.25
N MET X 1 -9.43 -7.78 26.71
CA MET X 1 -10.64 -6.93 26.94
C MET X 1 -10.90 -6.83 28.45
N ASP X 2 -12.13 -6.46 28.81
CA ASP X 2 -12.54 -6.36 30.21
C ASP X 2 -13.11 -7.75 30.53
N ILE X 3 -13.40 -8.02 31.79
CA ILE X 3 -13.96 -9.30 32.13
C ILE X 3 -15.47 -9.17 32.31
N ILE X 4 -16.21 -9.99 31.57
CA ILE X 4 -17.65 -10.01 31.64
C ILE X 4 -18.08 -11.46 31.71
N LEU X 5 -18.48 -11.88 32.91
CA LEU X 5 -18.91 -13.25 33.14
C LEU X 5 -20.34 -13.32 33.58
N GLY X 6 -20.98 -14.42 33.23
CA GLY X 6 -22.37 -14.63 33.60
C GLY X 6 -22.56 -16.10 33.85
N ILE X 7 -23.30 -16.42 34.90
CA ILE X 7 -23.52 -17.81 35.22
C ILE X 7 -24.90 -18.00 35.83
N ARG X 8 -25.68 -18.89 35.22
CA ARG X 8 -27.04 -19.17 35.68
C ARG X 8 -27.13 -20.45 36.51
N VAL X 9 -27.45 -20.29 37.80
CA VAL X 9 -27.59 -21.44 38.68
C VAL X 9 -29.02 -21.94 38.71
N GLN X 10 -29.43 -22.43 39.88
CA GLN X 10 -30.77 -22.97 40.09
C GLN X 10 -31.88 -21.95 40.07
N ASP X 11 -31.77 -20.95 40.92
CA ASP X 11 -32.81 -19.94 41.01
C ASP X 11 -32.34 -18.53 40.81
N SER X 12 -31.14 -18.36 40.26
CA SER X 12 -30.63 -17.02 40.03
C SER X 12 -29.64 -16.96 38.90
N VAL X 13 -29.20 -15.74 38.61
CA VAL X 13 -28.23 -15.48 37.57
C VAL X 13 -27.17 -14.60 38.24
N ILE X 14 -25.91 -14.94 38.06
CA ILE X 14 -24.85 -14.15 38.66
C ILE X 14 -23.98 -13.52 37.59
N LEU X 15 -23.71 -12.22 37.75
CA LEU X 15 -22.87 -11.50 36.80
C LEU X 15 -21.63 -10.93 37.47
N ALA X 16 -20.47 -11.28 36.94
CA ALA X 16 -19.19 -10.81 37.45
C ALA X 16 -18.57 -9.92 36.37
N SER X 17 -18.17 -8.70 36.76
CA SER X 17 -17.60 -7.75 35.81
C SER X 17 -16.38 -7.05 36.37
N SER X 18 -15.29 -7.00 35.59
CA SER X 18 -14.05 -6.36 36.06
C SER X 18 -14.24 -4.89 36.44
N LYS X 19 -13.42 -4.42 37.37
CA LYS X 19 -13.55 -3.05 37.86
C LYS X 19 -12.58 -2.04 37.28
N ALA X 20 -11.58 -2.50 36.54
CA ALA X 20 -10.61 -1.57 35.97
C ALA X 20 -11.08 -0.83 34.71
N VAL X 21 -10.57 0.40 34.54
CA VAL X 21 -10.86 1.20 33.37
C VAL X 21 -9.50 1.77 32.99
N THR X 22 -8.92 1.22 31.93
CA THR X 22 -7.59 1.62 31.48
C THR X 22 -7.58 2.33 30.15
N ARG X 23 -6.81 3.38 30.05
CA ARG X 23 -6.69 4.10 28.81
C ARG X 23 -5.21 4.29 28.62
N GLY X 24 -4.69 3.69 27.56
CA GLY X 24 -3.28 3.78 27.28
C GLY X 24 -2.46 3.00 28.28
N ILE X 25 -1.53 3.71 28.89
CA ILE X 25 -0.62 3.15 29.85
C ILE X 25 -1.07 3.31 31.30
N SER X 26 -2.22 3.97 31.51
CA SER X 26 -2.72 4.22 32.85
C SER X 26 -4.05 3.60 33.21
N VAL X 27 -4.16 3.05 34.43
CA VAL X 27 -5.40 2.48 34.92
C VAL X 27 -6.14 3.62 35.64
N LEU X 28 -7.03 4.29 34.90
CA LEU X 28 -7.79 5.43 35.39
C LEU X 28 -8.74 5.24 36.57
N LYS X 29 -9.37 4.08 36.66
CA LYS X 29 -10.31 3.84 37.74
C LYS X 29 -10.33 2.36 38.01
N ASP X 30 -10.53 1.98 39.28
CA ASP X 30 -10.51 0.58 39.68
C ASP X 30 -11.77 0.16 40.42
N SER X 31 -12.85 0.89 40.21
CA SER X 31 -14.11 0.61 40.88
C SER X 31 -15.27 0.79 39.90
N ASP X 32 -15.04 0.50 38.64
CA ASP X 32 -16.06 0.67 37.62
C ASP X 32 -17.16 -0.38 37.64
N ASP X 33 -18.40 0.07 37.54
CA ASP X 33 -19.53 -0.85 37.53
C ASP X 33 -20.03 -0.97 36.09
N LYS X 34 -19.52 -1.98 35.39
CA LYS X 34 -19.85 -2.23 33.99
C LYS X 34 -21.22 -2.90 33.84
N THR X 35 -22.22 -2.29 34.47
CA THR X 35 -23.56 -2.83 34.46
C THR X 35 -24.64 -1.74 34.55
N ARG X 36 -25.85 -2.08 34.13
CA ARG X 36 -27.00 -1.19 34.20
C ARG X 36 -28.21 -2.05 34.48
N GLN X 37 -29.11 -1.57 35.33
CA GLN X 37 -30.32 -2.32 35.63
C GLN X 37 -31.42 -1.89 34.66
N LEU X 38 -31.82 -2.81 33.79
CA LEU X 38 -32.86 -2.52 32.80
C LEU X 38 -34.26 -2.50 33.41
N SER X 39 -34.48 -3.35 34.39
CA SER X 39 -35.76 -3.42 35.08
C SER X 39 -35.51 -4.10 36.41
N PRO X 40 -36.48 -4.05 37.32
CA PRO X 40 -36.30 -4.69 38.63
C PRO X 40 -35.70 -6.09 38.65
N HIS X 41 -35.99 -6.89 37.63
CA HIS X 41 -35.48 -8.25 37.56
C HIS X 41 -34.58 -8.57 36.36
N THR X 42 -34.06 -7.52 35.71
CA THR X 42 -33.19 -7.71 34.56
C THR X 42 -31.95 -6.82 34.63
N LEU X 43 -30.79 -7.47 34.59
CA LEU X 43 -29.51 -6.79 34.66
C LEU X 43 -28.68 -7.04 33.40
N MET X 44 -27.96 -6.02 32.96
CA MET X 44 -27.13 -6.16 31.77
C MET X 44 -25.73 -5.65 32.00
N SER X 45 -24.75 -6.52 31.71
CA SER X 45 -23.33 -6.17 31.83
C SER X 45 -22.84 -5.92 30.40
N PHE X 46 -21.79 -5.12 30.26
CA PHE X 46 -21.30 -4.80 28.91
C PHE X 46 -19.82 -4.47 28.86
N ALA X 47 -19.23 -4.66 27.68
CA ALA X 47 -17.81 -4.37 27.46
C ALA X 47 -17.56 -4.08 25.98
N GLY X 48 -16.51 -3.32 25.67
CA GLY X 48 -16.21 -3.01 24.28
C GLY X 48 -15.56 -1.65 24.09
N GLU X 49 -15.86 -1.00 22.97
CA GLU X 49 -15.29 0.30 22.64
C GLU X 49 -15.57 1.37 23.69
N ALA X 50 -14.53 2.13 24.04
CA ALA X 50 -14.57 3.21 25.03
C ALA X 50 -15.86 4.02 25.19
N GLY X 51 -16.33 4.67 24.15
CA GLY X 51 -17.54 5.45 24.36
C GLY X 51 -18.83 4.67 24.24
N ASP X 52 -18.92 3.89 23.16
CA ASP X 52 -20.10 3.09 22.81
C ASP X 52 -20.66 2.29 23.97
N THR X 53 -19.77 1.75 24.78
CA THR X 53 -20.13 0.93 25.93
C THR X 53 -21.26 1.48 26.81
N VAL X 54 -21.00 2.56 27.55
CA VAL X 54 -22.02 3.16 28.41
C VAL X 54 -23.17 3.77 27.64
N GLN X 55 -22.86 4.51 26.57
CA GLN X 55 -23.91 5.13 25.75
C GLN X 55 -24.96 4.12 25.38
N PHE X 56 -24.54 2.98 24.88
CA PHE X 56 -25.47 1.93 24.50
C PHE X 56 -26.26 1.46 25.70
N ALA X 57 -25.55 1.06 26.75
CA ALA X 57 -26.17 0.58 27.97
C ALA X 57 -27.28 1.52 28.43
N GLU X 58 -26.92 2.78 28.64
CA GLU X 58 -27.91 3.77 29.09
C GLU X 58 -29.07 3.96 28.11
N TYR X 59 -28.77 3.92 26.81
CA TYR X 59 -29.80 4.05 25.80
C TYR X 59 -30.83 2.93 25.96
N ILE X 60 -30.35 1.70 26.13
CA ILE X 60 -31.22 0.55 26.30
C ILE X 60 -31.98 0.66 27.62
N GLN X 61 -31.28 1.12 28.66
CA GLN X 61 -31.92 1.28 29.95
C GLN X 61 -33.13 2.20 29.83
N ALA X 62 -32.93 3.34 29.17
CA ALA X 62 -34.00 4.31 28.98
C ALA X 62 -35.20 3.70 28.30
N ASN X 63 -34.99 2.98 27.21
CA ASN X 63 -36.11 2.35 26.50
C ASN X 63 -36.91 1.36 27.33
N ILE X 64 -36.21 0.48 28.04
CA ILE X 64 -36.91 -0.51 28.86
C ILE X 64 -37.75 0.22 29.91
N GLN X 65 -37.15 1.20 30.60
CA GLN X 65 -37.86 1.96 31.61
C GLN X 65 -39.10 2.64 31.04
N LEU X 66 -38.97 3.21 29.85
CA LEU X 66 -40.09 3.86 29.19
C LEU X 66 -41.19 2.81 28.91
N TYR X 67 -40.79 1.61 28.53
CA TYR X 67 -41.78 0.58 28.24
C TYR X 67 -42.50 0.23 29.53
N SER X 68 -41.72 0.08 30.60
CA SER X 68 -42.25 -0.26 31.90
C SER X 68 -43.33 0.72 32.36
N ILE X 69 -43.05 2.02 32.24
CA ILE X 69 -44.03 3.01 32.65
C ILE X 69 -45.24 3.09 31.71
N ARG X 70 -44.99 2.99 30.41
CA ARG X 70 -46.09 3.05 29.46
C ARG X 70 -47.07 1.90 29.68
N GLU X 71 -46.55 0.70 29.89
CA GLU X 71 -47.41 -0.47 30.07
C GLU X 71 -47.61 -0.90 31.50
N ASP X 72 -46.92 -0.24 32.43
CA ASP X 72 -47.01 -0.61 33.84
C ASP X 72 -46.87 -2.13 33.91
N TYR X 73 -45.73 -2.62 33.44
CA TYR X 73 -45.47 -4.04 33.41
C TYR X 73 -43.98 -4.19 33.12
N GLU X 74 -43.39 -5.28 33.58
CA GLU X 74 -41.98 -5.54 33.36
C GLU X 74 -41.83 -6.59 32.27
N LEU X 75 -41.13 -6.23 31.19
CA LEU X 75 -40.91 -7.15 30.09
C LEU X 75 -40.08 -8.33 30.59
N SER X 76 -40.36 -9.50 30.04
CA SER X 76 -39.63 -10.70 30.42
C SER X 76 -38.20 -10.58 29.94
N PRO X 77 -37.27 -11.28 30.62
CA PRO X 77 -35.87 -11.21 30.22
C PRO X 77 -35.74 -11.61 28.75
N GLN X 78 -36.46 -12.64 28.35
CA GLN X 78 -36.40 -13.08 26.96
C GLN X 78 -36.73 -11.90 26.04
N ALA X 79 -37.84 -11.21 26.31
CA ALA X 79 -38.26 -10.07 25.50
C ALA X 79 -37.21 -8.97 25.45
N VAL X 80 -36.66 -8.60 26.61
CA VAL X 80 -35.64 -7.55 26.66
C VAL X 80 -34.42 -7.89 25.81
N SER X 81 -33.95 -9.13 25.89
CA SER X 81 -32.80 -9.55 25.12
C SER X 81 -33.12 -9.53 23.61
N SER X 82 -34.36 -9.84 23.25
CA SER X 82 -34.75 -9.83 21.85
C SER X 82 -34.72 -8.39 21.34
N PHE X 83 -35.07 -7.45 22.23
CA PHE X 83 -35.07 -6.04 21.89
C PHE X 83 -33.63 -5.58 21.69
N VAL X 84 -32.77 -5.96 22.63
CA VAL X 84 -31.36 -5.58 22.56
C VAL X 84 -30.67 -6.18 21.34
N ARG X 85 -31.00 -7.43 20.99
CA ARG X 85 -30.36 -8.03 19.82
C ARG X 85 -30.73 -7.24 18.59
N GLN X 86 -32.02 -6.97 18.42
CA GLN X 86 -32.47 -6.21 17.27
C GLN X 86 -31.76 -4.89 17.16
N GLU X 87 -31.49 -4.26 18.29
CA GLU X 87 -30.79 -2.99 18.29
C GLU X 87 -29.40 -3.22 17.74
N LEU X 88 -28.64 -4.10 18.38
CA LEU X 88 -27.29 -4.36 17.90
C LEU X 88 -27.31 -4.78 16.45
N ALA X 89 -28.26 -5.62 16.06
CA ALA X 89 -28.33 -6.09 14.67
C ALA X 89 -28.56 -4.95 13.68
N LYS X 90 -29.18 -3.86 14.14
CA LYS X 90 -29.44 -2.69 13.29
C LYS X 90 -28.14 -1.88 13.25
N SER X 91 -27.50 -1.79 14.39
CA SER X 91 -26.27 -1.05 14.53
C SER X 91 -25.17 -1.58 13.62
N ILE X 92 -24.97 -2.89 13.65
CA ILE X 92 -23.91 -3.50 12.85
C ILE X 92 -23.93 -3.04 11.37
N ARG X 93 -25.10 -2.74 10.85
CA ARG X 93 -25.17 -2.32 9.47
C ARG X 93 -25.45 -0.82 9.33
N SER X 94 -25.02 -0.04 10.31
CA SER X 94 -25.20 1.41 10.26
C SER X 94 -23.87 2.12 10.01
N ARG X 95 -23.90 3.45 9.85
CA ARG X 95 -22.69 4.22 9.57
C ARG X 95 -21.54 3.91 10.53
N ARG X 96 -21.81 4.01 11.83
CA ARG X 96 -20.81 3.70 12.84
C ARG X 96 -21.44 2.80 13.91
N PRO X 97 -21.25 1.48 13.80
CA PRO X 97 -21.82 0.52 14.76
C PRO X 97 -21.36 0.71 16.19
N TYR X 98 -22.17 0.21 17.11
CA TYR X 98 -21.85 0.24 18.53
C TYR X 98 -20.94 -0.97 18.70
N GLN X 99 -19.76 -0.78 19.23
CA GLN X 99 -18.90 -1.92 19.43
C GLN X 99 -19.01 -2.30 20.89
N VAL X 100 -20.10 -2.98 21.21
CA VAL X 100 -20.38 -3.38 22.58
C VAL X 100 -20.90 -4.80 22.64
N ASN X 101 -20.39 -5.57 23.58
CA ASN X 101 -20.85 -6.95 23.78
C ASN X 101 -21.55 -6.95 25.12
N VAL X 102 -22.64 -7.71 25.23
CA VAL X 102 -23.36 -7.73 26.50
C VAL X 102 -23.80 -9.09 26.98
N LEU X 103 -24.09 -9.12 28.27
CA LEU X 103 -24.61 -10.31 28.93
C LEU X 103 -25.89 -9.80 29.59
N ILE X 104 -27.00 -10.47 29.34
CA ILE X 104 -28.24 -10.07 29.95
C ILE X 104 -28.72 -11.19 30.86
N GLY X 105 -28.78 -10.89 32.15
CA GLY X 105 -29.22 -11.86 33.12
C GLY X 105 -30.46 -11.33 33.82
N GLY X 106 -31.51 -12.14 33.84
CA GLY X 106 -32.73 -11.72 34.49
C GLY X 106 -33.47 -12.90 35.09
N TYR X 107 -34.43 -12.59 35.95
CA TYR X 107 -35.26 -13.61 36.59
C TYR X 107 -36.67 -13.45 36.06
N ASP X 108 -37.13 -14.43 35.29
CA ASP X 108 -38.46 -14.39 34.70
C ASP X 108 -39.52 -14.72 35.74
N LYS X 109 -40.15 -13.70 36.30
CA LYS X 109 -41.17 -13.90 37.34
C LYS X 109 -42.37 -14.72 36.89
N LYS X 110 -42.59 -14.82 35.58
CA LYS X 110 -43.72 -15.61 35.10
C LYS X 110 -43.38 -17.09 35.04
N LYS X 111 -42.16 -17.41 34.59
CA LYS X 111 -41.72 -18.80 34.52
C LYS X 111 -41.02 -19.22 35.81
N ASN X 112 -40.63 -18.24 36.61
CA ASN X 112 -39.91 -18.48 37.85
C ASN X 112 -38.65 -19.28 37.56
N LYS X 113 -37.85 -18.72 36.67
CA LYS X 113 -36.58 -19.32 36.25
C LYS X 113 -35.62 -18.23 35.83
N PRO X 114 -34.34 -18.35 36.24
CA PRO X 114 -33.36 -17.33 35.84
C PRO X 114 -32.94 -17.60 34.39
N GLU X 115 -32.52 -16.55 33.69
CA GLU X 115 -32.07 -16.71 32.32
C GLU X 115 -30.82 -15.88 32.05
N LEU X 116 -29.93 -16.43 31.23
CA LEU X 116 -28.68 -15.77 30.88
C LEU X 116 -28.54 -15.69 29.35
N TYR X 117 -28.37 -14.48 28.86
CA TYR X 117 -28.23 -14.25 27.43
C TYR X 117 -26.90 -13.64 27.06
N GLN X 118 -26.29 -14.15 26.01
CA GLN X 118 -25.04 -13.59 25.56
C GLN X 118 -25.33 -13.01 24.19
N ILE X 119 -24.96 -11.75 23.98
CA ILE X 119 -25.19 -11.09 22.70
C ILE X 119 -23.97 -10.24 22.39
N ASP X 120 -23.40 -10.41 21.20
CA ASP X 120 -22.22 -9.61 20.83
C ASP X 120 -22.63 -8.47 19.96
N TYR X 121 -21.72 -7.54 19.73
CA TYR X 121 -22.02 -6.35 18.94
C TYR X 121 -22.60 -6.61 17.54
N LEU X 122 -22.54 -7.84 17.05
CA LEU X 122 -23.09 -8.14 15.72
C LEU X 122 -24.58 -8.45 15.80
N GLY X 123 -25.06 -8.67 17.01
CA GLY X 123 -26.46 -9.01 17.19
C GLY X 123 -26.60 -10.52 17.20
N THR X 124 -25.58 -11.20 17.73
CA THR X 124 -25.57 -12.66 17.81
C THR X 124 -26.03 -13.00 19.22
N LYS X 125 -27.25 -13.54 19.35
CA LYS X 125 -27.77 -13.88 20.66
C LYS X 125 -27.83 -15.38 20.89
N VAL X 126 -27.67 -15.76 22.15
CA VAL X 126 -27.73 -17.16 22.53
C VAL X 126 -27.95 -17.25 24.05
N GLU X 127 -28.75 -18.24 24.47
CA GLU X 127 -29.03 -18.42 25.89
C GLU X 127 -28.13 -19.53 26.42
N LEU X 128 -27.52 -19.32 27.58
CA LEU X 128 -26.61 -20.32 28.12
C LEU X 128 -26.65 -20.48 29.62
N PRO X 129 -26.07 -21.58 30.13
CA PRO X 129 -26.00 -21.90 31.56
C PRO X 129 -25.01 -20.91 32.14
N TYR X 130 -23.97 -20.65 31.35
CA TYR X 130 -22.92 -19.70 31.71
C TYR X 130 -22.31 -19.15 30.42
N GLY X 131 -21.88 -17.90 30.48
CA GLY X 131 -21.27 -17.25 29.32
C GLY X 131 -20.26 -16.18 29.72
N ALA X 132 -19.49 -15.72 28.72
CA ALA X 132 -18.46 -14.70 28.92
C ALA X 132 -18.09 -14.03 27.61
N HIS X 133 -17.61 -12.79 27.69
CA HIS X 133 -17.19 -12.06 26.50
C HIS X 133 -15.70 -11.79 26.61
N GLY X 134 -15.06 -11.64 25.45
CA GLY X 134 -13.64 -11.37 25.46
C GLY X 134 -12.78 -12.59 25.58
N TYR X 135 -11.55 -12.38 26.02
CA TYR X 135 -10.59 -13.44 26.19
C TYR X 135 -10.91 -14.32 27.39
N SER X 136 -11.67 -13.78 28.32
CA SER X 136 -12.05 -14.51 29.52
C SER X 136 -12.65 -15.85 29.13
N GLY X 137 -13.59 -15.81 28.20
CA GLY X 137 -14.23 -17.03 27.75
C GLY X 137 -13.28 -18.18 27.48
N PHE X 138 -12.10 -17.84 27.00
CA PHE X 138 -11.10 -18.86 26.68
C PHE X 138 -10.62 -19.68 27.87
N TYR X 139 -10.80 -19.17 29.08
CA TYR X 139 -10.39 -19.88 30.30
C TYR X 139 -11.61 -20.37 31.07
N THR X 140 -12.67 -19.58 31.07
CA THR X 140 -13.86 -19.94 31.84
C THR X 140 -14.83 -20.96 31.26
N PHE X 141 -14.93 -21.12 29.95
CA PHE X 141 -15.87 -22.11 29.43
C PHE X 141 -15.52 -23.53 29.80
N SER X 142 -14.24 -23.88 29.71
CA SER X 142 -13.81 -25.23 30.05
C SER X 142 -13.81 -25.38 31.56
N LEU X 143 -13.55 -24.29 32.28
CA LEU X 143 -13.55 -24.32 33.73
C LEU X 143 -14.96 -24.71 34.16
N LEU X 144 -15.95 -23.98 33.66
CA LEU X 144 -17.34 -24.25 33.99
C LEU X 144 -17.84 -25.52 33.31
N ASP X 145 -17.29 -25.83 32.14
CA ASP X 145 -17.69 -27.04 31.43
C ASP X 145 -17.39 -28.24 32.32
N HIS X 146 -16.56 -28.01 33.34
CA HIS X 146 -16.14 -29.04 34.29
C HIS X 146 -16.88 -28.92 35.62
N HIS X 147 -16.68 -27.81 36.32
CA HIS X 147 -17.30 -27.60 37.62
C HIS X 147 -18.72 -27.03 37.63
N TYR X 148 -19.55 -27.33 36.63
CA TYR X 148 -20.90 -26.75 36.65
C TYR X 148 -22.03 -27.77 36.70
N ARG X 149 -23.01 -27.48 37.56
CA ARG X 149 -24.20 -28.31 37.74
C ARG X 149 -25.41 -27.36 37.80
N PRO X 150 -26.48 -27.67 37.06
CA PRO X 150 -27.74 -26.88 36.98
C PRO X 150 -28.46 -26.60 38.28
N ASP X 151 -28.37 -27.53 39.22
CA ASP X 151 -29.04 -27.42 40.51
C ASP X 151 -28.24 -26.66 41.57
N MET X 152 -27.10 -26.09 41.18
CA MET X 152 -26.29 -25.36 42.15
C MET X 152 -27.05 -24.22 42.82
N THR X 153 -26.74 -23.98 44.08
CA THR X 153 -27.39 -22.92 44.81
C THR X 153 -26.66 -21.63 44.48
N THR X 154 -27.26 -20.50 44.85
CA THR X 154 -26.62 -19.22 44.57
C THR X 154 -25.24 -19.23 45.23
N GLU X 155 -25.15 -19.83 46.41
CA GLU X 155 -23.89 -19.90 47.13
C GLU X 155 -22.85 -20.72 46.36
N GLU X 156 -23.27 -21.87 45.84
CA GLU X 156 -22.38 -22.72 45.07
C GLU X 156 -21.96 -21.96 43.82
N GLY X 157 -22.86 -21.10 43.34
CA GLY X 157 -22.60 -20.30 42.16
C GLY X 157 -21.50 -19.30 42.43
N LEU X 158 -21.57 -18.62 43.57
CA LEU X 158 -20.55 -17.64 43.92
C LEU X 158 -19.17 -18.29 44.12
N ASP X 159 -19.15 -19.54 44.56
CA ASP X 159 -17.87 -20.23 44.77
C ASP X 159 -17.30 -20.58 43.41
N LEU X 160 -18.22 -20.92 42.50
CA LEU X 160 -17.88 -21.29 41.14
C LEU X 160 -17.28 -20.07 40.47
N LEU X 161 -17.83 -18.89 40.74
CA LEU X 161 -17.31 -17.65 40.16
C LEU X 161 -15.93 -17.38 40.70
N LYS X 162 -15.81 -17.46 42.02
CA LYS X 162 -14.54 -17.21 42.66
C LYS X 162 -13.49 -18.07 41.98
N LEU X 163 -13.84 -19.30 41.69
CA LEU X 163 -12.93 -20.22 41.03
C LEU X 163 -12.51 -19.67 39.66
N CYS X 164 -13.46 -19.07 38.95
CA CYS X 164 -13.20 -18.48 37.63
C CYS X 164 -12.29 -17.27 37.80
N VAL X 165 -12.72 -16.32 38.62
CA VAL X 165 -11.96 -15.10 38.86
C VAL X 165 -10.53 -15.40 39.28
N GLN X 166 -10.32 -16.51 39.98
CA GLN X 166 -8.97 -16.86 40.42
C GLN X 166 -8.16 -17.31 39.23
N GLU X 167 -8.79 -18.13 38.37
CA GLU X 167 -8.13 -18.63 37.18
C GLU X 167 -7.77 -17.46 36.28
N LEU X 168 -8.66 -16.47 36.19
CA LEU X 168 -8.40 -15.31 35.35
C LEU X 168 -7.26 -14.47 35.93
N GLU X 169 -7.23 -14.30 37.25
CA GLU X 169 -6.15 -13.52 37.84
C GLU X 169 -4.81 -14.23 37.68
N LYS X 170 -4.84 -15.55 37.61
CA LYS X 170 -3.61 -16.30 37.47
C LYS X 170 -3.00 -16.22 36.08
N ARG X 171 -3.80 -16.48 35.06
CA ARG X 171 -3.34 -16.51 33.68
C ARG X 171 -3.51 -15.30 32.75
N MET X 172 -4.53 -14.49 32.96
CA MET X 172 -4.73 -13.31 32.11
C MET X 172 -3.59 -12.32 32.31
N PRO X 173 -3.07 -11.76 31.23
CA PRO X 173 -1.97 -10.79 31.19
C PRO X 173 -2.27 -9.47 31.87
N MET X 174 -3.52 -9.03 31.77
CA MET X 174 -3.94 -7.75 32.34
C MET X 174 -4.40 -7.79 33.78
N ASP X 175 -4.27 -6.66 34.46
CA ASP X 175 -4.70 -6.55 35.85
C ASP X 175 -6.07 -5.89 35.76
N PHE X 176 -7.14 -6.67 35.87
CA PHE X 176 -8.47 -6.10 35.75
C PHE X 176 -9.05 -5.54 37.04
N LYS X 177 -8.23 -5.49 38.08
CA LYS X 177 -8.62 -4.95 39.37
C LYS X 177 -9.85 -5.60 40.01
N GLY X 178 -9.93 -6.92 39.94
CA GLY X 178 -11.06 -7.61 40.54
C GLY X 178 -12.39 -7.38 39.84
N VAL X 179 -13.45 -7.98 40.39
CA VAL X 179 -14.76 -7.84 39.79
C VAL X 179 -15.82 -7.39 40.78
N ILE X 180 -16.98 -7.03 40.24
CA ILE X 180 -18.13 -6.64 41.03
C ILE X 180 -19.15 -7.72 40.69
N VAL X 181 -19.73 -8.34 41.72
CA VAL X 181 -20.71 -9.38 41.48
C VAL X 181 -22.13 -8.92 41.83
N LYS X 182 -23.10 -9.44 41.10
CA LYS X 182 -24.49 -9.07 41.34
C LYS X 182 -25.38 -10.28 41.11
N ILE X 183 -26.40 -10.41 41.95
CA ILE X 183 -27.33 -11.53 41.86
C ILE X 183 -28.71 -11.10 41.41
N VAL X 184 -29.24 -11.84 40.45
CA VAL X 184 -30.57 -11.56 39.93
C VAL X 184 -31.42 -12.78 40.24
N ASP X 185 -32.43 -12.59 41.10
CA ASP X 185 -33.33 -13.67 41.48
C ASP X 185 -34.76 -13.15 41.61
N LYS X 186 -35.63 -13.99 42.16
CA LYS X 186 -37.03 -13.64 42.34
C LYS X 186 -37.25 -12.38 43.19
N ASP X 187 -36.21 -11.91 43.87
CA ASP X 187 -36.36 -10.73 44.72
C ASP X 187 -35.61 -9.50 44.22
N GLY X 188 -35.36 -9.46 42.92
CA GLY X 188 -34.64 -8.33 42.35
C GLY X 188 -33.16 -8.54 42.14
N ILE X 189 -32.45 -7.43 42.12
CA ILE X 189 -31.02 -7.44 41.90
C ILE X 189 -30.31 -6.90 43.12
N ARG X 190 -29.27 -7.60 43.58
CA ARG X 190 -28.48 -7.14 44.72
C ARG X 190 -27.01 -7.40 44.42
N GLN X 191 -26.14 -6.55 44.97
CA GLN X 191 -24.71 -6.64 44.76
C GLN X 191 -23.91 -7.19 45.94
N VAL X 192 -23.12 -8.23 45.68
CA VAL X 192 -22.30 -8.85 46.72
C VAL X 192 -21.14 -7.94 47.01
N ASP X 193 -21.25 -7.09 48.03
CA ASP X 193 -20.17 -6.15 48.35
C ASP X 193 -18.91 -6.80 48.94
N ASP X 194 -18.99 -8.11 49.21
CA ASP X 194 -17.86 -8.82 49.78
C ASP X 194 -17.33 -9.95 48.89
N PHE X 195 -16.71 -9.59 47.77
CA PHE X 195 -16.15 -10.62 46.88
C PHE X 195 -14.64 -10.41 46.80
N GLN X 196 -14.19 -9.23 47.23
CA GLN X 196 -12.78 -8.88 47.24
C GLN X 196 -12.03 -9.89 48.13
N ALA X 197 -12.81 -10.79 48.73
CA ALA X 197 -12.27 -11.84 49.62
C ALA X 197 -13.43 -12.62 50.27
N GLN X 198 -14.14 -13.41 49.46
CA GLN X 198 -15.27 -14.22 49.95
C GLN X 198 -14.89 -15.69 50.12
N THR Y 1 0.66 18.88 27.50
CA THR Y 1 -0.19 18.95 28.70
C THR Y 1 0.06 18.08 29.88
N THR Y 2 0.15 18.62 31.13
CA THR Y 2 -0.22 17.82 32.33
C THR Y 2 -1.25 18.52 33.21
N THR Y 3 -2.28 17.80 33.62
CA THR Y 3 -3.32 18.33 34.47
C THR Y 3 -3.75 17.27 35.49
N LEU Y 4 -4.09 17.71 36.69
CA LEU Y 4 -4.57 16.80 37.71
C LEU Y 4 -5.63 17.47 38.55
N ALA Y 5 -6.40 16.65 39.24
CA ALA Y 5 -7.45 17.16 40.10
C ALA Y 5 -7.76 16.02 41.02
N PHE Y 6 -7.85 16.31 42.31
CA PHE Y 6 -8.15 15.27 43.25
C PHE Y 6 -8.99 15.84 44.37
N ARG Y 7 -9.75 14.95 44.99
CA ARG Y 7 -10.64 15.27 46.08
C ARG Y 7 -9.97 14.88 47.40
N PHE Y 8 -10.23 15.66 48.44
CA PHE Y 8 -9.70 15.40 49.76
C PHE Y 8 -10.56 16.11 50.79
N GLN Y 9 -10.28 15.87 52.06
CA GLN Y 9 -11.01 16.47 53.16
C GLN Y 9 -11.38 17.96 52.96
N GLY Y 10 -10.42 18.78 52.51
CA GLY Y 10 -10.69 20.19 52.32
C GLY Y 10 -11.27 20.59 50.99
N GLY Y 11 -11.82 19.63 50.25
CA GLY Y 11 -12.42 19.94 48.95
C GLY Y 11 -11.76 19.32 47.74
N ILE Y 12 -11.40 20.16 46.77
CA ILE Y 12 -10.76 19.71 45.53
C ILE Y 12 -9.58 20.59 45.16
N ILE Y 13 -8.52 19.95 44.68
CA ILE Y 13 -7.34 20.67 44.24
C ILE Y 13 -7.24 20.45 42.73
N VAL Y 14 -6.85 21.46 42.00
CA VAL Y 14 -6.74 21.36 40.56
C VAL Y 14 -5.48 22.09 40.13
N ALA Y 15 -4.55 21.35 39.53
CA ALA Y 15 -3.28 21.91 39.06
C ALA Y 15 -3.08 21.55 37.59
N VAL Y 16 -2.48 22.46 36.84
CA VAL Y 16 -2.23 22.27 35.42
C VAL Y 16 -0.93 22.96 35.00
N ASP Y 17 -0.35 22.58 33.87
CA ASP Y 17 0.87 23.24 33.41
C ASP Y 17 0.40 24.29 32.41
N SER Y 18 1.32 24.95 31.74
CA SER Y 18 0.90 25.98 30.79
C SER Y 18 1.72 25.99 29.51
N ARG Y 19 2.19 24.82 29.09
CA ARG Y 19 3.00 24.74 27.88
C ARG Y 19 2.18 24.24 26.67
N ALA Y 20 2.48 24.80 25.51
CA ALA Y 20 1.80 24.41 24.28
C ALA Y 20 2.83 24.11 23.19
N THR Y 21 2.75 22.90 22.64
CA THR Y 21 3.68 22.49 21.59
C THR Y 21 2.99 22.14 20.25
N ALA Y 22 3.83 22.03 19.22
CA ALA Y 22 3.43 21.65 17.86
C ALA Y 22 4.66 20.89 17.38
N GLY Y 23 4.70 19.62 17.72
CA GLY Y 23 5.87 18.84 17.36
C GLY Y 23 6.84 19.11 18.49
N ASN Y 24 8.09 19.42 18.14
CA ASN Y 24 9.08 19.70 19.17
C ASN Y 24 9.16 21.19 19.44
N TRP Y 25 8.37 21.97 18.71
CA TRP Y 25 8.36 23.40 18.87
C TRP Y 25 7.50 23.77 20.05
N VAL Y 26 8.10 24.50 20.99
CA VAL Y 26 7.43 24.97 22.19
C VAL Y 26 6.84 26.33 21.79
N ALA Y 27 5.54 26.32 21.45
CA ALA Y 27 4.84 27.52 21.01
C ALA Y 27 4.46 28.49 22.12
N SER Y 28 4.27 27.99 23.33
CA SER Y 28 3.90 28.85 24.42
C SER Y 28 4.14 28.18 25.75
N GLN Y 29 4.47 28.98 26.76
CA GLN Y 29 4.73 28.50 28.11
C GLN Y 29 3.80 29.25 29.04
N THR Y 30 2.86 29.99 28.43
CA THR Y 30 1.90 30.83 29.14
C THR Y 30 0.46 30.60 28.70
N VAL Y 31 -0.01 29.36 28.80
CA VAL Y 31 -1.37 29.04 28.39
C VAL Y 31 -2.31 28.79 29.57
N LYS Y 32 -3.57 29.21 29.44
CA LYS Y 32 -4.55 28.97 30.50
C LYS Y 32 -5.28 27.67 30.17
N LYS Y 33 -4.88 26.58 30.80
CA LYS Y 33 -5.48 25.28 30.55
C LYS Y 33 -6.65 25.00 31.47
N VAL Y 34 -7.09 26.02 32.19
CA VAL Y 34 -8.24 25.88 33.08
C VAL Y 34 -9.27 26.94 32.78
N ILE Y 35 -10.50 26.50 32.56
CA ILE Y 35 -11.58 27.43 32.28
C ILE Y 35 -12.52 27.39 33.46
N GLU Y 36 -12.96 28.57 33.87
CA GLU Y 36 -13.85 28.72 35.00
C GLU Y 36 -15.27 28.87 34.45
N ILE Y 37 -15.99 27.75 34.37
CA ILE Y 37 -17.35 27.75 33.84
C ILE Y 37 -18.20 28.73 34.62
N ASN Y 38 -18.01 28.74 35.93
CA ASN Y 38 -18.71 29.65 36.80
C ASN Y 38 -18.13 29.51 38.21
N PRO Y 39 -18.57 30.36 39.15
CA PRO Y 39 -18.11 30.35 40.53
C PRO Y 39 -17.87 28.99 41.19
N PHE Y 40 -18.53 27.94 40.72
CA PHE Y 40 -18.35 26.61 41.30
C PHE Y 40 -18.10 25.51 40.27
N LEU Y 41 -17.61 25.88 39.09
CA LEU Y 41 -17.33 24.91 38.03
C LEU Y 41 -16.06 25.20 37.28
N LEU Y 42 -15.15 24.23 37.29
CA LEU Y 42 -13.88 24.35 36.59
C LEU Y 42 -13.74 23.24 35.55
N GLY Y 43 -13.11 23.57 34.43
CA GLY Y 43 -12.87 22.59 33.40
C GLY Y 43 -11.39 22.68 33.08
N THR Y 44 -10.71 21.54 32.98
CA THR Y 44 -9.28 21.54 32.67
C THR Y 44 -9.12 21.12 31.21
N MET Y 45 -8.03 21.53 30.58
CA MET Y 45 -7.82 21.22 29.17
C MET Y 45 -6.53 20.46 28.85
N ALA Y 46 -6.67 19.28 28.26
CA ALA Y 46 -5.51 18.48 27.86
C ALA Y 46 -5.82 18.02 26.43
N GLY Y 47 -4.80 17.98 25.58
CA GLY Y 47 -5.04 17.54 24.22
C GLY Y 47 -4.86 18.60 23.16
N GLY Y 48 -5.85 18.68 22.27
CA GLY Y 48 -5.84 19.65 21.19
C GLY Y 48 -6.33 20.98 21.75
N ALA Y 49 -5.53 22.03 21.55
CA ALA Y 49 -5.85 23.36 22.08
C ALA Y 49 -7.21 23.85 21.59
N ALA Y 50 -7.37 23.98 20.27
CA ALA Y 50 -8.63 24.44 19.70
C ALA Y 50 -9.79 23.62 20.23
N ASP Y 51 -9.70 22.30 20.10
CA ASP Y 51 -10.77 21.42 20.56
C ASP Y 51 -11.24 21.68 21.97
N CYS Y 52 -10.30 21.72 22.92
CA CYS Y 52 -10.63 21.98 24.32
C CYS Y 52 -11.21 23.36 24.51
N GLN Y 53 -10.41 24.36 24.13
CA GLN Y 53 -10.81 25.75 24.25
C GLN Y 53 -12.21 26.01 23.70
N PHE Y 54 -12.41 25.65 22.44
CA PHE Y 54 -13.70 25.87 21.79
C PHE Y 54 -14.87 25.19 22.47
N TRP Y 55 -14.77 23.87 22.60
CA TRP Y 55 -15.83 23.09 23.20
C TRP Y 55 -16.06 23.35 24.66
N GLU Y 56 -15.01 23.68 25.40
CA GLU Y 56 -15.21 23.96 26.81
C GLU Y 56 -15.83 25.35 26.99
N THR Y 57 -15.46 26.28 26.10
CA THR Y 57 -16.05 27.61 26.14
C THR Y 57 -17.54 27.43 25.82
N TRP Y 58 -17.82 26.57 24.85
CA TRP Y 58 -19.19 26.28 24.45
C TRP Y 58 -19.93 25.64 25.62
N LEU Y 59 -19.24 24.76 26.33
CA LEU Y 59 -19.84 24.10 27.47
C LEU Y 59 -20.32 25.19 28.42
N GLY Y 60 -19.46 26.19 28.65
CA GLY Y 60 -19.79 27.29 29.53
C GLY Y 60 -21.11 27.93 29.17
N SER Y 61 -21.29 28.23 27.88
CA SER Y 61 -22.52 28.84 27.43
C SER Y 61 -23.69 27.94 27.71
N GLN Y 62 -23.48 26.63 27.58
CA GLN Y 62 -24.57 25.69 27.84
C GLN Y 62 -24.97 25.68 29.31
N CYS Y 63 -23.99 25.82 30.19
CA CYS Y 63 -24.25 25.86 31.62
C CYS Y 63 -25.03 27.11 31.97
N ARG Y 64 -24.69 28.22 31.34
CA ARG Y 64 -25.40 29.47 31.59
C ARG Y 64 -26.89 29.34 31.25
N LEU Y 65 -27.18 28.80 30.05
CA LEU Y 65 -28.56 28.60 29.59
C LEU Y 65 -29.34 27.71 30.53
N HIS Y 66 -28.67 26.74 31.13
CA HIS Y 66 -29.33 25.84 32.07
C HIS Y 66 -29.81 26.66 33.26
N GLU Y 67 -28.97 27.57 33.71
CA GLU Y 67 -29.29 28.40 34.85
C GLU Y 67 -30.37 29.42 34.55
N LEU Y 68 -30.40 29.95 33.34
CA LEU Y 68 -31.45 30.89 33.01
C LEU Y 68 -32.76 30.13 32.90
N ARG Y 69 -32.68 28.93 32.33
CA ARG Y 69 -33.85 28.09 32.10
C ARG Y 69 -34.45 27.47 33.36
N GLU Y 70 -33.59 26.90 34.19
CA GLU Y 70 -34.03 26.21 35.39
C GLU Y 70 -33.91 27.02 36.68
N LYS Y 71 -33.34 28.22 36.59
CA LYS Y 71 -33.19 29.07 37.76
C LYS Y 71 -32.50 28.27 38.88
N GLU Y 72 -31.36 27.67 38.54
CA GLU Y 72 -30.58 26.84 39.47
C GLU Y 72 -29.25 26.46 38.83
N ARG Y 73 -28.18 26.39 39.63
CA ARG Y 73 -26.86 26.02 39.12
C ARG Y 73 -26.87 24.59 38.56
N ILE Y 74 -26.27 24.42 37.39
CA ILE Y 74 -26.21 23.10 36.77
C ILE Y 74 -25.31 22.19 37.58
N SER Y 75 -25.67 20.92 37.71
CA SER Y 75 -24.85 19.98 38.48
C SER Y 75 -23.55 19.63 37.75
N VAL Y 76 -22.55 19.21 38.52
CA VAL Y 76 -21.27 18.85 37.93
C VAL Y 76 -21.48 17.65 37.05
N ALA Y 77 -22.41 16.78 37.46
CA ALA Y 77 -22.69 15.59 36.69
C ALA Y 77 -23.29 15.95 35.32
N ALA Y 78 -24.32 16.79 35.32
CA ALA Y 78 -24.98 17.19 34.07
C ALA Y 78 -24.07 18.04 33.18
N ALA Y 79 -23.25 18.90 33.80
CA ALA Y 79 -22.35 19.74 33.03
C ALA Y 79 -21.38 18.86 32.27
N SER Y 80 -20.85 17.85 32.94
CA SER Y 80 -19.90 16.95 32.33
C SER Y 80 -20.56 16.10 31.27
N LYS Y 81 -21.80 15.67 31.50
CA LYS Y 81 -22.48 14.83 30.53
C LYS Y 81 -22.79 15.60 29.26
N ILE Y 82 -22.97 16.90 29.38
CA ILE Y 82 -23.26 17.69 28.19
C ILE Y 82 -22.04 17.65 27.29
N LEU Y 83 -20.88 17.94 27.86
CA LEU Y 83 -19.63 17.93 27.10
C LEU Y 83 -19.43 16.53 26.55
N SER Y 84 -19.57 15.54 27.42
CA SER Y 84 -19.43 14.14 27.04
C SER Y 84 -20.29 13.75 25.84
N ASN Y 85 -21.59 14.00 25.94
CA ASN Y 85 -22.52 13.68 24.87
C ASN Y 85 -22.21 14.42 23.58
N LEU Y 86 -21.70 15.65 23.70
CA LEU Y 86 -21.36 16.44 22.53
C LEU Y 86 -20.18 15.75 21.86
N VAL Y 87 -19.12 15.60 22.63
CA VAL Y 87 -17.91 14.98 22.14
C VAL Y 87 -18.21 13.62 21.49
N TYR Y 88 -19.19 12.91 22.04
CA TYR Y 88 -19.55 11.60 21.50
C TYR Y 88 -20.18 11.73 20.12
N GLN Y 89 -20.93 12.80 19.89
CA GLN Y 89 -21.54 13.01 18.58
C GLN Y 89 -20.48 13.01 17.48
N TYR Y 90 -19.30 13.55 17.83
CA TYR Y 90 -18.20 13.64 16.89
C TYR Y 90 -17.27 12.43 16.93
N LYS Y 91 -17.62 11.41 17.70
CA LYS Y 91 -16.75 10.24 17.80
C LYS Y 91 -16.32 9.71 16.44
N GLY Y 92 -15.01 9.59 16.27
CA GLY Y 92 -14.44 9.10 15.03
C GLY Y 92 -13.99 10.23 14.12
N ALA Y 93 -14.43 11.45 14.39
CA ALA Y 93 -14.05 12.57 13.54
C ALA Y 93 -12.64 13.12 13.81
N GLY Y 94 -12.02 12.73 14.92
CA GLY Y 94 -10.70 13.24 15.18
C GLY Y 94 -10.54 14.27 16.30
N LEU Y 95 -11.61 14.59 17.01
CA LEU Y 95 -11.50 15.53 18.12
C LEU Y 95 -10.53 14.89 19.10
N SER Y 96 -9.71 15.71 19.74
CA SER Y 96 -8.76 15.20 20.69
C SER Y 96 -8.77 16.06 21.92
N MET Y 97 -9.29 15.50 23.01
CA MET Y 97 -9.34 16.23 24.25
C MET Y 97 -9.55 15.34 25.48
N GLY Y 98 -8.69 15.54 26.47
CA GLY Y 98 -8.75 14.81 27.73
C GLY Y 98 -9.14 15.89 28.72
N THR Y 99 -10.41 15.84 29.12
CA THR Y 99 -10.95 16.84 29.99
C THR Y 99 -11.30 16.40 31.41
N MET Y 100 -11.31 17.37 32.31
CA MET Y 100 -11.66 17.13 33.70
C MET Y 100 -12.61 18.24 34.13
N ILE Y 101 -13.77 17.85 34.66
CA ILE Y 101 -14.79 18.80 35.07
C ILE Y 101 -15.04 18.72 36.58
N CYS Y 102 -14.56 19.73 37.29
CA CYS Y 102 -14.65 19.79 38.74
C CYS Y 102 -15.56 20.90 39.25
N GLY Y 103 -16.38 20.58 40.25
CA GLY Y 103 -17.30 21.57 40.81
C GLY Y 103 -17.76 21.26 42.23
N TYR Y 104 -18.71 22.04 42.74
CA TYR Y 104 -19.18 21.82 44.11
C TYR Y 104 -20.63 22.15 44.38
N THR Y 105 -21.56 21.41 43.78
CA THR Y 105 -22.97 21.70 44.06
C THR Y 105 -23.34 21.10 45.42
N ARG Y 106 -24.26 21.76 46.09
CA ARG Y 106 -24.75 21.35 47.40
C ARG Y 106 -25.31 19.91 47.37
N LYS Y 107 -25.77 19.50 46.20
CA LYS Y 107 -26.38 18.21 45.99
C LYS Y 107 -25.38 17.07 45.79
N GLU Y 108 -24.21 17.38 45.25
CA GLU Y 108 -23.18 16.38 44.98
C GLU Y 108 -21.92 16.60 45.82
N GLY Y 109 -21.79 17.81 46.36
CA GLY Y 109 -20.61 18.14 47.15
C GLY Y 109 -19.42 18.21 46.21
N PRO Y 110 -18.19 18.02 46.72
CA PRO Y 110 -17.06 18.10 45.79
C PRO Y 110 -17.21 16.97 44.77
N THR Y 111 -17.00 17.29 43.50
CA THR Y 111 -17.12 16.29 42.46
C THR Y 111 -16.18 16.54 41.28
N ILE Y 112 -15.54 15.46 40.82
CA ILE Y 112 -14.62 15.51 39.68
C ILE Y 112 -15.06 14.50 38.64
N TYR Y 113 -15.07 14.93 37.38
CA TYR Y 113 -15.46 14.08 36.27
C TYR Y 113 -14.40 14.10 35.18
N TYR Y 114 -14.06 12.90 34.70
CA TYR Y 114 -13.10 12.77 33.63
C TYR Y 114 -13.93 12.60 32.36
N VAL Y 115 -13.61 13.36 31.32
CA VAL Y 115 -14.34 13.27 30.07
C VAL Y 115 -13.35 13.43 28.94
N ASP Y 116 -13.27 12.45 28.04
CA ASP Y 116 -12.37 12.55 26.89
C ASP Y 116 -13.12 12.37 25.57
N SER Y 117 -12.44 12.68 24.48
CA SER Y 117 -13.03 12.60 23.16
C SER Y 117 -13.40 11.20 22.69
N ASP Y 118 -13.04 10.18 23.46
CA ASP Y 118 -13.42 8.80 23.09
C ASP Y 118 -14.87 8.62 23.47
N GLY Y 119 -15.34 9.48 24.38
CA GLY Y 119 -16.71 9.41 24.86
C GLY Y 119 -16.75 8.84 26.26
N THR Y 120 -15.58 8.64 26.85
CA THR Y 120 -15.47 8.11 28.20
C THR Y 120 -15.75 9.20 29.23
N ARG Y 121 -16.65 8.90 30.17
CA ARG Y 121 -17.01 9.82 31.25
C ARG Y 121 -16.93 9.04 32.54
N LEU Y 122 -16.00 9.44 33.41
CA LEU Y 122 -15.78 8.75 34.69
C LEU Y 122 -15.80 9.67 35.91
N LYS Y 123 -16.42 9.18 36.98
CA LYS Y 123 -16.44 9.95 38.21
C LYS Y 123 -15.34 9.40 39.11
N GLY Y 124 -14.61 10.28 39.78
CA GLY Y 124 -13.54 9.79 40.63
C GLY Y 124 -12.95 10.82 41.58
N ASP Y 125 -12.07 10.36 42.45
CA ASP Y 125 -11.42 11.21 43.44
C ASP Y 125 -10.06 11.71 42.97
N ILE Y 126 -9.41 10.95 42.09
CA ILE Y 126 -8.10 11.34 41.57
C ILE Y 126 -8.03 11.13 40.06
N PHE Y 127 -7.44 12.09 39.35
CA PHE Y 127 -7.27 12.00 37.91
C PHE Y 127 -6.11 12.84 37.45
N CYS Y 128 -5.32 12.28 36.54
CA CYS Y 128 -4.19 12.98 35.93
C CYS Y 128 -4.39 12.78 34.44
N VAL Y 129 -4.47 13.87 33.71
CA VAL Y 129 -4.71 13.79 32.29
C VAL Y 129 -3.69 14.55 31.48
N GLY Y 130 -3.14 13.92 30.46
CA GLY Y 130 -2.16 14.62 29.64
C GLY Y 130 -0.92 13.79 29.36
N SER Y 131 -0.11 14.27 28.42
CA SER Y 131 1.11 13.58 28.05
C SER Y 131 1.96 13.30 29.26
N GLY Y 132 1.79 14.11 30.32
CA GLY Y 132 2.57 13.89 31.52
C GLY Y 132 1.76 13.32 32.69
N GLN Y 133 0.62 12.70 32.42
CA GLN Y 133 -0.19 12.19 33.50
C GLN Y 133 0.53 11.16 34.37
N THR Y 134 1.36 10.34 33.76
CA THR Y 134 2.07 9.31 34.52
C THR Y 134 3.07 9.92 35.49
N PHE Y 135 3.70 11.02 35.08
CA PHE Y 135 4.67 11.65 35.95
C PHE Y 135 3.95 12.22 37.16
N ALA Y 136 2.81 12.83 36.91
CA ALA Y 136 2.01 13.42 37.99
C ALA Y 136 1.51 12.31 38.92
N TYR Y 137 0.97 11.25 38.34
CA TYR Y 137 0.47 10.13 39.14
C TYR Y 137 1.54 9.60 40.08
N GLY Y 138 2.76 9.47 39.59
CA GLY Y 138 3.83 8.95 40.43
C GLY Y 138 4.00 9.72 41.74
N VAL Y 139 4.12 11.03 41.62
CA VAL Y 139 4.27 11.92 42.76
C VAL Y 139 2.98 12.00 43.58
N LEU Y 140 1.86 12.28 42.91
CA LEU Y 140 0.57 12.40 43.58
C LEU Y 140 0.15 11.13 44.30
N ASP Y 141 0.17 10.00 43.60
CA ASP Y 141 -0.24 8.74 44.21
C ASP Y 141 0.50 8.41 45.49
N SER Y 142 1.81 8.66 45.52
CA SER Y 142 2.62 8.32 46.69
C SER Y 142 2.63 9.28 47.87
N ASN Y 143 1.82 10.32 47.83
CA ASN Y 143 1.77 11.28 48.93
C ASN Y 143 0.35 11.65 49.24
N TYR Y 144 -0.60 11.00 48.60
CA TYR Y 144 -1.99 11.32 48.84
C TYR Y 144 -2.58 10.65 50.06
N LYS Y 145 -3.34 11.44 50.82
CA LYS Y 145 -4.05 11.01 52.02
C LYS Y 145 -5.35 11.80 51.96
N TRP Y 146 -6.48 11.22 52.38
CA TRP Y 146 -7.72 11.96 52.32
C TRP Y 146 -7.64 13.14 53.29
N ASP Y 147 -6.84 12.94 54.34
CA ASP Y 147 -6.68 13.96 55.34
C ASP Y 147 -5.47 14.85 55.18
N LEU Y 148 -5.48 15.67 54.14
CA LEU Y 148 -4.37 16.57 53.90
C LEU Y 148 -4.83 17.97 54.20
N SER Y 149 -3.92 18.82 54.64
CA SER Y 149 -4.31 20.20 54.92
C SER Y 149 -4.53 20.89 53.59
N VAL Y 150 -5.44 21.85 53.55
CA VAL Y 150 -5.68 22.60 52.32
C VAL Y 150 -4.37 23.19 51.85
N GLU Y 151 -3.42 23.30 52.78
CA GLU Y 151 -2.11 23.85 52.49
C GLU Y 151 -1.22 22.79 51.87
N ASP Y 152 -1.27 21.58 52.42
CA ASP Y 152 -0.49 20.46 51.92
C ASP Y 152 -1.05 19.94 50.61
N ALA Y 153 -2.37 19.77 50.53
CA ALA Y 153 -3.02 19.30 49.32
C ALA Y 153 -2.57 20.23 48.19
N LEU Y 154 -2.65 21.53 48.43
CA LEU Y 154 -2.24 22.51 47.45
C LEU Y 154 -0.80 22.28 47.01
N TYR Y 155 0.08 22.04 47.96
CA TYR Y 155 1.47 21.83 47.63
C TYR Y 155 1.65 20.56 46.81
N LEU Y 156 1.17 19.44 47.32
CA LEU Y 156 1.26 18.16 46.62
C LEU Y 156 0.89 18.38 45.16
N GLY Y 157 -0.27 19.00 44.95
CA GLY Y 157 -0.71 19.28 43.60
C GLY Y 157 0.42 19.97 42.86
N LYS Y 158 0.70 21.22 43.22
CA LYS Y 158 1.77 21.98 42.59
C LYS Y 158 3.03 21.14 42.36
N ARG Y 159 3.40 20.33 43.34
CA ARG Y 159 4.60 19.52 43.22
C ARG Y 159 4.48 18.42 42.17
N SER Y 160 3.29 17.84 42.03
CA SER Y 160 3.07 16.80 41.04
C SER Y 160 3.19 17.36 39.62
N ILE Y 161 2.56 18.50 39.36
CA ILE Y 161 2.64 19.12 38.05
C ILE Y 161 4.11 19.50 37.81
N LEU Y 162 4.80 19.89 38.88
CA LEU Y 162 6.21 20.25 38.73
C LEU Y 162 6.96 19.03 38.23
N ALA Y 163 6.73 17.89 38.89
CA ALA Y 163 7.35 16.64 38.54
C ALA Y 163 7.24 16.41 37.03
N ALA Y 164 6.00 16.40 36.55
CA ALA Y 164 5.71 16.20 35.14
C ALA Y 164 6.40 17.21 34.25
N ALA Y 165 6.37 18.50 34.64
CA ALA Y 165 6.99 19.55 33.86
C ALA Y 165 8.46 19.27 33.62
N HIS Y 166 9.08 18.60 34.59
CA HIS Y 166 10.49 18.23 34.53
C HIS Y 166 10.79 17.08 33.56
N ARG Y 167 10.13 15.94 33.78
CA ARG Y 167 10.31 14.74 32.96
C ARG Y 167 9.62 14.70 31.59
N ASP Y 168 8.43 15.28 31.49
CA ASP Y 168 7.69 15.29 30.23
C ASP Y 168 8.12 16.43 29.33
N ALA Y 169 8.65 16.07 28.16
CA ALA Y 169 9.11 17.06 27.22
C ALA Y 169 7.98 17.94 26.72
N TYR Y 170 6.77 17.42 26.77
CA TYR Y 170 5.62 18.16 26.28
C TYR Y 170 4.79 18.90 27.35
N SER Y 171 5.38 19.02 28.53
CA SER Y 171 4.77 19.71 29.66
C SER Y 171 5.77 20.70 30.20
N GLY Y 172 5.25 21.73 30.88
CA GLY Y 172 6.14 22.72 31.47
C GLY Y 172 5.55 24.12 31.56
N GLY Y 173 6.44 25.10 31.65
CA GLY Y 173 6.03 26.49 31.74
C GLY Y 173 5.82 27.00 33.16
N SER Y 174 4.61 26.81 33.67
CA SER Y 174 4.27 27.26 35.01
C SER Y 174 3.13 26.42 35.52
N VAL Y 175 2.86 26.52 36.82
CA VAL Y 175 1.77 25.77 37.43
C VAL Y 175 0.65 26.71 37.82
N ASN Y 176 -0.58 26.33 37.51
CA ASN Y 176 -1.73 27.14 37.87
C ASN Y 176 -2.52 26.29 38.85
N LEU Y 177 -2.76 26.86 40.04
CA LEU Y 177 -3.47 26.16 41.11
C LEU Y 177 -4.87 26.64 41.39
N TYR Y 178 -5.72 25.74 41.87
CA TYR Y 178 -7.09 26.06 42.21
C TYR Y 178 -7.55 25.19 43.37
N HIS Y 179 -8.45 25.74 44.18
CA HIS Y 179 -9.00 25.03 45.32
C HIS Y 179 -10.51 25.21 45.25
N VAL Y 180 -11.23 24.11 45.41
CA VAL Y 180 -12.69 24.17 45.35
C VAL Y 180 -13.34 23.78 46.67
N THR Y 181 -14.00 24.78 47.28
CA THR Y 181 -14.72 24.66 48.56
C THR Y 181 -16.17 24.93 48.17
N GLU Y 182 -17.14 24.75 49.06
CA GLU Y 182 -18.49 25.02 48.57
C GLU Y 182 -18.79 26.50 48.44
N ASP Y 183 -17.75 27.30 48.56
CA ASP Y 183 -17.89 28.73 48.39
C ASP Y 183 -17.32 29.09 47.04
N GLY Y 184 -17.16 28.05 46.22
CA GLY Y 184 -16.63 28.21 44.88
C GLY Y 184 -15.15 27.87 44.76
N TRP Y 185 -14.59 28.17 43.60
CA TRP Y 185 -13.19 27.90 43.37
C TRP Y 185 -12.39 29.11 43.83
N ILE Y 186 -11.15 28.87 44.21
CA ILE Y 186 -10.30 29.95 44.66
C ILE Y 186 -8.96 29.82 43.97
N TYR Y 187 -8.63 30.78 43.11
CA TYR Y 187 -7.36 30.73 42.40
C TYR Y 187 -6.23 30.83 43.41
N HIS Y 188 -5.20 30.02 43.23
CA HIS Y 188 -4.05 30.03 44.12
C HIS Y 188 -2.77 30.32 43.38
N GLY Y 189 -2.88 31.22 42.39
CA GLY Y 189 -1.73 31.68 41.64
C GLY Y 189 -1.01 30.83 40.61
N ASN Y 190 -0.14 31.51 39.88
CA ASN Y 190 0.66 30.93 38.82
C ASN Y 190 2.11 30.84 39.29
N HIS Y 191 2.69 29.65 39.21
CA HIS Y 191 4.05 29.45 39.68
C HIS Y 191 4.98 29.01 38.56
N ASP Y 192 5.79 29.94 38.07
CA ASP Y 192 6.74 29.64 37.00
C ASP Y 192 7.72 28.56 37.42
N VAL Y 193 7.81 27.51 36.61
CA VAL Y 193 8.70 26.38 36.89
C VAL Y 193 10.16 26.84 36.85
N GLY Y 194 10.39 27.89 36.08
CA GLY Y 194 11.73 28.45 35.95
C GLY Y 194 12.33 28.75 37.29
N GLU Y 195 11.51 29.16 38.25
CA GLU Y 195 12.00 29.46 39.59
C GLU Y 195 11.52 28.45 40.62
N LEU Y 196 10.28 27.99 40.44
CA LEU Y 196 9.70 27.03 41.36
C LEU Y 196 10.54 25.78 41.52
N PHE Y 197 11.18 25.37 40.43
CA PHE Y 197 12.00 24.16 40.43
C PHE Y 197 13.12 24.24 41.45
N TRP Y 198 13.99 25.23 41.26
CA TRP Y 198 15.14 25.45 42.13
C TRP Y 198 14.74 25.63 43.58
N LYS Y 199 13.70 26.44 43.79
CA LYS Y 199 13.20 26.68 45.12
C LYS Y 199 12.86 25.33 45.77
N VAL Y 200 11.97 24.59 45.13
CA VAL Y 200 11.58 23.29 45.66
C VAL Y 200 12.78 22.38 45.82
N LYS Y 201 13.72 22.44 44.88
CA LYS Y 201 14.89 21.58 44.99
C LYS Y 201 15.59 21.84 46.30
N GLU Y 202 15.97 23.10 46.50
CA GLU Y 202 16.66 23.52 47.70
C GLU Y 202 15.86 23.20 48.95
N GLU Y 203 14.72 23.85 49.08
CA GLU Y 203 13.88 23.66 50.24
C GLU Y 203 13.42 22.23 50.49
N GLU Y 204 13.41 21.40 49.45
CA GLU Y 204 12.94 20.02 49.63
C GLU Y 204 14.05 18.96 49.60
N GLY Y 205 15.12 19.23 48.88
CA GLY Y 205 16.23 18.28 48.80
C GLY Y 205 16.02 17.21 47.74
N SER Y 206 14.89 17.30 47.04
CA SER Y 206 14.52 16.37 45.98
C SER Y 206 15.15 16.86 44.69
N PHE Y 207 14.80 16.22 43.57
CA PHE Y 207 15.38 16.56 42.26
C PHE Y 207 16.85 16.49 42.52
N ASN Y 208 17.13 15.57 43.41
CA ASN Y 208 18.46 15.27 43.88
C ASN Y 208 19.38 14.88 42.72
N ASN Y 209 18.80 14.61 41.57
CA ASN Y 209 19.60 14.27 40.42
C ASN Y 209 20.34 15.50 39.90
N VAL Y 210 19.60 16.34 39.17
CA VAL Y 210 20.09 17.57 38.57
C VAL Y 210 21.21 18.21 39.38
N ILE Y 211 22.18 18.81 38.70
CA ILE Y 211 23.25 19.47 39.44
C ILE Y 211 22.91 20.95 39.50
N GLY Y 212 22.79 21.46 40.74
CA GLY Y 212 22.45 22.85 40.95
C GLY Y 212 23.47 23.65 41.72
N GLN Z 1 -2.71 12.94 -7.18
CA GLN Z 1 -4.04 13.36 -6.63
C GLN Z 1 -4.02 14.86 -6.30
N PHE Z 2 -5.18 15.52 -6.36
CA PHE Z 2 -5.23 16.94 -6.07
C PHE Z 2 -5.03 17.27 -4.59
N ASN Z 3 -4.09 18.19 -4.34
CA ASN Z 3 -3.75 18.65 -3.01
C ASN Z 3 -4.28 20.08 -2.89
N PRO Z 4 -5.30 20.30 -2.05
CA PRO Z 4 -5.89 21.63 -1.85
C PRO Z 4 -5.01 22.69 -1.22
CA TYR Z 5 -3.02 23.26 0.05
C TYR Z 5 -1.69 23.57 -0.64
N GLY Z 6 -1.07 24.67 -0.21
CA GLY Z 6 0.20 25.10 -0.74
C GLY Z 6 0.85 25.94 0.34
N ASP Z 7 2.09 26.37 0.13
CA ASP Z 7 2.77 27.21 1.11
C ASP Z 7 3.38 28.41 0.39
N ASN Z 8 3.03 29.62 0.81
CA ASN Z 8 3.56 30.79 0.14
C ASN Z 8 4.65 31.52 0.92
N GLY Z 9 5.19 30.83 1.93
CA GLY Z 9 6.26 31.39 2.73
C GLY Z 9 5.99 32.61 3.57
N GLY Z 10 6.96 33.52 3.61
CA GLY Z 10 6.82 34.73 4.39
C GLY Z 10 6.82 34.49 5.90
N THR Z 11 6.80 35.58 6.66
CA THR Z 11 6.79 35.53 8.12
C THR Z 11 6.13 36.81 8.61
CA ILE Z 12 4.84 37.92 10.31
C ILE Z 12 5.22 38.04 11.78
N LEU Z 13 5.25 39.28 12.28
CA LEU Z 13 5.63 39.54 13.66
C LEU Z 13 4.73 40.57 14.33
N GLY Z 14 4.37 40.32 15.58
CA GLY Z 14 3.52 41.26 16.30
C GLY Z 14 3.99 41.50 17.72
N ILE Z 15 4.22 42.77 18.06
CA ILE Z 15 4.66 43.13 19.42
C ILE Z 15 3.73 44.19 19.99
N ALA Z 16 3.40 44.03 21.25
CA ALA Z 16 2.49 44.95 21.91
C ALA Z 16 3.22 45.87 22.87
N GLY Z 17 3.09 47.18 22.61
CA GLY Z 17 3.72 48.18 23.48
C GLY Z 17 2.70 48.58 24.53
N GLU Z 18 3.06 49.49 25.43
CA GLU Z 18 2.12 49.89 26.48
C GLU Z 18 0.87 50.60 25.95
N ASP Z 19 1.03 51.43 24.94
CA ASP Z 19 -0.11 52.13 24.38
C ASP Z 19 -0.11 52.06 22.86
N PHE Z 20 0.59 51.07 22.33
CA PHE Z 20 0.67 50.87 20.88
C PHE Z 20 0.89 49.38 20.62
N ALA Z 21 0.87 49.01 19.35
CA ALA Z 21 1.09 47.61 18.96
C ALA Z 21 1.52 47.60 17.50
N VAL Z 22 2.32 46.62 17.13
CA VAL Z 22 2.78 46.51 15.75
C VAL Z 22 2.61 45.11 15.18
N LEU Z 23 2.39 45.06 13.88
CA LEU Z 23 2.23 43.81 13.15
C LEU Z 23 3.01 44.00 11.86
N ALA Z 24 4.14 43.31 11.77
CA ALA Z 24 4.98 43.42 10.60
C ALA Z 24 5.00 42.11 9.83
N GLY Z 25 5.59 42.14 8.64
CA GLY Z 25 5.68 40.94 7.84
C GLY Z 25 6.32 41.28 6.52
N ASP Z 26 7.22 40.42 6.04
CA ASP Z 26 7.87 40.65 4.75
C ASP Z 26 6.82 40.72 3.64
N THR Z 27 7.22 41.21 2.48
CA THR Z 27 6.29 41.33 1.38
C THR Z 27 6.59 40.34 0.27
N ARG Z 28 7.40 39.34 0.59
CA ARG Z 28 7.74 38.33 -0.40
C ARG Z 28 6.77 37.16 -0.36
N ASN Z 29 6.32 36.74 -1.54
CA ASN Z 29 5.38 35.63 -1.68
C ASN Z 29 6.06 34.59 -2.59
N ILE Z 30 6.18 33.36 -2.10
CA ILE Z 30 6.84 32.31 -2.86
C ILE Z 30 6.02 31.05 -3.10
N THR Z 31 6.61 30.14 -3.87
CA THR Z 31 6.01 28.84 -4.20
C THR Z 31 7.20 27.95 -4.55
N ASP Z 32 7.46 26.96 -3.70
CA ASP Z 32 8.58 26.07 -3.92
C ASP Z 32 9.83 26.93 -3.94
N TYR Z 33 10.63 26.86 -5.00
CA TYR Z 33 11.85 27.66 -5.07
C TYR Z 33 11.74 28.92 -5.93
N SER Z 34 10.52 29.33 -6.27
CA SER Z 34 10.33 30.51 -7.10
C SER Z 34 9.69 31.61 -6.29
N ILE Z 35 9.93 32.84 -6.72
CA ILE Z 35 9.35 34.00 -6.07
C ILE Z 35 8.18 34.42 -6.95
N ASN Z 36 7.03 34.64 -6.33
CA ASN Z 36 5.85 35.03 -7.07
C ASN Z 36 5.73 36.55 -7.12
N SER Z 37 6.09 37.19 -6.02
CA SER Z 37 6.02 38.64 -5.96
C SER Z 37 6.99 39.12 -4.89
N ARG Z 38 7.70 40.21 -5.18
CA ARG Z 38 8.63 40.76 -4.21
C ARG Z 38 7.88 41.75 -3.34
N TYR Z 39 6.62 42.01 -3.72
CA TYR Z 39 5.77 42.91 -2.96
C TYR Z 39 4.29 42.53 -3.02
N GLU Z 40 3.85 41.75 -2.04
CA GLU Z 40 2.46 41.32 -1.93
C GLU Z 40 2.15 41.47 -0.46
N PRO Z 41 1.56 42.61 -0.08
CA PRO Z 41 1.20 42.94 1.31
C PRO Z 41 0.48 41.77 1.96
N LYS Z 42 0.78 41.56 3.24
CA LYS Z 42 0.20 40.44 3.96
C LYS Z 42 -0.40 40.82 5.33
N VAL Z 43 -0.22 42.08 5.73
CA VAL Z 43 -0.78 42.58 6.98
C VAL Z 43 -1.81 43.65 6.58
N PHE Z 44 -3.01 43.56 7.14
CA PHE Z 44 -4.08 44.48 6.77
C PHE Z 44 -4.76 45.28 7.88
N ASP Z 45 -5.29 46.44 7.49
CA ASP Z 45 -6.04 47.32 8.37
C ASP Z 45 -7.48 46.86 8.14
N CYS Z 46 -8.11 46.30 9.17
CA CYS Z 46 -9.47 45.79 9.02
C CYS Z 46 -10.57 46.71 9.52
N GLY Z 47 -10.20 47.79 10.19
CA GLY Z 47 -11.19 48.71 10.71
C GLY Z 47 -11.14 48.68 12.22
N ASP Z 48 -11.94 49.53 12.86
CA ASP Z 48 -11.98 49.59 14.32
C ASP Z 48 -10.61 49.47 14.97
N ASN Z 49 -9.58 49.94 14.26
CA ASN Z 49 -8.21 49.92 14.76
C ASN Z 49 -7.68 48.53 15.01
N ILE Z 50 -7.86 47.67 14.01
CA ILE Z 50 -7.38 46.30 14.10
C ILE Z 50 -6.64 45.90 12.83
N VAL Z 51 -5.44 45.39 13.02
CA VAL Z 51 -4.60 44.92 11.91
C VAL Z 51 -4.47 43.42 12.13
N MET Z 52 -4.51 42.66 11.04
CA MET Z 52 -4.41 41.21 11.13
C MET Z 52 -3.66 40.62 9.95
N SER Z 53 -3.00 39.48 10.21
CA SER Z 53 -2.27 38.79 9.18
C SER Z 53 -2.53 37.30 9.37
N ALA Z 54 -2.66 36.59 8.25
CA ALA Z 54 -2.90 35.15 8.23
C ALA Z 54 -1.81 34.56 7.35
N ASN Z 55 -0.70 34.17 7.96
CA ASN Z 55 0.42 33.64 7.20
C ASN Z 55 0.38 32.12 7.03
N GLY Z 56 0.80 31.66 5.86
CA GLY Z 56 0.82 30.24 5.54
C GLY Z 56 0.41 30.02 4.10
N PHE Z 57 -0.75 29.41 3.90
CA PHE Z 57 -1.28 29.17 2.56
C PHE Z 57 -2.07 30.42 2.18
N ALA Z 58 -1.50 31.22 1.29
CA ALA Z 58 -2.10 32.49 0.84
C ALA Z 58 -3.60 32.45 0.63
N ALA Z 59 -4.06 31.56 -0.25
CA ALA Z 59 -5.48 31.45 -0.53
C ALA Z 59 -6.29 31.39 0.75
N ASP Z 60 -5.85 30.58 1.70
CA ASP Z 60 -6.57 30.46 2.96
C ASP Z 60 -6.46 31.73 3.77
N GLY Z 61 -5.26 32.33 3.80
CA GLY Z 61 -5.06 33.55 4.55
C GLY Z 61 -5.92 34.68 4.02
N ASP Z 62 -6.03 34.78 2.70
CA ASP Z 62 -6.85 35.84 2.11
C ASP Z 62 -8.32 35.65 2.41
N ALA Z 63 -8.82 34.44 2.15
CA ALA Z 63 -10.22 34.15 2.41
C ALA Z 63 -10.58 34.49 3.84
N LEU Z 64 -9.66 34.21 4.77
CA LEU Z 64 -9.92 34.49 6.18
C LEU Z 64 -9.98 36.00 6.47
N VAL Z 65 -8.93 36.71 6.10
CA VAL Z 65 -8.89 38.16 6.30
C VAL Z 65 -10.14 38.79 5.71
N LYS Z 66 -10.45 38.41 4.49
CA LYS Z 66 -11.63 38.88 3.78
C LYS Z 66 -12.89 38.57 4.59
N ARG Z 67 -12.99 37.33 5.07
CA ARG Z 67 -14.15 36.91 5.85
C ARG Z 67 -14.24 37.72 7.13
N PHE Z 68 -13.10 37.98 7.77
CA PHE Z 68 -13.09 38.76 9.01
C PHE Z 68 -13.54 40.20 8.78
N LYS Z 69 -12.93 40.87 7.80
CA LYS Z 69 -13.29 42.24 7.49
C LYS Z 69 -14.79 42.32 7.29
N ASN Z 70 -15.33 41.39 6.52
CA ASN Z 70 -16.75 41.39 6.27
C ASN Z 70 -17.49 41.15 7.57
N SER Z 71 -16.81 40.50 8.52
CA SER Z 71 -17.43 40.22 9.81
C SER Z 71 -17.58 41.52 10.57
N VAL Z 72 -16.53 42.35 10.51
CA VAL Z 72 -16.52 43.67 11.17
C VAL Z 72 -17.64 44.53 10.58
N LYS Z 73 -17.75 44.50 9.26
CA LYS Z 73 -18.77 45.25 8.56
C LYS Z 73 -20.16 44.95 9.12
N TRP Z 74 -20.49 43.67 9.24
CA TRP Z 74 -21.80 43.28 9.75
C TRP Z 74 -21.93 43.51 11.24
N TYR Z 75 -20.81 43.56 11.95
CA TYR Z 75 -20.91 43.80 13.37
C TYR Z 75 -21.52 45.20 13.54
N HIS Z 76 -21.11 46.11 12.66
CA HIS Z 76 -21.63 47.47 12.70
C HIS Z 76 -23.10 47.47 12.31
N PHE Z 77 -23.40 46.87 11.15
CA PHE Z 77 -24.77 46.78 10.67
C PHE Z 77 -25.72 46.23 11.72
N ASP Z 78 -25.20 45.37 12.61
CA ASP Z 78 -26.06 44.74 13.60
C ASP Z 78 -26.03 45.25 15.04
N HIS Z 79 -25.12 46.17 15.35
CA HIS Z 79 -25.07 46.68 16.72
C HIS Z 79 -24.85 48.18 16.79
N ASN Z 80 -25.62 48.89 15.96
CA ASN Z 80 -25.54 50.33 15.87
C ASN Z 80 -24.07 50.73 15.89
N ASP Z 81 -23.41 50.49 14.77
CA ASP Z 81 -22.00 50.82 14.61
C ASP Z 81 -21.10 50.72 15.81
N LYS Z 82 -21.42 49.84 16.76
CA LYS Z 82 -20.58 49.66 17.93
C LYS Z 82 -19.18 49.28 17.45
N LYS Z 83 -18.16 49.66 18.20
CA LYS Z 83 -16.81 49.34 17.79
C LYS Z 83 -16.49 47.93 18.26
N LEU Z 84 -15.80 47.18 17.40
CA LEU Z 84 -15.43 45.82 17.73
C LEU Z 84 -14.14 45.83 18.54
N SER Z 85 -14.24 45.45 19.80
CA SER Z 85 -13.06 45.42 20.65
C SER Z 85 -12.14 44.32 20.18
N ILE Z 86 -10.85 44.52 20.38
CA ILE Z 86 -9.84 43.55 19.98
C ILE Z 86 -10.15 42.16 20.53
N ASN Z 87 -10.56 42.11 21.79
CA ASN Z 87 -10.88 40.83 22.44
C ASN Z 87 -12.08 40.15 21.77
N SER Z 88 -13.02 40.95 21.30
CA SER Z 88 -14.20 40.41 20.65
C SER Z 88 -13.83 39.91 19.27
N ALA Z 89 -12.94 40.63 18.60
CA ALA Z 89 -12.48 40.24 17.28
C ALA Z 89 -11.81 38.88 17.41
N ALA Z 90 -10.98 38.73 18.44
CA ALA Z 90 -10.29 37.48 18.67
C ALA Z 90 -11.29 36.33 18.72
N ARG Z 91 -12.27 36.42 19.61
CA ARG Z 91 -13.27 35.37 19.75
C ARG Z 91 -14.00 35.11 18.44
N ASN Z 92 -14.32 36.18 17.73
CA ASN Z 92 -15.02 36.05 16.47
C ASN Z 92 -14.15 35.25 15.50
N ILE Z 93 -12.85 35.52 15.51
CA ILE Z 93 -11.94 34.81 14.62
C ILE Z 93 -11.83 33.32 15.03
N GLN Z 94 -11.84 33.03 16.32
CA GLN Z 94 -11.77 31.63 16.76
C GLN Z 94 -12.90 30.87 16.11
N HIS Z 95 -14.07 31.48 16.08
CA HIS Z 95 -15.22 30.83 15.47
C HIS Z 95 -15.04 30.68 13.97
N LEU Z 96 -14.46 31.69 13.34
CA LEU Z 96 -14.22 31.65 11.91
C LEU Z 96 -13.30 30.47 11.63
N LEU Z 97 -12.24 30.38 12.40
CA LEU Z 97 -11.28 29.30 12.21
C LEU Z 97 -11.84 27.93 12.56
N TYR Z 98 -12.35 27.77 13.78
CA TYR Z 98 -12.87 26.48 14.17
C TYR Z 98 -14.02 26.03 13.28
N GLY Z 99 -14.57 26.96 12.52
CA GLY Z 99 -15.66 26.61 11.63
C GLY Z 99 -15.23 25.61 10.57
N LYS Z 100 -13.94 25.61 10.23
CA LYS Z 100 -13.36 24.70 9.25
C LYS Z 100 -12.43 23.73 9.96
N ARG Z 101 -12.84 23.29 11.14
CA ARG Z 101 -12.04 22.36 11.94
C ARG Z 101 -11.68 21.08 11.18
N PHE Z 102 -12.49 20.71 10.21
CA PHE Z 102 -12.25 19.49 9.46
C PHE Z 102 -11.83 19.70 8.01
N PHE Z 103 -11.23 20.86 7.74
CA PHE Z 103 -10.71 21.28 6.44
C PHE Z 103 -10.24 22.68 6.81
N PRO Z 104 -9.21 22.75 7.65
CA PRO Z 104 -8.60 23.96 8.17
C PRO Z 104 -8.09 24.99 7.19
N TYR Z 105 -7.87 26.18 7.74
CA TYR Z 105 -7.31 27.30 7.01
C TYR Z 105 -5.84 27.06 7.34
N TYR Z 106 -5.04 26.76 6.33
CA TYR Z 106 -3.64 26.48 6.57
C TYR Z 106 -2.87 27.77 6.85
N VAL Z 107 -3.21 28.44 7.95
CA VAL Z 107 -2.57 29.69 8.27
C VAL Z 107 -2.37 29.94 9.76
N HIS Z 108 -1.28 30.62 10.08
CA HIS Z 108 -0.99 31.04 11.45
C HIS Z 108 -1.48 32.48 11.41
N THR Z 109 -2.36 32.87 12.33
CA THR Z 109 -2.88 34.23 12.28
C THR Z 109 -2.71 35.06 13.56
N ILE Z 110 -2.28 36.31 13.35
CA ILE Z 110 -2.07 37.28 14.42
C ILE Z 110 -2.90 38.54 14.13
N ILE Z 111 -3.44 39.13 15.20
CA ILE Z 111 -4.17 40.39 15.08
C ILE Z 111 -3.58 41.30 16.17
N ALA Z 112 -3.44 42.59 15.85
CA ALA Z 112 -2.89 43.56 16.79
C ALA Z 112 -3.74 44.82 16.86
N GLY Z 113 -3.76 45.42 18.05
CA GLY Z 113 -4.53 46.63 18.24
C GLY Z 113 -4.40 47.16 19.66
N LEU Z 114 -5.48 47.73 20.18
CA LEU Z 114 -5.47 48.26 21.54
C LEU Z 114 -6.66 47.68 22.26
N ASP Z 115 -6.47 47.26 23.50
CA ASP Z 115 -7.59 46.72 24.24
C ASP Z 115 -8.47 47.89 24.68
N GLU Z 116 -9.44 47.64 25.55
CA GLU Z 116 -10.34 48.70 25.97
C GLU Z 116 -9.78 49.68 27.01
N ASP Z 117 -8.53 49.50 27.38
CA ASP Z 117 -7.90 50.39 28.35
C ASP Z 117 -6.84 51.21 27.63
N GLY Z 118 -6.81 51.09 26.31
CA GLY Z 118 -5.84 51.84 25.53
C GLY Z 118 -4.49 51.15 25.45
N LYS Z 119 -4.32 50.05 26.18
CA LYS Z 119 -3.06 49.31 26.17
C LYS Z 119 -2.87 48.56 24.86
N GLY Z 120 -1.61 48.30 24.50
CA GLY Z 120 -1.30 47.57 23.29
C GLY Z 120 -1.65 46.10 23.47
N ALA Z 121 -2.18 45.47 22.42
CA ALA Z 121 -2.56 44.06 22.52
C ALA Z 121 -2.31 43.25 21.25
N VAL Z 122 -1.89 42.00 21.46
CA VAL Z 122 -1.63 41.07 20.37
C VAL Z 122 -2.27 39.72 20.67
N TYR Z 123 -2.95 39.18 19.67
CA TYR Z 123 -3.61 37.88 19.79
C TYR Z 123 -3.13 37.01 18.62
N SER Z 124 -2.72 35.78 18.91
CA SER Z 124 -2.26 34.87 17.86
C SER Z 124 -3.10 33.60 17.89
N PHE Z 125 -3.33 33.03 16.70
CA PHE Z 125 -4.16 31.84 16.58
C PHE Z 125 -3.52 30.56 16.00
N ASP Z 126 -4.12 29.46 16.39
CA ASP Z 126 -3.78 28.10 16.01
C ASP Z 126 -4.53 27.94 14.68
N PRO Z 127 -4.00 27.16 13.72
CA PRO Z 127 -4.75 27.04 12.47
C PRO Z 127 -6.22 26.69 12.64
N VAL Z 128 -6.59 26.06 13.75
CA VAL Z 128 -7.99 25.74 13.92
C VAL Z 128 -8.71 26.51 15.02
N GLY Z 129 -8.23 27.70 15.33
CA GLY Z 129 -8.94 28.50 16.32
C GLY Z 129 -8.47 28.70 17.74
N SER Z 130 -7.46 27.97 18.19
CA SER Z 130 -6.99 28.18 19.54
C SER Z 130 -6.37 29.58 19.59
N TYR Z 131 -6.55 30.31 20.69
CA TYR Z 131 -5.96 31.65 20.78
C TYR Z 131 -5.58 32.07 22.20
N GLU Z 132 -4.69 33.06 22.29
CA GLU Z 132 -4.20 33.54 23.55
C GLU Z 132 -3.74 34.97 23.33
N ARG Z 133 -3.87 35.82 24.34
CA ARG Z 133 -3.38 37.18 24.19
C ARG Z 133 -1.94 37.12 24.62
N GLU Z 134 -1.06 37.79 23.87
CA GLU Z 134 0.36 37.73 24.18
C GLU Z 134 1.10 39.06 23.98
N GLN Z 135 2.31 39.10 24.54
CA GLN Z 135 3.15 40.29 24.48
C GLN Z 135 3.70 40.49 23.07
N CYS Z 136 4.22 39.41 22.50
CA CYS Z 136 4.75 39.44 21.14
C CYS Z 136 4.61 38.05 20.56
N ARG Z 137 4.67 37.94 19.25
CA ARG Z 137 4.53 36.65 18.58
C ARG Z 137 4.95 36.71 17.13
N ALA Z 138 5.84 35.80 16.76
CA ALA Z 138 6.31 35.70 15.38
C ALA Z 138 5.54 34.49 14.84
N GLY Z 139 5.11 34.59 13.59
CA GLY Z 139 4.37 33.51 12.97
C GLY Z 139 4.85 33.32 11.55
N GLY Z 140 4.73 32.11 11.04
CA GLY Z 140 5.19 31.86 9.68
C GLY Z 140 6.52 31.11 9.61
N ALA Z 141 7.06 31.03 8.40
CA ALA Z 141 8.31 30.33 8.14
N ALA Z 142 9.76 31.81 9.44
CA ALA Z 142 10.88 32.13 10.33
C ALA Z 142 10.51 32.23 11.81
N ALA Z 143 9.26 31.96 12.14
CA ALA Z 143 8.81 32.03 13.51
C ALA Z 143 9.78 31.35 14.49
N SER Z 144 10.38 30.26 14.05
CA SER Z 144 11.30 29.50 14.90
C SER Z 144 12.64 30.18 15.13
N LEU Z 145 13.02 31.09 14.23
CA LEU Z 145 14.28 31.82 14.37
C LEU Z 145 14.06 33.06 15.20
N ILE Z 146 12.93 33.73 14.98
CA ILE Z 146 12.61 34.95 15.69
C ILE Z 146 12.06 34.84 17.12
N MET Z 147 11.23 33.86 17.41
CA MET Z 147 10.69 33.77 18.77
C MET Z 147 11.73 33.67 19.87
N PRO Z 148 12.83 32.94 19.64
CA PRO Z 148 13.84 32.84 20.71
C PRO Z 148 14.38 34.24 21.01
N PHE Z 149 14.67 34.97 19.93
CA PHE Z 149 15.19 36.33 20.00
C PHE Z 149 14.28 37.26 20.81
N LEU Z 150 13.00 37.26 20.46
CA LEU Z 150 12.01 38.08 21.15
C LEU Z 150 11.88 37.73 22.64
N ASP Z 151 11.96 36.45 22.98
CA ASP Z 151 11.87 36.07 24.38
C ASP Z 151 13.01 36.68 25.13
N ASN Z 152 14.14 36.83 24.43
C ASN Z 152 15.30 38.89 25.15
N GLN Z 153 15.15 39.55 24.00
CA GLN Z 153 15.16 41.01 23.95
C GLN Z 153 13.88 41.76 24.32
N VAL Z 154 12.75 41.07 24.35
CA VAL Z 154 11.50 41.74 24.69
C VAL Z 154 10.98 41.35 26.07
N ASN Z 155 11.30 40.14 26.54
CA ASN Z 155 10.84 39.69 27.84
C ASN Z 155 12.02 39.40 28.75
N PHE Z 156 13.19 39.80 28.29
CA PHE Z 156 14.46 39.62 29.01
C PHE Z 156 14.60 38.29 29.73
N LYS Z 157 14.42 37.20 28.98
CA LYS Z 157 14.53 35.85 29.51
C LYS Z 157 16.00 35.47 29.63
N ASN Z 158 16.31 34.63 30.63
CA ASN Z 158 17.68 34.17 30.86
C ASN Z 158 18.67 35.30 31.09
N GLN Z 159 18.14 36.52 31.25
CA GLN Z 159 18.96 37.69 31.50
C GLN Z 159 18.79 38.09 32.96
N TYR Z 160 19.91 38.23 33.67
CA TYR Z 160 19.88 38.60 35.07
C TYR Z 160 20.66 39.87 35.36
N GLU Z 161 20.52 40.36 36.59
CA GLU Z 161 21.22 41.55 37.02
C GLU Z 161 22.67 41.19 37.28
N PRO Z 162 23.60 41.77 36.50
CA PRO Z 162 25.01 41.46 36.71
C PRO Z 162 25.38 41.43 38.19
N GLY Z 163 26.22 40.47 38.56
CA GLY Z 163 26.66 40.37 39.94
C GLY Z 163 25.64 39.86 40.93
N THR Z 164 24.37 39.76 40.53
CA THR Z 164 23.36 39.27 41.48
C THR Z 164 23.43 37.76 41.61
N ASN Z 165 24.32 37.15 40.82
CA ASN Z 165 24.49 35.71 40.86
C ASN Z 165 23.28 35.05 40.20
N GLY Z 166 22.69 35.76 39.24
CA GLY Z 166 21.51 35.23 38.57
C GLY Z 166 20.37 35.03 39.56
N LYS Z 167 20.40 35.82 40.64
CA LYS Z 167 19.38 35.76 41.68
C LYS Z 167 18.33 36.85 41.44
N VAL Z 168 18.73 37.90 40.73
CA VAL Z 168 17.83 39.01 40.42
C VAL Z 168 17.59 39.06 38.91
N LYS Z 169 16.35 38.82 38.50
CA LYS Z 169 16.02 38.85 37.09
C LYS Z 169 16.12 40.28 36.58
N LYS Z 170 16.52 40.45 35.32
CA LYS Z 170 16.61 41.78 34.77
C LYS Z 170 15.19 42.34 34.73
N PRO Z 171 14.97 43.52 35.35
CA PRO Z 171 13.67 44.19 35.39
C PRO Z 171 12.99 44.32 34.04
N LEU Z 172 11.68 44.10 34.02
CA LEU Z 172 10.89 44.16 32.79
C LEU Z 172 10.49 45.55 32.30
CA LYS Z 173 11.11 47.88 31.93
C LYS Z 173 10.50 47.73 30.53
N TYR Z 174 9.55 48.57 30.14
CA TYR Z 174 8.98 48.39 28.81
C TYR Z 174 9.35 49.30 27.65
N LEU Z 175 9.47 48.66 26.49
CA LEU Z 175 9.86 49.28 25.23
C LEU Z 175 8.95 50.34 24.64
N SER Z 176 9.58 51.25 23.90
CA SER Z 176 8.91 52.35 23.24
C SER Z 176 8.63 51.89 21.82
N VAL Z 177 7.87 52.67 21.07
CA VAL Z 177 7.54 52.32 19.70
N GLU Z 178 9.78 53.16 19.19
CA GLU Z 178 11.01 53.27 18.40
C GLU Z 178 11.92 52.09 18.67
N GLU Z 179 12.01 51.72 19.94
CA GLU Z 179 12.84 50.60 20.34
C GLU Z 179 12.25 49.34 19.71
N VAL Z 180 10.93 49.22 19.76
CA VAL Z 180 10.27 48.06 19.19
C VAL Z 180 10.60 47.94 17.71
N ILE Z 181 10.40 49.01 16.94
CA ILE Z 181 10.69 48.96 15.51
C ILE Z 181 12.13 48.54 15.18
N LYS Z 182 13.05 48.75 16.12
CA LYS Z 182 14.44 48.36 15.87
C LYS Z 182 14.51 46.85 15.91
N LEU Z 183 13.88 46.27 16.94
CA LEU Z 183 13.85 44.83 17.12
C LEU Z 183 13.19 44.19 15.90
N VAL Z 184 12.06 44.76 15.50
CA VAL Z 184 11.35 44.24 14.35
C VAL Z 184 12.29 44.18 13.15
N ARG Z 185 12.91 45.31 12.84
CA ARG Z 185 13.83 45.40 11.71
C ARG Z 185 14.99 44.43 11.83
N ASP Z 186 15.51 44.28 13.04
CA ASP Z 186 16.62 43.37 13.24
C ASP Z 186 16.13 41.94 13.03
N SER Z 187 15.01 41.59 13.64
CA SER Z 187 14.44 40.26 13.49
C SER Z 187 14.31 39.89 12.02
N PHE Z 188 13.78 40.80 11.22
CA PHE Z 188 13.62 40.49 9.81
C PHE Z 188 14.90 40.43 8.99
N THR Z 189 15.92 41.20 9.37
CA THR Z 189 17.16 41.13 8.61
C THR Z 189 17.87 39.83 8.95
N SER Z 190 17.71 39.38 10.18
CA SER Z 190 18.29 38.13 10.61
C SER Z 190 17.58 36.99 9.88
N ALA Z 191 16.26 36.98 9.98
CA ALA Z 191 15.46 35.97 9.33
C ALA Z 191 15.78 35.89 7.85
N THR Z 192 15.83 37.03 7.17
CA THR Z 192 16.14 37.06 5.75
C THR Z 192 17.49 36.44 5.43
N GLU Z 193 18.38 36.49 6.41
CA GLU Z 193 19.72 35.94 6.25
C GLU Z 193 19.73 34.43 6.23
N ARG Z 194 18.99 33.83 7.16
CA ARG Z 194 18.95 32.38 7.30
C ARG Z 194 17.77 31.60 6.72
N HIS Z 195 16.72 32.29 6.29
CA HIS Z 195 15.59 31.57 5.73
C HIS Z 195 15.36 32.01 4.30
N ILE Z 196 15.31 31.03 3.38
CA ILE Z 196 15.15 31.34 1.96
C ILE Z 196 13.77 31.83 1.57
N GLN Z 197 12.79 31.73 2.47
CA GLN Z 197 11.45 32.17 2.14
C GLN Z 197 11.14 33.58 2.58
N VAL Z 198 12.06 34.17 3.33
CA VAL Z 198 11.88 35.53 3.83
C VAL Z 198 12.79 36.52 3.11
N GLY Z 199 12.25 37.69 2.76
CA GLY Z 199 13.03 38.71 2.09
C GLY Z 199 12.23 39.74 1.31
N ASP Z 200 12.92 40.45 0.41
CA ASP Z 200 12.36 41.48 -0.46
C ASP Z 200 11.93 42.80 0.17
N GLY Z 201 11.03 42.74 1.15
CA GLY Z 201 10.57 43.96 1.80
C GLY Z 201 9.88 43.71 3.13
N LEU Z 202 10.00 44.66 4.05
CA LEU Z 202 9.37 44.57 5.37
C LEU Z 202 8.36 45.69 5.52
N GLU Z 203 7.11 45.33 5.81
CA GLU Z 203 6.08 46.34 5.98
C GLU Z 203 5.50 46.19 7.38
N ILE Z 204 5.53 47.29 8.12
CA ILE Z 204 5.03 47.31 9.48
C ILE Z 204 3.80 48.19 9.59
N LEU Z 205 2.86 47.79 10.44
CA LEU Z 205 1.67 48.59 10.67
C LEU Z 205 1.66 48.94 12.15
N ILE Z 206 1.60 50.24 12.46
CA ILE Z 206 1.60 50.68 13.86
C ILE Z 206 0.22 51.18 14.30
N VAL Z 207 -0.20 50.70 15.46
CA VAL Z 207 -1.50 51.06 16.01
C VAL Z 207 -1.39 51.82 17.32
N THR Z 208 -1.91 53.04 17.30
CA THR Z 208 -1.93 53.94 18.45
C THR Z 208 -3.36 54.42 18.58
N LYS Z 209 -3.68 55.14 19.65
CA LYS Z 209 -5.04 55.63 19.82
C LYS Z 209 -5.43 56.55 18.66
N ASP Z 210 -4.46 56.88 17.82
CA ASP Z 210 -4.69 57.76 16.69
C ASP Z 210 -4.88 57.03 15.39
N GLY Z 211 -4.84 55.70 15.45
CA GLY Z 211 -5.05 54.93 14.24
C GLY Z 211 -3.93 54.01 13.78
N VAL Z 212 -3.92 53.75 12.48
CA VAL Z 212 -2.96 52.86 11.86
C VAL Z 212 -1.98 53.53 10.90
N ARG Z 213 -0.70 53.50 11.25
CA ARG Z 213 0.35 54.07 10.40
C ARG Z 213 1.21 52.95 9.83
N LYS Z 214 1.73 53.14 8.61
CA LYS Z 214 2.58 52.14 7.96
C LYS Z 214 4.02 52.60 7.70
N GLU Z 215 4.96 51.66 7.80
CA GLU Z 215 6.37 51.93 7.54
C GLU Z 215 6.92 50.81 6.66
CA PHE Z 216 8.30 50.14 4.78
C PHE Z 216 9.83 50.13 4.80
N TYR Z 217 10.41 48.97 4.52
CA TYR Z 217 11.86 48.82 4.49
C TYR Z 217 12.25 47.73 3.52
N GLU Z 218 13.36 47.94 2.84
CA GLU Z 218 13.88 46.96 1.90
C GLU Z 218 14.45 45.79 2.68
N LEU Z 219 14.61 44.65 1.99
CA LEU Z 219 15.18 43.44 2.56
C LEU Z 219 15.92 42.74 1.42
N LYS Z 220 17.02 42.06 1.74
CA LYS Z 220 17.81 41.37 0.72
C LYS Z 220 16.94 40.57 -0.24
N ARG Z 221 17.16 40.80 -1.52
CA ARG Z 221 16.37 40.17 -2.57
C ARG Z 221 16.90 38.86 -3.18
N ASP Z 222 17.69 38.09 -2.43
CA ASP Z 222 18.22 36.84 -2.98
C ASP Z 222 17.51 35.56 -2.48
N THR AA 1 -11.83 15.97 -7.58
CA THR AA 1 -10.42 15.83 -8.04
C THR AA 1 -10.38 15.21 -9.42
N GLN AA 2 -9.51 15.76 -10.26
CA GLN AA 2 -9.39 15.32 -11.61
C GLN AA 2 -7.93 15.37 -11.96
N GLN AA 3 -7.64 15.23 -13.24
CA GLN AA 3 -6.28 15.30 -13.75
C GLN AA 3 -6.43 15.93 -15.12
N PRO AA 4 -5.54 16.87 -15.45
CA PRO AA 4 -5.56 17.57 -16.74
C PRO AA 4 -5.25 16.66 -17.90
N ILE AA 5 -5.98 16.82 -19.00
CA ILE AA 5 -5.76 16.01 -20.18
C ILE AA 5 -5.10 16.82 -21.30
N VAL AA 6 -5.86 17.68 -21.97
CA VAL AA 6 -5.25 18.49 -23.02
C VAL AA 6 -4.80 19.77 -22.32
N THR AA 7 -3.54 20.15 -22.48
CA THR AA 7 -3.04 21.32 -21.77
C THR AA 7 -2.30 22.38 -22.54
N GLY AA 8 -2.25 23.56 -21.94
CA GLY AA 8 -1.57 24.70 -22.52
C GLY AA 8 -0.44 25.05 -21.58
N THR AA 9 0.70 25.44 -22.15
CA THR AA 9 1.86 25.76 -21.36
C THR AA 9 1.89 27.18 -20.78
N SER AA 10 3.09 27.75 -20.61
CA SER AA 10 3.25 29.09 -20.04
C SER AA 10 2.40 30.23 -20.59
N VAL AA 11 2.30 31.26 -19.76
CA VAL AA 11 1.61 32.49 -20.09
C VAL AA 11 2.49 33.55 -19.44
N ILE AA 12 3.20 34.31 -20.27
CA ILE AA 12 4.07 35.36 -19.76
C ILE AA 12 3.51 36.76 -19.95
N SER AA 13 3.90 37.65 -19.04
CA SER AA 13 3.40 39.02 -19.10
C SER AA 13 4.18 39.97 -18.19
N MET AA 14 4.01 41.26 -18.45
CA MET AA 14 4.66 42.30 -17.67
C MET AA 14 3.92 43.59 -17.97
N LYS AA 15 4.20 44.62 -17.18
CA LYS AA 15 3.57 45.91 -17.37
C LYS AA 15 4.61 47.01 -17.62
N TYR AA 16 4.39 47.82 -18.65
CA TYR AA 16 5.29 48.92 -18.95
C TYR AA 16 4.68 50.25 -18.51
N ASP AA 17 5.23 51.36 -18.99
CA ASP AA 17 4.74 52.68 -18.60
C ASP AA 17 3.29 53.01 -18.98
N ASN AA 18 2.82 52.55 -20.13
CA ASN AA 18 1.47 52.87 -20.58
C ASN AA 18 0.44 51.74 -20.60
N GLY AA 19 0.87 50.55 -20.24
CA GLY AA 19 -0.08 49.44 -20.25
C GLY AA 19 0.55 48.15 -19.77
N VAL AA 20 0.12 47.05 -20.38
CA VAL AA 20 0.60 45.72 -20.04
C VAL AA 20 0.64 44.87 -21.30
N ILE AA 21 1.54 43.89 -21.29
CA ILE AA 21 1.67 42.98 -22.42
C ILE AA 21 1.50 41.57 -21.88
N ILE AA 22 0.93 40.71 -22.71
CA ILE AA 22 0.71 39.33 -22.32
C ILE AA 22 0.78 38.44 -23.55
N ALA AA 23 1.44 37.30 -23.40
CA ALA AA 23 1.57 36.38 -24.54
C ALA AA 23 1.44 34.90 -24.14
N ALA AA 24 1.13 34.06 -25.12
CA ALA AA 24 0.96 32.64 -24.88
C ALA AA 24 0.99 31.88 -26.21
N ASP AA 25 1.75 30.80 -26.27
CA ASP AA 25 1.82 30.05 -27.52
C ASP AA 25 0.47 29.45 -27.85
N ASN AA 26 0.35 28.88 -29.04
CA ASN AA 26 -0.91 28.34 -29.47
C ASN AA 26 -0.99 26.84 -29.48
N LEU AA 27 -0.34 26.21 -28.50
CA LEU AA 27 -0.34 24.75 -28.44
C LEU AA 27 -1.31 24.14 -27.42
N GLY AA 28 -1.78 22.95 -27.76
CA GLY AA 28 -2.68 22.19 -26.92
C GLY AA 28 -2.07 20.80 -26.83
N SER AA 29 -1.24 20.58 -25.80
CA SER AA 29 -0.60 19.29 -25.63
C SER AA 29 -1.53 18.27 -25.00
N TYR AA 30 -1.25 17.01 -25.32
CA TYR AA 30 -2.02 15.87 -24.82
C TYR AA 30 -0.96 14.90 -24.32
N GLY AA 31 -0.48 15.11 -23.10
CA GLY AA 31 0.56 14.25 -22.61
C GLY AA 31 1.81 14.77 -23.28
N SER AA 32 2.56 13.89 -23.92
CA SER AA 32 3.78 14.30 -24.61
C SER AA 32 3.51 14.53 -26.10
N LEU AA 33 2.26 14.33 -26.52
CA LEU AA 33 1.87 14.53 -27.92
C LEU AA 33 1.39 15.97 -28.13
N LEU AA 34 2.09 16.70 -29.00
CA LEU AA 34 1.73 18.09 -29.30
C LEU AA 34 0.55 18.00 -30.27
N ARG AA 35 -0.61 17.63 -29.74
CA ARG AA 35 -1.82 17.43 -30.55
C ARG AA 35 -2.48 18.59 -31.29
N PHE AA 36 -2.74 19.70 -30.61
CA PHE AA 36 -3.41 20.83 -31.26
C PHE AA 36 -2.52 22.04 -31.42
N ASN AA 37 -2.61 22.68 -32.60
CA ASN AA 37 -1.80 23.85 -32.87
C ASN AA 37 -2.53 25.16 -33.12
N GLY AA 38 -3.84 25.14 -33.15
CA GLY AA 38 -4.56 26.38 -33.38
C GLY AA 38 -5.30 26.81 -32.14
N VAL AA 39 -4.64 26.68 -30.99
CA VAL AA 39 -5.27 27.02 -29.72
C VAL AA 39 -4.97 28.43 -29.21
N GLU AA 40 -6.00 29.27 -29.17
CA GLU AA 40 -5.82 30.63 -28.69
C GLU AA 40 -6.05 30.57 -27.19
N ARG AA 41 -5.02 30.93 -26.44
CA ARG AA 41 -5.11 30.88 -24.99
C ARG AA 41 -5.19 32.25 -24.36
N LEU AA 42 -5.45 33.26 -25.19
CA LEU AA 42 -5.60 34.62 -24.69
C LEU AA 42 -7.03 35.04 -24.93
N ILE AA 43 -7.78 35.22 -23.85
CA ILE AA 43 -9.19 35.62 -23.95
C ILE AA 43 -9.38 37.09 -23.66
N PRO AA 44 -9.75 37.87 -24.69
CA PRO AA 44 -9.96 39.30 -24.48
C PRO AA 44 -11.39 39.49 -23.99
N VAL AA 45 -11.55 40.32 -22.96
CA VAL AA 45 -12.86 40.61 -22.41
C VAL AA 45 -13.05 42.12 -22.50
N GLY AA 46 -13.88 42.55 -23.44
CA GLY AA 46 -14.08 43.97 -23.62
C GLY AA 46 -12.90 44.47 -24.42
N ASP AA 47 -12.42 45.66 -24.08
CA ASP AA 47 -11.29 46.23 -24.80
C ASP AA 47 -10.22 46.77 -23.86
N ASN AA 48 -10.35 46.44 -22.58
CA ASN AA 48 -9.39 46.90 -21.58
C ASN AA 48 -8.79 45.73 -20.81
N THR AA 49 -9.22 44.51 -21.15
CA THR AA 49 -8.75 43.31 -20.47
C THR AA 49 -8.49 42.13 -21.41
N VAL AA 50 -7.46 41.37 -21.09
CA VAL AA 50 -7.11 40.13 -21.81
C VAL AA 50 -6.75 39.11 -20.72
N VAL AA 51 -7.33 37.91 -20.85
CA VAL AA 51 -7.10 36.84 -19.89
C VAL AA 51 -6.30 35.71 -20.52
N GLY AA 52 -5.13 35.44 -19.93
CA GLY AA 52 -4.27 34.38 -20.42
C GLY AA 52 -4.44 33.15 -19.55
N ILE AA 53 -4.80 32.04 -20.18
CA ILE AA 53 -5.03 30.81 -19.45
C ILE AA 53 -4.08 29.68 -19.83
N SER AA 54 -3.61 28.97 -18.82
CA SER AA 54 -2.74 27.82 -19.06
C SER AA 54 -3.31 26.69 -18.20
N GLY AA 55 -3.08 25.46 -18.62
CA GLY AA 55 -3.60 24.35 -17.85
C GLY AA 55 -4.49 23.47 -18.69
N ASP AA 56 -5.53 22.93 -18.08
CA ASP AA 56 -6.45 22.06 -18.79
C ASP AA 56 -7.25 22.87 -19.80
N ILE AA 57 -7.09 22.56 -21.07
CA ILE AA 57 -7.79 23.28 -22.13
C ILE AA 57 -9.31 23.20 -21.98
N SER AA 58 -9.82 22.03 -21.62
CA SER AA 58 -11.27 21.89 -21.48
C SER AA 58 -11.79 22.83 -20.40
N ASP AA 59 -11.04 22.99 -19.32
CA ASP AA 59 -11.45 23.89 -18.26
C ASP AA 59 -11.32 25.34 -18.74
N MET AA 60 -10.31 25.59 -19.55
CA MET AA 60 -10.10 26.93 -20.10
C MET AA 60 -11.32 27.31 -20.92
N GLN AA 61 -11.74 26.41 -21.81
CA GLN AA 61 -12.90 26.66 -22.66
C GLN AA 61 -14.13 26.94 -21.82
N HIS AA 62 -14.19 26.36 -20.62
CA HIS AA 62 -15.31 26.59 -19.71
C HIS AA 62 -15.20 28.02 -19.21
N ILE AA 63 -14.01 28.39 -18.75
CA ILE AA 63 -13.75 29.74 -18.25
C ILE AA 63 -14.06 30.78 -19.33
N GLU AA 64 -13.90 30.38 -20.58
CA GLU AA 64 -14.17 31.27 -21.70
C GLU AA 64 -15.64 31.63 -21.70
N ARG AA 65 -16.45 30.58 -21.69
CA ARG AA 65 -17.89 30.69 -21.70
C ARG AA 65 -18.33 31.51 -20.51
N LEU AA 66 -17.62 31.37 -19.40
CA LEU AA 66 -17.97 32.14 -18.20
C LEU AA 66 -17.80 33.63 -18.46
N LEU AA 67 -16.71 33.99 -19.11
CA LEU AA 67 -16.40 35.37 -19.42
C LEU AA 67 -17.38 36.00 -20.40
N LYS AA 68 -17.71 35.27 -21.47
CA LYS AA 68 -18.63 35.77 -22.46
C LYS AA 68 -19.97 36.07 -21.80
N ASP AA 69 -20.28 35.29 -20.76
CA ASP AA 69 -21.53 35.48 -20.04
C ASP AA 69 -21.42 36.67 -19.14
N LEU AA 70 -20.26 36.84 -18.52
CA LEU AA 70 -20.06 37.98 -17.63
C LEU AA 70 -20.30 39.24 -18.45
N VAL AA 71 -19.90 39.22 -19.72
CA VAL AA 71 -20.09 40.35 -20.62
C VAL AA 71 -21.58 40.56 -20.82
N THR AA 72 -22.24 39.54 -21.38
CA THR AA 72 -23.69 39.58 -21.64
C THR AA 72 -24.50 40.07 -20.43
N GLU AA 73 -24.31 39.41 -19.30
CA GLU AA 73 -25.01 39.75 -18.07
C GLU AA 73 -24.76 41.19 -17.62
N ASN AA 74 -23.56 41.70 -17.84
CA ASN AA 74 -23.25 43.07 -17.41
C ASN AA 74 -24.01 44.09 -18.25
N ALA AA 75 -24.33 43.69 -19.48
CA ALA AA 75 -25.05 44.55 -20.40
C ALA AA 75 -26.50 44.69 -19.97
N TYR AA 76 -27.06 43.66 -19.33
CA TYR AA 76 -28.44 43.69 -18.87
C TYR AA 76 -28.80 44.89 -17.99
N ASP AA 77 -29.86 45.60 -18.38
CA ASP AA 77 -30.38 46.74 -17.64
C ASP AA 77 -29.26 47.68 -17.23
N ASN AA 78 -28.23 47.75 -18.07
CA ASN AA 78 -27.09 48.60 -17.81
C ASN AA 78 -26.87 49.53 -19.00
N PRO AA 79 -27.37 50.77 -18.90
CA PRO AA 79 -27.23 51.75 -19.98
C PRO AA 79 -25.81 52.33 -20.08
N LEU AA 80 -24.97 52.02 -19.10
CA LEU AA 80 -23.59 52.48 -19.10
C LEU AA 80 -22.64 51.30 -19.29
N ALA AA 81 -23.11 50.29 -20.02
CA ALA AA 81 -22.34 49.08 -20.28
C ALA AA 81 -21.08 49.30 -21.09
N ASP AA 82 -21.08 50.41 -21.83
CA ASP AA 82 -19.94 50.77 -22.68
C ASP AA 82 -19.31 52.06 -22.15
N ALA AA 83 -19.63 52.39 -20.91
CA ALA AA 83 -19.09 53.61 -20.31
C ALA AA 83 -18.62 53.38 -18.88
N GLU AA 84 -19.15 54.17 -17.96
CA GLU AA 84 -18.78 54.06 -16.56
C GLU AA 84 -19.05 52.68 -15.97
N GLU AA 85 -20.08 52.00 -16.47
C GLU AA 85 -20.02 49.49 -16.77
N ALA AA 86 -18.93 49.60 -17.52
CA ALA AA 86 -18.44 48.48 -18.31
C ALA AA 86 -17.50 47.64 -17.43
N LEU AA 87 -17.21 46.43 -17.87
CA LEU AA 87 -16.34 45.54 -17.11
C LEU AA 87 -14.91 46.06 -16.96
N GLU AA 88 -14.42 46.05 -15.73
CA GLU AA 88 -13.06 46.46 -15.41
C GLU AA 88 -12.22 45.20 -15.27
N PRO AA 89 -10.89 45.31 -15.49
CA PRO AA 89 -10.07 44.09 -15.35
C PRO AA 89 -10.18 43.56 -13.92
N SER AA 90 -10.11 44.46 -12.94
CA SER AA 90 -10.21 44.07 -11.53
C SER AA 90 -11.50 43.32 -11.22
N TYR AA 91 -12.58 43.65 -11.94
CA TYR AA 91 -13.86 42.96 -11.73
C TYR AA 91 -13.71 41.54 -12.26
N ILE AA 92 -13.30 41.44 -13.51
CA ILE AA 92 -13.11 40.15 -14.16
C ILE AA 92 -12.22 39.24 -13.34
N PHE AA 93 -11.15 39.80 -12.78
CA PHE AA 93 -10.26 39.00 -11.99
C PHE AA 93 -10.88 38.54 -10.68
N GLU AA 94 -11.31 39.48 -9.86
CA GLU AA 94 -11.91 39.16 -8.57
C GLU AA 94 -12.99 38.09 -8.72
N TYR AA 95 -13.67 38.08 -9.87
CA TYR AA 95 -14.70 37.10 -10.13
C TYR AA 95 -14.02 35.73 -10.30
N LEU AA 96 -13.19 35.62 -11.33
CA LEU AA 96 -12.46 34.39 -11.61
C LEU AA 96 -11.74 33.84 -10.35
N ALA AA 97 -11.09 34.71 -9.60
CA ALA AA 97 -10.40 34.28 -8.39
C ALA AA 97 -11.42 33.66 -7.43
N THR AA 98 -12.58 34.29 -7.35
CA THR AA 98 -13.64 33.80 -6.48
C THR AA 98 -14.02 32.38 -6.89
N VAL AA 99 -14.15 32.18 -8.20
CA VAL AA 99 -14.51 30.89 -8.74
C VAL AA 99 -13.43 29.86 -8.50
N MET AA 100 -12.18 30.25 -8.75
C MET AA 100 -10.99 28.75 -7.17
N TYR AA 101 -11.12 29.60 -6.16
CA TYR AA 101 -11.05 29.16 -4.78
C TYR AA 101 -12.25 28.33 -4.34
N GLN AA 102 -13.45 28.69 -4.81
CA GLN AA 102 -14.64 27.91 -4.43
N ARG AA 103 -13.98 26.40 -6.19
CA ARG AA 103 -13.77 25.10 -6.81
C ARG AA 103 -12.71 24.28 -6.11
N ARG AA 104 -11.61 24.89 -5.69
CA ARG AA 104 -10.58 24.11 -4.99
C ARG AA 104 -11.12 23.73 -3.63
N SER AA 105 -11.94 24.60 -3.07
CA SER AA 105 -12.51 24.35 -1.76
C SER AA 105 -13.61 23.31 -1.79
N LYS AA 106 -13.98 22.88 -2.98
CA LYS AA 106 -14.98 21.84 -3.12
C LYS AA 106 -14.27 20.62 -3.67
N MET AA 107 -12.94 20.66 -3.60
CA MET AA 107 -12.12 19.55 -4.07
C MET AA 107 -12.30 19.15 -5.54
N ASN AA 108 -12.80 20.08 -6.34
CA ASN AA 108 -13.01 19.84 -7.75
C ASN AA 108 -12.53 21.10 -8.45
N PRO AA 109 -11.20 21.28 -8.53
CA PRO AA 109 -10.58 22.45 -9.15
C PRO AA 109 -10.69 22.58 -10.67
CA LEU AA 110 -10.44 24.09 -12.59
C LEU AA 110 -8.91 24.14 -12.73
N TRP AA 111 -8.35 23.07 -13.28
CA TRP AA 111 -6.91 22.91 -13.45
N ASN AA 112 -6.15 25.20 -13.86
CA ASN AA 112 -5.51 26.27 -14.61
C ASN AA 112 -4.72 27.25 -13.78
N ALA AA 113 -3.91 28.03 -14.49
C ALA AA 113 -3.58 30.26 -14.86
N ILE AA 114 -4.06 31.35 -14.26
CA ILE AA 114 -4.58 32.46 -15.03
C ILE AA 114 -3.91 33.79 -14.71
N ILE AA 115 -3.69 34.59 -15.75
CA ILE AA 115 -3.12 35.93 -15.58
C ILE AA 115 -4.06 36.89 -16.26
N VAL AA 116 -4.65 37.78 -15.48
CA VAL AA 116 -5.57 38.78 -15.99
C VAL AA 116 -4.78 40.06 -16.20
N ALA AA 117 -4.66 40.47 -17.46
CA ALA AA 117 -3.92 41.68 -17.78
C ALA AA 117 -4.83 42.72 -18.39
N GLY AA 118 -4.66 43.97 -17.96
CA GLY AA 118 -5.48 45.02 -18.51
C GLY AA 118 -5.22 46.38 -17.91
N VAL AA 119 -6.01 47.36 -18.36
CA VAL AA 119 -5.91 48.72 -17.86
C VAL AA 119 -7.22 49.19 -17.25
N GLN AA 120 -7.13 49.68 -16.03
CA GLN AA 120 -8.29 50.18 -15.30
N SER AA 121 -10.03 51.82 -15.79
CA SER AA 121 -10.59 53.04 -16.36
C SER AA 121 -9.83 54.31 -15.94
N ASN AA 122 -9.26 54.29 -14.74
CA ASN AA 122 -8.51 55.43 -14.25
C ASN AA 122 -7.07 55.39 -14.79
N GLY AA 123 -6.85 54.65 -15.87
CA GLY AA 123 -5.53 54.55 -16.47
C GLY AA 123 -4.53 53.57 -15.91
N ASP AA 124 -4.72 53.15 -14.65
CA ASP AA 124 -3.82 52.20 -13.98
C ASP AA 124 -3.69 50.86 -14.70
N GLN AA 125 -2.52 50.24 -14.59
CA GLN AA 125 -2.28 48.95 -15.23
C GLN AA 125 -2.67 47.83 -14.27
N PHE AA 126 -3.35 46.83 -14.79
CA PHE AA 126 -3.75 45.70 -13.95
C PHE AA 126 -3.10 44.40 -14.42
N LEU AA 127 -2.43 43.74 -13.48
CA LEU AA 127 -1.75 42.48 -13.75
C LEU AA 127 -1.78 41.64 -12.47
N ARG AA 128 -2.61 40.60 -12.45
CA ARG AA 128 -2.68 39.73 -11.28
C ARG AA 128 -2.82 38.26 -11.70
N TYR AA 129 -2.38 37.35 -10.82
CA TYR AA 129 -2.39 35.91 -11.08
C TYR AA 129 -3.27 35.11 -10.13
N VAL AA 130 -3.87 34.03 -10.64
CA VAL AA 130 -4.71 33.14 -9.85
C VAL AA 130 -4.63 31.74 -10.45
N ASN AA 131 -4.54 30.72 -9.60
CA ASN AA 131 -4.46 29.36 -10.10
C ASN AA 131 -5.51 28.44 -9.49
N LEU AA 132 -5.41 27.15 -9.79
CA LEU AA 132 -6.34 26.15 -9.32
C LEU AA 132 -6.48 26.08 -7.79
N LEU AA 133 -5.48 26.55 -7.07
CA LEU AA 133 -5.55 26.54 -5.61
C LEU AA 133 -6.25 27.78 -5.10
N GLY AA 134 -6.49 28.75 -5.99
CA GLY AA 134 -7.15 29.97 -5.58
C GLY AA 134 -6.18 31.00 -5.03
N VAL AA 135 -4.89 30.71 -5.21
CA VAL AA 135 -3.84 31.60 -4.77
C VAL AA 135 -3.73 32.77 -5.74
N THR AA 136 -3.55 33.97 -5.20
CA THR AA 136 -3.44 35.17 -6.04
C THR AA 136 -2.27 36.06 -5.61
N TYR AA 137 -1.74 36.78 -6.59
CA TYR AA 137 -0.65 37.70 -6.33
C TYR AA 137 -0.37 38.59 -7.55
N SER AA 138 0.33 39.69 -7.30
CA SER AA 138 0.71 40.63 -8.35
C SER AA 138 2.19 40.97 -8.31
N SER AA 139 2.74 41.26 -9.48
CA SER AA 139 4.14 41.60 -9.63
C SER AA 139 4.29 42.32 -10.96
N PRO AA 140 5.32 43.18 -11.10
CA PRO AA 140 5.55 43.91 -12.35
C PRO AA 140 5.53 42.93 -13.53
N THR AA 141 6.04 41.72 -13.29
CA THR AA 141 6.04 40.66 -14.31
C THR AA 141 5.38 39.42 -13.69
N LEU AA 142 4.69 38.64 -14.52
CA LEU AA 142 4.03 37.43 -14.07
C LEU AA 142 4.07 36.40 -15.17
N ALA AA 143 4.40 35.16 -14.80
CA ALA AA 143 4.46 34.06 -15.75
C ALA AA 143 3.94 32.82 -15.04
N THR AA 144 3.39 31.89 -15.81
CA THR AA 144 2.86 30.66 -15.23
C THR AA 144 3.66 29.47 -15.71
N GLY AA 145 3.74 28.44 -14.87
CA GLY AA 145 4.46 27.23 -15.24
C GLY AA 145 5.90 27.50 -15.58
N PHE AA 146 6.34 27.00 -16.74
CA PHE AA 146 7.72 27.18 -17.18
C PHE AA 146 8.19 28.62 -17.21
N GLY AA 147 7.35 29.52 -17.70
CA GLY AA 147 7.72 30.92 -17.77
C GLY AA 147 8.09 31.49 -16.42
N ALA AA 148 7.56 30.90 -15.36
CA ALA AA 148 7.85 31.38 -14.03
C ALA AA 148 9.31 31.14 -13.74
N HIS AA 149 9.85 30.09 -14.36
CA HIS AA 149 11.25 29.74 -14.16
C HIS AA 149 12.23 30.39 -15.10
N MET AA 150 11.80 30.59 -16.34
CA MET AA 150 12.69 31.17 -17.32
C MET AA 150 12.35 32.58 -17.77
N ALA AA 151 11.06 32.90 -17.86
CA ALA AA 151 10.66 34.22 -18.31
C ALA AA 151 10.79 35.27 -17.22
N ASN AA 152 10.29 34.98 -16.03
CA ASN AA 152 10.39 35.97 -14.97
C ASN AA 152 11.82 36.48 -14.83
N PRO AA 153 12.80 35.58 -14.79
CA PRO AA 153 14.19 36.04 -14.65
C PRO AA 153 14.60 37.10 -15.69
N LEU AA 154 14.18 36.89 -16.92
CA LEU AA 154 14.51 37.83 -17.99
C LEU AA 154 13.72 39.12 -17.84
N LEU AA 155 12.40 39.01 -17.73
CA LEU AA 155 11.57 40.20 -17.61
C LEU AA 155 11.89 41.04 -16.37
N ARG AA 156 12.36 40.40 -15.31
CA ARG AA 156 12.67 41.14 -14.09
C ARG AA 156 13.97 41.93 -14.26
N LYS AA 157 14.69 41.66 -15.34
CA LYS AA 157 15.93 42.37 -15.63
C LYS AA 157 15.58 43.72 -16.30
N VAL AA 158 14.33 43.86 -16.69
CA VAL AA 158 13.84 45.08 -17.33
N VAL AA 159 12.26 45.20 -15.50
CA VAL AA 159 11.49 45.84 -14.44
C VAL AA 159 11.71 45.06 -13.17
N ASP AA 160 12.77 45.40 -12.45
CA ASP AA 160 13.10 44.71 -11.21
C ASP AA 160 12.09 45.11 -10.13
N ARG AA 161 11.86 46.40 -9.98
CA ARG AA 161 10.89 46.88 -8.99
C ARG AA 161 9.87 47.79 -9.64
N GLU AA 162 8.97 48.35 -8.83
CA GLU AA 162 7.90 49.22 -9.32
C GLU AA 162 8.40 50.44 -10.09
CA SER AA 163 9.90 52.37 -10.08
C SER AA 163 10.45 52.21 -11.51
N ASP AA 164 10.53 50.98 -12.00
CA ASP AA 164 11.04 50.76 -13.36
C ASP AA 164 9.92 50.78 -14.40
N ILE AA 165 8.68 50.73 -13.93
CA ILE AA 165 7.52 50.70 -14.84
C ILE AA 165 7.47 51.89 -15.79
N PRO AA 166 7.37 53.11 -15.24
CA PRO AA 166 7.30 54.31 -16.09
C PRO AA 166 8.49 54.44 -17.03
N LYS AA 167 9.63 53.94 -16.58
CA LYS AA 167 10.86 53.98 -17.37
C LYS AA 167 10.87 52.97 -18.49
N THR AA 168 9.85 52.13 -18.59
CA THR AA 168 9.83 51.12 -19.63
C THR AA 168 8.87 51.37 -20.78
N THR AA 169 9.41 51.39 -21.98
CA THR AA 169 8.61 51.64 -23.18
C THR AA 169 8.03 50.36 -23.75
N VAL AA 170 6.99 50.52 -24.57
CA VAL AA 170 6.30 49.40 -25.20
C VAL AA 170 7.24 48.56 -26.07
N GLN AA 171 8.20 49.22 -26.72
CA GLN AA 171 9.15 48.53 -27.57
C GLN AA 171 10.05 47.69 -26.70
N VAL AA 172 10.62 48.32 -25.66
CA VAL AA 172 11.50 47.61 -24.75
C VAL AA 172 10.78 46.39 -24.19
N ALA AA 173 9.57 46.62 -23.69
CA ALA AA 173 8.75 45.57 -23.11
C ALA AA 173 8.41 44.47 -24.10
N GLU AA 174 7.75 44.80 -25.21
CA GLU AA 174 7.39 43.79 -26.18
C GLU AA 174 8.58 43.00 -26.66
N GLU AA 175 9.76 43.62 -26.60
CA GLU AA 175 10.98 42.95 -27.03
C GLU AA 175 11.30 41.86 -26.03
N ALA AA 176 11.31 42.24 -24.75
CA ALA AA 176 11.58 41.30 -23.66
C ALA AA 176 10.60 40.15 -23.76
N ILE AA 177 9.34 40.45 -24.00
CA ILE AA 177 8.35 39.39 -24.12
C ILE AA 177 8.72 38.48 -25.26
N VAL AA 178 8.89 39.04 -26.45
CA VAL AA 178 9.23 38.22 -27.60
C VAL AA 178 10.53 37.43 -27.44
N ASN AA 179 11.47 37.97 -26.69
CA ASN AA 179 12.71 37.21 -26.51
C ASN AA 179 12.40 36.01 -25.63
N ALA AA 180 11.71 36.28 -24.52
CA ALA AA 180 11.31 35.25 -23.57
C ALA AA 180 10.61 34.10 -24.29
N MET AA 181 9.65 34.43 -25.14
CA MET AA 181 8.94 33.39 -25.87
C MET AA 181 9.91 32.49 -26.64
N ARG AA 182 10.99 33.08 -27.14
CA ARG AA 182 11.98 32.30 -27.87
C ARG AA 182 12.73 31.37 -26.94
N VAL AA 183 13.16 31.91 -25.79
CA VAL AA 183 13.88 31.13 -24.80
C VAL AA 183 13.02 29.92 -24.41
N LEU AA 184 11.76 30.16 -24.09
CA LEU AA 184 10.85 29.09 -23.72
N TYR AA 185 10.81 28.48 -26.08
CA TYR AA 185 10.75 27.53 -27.18
C TYR AA 185 12.00 26.65 -27.18
N TYR AA 186 13.12 27.22 -26.74
CA TYR AA 186 14.39 26.50 -26.69
C TYR AA 186 14.40 25.40 -25.63
N ARG AA 187 13.93 25.73 -24.43
CA ARG AA 187 13.96 24.78 -23.32
C ARG AA 187 12.67 24.09 -22.87
N ASP AA 188 11.50 24.65 -23.19
CA ASP AA 188 10.24 24.02 -22.79
C ASP AA 188 9.83 23.01 -23.86
N ALA AA 189 9.77 21.74 -23.48
C ALA AA 189 7.93 20.62 -24.73
N ARG AA 190 7.14 21.44 -24.06
CA ARG AA 190 5.71 21.46 -24.33
C ARG AA 190 5.31 22.81 -24.91
N SER AA 191 6.22 23.43 -25.66
CA SER AA 191 5.95 24.73 -26.26
C SER AA 191 5.89 24.68 -27.78
N SER AA 192 5.32 25.75 -28.33
CA SER AA 192 5.16 25.90 -29.77
C SER AA 192 5.87 27.17 -30.24
N ARG AA 193 6.24 27.17 -31.52
CA ARG AA 193 6.92 28.30 -32.11
C ARG AA 193 5.92 29.43 -32.36
N ASN AA 194 4.68 29.05 -32.65
CA ASN AA 194 3.62 30.00 -32.91
C ASN AA 194 2.91 30.43 -31.65
N PHE AA 195 2.73 31.74 -31.50
CA PHE AA 195 2.09 32.28 -30.33
C PHE AA 195 1.30 33.55 -30.61
N SER AA 196 0.60 34.02 -29.58
CA SER AA 196 -0.18 35.24 -29.70
C SER AA 196 0.33 36.21 -28.65
N LEU AA 197 0.25 37.50 -28.96
CA LEU AA 197 0.69 38.51 -28.03
C LEU AA 197 -0.32 39.63 -28.03
N ALA AA 198 -0.57 40.19 -26.85
CA ALA AA 198 -1.53 41.27 -26.71
C ALA AA 198 -0.98 42.40 -25.86
N ILE AA 199 -1.29 43.62 -26.28
CA ILE AA 199 -0.85 44.80 -25.56
C ILE AA 199 -2.11 45.58 -25.24
N ILE AA 200 -2.21 46.07 -24.02
CA ILE AA 200 -3.35 46.86 -23.62
C ILE AA 200 -2.76 48.15 -23.13
N ASP AA 201 -2.80 49.15 -24.02
CA ASP AA 201 -2.24 50.47 -23.74
C ASP AA 201 -3.31 51.49 -23.40
N LYS AA 202 -3.08 52.24 -22.33
CA LYS AA 202 -4.05 53.23 -21.88
C LYS AA 202 -4.31 54.35 -22.88
N ASN AA 203 -3.75 54.21 -24.08
CA ASN AA 203 -3.95 55.22 -25.12
C ASN AA 203 -4.34 54.54 -26.43
N THR AA 204 -3.47 53.65 -26.91
CA THR AA 204 -3.71 52.92 -28.16
C THR AA 204 -4.81 51.86 -28.00
N GLY AA 205 -5.20 51.59 -26.76
CA GLY AA 205 -6.24 50.61 -26.48
C GLY AA 205 -5.70 49.19 -26.44
N LEU AA 206 -6.47 48.26 -26.99
CA LEU AA 206 -6.10 46.85 -27.03
C LEU AA 206 -5.59 46.46 -28.40
N THR AA 207 -4.35 45.98 -28.46
CA THR AA 207 -3.77 45.52 -29.72
C THR AA 207 -3.58 44.03 -29.53
N PHE AA 208 -4.24 43.23 -30.36
CA PHE AA 208 -4.13 41.78 -30.24
C PHE AA 208 -3.46 41.21 -31.48
N LYS AA 209 -2.23 40.75 -31.31
CA LYS AA 209 -1.47 40.17 -32.41
C LYS AA 209 -1.58 38.65 -32.50
N LYS AA 210 -1.87 38.14 -33.69
CA LYS AA 210 -2.00 36.72 -33.88
C LYS AA 210 -0.97 36.14 -34.85
N ASN AA 211 -0.71 34.85 -34.69
CA ASN AA 211 0.22 34.11 -35.54
C ASN AA 211 1.69 34.49 -35.49
N LEU AA 212 2.12 35.16 -34.43
CA LEU AA 212 3.52 35.50 -34.33
C LEU AA 212 4.33 34.20 -34.36
N GLN AA 213 5.64 34.34 -34.56
CA GLN AA 213 6.52 33.17 -34.62
C GLN AA 213 7.87 33.50 -34.05
N VAL AA 214 8.51 32.50 -33.44
CA VAL AA 214 9.82 32.73 -32.89
C VAL AA 214 10.75 32.79 -34.08
N GLU AA 215 11.57 33.84 -34.12
CA GLU AA 215 12.51 34.06 -35.21
C GLU AA 215 13.89 34.30 -34.60
N ASN AA 216 14.88 34.48 -35.46
CA ASN AA 216 16.25 34.76 -35.04
C ASN AA 216 16.76 33.77 -34.00
N MET AA 217 16.78 32.48 -34.36
CA MET AA 217 17.25 31.46 -33.45
C MET AA 217 18.66 31.03 -33.79
N LYS AA 218 19.48 30.82 -32.76
CA LYS AA 218 20.84 30.36 -32.94
C LYS AA 218 20.86 28.84 -32.81
N TRP AA 219 21.12 28.15 -33.92
CA TRP AA 219 21.19 26.71 -33.92
C TRP AA 219 22.51 26.25 -34.52
N ASP AA 220 23.09 27.10 -35.35
CA ASP AA 220 24.35 26.83 -36.04
C ASP AA 220 25.47 26.14 -35.25
N PHE AA 221 25.78 26.65 -34.06
CA PHE AA 221 26.82 26.07 -33.22
C PHE AA 221 26.68 24.56 -32.99
N ALA AA 222 25.48 24.03 -33.23
CA ALA AA 222 25.20 22.61 -33.05
C ALA AA 222 26.09 21.73 -33.92
N LYS AA 223 26.45 22.22 -35.09
CA LYS AA 223 27.30 21.45 -36.02
C LYS AA 223 28.67 21.12 -35.43
N ASP AA 224 29.15 22.00 -34.55
CA ASP AA 224 30.46 21.85 -33.92
C ASP AA 224 30.45 20.86 -32.76
N ILE AA 225 29.27 20.37 -32.39
CA ILE AA 225 29.16 19.45 -31.27
C ILE AA 225 28.88 18.03 -31.68
N LYS AA 226 29.87 17.16 -31.48
CA LYS AA 226 29.71 15.75 -31.80
C LYS AA 226 30.06 14.93 -30.58
N GLY AA 227 29.51 13.72 -30.50
CA GLY AA 227 29.77 12.84 -29.38
C GLY AA 227 29.21 13.41 -28.08
N TYR AA 228 29.56 12.76 -26.97
CA TYR AA 228 29.12 13.20 -25.65
C TYR AA 228 30.28 13.19 -24.66
N GLY AA 229 31.50 13.37 -25.18
CA GLY AA 229 32.66 13.38 -24.32
C GLY AA 229 34.00 13.20 -25.01
N THR AA 230 34.33 11.97 -25.39
C THR AA 230 35.54 11.49 -27.56
N GLN AA 231 34.35 11.39 -28.12
CA GLN AA 231 34.24 11.22 -29.56
C GLN AA 231 34.69 12.50 -30.25
N LYS AA 232 35.48 12.37 -31.32
CA LYS AA 232 36.00 13.52 -32.04
C LYS AA 232 35.38 13.79 -33.42
N ILE AA 233 34.77 12.77 -34.01
CA ILE AA 233 34.18 12.91 -35.34
C ILE AA 233 32.64 12.97 -35.36
N THR BA 1 -8.88 0.56 -31.55
CA THR BA 1 -9.80 1.38 -32.39
C THR BA 1 -9.07 2.47 -33.17
N SER BA 2 -9.42 2.60 -34.45
CA SER BA 2 -8.85 3.62 -35.34
C SER BA 2 -10.00 4.28 -36.09
N ILE BA 3 -10.17 5.58 -35.87
CA ILE BA 3 -11.26 6.32 -36.50
C ILE BA 3 -10.81 7.69 -37.02
N MET BA 4 -11.51 8.19 -38.03
CA MET BA 4 -11.20 9.49 -38.60
C MET BA 4 -12.34 10.09 -39.40
N ALA BA 5 -12.36 11.42 -39.47
CA ALA BA 5 -13.37 12.16 -40.20
C ALA BA 5 -12.63 13.23 -41.01
N VAL BA 6 -12.89 13.26 -42.32
CA VAL BA 6 -12.23 14.22 -43.21
C VAL BA 6 -13.23 15.05 -44.04
N THR BA 7 -13.10 16.37 -43.97
CA THR BA 7 -13.98 17.26 -44.71
C THR BA 7 -13.38 17.48 -46.10
N PHE BA 8 -14.21 17.42 -47.12
CA PHE BA 8 -13.71 17.66 -48.47
C PHE BA 8 -14.65 18.58 -49.24
N LYS BA 9 -14.33 18.83 -50.50
CA LYS BA 9 -15.12 19.69 -51.35
C LYS BA 9 -16.65 19.51 -51.27
N ASP BA 10 -17.13 18.27 -51.40
CA ASP BA 10 -18.57 18.01 -51.39
C ASP BA 10 -19.25 17.67 -50.06
N GLY BA 11 -18.48 17.68 -48.96
CA GLY BA 11 -19.06 17.37 -47.68
C GLY BA 11 -18.08 16.87 -46.62
N VAL BA 12 -18.23 15.59 -46.24
CA VAL BA 12 -17.37 14.99 -45.24
C VAL BA 12 -17.51 13.47 -45.19
N ILE BA 13 -16.43 12.80 -44.79
CA ILE BA 13 -16.48 11.34 -44.69
C ILE BA 13 -15.96 10.85 -43.34
N LEU BA 14 -16.60 9.82 -42.82
CA LEU BA 14 -16.22 9.23 -41.55
C LEU BA 14 -15.81 7.80 -41.82
N GLY BA 15 -14.68 7.40 -41.23
CA GLY BA 15 -14.19 6.05 -41.41
C GLY BA 15 -13.78 5.47 -40.08
N ALA BA 16 -13.79 4.15 -39.98
CA ALA BA 16 -13.43 3.47 -38.74
C ALA BA 16 -13.10 2.02 -39.04
N ASP BA 17 -12.46 1.34 -38.09
CA ASP BA 17 -12.17 -0.09 -38.29
C ASP BA 17 -13.39 -0.78 -37.70
N SER BA 18 -13.34 -2.08 -37.50
CA SER BA 18 -14.52 -2.75 -36.96
C SER BA 18 -14.20 -3.70 -35.82
N ARG BA 19 -13.08 -3.45 -35.15
CA ARG BA 19 -12.65 -4.30 -34.06
C ARG BA 19 -12.88 -3.75 -32.66
N THR BA 20 -13.49 -4.57 -31.80
CA THR BA 20 -13.70 -4.22 -30.39
C THR BA 20 -13.08 -5.38 -29.64
N THR BA 21 -12.20 -5.07 -28.70
CA THR BA 21 -11.51 -6.09 -27.94
C THR BA 21 -11.64 -5.96 -26.46
N THR BA 22 -11.49 -7.08 -25.78
CA THR BA 22 -11.51 -7.14 -24.32
C THR BA 22 -10.23 -7.93 -24.10
N GLY BA 23 -9.12 -7.22 -23.92
CA GLY BA 23 -7.86 -7.89 -23.73
C GLY BA 23 -7.29 -8.11 -25.11
N ALA BA 24 -6.74 -9.29 -25.36
CA ALA BA 24 -6.18 -9.59 -26.66
C ALA BA 24 -7.24 -10.31 -27.47
N TYR BA 25 -8.38 -10.59 -26.83
CA TYR BA 25 -9.48 -11.27 -27.51
C TYR BA 25 -10.34 -10.27 -28.26
N ILE BA 26 -10.67 -10.61 -29.51
CA ILE BA 26 -11.50 -9.74 -30.33
C ILE BA 26 -12.96 -10.17 -30.16
N ALA BA 27 -13.66 -9.48 -29.25
CA ALA BA 27 -15.06 -9.77 -28.94
C ALA BA 27 -15.97 -9.60 -30.14
N ASN BA 28 -15.66 -8.62 -30.99
CA ASN BA 28 -16.46 -8.39 -32.18
C ASN BA 28 -15.53 -7.91 -33.28
N ARG BA 29 -15.61 -8.54 -34.45
CA ARG BA 29 -14.74 -8.16 -35.55
C ARG BA 29 -15.48 -7.40 -36.64
N VAL BA 30 -16.80 -7.29 -36.49
CA VAL BA 30 -17.60 -6.60 -37.48
C VAL BA 30 -18.37 -5.45 -36.85
N THR BA 31 -17.75 -4.81 -35.87
CA THR BA 31 -18.35 -3.69 -35.15
C THR BA 31 -18.64 -2.48 -36.04
N ASP BA 32 -19.69 -1.72 -35.72
CA ASP BA 32 -20.00 -0.50 -36.47
C ASP BA 32 -19.79 0.72 -35.55
N LYS BA 33 -18.62 1.33 -35.66
CA LYS BA 33 -18.26 2.47 -34.83
C LYS BA 33 -18.78 3.80 -35.35
N LEU BA 34 -19.39 3.75 -36.53
CA LEU BA 34 -19.94 4.94 -37.18
C LEU BA 34 -21.41 5.06 -36.77
N THR BA 35 -21.67 5.92 -35.77
CA THR BA 35 -23.01 6.11 -35.24
C THR BA 35 -23.73 7.37 -35.70
N ARG BA 36 -25.02 7.21 -35.97
CA ARG BA 36 -25.87 8.30 -36.45
C ARG BA 36 -26.58 9.00 -35.29
N VAL BA 37 -26.36 10.29 -35.13
CA VAL BA 37 -27.04 11.03 -34.08
C VAL BA 37 -28.17 11.81 -34.74
N HIS BA 38 -28.02 12.08 -36.04
CA HIS BA 38 -29.04 12.78 -36.80
C HIS BA 38 -28.87 12.46 -38.28
N ASP BA 39 -29.90 12.75 -39.06
CA ASP BA 39 -29.89 12.49 -40.49
C ASP BA 39 -28.55 12.77 -41.13
N LYS BA 40 -28.04 13.97 -40.94
CA LYS BA 40 -26.75 14.27 -41.53
C LYS BA 40 -25.68 14.68 -40.53
N ILE BA 41 -25.73 14.07 -39.35
CA ILE BA 41 -24.76 14.30 -38.31
C ILE BA 41 -24.43 12.95 -37.72
N TRP BA 42 -23.20 12.50 -37.94
CA TRP BA 42 -22.76 11.22 -37.43
C TRP BA 42 -21.55 11.42 -36.54
N CYS BA 43 -21.12 10.33 -35.89
CA CYS BA 43 -19.95 10.41 -35.02
C CYS BA 43 -19.14 9.14 -35.08
N CYS BA 44 -17.90 9.25 -34.63
CA CYS BA 44 -16.98 8.12 -34.56
C CYS BA 44 -16.75 7.91 -33.08
N ARG BA 45 -16.91 6.67 -32.62
CA ARG BA 45 -16.74 6.38 -31.21
C ARG BA 45 -15.43 5.65 -30.92
N SER BA 46 -14.75 6.07 -29.85
CA SER BA 46 -13.49 5.45 -29.40
C SER BA 46 -13.49 5.47 -27.87
N GLY BA 47 -12.89 4.46 -27.26
CA GLY BA 47 -12.85 4.40 -25.81
C GLY BA 47 -13.82 3.37 -25.29
N SER BA 48 -14.43 3.61 -24.13
CA SER BA 48 -15.39 2.68 -23.57
C SER BA 48 -16.60 2.50 -24.48
N ALA BA 49 -16.85 1.28 -24.93
CA ALA BA 49 -18.01 1.06 -25.79
C ALA BA 49 -19.28 1.39 -25.01
N ALA BA 50 -19.33 0.96 -23.77
CA ALA BA 50 -20.50 1.22 -22.95
C ALA BA 50 -20.72 2.72 -22.84
CA ASP BA 51 -19.75 4.90 -22.40
C ASP BA 51 -20.12 5.62 -23.68
N THR BA 52 -19.44 5.32 -24.78
CA THR BA 52 -19.76 6.00 -26.02
C THR BA 52 -21.17 5.68 -26.52
N GLN BA 53 -21.61 4.43 -26.38
CA GLN BA 53 -22.95 4.06 -26.81
C GLN BA 53 -23.97 4.83 -26.01
N ALA BA 54 -23.79 4.87 -24.70
CA ALA BA 54 -24.70 5.59 -23.84
C ALA BA 54 -24.68 7.08 -24.19
N ILE BA 55 -23.49 7.63 -24.39
CA ILE BA 55 -23.41 9.06 -24.72
C ILE BA 55 -24.15 9.33 -26.02
N ALA BA 56 -23.82 8.55 -27.06
CA ALA BA 56 -24.46 8.73 -28.36
C ALA BA 56 -25.97 8.67 -28.20
N ASP BA 57 -26.47 7.60 -27.58
CA ASP BA 57 -27.90 7.43 -27.36
C ASP BA 57 -28.55 8.67 -26.77
N ILE BA 58 -27.91 9.27 -25.78
CA ILE BA 58 -28.46 10.46 -25.16
C ILE BA 58 -28.44 11.65 -26.11
N VAL BA 59 -27.37 11.80 -26.87
CA VAL BA 59 -27.26 12.90 -27.81
C VAL BA 59 -28.35 12.75 -28.86
N GLN BA 60 -28.46 11.56 -29.45
CA GLN BA 60 -29.49 11.31 -30.45
C GLN BA 60 -30.84 11.73 -29.90
N TYR BA 61 -31.05 11.45 -28.62
CA TYR BA 61 -32.29 11.81 -27.95
C TYR BA 61 -32.44 13.33 -27.99
N HIS BA 62 -31.41 14.04 -27.55
CA HIS BA 62 -31.45 15.50 -27.53
C HIS BA 62 -31.67 16.15 -28.87
N LEU BA 63 -31.01 15.66 -29.90
CA LEU BA 63 -31.18 16.24 -31.22
C LEU BA 63 -32.55 15.93 -31.78
N GLU BA 64 -33.11 14.76 -31.44
CA GLU BA 64 -34.44 14.41 -31.92
C GLU BA 64 -35.49 15.35 -31.31
CA LEU BA 65 -36.26 16.59 -29.38
C LEU BA 65 -36.01 18.00 -29.85
N TYR BA 66 -34.75 18.33 -30.11
CA TYR BA 66 -34.36 19.66 -30.59
C TYR BA 66 -35.06 19.89 -31.92
N THR BA 67 -35.01 18.89 -32.79
CA THR BA 67 -35.63 18.97 -34.10
C THR BA 67 -37.14 19.19 -33.97
N SER BA 68 -37.79 18.44 -33.09
CA SER BA 68 -39.22 18.57 -32.86
C SER BA 68 -39.58 20.03 -32.59
N GLN BA 69 -38.70 20.71 -31.86
CA GLN BA 69 -38.97 22.09 -31.50
C GLN BA 69 -38.33 23.19 -32.33
N TYR BA 70 -37.11 22.98 -32.80
CA TYR BA 70 -36.44 24.03 -33.52
C TYR BA 70 -35.89 23.67 -34.89
N GLY BA 71 -36.40 22.60 -35.49
CA GLY BA 71 -35.92 22.19 -36.80
C GLY BA 71 -34.55 21.54 -36.75
N THR BA 72 -33.94 21.32 -37.91
CA THR BA 72 -32.63 20.67 -37.97
C THR BA 72 -31.54 21.46 -37.26
N PRO BA 73 -30.76 20.78 -36.40
CA PRO BA 73 -29.66 21.37 -35.63
C PRO BA 73 -28.37 21.43 -36.44
N SER BA 74 -27.52 22.41 -36.11
CA SER BA 74 -26.25 22.58 -36.78
C SER BA 74 -25.31 21.48 -36.31
N THR BA 75 -24.24 21.25 -37.06
CA THR BA 75 -23.27 20.23 -36.65
C THR BA 75 -22.57 20.77 -35.43
N GLU BA 76 -22.47 22.09 -35.34
CA GLU BA 76 -21.83 22.70 -34.20
C GLU BA 76 -22.61 22.39 -32.94
N THR BA 77 -23.94 22.40 -33.05
CA THR BA 77 -24.81 22.12 -31.91
C THR BA 77 -24.67 20.68 -31.43
N ALA BA 78 -24.62 19.74 -32.38
CA ALA BA 78 -24.47 18.34 -32.03
C ALA BA 78 -23.17 18.20 -31.21
N ALA BA 79 -22.11 18.86 -31.68
CA ALA BA 79 -20.83 18.80 -31.00
C ALA BA 79 -20.96 19.36 -29.59
N SER BA 80 -21.74 20.43 -29.45
CA SER BA 80 -21.92 21.03 -28.14
C SER BA 80 -22.61 20.09 -27.16
N VAL BA 81 -23.50 19.24 -27.65
CA VAL BA 81 -24.18 18.32 -26.76
C VAL BA 81 -23.22 17.23 -26.29
N PHE BA 82 -22.46 16.65 -27.21
CA PHE BA 82 -21.47 15.63 -26.86
C PHE BA 82 -20.53 16.21 -25.83
N LYS BA 83 -20.04 17.40 -26.14
CA LYS BA 83 -19.12 18.13 -25.28
C LYS BA 83 -19.69 18.34 -23.89
N GLU BA 84 -20.94 18.77 -23.84
CA GLU BA 84 -21.58 19.03 -22.58
C GLU BA 84 -21.62 17.77 -21.70
CA LEU BA 85 -21.91 15.37 -21.59
C LEU BA 85 -20.52 14.93 -21.17
N CYS BA 86 -19.58 14.93 -22.11
CA CYS BA 86 -18.22 14.51 -21.83
C CYS BA 86 -17.51 15.39 -20.82
N TYR BA 87 -17.69 16.69 -20.93
CA TYR BA 87 -17.04 17.60 -19.99
C TYR BA 87 -17.61 17.45 -18.58
N GLU BA 88 -18.92 17.60 -18.49
CA GLU BA 88 -19.64 17.52 -17.23
C GLU BA 88 -19.49 16.20 -16.49
N ASN BA 89 -19.22 15.12 -17.19
CA ASN BA 89 -19.07 13.79 -16.58
C ASN BA 89 -17.70 13.19 -16.86
N LYS BA 90 -16.70 14.06 -17.01
CA LYS BA 90 -15.33 13.66 -17.30
C LYS BA 90 -14.76 12.63 -16.34
N ASP BA 91 -15.11 12.72 -15.06
CA ASP BA 91 -14.61 11.79 -14.06
C ASP BA 91 -15.09 10.35 -14.23
N ASN BA 92 -16.23 10.17 -14.89
CA ASN BA 92 -16.77 8.83 -15.07
C ASN BA 92 -16.89 8.39 -16.49
N LEU BA 93 -16.23 9.08 -17.40
CA LEU BA 93 -16.30 8.68 -18.79
C LEU BA 93 -14.95 8.42 -19.41
N THR BA 94 -14.95 7.53 -20.39
CA THR BA 94 -13.73 7.24 -21.13
C THR BA 94 -14.20 7.13 -22.57
N ALA BA 95 -14.44 8.30 -23.15
C ALA BA 95 -14.18 9.48 -25.30
N GLY BA 96 -13.78 9.11 -26.52
CA GLY BA 96 -13.13 10.02 -27.43
C GLY BA 96 -14.06 10.02 -28.63
N ILE BA 97 -14.75 11.12 -28.86
CA ILE BA 97 -15.70 11.18 -29.97
C ILE BA 97 -15.34 12.17 -31.07
N ILE BA 98 -15.52 11.75 -32.31
CA ILE BA 98 -15.29 12.64 -33.46
C ILE BA 98 -16.68 12.87 -34.05
N VAL BA 99 -17.10 14.12 -34.13
CA VAL BA 99 -18.41 14.47 -34.67
C VAL BA 99 -18.28 15.08 -36.05
N ALA BA 100 -19.01 14.53 -37.02
CA ALA BA 100 -18.96 15.02 -38.39
C ALA BA 100 -20.38 15.18 -38.95
N GLY BA 101 -20.66 16.35 -39.51
CA GLY BA 101 -21.97 16.57 -40.08
C GLY BA 101 -21.92 17.34 -41.39
N TYR BA 102 -23.00 17.24 -42.16
CA TYR BA 102 -23.09 17.96 -43.42
C TYR BA 102 -24.22 18.99 -43.42
N ASP BA 103 -23.81 20.23 -43.53
CA ASP BA 103 -24.71 21.38 -43.55
C ASP BA 103 -24.78 21.79 -45.02
N ASP BA 104 -25.80 22.54 -45.39
CA ASP BA 104 -25.91 22.98 -46.78
N LYS BA 105 -25.14 25.07 -45.86
CA LYS BA 105 -24.48 26.36 -45.80
C LYS BA 105 -22.98 26.19 -45.48
N ASN BA 106 -22.69 25.37 -44.47
CA ASN BA 106 -21.32 25.12 -44.03
C ASN BA 106 -20.66 23.93 -44.71
N LYS BA 107 -21.43 23.21 -45.53
CA LYS BA 107 -20.91 22.05 -46.23
C LYS BA 107 -20.48 21.00 -45.20
N GLY BA 108 -19.20 20.64 -45.17
CA GLY BA 108 -18.75 19.64 -44.21
C GLY BA 108 -18.05 20.22 -42.99
N GLU BA 109 -18.31 19.65 -41.81
CA GLU BA 109 -17.67 20.11 -40.59
C GLU BA 109 -17.26 18.95 -39.69
N VAL BA 110 -16.11 19.09 -39.05
CA VAL BA 110 -15.59 18.07 -38.15
C VAL BA 110 -15.16 18.65 -36.79
N TYR BA 111 -15.68 18.07 -35.72
CA TYR BA 111 -15.35 18.48 -34.36
C TYR BA 111 -14.83 17.25 -33.63
N THR BA 112 -13.79 17.44 -32.84
CA THR BA 112 -13.23 16.33 -32.08
C THR BA 112 -13.31 16.66 -30.59
N ILE BA 113 -13.83 15.71 -29.83
CA ILE BA 113 -13.96 15.85 -28.38
C ILE BA 113 -13.11 14.77 -27.72
N PRO BA 114 -11.89 15.13 -27.31
CA PRO BA 114 -10.98 14.18 -26.67
C PRO BA 114 -11.37 13.92 -25.22
N LEU BA 115 -10.55 13.17 -24.50
CA LEU BA 115 -10.84 12.83 -23.13
C LEU BA 115 -11.28 13.96 -22.22
N GLY BA 116 -10.50 15.02 -22.12
CA GLY BA 116 -10.93 16.09 -21.24
C GLY BA 116 -12.39 16.56 -21.35
N GLY BA 117 -12.88 16.67 -22.58
CA GLY BA 117 -14.23 17.15 -22.78
C GLY BA 117 -14.13 18.50 -23.47
N SER BA 118 -12.94 18.81 -23.96
CA SER BA 118 -12.71 20.06 -24.68
C SER BA 118 -13.19 19.81 -26.10
N VAL BA 119 -13.43 20.86 -26.88
CA VAL BA 119 -13.89 20.67 -28.25
C VAL BA 119 -12.95 21.33 -29.24
N HIS BA 120 -12.73 20.67 -30.36
CA HIS BA 120 -11.82 21.19 -31.38
C HIS BA 120 -12.40 21.02 -32.77
N LYS BA 121 -12.55 22.13 -33.51
CA LYS BA 121 -13.07 22.07 -34.87
C LYS BA 121 -11.87 21.95 -35.81
N LEU BA 122 -11.87 20.96 -36.69
CA LEU BA 122 -10.73 20.78 -37.59
C LEU BA 122 -11.09 20.38 -39.01
N PRO BA 123 -10.14 20.52 -39.95
CA PRO BA 123 -10.34 20.18 -41.35
C PRO BA 123 -10.61 18.68 -41.41
N TYR BA 124 -9.95 17.95 -40.51
CA TYR BA 124 -10.09 16.51 -40.38
C TYR BA 124 -9.56 16.17 -38.99
N ALA BA 125 -9.93 15.00 -38.49
CA ALA BA 125 -9.48 14.58 -37.18
C ALA BA 125 -9.31 13.09 -37.16
N ILE BA 126 -8.31 12.63 -36.42
CA ILE BA 126 -8.08 11.20 -36.29
C ILE BA 126 -8.04 10.87 -34.81
N ALA BA 127 -8.47 9.67 -34.46
CA ALA BA 127 -8.49 9.27 -33.05
C ALA BA 127 -8.53 7.76 -32.89
N GLY BA 128 -8.24 7.31 -31.67
CA GLY BA 128 -8.22 5.89 -31.38
C GLY BA 128 -6.78 5.47 -31.21
N SER BA 129 -6.55 4.33 -30.56
CA SER BA 129 -5.19 3.88 -30.36
C SER BA 129 -4.37 3.89 -31.64
N GLY BA 130 -4.97 3.43 -32.73
CA GLY BA 130 -4.26 3.38 -34.00
C GLY BA 130 -3.87 4.73 -34.57
N SER BA 131 -4.62 5.76 -34.24
CA SER BA 131 -4.34 7.10 -34.74
C SER BA 131 -2.89 7.57 -34.53
N THR BA 132 -2.27 7.15 -33.43
CA THR BA 132 -0.91 7.59 -33.15
C THR BA 132 0.04 7.29 -34.30
N PHE BA 133 -0.10 6.11 -34.88
CA PHE BA 133 0.75 5.66 -35.96
C PHE BA 133 0.60 6.35 -37.30
N ILE BA 134 -0.50 7.08 -37.49
CA ILE BA 134 -0.71 7.76 -38.75
C ILE BA 134 -0.70 9.29 -38.66
N TYR BA 135 -0.20 9.83 -37.56
CA TYR BA 135 -0.13 11.28 -37.42
C TYR BA 135 0.77 11.85 -38.51
N GLY BA 136 1.93 11.22 -38.68
CA GLY BA 136 2.87 11.68 -39.69
C GLY BA 136 2.24 11.59 -41.06
N TYR BA 137 1.82 10.39 -41.44
CA TYR BA 137 1.21 10.17 -42.74
C TYR BA 137 0.09 11.16 -43.05
N CYS BA 138 -0.94 11.18 -42.22
CA CYS BA 138 -2.08 12.07 -42.41
C CYS BA 138 -1.69 13.53 -42.54
N ASP BA 139 -0.76 13.96 -41.71
CA ASP BA 139 -0.33 15.35 -41.77
C ASP BA 139 0.26 15.65 -43.15
N LYS BA 140 1.04 14.70 -43.66
CA LYS BA 140 1.71 14.84 -44.94
C LYS BA 140 0.81 14.65 -46.15
N ASN BA 141 -0.21 13.82 -46.05
CA ASN BA 141 -1.09 13.57 -47.20
C ASN BA 141 -2.43 14.30 -47.25
N PHE BA 142 -2.78 15.05 -46.21
CA PHE BA 142 -4.06 15.72 -46.25
C PHE BA 142 -4.01 17.07 -46.94
N ARG BA 143 -4.98 17.28 -47.83
CA ARG BA 143 -5.13 18.52 -48.59
C ARG BA 143 -6.59 18.90 -48.47
N GLU BA 144 -6.85 20.20 -48.38
CA GLU BA 144 -8.23 20.66 -48.28
C GLU BA 144 -8.94 20.59 -49.64
N ASN BA 145 -10.25 20.47 -49.60
CA ASN BA 145 -11.05 20.41 -50.82
C ASN BA 145 -10.79 19.26 -51.76
N MET BA 146 -10.36 18.13 -51.21
CA MET BA 146 -10.11 16.95 -52.03
C MET BA 146 -11.46 16.48 -52.59
N SER BA 147 -11.41 15.58 -53.57
CA SER BA 147 -12.63 15.06 -54.19
C SER BA 147 -13.10 13.85 -53.40
N LYS BA 148 -14.35 13.47 -53.56
CA LYS BA 148 -14.86 12.32 -52.85
C LYS BA 148 -13.95 11.11 -53.06
N GLU BA 149 -13.61 10.80 -54.30
CA GLU BA 149 -12.75 9.65 -54.57
C GLU BA 149 -11.38 9.78 -53.90
N GLU BA 150 -10.83 11.00 -53.90
CA GLU BA 150 -9.53 11.24 -53.29
C GLU BA 150 -9.61 11.00 -51.80
N THR BA 151 -10.62 11.61 -51.17
CA THR BA 151 -10.85 11.50 -49.73
C THR BA 151 -11.06 10.06 -49.30
N VAL BA 152 -11.88 9.31 -50.03
CA VAL BA 152 -12.12 7.92 -49.68
C VAL BA 152 -10.79 7.18 -49.68
N ASP BA 153 -9.87 7.63 -50.54
CA ASP BA 153 -8.54 7.01 -50.65
C ASP BA 153 -7.67 7.39 -49.47
N PHE BA 154 -7.66 8.68 -49.14
CA PHE BA 154 -6.91 9.19 -48.02
C PHE BA 154 -7.30 8.38 -46.79
N ILE BA 155 -8.60 8.34 -46.49
CA ILE BA 155 -9.08 7.58 -45.34
C ILE BA 155 -8.71 6.13 -45.45
N LYS BA 156 -8.96 5.53 -46.60
CA LYS BA 156 -8.66 4.11 -46.79
C LYS BA 156 -7.20 3.76 -46.53
N HIS BA 157 -6.28 4.59 -47.03
CA HIS BA 157 -4.86 4.34 -46.82
C HIS BA 157 -4.46 4.56 -45.38
N SER BA 158 -4.86 5.69 -44.81
CA SER BA 158 -4.54 6.00 -43.43
C SER BA 158 -5.00 4.88 -42.50
N LEU BA 159 -6.27 4.52 -42.58
CA LEU BA 159 -6.76 3.49 -41.70
C LEU BA 159 -6.08 2.14 -41.93
N SER BA 160 -5.76 1.83 -43.16
CA SER BA 160 -5.10 0.55 -43.44
C SER BA 160 -3.78 0.49 -42.67
N GLN BA 161 -3.12 1.62 -42.54
CA GLN BA 161 -1.86 1.69 -41.82
C GLN BA 161 -2.13 1.56 -40.32
N ALA BA 162 -3.05 2.37 -39.82
CA ALA BA 162 -3.42 2.32 -38.41
C ALA BA 162 -3.73 0.87 -38.06
N ILE BA 163 -4.57 0.22 -38.86
CA ILE BA 163 -4.92 -1.17 -38.60
C ILE BA 163 -3.69 -2.07 -38.62
N LYS BA 164 -2.74 -1.70 -39.46
CA LYS BA 164 -1.51 -2.48 -39.63
N TRP BA 165 -0.48 -1.40 -37.76
CA TRP BA 165 0.37 -1.31 -36.59
C TRP BA 165 -0.30 -1.48 -35.25
N ASP BA 166 -1.55 -1.03 -35.13
CA ASP BA 166 -2.29 -1.15 -33.87
C ASP BA 166 -3.09 -2.45 -33.78
N GLY BA 167 -2.79 -3.24 -32.75
CA GLY BA 167 -3.46 -4.51 -32.57
C GLY BA 167 -4.88 -4.36 -32.06
N SER BA 168 -5.23 -3.17 -31.60
CA SER BA 168 -6.57 -2.92 -31.10
C SER BA 168 -7.51 -2.63 -32.27
N SER BA 169 -6.93 -2.42 -33.45
CA SER BA 169 -7.70 -2.13 -34.64
C SER BA 169 -7.64 -3.30 -35.62
N GLY BA 170 -8.63 -3.37 -36.49
CA GLY BA 170 -8.68 -4.43 -37.48
C GLY BA 170 -10.07 -4.63 -38.05
N GLY BA 171 -10.25 -5.76 -38.74
CA GLY BA 171 -11.52 -6.08 -39.35
C GLY BA 171 -11.68 -5.42 -40.71
N VAL BA 172 -12.81 -4.75 -40.92
CA VAL BA 172 -13.07 -4.07 -42.18
C VAL BA 172 -12.99 -2.57 -41.96
N ILE BA 173 -12.89 -1.80 -43.03
CA ILE BA 173 -12.86 -0.36 -42.90
C ILE BA 173 -14.21 0.16 -43.36
N ARG BA 174 -14.98 0.71 -42.42
CA ARG BA 174 -16.29 1.27 -42.76
C ARG BA 174 -16.15 2.78 -42.98
N MET BA 175 -17.01 3.31 -43.83
CA MET BA 175 -17.00 4.74 -44.11
C MET BA 175 -18.42 5.22 -44.27
N VAL BA 176 -18.61 6.51 -44.09
CA VAL BA 176 -19.91 7.11 -44.26
C VAL BA 176 -19.68 8.45 -44.95
N VAL BA 177 -20.31 8.60 -46.11
CA VAL BA 177 -20.17 9.82 -46.89
C VAL BA 177 -21.36 10.72 -46.62
N LEU BA 178 -21.06 11.96 -46.26
CA LEU BA 178 -22.10 12.93 -45.95
C LEU BA 178 -22.06 14.14 -46.89
N THR BA 179 -23.00 14.19 -47.82
CA THR BA 179 -23.08 15.29 -48.79
C THR BA 179 -24.53 15.68 -49.03
N ALA BA 180 -24.74 16.72 -49.82
CA ALA BA 180 -26.09 17.17 -50.13
C ALA BA 180 -26.84 16.01 -50.81
N ALA BA 181 -26.08 15.14 -51.47
CA ALA BA 181 -26.63 13.98 -52.15
C ALA BA 181 -27.33 13.01 -51.20
N GLY BA 182 -26.92 13.03 -49.94
CA GLY BA 182 -27.51 12.13 -48.98
C GLY BA 182 -26.44 11.37 -48.21
N VAL BA 183 -26.79 10.18 -47.72
CA VAL BA 183 -25.86 9.37 -46.94
C VAL BA 183 -25.45 8.09 -47.67
N GLU BA 184 -24.14 7.87 -47.77
CA GLU BA 184 -23.63 6.68 -48.43
C GLU BA 184 -22.72 5.86 -47.52
N ARG BA 185 -23.05 4.57 -47.42
CA ARG BA 185 -22.30 3.62 -46.60
C ARG BA 185 -21.26 2.91 -47.44
N LEU BA 186 -20.02 2.85 -46.95
CA LEU BA 186 -18.96 2.17 -47.68
C LEU BA 186 -18.29 1.15 -46.80
N ILE BA 187 -17.76 0.11 -47.42
CA ILE BA 187 -17.06 -0.93 -46.68
C ILE BA 187 -15.91 -1.44 -47.53
N PHE BA 188 -14.81 -1.78 -46.89
CA PHE BA 188 -13.63 -2.29 -47.57
C PHE BA 188 -13.10 -3.46 -46.76
N TYR BA 189 -12.90 -4.58 -47.43
CA TYR BA 189 -12.43 -5.78 -46.77
C TYR BA 189 -10.90 -5.85 -46.73
N PRO BA 190 -10.36 -6.69 -45.83
CA PRO BA 190 -8.94 -6.92 -45.62
C PRO BA 190 -8.15 -7.09 -46.90
N ASP BA 191 -8.50 -8.12 -47.66
CA ASP BA 191 -7.84 -8.44 -48.93
C ASP BA 191 -7.59 -7.21 -49.80
N GLU BA 192 -8.46 -6.22 -49.70
CA GLU BA 192 -8.27 -5.02 -50.48
C GLU BA 192 -7.33 -4.00 -49.84
N TYR BA 193 -7.64 -3.54 -48.62
CA TYR BA 193 -6.82 -2.53 -47.97
C TYR BA 193 -5.50 -3.03 -47.38
N GLU BA 194 -5.38 -4.33 -47.13
CA GLU BA 194 -4.13 -4.83 -46.58
C GLU BA 194 -3.00 -4.66 -47.57
N GLN BA 195 -3.29 -4.91 -48.84
CA GLN BA 195 -2.28 -4.78 -49.88
C GLN BA 195 -2.34 -3.43 -50.57
N LEU BA 196 -2.29 -2.36 -49.78
CA LEU BA 196 -2.30 -1.01 -50.33
C LEU BA 196 -0.89 -0.46 -50.14
#